data_8B9Z
#
_entry.id   8B9Z
#
_cell.length_a   1.00
_cell.length_b   1.00
_cell.length_c   1.00
_cell.angle_alpha   90.00
_cell.angle_beta   90.00
_cell.angle_gamma   90.00
#
_symmetry.space_group_name_H-M   'P 1'
#
loop_
_entity.id
_entity.type
_entity.pdbx_description
1 polymer 'NADH-ubiquinone oxidoreductase chain 3'
2 polymer LD31474p
3 polymer 'NADH dehydrogenase [ubiquinone] iron-sulfur protein 3, mitochondrial'
4 polymer 'Complex I-49kD'
5 polymer 'NADH dehydrogenase (Ubiquinone) 24 kDa subunit, isoform A'
6 polymer 'NADH dehydrogenase [ubiquinone] flavoprotein 1, mitochondrial'
7 polymer 'NADH-ubiquinone oxidoreductase 75 kDa subunit, mitochondrial'
8 polymer 'NADH-ubiquinone oxidoreductase chain 1'
9 polymer 'NADH dehydrogenase (ubiquinone) 23 kDa subunit'
10 polymer 'NADH-ubiquinone oxidoreductase chain 6'
11 polymer 'NADH-ubiquinone oxidoreductase chain 4L'
12 polymer 'NADH-ubiquinone oxidoreductase chain 5'
13 polymer 'NADH-ubiquinone oxidoreductase chain 4'
14 polymer 'NADH-ubiquinone oxidoreductase chain 2'
15 polymer 'NADH dehydrogenase [ubiquinone] 1 alpha subcomplex subunit 10, mitochondrial'
16 polymer 'NADH dehydrogenase (Ubiquinone) 39 kDa subunit, isoform A'
17 polymer 'NADH dehydrogenase [ubiquinone] iron-sulfur protein 4, mitochondrial'
18 polymer 'NADH dehydrogenase [ubiquinone] iron-sulfur protein 6, mitochondrial'
19 polymer 'Acyl carrier protein, mitochondrial'
20 polymer 'NADH dehydrogenase (Ubiquinone) 13 kDa B subunit'
21 polymer 'NADH dehydrogenase [ubiquinone] 1 alpha subcomplex subunit 6'
22 polymer 'NADH dehydrogenase [ubiquinone] 1 alpha subcomplex subunit 8'
23 polymer 'NADH dehydrogenase [ubiquinone] 1 alpha subcomplex subunit 11'
24 polymer 'NADH dehydrogenase [ubiquinone] 1 alpha subcomplex subunit 13'
25 polymer 'NADH dehydrogenase [ubiquinone] 1 alpha subcomplex subunit 1'
26 polymer RH45008p
27 polymer 'NADH dehydrogenase [ubiquinone] 1 subunit C2'
28 polymer 'NADH dehydrogenase [ubiquinone] iron-sulfur protein 5'
29 polymer 'NADH dehydrogenase [ubiquinone] 1 beta subcomplex subunit 1'
30 polymer 'NADH dehydrogenase [ubiquinone] 1 beta subcomplex subunit 11, mitochondrial'
31 polymer 'NADH dehydrogenase [ubiquinone] 1 beta subcomplex subunit 5, mitochondrial'
32 polymer 'NADH dehydrogenase [ubiquinone] 1 beta subcomplex subunit 6'
33 polymer GEO11417p1
34 polymer 'NADH dehydrogenase [ubiquinone] 1 beta subcomplex subunit 3'
35 polymer 'NADH dehydrogenase [ubiquinone] 1 beta subcomplex subunit 8, mitochondrial'
36 polymer 'NADH dehydrogenase [ubiquinone] 1 beta subcomplex subunit 4'
37 polymer 'NADH dehydrogenase [ubiquinone] 1 beta subcomplex subunit 9'
38 polymer 'NADH dehydrogenase [ubiquinone] 1 beta subcomplex subunit 7'
39 polymer 'NADH dehydrogenase [ubiquinone] 1 beta subcomplex subunit 10'
40 polymer 'NADH dehydrogenase [ubiquinone] 1 alpha subcomplex subunit 12'
41 polymer 'NADH dehydrogenase [ubiquinone] 1 alpha subcomplex subunit 7'
42 polymer 'NADH dehydrogenase [ubiquinone] flavoprotein 3, mitochondrial'
43 non-polymer 1,2-DIACYL-SN-GLYCERO-3-PHOSPHOCHOLINE
44 non-polymer 1,2-Distearoyl-sn-glycerophosphoethanolamine
45 non-polymer 'IRON/SULFUR CLUSTER'
46 non-polymer CARDIOLIPIN
47 non-polymer 'FE2/S2 (INORGANIC) CLUSTER'
48 non-polymer 'FLAVIN MONONUCLEOTIDE'
49 non-polymer 'SODIUM ION'
50 non-polymer Ubiquinone-9
51 non-polymer "2'-DEOXYGUANOSINE-5'-TRIPHOSPHATE"
52 non-polymer 'NADPH DIHYDRO-NICOTINAMIDE-ADENINE-DINUCLEOTIDE PHOSPHATE'
53 non-polymer 'ZINC ION'
54 non-polymer '~{S}-[2-[3-[[(2~{R})-3,3-dimethyl-2-oxidanyl-4-phosphonooxy-butanoyl]amino]propanoylamino]ethyl] (3~{S})-3-oxidanyltetradecanethioate'
#
loop_
_entity_poly.entity_id
_entity_poly.type
_entity_poly.pdbx_seq_one_letter_code
_entity_poly.pdbx_strand_id
1 'polypeptide(L)'
;MFSIIFIALLILLITTIVMFLASILSKKALIDREKSSPFECGFDPKSSSRLPFSLRFFLITIIFLIFDVEIALILPMIII
MKYSNIMIWTITSIIFILILLIGLYHEWNQGMLNWSN
;
A
2 'polypeptide(L)'
;QQTLPVAEVAQNLPKKGYSPFGTKQSSVAEWSLARLDDLLNWGRKGSIWPLTFGLACCAVEMMHIAAPRYDMDRYGVVFR
ASPRQADVIIVAGTLTNKMAPALRKVYDQMPEPRWVISMGSCANGGGYYHYSYSVVRGCDRIIPVDIYVPGCPPTAEALM
YGVLQLQKKVKRMKTLQMWYRK
;
B
3 'polypeptide(L)'
;DKPTVRQPDAVARSHLSDFGRYVAECLPKYVQKVQLTAGDELEVLIAPEGVVPVLQFLKDHHQAQFTNLVDIAGVDVPCR
KNRFEVVYNLLSLRYNSRIRVKTYTDELTPLDSACEVHKAANWYEREIWDMYGVFFANHPDLRRILTDYGFEGHPQRRDF
PLSGYVELRYDDEKKRVVCEPLELAQEFRKFDLSAPWEQFPNFRNANPP
;
C
4 'polypeptide(L)'
;AAKWYPDPEFMKQFSGPVMYPDEVTSLWTVPPWNSKVTPVEKSVRNLTLNFGPQHPAAHGVLRLVLELDGETVMRADPHI
GLLH(2MR)GTEKLIEYKTYTQALPYFDRLDYVSMMCNEQCYSLAVEKLLNIDVPLRAKYIRTLFAEITRILNHIMAVGT
HALDVGALTPFFWLFEEREKMMEFYERVSGARMHAAYIRPGGVSLDMPLGLMDDIYEFASKFAERLDEVEDVLTTNRIWV
QRTEDIGIVTAEEALNYGFSGVMLRGSGIKWDLRKQQPYDAYNLVNFDVPIGTKGDCYDRYLCRVEEMRQSLRIIDQCLN
QMPAGEIKTDDAKVAPPSRSEMKTSMEALIHHFKLFTQGYQVPPGATYTAIEAPKGEFGVYLISDGSSRPYRCKIKAPGF
AHLAALEKIGKQHMLADVVAIIGTLDVVFGEIDR
;
D
5 'polypeptide(L)'
;DNLFVHRDTPEDNPNIPFEFTAENKKRVEAILSIYPEGHKRGAMIPLLDLAQRQYGWLPISAMHKVAEILQLPNMRVYEV
ATFYTMFMRKPTGKYHIQVCTTTPCWLRGSDDILETCKKQLGIGVGDTTKDRKFTISEVECLGACVNAPMVAINDDYYED
LTSKDMQDILNDLKADKISPPGPRNGRFASEPKGEPTSLSEEPKGPGFGLQAGL
;
E
6 'polypeptide(L)'
;PPPGTPPPQTKTKFGPLADEDRIFTNLYGRHDWRLKGALKRGDWYKTKEIVLKGADWIVNEIKTSGLRGRGGAGFPSGMK
WSFMNKPGDGRPKYLVVNADEGEPGTCKDREIMRHDPHKLVEGCLIAGRAMGAQAAYIYIRGEFYNEASNMQLAIAEAYQ
AGLIGKNACGTGYDFDVFMHRGAGAYICGEETALIESLEGKQGKPRLKPPFPADVGVFGCPTTVTNVETVAVAPTICRRG
GVWFASFGRTRNSGTKLFNISGHVNRPCTVEEEMSIPLKELIERHCGGVTGGWDNLLGVIPGGSSTPIIPKNVCDDVIMD
FDGLIAAQTSLGTAAIIVMDKSTDVIKAIARLISFYKHESCGQCTPCREGIGWMNKIMTRFVKGDAQPAEIDMLWEISKQ
IEGHTICALGDGAAWPVQGLIRHFRPEIEKRMQLHAKRVSN
;
F
7 'polypeptide(L)'
;MIRAPLVKALGALGSPTHQMASRAVRTSAMVAQTPAKAPEKIEVFVDDIPVQVVPGTTVLQAAAQIGVEIPRFCYHERLA
VAGNCRMCLVEVEKSPKPVAACAMPVMKGWRIKTNSDLTRKAREGVMEFLLMNHPLDCPICDQGGECDLQDQAMAFGSDR
SRFTDINYTGKRAVEDKDIGPLVKTIMTRCIHCTRCVRFASEIAGVDDLGTTGRGNDMQIGTYVEKLFLTELSGNVIDLC
PVGALTNKPYSFVARPWEIRKVSSIDVLDAVGSNIVVSTRTNEVLRILPRENEDVNEEWLADKSRFACDGLKRQRLVAPM
VRMPNGELQAVEWEGALIAVAKAIKAAGGQIAGISGQLADLEAQVALKDLLNRLGSEVVATEQGFIAGGTDNRANYLLNS
TIAGLEEADAVLLVGTNPRYEAPLVNTRLRKAYVHNELQIASIGPKIDLSYDHENLGADAALVKDVCSGAHAFSKVLEGA
KKPAIIIGADLLERADGAAIHATVAEYCKKLKKPNWNPFNVLQTNAAQVGALDVGYKAGAQTAVKAQPKVLFLLNADAGK
VTREQLPKDCFVVYIGSHGDNGASIADAVLPGAAYTEKQGIYVNTEGRPQQTLPGVSPPGMAREDWKILRALSEVVGKPL
PYDNLDELRNRLEDVAPHLTRLGQLEPAGDAGAAGTISKSIGGGAIDIKLKELRDYFMTDAISRASPTMAKCISAVNKQQ
RENEAKQSVAI
;
G
8 'polypeptide(L)'
;MFYMEFILSLIGSLLLIICVLVSVAFLTLLERKVLGYIQIRKGPNKVGLMGIPQPFCDAIKLFTKEQTYPLLSNYLSYYI
SPIFSLFLSLFVWMCMPFFVKLYSFNLGGLFFLCCTSLGVYTVMVAGWSSNSNYALLGGLRAVAQTISYEVSLALILLSF
IFLIGSYNMIYFFFYQVYMWFLIILFPMALVWVSISLAETNRTPFDFAEGESELVSGFNVEYSSGGFALIFMAEYASILF
MSMLFCVIFLGCDVFNLLFYMKLTFISFVFIWVRGTLPRFRYDKLMYLAWKCFLSFSLNYLLFFIGFKILLFSLL
;
H
9 'polypeptide(L)'
;EPKDIVEVPKGYVYVNNKELSMEFADITDRAASTMFFGELLRGFAVTLAHIFKEPATINYPFEKGPLSPRFRGEHALRRY
PSGEERCIACKLCEAICPAQAITIEAEERADGSRRTTRYDIDMTKCIYCGFCQEACPVDAIVEGPNFEFSTETHEELLYN
KEKLLCNGDKWESEIASNLQADHLYR
;
I
10 'polypeptide(L)'
;MIQLMLYSLIITTSIIFLNMIHPLALGLTLLIQTIFVCLLTGLMTKSFWYSYILFLIFLGGMLVLFIYVTSLASNEMFNL
SMKLTLFSSLILIFMLILSFIMDKTSSSLFLMNNDMQSIINMNSYFMENSLSLNKLYNFPTNFITILLMNYLLITLIVIV
KITKLFKGPIRMM
;
J
11 'polypeptide(L)'
;MIMILYWSLPMILFILGLFCFVSNRKHLLSMLLSLEFIVLMLFFMLFIYLNMLNYESYFSMMFLTFSVCEGALGLSILVS
MIRTHGNDYFQSFSIM
;
K
12 'polypeptide(L)'
;MKYLSICSISFVNLISMSLSCFLLSLYFLLNDMIYFIEWELVSLNSMSIVMTFLFDWMSLLFMSFVLMISSLVIFYSKEY
MMNDNHINRFIMLVLMFVLSMMLLIISPNLISILLGWDGLGLVSYCLVIYFQNIKSYNAGMLTALSNRIGDVALLLSIAW
MLNYGSWNYIFYLEIMQNEFEMLMIGSLVMLAAMTKSAQIPFSSWLPAAMAAPTPVSALVHSSTLVTAGVYLLIRFNIIL
STSWLGQLMLLLSGLTMFMAGLGANFEFDLKKIIALSTLSQLGLMMSILSMGFLKLAMFHLLTHALFKALLFMCAGAIIH
NMNNSQDIRLMGGLSIHMPLTSACFNVSNLALCGMPFLAGFYSKDMILEIVSISNVNMFSFFLYYFSTGLTVSYSFRLVY
YSMTGDLNCGSLNMLNDESWIMLRGMMGLLIMSIIGGSMLNWLIFPFPYMICLPIYMKLLTLFVCIVGGLFGYLISLSNL
FFLNKSLFMYNLSTFLGSMWFMPYISTYGMIFYPLNYGQLVVKSFDQGWSEYFGGQHLYQKLSMYSKTLFLMHNNSLKIY
LLLFVFWILILLILLFL
;
L
13 'polypeptide(L)'
;MLKIIFFLLFLIPFCFINNMYWMVQIMMFFISFIFLLMNNFMNYWSEISYFLGCDMLSYGLILLSLWICSLMLLASEMIN
KHNNYKNLFLLNIIILLLLLILTFSSMSLFMFYLFFESSLIPTLFLILGWGYQPERLQAGLYLLFYTLLVSLPMLIGIFY
LMNKIGSMNFYLMNNFMFNYDLLYFCLLCAFLVKMPMFLVHLWLPKAHVEAPVSGSMILAGIMLKLGGYGMLRVISFLQL
MNLKYSFVWISISLVGGVLVSLVCLRQTDLKALIAYSSVAHMGIVLSGLLTMTYWGLCGSYTLMIAHGLCSSGLFCLANV
SYERLGSRSMLINKGLLNFMPSMTLWWFLLSSANMAAPPTLNLLGEIYLLNSIVSWSWISMILLSFLSFFSAAYTLYLYS
FSQHGKLFSGVYSFSSGKIREYLLMLLHWLPLNLLILKSESFMLWL
;
M
14 'polypeptide(L)'
;MFNNSSKILFITIMIIGTLITVTSNSWLGAWMGLEINLLSFIPLLSDNNNLMSTEASLKYFLTQVLASTVLLFSSILLML
KNNMNNEINESFTSMIIMSALLLKSGAAPFHFWFPNMMEGLTWMNALMLMTWQKIAPLMLISYLNIKYLLLISVILSVII
GAIGGLNQTSLRKLMAFSSINHLGWMLSSLMISESIWLIYFFFYSFLSFVLTFMFNIFKLFHLNQLFSWFVNSKILKFTL
FMNFLSLGGLPPFLGFLPKWLVIQQLTLCNQYFMLTLMMMSTLITLFFYLRICYSAFMMNYFENNWIMKMNMNSINYNMY
MIMTFFSIFGLFLISLFYFMF
;
N
15 'polypeptide(L)'
;ISGKTMRGGPRVPKAAPYPYKTKKYSVFNAIFDKTSKRFDENSKVICVEGPIAAGKSKFAKELAEELDMEYYPAVDLDLI
YINSYGYDMRKLDPQLPPSCRSYDVRNFCLDPSHDLAAQFQIRMYMLRYSQYIDALQHVLSTGQGVVLERSPYSDFVFME
AMFRQGYLSRGARSVYNELRQNTIGELLKPHLVIYLDLPVDAVKKQIKARNVDYEVQSKVFSDAYLSDLEQLYKQQYLKD
ISTHAELLIYDWTAGGETEVVVEDIERIDFNQFEADIHNKKMLDWRFPLEAEWCEARIKYCHEKPDLMNYFNVPRFDVPE
LVRSADDGKVWRDVWFNAPGMKYRPGYNADMGDEGLLTKTKIGINQGI
;
O
16 'polypeptide(L)'
;PRPLKTTNPAAMKRGTGGRSSFNGIVATVFGATGFVGRYVCNKLGKSGTQMILPYRGDDSDVIRLKVTGDLGQVLFHFYN
LEDPASIRDAVKHSNVVINLVGRDFETKNFKFKDVHVNGAERIARIAREAGVERFIHLSSLNVEANPKDLYVKGGSEWLK
SKYEGELRVRDAFPNATIIRPADIYGSEDRFLRYYAHIWRRQFRSMPLWHKGEKTVKQPVYVSDVAQAIINAAKDPDSAG
RIYQAVGPKRYQLSELVDWFHRLMRKDQKRWGYMRYDMRWDPTFLLKAKLNSFICPGTPIGGLHPARIEREAVTDKVLTG
VPTLEDLGVTLTTMEQQVPWELRPYRAALYYDAELGEFETPSPPKCIEARDELRLFA
;
P
17 'polypeptide(L)'
;TDGGPLDPKTALARPEELEQRNKLSGKITVPTAVNLSPISGVPEEHIRERRVRIHIPPKNAMQSGTDNVNTWQIEFDNRE
RWENPLMGWASSGDPLSNMNVQFGSPEEAITFCERNGWRWYVDGAAKPKKERVKNYGINFAWNKRTRVSTK
;
Q
18 'polypeptide(L)'
;RGDIEKVTHTGQVFDKEDYRNARFVNAKRYVNENWGIKLIEEVPPKECTERVVFCDGGDGPLGHPKVYINLDKPGNHICG
YCGLRFVKK
;
R
19 'polypeptide(L)'
;PPLSLKLINERVLLVLKLYDKIDPSKLNVESHFINDLGLDSLDHVEVIMAMEDEFGFEIPDSDAEKLLKPADIIKYVADK
EDVYE
;
T,U
20 'polypeptide(L)'
;IKASTGLTGLAVSTNPHHTLSALYGKILRAVSKMPQDASYRKYTEQLVKQRADSVAQHKDITALEKAVGCGQVEELIVQA
ENELILARKMLGWKPWEKLVQAAPAKQWDWPPAQIMEP
;
V
21 'polypeptide(L)'
;AVQQVRPILSVDREEARKRALNLYKAWYRQIPYIVMDYDIPMTVEQCRDKLREEFVKHRNVTDIRVIDMLVIKGQMELKE
SVEIWKQKGHIMRYWKESQDPKPTDFLSKFIQGV
;
W
22 'polypeptide(L)'
;VITNNTTLPEESELNVQELNLSSAALRAGAFHLGKQCEQANNEFMLCRQELDDPRACLAEGKAVTSCALDFFRKVKKTCH
EEFTQYATCLDKSSGTMAFSHCRKTQGVFDKCIKDNFDWDRPSYGYFSRAKVIQSAREAPKKEEKVSYPDATPGLPEDYP
KPPAKYGSRFHWLE
;
X
23 'polypeptide(L)'
;LRSKYYDHPDGEDAFGKIVATNKYAVSAGVAWSMFDVLTLSKPQGYLPTLGRFAYNTGPLMGMATAFTLTTLVATNARGK
DDKINYLIGGFAAGGVFGAWKHNHVAGLCAGLFLGIAGVIKKMSIEQGWEFFPNTPIKQYGGLNIAGNDWTIMADPPKNW
TTEKPKE
;
Y
24 'polypeptide(L)'
;PPKQDLPPPGGYKKIPFARVPPKSYFTGFTTIGTYVVVTAVGLGIYYLTAKKVKRDEIEMRSAQNVIFPILVAERDREFL
RQLRRNRDEEAELMKNVPGWEVGTWYGEPVFKTLPEDTLVTPIFKEFYAHSDWKSYAKRAHLKLWS
;
Z
25 'polypeptide(L)' MWFEILPGAVIITTLLSVPIYAMYGLDKLMIGNAFRRNMDERFSRVMYQRDFRLTDNPYKMNGLDAIPDEKTN a
26 'polypeptide(L)' SLLKRAWNEIPDIVGGSALALAGIVMATIGVANYYAKDGDNRRYKLGYVVYRHDDPRALKVRNDED b
27 'polypeptide(L)'
;SAVNDPLELLTNKGTHEPSFLSPIWNPIACGVAGVGAAIFINWGFRKPVFSGIQKHIAFGAIGVGAGAYFDQKRNEYLAK
RDAVLRHYIELHPDDFPVKERKTYGQVLESWVPVR
;
d
28 'polypeptide(L)'
;SLTPFLRLPLTDLTGCLINHQTYDKCGKFEMKMMECFEAYGLERGKRECADLISDFQECVGMQKQLMRFHAMRNERYKQW
LKGERKGQEFFADPPRVDAY
;
e
29 'polypeptide(L)' VLGLDKRALWGALPLLGFAIGHFLDKKETERMTMFRDKSALYGRPAGSEGKAPSW f
30 'polypeptide(L)'
;TSLTTEDFANPSPKNWQSYGFDYKDQVEDRKATKSTFFVTVTLCLVWGSFYWAYLPDTQFRNWAQREGFLELRRRELAGV
DLVSPNYVDPASITLPSDEDLGDTEIII
;
g
31 'polypeptide(L)'
;GHHQMIIKPSRFQWDKFKDLLHFYVMLGVIPVTALVLYANIFVGPAQLAEIPEGYEPKHWEYEKHPISRFISRYILNSDQ
QNYEKSLHYLYEENEKAQIRLLEDEVRRKMSERNDYQAYYYRPSVAKYHRISKEAADELEALRGD
;
h
32 'polypeptide(L)'
;GASETGGVKPMVIAGRMVRERERLIGMSPEERAWRKQWLKDQELHHGPRKVPALELELNNPIKRFYRAPLDKVCNVLEPV
LGFQRAYTVRFWTGKALLALTGIYAGAYYFKYNQNDWTRKGGWRVIHSRKQCVPGDEGYPKVSDRSAPSDYAARGFNESP
L
;
i
33 'polypeptide(L)' KSHVVSYRNGPPPHSKATKIGALTVGGAMWWWVIWHLWHEPDHITGEFDYPNSRKWSNTELGVPKD j
34 'polypeptide(L)'
;EPYTVPHASTYKVESVPQLVEVKEALGRQGLKDPWLRNEVWRYEPKAFGTHRSRLNTFLFRGLGVGFCAFLATVAVEYAL
GIGK
;
k
35 'polypeptide(L)'
;AGWNKDYKPGPYPQTEKERLAAAKKYYLLPEEYKPYADDGLGYGDYPKLGYGLGVEAKDSYYPWDYPEHKRNQHEPISAD
HDLYSEDRWSQAEPPRYSNAYYFACFLGVMSGCLALYYWLDDKKMYRPVAAKQYPSPGVKHYTFEK
;
l
36 'polypeptide(L)'
;EEQEFIKRKHEATLKLRQEFLKQSSNPYRHATGEGGTVFDAGLARFQAMRVSNYEHFKPTGKSFRTGLFAVVLPIALYAW
ALKAERDGREEKYRTGQVAYKDRQFKFI
;
m
37 'polypeptide(L)'
;AQVPLAIVSHKRQVCSLYKRALRNLESWYDRRNVYRYRAVQLRARFDENRSKDLGEGIRLLACGQRELFETRHFQPRNFA
NSAGGCAFEREVIPPDWVLDYWHPLEKAQYPEYFAKREQRKKEFVTWWEKQYGK
;
n
38 'polypeptide(L)'
;GNALTHYMKPDVMPGPDVVPTFDPLLGFKSRKERVMIATQEEMESAKLPLEFRDYCAHLAIAYQACRSDTFPFVYKCAHQ
KHEYLTCEYEDYVLRMKEFERERRLLERQKRL
;
o
39 'polypeptide(L)'
;PRSPMASFAESVLNVIDGPITWFRESIVEPNQQKQNWYHQRFRRVPTIDQCYTDDAVCRFEADQQFRRDRMVDNEIVNIL
RQRFEDCTLYEAPDHMVKCRPLMDQYEKATENWFIKYGDLGGYANAKTAYMKQKHRLIWERRHGPVGSGMK
;
p
40 'polypeptide(L)'
;INRLTKLFQMVREAGGLKQAYLKLYRNDDLKIGTLVGIDKYGNKYFENPYYFYGRNRWIEFAPHVNMDYDGSMIPAEWYG
WMHYKTDLPPIRDGCRPKYKWIADHSENLSGTKEAYYPYSTTPNKVEAWEPKA
;
q
41 'polypeptide(L)'
;MSALRRDVSPLIQRIRAFLLGREHNLALRFEDGLADRTQPQPEIPDGPSHLLSANYYCQRDGRREVLPPIDLVEQQKQLA
AEGEAAKAPSSKLPTPGKVYAWD
;
r
42 'polypeptide(L)' SSPSVVGLTSNCVKPSSGPVGPGASATGGYKVPEYYSFNRFSYAEAEVEMAKYRCPQPSALK s
#
# COMPACT_ATOMS: atom_id res chain seq x y z
N MET A 1 2.07 32.71 45.32
CA MET A 1 1.87 32.74 43.87
C MET A 1 2.36 34.05 43.27
N PHE A 2 1.62 35.14 43.54
CA PHE A 2 1.89 36.39 42.85
C PHE A 2 3.33 36.84 43.01
N SER A 3 3.97 36.48 44.12
CA SER A 3 5.40 36.69 44.22
C SER A 3 6.14 35.82 43.22
N ILE A 4 5.74 34.56 43.13
CA ILE A 4 6.47 33.62 42.28
C ILE A 4 6.34 34.00 40.82
N ILE A 5 5.15 34.45 40.40
CA ILE A 5 4.97 34.84 39.01
C ILE A 5 5.91 35.98 38.66
N PHE A 6 6.02 36.97 39.54
CA PHE A 6 6.87 38.11 39.26
C PHE A 6 8.32 37.67 39.06
N ILE A 7 8.82 36.83 39.96
CA ILE A 7 10.19 36.35 39.81
C ILE A 7 10.30 35.41 38.62
N ALA A 8 9.24 34.66 38.31
CA ALA A 8 9.27 33.83 37.11
C ALA A 8 9.47 34.69 35.87
N LEU A 9 8.75 35.81 35.78
CA LEU A 9 8.96 36.72 34.67
C LEU A 9 10.34 37.34 34.72
N LEU A 10 10.78 37.75 35.91
CA LEU A 10 12.06 38.44 36.02
C LEU A 10 13.20 37.53 35.58
N ILE A 11 13.14 36.25 35.97
CA ILE A 11 14.16 35.30 35.53
C ILE A 11 14.10 35.14 34.01
N LEU A 12 12.89 34.97 33.47
CA LEU A 12 12.76 34.75 32.03
C LEU A 12 13.34 35.92 31.26
N LEU A 13 13.09 37.14 31.73
CA LEU A 13 13.72 38.30 31.12
C LEU A 13 15.24 38.20 31.19
N ILE A 14 15.77 37.82 32.35
CA ILE A 14 17.22 37.76 32.52
C ILE A 14 17.82 36.73 31.58
N THR A 15 17.28 35.51 31.58
CA THR A 15 17.82 34.49 30.68
C THR A 15 17.66 34.92 29.23
N THR A 16 16.57 35.62 28.91
CA THR A 16 16.39 36.09 27.54
C THR A 16 17.48 37.08 27.16
N ILE A 17 17.84 37.97 28.08
CA ILE A 17 18.91 38.92 27.79
C ILE A 17 20.21 38.19 27.46
N VAL A 18 20.39 36.99 27.98
CA VAL A 18 21.69 36.32 27.86
C VAL A 18 22.00 36.02 26.40
N MET A 19 21.07 35.40 25.67
CA MET A 19 21.35 35.20 24.26
C MET A 19 21.29 36.49 23.47
N PHE A 20 20.41 37.42 23.87
CA PHE A 20 20.37 38.69 23.16
C PHE A 20 21.71 39.40 23.25
N LEU A 21 22.47 39.11 24.30
CA LEU A 21 23.89 39.47 24.31
C LEU A 21 24.69 38.54 23.40
N ALA A 22 24.41 37.24 23.46
CA ALA A 22 25.16 36.29 22.66
C ALA A 22 24.96 36.55 21.18
N SER A 23 23.73 36.87 20.77
CA SER A 23 23.45 37.10 19.36
C SER A 23 24.24 38.29 18.83
N ILE A 24 24.52 39.28 19.66
CA ILE A 24 25.33 40.42 19.23
C ILE A 24 26.81 40.16 19.49
N LEU A 25 27.14 39.65 20.66
CA LEU A 25 28.55 39.38 20.95
C LEU A 25 29.13 38.32 20.04
N SER A 26 28.28 37.52 19.40
CA SER A 26 28.74 36.46 18.54
C SER A 26 29.43 37.02 17.29
N LYS A 27 30.55 36.42 16.93
CA LYS A 27 31.17 36.77 15.66
C LYS A 27 30.20 36.53 14.52
N LYS A 28 30.21 37.42 13.55
CA LYS A 28 29.28 37.39 12.44
C LYS A 28 30.03 37.15 11.15
N ALA A 29 29.63 36.12 10.41
CA ALA A 29 30.23 35.80 9.14
C ALA A 29 29.11 35.42 8.18
N LEU A 30 29.39 35.60 6.89
CA LEU A 30 28.38 35.33 5.87
C LEU A 30 27.98 33.87 5.92
N ILE A 31 26.67 33.61 5.93
CA ILE A 31 26.17 32.25 6.01
C ILE A 31 26.24 31.60 4.64
N ASP A 32 26.72 30.36 4.61
CA ASP A 32 26.89 29.61 3.38
C ASP A 32 25.76 28.60 3.21
N ARG A 33 25.52 28.23 1.95
CA ARG A 33 24.53 27.20 1.67
C ARG A 33 24.88 25.88 2.34
N GLU A 34 26.17 25.65 2.62
CA GLU A 34 26.62 24.44 3.28
C GLU A 34 26.77 24.59 4.78
N LYS A 35 27.05 25.81 5.26
CA LYS A 35 27.23 26.00 6.69
C LYS A 35 25.94 25.68 7.44
N SER A 36 24.80 26.05 6.87
CA SER A 36 23.51 25.83 7.50
C SER A 36 22.89 24.49 7.13
N SER A 37 23.55 23.70 6.30
CA SER A 37 23.03 22.37 5.99
C SER A 37 23.04 21.53 7.26
N PRO A 38 22.17 20.54 7.35
CA PRO A 38 22.10 19.73 8.58
C PRO A 38 23.38 18.95 8.77
N PHE A 39 23.55 18.45 10.00
CA PHE A 39 24.67 17.58 10.32
C PHE A 39 24.18 16.15 10.29
N GLU A 40 24.80 15.34 9.44
CA GLU A 40 24.49 13.93 9.42
C GLU A 40 25.76 13.14 9.09
N CYS A 41 26.84 13.45 9.81
CA CYS A 41 28.14 12.81 9.63
C CYS A 41 28.77 13.14 8.29
N GLY A 42 28.57 14.35 7.78
CA GLY A 42 29.31 14.85 6.67
C GLY A 42 28.83 14.39 5.31
N PHE A 43 27.87 13.48 5.26
CA PHE A 43 27.27 13.05 3.99
C PHE A 43 25.84 13.57 3.93
N ASP A 44 25.45 14.04 2.75
CA ASP A 44 24.12 14.61 2.56
C ASP A 44 23.06 13.65 3.08
N PRO A 45 21.92 14.14 3.56
CA PRO A 45 20.93 13.24 4.15
C PRO A 45 19.94 12.73 3.12
N LYS A 46 19.64 11.44 3.22
CA LYS A 46 18.65 10.77 2.39
C LYS A 46 17.23 11.13 2.75
N SER A 47 16.94 11.26 4.05
CA SER A 47 15.58 11.25 4.56
C SER A 47 15.40 12.45 5.46
N SER A 48 14.30 13.17 5.23
CA SER A 48 13.93 14.22 6.15
C SER A 48 13.68 13.64 7.54
N SER A 49 13.91 14.46 8.55
CA SER A 49 13.61 14.05 9.90
C SER A 49 12.12 14.01 10.17
N ARG A 50 11.32 14.61 9.28
CA ARG A 50 9.89 14.67 9.46
C ARG A 50 9.18 13.49 8.81
N LEU A 51 9.88 12.41 8.54
CA LEU A 51 9.18 11.20 8.13
C LEU A 51 8.57 10.53 9.35
N PRO A 52 7.58 9.66 9.15
CA PRO A 52 6.99 8.98 10.30
C PRO A 52 8.03 8.12 10.99
N PHE A 53 8.27 8.41 12.26
CA PHE A 53 9.19 7.63 13.07
C PHE A 53 8.40 6.54 13.77
N SER A 54 8.67 5.28 13.40
CA SER A 54 7.95 4.16 13.98
C SER A 54 8.10 4.16 15.49
N LEU A 55 7.15 3.52 16.15
CA LEU A 55 7.09 3.48 17.60
C LEU A 55 6.95 2.03 18.05
N ARG A 56 7.63 1.68 19.13
CA ARG A 56 7.53 0.35 19.72
C ARG A 56 7.08 0.33 21.17
N PHE A 57 7.22 1.42 21.91
CA PHE A 57 6.75 1.51 23.28
C PHE A 57 5.41 2.21 23.37
N PHE A 58 4.66 2.24 22.26
CA PHE A 58 3.32 2.82 22.27
C PHE A 58 2.46 2.25 23.39
N LEU A 59 2.53 0.95 23.64
CA LEU A 59 1.68 0.39 24.67
C LEU A 59 2.04 0.94 26.03
N ILE A 60 3.34 0.96 26.36
CA ILE A 60 3.77 1.57 27.60
C ILE A 60 3.38 3.03 27.63
N THR A 61 3.47 3.70 26.49
CA THR A 61 3.14 5.11 26.43
C THR A 61 1.73 5.38 26.93
N ILE A 62 0.78 4.52 26.55
CA ILE A 62 -0.59 4.68 27.05
C ILE A 62 -0.66 4.33 28.52
N ILE A 63 0.00 3.25 28.93
CA ILE A 63 -0.05 2.85 30.34
C ILE A 63 0.52 3.94 31.22
N PHE A 64 1.45 4.73 30.69
CA PHE A 64 2.01 5.82 31.47
C PHE A 64 0.93 6.85 31.82
N LEU A 65 0.05 7.17 30.86
CA LEU A 65 -1.03 8.11 31.15
C LEU A 65 -1.88 7.61 32.31
N ILE A 66 -2.25 6.33 32.28
CA ILE A 66 -3.07 5.78 33.36
C ILE A 66 -2.34 5.93 34.69
N PHE A 67 -1.19 5.26 34.81
CA PHE A 67 -0.55 5.12 36.13
C PHE A 67 -0.37 6.45 36.82
N ASP A 68 -0.19 7.53 36.07
CA ASP A 68 -0.12 8.85 36.67
C ASP A 68 -1.42 9.21 37.36
N VAL A 69 -2.56 8.94 36.71
CA VAL A 69 -3.82 9.40 37.28
C VAL A 69 -4.17 8.67 38.57
N GLU A 70 -3.50 7.55 38.86
CA GLU A 70 -3.57 6.99 40.20
C GLU A 70 -2.57 7.61 41.14
N ILE A 71 -1.56 8.31 40.62
CA ILE A 71 -0.71 9.09 41.50
C ILE A 71 -1.48 10.27 42.08
N ALA A 72 -2.52 10.72 41.38
CA ALA A 72 -3.38 11.77 41.92
C ALA A 72 -4.17 11.30 43.14
N LEU A 73 -4.34 9.99 43.31
CA LEU A 73 -5.16 9.47 44.38
C LEU A 73 -4.36 8.92 45.56
N ILE A 74 -3.09 8.61 45.37
CA ILE A 74 -2.23 8.22 46.48
C ILE A 74 -1.65 9.45 47.19
N LEU A 75 -1.28 10.48 46.43
CA LEU A 75 -0.69 11.67 47.04
C LEU A 75 -1.51 12.22 48.18
N PRO A 76 -2.83 12.37 48.08
CA PRO A 76 -3.58 12.92 49.22
C PRO A 76 -3.53 12.08 50.48
N MET A 77 -3.09 10.81 50.41
CA MET A 77 -3.09 9.94 51.59
C MET A 77 -2.59 10.58 52.88
N ILE A 78 -1.32 10.96 52.90
CA ILE A 78 -0.70 11.49 54.09
C ILE A 78 -1.54 12.59 54.70
N ILE A 79 -1.99 13.52 53.85
CA ILE A 79 -2.61 14.75 54.31
C ILE A 79 -3.85 14.46 55.15
N ILE A 80 -4.47 13.30 54.93
CA ILE A 80 -5.76 13.00 55.55
C ILE A 80 -5.67 11.77 56.44
N MET A 81 -4.49 11.46 56.96
CA MET A 81 -4.37 10.30 57.82
C MET A 81 -4.71 10.63 59.26
N LYS A 82 -4.32 11.82 59.71
CA LYS A 82 -4.69 12.28 61.05
C LYS A 82 -6.19 12.52 61.20
N TYR A 83 -6.91 12.71 60.10
CA TYR A 83 -8.26 13.21 60.13
C TYR A 83 -9.31 12.20 59.73
N SER A 84 -8.91 11.01 59.30
CA SER A 84 -9.81 10.04 58.71
C SER A 84 -10.03 8.86 59.65
N ASN A 85 -11.03 8.06 59.33
CA ASN A 85 -11.27 6.83 60.07
C ASN A 85 -10.21 5.80 59.69
N ILE A 86 -9.60 5.18 60.68
CA ILE A 86 -8.39 4.40 60.42
C ILE A 86 -8.71 3.13 59.65
N MET A 87 -9.80 2.45 59.99
CA MET A 87 -10.20 1.28 59.21
C MET A 87 -10.42 1.66 57.75
N ILE A 88 -11.25 2.66 57.52
CA ILE A 88 -11.55 3.03 56.13
C ILE A 88 -10.29 3.49 55.43
N TRP A 89 -9.48 4.29 56.10
CA TRP A 89 -8.25 4.75 55.48
C TRP A 89 -7.29 3.59 55.25
N THR A 90 -7.14 2.72 56.25
CA THR A 90 -6.21 1.60 56.11
C THR A 90 -6.68 0.65 55.02
N ILE A 91 -7.92 0.18 55.11
CA ILE A 91 -8.44 -0.80 54.15
C ILE A 91 -8.31 -0.25 52.74
N THR A 92 -8.86 0.93 52.50
CA THR A 92 -8.94 1.46 51.15
C THR A 92 -7.53 1.63 50.56
N SER A 93 -6.62 2.20 51.35
CA SER A 93 -5.25 2.41 50.88
C SER A 93 -4.60 1.10 50.43
N ILE A 94 -4.71 0.06 51.25
CA ILE A 94 -4.09 -1.22 50.89
C ILE A 94 -4.65 -1.73 49.58
N ILE A 95 -5.98 -1.82 49.49
CA ILE A 95 -6.63 -2.34 48.30
C ILE A 95 -6.46 -1.40 47.12
N PHE A 96 -5.88 -0.22 47.38
CA PHE A 96 -5.38 0.63 46.32
C PHE A 96 -4.02 0.19 45.81
N ILE A 97 -3.13 -0.22 46.69
CA ILE A 97 -1.78 -0.55 46.23
C ILE A 97 -1.73 -1.98 45.74
N LEU A 98 -2.52 -2.87 46.36
CA LEU A 98 -2.63 -4.23 45.83
C LEU A 98 -3.21 -4.22 44.42
N ILE A 99 -4.23 -3.38 44.19
CA ILE A 99 -4.81 -3.31 42.85
C ILE A 99 -3.76 -2.89 41.84
N LEU A 100 -2.93 -1.90 42.21
CA LEU A 100 -1.89 -1.44 41.30
C LEU A 100 -0.89 -2.54 41.02
N LEU A 101 -0.38 -3.18 42.07
CA LEU A 101 0.59 -4.25 41.89
C LEU A 101 0.00 -5.37 41.05
N ILE A 102 -1.22 -5.80 41.37
CA ILE A 102 -1.84 -6.89 40.63
C ILE A 102 -1.95 -6.51 39.15
N GLY A 103 -2.36 -5.28 38.88
CA GLY A 103 -2.42 -4.84 37.49
C GLY A 103 -1.04 -4.91 36.84
N LEU A 104 -0.02 -4.43 37.54
CA LEU A 104 1.32 -4.43 36.96
C LEU A 104 1.81 -5.85 36.72
N TYR A 105 1.73 -6.71 37.74
CA TYR A 105 2.22 -8.07 37.59
C TYR A 105 1.42 -8.82 36.55
N HIS A 106 0.13 -8.53 36.42
CA HIS A 106 -0.69 -9.19 35.41
C HIS A 106 -0.15 -8.89 34.02
N GLU A 107 0.09 -7.62 33.73
CA GLU A 107 0.62 -7.26 32.41
C GLU A 107 2.04 -7.76 32.24
N TRP A 108 2.85 -7.63 33.29
CA TRP A 108 4.22 -8.14 33.22
C TRP A 108 4.21 -9.62 32.85
N ASN A 109 3.32 -10.39 33.47
CA ASN A 109 3.24 -11.82 33.15
C ASN A 109 2.69 -12.05 31.76
N GLN A 110 1.75 -11.22 31.31
CA GLN A 110 1.25 -11.32 29.96
C GLN A 110 2.23 -10.82 28.91
N GLY A 111 3.34 -10.20 29.33
CA GLY A 111 4.34 -9.75 28.40
C GLY A 111 4.03 -8.46 27.69
N MET A 112 3.06 -7.69 28.17
CA MET A 112 2.78 -6.41 27.53
C MET A 112 3.84 -5.37 27.84
N LEU A 113 4.47 -5.47 29.02
CA LEU A 113 5.54 -4.53 29.33
C LEU A 113 6.72 -4.65 28.40
N ASN A 114 6.92 -5.81 27.79
CA ASN A 114 7.97 -5.94 26.79
C ASN A 114 7.62 -5.13 25.55
N TRP A 115 8.65 -4.67 24.86
CA TRP A 115 8.44 -3.84 23.69
C TRP A 115 7.93 -4.69 22.53
N SER A 116 7.39 -4.01 21.53
CA SER A 116 6.99 -4.69 20.30
C SER A 116 8.18 -5.41 19.70
N ASN A 117 7.96 -6.63 19.24
CA ASN A 117 9.03 -7.48 18.74
C ASN A 117 8.60 -8.21 17.49
N GLN B 1 69.45 31.72 9.95
CA GLN B 1 68.34 31.68 10.88
C GLN B 1 68.63 32.53 12.12
N GLN B 2 67.64 33.31 12.53
CA GLN B 2 67.80 34.15 13.71
C GLN B 2 68.04 33.30 14.94
N THR B 3 69.23 33.40 15.52
CA THR B 3 69.56 32.63 16.69
C THR B 3 69.13 33.37 17.96
N LEU B 4 69.04 32.62 19.05
CA LEU B 4 68.57 33.17 20.29
C LEU B 4 69.58 34.14 20.88
N PRO B 5 69.14 35.07 21.72
CA PRO B 5 70.09 36.00 22.35
C PRO B 5 70.97 35.29 23.37
N VAL B 6 72.21 35.77 23.45
CA VAL B 6 73.13 35.28 24.48
C VAL B 6 72.64 35.72 25.85
N ALA B 7 73.10 35.01 26.89
CA ALA B 7 72.67 35.33 28.24
C ALA B 7 72.96 36.78 28.61
N GLU B 8 74.21 37.21 28.40
CA GLU B 8 74.60 38.56 28.79
C GLU B 8 73.81 39.60 28.02
N VAL B 9 73.66 39.40 26.71
CA VAL B 9 72.79 40.29 25.93
C VAL B 9 71.35 40.17 26.42
N ALA B 10 70.89 38.93 26.60
CA ALA B 10 69.54 38.72 27.13
C ALA B 10 69.41 39.15 28.58
N GLN B 11 70.52 39.26 29.31
CA GLN B 11 70.47 39.69 30.69
C GLN B 11 69.98 41.13 30.83
N ASN B 12 69.99 41.90 29.74
CA ASN B 12 69.52 43.28 29.75
C ASN B 12 68.11 43.43 29.19
N LEU B 13 67.70 42.52 28.32
CA LEU B 13 66.42 42.67 27.64
C LEU B 13 65.29 42.78 28.66
N PRO B 14 64.31 43.66 28.45
CA PRO B 14 63.20 43.75 29.40
C PRO B 14 62.32 42.51 29.36
N LYS B 15 61.59 42.31 30.45
CA LYS B 15 60.64 41.21 30.49
C LYS B 15 59.64 41.35 29.35
N LYS B 16 59.31 40.23 28.71
CA LYS B 16 58.57 40.27 27.46
C LYS B 16 57.19 40.91 27.65
N GLY B 17 56.50 40.57 28.71
CA GLY B 17 55.10 40.92 28.85
C GLY B 17 54.20 39.89 28.21
N TYR B 18 52.95 39.86 28.67
CA TYR B 18 52.03 38.82 28.21
C TYR B 18 51.49 39.17 26.82
N SER B 19 50.83 40.30 26.69
CA SER B 19 50.20 40.66 25.44
C SER B 19 51.24 40.82 24.34
N PRO B 20 51.00 40.29 23.14
CA PRO B 20 51.91 40.55 22.02
C PRO B 20 51.75 41.94 21.41
N PHE B 21 50.77 42.72 21.84
CA PHE B 21 50.57 44.07 21.35
C PHE B 21 51.27 45.11 22.20
N GLY B 22 51.93 44.72 23.29
CA GLY B 22 52.57 45.67 24.16
C GLY B 22 51.60 46.63 24.80
N THR B 23 52.09 47.50 25.67
CA THR B 23 51.31 48.55 26.32
C THR B 23 51.71 49.92 25.77
N LYS B 24 52.01 49.98 24.49
CA LYS B 24 52.51 51.19 23.84
C LYS B 24 51.44 51.88 23.00
N GLN B 25 50.17 51.62 23.27
CA GLN B 25 49.10 52.21 22.47
C GLN B 25 48.99 53.70 22.76
N SER B 26 48.82 54.49 21.69
CA SER B 26 48.85 55.93 21.83
C SER B 26 47.63 56.46 22.58
N SER B 27 46.44 56.04 22.18
CA SER B 27 45.20 56.58 22.73
C SER B 27 44.61 55.64 23.77
N VAL B 28 43.59 56.14 24.45
CA VAL B 28 42.83 55.30 25.37
C VAL B 28 41.99 54.30 24.58
N ALA B 29 41.32 54.77 23.52
CA ALA B 29 40.46 53.89 22.75
C ALA B 29 41.25 52.72 22.17
N GLU B 30 42.40 53.02 21.57
CA GLU B 30 43.22 51.94 21.03
C GLU B 30 43.66 51.00 22.15
N TRP B 31 44.12 51.56 23.27
CA TRP B 31 44.63 50.73 24.35
C TRP B 31 43.53 49.85 24.92
N SER B 32 42.33 50.39 25.11
CA SER B 32 41.24 49.58 25.62
C SER B 32 40.92 48.44 24.67
N LEU B 33 40.88 48.71 23.36
CA LEU B 33 40.64 47.65 22.39
C LEU B 33 41.75 46.62 22.44
N ALA B 34 43.01 47.06 22.54
CA ALA B 34 44.11 46.12 22.64
C ALA B 34 43.93 45.20 23.83
N ARG B 35 43.68 45.78 25.01
CA ARG B 35 43.43 44.95 26.19
C ARG B 35 42.17 44.10 26.01
N LEU B 36 41.12 44.70 25.44
CA LEU B 36 39.91 43.94 25.19
C LEU B 36 40.15 42.85 24.16
N ASP B 37 41.05 43.08 23.20
CA ASP B 37 41.39 42.05 22.24
C ASP B 37 42.09 40.88 22.91
N ASP B 38 42.88 41.16 23.94
CA ASP B 38 43.51 40.08 24.69
C ASP B 38 42.47 39.21 25.37
N LEU B 39 41.40 39.82 25.87
CA LEU B 39 40.38 39.06 26.58
C LEU B 39 39.75 38.03 25.65
N LEU B 40 39.43 38.42 24.42
CA LEU B 40 38.95 37.44 23.45
C LEU B 40 39.96 36.34 23.27
N ASN B 41 41.20 36.71 22.96
CA ASN B 41 42.21 35.72 22.65
C ASN B 41 42.46 34.82 23.84
N TRP B 42 42.46 35.39 25.05
CA TRP B 42 42.61 34.56 26.23
C TRP B 42 41.49 33.52 26.31
N GLY B 43 40.27 33.92 25.95
CA GLY B 43 39.16 33.00 25.96
C GLY B 43 39.35 31.89 24.94
N ARG B 44 39.44 32.26 23.66
CA ARG B 44 39.57 31.26 22.61
C ARG B 44 40.83 30.43 22.79
N LYS B 45 41.92 31.06 23.23
CA LYS B 45 43.15 30.33 23.47
C LYS B 45 42.93 29.22 24.49
N GLY B 46 42.22 29.52 25.57
CA GLY B 46 42.15 28.59 26.68
C GLY B 46 41.49 27.28 26.32
N SER B 47 40.33 27.34 25.67
CA SER B 47 39.49 26.18 25.41
C SER B 47 39.39 25.95 23.91
N ILE B 48 40.25 25.09 23.39
CA ILE B 48 40.25 24.72 21.99
C ILE B 48 39.67 23.32 21.89
N TRP B 49 38.54 23.18 21.21
CA TRP B 49 37.82 21.91 21.19
C TRP B 49 38.02 21.21 19.86
N PRO B 50 38.85 20.17 19.79
CA PRO B 50 38.94 19.42 18.55
C PRO B 50 37.63 18.74 18.20
N LEU B 51 37.57 18.08 17.04
CA LEU B 51 36.34 17.48 16.55
C LEU B 51 36.30 15.96 16.65
N THR B 52 37.41 15.30 17.00
CA THR B 52 37.46 13.84 17.03
C THR B 52 37.29 13.27 15.63
N PHE B 53 38.13 13.73 14.71
CA PHE B 53 38.04 13.21 13.35
C PHE B 53 38.64 11.81 13.27
N GLY B 54 39.95 11.70 13.51
CA GLY B 54 40.58 10.40 13.64
C GLY B 54 40.40 9.49 12.44
N LEU B 55 41.02 9.83 11.32
CA LEU B 55 40.78 9.07 10.10
C LEU B 55 41.60 7.79 10.05
N ALA B 56 42.90 7.88 10.25
CA ALA B 56 43.82 6.79 9.94
C ALA B 56 44.84 6.68 11.06
N CYS B 57 45.96 6.02 10.80
CA CYS B 57 46.84 5.65 11.89
C CYS B 57 47.58 6.82 12.53
N CYS B 58 47.42 8.07 12.07
CA CYS B 58 47.67 9.17 12.99
C CYS B 58 46.61 9.22 14.09
N ALA B 59 45.40 8.74 13.82
CA ALA B 59 44.33 8.85 14.81
C ALA B 59 44.72 8.20 16.13
N VAL B 60 45.47 7.10 16.10
CA VAL B 60 45.85 6.44 17.34
C VAL B 60 46.71 7.37 18.18
N GLU B 61 47.71 8.00 17.58
CA GLU B 61 48.51 8.97 18.32
C GLU B 61 47.72 10.21 18.68
N MET B 62 46.57 10.42 18.06
CA MET B 62 45.65 11.47 18.49
C MET B 62 44.83 11.03 19.69
N MET B 63 44.85 9.75 20.04
CA MET B 63 44.27 9.32 21.31
C MET B 63 45.26 9.49 22.45
N HIS B 64 46.52 9.17 22.20
CA HIS B 64 47.51 9.24 23.26
C HIS B 64 47.82 10.67 23.68
N ILE B 65 47.43 11.66 22.88
CA ILE B 65 47.52 13.03 23.35
C ILE B 65 46.50 13.26 24.45
N ALA B 66 45.37 12.55 24.40
CA ALA B 66 44.40 12.58 25.47
C ALA B 66 44.70 11.57 26.57
N ALA B 67 45.72 10.75 26.39
CA ALA B 67 46.08 9.76 27.40
C ALA B 67 46.74 10.46 28.59
N PRO B 68 46.83 9.77 29.73
CA PRO B 68 47.32 10.43 30.94
C PRO B 68 48.75 10.91 30.85
N ARG B 69 49.56 10.36 29.95
CA ARG B 69 50.96 10.76 29.89
C ARG B 69 51.08 12.23 29.52
N TYR B 70 50.29 12.70 28.57
CA TYR B 70 50.39 14.07 28.06
C TYR B 70 49.17 14.92 28.33
N ASP B 71 47.97 14.35 28.34
CA ASP B 71 46.81 15.00 28.93
C ASP B 71 46.51 16.34 28.26
N MET B 72 46.06 16.26 27.01
CA MET B 72 45.61 17.43 26.27
C MET B 72 44.70 18.31 27.13
N ASP B 73 43.88 17.67 27.97
CA ASP B 73 42.88 18.39 28.74
C ASP B 73 43.51 19.40 29.69
N ARG B 74 44.77 19.19 30.08
CA ARG B 74 45.43 20.16 30.95
C ARG B 74 45.43 21.55 30.33
N TYR B 75 45.46 21.63 29.00
CA TYR B 75 45.55 22.88 28.27
C TYR B 75 44.18 23.42 27.90
N GLY B 76 43.10 22.84 28.42
CA GLY B 76 41.77 23.21 28.03
C GLY B 76 41.26 22.56 26.76
N VAL B 77 42.03 21.64 26.18
CA VAL B 77 41.62 20.96 24.96
C VAL B 77 40.68 19.82 25.34
N VAL B 78 39.46 19.84 24.82
CA VAL B 78 38.44 18.88 25.15
C VAL B 78 37.85 18.34 23.86
N PHE B 79 37.92 17.03 23.66
CA PHE B 79 37.37 16.44 22.45
C PHE B 79 35.85 16.56 22.44
N ARG B 80 35.30 16.73 21.25
CA ARG B 80 33.87 16.86 21.07
C ARG B 80 33.50 16.19 19.77
N ALA B 81 32.22 15.87 19.61
CA ALA B 81 31.76 15.09 18.48
C ALA B 81 31.09 15.95 17.41
N SER B 82 30.13 16.78 17.80
CA SER B 82 29.39 17.55 16.81
C SER B 82 30.28 18.66 16.24
N PRO B 83 30.31 18.86 14.92
CA PRO B 83 31.10 19.97 14.38
C PRO B 83 30.58 21.33 14.77
N ARG B 84 29.35 21.44 15.26
CA ARG B 84 28.84 22.74 15.67
C ARG B 84 29.57 23.24 16.91
N GLN B 85 29.72 22.39 17.92
CA GLN B 85 30.42 22.79 19.12
C GLN B 85 31.92 22.72 18.98
N ALA B 86 32.42 21.98 17.99
CA ALA B 86 33.86 21.84 17.81
C ALA B 86 34.43 23.12 17.23
N ASP B 87 35.61 23.49 17.72
CA ASP B 87 36.26 24.72 17.30
C ASP B 87 37.42 24.47 16.37
N VAL B 88 38.16 23.38 16.57
CA VAL B 88 39.30 23.03 15.75
C VAL B 88 39.10 21.64 15.19
N ILE B 89 39.62 21.41 13.99
CA ILE B 89 39.59 20.12 13.34
C ILE B 89 41.02 19.66 13.13
N ILE B 90 41.31 18.44 13.58
CA ILE B 90 42.63 17.85 13.42
C ILE B 90 42.53 16.77 12.36
N VAL B 91 42.80 17.14 11.11
CA VAL B 91 42.73 16.17 10.02
C VAL B 91 43.95 15.26 10.16
N ALA B 92 43.73 14.07 10.69
CA ALA B 92 44.82 13.14 10.98
C ALA B 92 44.55 11.85 10.20
N GLY B 93 45.20 11.70 9.07
CA GLY B 93 45.09 10.50 8.28
C GLY B 93 45.07 10.82 6.81
N THR B 94 44.87 9.80 6.00
CA THR B 94 44.94 9.94 4.55
C THR B 94 43.56 10.28 4.01
N LEU B 95 43.41 11.50 3.52
CA LEU B 95 42.13 11.97 3.03
C LEU B 95 41.95 11.50 1.59
N THR B 96 41.26 10.38 1.42
CA THR B 96 41.04 9.84 0.08
C THR B 96 39.91 10.60 -0.61
N ASN B 97 39.78 10.33 -1.91
CA ASN B 97 38.79 11.04 -2.70
C ASN B 97 37.38 10.79 -2.20
N LYS B 98 37.09 9.55 -1.80
CA LYS B 98 35.76 9.25 -1.30
C LYS B 98 35.43 10.06 -0.05
N MET B 99 36.44 10.33 0.78
CA MET B 99 36.22 11.14 1.97
C MET B 99 36.12 12.63 1.66
N ALA B 100 36.83 13.09 0.62
CA ALA B 100 37.05 14.52 0.43
C ALA B 100 35.78 15.36 0.51
N PRO B 101 34.69 15.02 -0.15
CA PRO B 101 33.47 15.81 0.04
C PRO B 101 32.97 15.79 1.47
N ALA B 102 33.24 14.72 2.22
CA ALA B 102 32.74 14.65 3.59
C ALA B 102 33.52 15.57 4.51
N LEU B 103 34.83 15.69 4.30
CA LEU B 103 35.62 16.60 5.12
C LEU B 103 35.23 18.05 4.86
N ARG B 104 35.12 18.40 3.59
CA ARG B 104 34.69 19.75 3.21
C ARG B 104 33.40 20.13 3.92
N LYS B 105 32.39 19.26 3.87
CA LYS B 105 31.12 19.58 4.50
C LYS B 105 31.29 19.71 6.01
N VAL B 106 31.98 18.76 6.63
CA VAL B 106 32.15 18.80 8.08
C VAL B 106 32.90 20.06 8.47
N TYR B 107 33.91 20.44 7.69
CA TYR B 107 34.60 21.68 7.98
C TYR B 107 33.68 22.87 7.82
N ASP B 108 32.87 22.89 6.77
CA ASP B 108 31.98 24.03 6.55
C ASP B 108 31.01 24.18 7.71
N GLN B 109 30.45 23.07 8.20
CA GLN B 109 29.50 23.15 9.30
C GLN B 109 30.13 23.69 10.56
N MET B 110 31.44 23.61 10.71
CA MET B 110 32.08 24.17 11.88
C MET B 110 31.90 25.68 11.89
N PRO B 111 31.45 26.29 12.98
CA PRO B 111 31.32 27.74 13.01
C PRO B 111 32.65 28.43 13.20
N GLU B 112 32.76 29.61 12.61
CA GLU B 112 33.92 30.46 12.79
C GLU B 112 34.05 30.88 14.25
N PRO B 113 35.26 31.26 14.70
CA PRO B 113 36.52 31.16 13.98
C PRO B 113 37.02 29.75 14.08
N ARG B 114 37.37 29.13 12.95
CA ARG B 114 37.76 27.73 12.93
C ARG B 114 39.18 27.62 12.41
N TRP B 115 39.99 26.84 13.11
CA TRP B 115 41.36 26.58 12.71
C TRP B 115 41.53 25.11 12.44
N VAL B 116 42.34 24.79 11.45
CA VAL B 116 42.59 23.42 11.02
C VAL B 116 44.03 23.08 11.32
N ILE B 117 44.25 21.88 11.85
CA ILE B 117 45.59 21.34 12.06
C ILE B 117 45.74 20.13 11.15
N SER B 118 46.88 20.04 10.49
CA SER B 118 47.19 18.90 9.63
C SER B 118 48.19 18.02 10.35
N MET B 119 47.80 16.79 10.63
CA MET B 119 48.65 15.84 11.34
C MET B 119 49.26 14.86 10.36
N GLY B 120 50.56 14.63 10.48
CA GLY B 120 51.21 13.56 9.77
C GLY B 120 51.40 13.89 8.30
N SER B 121 52.19 13.03 7.65
CA SER B 121 52.48 13.24 6.25
C SER B 121 51.26 13.01 5.38
N CYS B 122 50.40 12.07 5.75
CA CYS B 122 49.25 11.77 4.90
C CYS B 122 48.41 13.01 4.68
N ALA B 123 48.03 13.70 5.74
CA ALA B 123 47.19 14.87 5.60
C ALA B 123 47.97 16.11 5.18
N ASN B 124 49.29 16.07 5.28
CA ASN B 124 50.09 17.25 4.91
C ASN B 124 50.25 17.36 3.41
N GLY B 125 50.74 16.30 2.77
CA GLY B 125 51.04 16.36 1.35
C GLY B 125 50.76 15.07 0.63
N GLY B 126 49.91 14.23 1.20
CA GLY B 126 49.65 12.92 0.66
C GLY B 126 50.59 11.85 1.19
N GLY B 127 51.70 12.25 1.79
CA GLY B 127 52.51 11.31 2.54
C GLY B 127 52.95 10.13 1.73
N TYR B 128 52.81 8.95 2.32
CA TYR B 128 53.35 7.75 1.72
C TYR B 128 52.56 7.31 0.50
N TYR B 129 51.31 7.74 0.39
CA TYR B 129 50.43 7.42 -0.71
C TYR B 129 50.25 8.61 -1.65
N HIS B 130 51.28 9.44 -1.75
CA HIS B 130 51.15 10.69 -2.49
C HIS B 130 50.72 10.45 -3.91
N TYR B 131 51.19 9.37 -4.54
CA TYR B 131 50.97 9.13 -5.95
C TYR B 131 49.80 8.19 -6.21
N SER B 132 49.08 7.79 -5.17
CA SER B 132 47.99 6.85 -5.38
C SER B 132 46.89 7.47 -6.24
N TYR B 133 46.13 6.61 -6.89
CA TYR B 133 45.05 7.04 -7.78
C TYR B 133 43.83 7.54 -7.03
N SER B 134 43.75 7.33 -5.71
CA SER B 134 42.57 7.65 -4.94
C SER B 134 42.93 8.36 -3.64
N VAL B 135 43.88 9.29 -3.70
CA VAL B 135 44.31 10.03 -2.52
C VAL B 135 44.36 11.50 -2.88
N VAL B 136 43.75 12.33 -2.04
CA VAL B 136 43.88 13.77 -2.18
C VAL B 136 45.27 14.16 -1.69
N ARG B 137 46.04 14.80 -2.55
CA ARG B 137 47.44 15.10 -2.26
C ARG B 137 47.48 16.27 -1.28
N GLY B 138 47.23 15.94 -0.02
CA GLY B 138 47.26 16.95 1.03
C GLY B 138 45.89 17.56 1.26
N CYS B 139 45.52 17.77 2.51
CA CYS B 139 44.19 18.31 2.80
C CYS B 139 44.10 19.79 2.48
N ASP B 140 45.23 20.48 2.36
CA ASP B 140 45.18 21.89 2.00
C ASP B 140 44.57 22.11 0.62
N ARG B 141 44.48 21.07 -0.20
CA ARG B 141 43.76 21.17 -1.46
C ARG B 141 42.27 21.42 -1.22
N ILE B 142 41.75 20.97 -0.08
CA ILE B 142 40.32 20.96 0.19
C ILE B 142 39.93 22.05 1.18
N ILE B 143 40.64 22.15 2.30
CA ILE B 143 40.30 23.11 3.34
C ILE B 143 41.56 23.90 3.71
N PRO B 144 41.44 25.16 4.15
CA PRO B 144 42.64 25.88 4.57
C PRO B 144 43.24 25.23 5.80
N VAL B 145 44.57 25.23 5.88
CA VAL B 145 45.29 24.63 6.98
C VAL B 145 46.05 25.73 7.72
N ASP B 146 46.03 25.65 9.04
CA ASP B 146 46.61 26.67 9.89
C ASP B 146 47.90 26.25 10.56
N ILE B 147 48.05 24.97 10.86
CA ILE B 147 49.29 24.42 11.40
C ILE B 147 49.55 23.09 10.71
N TYR B 148 50.79 22.84 10.36
CA TYR B 148 51.22 21.57 9.81
C TYR B 148 52.11 20.87 10.83
N VAL B 149 51.70 19.69 11.26
CA VAL B 149 52.48 18.89 12.20
C VAL B 149 53.10 17.74 11.42
N PRO B 150 54.39 17.78 11.12
CA PRO B 150 55.00 16.67 10.38
C PRO B 150 55.21 15.46 11.27
N GLY B 151 55.40 14.32 10.62
CA GLY B 151 55.63 13.07 11.32
C GLY B 151 54.89 11.95 10.64
N CYS B 152 55.09 10.73 11.10
CA CYS B 152 54.37 9.63 10.48
C CYS B 152 54.36 8.40 11.38
N PRO B 153 53.57 8.38 12.44
CA PRO B 153 52.73 9.47 12.93
C PRO B 153 53.57 10.48 13.69
N PRO B 154 53.09 11.71 13.84
CA PRO B 154 53.76 12.62 14.75
C PRO B 154 53.76 12.05 16.16
N THR B 155 54.88 12.23 16.85
CA THR B 155 54.91 11.86 18.25
C THR B 155 53.85 12.61 19.02
N ALA B 156 53.47 12.07 20.18
CA ALA B 156 52.48 12.76 21.01
C ALA B 156 52.97 14.14 21.41
N GLU B 157 54.24 14.24 21.84
CA GLU B 157 54.78 15.57 22.13
C GLU B 157 54.76 16.43 20.88
N ALA B 158 55.05 15.85 19.72
CA ALA B 158 55.07 16.64 18.50
C ALA B 158 53.73 17.28 18.25
N LEU B 159 52.65 16.53 18.41
CA LEU B 159 51.33 17.13 18.26
C LEU B 159 51.08 18.16 19.36
N MET B 160 51.47 17.85 20.59
CA MET B 160 51.33 18.82 21.67
C MET B 160 52.03 20.11 21.31
N TYR B 161 53.25 20.02 20.78
CA TYR B 161 53.93 21.22 20.34
C TYR B 161 53.13 21.91 19.25
N GLY B 162 52.49 21.14 18.38
CA GLY B 162 51.64 21.73 17.37
C GLY B 162 50.47 22.49 17.97
N VAL B 163 49.82 21.89 18.97
CA VAL B 163 48.67 22.55 19.59
C VAL B 163 49.10 23.86 20.24
N LEU B 164 50.24 23.86 20.91
CA LEU B 164 50.71 25.10 21.53
C LEU B 164 51.02 26.16 20.48
N GLN B 165 51.47 25.75 19.30
CA GLN B 165 51.63 26.72 18.22
C GLN B 165 50.30 27.32 17.84
N LEU B 166 49.23 26.52 17.89
CA LEU B 166 47.91 27.06 17.57
C LEU B 166 47.43 28.01 18.65
N GLN B 167 47.75 27.71 19.91
CA GLN B 167 47.42 28.66 20.97
C GLN B 167 48.14 29.98 20.75
N LYS B 168 49.42 29.93 20.42
CA LYS B 168 50.14 31.17 20.18
C LYS B 168 49.61 31.89 18.95
N LYS B 169 49.24 31.15 17.91
CA LYS B 169 48.63 31.78 16.75
C LYS B 169 47.31 32.43 17.12
N VAL B 170 46.52 31.77 17.95
CA VAL B 170 45.27 32.37 18.44
C VAL B 170 45.58 33.58 19.30
N LYS B 171 46.62 33.48 20.12
CA LYS B 171 46.91 34.52 21.09
C LYS B 171 47.18 35.86 20.43
N ARG B 172 47.64 35.86 19.18
CA ARG B 172 48.06 37.08 18.51
C ARG B 172 47.09 37.53 17.42
N MET B 173 45.85 37.05 17.44
CA MET B 173 44.87 37.58 16.52
C MET B 173 44.59 39.04 16.83
N LYS B 174 44.26 39.80 15.79
CA LYS B 174 43.98 41.22 15.92
C LYS B 174 42.58 41.51 15.45
N THR B 175 41.62 40.71 15.90
CA THR B 175 40.24 40.84 15.43
C THR B 175 39.67 42.21 15.76
N LEU B 176 39.88 42.70 16.97
CA LEU B 176 39.36 44.00 17.35
C LEU B 176 40.28 45.12 16.90
N GLN B 177 41.57 44.99 17.20
CA GLN B 177 42.51 46.08 16.93
C GLN B 177 42.51 46.46 15.46
N MET B 178 42.17 45.52 14.59
CA MET B 178 42.09 45.82 13.17
C MET B 178 40.73 46.37 12.76
N TRP B 179 39.69 46.15 13.57
CA TRP B 179 38.43 46.82 13.30
C TRP B 179 38.58 48.32 13.47
N TYR B 180 39.36 48.74 14.48
CA TYR B 180 39.53 50.16 14.71
C TYR B 180 40.15 50.84 13.50
N ARG B 181 41.20 50.25 12.94
CA ARG B 181 41.82 50.83 11.75
C ARG B 181 40.89 50.73 10.55
N LYS B 182 40.14 49.64 10.44
CA LYS B 182 39.12 49.55 9.40
C LYS B 182 38.02 50.57 9.67
N ASP C 1 72.74 -29.04 8.40
CA ASP C 1 74.14 -28.84 8.07
C ASP C 1 74.38 -27.41 7.61
N LYS C 2 73.38 -26.82 6.98
CA LYS C 2 73.43 -25.43 6.53
C LYS C 2 72.28 -24.67 7.16
N PRO C 3 72.52 -23.71 8.06
CA PRO C 3 71.40 -23.11 8.79
C PRO C 3 70.59 -22.13 7.96
N THR C 4 71.21 -21.42 7.02
CA THR C 4 70.48 -20.35 6.33
C THR C 4 69.35 -20.92 5.48
N VAL C 5 69.57 -22.05 4.82
CA VAL C 5 68.55 -22.62 3.95
C VAL C 5 67.39 -23.12 4.79
N ARG C 6 66.17 -22.80 4.36
CA ARG C 6 64.99 -23.26 5.06
C ARG C 6 64.80 -24.75 4.87
N GLN C 7 64.36 -25.43 5.94
CA GLN C 7 64.24 -26.88 5.91
C GLN C 7 62.87 -27.28 5.35
N PRO C 8 62.81 -28.10 4.31
CA PRO C 8 61.50 -28.46 3.76
C PRO C 8 60.75 -29.40 4.70
N ASP C 9 59.43 -29.22 4.75
CA ASP C 9 58.55 -30.04 5.58
C ASP C 9 58.08 -31.22 4.73
N ALA C 10 58.83 -32.31 4.80
CA ALA C 10 58.56 -33.44 3.92
C ALA C 10 57.23 -34.11 4.22
N VAL C 11 56.89 -34.26 5.50
CA VAL C 11 55.65 -34.95 5.86
C VAL C 11 54.45 -34.21 5.30
N ALA C 12 54.43 -32.88 5.45
CA ALA C 12 53.36 -32.10 4.86
C ALA C 12 53.41 -32.14 3.34
N ARG C 13 54.62 -32.23 2.78
CA ARG C 13 54.76 -32.36 1.34
C ARG C 13 54.19 -33.68 0.85
N SER C 14 54.40 -34.76 1.60
CA SER C 14 53.97 -36.08 1.15
C SER C 14 52.45 -36.16 1.06
N HIS C 15 51.75 -35.70 2.09
CA HIS C 15 50.29 -35.76 2.07
C HIS C 15 49.72 -34.94 0.92
N LEU C 16 50.22 -33.72 0.72
CA LEU C 16 49.65 -32.88 -0.31
C LEU C 16 49.87 -33.46 -1.70
N SER C 17 50.99 -34.14 -1.92
CA SER C 17 51.23 -34.73 -3.23
C SER C 17 50.17 -35.77 -3.56
N ASP C 18 49.96 -36.73 -2.67
CA ASP C 18 49.00 -37.78 -2.96
C ASP C 18 47.58 -37.23 -3.06
N PHE C 19 47.17 -36.43 -2.07
CA PHE C 19 45.84 -35.84 -2.14
C PHE C 19 45.70 -34.96 -3.37
N GLY C 20 46.81 -34.39 -3.83
CA GLY C 20 46.75 -33.61 -5.07
C GLY C 20 46.32 -34.46 -6.25
N ARG C 21 46.89 -35.65 -6.37
CA ARG C 21 46.44 -36.57 -7.42
C ARG C 21 45.00 -36.95 -7.21
N TYR C 22 44.60 -37.21 -5.97
CA TYR C 22 43.24 -37.65 -5.69
C TYR C 22 42.21 -36.73 -6.32
N VAL C 23 42.41 -35.43 -6.21
CA VAL C 23 41.47 -34.49 -6.81
C VAL C 23 41.44 -34.65 -8.32
N ALA C 24 42.59 -34.98 -8.92
CA ALA C 24 42.66 -35.07 -10.37
C ALA C 24 41.76 -36.17 -10.91
N GLU C 25 41.62 -37.29 -10.19
CA GLU C 25 40.74 -38.34 -10.66
C GLU C 25 39.27 -37.99 -10.44
N CYS C 26 38.96 -37.37 -9.30
CA CYS C 26 37.56 -37.11 -8.97
C CYS C 26 36.94 -36.09 -9.90
N LEU C 27 37.72 -35.17 -10.43
CA LEU C 27 37.21 -34.07 -11.25
C LEU C 27 37.98 -33.98 -12.57
N PRO C 28 37.89 -35.00 -13.42
CA PRO C 28 38.57 -34.90 -14.71
C PRO C 28 38.00 -33.82 -15.61
N LYS C 29 36.72 -33.52 -15.50
CA LYS C 29 36.10 -32.61 -16.45
C LYS C 29 36.67 -31.20 -16.33
N TYR C 30 37.12 -30.81 -15.14
CA TYR C 30 37.48 -29.43 -14.85
C TYR C 30 38.94 -29.25 -14.50
N VAL C 31 39.53 -30.15 -13.72
CA VAL C 31 40.90 -29.98 -13.26
C VAL C 31 41.82 -30.11 -14.46
N GLN C 32 42.37 -28.98 -14.91
CA GLN C 32 43.34 -29.02 -16.00
C GLN C 32 44.69 -29.53 -15.54
N LYS C 33 45.15 -29.08 -14.38
CA LYS C 33 46.49 -29.42 -13.92
C LYS C 33 46.56 -29.24 -12.41
N VAL C 34 47.40 -30.06 -11.78
CA VAL C 34 47.65 -29.98 -10.35
C VAL C 34 49.16 -29.92 -10.17
N GLN C 35 49.62 -28.96 -9.36
CA GLN C 35 51.05 -28.80 -9.16
C GLN C 35 51.32 -28.41 -7.72
N LEU C 36 52.44 -28.90 -7.20
CA LEU C 36 52.87 -28.63 -5.83
C LEU C 36 53.91 -27.53 -5.86
N THR C 37 53.56 -26.38 -5.31
CA THR C 37 54.43 -25.21 -5.37
C THR C 37 55.70 -25.45 -4.54
N ALA C 38 56.74 -24.69 -4.86
CA ALA C 38 57.99 -24.78 -4.13
C ALA C 38 57.82 -24.49 -2.64
N GLY C 39 56.76 -23.78 -2.27
CA GLY C 39 56.49 -23.51 -0.87
C GLY C 39 55.73 -24.63 -0.21
N ASP C 40 55.70 -25.80 -0.85
CA ASP C 40 54.98 -26.97 -0.34
C ASP C 40 53.49 -26.66 -0.20
N GLU C 41 52.96 -25.91 -1.16
CA GLU C 41 51.57 -25.51 -1.21
C GLU C 41 50.98 -26.02 -2.51
N LEU C 42 49.76 -26.54 -2.44
CA LEU C 42 49.13 -27.20 -3.58
C LEU C 42 48.30 -26.19 -4.37
N GLU C 43 48.40 -26.27 -5.69
CA GLU C 43 47.63 -25.41 -6.59
C GLU C 43 46.87 -26.29 -7.57
N VAL C 44 45.59 -25.97 -7.77
CA VAL C 44 44.71 -26.74 -8.63
C VAL C 44 44.21 -25.81 -9.72
N LEU C 45 44.72 -25.96 -10.93
CA LEU C 45 44.35 -25.11 -12.04
C LEU C 45 43.14 -25.72 -12.75
N ILE C 46 42.03 -24.99 -12.74
CA ILE C 46 40.76 -25.50 -13.25
C ILE C 46 40.34 -24.67 -14.45
N ALA C 47 39.40 -25.23 -15.21
CA ALA C 47 38.79 -24.50 -16.29
C ALA C 47 37.83 -23.45 -15.73
N PRO C 48 37.48 -22.44 -16.51
CA PRO C 48 36.61 -21.39 -15.99
C PRO C 48 35.26 -21.90 -15.53
N GLU C 49 34.70 -22.90 -16.19
CA GLU C 49 33.38 -23.40 -15.84
C GLU C 49 33.39 -24.23 -14.57
N GLY C 50 34.53 -24.79 -14.20
CA GLY C 50 34.59 -25.71 -13.09
C GLY C 50 34.76 -25.04 -11.75
N VAL C 51 34.50 -23.74 -11.68
CA VAL C 51 34.66 -23.03 -10.41
C VAL C 51 33.68 -23.54 -9.37
N VAL C 52 32.40 -23.42 -9.65
CA VAL C 52 31.36 -23.79 -8.68
C VAL C 52 31.44 -25.29 -8.40
N PRO C 53 31.54 -26.16 -9.42
CA PRO C 53 31.70 -27.59 -9.11
C PRO C 53 32.89 -27.89 -8.23
N VAL C 54 34.08 -27.42 -8.59
CA VAL C 54 35.28 -27.78 -7.83
C VAL C 54 35.20 -27.25 -6.41
N LEU C 55 34.77 -26.00 -6.25
CA LEU C 55 34.65 -25.44 -4.92
C LEU C 55 33.66 -26.25 -4.08
N GLN C 56 32.54 -26.64 -4.68
CA GLN C 56 31.59 -27.48 -3.96
C GLN C 56 32.22 -28.78 -3.55
N PHE C 57 32.99 -29.40 -4.44
CA PHE C 57 33.58 -30.70 -4.14
C PHE C 57 34.52 -30.61 -2.95
N LEU C 58 35.35 -29.57 -2.91
CA LEU C 58 36.33 -29.47 -1.83
C LEU C 58 35.66 -29.17 -0.49
N LYS C 59 34.53 -28.48 -0.51
CA LYS C 59 33.88 -28.12 0.74
C LYS C 59 33.07 -29.26 1.33
N ASP C 60 32.49 -30.11 0.50
CA ASP C 60 31.51 -31.08 0.96
C ASP C 60 32.06 -32.50 1.05
N HIS C 61 33.04 -32.85 0.23
CA HIS C 61 33.58 -34.20 0.27
C HIS C 61 34.18 -34.49 1.63
N HIS C 62 34.04 -35.74 2.09
CA HIS C 62 34.61 -36.14 3.38
C HIS C 62 36.09 -35.85 3.44
N GLN C 63 36.82 -36.24 2.40
CA GLN C 63 38.27 -36.14 2.43
C GLN C 63 38.74 -34.70 2.36
N ALA C 64 38.04 -33.86 1.63
CA ALA C 64 38.48 -32.48 1.46
C ALA C 64 38.09 -31.64 2.66
N GLN C 65 36.80 -31.44 2.88
CA GLN C 65 36.29 -30.62 3.97
C GLN C 65 37.02 -29.28 4.03
N PHE C 66 37.23 -28.66 2.88
CA PHE C 66 37.79 -27.30 2.84
C PHE C 66 36.66 -26.31 3.09
N THR C 67 36.18 -26.32 4.33
CA THR C 67 35.00 -25.54 4.67
C THR C 67 35.26 -24.05 4.58
N ASN C 68 36.48 -23.61 4.86
CA ASN C 68 36.76 -22.21 5.09
C ASN C 68 37.40 -21.60 3.85
N LEU C 69 36.73 -20.64 3.24
CA LEU C 69 37.27 -19.87 2.13
C LEU C 69 37.90 -18.61 2.70
N VAL C 70 39.17 -18.41 2.41
CA VAL C 70 39.95 -17.36 3.04
C VAL C 70 40.04 -16.11 2.16
N ASP C 71 40.26 -16.29 0.86
CA ASP C 71 40.57 -15.16 -0.01
C ASP C 71 40.07 -15.44 -1.41
N ILE C 72 39.96 -14.36 -2.19
CA ILE C 72 39.87 -14.48 -3.63
C ILE C 72 40.75 -13.39 -4.23
N ALA C 73 41.96 -13.75 -4.65
CA ALA C 73 42.89 -12.80 -5.20
C ALA C 73 42.75 -12.76 -6.72
N GLY C 74 42.81 -11.56 -7.28
CA GLY C 74 42.80 -11.37 -8.71
C GLY C 74 44.18 -10.94 -9.18
N VAL C 75 44.60 -11.47 -10.32
CA VAL C 75 45.91 -11.17 -10.88
C VAL C 75 45.71 -10.80 -12.35
N ASP C 76 46.30 -9.67 -12.75
CA ASP C 76 46.21 -9.19 -14.12
C ASP C 76 47.54 -9.45 -14.81
N VAL C 77 47.48 -10.02 -16.01
CA VAL C 77 48.67 -10.32 -16.78
C VAL C 77 48.38 -10.00 -18.24
N PRO C 78 48.70 -8.81 -18.73
CA PRO C 78 48.32 -8.45 -20.11
C PRO C 78 48.92 -9.37 -21.16
N CYS C 79 50.05 -10.02 -20.87
CA CYS C 79 50.65 -10.90 -21.84
C CYS C 79 49.69 -11.99 -22.29
N ARG C 80 49.10 -12.70 -21.33
CA ARG C 80 48.22 -13.81 -21.66
C ARG C 80 46.98 -13.32 -22.38
N LYS C 81 46.34 -14.24 -23.11
CA LYS C 81 45.12 -13.88 -23.81
C LYS C 81 43.96 -13.70 -22.84
N ASN C 82 43.81 -14.62 -21.88
CA ASN C 82 42.84 -14.45 -20.79
C ASN C 82 43.56 -13.79 -19.64
N ARG C 83 43.65 -12.47 -19.71
CA ARG C 83 44.61 -11.74 -18.89
C ARG C 83 44.33 -11.88 -17.40
N PHE C 84 43.07 -12.09 -17.01
CA PHE C 84 42.70 -12.08 -15.60
C PHE C 84 42.67 -13.49 -15.04
N GLU C 85 43.39 -13.69 -13.95
CA GLU C 85 43.38 -14.94 -13.20
C GLU C 85 42.79 -14.68 -11.83
N VAL C 86 42.06 -15.66 -11.32
CA VAL C 86 41.39 -15.56 -10.04
C VAL C 86 41.80 -16.75 -9.19
N VAL C 87 42.24 -16.49 -7.97
CA VAL C 87 42.84 -17.50 -7.09
C VAL C 87 42.02 -17.57 -5.82
N TYR C 88 41.62 -18.78 -5.44
CA TYR C 88 40.88 -19.02 -4.21
C TYR C 88 41.80 -19.70 -3.21
N ASN C 89 41.89 -19.17 -2.01
CA ASN C 89 42.68 -19.75 -0.94
C ASN C 89 41.71 -20.37 0.07
N LEU C 90 41.69 -21.69 0.14
CA LEU C 90 40.79 -22.41 1.03
C LEU C 90 41.58 -23.03 2.17
N LEU C 91 40.93 -23.11 3.33
CA LEU C 91 41.51 -23.70 4.52
C LEU C 91 40.60 -24.80 5.02
N SER C 92 41.18 -25.91 5.44
CA SER C 92 40.44 -27.06 5.96
C SER C 92 40.81 -27.23 7.42
N LEU C 93 39.92 -26.81 8.31
CA LEU C 93 40.23 -26.90 9.74
C LEU C 93 40.37 -28.34 10.18
N ARG C 94 39.50 -29.22 9.71
CA ARG C 94 39.53 -30.60 10.19
C ARG C 94 40.83 -31.29 9.83
N TYR C 95 41.35 -31.02 8.63
CA TYR C 95 42.58 -31.65 8.18
C TYR C 95 43.79 -30.74 8.30
N ASN C 96 43.61 -29.48 8.67
CA ASN C 96 44.72 -28.57 8.93
C ASN C 96 45.60 -28.43 7.67
N SER C 97 44.99 -27.87 6.63
CA SER C 97 45.69 -27.78 5.36
C SER C 97 45.11 -26.64 4.53
N ARG C 98 45.88 -26.22 3.55
CA ARG C 98 45.49 -25.16 2.62
C ARG C 98 45.65 -25.66 1.20
N ILE C 99 44.75 -25.23 0.33
CA ILE C 99 44.82 -25.56 -1.09
C ILE C 99 44.44 -24.32 -1.88
N ARG C 100 44.99 -24.20 -3.08
CA ARG C 100 44.74 -23.07 -3.95
C ARG C 100 44.10 -23.54 -5.24
N VAL C 101 43.06 -22.84 -5.68
CA VAL C 101 42.37 -23.12 -6.92
C VAL C 101 42.47 -21.87 -7.78
N LYS C 102 43.04 -22.02 -8.97
CA LYS C 102 43.22 -20.91 -9.89
C LYS C 102 42.34 -21.12 -11.12
N THR C 103 41.91 -20.01 -11.70
CA THR C 103 41.14 -20.02 -12.93
C THR C 103 41.42 -18.73 -13.68
N TYR C 104 41.12 -18.75 -14.97
CA TYR C 104 41.47 -17.67 -15.87
C TYR C 104 40.23 -17.17 -16.58
N THR C 105 40.17 -15.85 -16.81
CA THR C 105 39.04 -15.28 -17.52
C THR C 105 39.51 -14.06 -18.29
N ASP C 106 38.71 -13.69 -19.28
CA ASP C 106 39.01 -12.56 -20.15
C ASP C 106 38.40 -11.29 -19.56
N GLU C 107 38.58 -10.17 -20.27
CA GLU C 107 38.00 -8.91 -19.81
C GLU C 107 36.49 -9.01 -19.72
N LEU C 108 35.86 -9.66 -20.69
CA LEU C 108 34.41 -9.68 -20.82
C LEU C 108 33.77 -10.92 -20.23
N THR C 109 34.34 -12.09 -20.48
CA THR C 109 33.67 -13.33 -20.13
C THR C 109 33.33 -13.34 -18.64
N PRO C 110 32.10 -13.67 -18.25
CA PRO C 110 31.76 -13.69 -16.83
C PRO C 110 32.32 -14.93 -16.15
N LEU C 111 32.39 -14.85 -14.83
CA LEU C 111 32.95 -15.91 -14.00
C LEU C 111 31.90 -16.29 -12.97
N ASP C 112 31.56 -17.56 -12.92
CA ASP C 112 30.41 -17.98 -12.12
C ASP C 112 30.68 -17.71 -10.65
N SER C 113 29.81 -16.93 -10.03
CA SER C 113 29.99 -16.56 -8.63
C SER C 113 29.88 -17.78 -7.73
N ALA C 114 30.66 -17.76 -6.65
CA ALA C 114 30.71 -18.87 -5.70
C ALA C 114 30.13 -18.49 -4.34
N CYS C 115 29.27 -17.46 -4.30
CA CYS C 115 28.57 -17.15 -3.07
C CYS C 115 27.85 -18.37 -2.53
N GLU C 116 27.32 -19.20 -3.42
CA GLU C 116 26.60 -20.40 -3.01
C GLU C 116 27.45 -21.31 -2.15
N VAL C 117 28.52 -21.85 -2.72
CA VAL C 117 29.41 -22.77 -2.01
C VAL C 117 29.87 -22.14 -0.70
N HIS C 118 30.54 -20.99 -0.80
CA HIS C 118 31.04 -20.24 0.34
C HIS C 118 30.52 -18.82 0.20
N LYS C 119 29.54 -18.43 1.01
CA LYS C 119 29.03 -17.09 0.83
C LYS C 119 29.88 -16.07 1.56
N ALA C 120 31.09 -16.46 1.99
CA ALA C 120 32.09 -15.49 2.36
C ALA C 120 32.60 -14.71 1.16
N ALA C 121 32.40 -15.23 -0.04
CA ALA C 121 32.82 -14.57 -1.26
C ALA C 121 31.81 -13.53 -1.72
N ASN C 122 30.95 -13.05 -0.83
CA ASN C 122 30.03 -11.99 -1.19
C ASN C 122 30.76 -10.70 -1.51
N TRP C 123 31.67 -10.29 -0.63
CA TRP C 123 32.42 -9.07 -0.87
C TRP C 123 33.69 -9.29 -1.67
N TYR C 124 34.37 -10.42 -1.47
CA TYR C 124 35.60 -10.67 -2.22
C TYR C 124 35.34 -10.58 -3.71
N GLU C 125 34.22 -11.16 -4.17
CA GLU C 125 33.87 -11.03 -5.57
C GLU C 125 33.53 -9.59 -5.92
N ARG C 126 32.88 -8.86 -5.01
CA ARG C 126 32.61 -7.45 -5.27
C ARG C 126 33.91 -6.68 -5.45
N GLU C 127 34.91 -6.97 -4.62
CA GLU C 127 36.20 -6.32 -4.79
C GLU C 127 36.81 -6.64 -6.14
N ILE C 128 36.75 -7.90 -6.55
CA ILE C 128 37.41 -8.31 -7.79
C ILE C 128 36.77 -7.59 -8.97
N TRP C 129 35.44 -7.48 -8.97
CA TRP C 129 34.78 -6.74 -10.02
C TRP C 129 35.23 -5.29 -10.01
N ASP C 130 35.30 -4.69 -8.83
CA ASP C 130 35.68 -3.29 -8.73
C ASP C 130 37.13 -3.08 -9.15
N MET C 131 38.05 -3.87 -8.60
CA MET C 131 39.46 -3.59 -8.81
C MET C 131 39.88 -3.91 -10.24
N TYR C 132 39.48 -5.09 -10.73
CA TYR C 132 39.95 -5.55 -12.03
C TYR C 132 38.93 -5.43 -13.13
N GLY C 133 37.64 -5.47 -12.81
CA GLY C 133 36.62 -5.45 -13.82
C GLY C 133 36.13 -6.81 -14.26
N VAL C 134 36.43 -7.86 -13.50
CA VAL C 134 35.91 -9.19 -13.78
C VAL C 134 34.48 -9.25 -13.28
N PHE C 135 33.54 -9.54 -14.18
CA PHE C 135 32.14 -9.66 -13.82
C PHE C 135 31.86 -11.05 -13.28
N PHE C 136 30.98 -11.13 -12.28
CA PHE C 136 30.61 -12.39 -11.65
C PHE C 136 29.11 -12.60 -11.85
N ALA C 137 28.76 -13.54 -12.71
CA ALA C 137 27.35 -13.83 -12.96
C ALA C 137 26.71 -14.43 -11.72
N ASN C 138 25.41 -14.20 -11.58
CA ASN C 138 24.58 -14.73 -10.51
C ASN C 138 24.92 -14.15 -9.15
N HIS C 139 25.75 -13.12 -9.10
CA HIS C 139 26.06 -12.51 -7.82
C HIS C 139 24.78 -11.88 -7.26
N PRO C 140 24.62 -11.84 -5.94
CA PRO C 140 23.44 -11.18 -5.38
C PRO C 140 23.28 -9.75 -5.87
N ASP C 141 24.25 -8.87 -5.60
CA ASP C 141 24.21 -7.51 -6.13
C ASP C 141 25.65 -7.04 -6.32
N LEU C 142 26.15 -7.21 -7.53
CA LEU C 142 27.49 -6.74 -7.84
C LEU C 142 27.51 -5.22 -7.80
N ARG C 143 28.57 -4.65 -7.24
CA ARG C 143 28.64 -3.21 -7.06
C ARG C 143 30.02 -2.85 -6.53
N ARG C 144 30.51 -1.66 -6.91
CA ARG C 144 31.82 -1.22 -6.45
C ARG C 144 31.83 -1.13 -4.93
N ILE C 145 32.94 -1.56 -4.33
CA ILE C 145 33.05 -1.61 -2.88
C ILE C 145 34.16 -0.71 -2.37
N LEU C 146 35.21 -0.52 -3.17
CA LEU C 146 36.37 0.25 -2.74
C LEU C 146 36.44 1.62 -3.40
N THR C 147 36.45 1.68 -4.73
CA THR C 147 36.71 2.94 -5.40
C THR C 147 35.62 3.95 -5.11
N ASP C 148 35.87 5.18 -5.52
CA ASP C 148 34.91 6.27 -5.33
C ASP C 148 33.65 6.00 -6.16
N TYR C 149 32.55 6.60 -5.72
CA TYR C 149 31.33 6.55 -6.53
C TYR C 149 31.58 7.19 -7.87
N GLY C 150 31.09 6.57 -8.92
CA GLY C 150 31.30 7.09 -10.25
C GLY C 150 32.73 7.11 -10.70
N PHE C 151 33.63 6.42 -10.00
CA PHE C 151 35.00 6.29 -10.48
C PHE C 151 35.02 5.42 -11.73
N GLU C 152 35.61 5.95 -12.80
CA GLU C 152 35.58 5.30 -14.09
C GLU C 152 36.90 4.59 -14.34
N GLY C 153 36.83 3.34 -14.77
CA GLY C 153 37.99 2.49 -14.90
C GLY C 153 38.09 1.49 -13.78
N HIS C 154 39.16 0.70 -13.83
CA HIS C 154 39.38 -0.37 -12.85
C HIS C 154 40.85 -0.32 -12.44
N PRO C 155 41.16 0.26 -11.28
CA PRO C 155 42.52 0.74 -11.05
C PRO C 155 43.59 -0.33 -11.07
N GLN C 156 43.30 -1.56 -10.66
CA GLN C 156 44.37 -2.51 -10.45
C GLN C 156 44.74 -3.29 -11.69
N ARG C 157 44.14 -3.02 -12.83
CA ARG C 157 44.66 -3.58 -14.06
C ARG C 157 46.04 -2.98 -14.34
N ARG C 158 46.96 -3.83 -14.81
CA ARG C 158 48.30 -3.33 -15.08
C ARG C 158 48.31 -2.27 -16.16
N ASP C 159 47.25 -2.17 -16.97
CA ASP C 159 47.15 -1.17 -18.03
C ASP C 159 46.51 0.13 -17.55
N PHE C 160 46.57 0.42 -16.25
CA PHE C 160 45.99 1.61 -15.66
C PHE C 160 47.09 2.46 -15.04
N PRO C 161 47.15 3.76 -15.34
CA PRO C 161 48.24 4.58 -14.78
C PRO C 161 48.18 4.64 -13.28
N LEU C 162 49.36 4.73 -12.66
CA LEU C 162 49.44 4.65 -11.21
C LEU C 162 48.65 5.76 -10.55
N SER C 163 48.81 6.98 -11.03
CA SER C 163 48.19 8.14 -10.41
C SER C 163 46.77 8.39 -10.87
N GLY C 164 46.25 7.59 -11.80
CA GLY C 164 44.93 7.83 -12.31
C GLY C 164 44.94 9.03 -13.23
N TYR C 165 43.77 9.34 -13.78
CA TYR C 165 43.64 10.40 -14.76
C TYR C 165 43.16 11.72 -14.17
N VAL C 166 42.45 11.70 -13.05
CA VAL C 166 41.77 12.87 -12.53
C VAL C 166 42.06 13.01 -11.05
N GLU C 167 42.33 14.24 -10.62
CA GLU C 167 42.47 14.59 -9.22
C GLU C 167 41.20 15.28 -8.74
N LEU C 168 41.18 15.63 -7.46
CA LEU C 168 40.10 16.38 -6.86
C LEU C 168 40.62 17.66 -6.26
N ARG C 169 39.78 18.70 -6.32
CA ARG C 169 40.08 19.97 -5.68
C ARG C 169 38.76 20.63 -5.33
N TYR C 170 38.83 21.63 -4.46
CA TYR C 170 37.67 22.40 -4.09
C TYR C 170 37.64 23.70 -4.88
N ASP C 171 36.50 23.98 -5.51
CA ASP C 171 36.32 25.16 -6.34
C ASP C 171 35.27 26.03 -5.66
N ASP C 172 35.68 27.19 -5.17
CA ASP C 172 34.77 28.05 -4.43
C ASP C 172 33.72 28.71 -5.30
N GLU C 173 33.89 28.70 -6.63
CA GLU C 173 32.79 29.12 -7.49
C GLU C 173 31.60 28.19 -7.33
N LYS C 174 31.84 26.89 -7.47
CA LYS C 174 30.78 25.90 -7.47
C LYS C 174 30.36 25.49 -6.07
N LYS C 175 31.10 25.89 -5.04
CA LYS C 175 30.80 25.51 -3.67
C LYS C 175 30.82 24.00 -3.49
N ARG C 176 31.64 23.30 -4.27
CA ARG C 176 31.77 21.86 -4.10
C ARG C 176 33.10 21.42 -4.71
N VAL C 177 33.49 20.20 -4.37
CA VAL C 177 34.72 19.63 -4.92
C VAL C 177 34.48 19.25 -6.37
N VAL C 178 35.48 19.50 -7.21
CA VAL C 178 35.40 19.26 -8.64
C VAL C 178 36.59 18.41 -9.06
N CYS C 179 36.40 17.65 -10.13
CA CYS C 179 37.45 16.81 -10.67
C CYS C 179 38.04 17.44 -11.91
N GLU C 180 39.36 17.44 -11.98
CA GLU C 180 40.12 18.03 -13.08
C GLU C 180 41.12 17.01 -13.59
N PRO C 181 41.60 17.15 -14.81
CA PRO C 181 42.63 16.24 -15.30
C PRO C 181 43.87 16.33 -14.43
N LEU C 182 44.54 15.20 -14.25
CA LEU C 182 45.59 15.09 -13.26
C LEU C 182 46.74 16.03 -13.60
N GLU C 183 47.39 16.54 -12.55
CA GLU C 183 48.50 17.47 -12.73
C GLU C 183 49.39 17.39 -11.48
N LEU C 184 50.52 16.70 -11.60
CA LEU C 184 51.39 16.44 -10.47
C LEU C 184 52.54 17.44 -10.44
N ALA C 185 52.82 17.96 -9.25
CA ALA C 185 53.95 18.87 -9.10
C ALA C 185 55.26 18.16 -9.39
N GLN C 186 55.42 16.94 -8.89
CA GLN C 186 56.59 16.13 -9.16
C GLN C 186 56.14 14.79 -9.72
N GLU C 187 56.66 14.43 -10.88
CA GLU C 187 56.28 13.16 -11.48
C GLU C 187 56.74 12.00 -10.63
N PHE C 188 56.08 10.87 -10.80
CA PHE C 188 56.58 9.62 -10.23
C PHE C 188 57.87 9.28 -10.95
N ARG C 189 58.98 9.35 -10.24
CA ARG C 189 60.27 9.04 -10.85
C ARG C 189 60.42 7.54 -10.93
N LYS C 190 60.39 6.99 -12.14
CA LYS C 190 60.68 5.58 -12.30
C LYS C 190 62.10 5.29 -11.86
N PHE C 191 62.33 4.04 -11.52
CA PHE C 191 63.67 3.51 -11.45
C PHE C 191 63.70 2.21 -12.23
N ASP C 192 64.72 2.06 -13.07
CA ASP C 192 64.89 0.86 -13.86
C ASP C 192 65.61 -0.17 -13.02
N LEU C 193 64.85 -0.97 -12.29
CA LEU C 193 65.40 -2.01 -11.42
C LEU C 193 65.42 -3.35 -12.15
N SER C 194 66.23 -3.40 -13.21
CA SER C 194 66.36 -4.58 -14.05
C SER C 194 67.81 -5.06 -14.01
N ALA C 195 68.00 -6.31 -13.65
CA ALA C 195 69.35 -6.86 -13.59
C ALA C 195 69.76 -7.38 -14.95
N PRO C 196 70.93 -7.03 -15.49
CA PRO C 196 71.32 -7.55 -16.80
C PRO C 196 71.80 -8.98 -16.77
N TRP C 197 72.05 -9.57 -15.60
CA TRP C 197 72.55 -10.94 -15.51
C TRP C 197 71.52 -11.81 -14.83
N GLU C 198 71.10 -12.87 -15.51
CA GLU C 198 70.19 -13.83 -14.92
C GLU C 198 70.81 -14.46 -13.70
N GLN C 199 70.01 -14.63 -12.65
CA GLN C 199 70.49 -15.17 -11.38
C GLN C 199 69.93 -16.54 -11.04
N PHE C 200 68.72 -16.86 -11.50
CA PHE C 200 68.06 -18.11 -11.15
C PHE C 200 68.08 -19.03 -12.37
N PRO C 201 69.15 -19.77 -12.59
CA PRO C 201 69.22 -20.63 -13.79
C PRO C 201 68.17 -21.71 -13.83
N ASN C 202 67.62 -22.13 -12.69
CA ASN C 202 66.66 -23.22 -12.70
C ASN C 202 65.42 -22.90 -13.50
N PHE C 203 65.09 -21.62 -13.66
CA PHE C 203 63.89 -21.22 -14.35
C PHE C 203 64.17 -20.77 -15.78
N ARG C 204 65.40 -20.91 -16.25
CA ARG C 204 65.71 -20.49 -17.62
C ARG C 204 64.97 -21.35 -18.63
N ASN C 205 65.08 -22.66 -18.50
CA ASN C 205 64.46 -23.60 -19.43
C ASN C 205 63.09 -24.06 -18.98
N ALA C 206 62.59 -23.55 -17.86
CA ALA C 206 61.31 -24.00 -17.33
C ALA C 206 60.19 -23.69 -18.31
N ASN C 207 59.09 -24.44 -18.17
CA ASN C 207 57.89 -24.25 -18.96
C ASN C 207 58.17 -24.45 -20.45
N PRO C 208 58.49 -25.68 -20.86
CA PRO C 208 58.68 -25.93 -22.28
C PRO C 208 57.39 -25.77 -23.04
N PRO C 209 57.44 -25.44 -24.34
CA PRO C 209 56.20 -25.25 -25.09
C PRO C 209 55.47 -26.56 -25.36
N ALA D 1 -52.37 -23.76 -15.36
CA ALA D 1 -51.70 -22.78 -16.22
C ALA D 1 -50.30 -22.49 -15.71
N ALA D 2 -49.51 -21.77 -16.51
CA ALA D 2 -48.20 -21.35 -16.06
C ALA D 2 -48.32 -20.54 -14.77
N LYS D 3 -47.43 -20.84 -13.83
CA LYS D 3 -47.43 -20.20 -12.52
C LYS D 3 -46.18 -19.38 -12.38
N TRP D 4 -46.33 -18.10 -12.04
CA TRP D 4 -45.18 -17.23 -11.87
C TRP D 4 -44.54 -17.46 -10.51
N TYR D 5 -43.22 -17.44 -10.49
CA TYR D 5 -42.44 -17.58 -9.27
C TYR D 5 -41.37 -16.50 -9.26
N PRO D 6 -40.90 -16.12 -8.08
CA PRO D 6 -39.83 -15.12 -8.02
C PRO D 6 -38.60 -15.56 -8.78
N ASP D 7 -38.29 -14.87 -9.85
CA ASP D 7 -37.29 -15.27 -10.83
C ASP D 7 -36.02 -14.47 -10.64
N PRO D 8 -34.96 -14.82 -11.37
CA PRO D 8 -33.74 -13.98 -11.31
C PRO D 8 -33.98 -12.53 -11.65
N GLU D 9 -34.82 -12.24 -12.64
CA GLU D 9 -35.05 -10.86 -13.04
C GLU D 9 -35.82 -10.09 -11.97
N PHE D 10 -36.76 -10.75 -11.29
CA PHE D 10 -37.46 -10.12 -10.18
C PHE D 10 -36.48 -9.72 -9.11
N MET D 11 -35.53 -10.59 -8.80
CA MET D 11 -34.68 -10.37 -7.66
C MET D 11 -33.51 -9.46 -7.99
N LYS D 12 -33.28 -9.20 -9.27
CA LYS D 12 -32.29 -8.19 -9.65
C LYS D 12 -32.59 -6.86 -8.99
N GLN D 13 -33.85 -6.62 -8.63
CA GLN D 13 -34.21 -5.43 -7.88
C GLN D 13 -33.34 -5.28 -6.64
N PHE D 14 -33.09 -6.39 -5.94
CA PHE D 14 -32.38 -6.37 -4.67
C PHE D 14 -30.89 -6.62 -4.81
N SER D 15 -30.38 -6.70 -6.03
CA SER D 15 -28.99 -7.12 -6.21
C SER D 15 -28.01 -6.03 -5.82
N GLY D 16 -28.37 -4.77 -6.00
CA GLY D 16 -27.44 -3.69 -5.82
C GLY D 16 -27.15 -3.43 -4.36
N PRO D 17 -26.38 -2.37 -4.09
CA PRO D 17 -26.17 -1.94 -2.70
C PRO D 17 -27.28 -1.02 -2.18
N VAL D 18 -28.32 -0.81 -2.97
CA VAL D 18 -29.37 0.13 -2.63
C VAL D 18 -30.56 -0.14 -3.55
N MET D 19 -31.77 0.10 -3.07
CA MET D 19 -32.95 -0.23 -3.87
C MET D 19 -33.08 0.69 -5.08
N TYR D 20 -32.98 2.00 -4.86
CA TYR D 20 -33.21 2.98 -5.91
C TYR D 20 -31.89 3.64 -6.29
N PRO D 21 -31.06 2.98 -7.09
CA PRO D 21 -29.75 3.57 -7.41
C PRO D 21 -29.87 4.85 -8.20
N ASP D 22 -28.93 5.75 -7.95
CA ASP D 22 -28.78 6.96 -8.72
C ASP D 22 -27.31 7.07 -9.14
N GLU D 23 -26.90 8.21 -9.69
CA GLU D 23 -25.51 8.35 -10.12
C GLU D 23 -24.54 8.11 -8.98
N VAL D 24 -24.79 8.72 -7.83
CA VAL D 24 -23.85 8.61 -6.71
C VAL D 24 -23.83 7.18 -6.18
N THR D 25 -24.99 6.59 -5.97
CA THR D 25 -25.06 5.29 -5.33
C THR D 25 -24.78 4.16 -6.30
N SER D 26 -25.16 4.31 -7.58
CA SER D 26 -24.94 3.22 -8.53
C SER D 26 -23.46 2.94 -8.71
N LEU D 27 -22.61 3.95 -8.52
CA LEU D 27 -21.18 3.75 -8.66
C LEU D 27 -20.62 2.78 -7.63
N TRP D 28 -21.31 2.60 -6.50
CA TRP D 28 -20.78 1.78 -5.43
C TRP D 28 -20.86 0.30 -5.79
N THR D 29 -20.46 -0.54 -4.84
CA THR D 29 -20.56 -1.99 -5.01
C THR D 29 -20.86 -2.62 -3.66
N VAL D 30 -21.47 -3.80 -3.71
CA VAL D 30 -21.92 -4.45 -2.49
C VAL D 30 -20.71 -4.82 -1.65
N PRO D 31 -20.76 -4.69 -0.32
CA PRO D 31 -19.59 -5.07 0.49
C PRO D 31 -19.34 -6.56 0.44
N PRO D 32 -18.22 -7.03 0.98
CA PRO D 32 -17.99 -8.48 1.02
C PRO D 32 -19.08 -9.18 1.79
N TRP D 33 -19.50 -10.34 1.29
CA TRP D 33 -20.67 -11.00 1.83
C TRP D 33 -20.43 -11.51 3.26
N ASN D 34 -19.21 -11.94 3.57
CA ASN D 34 -18.90 -12.34 4.93
C ASN D 34 -18.71 -11.16 5.87
N SER D 35 -18.79 -9.93 5.35
CA SER D 35 -18.72 -8.71 6.14
C SER D 35 -17.34 -8.51 6.78
N LYS D 36 -16.33 -9.21 6.30
CA LYS D 36 -14.95 -8.97 6.72
C LYS D 36 -14.17 -8.36 5.57
N VAL D 37 -13.54 -7.22 5.84
CA VAL D 37 -12.75 -6.50 4.85
C VAL D 37 -11.30 -6.63 5.30
N THR D 38 -10.58 -7.57 4.70
CA THR D 38 -9.19 -7.80 5.10
C THR D 38 -8.37 -6.55 4.80
N PRO D 39 -7.62 -6.00 5.76
CA PRO D 39 -6.76 -4.87 5.45
C PRO D 39 -5.70 -5.25 4.42
N VAL D 40 -5.35 -4.29 3.58
CA VAL D 40 -4.45 -4.52 2.45
C VAL D 40 -3.03 -4.20 2.90
N GLU D 41 -2.11 -5.12 2.66
CA GLU D 41 -0.70 -4.87 2.98
C GLU D 41 -0.16 -3.76 2.08
N LYS D 42 0.53 -2.80 2.70
CA LYS D 42 1.00 -1.61 1.99
C LYS D 42 2.52 -1.50 2.06
N SER D 43 3.04 -0.36 1.59
CA SER D 43 4.47 -0.15 1.49
C SER D 43 5.11 -0.08 2.87
N VAL D 44 6.43 -0.15 2.88
CA VAL D 44 7.24 -0.06 4.10
C VAL D 44 8.37 0.90 3.78
N ARG D 45 8.27 2.13 4.27
CA ARG D 45 9.31 3.13 4.09
C ARG D 45 10.03 3.30 5.42
N ASN D 46 11.32 2.96 5.44
CA ASN D 46 12.13 3.00 6.64
C ASN D 46 13.11 4.16 6.56
N LEU D 47 13.22 4.92 7.64
CA LEU D 47 14.20 5.98 7.69
C LEU D 47 15.60 5.40 7.50
N THR D 48 16.54 6.26 7.07
CA THR D 48 17.91 5.84 6.82
C THR D 48 18.87 6.81 7.48
N LEU D 49 20.00 6.29 7.92
CA LEU D 49 21.06 7.08 8.53
C LEU D 49 22.39 6.74 7.89
N ASN D 50 23.15 7.76 7.51
CA ASN D 50 24.57 7.55 7.21
C ASN D 50 25.36 7.65 8.51
N PHE D 51 25.13 6.65 9.35
CA PHE D 51 25.89 6.45 10.57
C PHE D 51 27.37 6.36 10.20
N GLY D 52 28.15 7.34 10.64
CA GLY D 52 29.53 7.45 10.24
C GLY D 52 29.63 8.22 8.94
N PRO D 53 30.86 8.58 8.53
CA PRO D 53 32.14 8.30 9.17
C PRO D 53 32.47 9.22 10.33
N GLN D 54 32.00 10.47 10.27
CA GLN D 54 32.32 11.42 11.32
C GLN D 54 31.81 10.96 12.68
N HIS D 55 30.82 10.07 12.70
CA HIS D 55 30.28 9.58 13.96
C HIS D 55 31.40 8.96 14.80
N PRO D 56 31.49 9.29 16.10
CA PRO D 56 32.69 8.88 16.85
C PRO D 56 32.92 7.38 16.89
N ALA D 57 31.87 6.59 17.01
CA ALA D 57 32.02 5.16 17.09
C ALA D 57 32.46 4.53 15.77
N ALA D 58 32.24 5.23 14.65
CA ALA D 58 32.57 4.67 13.34
C ALA D 58 34.06 4.64 13.08
N HIS D 59 34.88 5.23 13.94
CA HIS D 59 36.33 5.28 13.74
C HIS D 59 36.68 6.05 12.47
N GLY D 60 35.85 6.99 12.08
CA GLY D 60 36.21 7.92 11.03
C GLY D 60 36.34 7.33 9.65
N VAL D 61 35.96 6.06 9.46
CA VAL D 61 36.10 5.40 8.18
C VAL D 61 34.76 4.81 7.77
N LEU D 62 34.15 4.04 8.65
CA LEU D 62 32.96 3.29 8.31
C LEU D 62 31.82 4.23 7.93
N ARG D 63 31.00 3.79 6.98
CA ARG D 63 29.78 4.50 6.61
C ARG D 63 28.65 3.47 6.58
N LEU D 64 28.03 3.23 7.73
CA LEU D 64 26.88 2.35 7.78
C LEU D 64 25.64 3.11 7.32
N VAL D 65 25.10 2.71 6.17
CA VAL D 65 23.83 3.27 5.69
C VAL D 65 22.74 2.38 6.27
N LEU D 66 22.33 2.69 7.49
CA LEU D 66 21.35 1.86 8.18
C LEU D 66 19.96 2.09 7.63
N GLU D 67 19.11 1.09 7.81
CA GLU D 67 17.70 1.16 7.44
C GLU D 67 16.92 1.02 8.75
N LEU D 68 16.65 2.15 9.39
CA LEU D 68 16.14 2.17 10.75
C LEU D 68 14.63 2.14 10.77
N ASP D 69 14.07 1.10 11.40
CA ASP D 69 12.64 1.02 11.68
C ASP D 69 12.41 1.43 13.14
N GLY D 70 12.64 2.71 13.41
CA GLY D 70 12.57 3.23 14.76
C GLY D 70 13.96 3.41 15.31
N GLU D 71 14.37 2.55 16.24
CA GLU D 71 15.78 2.39 16.54
C GLU D 71 16.33 1.05 16.06
N THR D 72 15.49 0.04 15.91
CA THR D 72 15.96 -1.25 15.44
C THR D 72 16.42 -1.14 13.99
N VAL D 73 17.49 -1.85 13.67
CA VAL D 73 18.04 -1.86 12.33
C VAL D 73 17.44 -3.03 11.56
N MET D 74 16.89 -2.74 10.39
CA MET D 74 16.40 -3.79 9.50
C MET D 74 17.43 -4.19 8.46
N ARG D 75 18.24 -3.24 8.01
CA ARG D 75 19.31 -3.52 7.07
C ARG D 75 20.48 -2.61 7.38
N ALA D 76 21.69 -3.14 7.23
CA ALA D 76 22.91 -2.37 7.40
C ALA D 76 23.77 -2.54 6.16
N ASP D 77 24.18 -1.42 5.57
CA ASP D 77 25.02 -1.42 4.38
C ASP D 77 26.37 -0.82 4.74
N PRO D 78 27.38 -1.62 5.05
CA PRO D 78 28.68 -1.04 5.39
C PRO D 78 29.39 -0.50 4.17
N HIS D 79 29.14 0.75 3.83
CA HIS D 79 29.86 1.38 2.74
C HIS D 79 31.31 1.57 3.14
N ILE D 80 32.19 0.88 2.43
CA ILE D 80 33.61 0.84 2.71
C ILE D 80 34.35 1.49 1.55
N GLY D 81 35.61 1.85 1.81
CA GLY D 81 36.45 2.47 0.80
C GLY D 81 36.78 3.90 1.08
N LEU D 82 36.30 4.47 2.18
CA LEU D 82 36.69 5.81 2.56
C LEU D 82 38.16 5.90 2.93
N LEU D 83 38.83 4.76 3.14
CA LEU D 83 40.25 4.73 3.42
C LEU D 83 40.99 3.86 2.41
N HIS D 84 40.49 3.78 1.18
CA HIS D 84 41.20 3.05 0.13
C HIS D 84 42.29 3.94 -0.44
N GLY D 86 44.81 2.66 -2.39
CA GLY D 86 45.49 1.86 -3.43
C GLY D 86 46.84 1.35 -2.97
N THR D 87 46.88 0.80 -1.75
CA THR D 87 48.14 0.29 -1.22
C THR D 87 48.70 -0.81 -2.11
N GLU D 88 47.85 -1.72 -2.57
CA GLU D 88 48.33 -2.89 -3.28
C GLU D 88 48.78 -2.57 -4.69
N LYS D 89 48.46 -1.39 -5.21
CA LYS D 89 49.00 -0.99 -6.51
C LYS D 89 50.32 -0.26 -6.38
N LEU D 90 50.51 0.47 -5.28
CA LEU D 90 51.81 1.07 -5.05
C LEU D 90 52.87 0.01 -4.81
N ILE D 91 52.52 -1.07 -4.12
CA ILE D 91 53.49 -2.12 -3.85
C ILE D 91 54.03 -2.71 -5.13
N GLU D 92 53.21 -2.77 -6.17
CA GLU D 92 53.68 -3.30 -7.45
C GLU D 92 54.78 -2.45 -8.08
N TYR D 93 54.98 -1.22 -7.61
CA TYR D 93 55.98 -0.33 -8.16
C TYR D 93 57.21 -0.20 -7.27
N LYS D 94 57.22 -0.84 -6.10
CA LYS D 94 58.27 -0.65 -5.12
C LYS D 94 59.03 -1.94 -4.90
N THR D 95 60.34 -1.82 -4.71
CA THR D 95 61.19 -2.95 -4.34
C THR D 95 60.66 -3.59 -3.06
N TYR D 96 61.08 -4.82 -2.78
CA TYR D 96 60.56 -5.51 -1.60
C TYR D 96 60.85 -4.74 -0.33
N THR D 97 62.07 -4.22 -0.18
CA THR D 97 62.38 -3.46 1.02
C THR D 97 61.56 -2.18 1.10
N GLN D 98 61.44 -1.45 -0.01
CA GLN D 98 60.64 -0.24 0.01
C GLN D 98 59.18 -0.52 0.34
N ALA D 99 58.71 -1.74 0.14
CA ALA D 99 57.33 -2.09 0.41
C ALA D 99 57.10 -2.53 1.85
N LEU D 100 58.14 -2.74 2.62
CA LEU D 100 57.96 -3.16 4.01
C LEU D 100 57.17 -2.13 4.82
N PRO D 101 57.44 -0.83 4.73
CA PRO D 101 56.65 0.12 5.53
C PRO D 101 55.17 0.07 5.24
N TYR D 102 54.75 -0.34 4.04
CA TYR D 102 53.32 -0.36 3.73
C TYR D 102 52.57 -1.26 4.70
N PHE D 103 53.21 -2.31 5.19
CA PHE D 103 52.53 -3.26 6.04
C PHE D 103 52.42 -2.77 7.48
N ASP D 104 53.28 -1.86 7.91
CA ASP D 104 53.03 -1.20 9.17
C ASP D 104 51.72 -0.44 9.15
N ARG D 105 51.33 0.06 7.97
CA ARG D 105 50.12 0.86 7.86
C ARG D 105 48.88 -0.01 7.85
N LEU D 106 48.93 -1.16 7.17
CA LEU D 106 47.84 -2.11 7.23
C LEU D 106 47.75 -2.67 8.64
N ASP D 107 46.54 -2.70 9.21
CA ASP D 107 46.35 -3.12 10.60
C ASP D 107 47.24 -2.28 11.51
N TYR D 108 46.96 -0.99 11.52
CA TYR D 108 47.88 -0.04 12.11
C TYR D 108 47.98 -0.14 13.62
N VAL D 109 47.15 -0.94 14.27
CA VAL D 109 47.31 -1.16 15.70
C VAL D 109 48.19 -2.37 15.98
N SER D 110 48.24 -3.34 15.06
CA SER D 110 49.19 -4.45 15.13
C SER D 110 50.32 -4.11 14.19
N MET D 111 51.31 -3.37 14.69
CA MET D 111 52.38 -2.91 13.80
C MET D 111 53.34 -4.04 13.45
N MET D 112 54.03 -4.58 14.46
CA MET D 112 55.05 -5.59 14.18
C MET D 112 54.46 -6.94 13.79
N CYS D 113 53.15 -7.13 13.95
CA CYS D 113 52.56 -8.38 13.49
C CYS D 113 52.37 -8.38 11.97
N ASN D 114 52.08 -7.23 11.37
CA ASN D 114 51.95 -7.18 9.92
C ASN D 114 53.29 -7.38 9.25
N GLU D 115 54.36 -6.78 9.79
CA GLU D 115 55.68 -6.99 9.22
C GLU D 115 56.02 -8.47 9.22
N GLN D 116 55.71 -9.17 10.30
CA GLN D 116 56.04 -10.58 10.40
C GLN D 116 55.39 -11.37 9.29
N CYS D 117 54.13 -11.08 8.97
CA CYS D 117 53.49 -11.75 7.86
C CYS D 117 54.21 -11.49 6.56
N TYR D 118 54.53 -10.22 6.30
CA TYR D 118 55.27 -9.89 5.09
C TYR D 118 56.65 -10.52 5.12
N SER D 119 57.34 -10.44 6.25
CA SER D 119 58.68 -11.00 6.34
C SER D 119 58.67 -12.50 6.09
N LEU D 120 57.70 -13.21 6.67
CA LEU D 120 57.63 -14.65 6.45
C LEU D 120 57.37 -14.98 4.99
N ALA D 121 56.50 -14.20 4.33
CA ALA D 121 56.20 -14.46 2.93
C ALA D 121 57.45 -14.40 2.08
N VAL D 122 58.22 -13.31 2.22
CA VAL D 122 59.40 -13.14 1.39
C VAL D 122 60.41 -14.24 1.69
N GLU D 123 60.50 -14.66 2.95
CA GLU D 123 61.46 -15.70 3.30
C GLU D 123 61.14 -17.01 2.61
N LYS D 124 59.85 -17.36 2.53
CA LYS D 124 59.50 -18.61 1.86
C LYS D 124 59.90 -18.58 0.40
N LEU D 125 59.67 -17.45 -0.27
CA LEU D 125 60.11 -17.35 -1.65
C LEU D 125 61.63 -17.33 -1.73
N LEU D 126 62.28 -16.54 -0.86
CA LEU D 126 63.73 -16.54 -0.84
C LEU D 126 64.30 -17.84 -0.32
N ASN D 127 63.50 -18.64 0.37
CA ASN D 127 63.92 -19.97 0.80
C ASN D 127 65.07 -19.89 1.79
N ILE D 128 64.96 -19.01 2.77
CA ILE D 128 66.00 -18.83 3.78
C ILE D 128 65.39 -19.04 5.17
N ASP D 129 66.26 -19.08 6.16
CA ASP D 129 65.90 -19.31 7.54
C ASP D 129 66.51 -18.21 8.40
N VAL D 130 65.82 -17.87 9.49
CA VAL D 130 66.25 -16.79 10.38
C VAL D 130 67.01 -17.40 11.55
N PRO D 131 67.94 -16.66 12.17
CA PRO D 131 68.70 -17.22 13.28
C PRO D 131 67.82 -17.43 14.50
N LEU D 132 68.35 -18.21 15.44
CA LEU D 132 67.56 -18.56 16.61
C LEU D 132 67.21 -17.33 17.43
N ARG D 133 68.17 -16.42 17.62
CA ARG D 133 67.90 -15.25 18.44
C ARG D 133 66.80 -14.38 17.84
N ALA D 134 66.85 -14.17 16.52
CA ALA D 134 65.86 -13.31 15.88
C ALA D 134 64.45 -13.85 16.04
N LYS D 135 64.30 -15.18 16.08
CA LYS D 135 62.98 -15.76 16.32
C LYS D 135 62.42 -15.30 17.65
N TYR D 136 63.22 -15.39 18.71
CA TYR D 136 62.72 -15.01 20.02
C TYR D 136 62.39 -13.52 20.09
N ILE D 137 63.21 -12.69 19.46
CA ILE D 137 62.89 -11.26 19.41
C ILE D 137 61.58 -11.05 18.66
N ARG D 138 61.41 -11.75 17.54
CA ARG D 138 60.16 -11.65 16.80
C ARG D 138 58.99 -12.10 17.64
N THR D 139 59.08 -13.30 18.21
CA THR D 139 57.97 -13.84 18.98
C THR D 139 57.65 -12.96 20.17
N LEU D 140 58.69 -12.48 20.86
CA LEU D 140 58.49 -11.55 21.96
C LEU D 140 57.68 -10.34 21.52
N PHE D 141 58.07 -9.74 20.40
CA PHE D 141 57.40 -8.53 19.95
C PHE D 141 56.07 -8.81 19.28
N ALA D 142 55.85 -10.02 18.80
CA ALA D 142 54.51 -10.38 18.37
C ALA D 142 53.54 -10.35 19.54
N GLU D 143 53.97 -10.85 20.69
CA GLU D 143 53.10 -10.85 21.86
C GLU D 143 52.90 -9.44 22.41
N ILE D 144 53.97 -8.65 22.49
CA ILE D 144 53.82 -7.28 22.94
C ILE D 144 52.84 -6.54 22.03
N THR D 145 52.94 -6.77 20.72
CA THR D 145 51.96 -6.18 19.82
C THR D 145 50.57 -6.71 20.12
N ARG D 146 50.46 -8.01 20.39
CA ARG D 146 49.15 -8.57 20.71
C ARG D 146 48.58 -7.93 21.97
N ILE D 147 49.42 -7.73 22.99
CA ILE D 147 48.94 -7.09 24.20
C ILE D 147 48.55 -5.64 23.93
N LEU D 148 49.30 -4.96 23.07
CA LEU D 148 48.91 -3.61 22.68
C LEU D 148 47.55 -3.62 22.01
N ASN D 149 47.38 -4.50 21.03
CA ASN D 149 46.18 -4.46 20.21
C ASN D 149 44.94 -4.75 21.03
N HIS D 150 44.99 -5.75 21.90
CA HIS D 150 43.81 -6.06 22.68
C HIS D 150 43.45 -4.94 23.64
N ILE D 151 44.45 -4.19 24.11
CA ILE D 151 44.16 -3.02 24.93
C ILE D 151 43.38 -2.00 24.12
N MET D 152 43.77 -1.79 22.87
CA MET D 152 43.00 -0.88 22.02
C MET D 152 41.59 -1.41 21.79
N ALA D 153 41.46 -2.72 21.54
CA ALA D 153 40.14 -3.30 21.35
C ALA D 153 39.29 -3.15 22.61
N VAL D 154 39.86 -3.51 23.76
CA VAL D 154 39.13 -3.34 25.01
C VAL D 154 38.96 -1.86 25.32
N GLY D 155 39.99 -1.06 25.10
CA GLY D 155 39.88 0.36 25.38
C GLY D 155 38.87 1.05 24.49
N THR D 156 38.93 0.77 23.19
CA THR D 156 37.99 1.38 22.26
C THR D 156 36.58 0.87 22.52
N HIS D 157 36.44 -0.44 22.69
CA HIS D 157 35.12 -1.02 22.90
C HIS D 157 34.43 -0.41 24.11
N ALA D 158 35.19 -0.12 25.16
CA ALA D 158 34.59 0.47 26.35
C ALA D 158 34.03 1.86 26.05
N LEU D 159 34.75 2.65 25.27
CA LEU D 159 34.27 3.99 24.94
C LEU D 159 32.97 3.93 24.15
N ASP D 160 32.88 2.99 23.22
CA ASP D 160 31.64 2.86 22.45
C ASP D 160 30.47 2.58 23.37
N VAL D 161 30.65 1.69 24.35
CA VAL D 161 29.60 1.43 25.33
C VAL D 161 29.34 2.66 26.16
N GLY D 162 30.39 3.36 26.59
CA GLY D 162 30.24 4.57 27.36
C GLY D 162 31.21 4.71 28.51
N ALA D 163 31.70 3.59 29.03
CA ALA D 163 32.67 3.64 30.11
C ALA D 163 33.92 4.35 29.63
N LEU D 164 34.51 5.17 30.51
CA LEU D 164 35.67 5.98 30.17
C LEU D 164 36.95 5.52 30.84
N THR D 165 36.92 5.23 32.14
CA THR D 165 38.16 4.96 32.87
C THR D 165 38.99 3.83 32.27
N PRO D 166 38.43 2.71 31.82
CA PRO D 166 39.32 1.67 31.27
C PRO D 166 40.14 2.15 30.10
N PHE D 167 39.63 3.11 29.33
CA PHE D 167 40.43 3.67 28.25
C PHE D 167 41.70 4.30 28.78
N PHE D 168 41.60 5.06 29.87
CA PHE D 168 42.76 5.77 30.38
C PHE D 168 43.65 4.89 31.23
N TRP D 169 43.07 3.99 32.01
CA TRP D 169 43.90 3.11 32.84
C TRP D 169 44.74 2.19 31.99
N LEU D 170 44.28 1.86 30.80
CA LEU D 170 45.02 0.98 29.92
C LEU D 170 45.94 1.74 28.97
N PHE D 171 45.50 2.89 28.46
CA PHE D 171 46.37 3.66 27.60
C PHE D 171 47.55 4.25 28.36
N GLU D 172 47.54 4.22 29.68
CA GLU D 172 48.75 4.53 30.42
C GLU D 172 49.77 3.41 30.26
N GLU D 173 49.33 2.16 30.35
CA GLU D 173 50.23 1.05 30.10
C GLU D 173 50.62 0.98 28.64
N ARG D 174 49.68 1.28 27.73
CA ARG D 174 50.01 1.31 26.32
C ARG D 174 51.13 2.31 26.03
N GLU D 175 51.17 3.42 26.76
CA GLU D 175 52.24 4.39 26.55
C GLU D 175 53.59 3.82 26.95
N LYS D 176 53.64 3.09 28.06
CA LYS D 176 54.89 2.45 28.45
C LYS D 176 55.34 1.44 27.42
N MET D 177 54.40 0.66 26.88
CA MET D 177 54.76 -0.39 25.94
C MET D 177 55.39 0.19 24.68
N MET D 178 54.85 1.30 24.17
CA MET D 178 55.41 1.89 22.97
C MET D 178 56.70 2.64 23.22
N GLU D 179 57.23 2.60 24.44
CA GLU D 179 58.62 3.00 24.63
C GLU D 179 59.57 1.92 24.16
N PHE D 180 59.16 0.66 24.28
CA PHE D 180 60.01 -0.43 23.79
C PHE D 180 60.08 -0.43 22.28
N TYR D 181 58.96 -0.16 21.61
CA TYR D 181 59.03 0.10 20.18
C TYR D 181 59.98 1.23 19.89
N GLU D 182 59.85 2.33 20.63
CA GLU D 182 60.68 3.49 20.37
C GLU D 182 62.14 3.20 20.69
N ARG D 183 62.39 2.32 21.65
CA ARG D 183 63.76 2.11 22.11
C ARG D 183 64.54 1.16 21.22
N VAL D 184 63.87 0.28 20.49
CA VAL D 184 64.55 -0.64 19.58
C VAL D 184 64.52 -0.12 18.15
N SER D 185 63.37 0.38 17.71
CA SER D 185 63.22 0.80 16.32
C SER D 185 63.49 2.27 16.11
N GLY D 186 63.18 3.10 17.10
CA GLY D 186 63.29 4.53 16.96
C GLY D 186 61.98 5.24 16.67
N ALA D 187 60.89 4.50 16.50
CA ALA D 187 59.58 5.08 16.28
C ALA D 187 58.60 4.44 17.23
N ARG D 188 57.73 5.25 17.83
CA ARG D 188 56.75 4.71 18.76
C ARG D 188 55.73 3.85 18.04
N MET D 189 55.47 4.13 16.77
CA MET D 189 54.59 3.34 15.95
C MET D 189 55.24 3.17 14.59
N HIS D 190 54.84 2.14 13.87
CA HIS D 190 55.42 1.82 12.57
C HIS D 190 56.93 1.62 12.72
N ALA D 191 57.27 0.60 13.50
CA ALA D 191 58.67 0.37 13.82
C ALA D 191 59.49 0.07 12.57
N ALA D 192 58.90 -0.67 11.63
CA ALA D 192 59.64 -1.14 10.46
C ALA D 192 60.87 -1.93 10.91
N TYR D 193 60.69 -2.75 11.93
CA TYR D 193 61.78 -3.44 12.61
C TYR D 193 61.97 -4.86 12.10
N ILE D 194 60.91 -5.64 12.03
CA ILE D 194 60.99 -6.99 11.49
C ILE D 194 61.28 -6.90 10.00
N ARG D 195 62.24 -7.67 9.53
CA ARG D 195 62.62 -7.67 8.13
C ARG D 195 62.86 -9.10 7.68
N PRO D 196 62.87 -9.34 6.37
CA PRO D 196 62.91 -10.73 5.89
C PRO D 196 64.08 -11.53 6.42
N GLY D 197 65.23 -10.92 6.64
CA GLY D 197 66.35 -11.64 7.17
C GLY D 197 66.36 -11.77 8.67
N GLY D 198 65.28 -11.41 9.34
CA GLY D 198 65.27 -11.18 10.77
C GLY D 198 65.24 -9.69 11.06
N VAL D 199 65.16 -9.36 12.34
CA VAL D 199 64.98 -7.97 12.72
C VAL D 199 66.20 -7.18 12.30
N SER D 200 66.07 -5.85 12.27
CA SER D 200 67.07 -5.00 11.66
C SER D 200 68.19 -4.60 12.60
N LEU D 201 67.97 -4.66 13.91
CA LEU D 201 69.00 -4.32 14.88
C LEU D 201 68.85 -5.20 16.11
N ASP D 202 69.94 -5.38 16.82
CA ASP D 202 69.85 -6.05 18.12
C ASP D 202 69.13 -5.15 19.10
N MET D 203 68.51 -5.76 20.09
CA MET D 203 67.86 -4.99 21.12
C MET D 203 68.91 -4.15 21.86
N PRO D 204 68.58 -2.95 22.31
CA PRO D 204 69.55 -2.18 23.08
C PRO D 204 69.92 -2.92 24.36
N LEU D 205 71.16 -2.72 24.80
CA LEU D 205 71.58 -3.26 26.08
C LEU D 205 70.68 -2.73 27.18
N GLY D 206 70.16 -3.63 27.99
CA GLY D 206 69.34 -3.24 29.12
C GLY D 206 67.87 -3.07 28.82
N LEU D 207 67.45 -3.29 27.58
CA LEU D 207 66.01 -3.26 27.29
C LEU D 207 65.30 -4.34 28.07
N MET D 208 65.80 -5.58 28.00
CA MET D 208 65.05 -6.71 28.50
C MET D 208 64.73 -6.56 29.98
N ASP D 209 65.59 -5.87 30.72
CA ASP D 209 65.26 -5.57 32.11
C ASP D 209 64.01 -4.73 32.21
N ASP D 210 63.86 -3.75 31.33
CA ASP D 210 62.67 -2.91 31.35
C ASP D 210 61.45 -3.64 30.78
N ILE D 211 61.65 -4.58 29.87
CA ILE D 211 60.52 -5.38 29.42
C ILE D 211 60.00 -6.21 30.57
N TYR D 212 60.90 -6.78 31.37
CA TYR D 212 60.48 -7.52 32.55
C TYR D 212 59.74 -6.62 33.52
N GLU D 213 60.27 -5.41 33.74
CA GLU D 213 59.69 -4.51 34.74
C GLU D 213 58.25 -4.17 34.37
N PHE D 214 57.98 -3.93 33.09
CA PHE D 214 56.61 -3.71 32.66
C PHE D 214 55.74 -4.94 32.87
N ALA D 215 56.25 -6.11 32.49
CA ALA D 215 55.45 -7.32 32.58
C ALA D 215 55.13 -7.67 34.04
N SER D 216 56.10 -7.48 34.93
CA SER D 216 55.89 -7.84 36.32
C SER D 216 54.72 -7.09 36.94
N LYS D 217 54.41 -5.90 36.44
CA LYS D 217 53.33 -5.09 36.99
C LYS D 217 52.05 -5.15 36.19
N PHE D 218 52.06 -5.76 35.00
CA PHE D 218 50.90 -5.64 34.13
C PHE D 218 49.71 -6.46 34.61
N ALA D 219 49.93 -7.49 35.43
CA ALA D 219 48.81 -8.26 35.94
C ALA D 219 47.90 -7.40 36.80
N GLU D 220 48.48 -6.57 37.66
CA GLU D 220 47.67 -5.73 38.53
C GLU D 220 46.81 -4.77 37.71
N ARG D 221 47.38 -4.16 36.68
CA ARG D 221 46.63 -3.21 35.87
C ARG D 221 45.41 -3.87 35.24
N LEU D 222 45.57 -5.09 34.75
CA LEU D 222 44.47 -5.76 34.10
C LEU D 222 43.42 -6.21 35.11
N ASP D 223 43.83 -6.47 36.34
CA ASP D 223 42.85 -6.86 37.36
C ASP D 223 41.92 -5.70 37.69
N GLU D 224 42.47 -4.49 37.83
CA GLU D 224 41.64 -3.35 38.21
C GLU D 224 40.59 -3.06 37.15
N VAL D 225 40.96 -3.10 35.88
CA VAL D 225 39.96 -2.95 34.83
C VAL D 225 38.96 -4.09 34.88
N GLU D 226 39.44 -5.30 35.15
CA GLU D 226 38.54 -6.44 35.22
C GLU D 226 37.50 -6.25 36.32
N ASP D 227 37.92 -5.75 37.48
CA ASP D 227 36.96 -5.53 38.56
C ASP D 227 35.87 -4.55 38.14
N VAL D 228 36.24 -3.49 37.43
CA VAL D 228 35.27 -2.47 37.08
C VAL D 228 34.41 -2.89 35.89
N LEU D 229 34.85 -3.85 35.08
CA LEU D 229 34.16 -4.19 33.84
C LEU D 229 33.56 -5.60 33.85
N THR D 230 34.35 -6.62 34.16
CA THR D 230 33.92 -7.99 33.92
C THR D 230 32.63 -8.32 34.67
N THR D 231 32.61 -8.05 35.97
CA THR D 231 31.47 -8.39 36.80
C THR D 231 30.44 -7.28 36.88
N ASN D 232 30.67 -6.17 36.19
CA ASN D 232 29.71 -5.07 36.22
C ASN D 232 28.38 -5.53 35.65
N ARG D 233 27.30 -5.24 36.36
CA ARG D 233 25.99 -5.65 35.88
C ARG D 233 25.63 -4.95 34.58
N ILE D 234 25.98 -3.67 34.47
CA ILE D 234 25.63 -2.93 33.26
C ILE D 234 26.43 -3.44 32.07
N TRP D 235 27.72 -3.74 32.30
CA TRP D 235 28.56 -4.19 31.20
C TRP D 235 28.02 -5.47 30.59
N VAL D 236 27.56 -6.40 31.42
CA VAL D 236 27.04 -7.67 30.90
C VAL D 236 25.83 -7.42 30.02
N GLN D 237 24.91 -6.56 30.47
CA GLN D 237 23.71 -6.30 29.71
C GLN D 237 24.03 -5.67 28.36
N ARG D 238 25.04 -4.80 28.30
CA ARG D 238 25.40 -4.16 27.04
C ARG D 238 26.10 -5.10 26.07
N THR D 239 26.46 -6.29 26.50
CA THR D 239 27.21 -7.21 25.66
C THR D 239 26.55 -8.58 25.54
N GLU D 240 25.90 -9.06 26.60
CA GLU D 240 25.43 -10.43 26.62
C GLU D 240 24.34 -10.64 25.57
N ASP D 241 24.47 -11.71 24.79
CA ASP D 241 23.49 -12.11 23.79
C ASP D 241 23.32 -11.08 22.69
N ILE D 242 24.29 -10.18 22.52
CA ILE D 242 24.29 -9.21 21.43
C ILE D 242 25.30 -9.68 20.41
N GLY D 243 24.85 -9.89 19.18
CA GLY D 243 25.73 -10.37 18.14
C GLY D 243 26.16 -11.80 18.35
N ILE D 244 25.23 -12.74 18.21
CA ILE D 244 25.53 -14.16 18.34
C ILE D 244 26.02 -14.69 17.00
N VAL D 245 27.10 -15.49 17.05
CA VAL D 245 27.70 -16.08 15.85
C VAL D 245 27.70 -17.59 16.07
N THR D 246 26.79 -18.29 15.43
CA THR D 246 26.77 -19.74 15.53
C THR D 246 27.96 -20.33 14.78
N ALA D 247 28.47 -21.46 15.29
CA ALA D 247 29.74 -21.97 14.82
C ALA D 247 29.70 -22.31 13.34
N GLU D 248 28.64 -22.99 12.88
CA GLU D 248 28.58 -23.35 11.47
C GLU D 248 28.45 -22.12 10.58
N GLU D 249 27.82 -21.05 11.07
CA GLU D 249 27.81 -19.81 10.32
C GLU D 249 29.22 -19.24 10.16
N ALA D 250 30.00 -19.28 11.23
CA ALA D 250 31.31 -18.62 11.20
C ALA D 250 32.21 -19.23 10.16
N LEU D 251 32.26 -20.57 10.07
CA LEU D 251 33.16 -21.21 9.14
C LEU D 251 32.86 -20.78 7.72
N ASN D 252 31.58 -20.78 7.36
CA ASN D 252 31.20 -20.42 6.00
C ASN D 252 31.58 -18.98 5.67
N TYR D 253 31.78 -18.13 6.66
CA TYR D 253 31.94 -16.70 6.43
C TYR D 253 33.38 -16.27 6.25
N GLY D 254 34.34 -17.18 6.41
CA GLY D 254 35.71 -16.74 6.47
C GLY D 254 36.10 -16.08 7.77
N PHE D 255 35.34 -16.29 8.83
CA PHE D 255 35.71 -15.76 10.13
C PHE D 255 37.03 -16.36 10.59
N SER D 256 37.61 -15.74 11.61
CA SER D 256 38.90 -16.20 12.14
C SER D 256 39.15 -15.50 13.47
N GLY D 257 40.22 -15.93 14.14
CA GLY D 257 40.60 -15.29 15.38
C GLY D 257 39.54 -15.46 16.45
N VAL D 258 39.40 -14.44 17.29
CA VAL D 258 38.50 -14.54 18.43
C VAL D 258 37.08 -14.77 17.98
N MET D 259 36.70 -14.21 16.82
CA MET D 259 35.37 -14.48 16.29
C MET D 259 35.15 -15.97 16.10
N LEU D 260 36.18 -16.68 15.66
CA LEU D 260 36.09 -18.12 15.52
C LEU D 260 36.09 -18.82 16.85
N ARG D 261 37.00 -18.42 17.76
CA ARG D 261 37.07 -19.05 19.07
C ARG D 261 36.03 -18.52 20.03
N GLY D 262 35.40 -17.39 19.72
CA GLY D 262 34.32 -16.92 20.55
C GLY D 262 33.17 -17.90 20.59
N SER D 263 32.92 -18.59 19.47
CA SER D 263 31.79 -19.50 19.34
C SER D 263 32.17 -20.95 19.57
N GLY D 264 33.32 -21.22 20.18
CA GLY D 264 33.65 -22.54 20.65
C GLY D 264 34.55 -23.37 19.76
N ILE D 265 34.93 -22.86 18.59
CA ILE D 265 35.84 -23.59 17.71
C ILE D 265 37.25 -23.51 18.29
N LYS D 266 37.93 -24.66 18.35
CA LYS D 266 39.27 -24.73 18.92
C LYS D 266 40.27 -24.59 17.79
N TRP D 267 40.63 -23.36 17.48
CA TRP D 267 41.50 -23.07 16.33
C TRP D 267 42.37 -21.87 16.66
N ASP D 268 43.68 -22.04 16.46
CA ASP D 268 44.64 -20.96 16.72
C ASP D 268 45.89 -21.25 15.91
N LEU D 269 46.20 -20.38 14.94
CA LEU D 269 47.28 -20.68 14.02
C LEU D 269 48.61 -20.87 14.72
N ARG D 270 48.81 -20.21 15.86
CA ARG D 270 50.06 -20.42 16.59
C ARG D 270 50.25 -21.87 16.98
N LYS D 271 49.15 -22.57 17.28
CA LYS D 271 49.22 -23.96 17.67
C LYS D 271 49.19 -24.91 16.48
N GLN D 272 48.40 -24.58 15.45
CA GLN D 272 48.19 -25.51 14.36
C GLN D 272 49.28 -25.42 13.31
N GLN D 273 49.71 -24.21 12.99
CA GLN D 273 50.68 -23.96 11.92
C GLN D 273 51.78 -23.05 12.43
N PRO D 274 52.53 -23.49 13.44
CA PRO D 274 53.49 -22.59 14.09
C PRO D 274 54.57 -22.14 13.12
N TYR D 275 54.99 -20.89 13.30
CA TYR D 275 55.87 -20.24 12.34
C TYR D 275 57.05 -19.54 12.97
N ASP D 276 57.15 -19.50 14.30
CA ASP D 276 58.23 -18.83 14.99
C ASP D 276 58.44 -19.57 16.30
N ALA D 277 59.05 -18.92 17.29
CA ALA D 277 59.35 -19.55 18.57
C ALA D 277 58.12 -20.17 19.24
N TYR D 278 56.93 -19.94 18.70
CA TYR D 278 55.73 -20.59 19.22
C TYR D 278 55.91 -22.10 19.37
N ASN D 279 56.79 -22.71 18.58
CA ASN D 279 57.15 -24.10 18.83
C ASN D 279 57.78 -24.25 20.20
N LEU D 280 58.65 -23.32 20.56
CA LEU D 280 59.49 -23.45 21.74
C LEU D 280 58.84 -22.91 23.01
N VAL D 281 57.59 -22.46 22.94
CA VAL D 281 56.88 -21.95 24.10
C VAL D 281 55.60 -22.75 24.27
N ASN D 282 55.04 -22.68 25.48
CA ASN D 282 53.79 -23.36 25.80
C ASN D 282 52.83 -22.33 26.37
N PHE D 283 51.60 -22.32 25.86
CA PHE D 283 50.59 -21.39 26.32
C PHE D 283 49.22 -21.95 25.95
N ASP D 284 48.20 -21.43 26.61
CA ASP D 284 46.85 -21.89 26.39
C ASP D 284 46.18 -21.03 25.32
N VAL D 285 44.93 -21.37 25.00
CA VAL D 285 44.15 -20.60 24.04
C VAL D 285 42.77 -20.36 24.64
N PRO D 286 42.27 -19.13 24.70
CA PRO D 286 40.94 -18.93 25.27
C PRO D 286 39.85 -19.29 24.27
N ILE D 287 38.78 -19.92 24.78
CA ILE D 287 37.65 -20.34 23.99
C ILE D 287 36.38 -19.83 24.65
N GLY D 288 35.41 -19.45 23.83
CA GLY D 288 34.11 -19.02 24.30
C GLY D 288 33.03 -19.94 23.78
N THR D 289 32.01 -20.15 24.59
CA THR D 289 30.93 -21.07 24.26
C THR D 289 29.70 -20.39 23.70
N LYS D 290 29.39 -19.17 24.16
CA LYS D 290 28.15 -18.51 23.78
C LYS D 290 28.25 -17.73 22.49
N GLY D 291 29.45 -17.43 22.02
CA GLY D 291 29.60 -16.74 20.75
C GLY D 291 28.95 -15.37 20.71
N ASP D 292 28.84 -14.71 21.86
CA ASP D 292 28.29 -13.37 21.95
C ASP D 292 29.42 -12.37 22.13
N CYS D 293 29.08 -11.11 22.37
CA CYS D 293 30.11 -10.12 22.63
C CYS D 293 30.81 -10.41 23.95
N TYR D 294 30.06 -10.81 24.98
CA TYR D 294 30.61 -10.88 26.32
C TYR D 294 31.75 -11.89 26.41
N ASP D 295 31.50 -13.12 25.96
CA ASP D 295 32.57 -14.10 26.03
C ASP D 295 33.72 -13.72 25.12
N ARG D 296 33.42 -13.18 23.94
CA ARG D 296 34.49 -12.69 23.08
C ARG D 296 35.33 -11.64 23.79
N TYR D 297 34.69 -10.73 24.52
CA TYR D 297 35.43 -9.82 25.39
C TYR D 297 36.30 -10.59 26.37
N LEU D 298 35.74 -11.61 27.02
CA LEU D 298 36.52 -12.38 27.97
C LEU D 298 37.70 -13.06 27.28
N CYS D 299 37.51 -13.50 26.03
CA CYS D 299 38.61 -14.12 25.29
C CYS D 299 39.75 -13.12 25.10
N ARG D 300 39.42 -11.88 24.76
CA ARG D 300 40.47 -10.87 24.57
C ARG D 300 41.24 -10.65 25.85
N VAL D 301 40.55 -10.53 26.98
CA VAL D 301 41.24 -10.36 28.25
C VAL D 301 42.09 -11.58 28.56
N GLU D 302 41.55 -12.76 28.33
CA GLU D 302 42.31 -13.97 28.63
C GLU D 302 43.51 -14.10 27.71
N GLU D 303 43.37 -13.70 26.44
CA GLU D 303 44.52 -13.71 25.55
C GLU D 303 45.62 -12.81 26.07
N MET D 304 45.27 -11.72 26.75
CA MET D 304 46.28 -10.83 27.29
C MET D 304 46.97 -11.44 28.50
N ARG D 305 46.29 -12.34 29.22
CA ARG D 305 46.96 -13.07 30.29
C ARG D 305 47.96 -14.07 29.72
N GLN D 306 47.52 -14.86 28.74
CA GLN D 306 48.39 -15.88 28.18
C GLN D 306 49.59 -15.26 27.47
N SER D 307 49.37 -14.18 26.73
CA SER D 307 50.49 -13.51 26.09
C SER D 307 51.50 -13.05 27.11
N LEU D 308 51.03 -12.60 28.28
CA LEU D 308 51.94 -12.26 29.37
C LEU D 308 52.67 -13.48 29.88
N ARG D 309 52.14 -14.68 29.65
CA ARG D 309 52.83 -15.90 30.01
C ARG D 309 53.94 -16.21 29.02
N ILE D 310 53.70 -15.97 27.72
CA ILE D 310 54.71 -16.26 26.71
C ILE D 310 55.95 -15.41 26.93
N ILE D 311 55.74 -14.13 27.26
CA ILE D 311 56.88 -13.24 27.52
C ILE D 311 57.73 -13.78 28.66
N ASP D 312 57.11 -14.48 29.61
CA ASP D 312 57.88 -15.05 30.71
C ASP D 312 58.85 -16.10 30.21
N GLN D 313 58.51 -16.79 29.12
CA GLN D 313 59.39 -17.81 28.57
C GLN D 313 60.36 -17.24 27.55
N CYS D 314 59.93 -16.27 26.76
CA CYS D 314 60.84 -15.62 25.82
C CYS D 314 61.99 -14.96 26.55
N LEU D 315 61.68 -14.22 27.62
CA LEU D 315 62.71 -13.45 28.31
C LEU D 315 63.78 -14.35 28.91
N ASN D 316 63.41 -15.58 29.29
CA ASN D 316 64.35 -16.48 29.93
C ASN D 316 65.11 -17.36 28.94
N GLN D 317 64.52 -17.67 27.79
CA GLN D 317 65.10 -18.61 26.85
C GLN D 317 65.87 -17.93 25.73
N MET D 318 65.99 -16.62 25.76
CA MET D 318 66.63 -15.90 24.66
C MET D 318 68.11 -16.29 24.58
N PRO D 319 68.58 -16.79 23.43
CA PRO D 319 70.00 -17.11 23.31
C PRO D 319 70.84 -15.92 22.89
N ALA D 320 72.12 -16.15 22.64
CA ALA D 320 73.03 -15.14 22.12
C ALA D 320 73.51 -15.57 20.74
N GLY D 321 73.34 -14.69 19.75
CA GLY D 321 73.72 -15.03 18.41
C GLY D 321 73.47 -13.87 17.46
N GLU D 322 73.62 -14.15 16.18
CA GLU D 322 73.42 -13.10 15.19
C GLU D 322 71.94 -12.75 15.10
N ILE D 323 71.68 -11.53 14.62
CA ILE D 323 70.33 -11.02 14.50
C ILE D 323 69.76 -11.26 13.11
N LYS D 324 70.55 -11.04 12.07
CA LYS D 324 70.13 -11.25 10.70
C LYS D 324 70.63 -12.59 10.19
N THR D 325 69.97 -13.10 9.16
CA THR D 325 70.54 -14.23 8.45
C THR D 325 71.87 -13.82 7.86
N ASP D 326 72.78 -14.79 7.72
CA ASP D 326 74.12 -14.46 7.28
C ASP D 326 74.14 -13.89 5.87
N ASP D 327 73.33 -14.44 4.98
CA ASP D 327 73.38 -14.07 3.57
C ASP D 327 73.35 -12.56 3.40
N ALA D 328 74.44 -12.01 2.89
CA ALA D 328 74.50 -10.59 2.58
C ALA D 328 73.85 -10.26 1.26
N LYS D 329 73.41 -11.26 0.50
CA LYS D 329 72.68 -11.01 -0.73
C LYS D 329 71.19 -10.80 -0.50
N VAL D 330 70.71 -11.06 0.72
CA VAL D 330 69.30 -10.83 1.06
C VAL D 330 69.21 -9.77 2.14
N ALA D 331 70.16 -9.77 3.08
CA ALA D 331 70.17 -8.85 4.21
C ALA D 331 71.36 -7.92 4.13
N PRO D 332 71.21 -6.64 4.40
CA PRO D 332 72.35 -5.73 4.30
C PRO D 332 73.44 -6.13 5.27
N PRO D 333 74.71 -5.90 4.92
CA PRO D 333 75.80 -6.23 5.84
C PRO D 333 76.04 -5.13 6.85
N SER D 334 76.83 -5.47 7.86
CA SER D 334 77.12 -4.54 8.94
C SER D 334 77.80 -3.29 8.40
N ARG D 335 77.50 -2.15 9.00
CA ARG D 335 78.10 -0.89 8.54
C ARG D 335 79.60 -0.92 8.66
N SER D 336 80.12 -1.41 9.78
CA SER D 336 81.57 -1.47 9.94
C SER D 336 82.21 -2.29 8.83
N GLU D 337 81.55 -3.39 8.45
CA GLU D 337 82.08 -4.19 7.36
C GLU D 337 81.91 -3.49 6.02
N MET D 338 80.89 -2.64 5.88
CA MET D 338 80.73 -1.88 4.65
C MET D 338 81.93 -0.97 4.42
N LYS D 339 82.40 -0.30 5.47
CA LYS D 339 83.50 0.63 5.32
C LYS D 339 84.82 -0.05 5.03
N THR D 340 84.91 -1.38 5.16
CA THR D 340 86.19 -2.07 5.12
C THR D 340 86.32 -3.03 3.95
N SER D 341 85.37 -3.92 3.75
CA SER D 341 85.49 -4.99 2.77
C SER D 341 84.75 -4.65 1.49
N MET D 342 85.38 -4.98 0.36
CA MET D 342 84.80 -4.66 -0.94
C MET D 342 83.46 -5.33 -1.15
N GLU D 343 83.37 -6.62 -0.81
CA GLU D 343 82.13 -7.34 -1.08
C GLU D 343 80.98 -6.73 -0.30
N ALA D 344 81.22 -6.37 0.96
CA ALA D 344 80.15 -5.78 1.75
C ALA D 344 79.65 -4.49 1.13
N LEU D 345 80.55 -3.70 0.54
CA LEU D 345 80.13 -2.43 -0.04
C LEU D 345 79.34 -2.64 -1.32
N ILE D 346 79.74 -3.58 -2.16
CA ILE D 346 78.98 -3.87 -3.36
C ILE D 346 77.57 -4.34 -2.99
N HIS D 347 77.48 -5.28 -2.07
CA HIS D 347 76.18 -5.81 -1.69
C HIS D 347 75.32 -4.72 -1.06
N HIS D 348 75.92 -3.91 -0.20
CA HIS D 348 75.18 -2.78 0.34
C HIS D 348 74.69 -1.88 -0.77
N PHE D 349 75.54 -1.62 -1.76
CA PHE D 349 75.13 -0.77 -2.87
C PHE D 349 73.97 -1.39 -3.64
N LYS D 350 74.03 -2.68 -3.92
CA LYS D 350 72.99 -3.30 -4.72
C LYS D 350 71.72 -3.55 -3.92
N LEU D 351 71.85 -4.01 -2.68
CA LEU D 351 70.66 -4.29 -1.89
C LEU D 351 69.80 -3.07 -1.68
N PHE D 352 70.37 -1.86 -1.76
CA PHE D 352 69.59 -0.66 -1.51
C PHE D 352 69.12 0.01 -2.78
N THR D 353 69.92 0.04 -3.83
CA THR D 353 69.45 0.59 -5.10
C THR D 353 68.51 -0.38 -5.80
N GLN D 354 69.01 -1.56 -6.15
CA GLN D 354 68.23 -2.51 -6.93
C GLN D 354 67.45 -3.48 -6.05
N GLY D 355 67.87 -3.69 -4.82
CA GLY D 355 67.24 -4.69 -3.98
C GLY D 355 67.67 -6.08 -4.42
N TYR D 356 67.09 -7.07 -3.76
CA TYR D 356 67.43 -8.46 -4.01
C TYR D 356 66.39 -9.10 -4.91
N GLN D 357 66.83 -10.11 -5.64
CA GLN D 357 65.99 -10.80 -6.61
C GLN D 357 65.31 -11.96 -5.87
N VAL D 358 63.99 -12.04 -5.95
CA VAL D 358 63.23 -13.13 -5.37
C VAL D 358 62.88 -14.10 -6.48
N PRO D 359 63.08 -15.41 -6.32
CA PRO D 359 62.81 -16.34 -7.41
C PRO D 359 61.34 -16.28 -7.80
N PRO D 360 61.02 -16.52 -9.07
CA PRO D 360 59.61 -16.56 -9.47
C PRO D 360 58.81 -17.55 -8.65
N GLY D 361 57.59 -17.19 -8.34
CA GLY D 361 56.71 -18.04 -7.58
C GLY D 361 55.65 -17.25 -6.87
N ALA D 362 54.74 -17.98 -6.25
CA ALA D 362 53.67 -17.39 -5.45
C ALA D 362 53.60 -18.13 -4.13
N THR D 363 53.12 -17.43 -3.11
CA THR D 363 52.98 -18.05 -1.80
C THR D 363 51.88 -17.34 -1.03
N TYR D 364 51.33 -18.05 -0.05
CA TYR D 364 50.35 -17.51 0.87
C TYR D 364 50.76 -17.89 2.28
N THR D 365 51.28 -16.92 3.02
CA THR D 365 51.59 -17.10 4.42
C THR D 365 50.57 -16.33 5.25
N ALA D 366 50.22 -16.90 6.40
CA ALA D 366 49.29 -16.26 7.31
C ALA D 366 49.82 -16.42 8.73
N ILE D 367 49.38 -15.53 9.60
CA ILE D 367 49.76 -15.56 11.01
C ILE D 367 48.51 -15.34 11.85
N GLU D 368 48.69 -15.50 13.17
CA GLU D 368 47.62 -15.25 14.13
C GLU D 368 47.73 -13.81 14.62
N ALA D 369 47.43 -12.88 13.71
CA ALA D 369 47.41 -11.49 14.09
C ALA D 369 46.30 -11.29 15.12
N PRO D 370 46.43 -10.29 15.99
CA PRO D 370 45.45 -10.14 17.08
C PRO D 370 44.03 -10.01 16.58
N LYS D 371 43.84 -9.36 15.44
CA LYS D 371 42.50 -9.22 14.88
C LYS D 371 41.98 -10.53 14.33
N GLY D 372 42.86 -11.38 13.83
CA GLY D 372 42.47 -12.65 13.25
C GLY D 372 43.60 -13.23 12.43
N GLU D 373 43.23 -13.92 11.36
CA GLU D 373 44.19 -14.46 10.42
C GLU D 373 44.53 -13.39 9.40
N PHE D 374 45.79 -12.95 9.40
CA PHE D 374 46.28 -11.94 8.47
C PHE D 374 47.19 -12.64 7.47
N GLY D 375 46.81 -12.60 6.20
CA GLY D 375 47.53 -13.32 5.17
C GLY D 375 47.91 -12.42 4.02
N VAL D 376 48.98 -12.79 3.34
CA VAL D 376 49.53 -12.02 2.24
C VAL D 376 49.83 -13.00 1.12
N TYR D 377 49.04 -12.94 0.05
CA TYR D 377 49.29 -13.77 -1.13
C TYR D 377 50.24 -13.00 -2.04
N LEU D 378 51.52 -13.32 -1.95
CA LEU D 378 52.57 -12.60 -2.65
C LEU D 378 52.97 -13.37 -3.90
N ILE D 379 53.08 -12.67 -5.01
CA ILE D 379 53.55 -13.25 -6.27
C ILE D 379 54.84 -12.55 -6.65
N SER D 380 55.82 -13.33 -7.10
CA SER D 380 57.09 -12.81 -7.56
C SER D 380 57.34 -13.27 -8.99
N ASP D 381 57.83 -12.36 -9.83
CA ASP D 381 58.11 -12.66 -11.23
C ASP D 381 59.60 -12.69 -11.52
N GLY D 382 60.43 -12.87 -10.51
CA GLY D 382 61.86 -12.94 -10.70
C GLY D 382 62.57 -11.61 -10.77
N SER D 383 61.84 -10.51 -10.65
CA SER D 383 62.42 -9.18 -10.70
C SER D 383 62.73 -8.72 -9.28
N SER D 384 63.10 -7.45 -9.15
CA SER D 384 63.36 -6.88 -7.84
C SER D 384 62.09 -6.43 -7.14
N ARG D 385 60.98 -6.34 -7.85
CA ARG D 385 59.73 -5.86 -7.32
C ARG D 385 58.69 -6.97 -7.31
N PRO D 386 57.79 -6.99 -6.34
CA PRO D 386 56.73 -7.99 -6.37
C PRO D 386 55.80 -7.74 -7.54
N TYR D 387 55.29 -8.82 -8.12
CA TYR D 387 54.37 -8.68 -9.23
C TYR D 387 52.98 -8.32 -8.74
N ARG D 388 52.59 -8.86 -7.59
CA ARG D 388 51.27 -8.61 -7.03
C ARG D 388 51.31 -9.02 -5.57
N CYS D 389 50.66 -8.23 -4.72
CA CYS D 389 50.65 -8.48 -3.28
C CYS D 389 49.22 -8.32 -2.78
N LYS D 390 48.47 -9.42 -2.77
CA LYS D 390 47.15 -9.43 -2.16
C LYS D 390 47.28 -9.63 -0.67
N ILE D 391 46.46 -8.91 0.10
CA ILE D 391 46.58 -8.87 1.54
C ILE D 391 45.21 -9.20 2.11
N LYS D 392 45.11 -10.33 2.83
CA LYS D 392 43.86 -10.64 3.49
C LYS D 392 43.72 -9.77 4.73
N ALA D 393 42.59 -9.09 4.83
CA ALA D 393 42.24 -8.35 6.03
C ALA D 393 41.36 -9.22 6.90
N PRO D 394 41.74 -9.54 8.13
CA PRO D 394 40.86 -10.38 8.96
C PRO D 394 39.49 -9.76 9.15
N GLY D 395 39.40 -8.44 9.18
CA GLY D 395 38.12 -7.78 9.37
C GLY D 395 37.23 -7.78 8.15
N PHE D 396 37.79 -8.03 6.97
CA PHE D 396 36.99 -8.06 5.75
C PHE D 396 35.83 -9.04 5.87
N ALA D 397 36.14 -10.28 6.25
CA ALA D 397 35.08 -11.25 6.47
C ALA D 397 34.16 -10.79 7.58
N HIS D 398 34.71 -10.20 8.63
CA HIS D 398 33.90 -9.81 9.78
C HIS D 398 32.86 -8.78 9.41
N LEU D 399 33.24 -7.78 8.60
CA LEU D 399 32.28 -6.74 8.26
C LEU D 399 31.26 -7.23 7.24
N ALA D 400 31.65 -8.16 6.37
CA ALA D 400 30.69 -8.72 5.43
C ALA D 400 29.54 -9.38 6.17
N ALA D 401 29.79 -9.91 7.35
CA ALA D 401 28.76 -10.58 8.14
C ALA D 401 27.96 -9.62 9.01
N LEU D 402 28.37 -8.35 9.10
CA LEU D 402 27.59 -7.40 9.88
C LEU D 402 26.19 -7.21 9.33
N GLU D 403 25.96 -7.57 8.07
CA GLU D 403 24.64 -7.41 7.49
C GLU D 403 23.60 -8.19 8.27
N LYS D 404 23.96 -9.37 8.77
CA LYS D 404 23.01 -10.25 9.43
C LYS D 404 23.17 -10.30 10.94
N ILE D 405 24.39 -10.25 11.45
CA ILE D 405 24.61 -10.45 12.88
C ILE D 405 23.83 -9.41 13.67
N GLY D 406 23.88 -8.16 13.24
CA GLY D 406 23.19 -7.08 13.90
C GLY D 406 21.79 -6.82 13.40
N LYS D 407 21.26 -7.68 12.54
CA LYS D 407 19.91 -7.47 12.03
C LYS D 407 18.91 -7.67 13.16
N GLN D 408 17.87 -6.84 13.17
CA GLN D 408 16.90 -6.82 14.25
C GLN D 408 17.57 -6.50 15.59
N HIS D 409 18.30 -5.39 15.60
CA HIS D 409 18.87 -4.82 16.82
C HIS D 409 18.90 -3.32 16.64
N MET D 410 19.01 -2.59 17.74
CA MET D 410 19.05 -1.15 17.67
C MET D 410 20.48 -0.62 17.83
N LEU D 411 20.59 0.71 17.73
CA LEU D 411 21.89 1.33 17.52
C LEU D 411 22.84 1.02 18.66
N ALA D 412 22.34 1.05 19.91
CA ALA D 412 23.21 0.76 21.04
C ALA D 412 23.83 -0.62 20.90
N ASP D 413 23.10 -1.58 20.35
CA ASP D 413 23.66 -2.90 20.11
C ASP D 413 24.59 -2.92 18.92
N VAL D 414 24.21 -2.24 17.82
CA VAL D 414 25.07 -2.24 16.64
C VAL D 414 26.40 -1.57 16.96
N VAL D 415 26.36 -0.48 17.71
CA VAL D 415 27.60 0.15 18.16
C VAL D 415 28.43 -0.84 18.95
N ALA D 416 27.80 -1.62 19.82
CA ALA D 416 28.54 -2.63 20.57
C ALA D 416 29.12 -3.68 19.62
N ILE D 417 28.32 -4.15 18.67
CA ILE D 417 28.79 -5.20 17.77
C ILE D 417 30.00 -4.71 16.99
N ILE D 418 29.98 -3.46 16.54
CA ILE D 418 31.07 -2.94 15.72
C ILE D 418 32.39 -3.05 16.46
N GLY D 419 32.39 -2.75 17.75
CA GLY D 419 33.60 -2.88 18.53
C GLY D 419 34.07 -4.32 18.64
N THR D 420 33.14 -5.25 18.88
CA THR D 420 33.51 -6.64 19.07
C THR D 420 33.89 -7.33 17.78
N LEU D 421 33.44 -6.83 16.63
CA LEU D 421 33.98 -7.34 15.37
C LEU D 421 35.47 -7.12 15.30
N ASP D 422 35.99 -6.12 16.02
CA ASP D 422 37.42 -5.85 16.07
C ASP D 422 37.96 -5.59 14.66
N VAL D 423 37.54 -4.45 14.12
CA VAL D 423 37.89 -4.04 12.78
C VAL D 423 38.75 -2.78 12.88
N VAL D 424 40.02 -2.91 12.55
CA VAL D 424 40.89 -1.77 12.30
C VAL D 424 40.89 -1.52 10.81
N PHE D 425 40.29 -0.41 10.40
CA PHE D 425 40.24 -0.09 8.99
C PHE D 425 41.65 0.22 8.49
N GLY D 426 41.79 0.21 7.17
CA GLY D 426 43.10 0.15 6.55
C GLY D 426 43.41 -1.28 6.19
N GLU D 427 43.10 -2.20 7.10
CA GLU D 427 43.02 -3.60 6.70
C GLU D 427 41.96 -3.77 5.63
N ILE D 428 40.73 -3.35 5.93
CA ILE D 428 39.62 -3.56 5.02
C ILE D 428 39.83 -2.76 3.75
N ASP D 429 40.30 -1.53 3.87
CA ASP D 429 40.65 -0.71 2.72
C ASP D 429 42.13 -0.86 2.44
N ARG D 430 42.45 -1.65 1.43
CA ARG D 430 43.81 -1.67 0.94
C ARG D 430 44.01 -0.45 0.05
N ASP E 1 111.70 1.20 -5.97
CA ASP E 1 111.05 2.48 -6.25
C ASP E 1 110.84 2.71 -7.75
N ASN E 2 111.10 1.67 -8.54
CA ASN E 2 110.99 1.81 -9.99
C ASN E 2 109.54 2.07 -10.38
N LEU E 3 109.36 3.02 -11.28
CA LEU E 3 108.04 3.41 -11.77
C LEU E 3 107.88 2.99 -13.23
N PHE E 4 106.70 2.52 -13.58
CA PHE E 4 106.36 2.21 -14.96
C PHE E 4 105.68 3.38 -15.66
N VAL E 5 105.98 4.59 -15.24
CA VAL E 5 105.54 5.81 -15.91
C VAL E 5 106.73 6.75 -16.01
N HIS E 6 106.92 7.33 -17.18
CA HIS E 6 108.08 8.17 -17.44
C HIS E 6 107.75 9.62 -17.12
N ARG E 7 108.60 10.24 -16.29
CA ARG E 7 108.47 11.63 -15.91
C ARG E 7 109.70 12.37 -16.39
N ASP E 8 109.51 13.59 -16.88
CA ASP E 8 110.61 14.34 -17.47
C ASP E 8 111.68 14.62 -16.43
N THR E 9 112.92 14.36 -16.80
CA THR E 9 114.07 14.52 -15.92
C THR E 9 115.24 15.03 -16.75
N PRO E 10 116.17 15.78 -16.15
CA PRO E 10 117.35 16.20 -16.93
C PRO E 10 118.13 15.04 -17.50
N GLU E 11 118.26 13.94 -16.75
CA GLU E 11 119.04 12.81 -17.23
C GLU E 11 118.30 12.04 -18.30
N ASP E 12 116.97 12.08 -18.29
CA ASP E 12 116.15 11.22 -19.14
C ASP E 12 114.99 12.04 -19.68
N ASN E 13 115.16 12.58 -20.89
CA ASN E 13 114.07 13.25 -21.59
C ASN E 13 114.24 12.95 -23.07
N PRO E 14 113.15 12.91 -23.84
CA PRO E 14 113.28 12.55 -25.26
C PRO E 14 114.17 13.49 -26.05
N ASN E 15 114.23 14.76 -25.67
CA ASN E 15 115.07 15.69 -26.43
C ASN E 15 116.55 15.39 -26.28
N ILE E 16 116.94 14.53 -25.35
CA ILE E 16 118.33 14.07 -25.30
C ILE E 16 118.68 13.40 -26.62
N PRO E 17 119.87 13.61 -27.18
CA PRO E 17 120.24 12.89 -28.40
C PRO E 17 120.86 11.54 -28.09
N PHE E 18 120.49 10.54 -28.88
CA PHE E 18 121.09 9.22 -28.80
C PHE E 18 121.13 8.64 -30.20
N GLU E 19 122.22 7.96 -30.52
CA GLU E 19 122.40 7.40 -31.84
C GLU E 19 123.33 6.20 -31.75
N PHE E 20 123.05 5.19 -32.57
CA PHE E 20 123.93 4.03 -32.64
C PHE E 20 125.25 4.44 -33.28
N THR E 21 126.35 4.02 -32.68
CA THR E 21 127.65 4.32 -33.24
C THR E 21 127.82 3.62 -34.58
N ALA E 22 128.75 4.13 -35.39
CA ALA E 22 129.02 3.53 -36.68
C ALA E 22 129.39 2.06 -36.53
N GLU E 23 130.15 1.73 -35.49
CA GLU E 23 130.43 0.33 -35.21
C GLU E 23 129.15 -0.44 -34.92
N ASN E 24 128.35 0.07 -33.98
CA ASN E 24 127.13 -0.63 -33.60
C ASN E 24 126.11 -0.64 -34.74
N LYS E 25 126.11 0.41 -35.57
CA LYS E 25 125.13 0.46 -36.64
C LYS E 25 125.25 -0.73 -37.57
N LYS E 26 126.47 -1.18 -37.84
CA LYS E 26 126.65 -2.35 -38.68
C LYS E 26 126.11 -3.61 -38.00
N ARG E 27 126.09 -3.62 -36.68
CA ARG E 27 125.53 -4.79 -35.99
C ARG E 27 124.02 -4.82 -36.08
N VAL E 28 123.37 -3.64 -36.16
CA VAL E 28 121.93 -3.61 -36.27
C VAL E 28 121.49 -4.30 -37.56
N GLU E 29 122.16 -4.00 -38.66
CA GLU E 29 121.83 -4.63 -39.93
C GLU E 29 121.96 -6.14 -39.83
N ALA E 30 123.00 -6.61 -39.14
CA ALA E 30 123.14 -8.03 -38.92
C ALA E 30 121.98 -8.59 -38.12
N ILE E 31 121.55 -7.87 -37.09
CA ILE E 31 120.48 -8.38 -36.24
C ILE E 31 119.17 -8.44 -37.01
N LEU E 32 118.82 -7.36 -37.72
CA LEU E 32 117.53 -7.33 -38.41
C LEU E 32 117.41 -8.40 -39.48
N SER E 33 118.53 -8.94 -39.96
CA SER E 33 118.52 -9.93 -41.03
C SER E 33 118.41 -11.34 -40.50
N ILE E 34 117.77 -11.51 -39.34
CA ILE E 34 117.70 -12.81 -38.67
C ILE E 34 116.27 -13.31 -38.53
N TYR E 35 115.27 -12.45 -38.64
CA TYR E 35 113.87 -12.78 -38.51
C TYR E 35 113.18 -12.67 -39.86
N PRO E 36 112.06 -13.34 -40.06
CA PRO E 36 111.44 -13.37 -41.40
C PRO E 36 111.16 -11.97 -41.92
N GLU E 37 110.92 -11.89 -43.24
CA GLU E 37 110.85 -10.60 -43.91
C GLU E 37 109.73 -9.74 -43.34
N GLY E 38 108.55 -10.33 -43.14
CA GLY E 38 107.43 -9.54 -42.67
C GLY E 38 107.37 -9.33 -41.18
N HIS E 39 108.14 -10.11 -40.41
CA HIS E 39 108.10 -10.07 -38.95
C HIS E 39 109.48 -9.71 -38.45
N LYS E 40 109.78 -8.42 -38.42
CA LYS E 40 111.07 -7.94 -37.96
C LYS E 40 111.01 -7.32 -36.57
N ARG E 41 109.84 -7.17 -35.98
CA ARG E 41 109.77 -6.62 -34.64
C ARG E 41 110.27 -7.59 -33.59
N GLY E 42 110.68 -8.79 -33.98
CA GLY E 42 111.36 -9.69 -33.07
C GLY E 42 112.77 -9.30 -32.72
N ALA E 43 113.32 -8.31 -33.42
CA ALA E 43 114.63 -7.78 -33.11
C ALA E 43 114.59 -6.73 -32.02
N MET E 44 113.42 -6.44 -31.47
CA MET E 44 113.29 -5.34 -30.54
C MET E 44 114.11 -5.56 -29.29
N ILE E 45 114.06 -6.78 -28.73
CA ILE E 45 114.81 -7.08 -27.52
C ILE E 45 116.31 -7.06 -27.82
N PRO E 46 116.79 -7.68 -28.89
CA PRO E 46 118.21 -7.49 -29.25
C PRO E 46 118.59 -6.04 -29.43
N LEU E 47 117.74 -5.23 -30.07
CA LEU E 47 118.10 -3.84 -30.31
C LEU E 47 118.09 -3.04 -29.02
N LEU E 48 117.04 -3.21 -28.20
CA LEU E 48 117.00 -2.51 -26.92
C LEU E 48 118.18 -2.89 -26.06
N ASP E 49 118.52 -4.18 -26.02
CA ASP E 49 119.69 -4.61 -25.28
C ASP E 49 120.95 -3.99 -25.87
N LEU E 50 121.08 -4.02 -27.19
CA LEU E 50 122.24 -3.41 -27.82
C LEU E 50 122.29 -1.92 -27.58
N ALA E 51 121.15 -1.29 -27.28
CA ALA E 51 121.15 0.14 -27.00
C ALA E 51 121.76 0.44 -25.64
N GLN E 52 121.36 -0.29 -24.60
CA GLN E 52 121.80 0.09 -23.26
C GLN E 52 123.25 -0.30 -23.02
N ARG E 53 123.76 -1.31 -23.72
CA ARG E 53 125.16 -1.66 -23.58
C ARG E 53 126.04 -0.53 -24.09
N GLN E 54 125.58 0.18 -25.13
CA GLN E 54 126.25 1.37 -25.62
C GLN E 54 126.08 2.57 -24.70
N TYR E 55 125.16 2.50 -23.74
CA TYR E 55 124.78 3.65 -22.93
C TYR E 55 124.75 3.36 -21.44
N GLY E 56 124.88 2.11 -21.03
CA GLY E 56 124.82 1.76 -19.61
C GLY E 56 123.41 1.54 -19.11
N TRP E 57 122.51 2.46 -19.45
CA TRP E 57 121.10 2.36 -19.13
C TRP E 57 120.31 2.79 -20.34
N LEU E 58 119.00 2.60 -20.29
CA LEU E 58 118.15 2.76 -21.47
C LEU E 58 117.31 4.04 -21.37
N PRO E 59 117.69 5.12 -22.03
CA PRO E 59 116.86 6.33 -22.01
C PRO E 59 115.67 6.18 -22.93
N ILE E 60 114.73 7.13 -22.79
CA ILE E 60 113.58 7.11 -23.68
C ILE E 60 113.99 7.45 -25.10
N SER E 61 114.94 8.37 -25.26
CA SER E 61 115.39 8.73 -26.60
C SER E 61 115.92 7.51 -27.34
N ALA E 62 116.46 6.54 -26.61
CA ALA E 62 116.82 5.28 -27.22
C ALA E 62 115.59 4.52 -27.67
N MET E 63 114.54 4.51 -26.85
CA MET E 63 113.35 3.72 -27.16
C MET E 63 112.75 4.18 -28.48
N HIS E 64 112.70 5.48 -28.72
CA HIS E 64 112.18 5.98 -29.99
C HIS E 64 113.06 5.54 -31.14
N LYS E 65 114.37 5.57 -30.95
CA LYS E 65 115.28 5.20 -32.03
C LYS E 65 115.01 3.77 -32.49
N VAL E 66 114.79 2.85 -31.55
CA VAL E 66 114.47 1.49 -31.91
C VAL E 66 113.18 1.45 -32.71
N ALA E 67 112.17 2.18 -32.25
CA ALA E 67 110.90 2.21 -32.97
C ALA E 67 111.09 2.76 -34.38
N GLU E 68 111.91 3.80 -34.52
CA GLU E 68 112.18 4.33 -35.85
C GLU E 68 112.81 3.27 -36.74
N ILE E 69 113.68 2.44 -36.18
CA ILE E 69 114.32 1.39 -36.97
C ILE E 69 113.28 0.40 -37.46
N LEU E 70 112.38 -0.02 -36.59
CA LEU E 70 111.37 -1.02 -36.92
C LEU E 70 110.08 -0.43 -37.46
N GLN E 71 109.92 0.90 -37.44
CA GLN E 71 108.72 1.55 -37.97
C GLN E 71 107.48 1.04 -37.24
N LEU E 72 107.42 1.36 -35.96
CA LEU E 72 106.36 0.93 -35.06
C LEU E 72 105.84 2.11 -34.27
N PRO E 73 104.64 2.01 -33.72
CA PRO E 73 104.20 3.00 -32.73
C PRO E 73 105.15 3.01 -31.55
N ASN E 74 105.38 4.19 -31.00
CA ASN E 74 106.37 4.31 -29.95
C ASN E 74 106.02 3.46 -28.74
N MET E 75 104.73 3.23 -28.49
CA MET E 75 104.40 2.55 -27.25
C MET E 75 104.68 1.06 -27.31
N ARG E 76 104.60 0.45 -28.49
CA ARG E 76 104.89 -0.97 -28.57
C ARG E 76 106.30 -1.27 -28.07
N VAL E 77 107.21 -0.31 -28.18
CA VAL E 77 108.53 -0.46 -27.59
C VAL E 77 108.47 -0.31 -26.09
N TYR E 78 107.67 0.65 -25.59
CA TYR E 78 107.62 0.88 -24.16
C TYR E 78 107.13 -0.35 -23.41
N GLU E 79 106.10 -1.02 -23.94
CA GLU E 79 105.61 -2.22 -23.29
C GLU E 79 106.72 -3.24 -23.13
N VAL E 80 107.45 -3.49 -24.21
CA VAL E 80 108.50 -4.50 -24.18
C VAL E 80 109.64 -4.05 -23.28
N ALA E 81 110.06 -2.80 -23.41
CA ALA E 81 111.15 -2.31 -22.59
C ALA E 81 110.80 -2.27 -21.12
N THR E 82 109.52 -2.22 -20.78
CA THR E 82 109.10 -2.15 -19.39
C THR E 82 108.80 -3.52 -18.80
N PHE E 83 108.54 -4.51 -19.63
CA PHE E 83 108.25 -5.85 -19.12
C PHE E 83 109.51 -6.51 -18.58
N TYR E 84 110.50 -6.72 -19.43
CA TYR E 84 111.71 -7.41 -19.02
C TYR E 84 112.49 -6.58 -18.01
N THR E 85 113.26 -7.27 -17.18
CA THR E 85 113.75 -6.67 -15.96
C THR E 85 115.12 -6.01 -16.11
N MET E 86 115.98 -6.51 -16.99
CA MET E 86 117.34 -5.98 -17.03
C MET E 86 117.46 -4.70 -17.83
N PHE E 87 116.39 -4.24 -18.45
CA PHE E 87 116.39 -2.91 -19.04
C PHE E 87 116.29 -1.89 -17.92
N MET E 88 117.41 -1.24 -17.61
CA MET E 88 117.44 -0.24 -16.55
C MET E 88 116.98 1.09 -17.13
N ARG E 89 115.77 1.51 -16.78
CA ARG E 89 115.20 2.72 -17.33
C ARG E 89 115.65 3.97 -16.62
N LYS E 90 116.43 3.86 -15.55
CA LYS E 90 117.01 4.97 -14.84
C LYS E 90 118.50 4.75 -14.75
N PRO E 91 119.29 5.82 -14.60
CA PRO E 91 120.75 5.66 -14.64
C PRO E 91 121.24 4.67 -13.62
N THR E 92 122.19 3.83 -14.04
CA THR E 92 122.74 2.76 -13.23
C THR E 92 124.20 2.95 -12.90
N GLY E 93 124.95 3.66 -13.73
CA GLY E 93 126.33 3.95 -13.46
C GLY E 93 127.27 3.07 -14.26
N LYS E 94 128.21 2.42 -13.57
CA LYS E 94 129.18 1.55 -14.21
C LYS E 94 129.00 0.09 -13.78
N TYR E 95 129.03 -0.18 -12.47
CA TYR E 95 128.92 -1.53 -11.95
C TYR E 95 127.55 -1.73 -11.35
N HIS E 96 126.83 -2.74 -11.83
CA HIS E 96 125.50 -3.09 -11.35
C HIS E 96 125.63 -4.43 -10.67
N ILE E 97 125.70 -4.42 -9.34
CA ILE E 97 125.97 -5.62 -8.57
C ILE E 97 124.68 -6.42 -8.46
N GLN E 98 124.69 -7.62 -9.01
CA GLN E 98 123.51 -8.48 -9.08
C GLN E 98 123.67 -9.53 -8.00
N VAL E 99 122.91 -9.43 -6.92
CA VAL E 99 123.03 -10.33 -5.79
C VAL E 99 121.79 -11.22 -5.75
N CYS E 100 121.97 -12.51 -6.01
CA CYS E 100 120.87 -13.44 -5.87
C CYS E 100 120.48 -13.56 -4.40
N THR E 101 119.19 -13.70 -4.16
CA THR E 101 118.70 -13.78 -2.79
C THR E 101 117.62 -14.82 -2.59
N THR E 102 117.27 -15.61 -3.60
CA THR E 102 116.26 -16.63 -3.43
C THR E 102 116.90 -17.96 -3.03
N THR E 103 116.06 -18.84 -2.51
CA THR E 103 116.51 -20.19 -2.21
C THR E 103 117.05 -20.84 -3.49
N PRO E 104 118.14 -21.60 -3.42
CA PRO E 104 119.02 -21.95 -2.30
C PRO E 104 120.17 -20.99 -2.05
N CYS E 105 120.33 -19.92 -2.80
CA CYS E 105 121.34 -18.94 -2.42
C CYS E 105 121.06 -18.39 -1.03
N TRP E 106 119.79 -18.23 -0.68
CA TRP E 106 119.49 -17.80 0.67
C TRP E 106 119.93 -18.83 1.70
N LEU E 107 119.73 -20.11 1.39
CA LEU E 107 120.09 -21.16 2.34
C LEU E 107 121.58 -21.12 2.63
N ARG E 108 122.40 -20.94 1.60
CA ARG E 108 123.85 -20.90 1.78
C ARG E 108 124.31 -19.46 2.00
N GLY E 109 123.71 -18.85 3.03
CA GLY E 109 124.17 -17.56 3.52
C GLY E 109 124.31 -16.48 2.47
N SER E 110 123.20 -16.02 1.90
CA SER E 110 123.23 -14.89 0.98
C SER E 110 122.96 -13.57 1.67
N ASP E 111 122.26 -13.59 2.81
CA ASP E 111 121.95 -12.33 3.49
C ASP E 111 123.22 -11.62 3.94
N ASP E 112 124.24 -12.37 4.35
CA ASP E 112 125.49 -11.77 4.77
C ASP E 112 126.11 -10.97 3.63
N ILE E 113 126.16 -11.57 2.44
CA ILE E 113 126.77 -10.88 1.30
C ILE E 113 126.03 -9.59 1.00
N LEU E 114 124.70 -9.64 1.02
CA LEU E 114 123.93 -8.42 0.78
C LEU E 114 124.24 -7.37 1.83
N GLU E 115 124.26 -7.77 3.10
CA GLU E 115 124.52 -6.80 4.16
C GLU E 115 125.88 -6.16 4.00
N THR E 116 126.90 -6.96 3.71
CA THR E 116 128.26 -6.42 3.62
C THR E 116 128.38 -5.49 2.43
N CYS E 117 127.70 -5.78 1.32
CA CYS E 117 127.74 -4.90 0.17
C CYS E 117 127.20 -3.52 0.50
N LYS E 118 126.08 -3.46 1.21
CA LYS E 118 125.53 -2.16 1.60
C LYS E 118 126.49 -1.43 2.52
N LYS E 119 127.03 -2.15 3.51
CA LYS E 119 127.93 -1.51 4.48
C LYS E 119 129.17 -0.97 3.79
N GLN E 120 129.80 -1.78 2.95
CA GLN E 120 131.05 -1.38 2.30
C GLN E 120 130.84 -0.14 1.44
N LEU E 121 129.74 -0.11 0.69
CA LEU E 121 129.44 0.99 -0.21
C LEU E 121 128.49 2.02 0.42
N GLY E 122 127.86 1.70 1.53
CA GLY E 122 127.00 2.67 2.20
C GLY E 122 125.83 3.14 1.35
N ILE E 123 125.18 2.22 0.64
CA ILE E 123 124.00 2.53 -0.15
C ILE E 123 122.91 1.52 0.22
N GLY E 124 121.70 1.80 -0.25
CA GLY E 124 120.57 0.91 -0.06
C GLY E 124 120.34 0.05 -1.28
N VAL E 125 119.54 -0.99 -1.10
CA VAL E 125 119.23 -1.89 -2.20
C VAL E 125 118.52 -1.12 -3.30
N GLY E 126 118.74 -1.55 -4.54
CA GLY E 126 118.09 -0.91 -5.67
C GLY E 126 118.41 0.57 -5.77
N ASP E 127 119.67 0.93 -5.56
CA ASP E 127 120.07 2.33 -5.57
C ASP E 127 121.52 2.43 -6.01
N THR E 128 121.90 3.63 -6.44
CA THR E 128 123.22 3.91 -7.01
C THR E 128 124.03 4.78 -6.05
N THR E 129 125.32 4.89 -6.36
CA THR E 129 126.22 5.70 -5.58
C THR E 129 126.35 7.09 -6.19
N LYS E 130 126.99 7.99 -5.45
CA LYS E 130 127.08 9.39 -5.85
C LYS E 130 127.84 9.52 -7.16
N ASP E 131 128.92 8.77 -7.31
CA ASP E 131 129.72 8.78 -8.53
C ASP E 131 129.08 7.96 -9.65
N ARG E 132 127.97 7.29 -9.38
CA ARG E 132 127.35 6.39 -10.36
C ARG E 132 128.37 5.36 -10.85
N LYS E 133 129.10 4.78 -9.91
CA LYS E 133 130.00 3.68 -10.21
C LYS E 133 129.45 2.34 -9.78
N PHE E 134 128.81 2.28 -8.61
CA PHE E 134 128.18 1.07 -8.12
C PHE E 134 126.68 1.26 -8.05
N THR E 135 125.95 0.17 -8.26
CA THR E 135 124.51 0.16 -8.09
C THR E 135 124.14 -1.22 -7.58
N ILE E 136 124.09 -1.37 -6.26
CA ILE E 136 123.66 -2.63 -5.67
C ILE E 136 122.20 -2.85 -6.01
N SER E 137 121.85 -4.10 -6.33
CA SER E 137 120.49 -4.43 -6.73
C SER E 137 120.28 -5.91 -6.56
N GLU E 138 119.29 -6.30 -5.76
CA GLU E 138 118.97 -7.71 -5.62
C GLU E 138 118.39 -8.25 -6.92
N VAL E 139 118.63 -9.53 -7.15
CA VAL E 139 118.09 -10.25 -8.30
C VAL E 139 117.54 -11.56 -7.75
N GLU E 140 116.87 -12.32 -8.61
CA GLU E 140 116.03 -13.41 -8.13
C GLU E 140 116.73 -14.75 -8.21
N CYS E 141 117.21 -15.15 -9.38
CA CYS E 141 118.01 -16.37 -9.48
C CYS E 141 118.79 -16.33 -10.79
N LEU E 142 120.11 -16.29 -10.68
CA LEU E 142 120.97 -16.19 -11.84
C LEU E 142 121.35 -17.55 -12.39
N GLY E 143 120.63 -18.60 -12.01
CA GLY E 143 120.88 -19.91 -12.57
C GLY E 143 122.22 -20.50 -12.21
N ALA E 144 122.89 -19.95 -11.20
CA ALA E 144 124.13 -20.51 -10.67
C ALA E 144 123.88 -21.10 -9.29
N CYS E 145 122.71 -21.69 -9.09
CA CYS E 145 122.29 -22.09 -7.76
C CYS E 145 123.27 -23.07 -7.15
N VAL E 146 123.88 -23.93 -7.95
CA VAL E 146 124.79 -24.95 -7.42
C VAL E 146 125.99 -24.29 -6.76
N ASN E 147 126.53 -23.25 -7.38
CA ASN E 147 127.71 -22.57 -6.85
C ASN E 147 127.33 -21.42 -5.93
N ALA E 148 126.21 -21.54 -5.24
CA ALA E 148 125.73 -20.49 -4.38
C ALA E 148 126.56 -20.41 -3.11
N PRO E 149 126.58 -19.25 -2.42
CA PRO E 149 125.97 -17.99 -2.82
C PRO E 149 126.79 -17.33 -3.89
N MET E 150 126.20 -16.45 -4.69
CA MET E 150 126.92 -15.90 -5.83
C MET E 150 126.41 -14.50 -6.14
N VAL E 151 127.27 -13.73 -6.78
CA VAL E 151 126.99 -12.36 -7.18
C VAL E 151 127.42 -12.21 -8.62
N ALA E 152 126.78 -11.30 -9.34
CA ALA E 152 127.12 -11.03 -10.72
C ALA E 152 127.35 -9.54 -10.90
N ILE E 153 128.36 -9.19 -11.70
CA ILE E 153 128.77 -7.81 -11.90
C ILE E 153 128.80 -7.55 -13.40
N ASN E 154 127.66 -7.11 -13.92
CA ASN E 154 127.46 -6.56 -15.26
C ASN E 154 127.58 -7.55 -16.40
N ASP E 155 128.35 -8.63 -16.24
CA ASP E 155 128.21 -9.81 -17.07
C ASP E 155 128.60 -11.07 -16.31
N ASP E 156 129.33 -10.92 -15.21
CA ASP E 156 130.17 -11.97 -14.68
C ASP E 156 129.47 -12.67 -13.52
N TYR E 157 130.03 -13.80 -13.11
CA TYR E 157 129.47 -14.60 -12.03
C TYR E 157 130.58 -14.87 -11.04
N TYR E 158 130.51 -14.22 -9.88
CA TYR E 158 131.47 -14.42 -8.80
C TYR E 158 130.81 -15.35 -7.80
N GLU E 159 131.06 -16.64 -7.95
CA GLU E 159 130.33 -17.66 -7.22
C GLU E 159 131.10 -18.11 -5.99
N ASP E 160 130.36 -18.69 -5.05
CA ASP E 160 130.93 -19.20 -3.80
C ASP E 160 131.57 -18.07 -3.00
N LEU E 161 130.79 -17.04 -2.72
CA LEU E 161 131.30 -15.88 -2.00
C LEU E 161 131.03 -15.99 -0.51
N THR E 162 131.73 -15.16 0.25
CA THR E 162 131.55 -15.02 1.68
C THR E 162 131.82 -13.57 2.04
N SER E 163 131.75 -13.27 3.33
CA SER E 163 132.02 -11.90 3.77
C SER E 163 133.44 -11.48 3.40
N LYS E 164 134.42 -12.32 3.70
CA LYS E 164 135.81 -11.97 3.43
C LYS E 164 136.05 -11.79 1.94
N ASP E 165 135.89 -12.86 1.17
CA ASP E 165 136.23 -12.81 -0.25
C ASP E 165 135.39 -11.80 -1.01
N MET E 166 134.20 -11.46 -0.53
CA MET E 166 133.40 -10.48 -1.27
C MET E 166 134.03 -9.10 -1.15
N GLN E 167 134.36 -8.67 0.07
CA GLN E 167 134.96 -7.36 0.23
C GLN E 167 136.30 -7.27 -0.46
N ASP E 168 136.95 -8.40 -0.72
CA ASP E 168 138.11 -8.38 -1.60
C ASP E 168 137.72 -7.86 -2.97
N ILE E 169 136.60 -8.34 -3.50
CA ILE E 169 136.15 -7.88 -4.82
C ILE E 169 135.86 -6.38 -4.79
N LEU E 170 135.07 -5.94 -3.81
CA LEU E 170 134.71 -4.53 -3.76
C LEU E 170 135.96 -3.67 -3.56
N ASN E 171 136.90 -4.13 -2.75
CA ASN E 171 138.15 -3.38 -2.59
C ASN E 171 138.90 -3.30 -3.91
N ASP E 172 138.89 -4.38 -4.70
CA ASP E 172 139.52 -4.34 -6.01
C ASP E 172 138.78 -3.39 -6.94
N LEU E 173 137.46 -3.56 -7.04
CA LEU E 173 136.69 -2.76 -7.99
C LEU E 173 136.76 -1.28 -7.64
N LYS E 174 136.68 -0.96 -6.35
CA LYS E 174 136.83 0.44 -5.95
C LYS E 174 138.22 0.97 -6.31
N ALA E 175 139.20 0.08 -6.41
CA ALA E 175 140.54 0.45 -6.85
C ALA E 175 140.67 0.44 -8.37
N ASP E 176 139.58 0.19 -9.10
CA ASP E 176 139.52 0.21 -10.56
C ASP E 176 140.31 -0.93 -11.18
N LYS E 177 140.74 -1.92 -10.39
CA LYS E 177 141.54 -3.02 -10.88
C LYS E 177 140.64 -4.23 -11.10
N ILE E 178 140.70 -4.81 -12.30
CA ILE E 178 139.90 -5.97 -12.62
C ILE E 178 140.20 -7.08 -11.61
N SER E 179 139.22 -7.95 -11.41
CA SER E 179 139.32 -9.07 -10.49
C SER E 179 139.02 -10.36 -11.24
N PRO E 180 139.52 -11.50 -10.75
CA PRO E 180 139.16 -12.77 -11.37
C PRO E 180 137.71 -13.13 -11.07
N PRO E 181 136.90 -13.43 -12.08
CA PRO E 181 135.56 -13.96 -11.80
C PRO E 181 135.56 -15.46 -11.67
N GLY E 182 134.38 -16.05 -11.50
CA GLY E 182 134.25 -17.48 -11.37
C GLY E 182 134.28 -17.91 -9.92
N PRO E 183 134.05 -19.20 -9.67
CA PRO E 183 133.97 -19.68 -8.29
C PRO E 183 135.24 -19.42 -7.52
N ARG E 184 135.08 -19.11 -6.23
CA ARG E 184 136.19 -18.79 -5.34
C ARG E 184 136.66 -19.96 -4.50
N ASN E 185 135.84 -20.99 -4.34
CA ASN E 185 136.13 -22.09 -3.41
C ASN E 185 136.79 -23.26 -4.14
N GLY E 186 137.98 -23.00 -4.69
CA GLY E 186 138.82 -24.03 -5.27
C GLY E 186 138.11 -25.03 -6.16
N ARG E 187 137.03 -24.62 -6.80
CA ARG E 187 136.29 -25.45 -7.74
C ARG E 187 136.19 -24.70 -9.05
N PHE E 188 136.49 -25.38 -10.16
CA PHE E 188 136.55 -24.67 -11.43
C PHE E 188 135.16 -24.31 -11.93
N ALA E 189 134.28 -25.30 -12.04
CA ALA E 189 132.89 -24.99 -12.42
C ALA E 189 132.01 -26.18 -12.08
N SER E 190 131.09 -25.99 -11.14
CA SER E 190 130.00 -26.93 -10.86
C SER E 190 130.50 -28.34 -10.59
N GLU E 191 131.74 -28.50 -10.26
CA GLU E 191 132.22 -29.84 -9.95
C GLU E 191 132.10 -30.09 -8.46
N PRO E 192 131.91 -31.33 -8.02
CA PRO E 192 131.96 -31.59 -6.57
C PRO E 192 133.33 -31.26 -6.04
N LYS E 193 133.37 -30.42 -5.01
CA LYS E 193 134.64 -29.94 -4.48
C LYS E 193 135.50 -31.10 -4.01
N GLY E 194 136.80 -30.98 -4.20
CA GLY E 194 137.73 -32.02 -3.80
C GLY E 194 137.94 -33.06 -4.87
N GLU E 195 138.08 -34.32 -4.47
CA GLU E 195 138.34 -35.38 -5.43
C GLU E 195 137.13 -35.56 -6.35
N PRO E 196 137.34 -35.82 -7.64
CA PRO E 196 136.20 -36.12 -8.53
C PRO E 196 135.61 -37.49 -8.26
N THR E 197 134.42 -37.70 -8.80
CA THR E 197 133.67 -38.93 -8.66
C THR E 197 133.24 -39.52 -9.99
N SER E 198 132.93 -38.68 -10.97
CA SER E 198 132.43 -39.10 -12.27
C SER E 198 133.29 -38.48 -13.37
N LEU E 199 133.26 -39.09 -14.54
CA LEU E 199 133.98 -38.60 -15.71
C LEU E 199 135.49 -38.64 -15.53
N SER E 200 135.99 -39.27 -14.47
CA SER E 200 137.43 -39.45 -14.34
C SER E 200 137.97 -40.31 -15.46
N GLU E 201 137.23 -41.35 -15.83
CA GLU E 201 137.64 -42.20 -16.95
C GLU E 201 137.61 -41.40 -18.25
N GLU E 202 138.53 -41.75 -19.16
CA GLU E 202 138.66 -41.00 -20.39
C GLU E 202 137.38 -41.12 -21.22
N PRO E 203 137.00 -40.07 -21.95
CA PRO E 203 135.92 -40.22 -22.93
C PRO E 203 136.27 -41.32 -23.92
N LYS E 204 135.28 -42.15 -24.23
CA LYS E 204 135.55 -43.35 -25.02
C LYS E 204 136.04 -42.99 -26.41
N GLY E 205 135.47 -41.97 -27.02
CA GLY E 205 135.83 -41.55 -28.34
C GLY E 205 134.73 -41.85 -29.34
N PRO E 206 134.96 -41.53 -30.61
CA PRO E 206 133.91 -41.69 -31.62
C PRO E 206 133.60 -43.16 -31.89
N GLY E 207 132.34 -43.40 -32.25
CA GLY E 207 131.91 -44.67 -32.78
C GLY E 207 131.62 -45.75 -31.76
N PHE E 208 131.78 -45.46 -30.47
CA PHE E 208 131.57 -46.50 -29.46
C PHE E 208 130.11 -46.87 -29.36
N GLY E 209 129.84 -48.17 -29.27
CA GLY E 209 128.50 -48.65 -28.98
C GLY E 209 127.47 -48.16 -29.96
N LEU E 210 127.82 -48.08 -31.23
CA LEU E 210 126.90 -47.57 -32.23
C LEU E 210 125.77 -48.57 -32.47
N GLN E 211 124.67 -48.07 -33.04
CA GLN E 211 123.58 -48.95 -33.43
C GLN E 211 124.07 -50.02 -34.39
N ALA E 212 125.01 -49.67 -35.26
CA ALA E 212 125.51 -50.52 -36.35
C ALA E 212 124.49 -50.59 -37.49
N GLY E 213 123.31 -49.99 -37.30
CA GLY E 213 122.37 -49.73 -38.35
C GLY E 213 122.45 -48.32 -38.89
N LEU E 214 123.48 -47.57 -38.52
CA LEU E 214 123.70 -46.21 -39.02
C LEU E 214 122.61 -45.27 -38.57
N PRO F 1 106.29 -55.45 -32.66
CA PRO F 1 105.73 -54.38 -31.83
C PRO F 1 105.66 -53.05 -32.59
N PRO F 2 104.63 -52.24 -32.37
CA PRO F 2 104.55 -50.94 -33.03
C PRO F 2 105.78 -50.11 -32.73
N PRO F 3 106.08 -49.10 -33.55
CA PRO F 3 107.30 -48.31 -33.32
C PRO F 3 107.35 -47.64 -31.96
N GLY F 4 106.20 -47.21 -31.44
CA GLY F 4 106.16 -46.55 -30.15
C GLY F 4 105.97 -47.52 -29.00
N THR F 5 106.99 -48.33 -28.74
CA THR F 5 106.93 -49.35 -27.69
C THR F 5 108.31 -49.52 -27.09
N PRO F 6 108.69 -48.69 -26.14
CA PRO F 6 109.99 -48.87 -25.49
C PRO F 6 110.05 -50.22 -24.81
N PRO F 7 111.19 -50.92 -24.87
CA PRO F 7 111.26 -52.23 -24.24
C PRO F 7 110.95 -52.15 -22.76
N PRO F 8 110.19 -53.09 -22.21
CA PRO F 8 109.95 -53.06 -20.77
C PRO F 8 111.24 -53.18 -19.98
N GLN F 9 111.33 -52.41 -18.90
CA GLN F 9 112.47 -52.51 -18.01
C GLN F 9 112.50 -53.87 -17.34
N THR F 10 113.71 -54.38 -17.10
CA THR F 10 113.87 -55.69 -16.50
C THR F 10 114.91 -55.69 -15.38
N LYS F 11 115.25 -54.52 -14.84
CA LYS F 11 116.21 -54.41 -13.76
C LYS F 11 115.48 -54.11 -12.46
N THR F 12 116.13 -54.45 -11.35
CA THR F 12 115.61 -54.16 -10.03
C THR F 12 116.50 -53.21 -9.23
N LYS F 13 117.62 -52.77 -9.80
CA LYS F 13 118.50 -51.78 -9.17
C LYS F 13 118.95 -50.78 -10.23
N PHE F 14 118.94 -49.50 -9.87
CA PHE F 14 119.22 -48.41 -10.82
C PHE F 14 120.21 -47.41 -10.24
N GLY F 15 121.29 -47.91 -9.62
CA GLY F 15 122.17 -47.09 -8.84
C GLY F 15 123.51 -46.73 -9.45
N PRO F 16 124.18 -47.66 -10.14
CA PRO F 16 125.54 -47.35 -10.61
C PRO F 16 125.62 -46.22 -11.63
N LEU F 17 125.01 -46.38 -12.80
CA LEU F 17 125.30 -45.54 -13.96
C LEU F 17 126.80 -45.52 -14.22
N ALA F 18 127.25 -46.62 -14.81
CA ALA F 18 128.61 -46.79 -15.30
C ALA F 18 129.07 -45.58 -16.11
N ASP F 19 130.38 -45.36 -16.18
CA ASP F 19 130.89 -44.14 -16.79
C ASP F 19 130.58 -44.09 -18.29
N GLU F 20 130.78 -45.21 -18.99
CA GLU F 20 130.55 -45.20 -20.43
C GLU F 20 129.10 -44.89 -20.77
N ASP F 21 128.19 -45.08 -19.83
CA ASP F 21 126.79 -44.79 -20.08
C ASP F 21 126.47 -43.31 -19.94
N ARG F 22 127.38 -42.52 -19.38
CA ARG F 22 127.13 -41.09 -19.27
C ARG F 22 126.98 -40.47 -20.65
N ILE F 23 126.00 -39.59 -20.78
CA ILE F 23 125.76 -38.92 -22.05
C ILE F 23 126.70 -37.73 -22.20
N PHE F 24 126.60 -36.78 -21.27
CA PHE F 24 127.38 -35.55 -21.32
C PHE F 24 128.75 -35.83 -20.73
N THR F 25 129.67 -36.29 -21.58
CA THR F 25 130.98 -36.70 -21.09
C THR F 25 131.87 -35.53 -20.70
N ASN F 26 131.53 -34.32 -21.12
CA ASN F 26 132.31 -33.12 -20.80
C ASN F 26 131.54 -32.20 -19.87
N LEU F 27 130.79 -32.77 -18.93
CA LEU F 27 129.95 -31.96 -18.07
C LEU F 27 130.79 -30.98 -17.25
N TYR F 28 131.90 -31.45 -16.70
CA TYR F 28 132.71 -30.63 -15.81
C TYR F 28 133.78 -29.82 -16.55
N GLY F 29 133.77 -29.84 -17.88
CA GLY F 29 134.70 -29.02 -18.63
C GLY F 29 136.14 -29.41 -18.43
N ARG F 30 136.41 -30.70 -18.30
CA ARG F 30 137.77 -31.19 -18.10
C ARG F 30 138.52 -31.38 -19.41
N HIS F 31 137.88 -31.20 -20.56
CA HIS F 31 138.49 -31.42 -21.85
C HIS F 31 138.25 -30.21 -22.74
N ASP F 32 138.70 -30.30 -23.99
CA ASP F 32 138.51 -29.22 -24.94
C ASP F 32 137.07 -29.23 -25.43
N TRP F 33 136.40 -28.09 -25.27
CA TRP F 33 135.02 -27.94 -25.72
C TRP F 33 134.93 -27.50 -27.17
N ARG F 34 136.05 -27.31 -27.86
CA ARG F 34 136.04 -26.84 -29.22
C ARG F 34 135.64 -27.97 -30.17
N LEU F 35 135.65 -27.68 -31.47
CA LEU F 35 135.26 -28.68 -32.45
C LEU F 35 136.26 -29.82 -32.52
N LYS F 36 137.56 -29.51 -32.45
CA LYS F 36 138.55 -30.58 -32.38
C LYS F 36 138.34 -31.42 -31.13
N GLY F 37 138.09 -30.77 -29.99
CA GLY F 37 137.86 -31.51 -28.76
C GLY F 37 136.61 -32.38 -28.84
N ALA F 38 135.51 -31.80 -29.31
CA ALA F 38 134.28 -32.57 -29.41
C ALA F 38 134.39 -33.68 -30.45
N LEU F 39 135.06 -33.39 -31.56
CA LEU F 39 135.25 -34.43 -32.58
C LEU F 39 135.98 -35.63 -32.01
N LYS F 40 136.98 -35.39 -31.16
CA LYS F 40 137.65 -36.50 -30.51
C LYS F 40 136.72 -37.24 -29.56
N ARG F 41 135.59 -36.63 -29.18
CA ARG F 41 134.55 -37.32 -28.44
C ARG F 41 133.43 -37.82 -29.34
N GLY F 42 133.55 -37.64 -30.66
CA GLY F 42 132.57 -38.16 -31.60
C GLY F 42 131.22 -37.49 -31.54
N ASP F 43 131.18 -36.17 -31.35
CA ASP F 43 129.90 -35.48 -31.24
C ASP F 43 129.25 -35.30 -32.62
N TRP F 44 130.04 -35.03 -33.65
CA TRP F 44 129.51 -34.82 -34.99
C TRP F 44 129.72 -36.03 -35.87
N TYR F 45 129.65 -37.23 -35.29
CA TYR F 45 130.01 -38.45 -35.98
C TYR F 45 128.79 -39.07 -36.64
N LYS F 46 128.92 -39.39 -37.92
CA LYS F 46 127.86 -40.04 -38.69
C LYS F 46 126.57 -39.22 -38.67
N THR F 47 126.68 -37.90 -38.58
CA THR F 47 125.47 -37.08 -38.57
C THR F 47 124.79 -37.08 -39.93
N LYS F 48 125.57 -37.16 -41.01
CA LYS F 48 124.97 -37.29 -42.33
C LYS F 48 124.13 -38.54 -42.42
N GLU F 49 124.65 -39.64 -41.89
CA GLU F 49 124.02 -40.94 -42.10
C GLU F 49 122.72 -41.02 -41.31
N ILE F 50 122.70 -40.46 -40.10
CA ILE F 50 121.47 -40.42 -39.32
C ILE F 50 120.40 -39.62 -40.05
N VAL F 51 120.78 -38.47 -40.59
CA VAL F 51 119.79 -37.58 -41.19
C VAL F 51 119.14 -38.24 -42.39
N LEU F 52 119.93 -38.94 -43.21
CA LEU F 52 119.41 -39.53 -44.44
C LEU F 52 118.58 -40.77 -44.20
N LYS F 53 118.52 -41.29 -42.96
CA LYS F 53 117.60 -42.38 -42.67
C LYS F 53 116.17 -41.97 -42.94
N GLY F 54 115.79 -40.77 -42.52
CA GLY F 54 114.44 -40.29 -42.68
C GLY F 54 113.92 -39.77 -41.35
N ALA F 55 113.08 -38.74 -41.42
CA ALA F 55 112.49 -38.19 -40.22
C ALA F 55 111.66 -39.25 -39.49
N ASP F 56 110.88 -40.03 -40.24
CA ASP F 56 110.04 -41.04 -39.62
C ASP F 56 110.87 -42.06 -38.85
N TRP F 57 112.01 -42.47 -39.42
CA TRP F 57 112.88 -43.40 -38.71
C TRP F 57 113.40 -42.78 -37.43
N ILE F 58 113.79 -41.51 -37.48
CA ILE F 58 114.33 -40.86 -36.28
C ILE F 58 113.30 -40.83 -35.18
N VAL F 59 112.06 -40.51 -35.51
CA VAL F 59 111.02 -40.40 -34.48
C VAL F 59 110.80 -41.75 -33.82
N ASN F 60 110.70 -42.82 -34.62
CA ASN F 60 110.43 -44.12 -34.04
C ASN F 60 111.54 -44.56 -33.10
N GLU F 61 112.77 -44.11 -33.34
CA GLU F 61 113.82 -44.33 -32.37
C GLU F 61 113.51 -43.60 -31.08
N ILE F 62 112.99 -42.38 -31.17
CA ILE F 62 112.76 -41.58 -29.98
C ILE F 62 111.62 -42.16 -29.16
N LYS F 63 110.53 -42.57 -29.81
CA LYS F 63 109.46 -43.24 -29.07
C LYS F 63 109.98 -44.52 -28.43
N THR F 64 110.79 -45.29 -29.17
CA THR F 64 111.41 -46.47 -28.59
C THR F 64 112.31 -46.10 -27.42
N SER F 65 112.96 -44.94 -27.47
CA SER F 65 113.75 -44.48 -26.35
C SER F 65 112.89 -44.18 -25.14
N GLY F 66 111.61 -43.88 -25.33
CA GLY F 66 110.77 -43.50 -24.21
C GLY F 66 111.29 -42.28 -23.49
N LEU F 67 111.84 -41.32 -24.23
CA LEU F 67 112.43 -40.13 -23.64
C LEU F 67 111.33 -39.13 -23.31
N ARG F 68 111.16 -38.83 -22.03
CA ARG F 68 110.24 -37.80 -21.60
C ARG F 68 110.99 -36.50 -21.43
N GLY F 69 110.34 -35.40 -21.77
CA GLY F 69 110.97 -34.10 -21.74
C GLY F 69 111.58 -33.73 -20.40
N ARG F 70 112.81 -33.22 -20.43
CA ARG F 70 113.47 -32.78 -19.21
C ARG F 70 113.07 -31.37 -18.80
N GLY F 71 112.30 -30.66 -19.61
CA GLY F 71 112.01 -29.27 -19.33
C GLY F 71 111.32 -29.07 -18.00
N GLY F 72 110.46 -30.01 -17.62
CA GLY F 72 109.77 -29.94 -16.35
C GLY F 72 108.35 -30.46 -16.41
N ALA F 73 107.73 -30.37 -17.59
CA ALA F 73 106.42 -30.98 -17.76
C ALA F 73 106.52 -32.50 -17.87
N GLY F 74 107.51 -32.99 -18.60
CA GLY F 74 107.70 -34.42 -18.75
C GLY F 74 106.83 -35.09 -19.80
N PHE F 75 106.20 -34.32 -20.67
CA PHE F 75 105.33 -34.92 -21.68
C PHE F 75 106.20 -35.76 -22.64
N PRO F 76 105.81 -36.99 -22.95
CA PRO F 76 106.67 -37.83 -23.81
C PRO F 76 107.09 -37.14 -25.09
N SER F 77 108.39 -37.19 -25.38
CA SER F 77 108.93 -36.44 -26.51
C SER F 77 108.45 -37.02 -27.83
N GLY F 78 108.43 -38.34 -27.95
CA GLY F 78 108.02 -39.00 -29.17
C GLY F 78 106.80 -38.39 -29.82
N MET F 79 105.71 -38.33 -29.07
CA MET F 79 104.49 -37.70 -29.60
C MET F 79 104.75 -36.24 -29.93
N LYS F 80 105.42 -35.53 -29.03
CA LYS F 80 105.63 -34.10 -29.20
C LYS F 80 106.31 -33.79 -30.53
N TRP F 81 107.26 -34.63 -30.92
CA TRP F 81 108.00 -34.44 -32.16
C TRP F 81 107.26 -35.02 -33.36
N SER F 82 106.12 -35.68 -33.14
CA SER F 82 105.31 -36.21 -34.21
C SER F 82 104.18 -35.29 -34.62
N PHE F 83 103.68 -34.46 -33.70
CA PHE F 83 102.62 -33.53 -34.07
C PHE F 83 103.10 -32.57 -35.14
N MET F 84 104.33 -32.11 -35.04
CA MET F 84 104.89 -31.17 -36.01
C MET F 84 105.37 -31.85 -37.28
N ASN F 85 105.36 -33.17 -37.33
CA ASN F 85 105.76 -33.90 -38.53
C ASN F 85 104.60 -34.08 -39.50
N LYS F 86 103.40 -33.66 -39.13
CA LYS F 86 102.24 -33.78 -40.01
C LYS F 86 102.40 -32.84 -41.21
N PRO F 87 102.38 -33.33 -42.45
CA PRO F 87 102.57 -32.44 -43.61
C PRO F 87 101.26 -31.82 -44.11
N GLY F 88 100.84 -30.75 -43.44
CA GLY F 88 99.55 -30.14 -43.73
C GLY F 88 99.60 -28.73 -44.28
N ASP F 89 100.77 -28.09 -44.27
CA ASP F 89 100.86 -26.67 -44.59
C ASP F 89 102.05 -26.41 -45.50
N GLY F 90 102.03 -25.23 -46.12
CA GLY F 90 103.13 -24.76 -46.94
C GLY F 90 103.86 -23.56 -46.34
N ARG F 91 103.80 -23.42 -45.02
CA ARG F 91 104.52 -22.39 -44.29
C ARG F 91 105.85 -22.93 -43.81
N PRO F 92 106.78 -22.07 -43.42
CA PRO F 92 108.05 -22.57 -42.86
C PRO F 92 107.83 -23.33 -41.57
N LYS F 93 108.90 -23.90 -41.02
CA LYS F 93 108.83 -24.68 -39.80
C LYS F 93 110.06 -24.41 -38.97
N TYR F 94 109.89 -24.19 -37.68
CA TYR F 94 110.98 -23.78 -36.81
C TYR F 94 111.09 -24.73 -35.62
N LEU F 95 112.31 -24.83 -35.09
CA LEU F 95 112.59 -25.63 -33.90
C LEU F 95 113.22 -24.70 -32.87
N VAL F 96 112.46 -24.35 -31.84
CA VAL F 96 112.90 -23.41 -30.83
C VAL F 96 113.46 -24.21 -29.66
N VAL F 97 114.76 -24.14 -29.46
CA VAL F 97 115.40 -24.79 -28.31
C VAL F 97 115.31 -23.84 -27.14
N ASN F 98 114.73 -24.32 -26.05
CA ASN F 98 114.48 -23.49 -24.87
C ASN F 98 115.65 -23.62 -23.92
N ALA F 99 116.63 -22.73 -24.07
CA ALA F 99 117.80 -22.72 -23.20
C ALA F 99 117.60 -21.86 -21.97
N ASP F 100 116.41 -21.34 -21.74
CA ASP F 100 116.13 -20.61 -20.52
C ASP F 100 116.32 -21.52 -19.32
N GLU F 101 116.82 -20.97 -18.23
CA GLU F 101 117.14 -21.74 -17.03
C GLU F 101 116.62 -21.00 -15.80
N GLY F 102 115.36 -20.59 -15.86
CA GLY F 102 114.84 -19.68 -14.86
C GLY F 102 114.59 -20.32 -13.50
N GLU F 103 114.20 -21.59 -13.49
CA GLU F 103 113.67 -22.18 -12.27
C GLU F 103 114.75 -22.22 -11.19
N PRO F 104 114.47 -21.77 -9.96
CA PRO F 104 115.51 -21.76 -8.93
C PRO F 104 116.01 -23.17 -8.64
N GLY F 105 117.28 -23.26 -8.26
CA GLY F 105 117.89 -24.52 -7.94
C GLY F 105 118.38 -25.32 -9.12
N THR F 106 118.14 -24.86 -10.34
CA THR F 106 118.50 -25.59 -11.54
C THR F 106 119.67 -24.88 -12.21
N CYS F 107 120.79 -25.60 -12.36
CA CYS F 107 121.92 -25.12 -13.13
C CYS F 107 122.26 -26.02 -14.31
N LYS F 108 121.55 -27.14 -14.48
CA LYS F 108 121.94 -28.14 -15.46
C LYS F 108 122.07 -27.55 -16.86
N ASP F 109 121.13 -26.70 -17.26
CA ASP F 109 121.18 -26.15 -18.61
C ASP F 109 122.43 -25.30 -18.83
N ARG F 110 122.96 -24.71 -17.76
CA ARG F 110 124.18 -23.94 -17.90
C ARG F 110 125.36 -24.83 -18.27
N GLU F 111 125.38 -26.06 -17.76
CA GLU F 111 126.49 -26.97 -18.05
C GLU F 111 126.53 -27.32 -19.54
N ILE F 112 125.36 -27.63 -20.11
CA ILE F 112 125.33 -28.14 -21.47
C ILE F 112 125.76 -27.09 -22.47
N MET F 113 125.78 -25.81 -22.08
CA MET F 113 126.08 -24.72 -22.98
C MET F 113 127.47 -24.14 -22.80
N ARG F 114 128.14 -24.42 -21.68
CA ARG F 114 129.52 -23.96 -21.54
C ARG F 114 130.53 -24.96 -22.09
N HIS F 115 130.31 -26.26 -21.87
CA HIS F 115 131.32 -27.26 -22.17
C HIS F 115 130.93 -28.27 -23.24
N ASP F 116 129.68 -28.28 -23.70
CA ASP F 116 129.34 -29.10 -24.85
C ASP F 116 128.35 -28.37 -25.75
N PRO F 117 128.67 -27.16 -26.18
CA PRO F 117 127.76 -26.46 -27.10
C PRO F 117 127.56 -27.21 -28.39
N HIS F 118 128.58 -27.91 -28.88
CA HIS F 118 128.44 -28.62 -30.14
C HIS F 118 127.47 -29.77 -30.04
N LYS F 119 127.32 -30.35 -28.84
CA LYS F 119 126.32 -31.39 -28.67
C LYS F 119 124.93 -30.83 -28.87
N LEU F 120 124.69 -29.60 -28.42
CA LEU F 120 123.38 -28.98 -28.62
C LEU F 120 123.16 -28.65 -30.08
N VAL F 121 124.15 -28.05 -30.73
CA VAL F 121 124.02 -27.73 -32.15
C VAL F 121 123.81 -29.00 -32.95
N GLU F 122 124.58 -30.04 -32.64
CA GLU F 122 124.37 -31.34 -33.25
C GLU F 122 122.93 -31.78 -33.07
N GLY F 123 122.43 -31.71 -31.84
CA GLY F 123 121.07 -32.16 -31.58
C GLY F 123 120.02 -31.36 -32.34
N CYS F 124 120.29 -30.08 -32.58
CA CYS F 124 119.35 -29.29 -33.37
C CYS F 124 119.16 -29.89 -34.76
N LEU F 125 120.24 -30.37 -35.36
CA LEU F 125 120.13 -30.90 -36.72
C LEU F 125 119.28 -32.16 -36.75
N ILE F 126 119.59 -33.14 -35.89
CA ILE F 126 118.84 -34.39 -35.90
C ILE F 126 117.38 -34.12 -35.58
N ALA F 127 117.12 -33.32 -34.54
CA ALA F 127 115.75 -32.94 -34.25
C ALA F 127 115.18 -32.11 -35.40
N GLY F 128 116.02 -31.28 -36.01
CA GLY F 128 115.55 -30.48 -37.13
C GLY F 128 114.98 -31.32 -38.25
N ARG F 129 115.67 -32.39 -38.62
CA ARG F 129 115.15 -33.24 -39.69
C ARG F 129 113.90 -33.97 -39.24
N ALA F 130 113.84 -34.39 -37.98
CA ALA F 130 112.65 -35.08 -37.49
C ALA F 130 111.43 -34.20 -37.63
N MET F 131 111.55 -32.93 -37.27
CA MET F 131 110.47 -31.97 -37.48
C MET F 131 110.44 -31.42 -38.89
N GLY F 132 111.52 -31.59 -39.66
CA GLY F 132 111.60 -30.96 -40.96
C GLY F 132 111.63 -29.45 -40.90
N ALA F 133 112.24 -28.89 -39.86
CA ALA F 133 112.22 -27.46 -39.66
C ALA F 133 113.27 -26.78 -40.53
N GLN F 134 112.92 -25.59 -41.04
CA GLN F 134 113.81 -24.85 -41.90
C GLN F 134 114.97 -24.21 -41.16
N ALA F 135 114.83 -24.01 -39.85
CA ALA F 135 115.87 -23.39 -39.04
C ALA F 135 115.50 -23.59 -37.59
N ALA F 136 116.46 -23.32 -36.71
CA ALA F 136 116.26 -23.47 -35.28
C ALA F 136 116.72 -22.22 -34.55
N TYR F 137 115.99 -21.84 -33.52
CA TYR F 137 116.32 -20.71 -32.67
C TYR F 137 116.69 -21.22 -31.29
N ILE F 138 117.75 -20.68 -30.73
CA ILE F 138 118.18 -21.01 -29.38
C ILE F 138 117.86 -19.80 -28.51
N TYR F 139 116.93 -19.96 -27.59
CA TYR F 139 116.55 -18.90 -26.66
C TYR F 139 117.32 -19.11 -25.36
N ILE F 140 118.09 -18.10 -24.98
CA ILE F 140 118.98 -18.18 -23.84
C ILE F 140 118.65 -17.02 -22.91
N ARG F 141 118.81 -17.25 -21.61
CA ARG F 141 118.59 -16.19 -20.63
C ARG F 141 119.39 -14.96 -20.99
N GLY F 142 118.89 -13.80 -20.56
CA GLY F 142 119.68 -12.59 -20.67
C GLY F 142 120.90 -12.62 -19.77
N GLU F 143 120.75 -13.16 -18.56
CA GLU F 143 121.86 -13.18 -17.63
C GLU F 143 122.98 -14.08 -18.11
N PHE F 144 122.65 -15.17 -18.80
CA PHE F 144 123.68 -16.06 -19.34
C PHE F 144 124.34 -15.39 -20.54
N TYR F 145 125.09 -14.33 -20.31
CA TYR F 145 125.69 -13.63 -21.44
C TYR F 145 126.89 -14.38 -21.98
N ASN F 146 127.84 -14.72 -21.11
CA ASN F 146 129.04 -15.40 -21.56
C ASN F 146 128.70 -16.73 -22.22
N GLU F 147 127.73 -17.46 -21.66
CA GLU F 147 127.31 -18.72 -22.28
C GLU F 147 126.78 -18.48 -23.68
N ALA F 148 126.03 -17.39 -23.87
CA ALA F 148 125.53 -17.08 -25.20
C ALA F 148 126.67 -16.86 -26.17
N SER F 149 127.65 -16.03 -25.78
CA SER F 149 128.82 -15.85 -26.62
C SER F 149 129.54 -17.18 -26.83
N ASN F 150 129.69 -17.96 -25.76
CA ASN F 150 130.31 -19.27 -25.91
C ASN F 150 129.52 -20.12 -26.89
N MET F 151 128.19 -20.11 -26.75
CA MET F 151 127.36 -20.84 -27.70
C MET F 151 127.51 -20.26 -29.09
N GLN F 152 127.57 -18.93 -29.20
CA GLN F 152 127.77 -18.32 -30.52
C GLN F 152 129.08 -18.78 -31.13
N LEU F 153 130.12 -18.89 -30.33
CA LEU F 153 131.41 -19.34 -30.84
C LEU F 153 131.31 -20.72 -31.45
N ALA F 154 130.60 -21.63 -30.78
CA ALA F 154 130.44 -22.98 -31.32
C ALA F 154 129.68 -22.96 -32.63
N ILE F 155 128.63 -22.14 -32.73
CA ILE F 155 127.84 -22.11 -33.96
C ILE F 155 128.71 -21.66 -35.12
N ALA F 156 129.50 -20.61 -34.92
CA ALA F 156 130.37 -20.13 -35.99
C ALA F 156 131.32 -21.24 -36.45
N GLU F 157 131.81 -22.04 -35.52
CA GLU F 157 132.65 -23.17 -35.88
C GLU F 157 131.87 -24.15 -36.74
N ALA F 158 130.63 -24.44 -36.37
CA ALA F 158 129.84 -25.39 -37.14
C ALA F 158 129.66 -24.91 -38.57
N TYR F 159 129.42 -23.61 -38.76
CA TYR F 159 129.22 -23.09 -40.11
C TYR F 159 130.46 -23.28 -40.95
N GLN F 160 131.64 -22.98 -40.40
CA GLN F 160 132.86 -23.06 -41.19
C GLN F 160 133.24 -24.50 -41.52
N ALA F 161 132.95 -25.43 -40.62
CA ALA F 161 133.19 -26.84 -40.90
C ALA F 161 132.15 -27.43 -41.85
N GLY F 162 131.16 -26.66 -42.28
CA GLY F 162 130.16 -27.15 -43.19
C GLY F 162 129.12 -28.03 -42.56
N LEU F 163 129.05 -28.07 -41.23
CA LEU F 163 128.12 -28.98 -40.57
C LEU F 163 126.68 -28.48 -40.69
N ILE F 164 126.48 -27.17 -40.64
CA ILE F 164 125.17 -26.55 -40.80
C ILE F 164 125.26 -25.50 -41.90
N GLY F 165 124.14 -24.87 -42.18
CA GLY F 165 124.03 -23.99 -43.31
C GLY F 165 123.61 -24.75 -44.56
N LYS F 166 123.97 -24.20 -45.71
CA LYS F 166 123.67 -24.86 -46.97
C LYS F 166 124.36 -26.21 -47.02
N ASN F 167 123.62 -27.24 -47.38
CA ASN F 167 124.11 -28.62 -47.37
C ASN F 167 124.71 -28.97 -46.01
N ALA F 168 123.85 -28.92 -45.00
CA ALA F 168 124.28 -29.28 -43.65
C ALA F 168 124.73 -30.73 -43.62
N CYS F 169 125.97 -30.95 -43.19
CA CYS F 169 126.55 -32.29 -43.09
C CYS F 169 126.50 -33.06 -44.41
N GLY F 170 126.36 -32.36 -45.53
CA GLY F 170 126.32 -33.03 -46.81
C GLY F 170 125.09 -33.89 -47.03
N THR F 171 123.99 -33.59 -46.34
CA THR F 171 122.76 -34.34 -46.51
C THR F 171 121.85 -33.74 -47.57
N GLY F 172 122.18 -32.57 -48.10
CA GLY F 172 121.26 -31.84 -48.93
C GLY F 172 120.21 -31.08 -48.16
N TYR F 173 120.23 -31.14 -46.83
CA TYR F 173 119.24 -30.49 -46.00
C TYR F 173 119.77 -29.13 -45.56
N ASP F 174 118.97 -28.09 -45.73
CA ASP F 174 119.38 -26.72 -45.47
C ASP F 174 118.92 -26.31 -44.09
N PHE F 175 119.87 -26.01 -43.21
CA PHE F 175 119.56 -25.72 -41.82
C PHE F 175 120.42 -24.57 -41.31
N ASP F 176 119.80 -23.63 -40.62
CA ASP F 176 120.49 -22.51 -40.01
C ASP F 176 120.07 -22.40 -38.55
N VAL F 177 121.04 -22.21 -37.67
CA VAL F 177 120.79 -22.07 -36.24
C VAL F 177 120.98 -20.61 -35.88
N PHE F 178 120.08 -20.10 -35.07
CA PHE F 178 120.14 -18.71 -34.61
C PHE F 178 120.09 -18.68 -33.09
N MET F 179 120.67 -17.64 -32.52
CA MET F 179 120.60 -17.37 -31.10
C MET F 179 119.72 -16.15 -30.87
N HIS F 180 118.92 -16.19 -29.80
CA HIS F 180 118.07 -15.08 -29.44
C HIS F 180 118.21 -14.86 -27.94
N ARG F 181 118.98 -13.84 -27.57
CA ARG F 181 119.20 -13.52 -26.16
C ARG F 181 117.99 -12.76 -25.64
N GLY F 182 117.07 -13.50 -25.02
CA GLY F 182 115.98 -12.85 -24.34
C GLY F 182 116.44 -12.13 -23.09
N ALA F 183 115.78 -11.03 -22.77
CA ALA F 183 116.09 -10.31 -21.55
C ALA F 183 115.57 -11.07 -20.34
N GLY F 184 115.91 -10.58 -19.16
CA GLY F 184 115.63 -11.29 -17.93
C GLY F 184 114.15 -11.39 -17.60
N ALA F 185 113.58 -12.59 -17.74
CA ALA F 185 112.20 -12.82 -17.36
C ALA F 185 112.00 -14.32 -17.17
N TYR F 186 111.67 -14.72 -15.95
CA TYR F 186 111.48 -16.14 -15.67
C TYR F 186 110.35 -16.72 -16.50
N ILE F 187 109.31 -15.95 -16.76
CA ILE F 187 108.15 -16.44 -17.48
C ILE F 187 108.51 -16.87 -18.90
N CYS F 188 109.57 -16.32 -19.47
CA CYS F 188 109.90 -16.62 -20.86
C CYS F 188 110.36 -18.05 -21.07
N GLY F 189 110.44 -18.87 -20.03
CA GLY F 189 110.72 -20.27 -20.20
C GLY F 189 109.49 -21.11 -20.45
N GLU F 190 108.35 -20.49 -20.67
CA GLU F 190 107.11 -21.19 -20.96
C GLU F 190 106.94 -21.23 -22.47
N GLU F 191 106.56 -22.40 -23.00
CA GLU F 191 106.48 -22.59 -24.44
C GLU F 191 105.84 -21.42 -25.16
N THR F 192 104.58 -21.14 -24.85
CA THR F 192 103.89 -20.08 -25.58
C THR F 192 104.45 -18.71 -25.24
N ALA F 193 104.86 -18.50 -23.98
CA ALA F 193 105.47 -17.22 -23.63
C ALA F 193 106.78 -17.03 -24.37
N LEU F 194 107.56 -18.09 -24.49
CA LEU F 194 108.77 -18.06 -25.29
C LEU F 194 108.46 -17.70 -26.73
N ILE F 195 107.44 -18.33 -27.31
CA ILE F 195 107.08 -18.03 -28.69
C ILE F 195 106.71 -16.57 -28.84
N GLU F 196 106.07 -16.00 -27.83
CA GLU F 196 105.67 -14.59 -27.91
C GLU F 196 106.87 -13.67 -27.84
N SER F 197 107.86 -13.99 -26.99
CA SER F 197 109.05 -13.15 -26.91
C SER F 197 109.79 -13.14 -28.24
N LEU F 198 109.96 -14.30 -28.86
CA LEU F 198 110.64 -14.36 -30.15
C LEU F 198 109.91 -13.52 -31.19
N GLU F 199 108.59 -13.43 -31.10
CA GLU F 199 107.84 -12.55 -31.98
C GLU F 199 108.05 -11.09 -31.66
N GLY F 200 108.71 -10.77 -30.55
CA GLY F 200 108.95 -9.40 -30.17
C GLY F 200 107.86 -8.76 -29.36
N LYS F 201 106.79 -9.48 -29.04
CA LYS F 201 105.71 -8.93 -28.24
C LYS F 201 106.17 -8.87 -26.79
N GLN F 202 105.24 -8.53 -25.90
CA GLN F 202 105.59 -8.36 -24.50
C GLN F 202 106.13 -9.64 -23.90
N GLY F 203 105.54 -10.78 -24.24
CA GLY F 203 106.01 -12.05 -23.73
C GLY F 203 105.07 -12.68 -22.73
N LYS F 204 103.77 -12.60 -23.00
CA LYS F 204 102.79 -13.24 -22.13
C LYS F 204 102.37 -14.58 -22.71
N PRO F 205 102.20 -15.63 -21.91
CA PRO F 205 101.79 -16.92 -22.50
C PRO F 205 100.46 -16.83 -23.22
N ARG F 206 100.35 -17.58 -24.30
CA ARG F 206 99.12 -17.70 -25.06
C ARG F 206 98.24 -18.78 -24.45
N LEU F 207 97.04 -18.93 -25.00
CA LEU F 207 96.16 -20.02 -24.65
C LEU F 207 96.39 -21.21 -25.58
N LYS F 208 96.00 -22.39 -25.10
CA LYS F 208 96.15 -23.63 -25.85
C LYS F 208 94.79 -24.31 -25.84
N PRO F 209 94.20 -24.63 -27.01
CA PRO F 209 94.69 -24.49 -28.38
C PRO F 209 94.52 -23.09 -28.91
N PRO F 210 95.16 -22.76 -30.05
CA PRO F 210 95.98 -23.64 -30.89
C PRO F 210 97.32 -23.95 -30.27
N PHE F 211 97.75 -25.19 -30.42
CA PHE F 211 99.02 -25.61 -29.85
C PHE F 211 100.17 -25.14 -30.73
N PRO F 212 101.39 -25.08 -30.18
CA PRO F 212 102.52 -24.58 -30.98
C PRO F 212 102.71 -25.31 -32.29
N ALA F 213 102.33 -26.59 -32.36
CA ALA F 213 102.52 -27.35 -33.59
C ALA F 213 101.69 -26.81 -34.74
N ASP F 214 100.67 -25.99 -34.47
CA ASP F 214 99.87 -25.37 -35.51
C ASP F 214 100.31 -23.93 -35.77
N VAL F 215 100.31 -23.10 -34.73
CA VAL F 215 100.79 -21.73 -34.81
C VAL F 215 101.86 -21.54 -33.76
N GLY F 216 103.03 -21.08 -34.17
CA GLY F 216 104.11 -20.83 -33.25
C GLY F 216 104.78 -19.53 -33.55
N VAL F 217 106.12 -19.51 -33.59
CA VAL F 217 106.82 -18.28 -33.91
C VAL F 217 106.32 -17.77 -35.25
N PHE F 218 105.90 -16.51 -35.27
CA PHE F 218 105.44 -15.87 -36.48
C PHE F 218 104.23 -16.58 -37.06
N GLY F 219 103.48 -17.31 -36.23
CA GLY F 219 102.31 -18.02 -36.69
C GLY F 219 102.58 -19.29 -37.46
N CYS F 220 103.77 -19.85 -37.36
CA CYS F 220 104.16 -21.04 -38.10
C CYS F 220 104.36 -22.22 -37.15
N PRO F 221 104.28 -23.44 -37.65
CA PRO F 221 104.46 -24.60 -36.76
C PRO F 221 105.82 -24.57 -36.09
N THR F 222 105.84 -24.88 -34.80
CA THR F 222 107.07 -24.89 -34.02
C THR F 222 106.99 -25.97 -32.97
N THR F 223 108.16 -26.32 -32.44
CA THR F 223 108.28 -27.33 -31.40
C THR F 223 109.28 -26.82 -30.38
N VAL F 224 108.79 -26.44 -29.21
CA VAL F 224 109.64 -25.90 -28.16
C VAL F 224 110.14 -27.04 -27.31
N THR F 225 111.46 -27.21 -27.25
CA THR F 225 112.07 -28.35 -26.58
C THR F 225 113.25 -27.90 -25.74
N ASN F 226 113.40 -28.48 -24.55
CA ASN F 226 114.48 -28.12 -23.65
C ASN F 226 115.82 -28.63 -24.16
N VAL F 227 116.90 -28.01 -23.69
CA VAL F 227 118.24 -28.32 -24.20
C VAL F 227 118.62 -29.76 -23.89
N GLU F 228 118.33 -30.24 -22.68
CA GLU F 228 118.70 -31.61 -22.34
C GLU F 228 118.01 -32.59 -23.27
N THR F 229 116.76 -32.34 -23.62
CA THR F 229 116.07 -33.19 -24.58
C THR F 229 116.78 -33.19 -25.91
N VAL F 230 117.13 -32.00 -26.42
CA VAL F 230 117.82 -31.93 -27.70
C VAL F 230 119.20 -32.54 -27.60
N ALA F 231 119.96 -32.14 -26.58
CA ALA F 231 121.35 -32.57 -26.48
C ALA F 231 121.47 -34.08 -26.42
N VAL F 232 120.44 -34.76 -25.91
CA VAL F 232 120.44 -36.22 -25.90
C VAL F 232 119.93 -36.80 -27.22
N ALA F 233 119.24 -36.01 -28.02
CA ALA F 233 118.66 -36.51 -29.26
C ALA F 233 119.65 -37.23 -30.16
N PRO F 234 120.86 -36.72 -30.42
CA PRO F 234 121.76 -37.47 -31.32
C PRO F 234 122.27 -38.75 -30.71
N THR F 235 122.69 -38.72 -29.44
CA THR F 235 123.24 -39.91 -28.82
C THR F 235 122.23 -41.05 -28.74
N ILE F 236 120.94 -40.74 -28.75
CA ILE F 236 119.95 -41.80 -28.90
C ILE F 236 120.09 -42.47 -30.26
N CYS F 237 120.23 -41.67 -31.31
CA CYS F 237 120.33 -42.23 -32.64
C CYS F 237 121.60 -43.06 -32.79
N ARG F 238 122.72 -42.56 -32.28
CA ARG F 238 123.97 -43.29 -32.41
C ARG F 238 123.92 -44.61 -31.66
N ARG F 239 123.55 -44.56 -30.38
CA ARG F 239 123.66 -45.71 -29.49
C ARG F 239 122.37 -46.50 -29.39
N GLY F 240 121.38 -46.23 -30.24
CA GLY F 240 120.16 -47.00 -30.23
C GLY F 240 119.17 -46.50 -29.21
N GLY F 241 117.89 -46.50 -29.57
CA GLY F 241 116.87 -46.16 -28.59
C GLY F 241 116.74 -47.20 -27.50
N VAL F 242 116.90 -48.47 -27.85
CA VAL F 242 116.74 -49.55 -26.88
C VAL F 242 117.78 -49.41 -25.77
N TRP F 243 119.00 -48.99 -26.11
CA TRP F 243 120.03 -48.82 -25.11
C TRP F 243 119.60 -47.83 -24.04
N PHE F 244 119.05 -46.69 -24.46
CA PHE F 244 118.56 -45.71 -23.50
C PHE F 244 117.43 -46.28 -22.67
N ALA F 245 116.52 -47.02 -23.30
CA ALA F 245 115.41 -47.62 -22.57
C ALA F 245 115.90 -48.58 -21.50
N SER F 246 117.12 -49.09 -21.63
CA SER F 246 117.64 -50.00 -20.61
C SER F 246 117.65 -49.33 -19.24
N PHE F 247 118.04 -48.07 -19.18
CA PHE F 247 118.10 -47.36 -17.91
C PHE F 247 116.70 -46.90 -17.49
N GLY F 248 116.59 -46.49 -16.24
CA GLY F 248 115.32 -45.97 -15.74
C GLY F 248 114.26 -47.04 -15.68
N ARG F 249 113.19 -46.79 -14.92
CA ARG F 249 112.16 -47.79 -14.78
C ARG F 249 111.35 -47.87 -16.07
N THR F 250 110.32 -48.72 -16.05
CA THR F 250 109.69 -49.17 -17.29
C THR F 250 109.13 -48.01 -18.10
N ARG F 251 108.42 -47.09 -17.44
CA ARG F 251 107.85 -45.93 -18.10
C ARG F 251 108.68 -44.67 -17.88
N ASN F 252 109.85 -44.79 -17.27
CA ASN F 252 110.67 -43.65 -16.86
C ASN F 252 112.12 -43.86 -17.28
N SER F 253 112.32 -44.19 -18.54
CA SER F 253 113.66 -44.46 -19.04
C SER F 253 114.52 -43.20 -19.09
N GLY F 254 115.82 -43.40 -18.99
CA GLY F 254 116.79 -42.38 -19.35
C GLY F 254 117.61 -41.90 -18.17
N THR F 255 118.76 -41.31 -18.49
CA THR F 255 119.61 -40.65 -17.51
C THR F 255 119.17 -39.21 -17.35
N LYS F 256 119.50 -38.64 -16.19
CA LYS F 256 119.04 -37.30 -15.85
C LYS F 256 120.13 -36.55 -15.11
N LEU F 257 120.13 -35.23 -15.27
CA LEU F 257 121.03 -34.36 -14.52
C LEU F 257 120.36 -33.91 -13.24
N PHE F 258 121.11 -33.95 -12.13
CA PHE F 258 120.59 -33.62 -10.81
C PHE F 258 121.48 -32.53 -10.20
N ASN F 259 120.97 -31.31 -10.15
CA ASN F 259 121.67 -30.22 -9.47
C ASN F 259 121.31 -30.27 -8.00
N ILE F 260 122.22 -30.81 -7.17
CA ILE F 260 121.95 -31.03 -5.76
C ILE F 260 122.55 -29.85 -5.00
N SER F 261 121.76 -28.80 -4.83
CA SER F 261 122.11 -27.62 -4.07
C SER F 261 121.55 -27.74 -2.65
N GLY F 262 121.63 -26.65 -1.89
CA GLY F 262 121.11 -26.65 -0.53
C GLY F 262 122.18 -26.91 0.52
N HIS F 263 121.71 -27.23 1.72
CA HIS F 263 122.61 -27.56 2.81
C HIS F 263 123.19 -28.96 2.62
N VAL F 264 124.07 -29.11 1.64
CA VAL F 264 124.78 -30.37 1.43
C VAL F 264 126.27 -30.08 1.55
N ASN F 265 127.03 -31.10 1.93
CA ASN F 265 128.46 -30.90 2.13
C ASN F 265 129.15 -30.48 0.85
N ARG F 266 128.84 -31.17 -0.25
CA ARG F 266 129.51 -30.96 -1.53
C ARG F 266 128.46 -30.75 -2.62
N PRO F 267 127.83 -29.58 -2.67
CA PRO F 267 126.86 -29.32 -3.73
C PRO F 267 127.54 -29.36 -5.09
N CYS F 268 126.84 -29.91 -6.07
CA CYS F 268 127.41 -30.08 -7.41
C CYS F 268 126.31 -30.52 -8.35
N THR F 269 126.67 -30.70 -9.61
CA THR F 269 125.78 -31.22 -10.63
C THR F 269 126.35 -32.54 -11.14
N VAL F 270 125.50 -33.55 -11.22
CA VAL F 270 125.96 -34.89 -11.54
C VAL F 270 124.91 -35.59 -12.38
N GLU F 271 125.35 -36.20 -13.48
CA GLU F 271 124.48 -37.06 -14.26
C GLU F 271 124.33 -38.39 -13.53
N GLU F 272 123.09 -38.86 -13.39
CA GLU F 272 122.85 -40.08 -12.67
C GLU F 272 121.61 -40.74 -13.25
N GLU F 273 121.55 -42.07 -13.15
CA GLU F 273 120.42 -42.81 -13.69
C GLU F 273 119.14 -42.42 -12.95
N MET F 274 118.10 -42.11 -13.70
CA MET F 274 116.83 -41.75 -13.10
C MET F 274 116.14 -42.99 -12.57
N SER F 275 115.36 -42.81 -11.50
CA SER F 275 114.80 -43.85 -10.63
C SER F 275 115.79 -44.34 -9.60
N ILE F 276 116.94 -43.69 -9.46
CA ILE F 276 117.84 -44.03 -8.35
C ILE F 276 117.17 -43.64 -7.04
N PRO F 277 117.32 -44.42 -5.96
CA PRO F 277 116.84 -43.95 -4.66
C PRO F 277 117.57 -42.69 -4.24
N LEU F 278 116.85 -41.77 -3.60
CA LEU F 278 117.42 -40.47 -3.31
C LEU F 278 118.60 -40.58 -2.35
N LYS F 279 118.48 -41.41 -1.31
CA LYS F 279 119.57 -41.54 -0.34
C LYS F 279 120.85 -41.96 -1.02
N GLU F 280 120.78 -42.91 -1.93
CA GLU F 280 121.97 -43.35 -2.64
C GLU F 280 122.59 -42.21 -3.44
N LEU F 281 121.77 -41.27 -3.90
CA LEU F 281 122.28 -40.14 -4.66
C LEU F 281 123.06 -39.17 -3.77
N ILE F 282 122.44 -38.72 -2.68
CA ILE F 282 123.05 -37.66 -1.88
C ILE F 282 124.36 -38.12 -1.28
N GLU F 283 124.45 -39.39 -0.91
CA GLU F 283 125.61 -39.92 -0.21
C GLU F 283 126.59 -40.60 -1.15
N ARG F 284 126.44 -40.41 -2.47
CA ARG F 284 127.34 -40.99 -3.45
C ARG F 284 128.22 -39.96 -4.14
N HIS F 285 127.74 -38.72 -4.31
CA HIS F 285 128.49 -37.70 -5.02
C HIS F 285 128.66 -36.45 -4.18
N CYS F 286 127.66 -36.13 -3.35
CA CYS F 286 127.63 -34.86 -2.64
C CYS F 286 128.10 -34.95 -1.20
N GLY F 287 128.48 -36.14 -0.74
CA GLY F 287 129.00 -36.25 0.61
C GLY F 287 128.00 -35.96 1.70
N GLY F 288 126.73 -36.26 1.46
CA GLY F 288 125.75 -36.26 2.53
C GLY F 288 125.31 -34.88 2.99
N VAL F 289 124.25 -34.85 3.79
CA VAL F 289 123.80 -33.60 4.39
C VAL F 289 124.85 -33.10 5.38
N THR F 290 124.82 -31.79 5.64
CA THR F 290 125.86 -31.17 6.44
C THR F 290 126.02 -31.84 7.80
N GLY F 291 124.92 -32.00 8.52
CA GLY F 291 124.95 -32.60 9.83
C GLY F 291 124.54 -34.06 9.82
N GLY F 292 124.98 -34.79 8.80
CA GLY F 292 124.59 -36.18 8.67
C GLY F 292 123.12 -36.31 8.34
N TRP F 293 122.71 -37.51 7.91
CA TRP F 293 121.35 -37.68 7.43
C TRP F 293 120.30 -37.34 8.48
N ASP F 294 120.66 -37.40 9.76
CA ASP F 294 119.67 -37.13 10.79
C ASP F 294 119.27 -35.66 10.84
N ASN F 295 120.12 -34.75 10.34
CA ASN F 295 119.78 -33.34 10.32
C ASN F 295 118.89 -32.95 9.14
N LEU F 296 118.58 -33.88 8.25
CA LEU F 296 117.69 -33.56 7.14
C LEU F 296 116.34 -33.12 7.67
N LEU F 297 115.76 -32.12 7.02
CA LEU F 297 114.45 -31.60 7.37
C LEU F 297 113.44 -31.72 6.24
N GLY F 298 113.88 -32.15 5.06
CA GLY F 298 113.02 -32.20 3.89
C GLY F 298 113.74 -31.59 2.71
N VAL F 299 113.34 -31.96 1.49
CA VAL F 299 113.97 -31.47 0.29
C VAL F 299 112.90 -31.03 -0.69
N ILE F 300 113.32 -30.23 -1.66
CA ILE F 300 112.45 -29.83 -2.76
C ILE F 300 112.90 -30.62 -4.00
N PRO F 301 112.21 -31.68 -4.38
CA PRO F 301 112.75 -32.56 -5.43
C PRO F 301 113.03 -31.88 -6.75
N GLY F 302 112.27 -30.86 -7.13
CA GLY F 302 112.37 -30.30 -8.46
C GLY F 302 112.56 -28.80 -8.49
N GLY F 303 113.30 -28.26 -7.54
CA GLY F 303 113.34 -26.83 -7.45
C GLY F 303 111.95 -26.32 -7.12
N SER F 304 111.81 -25.00 -7.18
CA SER F 304 110.53 -24.39 -6.89
C SER F 304 109.46 -24.95 -7.83
N SER F 305 108.21 -24.74 -7.48
CA SER F 305 107.08 -25.37 -8.15
C SER F 305 107.05 -26.88 -7.90
N THR F 306 107.63 -27.31 -6.79
CA THR F 306 107.57 -28.70 -6.38
C THR F 306 107.24 -28.75 -4.90
N PRO F 307 106.19 -29.44 -4.47
CA PRO F 307 105.88 -29.47 -3.03
C PRO F 307 107.05 -30.07 -2.26
N ILE F 308 107.34 -29.48 -1.12
CA ILE F 308 108.38 -30.02 -0.26
C ILE F 308 107.97 -31.40 0.21
N ILE F 309 108.95 -32.18 0.65
CA ILE F 309 108.68 -33.48 1.24
C ILE F 309 109.45 -33.58 2.56
N PRO F 310 108.86 -34.11 3.62
CA PRO F 310 109.52 -34.13 4.91
C PRO F 310 110.59 -35.23 4.96
N LYS F 311 111.24 -35.34 6.12
CA LYS F 311 112.35 -36.27 6.24
C LYS F 311 111.89 -37.72 6.09
N ASN F 312 110.76 -38.07 6.69
CA ASN F 312 110.34 -39.47 6.69
C ASN F 312 110.08 -39.97 5.27
N VAL F 313 109.46 -39.14 4.43
CA VAL F 313 109.19 -39.56 3.06
C VAL F 313 110.51 -39.75 2.31
N CYS F 314 111.51 -38.92 2.60
CA CYS F 314 112.79 -39.00 1.91
C CYS F 314 113.50 -40.34 2.15
N ASP F 315 113.11 -41.07 3.20
CA ASP F 315 113.80 -42.32 3.50
C ASP F 315 113.66 -43.33 2.38
N ASP F 316 112.57 -43.26 1.60
CA ASP F 316 112.26 -44.31 0.65
C ASP F 316 111.80 -43.76 -0.70
N VAL F 317 112.09 -42.50 -1.01
CA VAL F 317 111.65 -41.91 -2.25
C VAL F 317 112.50 -42.45 -3.40
N ILE F 318 111.90 -42.46 -4.59
CA ILE F 318 112.59 -42.82 -5.83
C ILE F 318 112.60 -41.60 -6.72
N MET F 319 113.78 -41.16 -7.14
CA MET F 319 113.92 -39.95 -7.94
C MET F 319 113.46 -40.25 -9.36
N ASP F 320 112.14 -40.18 -9.56
CA ASP F 320 111.56 -40.53 -10.84
C ASP F 320 110.18 -39.92 -10.93
N PHE F 321 109.71 -39.75 -12.16
CA PHE F 321 108.39 -39.18 -12.42
C PHE F 321 107.31 -39.93 -11.66
N ASP F 322 107.14 -41.21 -11.96
CA ASP F 322 106.10 -41.99 -11.29
C ASP F 322 106.40 -42.12 -9.80
N GLY F 323 107.66 -42.34 -9.44
CA GLY F 323 107.99 -42.57 -8.04
C GLY F 323 107.64 -41.38 -7.17
N LEU F 324 107.91 -40.17 -7.65
CA LEU F 324 107.63 -38.98 -6.86
C LEU F 324 106.15 -38.63 -6.83
N ILE F 325 105.42 -38.87 -7.92
CA ILE F 325 103.98 -38.62 -7.90
C ILE F 325 103.32 -39.40 -6.79
N ALA F 326 103.83 -40.58 -6.47
CA ALA F 326 103.33 -41.31 -5.32
C ALA F 326 103.52 -40.51 -4.03
N ALA F 327 104.58 -39.72 -3.95
CA ALA F 327 104.88 -38.93 -2.77
C ALA F 327 104.22 -37.55 -2.82
N GLN F 328 103.17 -37.39 -3.62
CA GLN F 328 102.45 -36.12 -3.71
C GLN F 328 103.36 -34.98 -4.13
N THR F 329 104.34 -35.28 -4.98
CA THR F 329 105.28 -34.28 -5.46
C THR F 329 105.75 -34.69 -6.85
N SER F 330 106.27 -33.72 -7.58
CA SER F 330 106.66 -33.93 -8.98
C SER F 330 108.15 -33.74 -9.12
N LEU F 331 108.76 -34.50 -10.04
CA LEU F 331 110.20 -34.40 -10.23
C LEU F 331 110.58 -33.02 -10.75
N GLY F 332 109.79 -32.47 -11.65
CA GLY F 332 110.11 -31.16 -12.19
C GLY F 332 111.45 -31.18 -12.89
N THR F 333 112.31 -30.23 -12.54
CA THR F 333 113.60 -30.07 -13.18
C THR F 333 114.71 -30.87 -12.50
N ALA F 334 114.37 -31.77 -11.57
CA ALA F 334 115.31 -32.70 -10.98
C ALA F 334 116.26 -32.01 -10.01
N ALA F 335 116.19 -30.69 -9.89
CA ALA F 335 117.06 -29.99 -8.95
C ALA F 335 116.59 -30.27 -7.53
N ILE F 336 117.51 -30.71 -6.68
CA ILE F 336 117.23 -30.99 -5.28
C ILE F 336 117.74 -29.81 -4.46
N ILE F 337 116.99 -29.44 -3.44
CA ILE F 337 117.37 -28.37 -2.52
C ILE F 337 117.26 -28.96 -1.12
N VAL F 338 118.37 -29.50 -0.60
CA VAL F 338 118.37 -30.08 0.72
C VAL F 338 118.24 -28.97 1.77
N MET F 339 117.66 -29.30 2.91
CA MET F 339 117.45 -28.34 3.98
C MET F 339 117.76 -29.00 5.32
N ASP F 340 118.83 -28.54 5.96
CA ASP F 340 119.19 -28.99 7.31
C ASP F 340 118.05 -28.67 8.28
N LYS F 341 118.10 -29.31 9.45
CA LYS F 341 117.13 -29.01 10.50
C LYS F 341 117.22 -27.55 10.94
N SER F 342 118.43 -26.99 10.93
CA SER F 342 118.63 -25.59 11.32
C SER F 342 118.27 -24.66 10.17
N THR F 343 117.01 -24.75 9.75
CA THR F 343 116.50 -23.99 8.63
C THR F 343 115.07 -23.57 8.91
N ASP F 344 114.79 -22.29 8.73
CA ASP F 344 113.43 -21.78 8.92
C ASP F 344 112.63 -22.15 7.68
N VAL F 345 111.92 -23.28 7.75
CA VAL F 345 111.20 -23.77 6.58
C VAL F 345 110.17 -22.74 6.13
N ILE F 346 109.50 -22.10 7.08
CA ILE F 346 108.50 -21.10 6.71
C ILE F 346 109.13 -19.98 5.94
N LYS F 347 110.28 -19.49 6.40
CA LYS F 347 110.96 -18.42 5.69
C LYS F 347 111.54 -18.90 4.37
N ALA F 348 111.87 -20.18 4.26
CA ALA F 348 112.35 -20.71 2.98
C ALA F 348 111.25 -20.71 1.94
N ILE F 349 110.08 -21.26 2.29
CA ILE F 349 108.97 -21.28 1.36
C ILE F 349 108.52 -19.86 1.03
N ALA F 350 108.42 -19.01 2.05
CA ALA F 350 107.95 -17.65 1.83
C ALA F 350 108.79 -16.93 0.79
N ARG F 351 110.07 -17.29 0.69
CA ARG F 351 110.91 -16.72 -0.35
C ARG F 351 110.40 -17.13 -1.73
N LEU F 352 110.11 -18.42 -1.91
CA LEU F 352 109.67 -18.88 -3.22
C LEU F 352 108.35 -18.23 -3.62
N ILE F 353 107.42 -18.10 -2.69
CA ILE F 353 106.18 -17.40 -3.02
C ILE F 353 106.49 -15.98 -3.46
N SER F 354 107.41 -15.31 -2.77
CA SER F 354 107.81 -13.99 -3.21
C SER F 354 108.48 -14.05 -4.57
N PHE F 355 109.18 -15.15 -4.87
CA PHE F 355 109.79 -15.28 -6.19
C PHE F 355 108.74 -15.26 -7.29
N TYR F 356 107.71 -16.12 -7.15
CA TYR F 356 106.67 -16.16 -8.18
C TYR F 356 105.96 -14.82 -8.31
N LYS F 357 105.68 -14.17 -7.17
CA LYS F 357 105.04 -12.86 -7.22
C LYS F 357 105.84 -11.88 -8.07
N HIS F 358 107.16 -12.05 -8.11
CA HIS F 358 108.01 -11.19 -8.90
C HIS F 358 108.07 -11.62 -10.37
N GLU F 359 107.57 -12.80 -10.70
CA GLU F 359 107.70 -13.34 -12.04
C GLU F 359 106.39 -13.56 -12.77
N SER F 360 105.26 -13.45 -12.11
CA SER F 360 103.99 -13.56 -12.80
C SER F 360 103.92 -12.54 -13.91
N CYS F 361 103.48 -12.96 -15.09
CA CYS F 361 103.39 -11.99 -16.19
C CYS F 361 102.26 -11.01 -15.94
N GLY F 362 101.33 -11.35 -15.06
CA GLY F 362 100.21 -10.49 -14.75
C GLY F 362 99.06 -10.57 -15.72
N GLN F 363 99.14 -11.42 -16.72
CA GLN F 363 98.11 -11.45 -17.75
C GLN F 363 96.78 -11.89 -17.17
N CYS F 364 96.76 -13.05 -16.51
CA CYS F 364 95.50 -13.69 -16.14
C CYS F 364 95.23 -13.52 -14.64
N THR F 365 93.96 -13.50 -14.29
CA THR F 365 93.56 -12.93 -13.01
C THR F 365 94.12 -13.67 -11.81
N PRO F 366 94.02 -14.99 -11.70
CA PRO F 366 94.46 -15.63 -10.46
C PRO F 366 95.93 -15.37 -10.16
N CYS F 367 96.81 -15.72 -11.07
CA CYS F 367 98.23 -15.52 -10.81
C CYS F 367 98.62 -14.05 -10.80
N ARG F 368 97.88 -13.18 -11.50
CA ARG F 368 98.24 -11.76 -11.47
C ARG F 368 98.25 -11.27 -10.04
N GLU F 369 97.21 -11.58 -9.30
CA GLU F 369 97.01 -11.06 -7.96
C GLU F 369 96.52 -12.06 -6.94
N GLY F 370 96.19 -13.28 -7.33
CA GLY F 370 96.03 -14.33 -6.34
C GLY F 370 97.32 -14.63 -5.62
N ILE F 371 98.42 -14.69 -6.37
CA ILE F 371 99.72 -14.89 -5.74
C ILE F 371 100.06 -13.71 -4.86
N GLY F 372 99.66 -12.51 -5.25
CA GLY F 372 99.86 -11.36 -4.40
C GLY F 372 99.24 -11.54 -3.04
N TRP F 373 98.15 -12.31 -2.97
CA TRP F 373 97.53 -12.59 -1.69
C TRP F 373 98.38 -13.52 -0.85
N MET F 374 98.78 -14.67 -1.41
CA MET F 374 99.57 -15.61 -0.63
C MET F 374 100.86 -14.99 -0.17
N ASN F 375 101.44 -14.09 -0.97
CA ASN F 375 102.66 -13.42 -0.54
C ASN F 375 102.40 -12.61 0.73
N LYS F 376 101.28 -11.89 0.78
CA LYS F 376 100.95 -11.17 1.99
C LYS F 376 100.67 -12.11 3.15
N ILE F 377 99.97 -13.22 2.89
CA ILE F 377 99.68 -14.18 3.94
C ILE F 377 100.97 -14.77 4.47
N MET F 378 101.83 -15.27 3.58
CA MET F 378 103.03 -15.96 4.03
C MET F 378 103.97 -15.03 4.78
N THR F 379 103.97 -13.74 4.45
CA THR F 379 104.78 -12.81 5.21
C THR F 379 104.34 -12.77 6.66
N ARG F 380 103.03 -12.72 6.90
CA ARG F 380 102.55 -12.68 8.27
C ARG F 380 102.78 -13.99 9.00
N PHE F 381 102.78 -15.11 8.27
CA PHE F 381 103.13 -16.38 8.89
C PHE F 381 104.57 -16.36 9.39
N VAL F 382 105.47 -15.80 8.59
CA VAL F 382 106.88 -15.76 8.98
C VAL F 382 107.04 -15.03 10.31
N LYS F 383 106.31 -13.94 10.49
CA LYS F 383 106.32 -13.23 11.77
C LYS F 383 105.44 -13.90 12.81
N GLY F 384 104.59 -14.83 12.41
CA GLY F 384 103.63 -15.40 13.33
C GLY F 384 102.44 -14.53 13.62
N ASP F 385 102.26 -13.44 12.87
CA ASP F 385 101.15 -12.51 13.10
C ASP F 385 99.93 -12.93 12.30
N ALA F 386 99.30 -14.02 12.75
CA ALA F 386 98.14 -14.52 12.05
C ALA F 386 97.38 -15.45 12.98
N GLN F 387 96.13 -15.58 12.73
CA GLN F 387 95.33 -16.50 13.54
C GLN F 387 95.44 -17.91 12.97
N PRO F 388 95.36 -18.94 13.81
CA PRO F 388 95.56 -20.30 13.31
C PRO F 388 94.55 -20.74 12.27
N ALA F 389 93.36 -20.12 12.24
CA ALA F 389 92.37 -20.49 11.23
C ALA F 389 92.80 -20.07 9.83
N GLU F 390 93.74 -19.14 9.71
CA GLU F 390 94.20 -18.71 8.39
C GLU F 390 94.87 -19.84 7.61
N ILE F 391 95.31 -20.89 8.30
CA ILE F 391 95.99 -21.98 7.61
C ILE F 391 95.06 -22.61 6.59
N ASP F 392 93.82 -22.88 6.99
CA ASP F 392 92.88 -23.51 6.07
C ASP F 392 92.53 -22.58 4.93
N MET F 393 92.44 -21.28 5.21
CA MET F 393 92.22 -20.31 4.14
C MET F 393 93.35 -20.38 3.12
N LEU F 394 94.60 -20.34 3.59
CA LEU F 394 95.73 -20.41 2.67
C LEU F 394 95.69 -21.69 1.86
N TRP F 395 95.28 -22.79 2.48
CA TRP F 395 95.02 -24.00 1.72
C TRP F 395 93.92 -23.76 0.71
N GLU F 396 92.89 -23.03 1.10
CA GLU F 396 91.76 -22.78 0.21
C GLU F 396 92.17 -21.95 -1.00
N ILE F 397 92.96 -20.91 -0.79
CA ILE F 397 93.35 -20.04 -1.89
C ILE F 397 94.12 -20.83 -2.93
N SER F 398 94.97 -21.75 -2.49
CA SER F 398 95.76 -22.52 -3.45
C SER F 398 94.87 -23.31 -4.39
N LYS F 399 93.83 -23.95 -3.86
CA LYS F 399 92.92 -24.70 -4.73
C LYS F 399 92.29 -23.81 -5.79
N GLN F 400 92.11 -22.53 -5.50
CA GLN F 400 91.49 -21.65 -6.49
C GLN F 400 92.47 -21.30 -7.61
N ILE F 401 93.76 -21.20 -7.30
CA ILE F 401 94.72 -20.84 -8.34
C ILE F 401 95.08 -22.03 -9.21
N GLU F 402 95.01 -23.25 -8.69
CA GLU F 402 95.43 -24.40 -9.46
C GLU F 402 94.41 -24.69 -10.56
N GLY F 403 94.89 -24.72 -11.80
CA GLY F 403 94.08 -25.14 -12.92
C GLY F 403 93.24 -24.05 -13.55
N HIS F 404 93.18 -22.87 -12.96
CA HIS F 404 92.37 -21.78 -13.50
C HIS F 404 93.18 -20.74 -14.25
N THR F 405 94.49 -20.92 -14.34
CA THR F 405 95.36 -19.95 -14.97
C THR F 405 95.70 -20.38 -16.39
N ILE F 406 96.23 -19.44 -17.16
CA ILE F 406 96.59 -19.73 -18.54
C ILE F 406 97.78 -20.67 -18.59
N CYS F 407 98.92 -20.24 -18.05
CA CYS F 407 100.11 -21.06 -18.09
C CYS F 407 100.19 -21.87 -16.80
N ALA F 408 101.25 -22.66 -16.68
CA ALA F 408 101.45 -23.50 -15.51
C ALA F 408 102.22 -22.82 -14.41
N LEU F 409 102.60 -21.54 -14.59
CA LEU F 409 103.23 -20.83 -13.49
C LEU F 409 102.31 -20.76 -12.29
N GLY F 410 101.02 -20.46 -12.54
CA GLY F 410 100.09 -20.42 -11.43
C GLY F 410 100.01 -21.74 -10.69
N ASP F 411 99.89 -22.84 -11.44
CA ASP F 411 99.92 -24.15 -10.82
C ASP F 411 101.21 -24.36 -10.06
N GLY F 412 102.31 -23.81 -10.57
CA GLY F 412 103.58 -23.93 -9.87
C GLY F 412 103.55 -23.24 -8.53
N ALA F 413 103.05 -22.02 -8.49
CA ALA F 413 103.09 -21.23 -7.26
C ALA F 413 102.21 -21.82 -6.17
N ALA F 414 101.23 -22.65 -6.52
CA ALA F 414 100.35 -23.22 -5.51
C ALA F 414 100.92 -24.47 -4.87
N TRP F 415 101.78 -25.19 -5.56
CA TRP F 415 102.31 -26.42 -4.99
C TRP F 415 103.16 -26.19 -3.76
N PRO F 416 104.09 -25.23 -3.71
CA PRO F 416 104.88 -25.03 -2.49
C PRO F 416 104.04 -24.83 -1.24
N VAL F 417 102.99 -24.02 -1.29
CA VAL F 417 102.21 -23.79 -0.08
C VAL F 417 101.46 -25.05 0.31
N GLN F 418 100.96 -25.81 -0.66
CA GLN F 418 100.27 -27.05 -0.32
C GLN F 418 101.23 -28.05 0.29
N GLY F 419 102.46 -28.12 -0.21
CA GLY F 419 103.45 -28.98 0.40
C GLY F 419 103.80 -28.51 1.80
N LEU F 420 103.88 -27.19 2.00
CA LEU F 420 104.21 -26.67 3.31
C LEU F 420 103.11 -26.99 4.33
N ILE F 421 101.86 -26.68 3.99
CA ILE F 421 100.78 -26.89 4.94
C ILE F 421 100.54 -28.37 5.19
N ARG F 422 100.79 -29.20 4.20
CA ARG F 422 100.47 -30.61 4.31
C ARG F 422 101.47 -31.37 5.17
N HIS F 423 102.65 -30.81 5.43
CA HIS F 423 103.72 -31.51 6.13
C HIS F 423 104.22 -30.79 7.37
N PHE F 424 104.34 -29.46 7.33
CA PHE F 424 104.89 -28.69 8.43
C PHE F 424 103.86 -27.78 9.07
N ARG F 425 102.57 -28.10 8.92
CA ARG F 425 101.54 -27.33 9.59
C ARG F 425 101.77 -27.19 11.09
N PRO F 426 102.15 -28.25 11.82
CA PRO F 426 102.41 -28.07 13.26
C PRO F 426 103.45 -27.01 13.55
N GLU F 427 104.50 -26.94 12.73
CA GLU F 427 105.52 -25.92 12.94
C GLU F 427 104.95 -24.53 12.72
N ILE F 428 104.12 -24.35 11.69
CA ILE F 428 103.50 -23.06 11.46
C ILE F 428 102.65 -22.65 12.65
N GLU F 429 101.88 -23.58 13.19
CA GLU F 429 101.04 -23.27 14.33
C GLU F 429 101.89 -22.84 15.53
N LYS F 430 103.03 -23.50 15.74
CA LYS F 430 103.88 -23.15 16.86
C LYS F 430 104.40 -21.73 16.73
N ARG F 431 104.80 -21.32 15.52
CA ARG F 431 105.28 -19.96 15.33
C ARG F 431 104.20 -18.96 15.72
N MET F 432 102.97 -19.21 15.29
CA MET F 432 101.87 -18.33 15.67
C MET F 432 101.70 -18.32 17.19
N GLN F 433 101.69 -19.51 17.80
CA GLN F 433 101.42 -19.60 19.23
C GLN F 433 102.46 -18.82 20.03
N LEU F 434 103.71 -18.86 19.59
CA LEU F 434 104.73 -18.01 20.22
C LEU F 434 104.39 -16.54 20.04
N HIS F 435 103.96 -16.16 18.85
CA HIS F 435 103.63 -14.76 18.60
C HIS F 435 102.55 -14.26 19.54
N ALA F 436 101.61 -15.14 19.92
CA ALA F 436 100.58 -14.75 20.86
C ALA F 436 101.17 -14.41 22.22
N LYS F 437 102.09 -15.26 22.70
CA LYS F 437 102.65 -15.04 24.03
C LYS F 437 103.49 -13.77 24.08
N ARG F 438 104.42 -13.62 23.14
CA ARG F 438 105.32 -12.47 23.17
C ARG F 438 104.55 -11.17 23.03
N VAL F 439 103.59 -11.11 22.10
CA VAL F 439 102.81 -9.90 21.90
C VAL F 439 101.87 -9.67 23.08
N SER F 440 101.18 -10.72 23.52
CA SER F 440 100.30 -10.58 24.67
C SER F 440 101.08 -10.24 25.94
N ASN F 441 102.19 -10.92 26.16
CA ASN F 441 102.99 -10.70 27.36
C ASN F 441 104.05 -9.63 27.13
N PRO G 39 79.99 -26.11 -43.03
CA PRO G 39 80.09 -27.58 -43.02
C PRO G 39 78.97 -28.23 -42.20
N GLU G 40 79.19 -29.46 -41.76
CA GLU G 40 78.17 -30.20 -41.04
C GLU G 40 78.13 -29.77 -39.59
N LYS G 41 76.92 -29.57 -39.07
CA LYS G 41 76.77 -29.16 -37.69
C LYS G 41 77.31 -30.23 -36.75
N ILE G 42 78.08 -29.80 -35.78
CA ILE G 42 78.58 -30.69 -34.74
C ILE G 42 77.59 -30.69 -33.59
N GLU G 43 77.49 -31.82 -32.91
CA GLU G 43 76.58 -31.98 -31.78
C GLU G 43 77.33 -31.77 -30.48
N VAL G 44 76.80 -30.92 -29.62
CA VAL G 44 77.36 -30.67 -28.30
C VAL G 44 76.23 -30.39 -27.34
N PHE G 45 76.41 -30.80 -26.09
CA PHE G 45 75.37 -30.70 -25.07
C PHE G 45 75.85 -29.74 -24.00
N VAL G 46 75.08 -28.66 -23.79
CA VAL G 46 75.35 -27.70 -22.74
C VAL G 46 74.28 -27.89 -21.68
N ASP G 47 74.70 -28.28 -20.48
CA ASP G 47 73.76 -28.66 -19.42
C ASP G 47 72.82 -29.76 -19.89
N ASP G 48 73.37 -30.69 -20.66
CA ASP G 48 72.67 -31.89 -21.12
C ASP G 48 71.56 -31.59 -22.12
N ILE G 49 71.59 -30.43 -22.76
CA ILE G 49 70.65 -30.05 -23.81
C ILE G 49 71.41 -30.09 -25.13
N PRO G 50 71.04 -30.95 -26.10
CA PRO G 50 71.81 -31.02 -27.33
C PRO G 50 71.74 -29.71 -28.11
N VAL G 51 72.82 -29.41 -28.83
CA VAL G 51 72.90 -28.22 -29.66
C VAL G 51 73.63 -28.58 -30.94
N GLN G 52 73.32 -27.84 -32.01
CA GLN G 52 74.03 -27.94 -33.28
C GLN G 52 74.81 -26.65 -33.50
N VAL G 53 76.10 -26.80 -33.75
CA VAL G 53 76.99 -25.66 -33.94
C VAL G 53 77.93 -25.96 -35.10
N VAL G 54 78.23 -24.96 -35.90
CA VAL G 54 79.24 -25.17 -36.95
C VAL G 54 80.58 -25.43 -36.28
N PRO G 55 81.42 -26.32 -36.81
CA PRO G 55 82.71 -26.55 -36.16
C PRO G 55 83.54 -25.28 -36.09
N GLY G 56 84.25 -25.12 -34.98
CA GLY G 56 84.99 -23.92 -34.68
C GLY G 56 84.29 -22.97 -33.74
N THR G 57 83.00 -23.17 -33.49
CA THR G 57 82.27 -22.32 -32.57
C THR G 57 82.85 -22.43 -31.17
N THR G 58 82.90 -21.31 -30.47
CA THR G 58 83.38 -21.32 -29.10
C THR G 58 82.30 -21.80 -28.15
N VAL G 59 82.73 -22.29 -26.99
CA VAL G 59 81.77 -22.78 -26.00
C VAL G 59 80.83 -21.65 -25.60
N LEU G 60 81.36 -20.44 -25.47
CA LEU G 60 80.53 -19.32 -25.07
C LEU G 60 79.43 -19.07 -26.10
N GLN G 61 79.80 -19.10 -27.38
CA GLN G 61 78.78 -18.92 -28.42
C GLN G 61 77.81 -20.08 -28.44
N ALA G 62 78.29 -21.30 -28.25
CA ALA G 62 77.40 -22.45 -28.29
C ALA G 62 76.34 -22.35 -27.22
N ALA G 63 76.74 -21.96 -26.01
CA ALA G 63 75.77 -21.80 -24.93
C ALA G 63 74.85 -20.61 -25.17
N ALA G 64 75.25 -19.65 -26.01
CA ALA G 64 74.37 -18.54 -26.29
C ALA G 64 73.12 -19.00 -27.03
N GLN G 65 73.26 -19.99 -27.89
CA GLN G 65 72.12 -20.46 -28.67
C GLN G 65 71.02 -21.01 -27.76
N ILE G 66 71.40 -21.76 -26.73
CA ILE G 66 70.40 -22.21 -25.76
C ILE G 66 69.75 -21.03 -25.06
N GLY G 67 70.50 -19.95 -24.88
CA GLY G 67 70.07 -18.84 -24.05
C GLY G 67 70.85 -18.70 -22.77
N VAL G 68 71.94 -19.44 -22.60
CA VAL G 68 72.77 -19.37 -21.40
C VAL G 68 73.83 -18.30 -21.62
N GLU G 69 73.98 -17.39 -20.66
CA GLU G 69 74.97 -16.33 -20.72
C GLU G 69 76.02 -16.61 -19.66
N ILE G 70 77.18 -17.12 -20.09
CA ILE G 70 78.29 -17.32 -19.16
C ILE G 70 78.86 -15.96 -18.79
N PRO G 71 79.26 -15.74 -17.53
CA PRO G 71 79.85 -14.44 -17.18
C PRO G 71 81.13 -14.19 -17.94
N ARG G 72 81.45 -12.93 -18.15
CA ARG G 72 82.61 -12.55 -18.93
C ARG G 72 83.07 -11.18 -18.50
N PHE G 73 84.36 -10.95 -18.58
CA PHE G 73 84.89 -9.60 -18.44
C PHE G 73 85.77 -9.19 -19.62
N CYS G 74 86.64 -10.08 -20.08
CA CYS G 74 87.56 -9.72 -21.14
C CYS G 74 87.00 -9.98 -22.52
N TYR G 75 86.16 -10.99 -22.67
CA TYR G 75 85.58 -11.28 -23.98
C TYR G 75 84.61 -10.17 -24.36
N HIS G 76 84.77 -9.65 -25.57
CA HIS G 76 83.79 -8.77 -26.17
C HIS G 76 83.54 -9.23 -27.59
N GLU G 77 82.30 -9.10 -28.02
CA GLU G 77 81.88 -9.74 -29.26
C GLU G 77 82.55 -9.14 -30.47
N ARG G 78 83.02 -7.90 -30.38
CA ARG G 78 83.59 -7.20 -31.51
C ARG G 78 85.07 -6.89 -31.33
N LEU G 79 85.73 -7.59 -30.42
CA LEU G 79 87.16 -7.43 -30.18
C LEU G 79 87.83 -8.80 -30.24
N ALA G 80 89.12 -8.78 -30.51
CA ALA G 80 89.87 -10.02 -30.59
C ALA G 80 89.76 -10.78 -29.28
N VAL G 81 89.76 -12.11 -29.37
CA VAL G 81 89.58 -12.93 -28.19
C VAL G 81 90.85 -12.90 -27.35
N ALA G 82 90.68 -12.69 -26.05
CA ALA G 82 91.74 -12.83 -25.08
C ALA G 82 91.19 -13.62 -23.90
N GLY G 83 92.09 -14.23 -23.15
CA GLY G 83 91.69 -15.03 -22.01
C GLY G 83 92.22 -14.51 -20.70
N ASN G 84 92.20 -13.21 -20.51
CA ASN G 84 92.79 -12.63 -19.31
C ASN G 84 91.94 -12.91 -18.07
N CYS G 85 90.65 -12.59 -18.13
CA CYS G 85 89.86 -12.51 -16.91
C CYS G 85 89.69 -13.88 -16.26
N ARG G 86 89.52 -14.93 -17.06
CA ARG G 86 89.25 -16.27 -16.56
C ARG G 86 87.93 -16.34 -15.79
N MET G 87 87.05 -15.36 -15.99
CA MET G 87 85.72 -15.47 -15.41
C MET G 87 84.84 -16.44 -16.17
N CYS G 88 85.10 -16.65 -17.45
CA CYS G 88 84.24 -17.49 -18.27
C CYS G 88 84.51 -18.96 -18.08
N LEU G 89 85.32 -19.34 -17.09
CA LEU G 89 85.71 -20.73 -16.93
C LEU G 89 84.47 -21.59 -16.75
N VAL G 90 84.52 -22.80 -17.33
CA VAL G 90 83.36 -23.68 -17.32
C VAL G 90 83.86 -25.11 -17.31
N GLU G 91 83.12 -25.97 -16.65
CA GLU G 91 83.46 -27.38 -16.56
C GLU G 91 83.12 -28.11 -17.85
N VAL G 92 83.90 -29.13 -18.17
CA VAL G 92 83.63 -30.04 -19.28
C VAL G 92 83.75 -31.45 -18.76
N GLU G 93 82.78 -32.30 -19.09
CA GLU G 93 82.80 -33.68 -18.61
C GLU G 93 84.08 -34.36 -19.05
N LYS G 94 84.73 -35.03 -18.09
CA LYS G 94 85.96 -35.77 -18.34
C LYS G 94 87.02 -34.88 -18.98
N SER G 95 87.44 -33.89 -18.21
CA SER G 95 88.57 -33.04 -18.59
C SER G 95 89.36 -32.68 -17.35
N PRO G 96 90.68 -32.50 -17.48
CA PRO G 96 91.50 -32.30 -16.27
C PRO G 96 91.22 -31.00 -15.54
N LYS G 97 90.65 -30.00 -16.18
CA LYS G 97 90.58 -28.67 -15.60
C LYS G 97 89.53 -27.87 -16.33
N PRO G 98 89.06 -26.76 -15.75
CA PRO G 98 88.13 -25.89 -16.46
C PRO G 98 88.77 -25.33 -17.72
N VAL G 99 87.93 -25.03 -18.71
CA VAL G 99 88.36 -24.49 -19.99
C VAL G 99 87.68 -23.16 -20.19
N ALA G 100 88.46 -22.15 -20.59
CA ALA G 100 87.90 -20.83 -20.84
C ALA G 100 86.86 -20.91 -21.93
N ALA G 101 85.62 -20.58 -21.60
CA ALA G 101 84.55 -20.68 -22.59
C ALA G 101 84.78 -19.75 -23.76
N CYS G 102 85.28 -18.54 -23.49
CA CYS G 102 85.41 -17.56 -24.56
C CYS G 102 86.31 -18.04 -25.68
N ALA G 103 87.35 -18.80 -25.34
CA ALA G 103 88.37 -19.17 -26.31
C ALA G 103 88.35 -20.62 -26.74
N MET G 104 87.68 -21.49 -26.00
CA MET G 104 87.71 -22.91 -26.32
C MET G 104 86.84 -23.19 -27.53
N PRO G 105 87.37 -23.74 -28.63
CA PRO G 105 86.49 -24.11 -29.74
C PRO G 105 85.84 -25.45 -29.47
N VAL G 106 84.51 -25.50 -29.68
CA VAL G 106 83.74 -26.68 -29.29
C VAL G 106 84.22 -27.90 -30.05
N MET G 107 84.29 -29.03 -29.36
CA MET G 107 84.64 -30.31 -29.95
C MET G 107 83.46 -31.26 -29.77
N LYS G 108 83.28 -32.13 -30.77
CA LYS G 108 82.06 -32.94 -30.82
C LYS G 108 81.95 -33.85 -29.61
N GLY G 109 80.72 -34.01 -29.12
CA GLY G 109 80.42 -34.93 -28.06
C GLY G 109 80.57 -34.39 -26.65
N TRP G 110 81.07 -33.17 -26.49
CA TRP G 110 81.29 -32.63 -25.16
C TRP G 110 79.97 -32.44 -24.41
N ARG G 111 80.07 -32.51 -23.09
CA ARG G 111 78.96 -32.20 -22.19
C ARG G 111 79.41 -31.03 -21.33
N ILE G 112 79.17 -29.81 -21.81
CA ILE G 112 79.48 -28.62 -21.03
C ILE G 112 78.54 -28.55 -19.83
N LYS G 113 79.06 -28.07 -18.70
CA LYS G 113 78.32 -27.98 -17.45
C LYS G 113 78.46 -26.56 -16.92
N THR G 114 77.53 -25.69 -17.31
CA THR G 114 77.58 -24.31 -16.82
C THR G 114 77.25 -24.24 -15.35
N ASN G 115 76.08 -24.72 -14.97
CA ASN G 115 75.62 -24.61 -13.59
C ASN G 115 75.88 -25.90 -12.82
N SER G 116 77.17 -26.18 -12.62
CA SER G 116 77.62 -27.28 -11.79
C SER G 116 78.37 -26.73 -10.58
N ASP G 117 78.66 -27.62 -9.63
CA ASP G 117 79.37 -27.18 -8.44
C ASP G 117 80.77 -26.72 -8.79
N LEU G 118 81.47 -27.44 -9.67
CA LEU G 118 82.82 -27.03 -10.03
C LEU G 118 82.83 -25.68 -10.72
N THR G 119 81.88 -25.45 -11.64
CA THR G 119 81.82 -24.17 -12.32
C THR G 119 81.50 -23.05 -11.35
N ARG G 120 80.59 -23.29 -10.40
CA ARG G 120 80.24 -22.25 -9.45
C ARG G 120 81.43 -21.88 -8.57
N LYS G 121 82.19 -22.88 -8.12
CA LYS G 121 83.36 -22.58 -7.31
C LYS G 121 84.38 -21.77 -8.08
N ALA G 122 84.59 -22.11 -9.35
CA ALA G 122 85.53 -21.37 -10.16
C ALA G 122 85.17 -19.89 -10.20
N ARG G 123 83.92 -19.57 -10.52
CA ARG G 123 83.51 -18.18 -10.61
C ARG G 123 83.67 -17.48 -9.27
N GLU G 124 83.28 -18.14 -8.18
CA GLU G 124 83.44 -17.53 -6.87
C GLU G 124 84.89 -17.21 -6.60
N GLY G 125 85.80 -18.11 -6.98
CA GLY G 125 87.21 -17.87 -6.75
C GLY G 125 87.69 -16.61 -7.45
N VAL G 126 87.31 -16.43 -8.71
CA VAL G 126 87.81 -15.30 -9.47
C VAL G 126 87.24 -14.00 -8.93
N MET G 127 85.94 -13.97 -8.62
CA MET G 127 85.37 -12.79 -7.97
C MET G 127 86.10 -12.47 -6.68
N GLU G 128 86.31 -13.47 -5.83
CA GLU G 128 87.09 -13.23 -4.62
C GLU G 128 88.47 -12.71 -4.96
N PHE G 129 88.96 -13.02 -6.16
CA PHE G 129 90.26 -12.55 -6.59
C PHE G 129 90.17 -11.16 -7.22
N LEU G 130 89.19 -10.93 -8.08
CA LEU G 130 89.07 -9.62 -8.70
C LEU G 130 88.82 -8.52 -7.68
N LEU G 131 88.10 -8.83 -6.62
CA LEU G 131 87.62 -7.83 -5.68
C LEU G 131 88.58 -7.57 -4.53
N MET G 132 89.77 -8.16 -4.53
CA MET G 132 90.75 -7.80 -3.51
C MET G 132 91.11 -6.33 -3.60
N ASN G 133 91.66 -5.93 -4.74
CA ASN G 133 92.29 -4.63 -4.88
C ASN G 133 91.38 -3.60 -5.53
N HIS G 134 90.13 -3.92 -5.83
CA HIS G 134 89.23 -2.89 -6.28
C HIS G 134 89.09 -1.85 -5.18
N PRO G 135 89.06 -0.56 -5.49
CA PRO G 135 89.36 0.46 -4.50
C PRO G 135 88.20 0.86 -3.59
N LEU G 136 87.07 0.17 -3.58
CA LEU G 136 86.02 0.48 -2.62
C LEU G 136 85.47 1.88 -2.86
N ASP G 137 85.04 2.12 -4.10
CA ASP G 137 84.66 3.45 -4.56
C ASP G 137 83.25 3.54 -5.09
N CYS G 138 82.43 2.51 -4.95
CA CYS G 138 81.13 2.50 -5.61
C CYS G 138 80.32 3.76 -5.36
N PRO G 139 80.26 4.33 -4.16
CA PRO G 139 79.49 5.56 -3.98
C PRO G 139 79.96 6.72 -4.84
N ILE G 140 81.24 6.81 -5.18
CA ILE G 140 81.76 7.93 -5.95
C ILE G 140 82.19 7.50 -7.35
N CYS G 141 81.77 6.33 -7.80
CA CYS G 141 82.19 5.79 -9.08
C CYS G 141 81.04 5.90 -10.06
N ASP G 142 81.30 6.50 -11.23
CA ASP G 142 80.23 6.74 -12.18
C ASP G 142 79.56 5.45 -12.61
N GLN G 143 80.30 4.36 -12.67
CA GLN G 143 79.73 3.10 -13.15
C GLN G 143 78.69 2.53 -12.20
N GLY G 144 78.62 3.00 -10.97
CA GLY G 144 77.75 2.40 -9.98
C GLY G 144 76.34 2.26 -10.48
N GLY G 145 75.72 1.12 -10.19
CA GLY G 145 74.42 0.82 -10.75
C GLY G 145 74.44 0.42 -12.21
N GLU G 146 75.61 0.43 -12.83
CA GLU G 146 75.75 0.04 -14.23
C GLU G 146 77.01 -0.80 -14.43
N CYS G 147 77.56 -1.32 -13.35
CA CYS G 147 78.90 -1.89 -13.35
C CYS G 147 78.83 -3.39 -13.52
N ASP G 148 79.60 -3.91 -14.47
CA ASP G 148 79.66 -5.36 -14.64
C ASP G 148 80.26 -6.02 -13.41
N LEU G 149 81.29 -5.42 -12.83
CA LEU G 149 81.92 -6.03 -11.67
C LEU G 149 80.95 -6.11 -10.50
N GLN G 150 80.02 -5.17 -10.40
CA GLN G 150 78.98 -5.26 -9.39
C GLN G 150 77.99 -6.36 -9.73
N ASP G 151 77.40 -6.29 -10.92
CA ASP G 151 76.31 -7.19 -11.25
C ASP G 151 76.76 -8.64 -11.26
N GLN G 152 77.95 -8.90 -11.79
CA GLN G 152 78.44 -10.27 -11.79
C GLN G 152 78.91 -10.72 -10.41
N ALA G 153 79.29 -9.78 -9.55
CA ALA G 153 79.59 -10.16 -8.17
C ALA G 153 78.34 -10.67 -7.46
N MET G 154 77.21 -9.98 -7.64
CA MET G 154 75.96 -10.45 -7.03
C MET G 154 75.57 -11.80 -7.59
N ALA G 155 75.58 -11.94 -8.91
CA ALA G 155 75.00 -13.12 -9.53
C ALA G 155 75.82 -14.36 -9.25
N PHE G 156 77.14 -14.24 -9.21
CA PHE G 156 78.01 -15.41 -9.13
C PHE G 156 78.96 -15.38 -7.95
N GLY G 157 79.51 -14.22 -7.61
CA GLY G 157 80.52 -14.17 -6.57
C GLY G 157 79.96 -14.49 -5.20
N SER G 158 80.87 -14.69 -4.27
CA SER G 158 80.50 -14.98 -2.89
C SER G 158 80.08 -13.70 -2.18
N ASP G 159 79.45 -13.87 -1.02
CA ASP G 159 78.95 -12.73 -0.26
C ASP G 159 79.96 -12.19 0.74
N ARG G 160 80.82 -13.05 1.29
CA ARG G 160 81.79 -12.61 2.29
C ARG G 160 83.06 -12.11 1.60
N SER G 161 83.96 -11.59 2.42
CA SER G 161 85.31 -11.22 2.00
C SER G 161 86.29 -11.88 2.96
N ARG G 162 87.22 -12.64 2.40
CA ARG G 162 88.26 -13.27 3.20
C ARG G 162 89.53 -12.44 3.27
N PHE G 163 89.55 -11.26 2.67
CA PHE G 163 90.77 -10.46 2.60
C PHE G 163 91.05 -9.85 3.95
N THR G 164 91.60 -10.66 4.85
CA THR G 164 91.96 -10.19 6.18
C THR G 164 93.03 -9.12 6.13
N ASP G 165 93.84 -9.07 5.09
CA ASP G 165 95.04 -8.24 5.05
C ASP G 165 94.73 -6.77 4.83
N ILE G 166 93.46 -6.35 4.91
CA ILE G 166 93.17 -4.93 4.82
C ILE G 166 93.80 -4.20 5.99
N ASN G 167 93.92 -4.86 7.13
CA ASN G 167 94.38 -4.22 8.36
C ASN G 167 95.88 -4.24 8.54
N TYR G 168 96.63 -4.89 7.63
CA TYR G 168 98.08 -4.97 7.77
C TYR G 168 98.82 -4.23 6.66
N THR G 169 98.59 -4.59 5.40
CA THR G 169 99.32 -4.02 4.27
C THR G 169 98.44 -3.23 3.34
N GLY G 170 97.12 -3.34 3.47
CA GLY G 170 96.23 -2.56 2.65
C GLY G 170 96.16 -3.11 1.24
N LYS G 171 95.33 -2.45 0.44
CA LYS G 171 95.08 -2.85 -0.93
C LYS G 171 96.13 -2.20 -1.82
N ARG G 172 95.96 -2.33 -3.12
CA ARG G 172 96.84 -1.72 -4.10
C ARG G 172 96.25 -0.38 -4.54
N ALA G 173 97.12 0.55 -4.89
CA ALA G 173 96.69 1.85 -5.39
C ALA G 173 97.61 2.26 -6.52
N VAL G 174 97.03 2.66 -7.64
CA VAL G 174 97.79 2.96 -8.85
C VAL G 174 97.60 4.42 -9.22
N GLU G 175 98.67 5.04 -9.67
CA GLU G 175 98.65 6.43 -10.11
C GLU G 175 97.62 6.63 -11.23
N ASP G 176 97.13 7.85 -11.35
CA ASP G 176 96.18 8.20 -12.39
C ASP G 176 96.89 8.70 -13.65
N LYS G 177 96.15 8.68 -14.76
CA LYS G 177 96.69 9.04 -16.06
C LYS G 177 95.89 10.20 -16.64
N ASP G 178 96.57 11.07 -17.36
CA ASP G 178 95.95 12.21 -18.04
C ASP G 178 95.83 11.86 -19.51
N ILE G 179 94.68 11.30 -19.89
CA ILE G 179 94.47 10.85 -21.25
C ILE G 179 93.86 11.93 -22.15
N GLY G 180 93.14 12.89 -21.58
CA GLY G 180 92.61 13.97 -22.38
C GLY G 180 91.40 14.63 -21.77
N PRO G 181 90.76 15.51 -22.55
CA PRO G 181 89.58 16.24 -22.03
C PRO G 181 88.31 15.43 -22.05
N LEU G 182 88.24 14.33 -22.80
CA LEU G 182 87.01 13.58 -22.96
C LEU G 182 86.89 12.45 -21.95
N VAL G 183 87.99 11.77 -21.63
CA VAL G 183 87.96 10.55 -20.86
C VAL G 183 88.65 10.81 -19.53
N LYS G 184 87.89 10.78 -18.45
CA LYS G 184 88.47 10.75 -17.11
C LYS G 184 89.06 9.38 -16.85
N THR G 185 90.10 9.32 -16.03
CA THR G 185 90.84 8.10 -15.82
C THR G 185 91.15 7.92 -14.35
N ILE G 186 90.62 6.87 -13.75
CA ILE G 186 90.95 6.46 -12.39
C ILE G 186 91.45 5.03 -12.48
N MET G 187 92.75 4.85 -12.65
CA MET G 187 93.30 3.55 -12.98
C MET G 187 93.28 2.58 -11.82
N THR G 188 93.03 3.04 -10.60
CA THR G 188 93.00 2.09 -9.49
C THR G 188 91.85 1.11 -9.60
N ARG G 189 90.81 1.43 -10.36
CA ARG G 189 89.67 0.55 -10.54
C ARG G 189 89.84 -0.42 -11.69
N CYS G 190 90.90 -0.31 -12.46
CA CYS G 190 91.07 -1.17 -13.62
C CYS G 190 91.17 -2.62 -13.17
N ILE G 191 90.56 -3.51 -13.94
CA ILE G 191 90.67 -4.95 -13.73
C ILE G 191 91.52 -5.59 -14.81
N HIS G 192 92.23 -4.79 -15.59
CA HIS G 192 93.18 -5.32 -16.58
C HIS G 192 92.49 -6.26 -17.55
N CYS G 193 91.29 -5.91 -17.98
CA CYS G 193 90.62 -6.77 -18.94
C CYS G 193 91.23 -6.62 -20.32
N THR G 194 91.87 -5.48 -20.59
CA THR G 194 92.49 -5.18 -21.87
C THR G 194 91.48 -4.95 -22.97
N ARG G 195 90.21 -4.70 -22.64
CA ARG G 195 89.27 -4.28 -23.67
C ARG G 195 89.71 -2.97 -24.29
N CYS G 196 90.13 -2.01 -23.47
CA CYS G 196 90.56 -0.73 -24.00
C CYS G 196 91.72 -0.89 -24.94
N VAL G 197 92.71 -1.68 -24.55
CA VAL G 197 93.91 -1.85 -25.36
C VAL G 197 93.56 -2.50 -26.68
N ARG G 198 92.75 -3.56 -26.64
CA ARG G 198 92.41 -4.25 -27.87
C ARG G 198 91.62 -3.36 -28.81
N PHE G 199 90.69 -2.58 -28.27
CA PHE G 199 89.90 -1.70 -29.11
C PHE G 199 90.77 -0.65 -29.78
N ALA G 200 91.57 0.07 -29.01
CA ALA G 200 92.38 1.13 -29.58
C ALA G 200 93.35 0.58 -30.61
N SER G 201 93.77 -0.66 -30.46
CA SER G 201 94.70 -1.23 -31.43
C SER G 201 94.00 -1.78 -32.66
N GLU G 202 92.77 -2.25 -32.50
CA GLU G 202 92.08 -2.99 -33.56
C GLU G 202 91.01 -2.18 -34.27
N ILE G 203 90.19 -1.46 -33.53
CA ILE G 203 89.09 -0.71 -34.13
C ILE G 203 89.52 0.70 -34.49
N ALA G 204 90.04 1.46 -33.52
CA ALA G 204 90.52 2.80 -33.82
C ALA G 204 91.86 2.77 -34.52
N GLY G 205 92.68 1.76 -34.26
CA GLY G 205 93.95 1.64 -34.93
C GLY G 205 94.92 2.76 -34.60
N VAL G 206 94.93 3.20 -33.35
CA VAL G 206 95.83 4.28 -32.94
C VAL G 206 97.12 3.74 -32.36
N ASP G 207 97.06 2.63 -31.62
CA ASP G 207 98.26 2.02 -31.02
C ASP G 207 99.03 3.03 -30.17
N ASP G 208 98.30 3.76 -29.33
CA ASP G 208 98.90 4.64 -28.35
C ASP G 208 98.69 4.15 -26.93
N LEU G 209 97.76 3.24 -26.70
CA LEU G 209 97.47 2.67 -25.40
C LEU G 209 98.07 1.28 -25.32
N GLY G 210 98.41 0.85 -24.10
CA GLY G 210 99.06 -0.43 -23.97
C GLY G 210 99.26 -0.81 -22.52
N THR G 211 100.01 -1.88 -22.33
CA THR G 211 100.25 -2.48 -21.03
C THR G 211 101.72 -2.34 -20.67
N THR G 212 101.99 -1.90 -19.45
CA THR G 212 103.36 -1.73 -18.98
C THR G 212 103.51 -2.38 -17.61
N GLY G 213 104.68 -2.93 -17.35
CA GLY G 213 104.93 -3.59 -16.10
C GLY G 213 104.50 -5.05 -16.14
N ARG G 214 104.53 -5.66 -14.96
CA ARG G 214 104.21 -7.07 -14.83
C ARG G 214 103.78 -7.34 -13.39
N GLY G 215 103.16 -8.48 -13.18
CA GLY G 215 102.69 -8.77 -11.84
C GLY G 215 101.63 -7.76 -11.43
N ASN G 216 101.49 -7.60 -10.11
CA ASN G 216 100.51 -6.65 -9.60
C ASN G 216 100.78 -5.23 -10.08
N ASP G 217 102.04 -4.89 -10.30
CA ASP G 217 102.39 -3.54 -10.70
C ASP G 217 102.13 -3.27 -12.17
N MET G 218 101.45 -4.19 -12.85
CA MET G 218 101.04 -3.95 -14.22
C MET G 218 100.10 -2.76 -14.27
N GLN G 219 100.22 -1.95 -15.33
CA GLN G 219 99.33 -0.83 -15.51
C GLN G 219 99.01 -0.67 -16.99
N ILE G 220 97.82 -0.18 -17.27
CA ILE G 220 97.38 0.12 -18.63
C ILE G 220 97.41 1.63 -18.80
N GLY G 221 98.07 2.09 -19.84
CA GLY G 221 98.09 3.50 -20.17
C GLY G 221 99.37 3.87 -20.87
N THR G 222 99.35 5.04 -21.49
CA THR G 222 100.54 5.57 -22.14
C THR G 222 101.69 5.66 -21.15
N TYR G 223 102.88 5.27 -21.61
CA TYR G 223 104.07 5.43 -20.77
C TYR G 223 104.36 6.88 -20.53
N VAL G 224 104.33 7.69 -21.59
CA VAL G 224 104.55 9.12 -21.52
C VAL G 224 103.21 9.80 -21.74
N GLU G 225 102.92 10.81 -20.92
CA GLU G 225 101.61 11.43 -20.97
C GLU G 225 101.31 11.96 -22.36
N LYS G 226 100.16 11.58 -22.89
CA LYS G 226 99.76 11.93 -24.25
C LYS G 226 98.25 12.14 -24.25
N LEU G 227 97.73 12.52 -25.40
CA LEU G 227 96.29 12.63 -25.61
C LEU G 227 95.83 11.48 -26.49
N PHE G 228 94.84 10.74 -26.02
CA PHE G 228 94.23 9.68 -26.81
C PHE G 228 93.24 10.33 -27.77
N LEU G 229 93.77 10.84 -28.87
CA LEU G 229 93.02 11.66 -29.80
C LEU G 229 92.52 10.79 -30.94
N THR G 230 91.21 10.54 -30.95
CA THR G 230 90.59 9.83 -32.07
C THR G 230 89.11 10.14 -32.03
N GLU G 231 88.52 10.27 -33.22
CA GLU G 231 87.09 10.49 -33.33
C GLU G 231 86.29 9.42 -32.61
N LEU G 232 86.83 8.20 -32.53
CA LEU G 232 86.16 7.09 -31.85
C LEU G 232 86.56 6.96 -30.39
N SER G 233 87.29 7.94 -29.84
CA SER G 233 87.80 7.85 -28.48
C SER G 233 86.69 7.55 -27.48
N GLY G 234 85.49 8.08 -27.70
CA GLY G 234 84.44 7.91 -26.73
C GLY G 234 84.10 6.46 -26.45
N ASN G 235 84.15 5.62 -27.49
CA ASN G 235 83.71 4.24 -27.35
C ASN G 235 84.48 3.48 -26.30
N VAL G 236 85.69 3.94 -25.95
CA VAL G 236 86.42 3.29 -24.87
C VAL G 236 85.62 3.36 -23.58
N ILE G 237 84.92 4.46 -23.36
CA ILE G 237 84.18 4.66 -22.12
C ILE G 237 83.13 3.59 -21.95
N ASP G 238 82.62 3.03 -23.04
CA ASP G 238 81.61 1.99 -22.96
C ASP G 238 82.21 0.59 -22.85
N LEU G 239 83.43 0.40 -23.33
CA LEU G 239 84.03 -0.93 -23.27
C LEU G 239 84.53 -1.26 -21.88
N CYS G 240 85.10 -0.29 -21.19
CA CYS G 240 85.70 -0.55 -19.89
C CYS G 240 84.60 -0.97 -18.92
N PRO G 241 84.52 -2.26 -18.55
CA PRO G 241 83.38 -2.70 -17.74
C PRO G 241 83.37 -2.13 -16.35
N VAL G 242 84.47 -1.55 -15.90
CA VAL G 242 84.56 -0.95 -14.58
C VAL G 242 84.75 0.54 -14.77
N GLY G 243 84.81 1.29 -13.68
CA GLY G 243 84.81 2.73 -13.77
C GLY G 243 86.17 3.35 -13.98
N ALA G 244 87.13 2.58 -14.47
CA ALA G 244 88.47 3.12 -14.67
C ALA G 244 88.46 4.22 -15.71
N LEU G 245 87.91 3.95 -16.88
CA LEU G 245 87.76 4.94 -17.94
C LEU G 245 86.30 5.35 -18.00
N THR G 246 86.05 6.65 -17.97
CA THR G 246 84.68 7.12 -17.90
C THR G 246 84.56 8.51 -18.49
N ASN G 247 83.33 8.84 -18.87
CA ASN G 247 83.01 10.11 -19.51
C ASN G 247 83.34 11.27 -18.58
N LYS G 248 84.16 12.21 -19.03
CA LYS G 248 84.52 13.33 -18.17
C LYS G 248 83.45 14.41 -18.17
N PRO G 249 82.94 14.85 -19.32
CA PRO G 249 81.88 15.87 -19.28
C PRO G 249 80.65 15.45 -18.53
N TYR G 250 80.31 14.17 -18.57
CA TYR G 250 79.13 13.65 -17.90
C TYR G 250 79.36 13.37 -16.43
N SER G 251 80.58 13.61 -15.93
CA SER G 251 80.97 13.15 -14.60
C SER G 251 79.96 13.53 -13.55
N PHE G 252 79.44 12.53 -12.85
CA PHE G 252 78.69 12.68 -11.62
C PHE G 252 77.31 13.28 -11.85
N VAL G 253 76.87 13.42 -13.10
CA VAL G 253 75.64 14.15 -13.37
C VAL G 253 74.43 13.40 -12.84
N ALA G 254 74.43 12.07 -12.92
CA ALA G 254 73.27 11.30 -12.51
C ALA G 254 73.68 9.86 -12.30
N ARG G 255 72.69 9.00 -12.08
CA ARG G 255 72.86 7.58 -11.83
C ARG G 255 72.00 6.79 -12.80
N PRO G 256 72.34 5.52 -13.05
CA PRO G 256 71.58 4.76 -14.05
C PRO G 256 70.12 4.59 -13.73
N TRP G 257 69.79 4.11 -12.52
CA TRP G 257 68.39 3.81 -12.23
C TRP G 257 67.49 5.01 -12.42
N GLU G 258 68.02 6.22 -12.18
CA GLU G 258 67.23 7.42 -12.37
C GLU G 258 66.82 7.61 -13.82
N ILE G 259 67.68 7.20 -14.75
CA ILE G 259 67.54 7.61 -16.14
C ILE G 259 66.31 6.98 -16.78
N ARG G 260 65.64 7.75 -17.61
CA ARG G 260 64.62 7.25 -18.53
C ARG G 260 65.20 7.22 -19.93
N LYS G 261 65.33 6.03 -20.49
CA LYS G 261 66.02 5.84 -21.76
C LYS G 261 65.07 6.11 -22.91
N VAL G 262 65.56 6.82 -23.93
CA VAL G 262 64.75 7.25 -25.06
C VAL G 262 65.53 6.92 -26.32
N SER G 263 65.15 5.84 -27.00
CA SER G 263 65.84 5.44 -28.22
C SER G 263 65.59 6.46 -29.31
N SER G 264 66.68 6.96 -29.89
CA SER G 264 66.61 8.00 -30.92
C SER G 264 67.68 7.69 -31.95
N ILE G 265 67.97 8.68 -32.79
CA ILE G 265 69.04 8.58 -33.77
C ILE G 265 69.86 9.87 -33.74
N ASP G 266 71.07 9.78 -34.25
CA ASP G 266 71.97 10.92 -34.33
C ASP G 266 71.80 11.63 -35.66
N VAL G 267 72.07 12.94 -35.65
CA VAL G 267 71.87 13.77 -36.83
C VAL G 267 73.09 14.64 -37.10
N LEU G 268 74.02 14.69 -36.15
CA LEU G 268 75.25 15.44 -36.39
C LEU G 268 76.06 14.84 -37.52
N ASP G 269 75.83 13.58 -37.86
CA ASP G 269 76.55 12.89 -38.91
C ASP G 269 75.57 12.19 -39.83
N ALA G 270 76.00 11.95 -41.06
CA ALA G 270 75.10 11.39 -42.06
C ALA G 270 74.81 9.92 -41.84
N VAL G 271 75.66 9.21 -41.09
CA VAL G 271 75.51 7.77 -40.94
C VAL G 271 74.19 7.41 -40.29
N GLY G 272 73.60 8.31 -39.51
CA GLY G 272 72.34 8.02 -38.86
C GLY G 272 72.45 6.93 -37.82
N SER G 273 73.49 6.97 -37.00
CA SER G 273 73.68 5.96 -35.98
C SER G 273 72.55 5.98 -34.96
N ASN G 274 72.10 4.80 -34.56
CA ASN G 274 71.09 4.70 -33.53
C ASN G 274 71.64 5.14 -32.18
N ILE G 275 70.76 5.63 -31.32
CA ILE G 275 71.16 6.31 -30.10
C ILE G 275 70.14 6.00 -29.01
N VAL G 276 70.58 6.08 -27.77
CA VAL G 276 69.70 6.06 -26.60
C VAL G 276 70.01 7.32 -25.81
N VAL G 277 69.16 8.33 -25.92
CA VAL G 277 69.37 9.59 -25.22
C VAL G 277 68.89 9.40 -23.78
N SER G 278 69.81 9.47 -22.83
CA SER G 278 69.46 9.38 -21.43
C SER G 278 68.85 10.70 -20.96
N THR G 279 67.65 10.63 -20.40
CA THR G 279 66.94 11.80 -19.94
C THR G 279 66.53 11.62 -18.48
N ARG G 280 66.54 12.74 -17.75
CA ARG G 280 66.10 12.72 -16.35
C ARG G 280 65.61 14.12 -16.01
N THR G 281 64.31 14.24 -15.78
CA THR G 281 63.69 15.50 -15.39
C THR G 281 63.94 16.58 -16.43
N ASN G 282 63.59 16.29 -17.67
CA ASN G 282 63.56 17.28 -18.73
C ASN G 282 64.96 17.84 -19.03
N GLU G 283 65.92 16.94 -19.23
CA GLU G 283 67.25 17.34 -19.63
C GLU G 283 67.99 16.13 -20.16
N VAL G 284 68.77 16.33 -21.22
CA VAL G 284 69.59 15.27 -21.79
C VAL G 284 70.89 15.21 -21.01
N LEU G 285 71.12 14.09 -20.33
CA LEU G 285 72.37 13.93 -19.60
C LEU G 285 73.49 13.49 -20.52
N ARG G 286 73.30 12.36 -21.19
CA ARG G 286 74.33 11.81 -22.07
C ARG G 286 73.67 11.19 -23.28
N ILE G 287 74.50 10.68 -24.18
CA ILE G 287 74.07 9.97 -25.36
C ILE G 287 74.89 8.69 -25.45
N LEU G 288 74.21 7.57 -25.66
CA LEU G 288 74.82 6.26 -25.68
C LEU G 288 74.51 5.56 -26.99
N PRO G 289 75.33 4.61 -27.40
CA PRO G 289 75.06 3.89 -28.66
C PRO G 289 74.05 2.78 -28.43
N ARG G 290 73.01 2.75 -29.26
CA ARG G 290 72.07 1.65 -29.28
C ARG G 290 72.53 0.64 -30.32
N GLU G 291 72.43 -0.64 -29.98
CA GLU G 291 72.90 -1.68 -30.89
C GLU G 291 72.05 -1.69 -32.14
N ASN G 292 72.71 -1.70 -33.30
CA ASN G 292 72.02 -1.84 -34.58
C ASN G 292 73.06 -2.37 -35.57
N GLU G 293 72.97 -3.66 -35.88
CA GLU G 293 74.01 -4.29 -36.69
C GLU G 293 74.17 -3.62 -38.03
N ASP G 294 73.06 -3.23 -38.65
CA ASP G 294 73.10 -2.79 -40.03
C ASP G 294 73.74 -1.41 -40.18
N VAL G 295 73.63 -0.57 -39.16
CA VAL G 295 74.10 0.81 -39.26
C VAL G 295 75.14 1.10 -38.19
N ASN G 296 74.72 0.99 -36.93
CA ASN G 296 75.50 1.58 -35.86
C ASN G 296 76.65 0.67 -35.44
N GLU G 297 76.36 -0.60 -35.20
CA GLU G 297 77.36 -1.59 -34.78
C GLU G 297 77.81 -1.39 -33.35
N GLU G 298 77.04 -0.67 -32.53
CA GLU G 298 77.32 -0.38 -31.13
C GLU G 298 78.41 0.67 -30.96
N TRP G 299 79.09 1.10 -32.03
CA TRP G 299 80.06 2.17 -31.90
C TRP G 299 79.36 3.52 -32.05
N LEU G 300 80.11 4.59 -31.83
CA LEU G 300 79.55 5.92 -31.99
C LEU G 300 80.64 6.97 -32.05
N ALA G 301 80.64 7.79 -33.08
CA ALA G 301 81.66 8.82 -33.23
C ALA G 301 81.48 9.91 -32.18
N ASP G 302 82.59 10.55 -31.83
CA ASP G 302 82.58 11.48 -30.70
C ASP G 302 81.62 12.64 -30.92
N LYS G 303 81.59 13.19 -32.14
CA LYS G 303 80.75 14.36 -32.38
C LYS G 303 79.29 14.06 -32.05
N SER G 304 78.86 12.82 -32.25
CA SER G 304 77.52 12.44 -31.81
C SER G 304 77.47 12.29 -30.30
N ARG G 305 78.54 11.78 -29.70
CA ARG G 305 78.53 11.45 -28.28
C ARG G 305 78.60 12.68 -27.40
N PHE G 306 79.21 13.77 -27.87
CA PHE G 306 79.43 14.96 -27.07
C PHE G 306 78.79 16.19 -27.70
N ALA G 307 77.66 16.00 -28.38
CA ALA G 307 76.81 17.12 -28.78
C ALA G 307 75.76 17.46 -27.74
N CYS G 308 75.64 16.67 -26.69
CA CYS G 308 74.63 16.92 -25.68
C CYS G 308 74.87 18.21 -24.91
N ASP G 309 76.11 18.72 -24.90
CA ASP G 309 76.36 20.02 -24.30
C ASP G 309 75.89 21.14 -25.21
N GLY G 310 76.01 20.96 -26.52
CA GLY G 310 75.58 21.98 -27.46
C GLY G 310 74.10 22.29 -27.37
N LEU G 311 73.29 21.36 -26.90
CA LEU G 311 71.87 21.59 -26.75
C LEU G 311 71.52 22.40 -25.53
N LYS G 312 72.51 22.89 -24.79
CA LYS G 312 72.29 23.68 -23.59
C LYS G 312 73.01 25.02 -23.66
N ARG G 313 73.28 25.52 -24.86
CA ARG G 313 73.99 26.78 -25.00
C ARG G 313 73.56 27.46 -26.29
N GLN G 314 73.52 28.79 -26.25
CA GLN G 314 73.22 29.61 -27.42
C GLN G 314 71.90 29.20 -28.06
N ARG G 315 70.95 28.78 -27.24
CA ARG G 315 69.69 28.26 -27.74
C ARG G 315 68.70 29.39 -27.91
N LEU G 316 67.88 29.29 -28.97
CA LEU G 316 66.83 30.26 -29.19
C LEU G 316 65.60 29.90 -28.37
N VAL G 317 65.08 30.87 -27.62
CA VAL G 317 64.02 30.63 -26.66
C VAL G 317 62.71 31.32 -27.07
N ALA G 318 62.79 32.53 -27.61
CA ALA G 318 61.60 33.30 -27.93
C ALA G 318 61.69 33.87 -29.34
N PRO G 319 60.56 34.10 -30.00
CA PRO G 319 60.61 34.73 -31.33
C PRO G 319 61.21 36.12 -31.22
N MET G 320 61.99 36.49 -32.23
CA MET G 320 62.71 37.75 -32.23
C MET G 320 62.51 38.44 -33.57
N VAL G 321 62.42 39.77 -33.55
CA VAL G 321 62.09 40.55 -34.72
C VAL G 321 63.01 41.77 -34.79
N ARG G 322 63.42 42.11 -36.01
CA ARG G 322 64.26 43.27 -36.23
C ARG G 322 63.45 44.55 -36.07
N MET G 323 63.81 45.38 -35.10
CA MET G 323 63.15 46.67 -34.94
C MET G 323 63.68 47.67 -35.96
N PRO G 324 62.99 48.80 -36.14
CA PRO G 324 63.46 49.77 -37.13
C PRO G 324 64.87 50.28 -36.88
N ASN G 325 65.33 50.29 -35.62
CA ASN G 325 66.68 50.77 -35.35
C ASN G 325 67.73 49.79 -35.87
N GLY G 326 67.48 48.48 -35.69
CA GLY G 326 68.39 47.47 -36.19
C GLY G 326 68.67 46.34 -35.23
N GLU G 327 68.21 46.45 -33.99
CA GLU G 327 68.42 45.40 -33.00
C GLU G 327 67.26 44.42 -33.01
N LEU G 328 67.49 43.26 -32.42
CA LEU G 328 66.45 42.26 -32.25
C LEU G 328 65.82 42.38 -30.87
N GLN G 329 64.49 42.23 -30.83
CA GLN G 329 63.76 42.17 -29.57
C GLN G 329 62.85 40.96 -29.58
N ALA G 330 62.69 40.33 -28.42
CA ALA G 330 61.79 39.20 -28.31
C ALA G 330 60.35 39.66 -28.34
N VAL G 331 59.50 38.89 -29.03
CA VAL G 331 58.09 39.22 -29.18
C VAL G 331 57.26 37.94 -29.08
N GLU G 332 55.96 38.12 -28.87
CA GLU G 332 55.07 36.98 -28.73
C GLU G 332 54.86 36.31 -30.09
N TRP G 333 54.34 35.08 -30.05
CA TRP G 333 54.17 34.31 -31.27
C TRP G 333 53.18 34.98 -32.21
N GLU G 334 52.01 35.35 -31.69
CA GLU G 334 51.00 35.98 -32.53
C GLU G 334 51.56 37.21 -33.24
N GLY G 335 52.39 37.99 -32.54
CA GLY G 335 53.01 39.14 -33.17
C GLY G 335 54.00 38.74 -34.25
N ALA G 336 54.83 37.75 -33.96
CA ALA G 336 55.88 37.36 -34.90
C ALA G 336 55.30 36.82 -36.20
N LEU G 337 54.40 35.84 -36.09
CA LEU G 337 53.84 35.25 -37.30
C LEU G 337 53.11 36.28 -38.14
N ILE G 338 52.48 37.27 -37.50
CA ILE G 338 51.84 38.33 -38.24
C ILE G 338 52.88 39.24 -38.89
N ALA G 339 53.98 39.50 -38.18
CA ALA G 339 55.03 40.33 -38.76
C ALA G 339 55.64 39.66 -39.98
N VAL G 340 55.88 38.36 -39.91
CA VAL G 340 56.41 37.64 -41.07
C VAL G 340 55.38 37.61 -42.18
N ALA G 341 54.10 37.48 -41.82
CA ALA G 341 53.05 37.41 -42.83
C ALA G 341 52.99 38.67 -43.67
N LYS G 342 53.29 39.83 -43.08
CA LYS G 342 53.30 41.06 -43.87
C LYS G 342 54.33 40.99 -44.97
N ALA G 343 55.51 40.47 -44.67
CA ALA G 343 56.54 40.33 -45.70
C ALA G 343 56.06 39.43 -46.83
N ILE G 344 55.41 38.31 -46.49
CA ILE G 344 55.03 37.34 -47.50
C ILE G 344 54.02 37.96 -48.47
N LYS G 345 53.01 38.65 -47.96
CA LYS G 345 52.04 39.29 -48.85
C LYS G 345 52.71 40.35 -49.69
N ALA G 346 53.55 41.18 -49.07
CA ALA G 346 54.26 42.22 -49.82
C ALA G 346 55.34 41.66 -50.73
N ALA G 347 55.86 40.47 -50.42
CA ALA G 347 56.85 39.85 -51.29
C ALA G 347 56.27 39.55 -52.66
N GLY G 348 55.05 39.04 -52.71
CA GLY G 348 54.37 38.82 -53.97
C GLY G 348 54.95 37.70 -54.82
N GLY G 349 55.23 36.55 -54.20
CA GLY G 349 55.62 35.36 -54.92
C GLY G 349 57.10 35.14 -55.05
N GLN G 350 57.92 36.18 -54.86
CA GLN G 350 59.37 36.03 -54.95
C GLN G 350 59.89 35.51 -53.62
N ILE G 351 59.55 34.26 -53.34
CA ILE G 351 59.92 33.59 -52.10
C ILE G 351 60.90 32.49 -52.44
N ALA G 352 61.82 32.22 -51.51
CA ALA G 352 62.74 31.11 -51.66
C ALA G 352 63.05 30.53 -50.29
N GLY G 353 63.40 29.25 -50.27
CA GLY G 353 63.76 28.58 -49.05
C GLY G 353 65.08 27.87 -49.20
N ILE G 354 65.77 27.68 -48.08
CA ILE G 354 67.08 27.05 -48.05
C ILE G 354 67.11 26.11 -46.86
N SER G 355 67.03 24.81 -47.11
CA SER G 355 67.16 23.84 -46.04
C SER G 355 68.58 23.85 -45.49
N GLY G 356 68.72 23.46 -44.23
CA GLY G 356 69.99 23.56 -43.55
C GLY G 356 70.68 22.23 -43.34
N GLN G 357 71.52 22.15 -42.31
CA GLN G 357 72.27 20.93 -42.03
C GLN G 357 71.51 19.99 -41.12
N LEU G 358 70.87 20.51 -40.08
CA LEU G 358 70.11 19.71 -39.13
C LEU G 358 68.63 19.67 -39.45
N ALA G 359 68.24 20.13 -40.63
CA ALA G 359 66.83 20.21 -40.98
C ALA G 359 66.19 18.83 -40.90
N ASP G 360 64.86 18.83 -40.79
CA ASP G 360 64.08 17.62 -40.66
C ASP G 360 63.31 17.35 -41.95
N LEU G 361 63.06 16.07 -42.22
CA LEU G 361 62.28 15.71 -43.40
C LEU G 361 60.87 16.29 -43.31
N GLU G 362 60.21 16.08 -42.18
CA GLU G 362 58.85 16.57 -42.03
C GLU G 362 58.81 18.09 -42.08
N ALA G 363 59.77 18.75 -41.44
CA ALA G 363 59.84 20.20 -41.53
C ALA G 363 60.18 20.65 -42.94
N GLN G 364 61.04 19.89 -43.62
CA GLN G 364 61.39 20.25 -44.99
C GLN G 364 60.18 20.15 -45.91
N VAL G 365 59.36 19.12 -45.73
CA VAL G 365 58.18 18.97 -46.58
C VAL G 365 57.20 20.10 -46.35
N ALA G 366 56.98 20.48 -45.09
CA ALA G 366 56.13 21.62 -44.82
C ALA G 366 56.65 22.87 -45.51
N LEU G 367 57.95 23.10 -45.42
CA LEU G 367 58.53 24.27 -46.08
C LEU G 367 58.27 24.22 -47.59
N LYS G 368 58.31 23.03 -48.17
CA LYS G 368 58.03 22.92 -49.60
C LYS G 368 56.57 23.21 -49.89
N ASP G 369 55.67 22.59 -49.14
CA ASP G 369 54.25 22.79 -49.40
C ASP G 369 53.86 24.25 -49.20
N LEU G 370 54.34 24.86 -48.12
CA LEU G 370 53.99 26.25 -47.86
C LEU G 370 54.41 27.14 -49.02
N LEU G 371 55.60 26.90 -49.58
CA LEU G 371 56.05 27.73 -50.68
C LEU G 371 55.30 27.42 -51.96
N ASN G 372 54.81 26.20 -52.12
CA ASN G 372 54.02 25.89 -53.30
C ASN G 372 52.63 26.52 -53.21
N ARG G 373 52.05 26.56 -52.01
CA ARG G 373 50.76 27.25 -51.86
C ARG G 373 50.86 28.70 -52.25
N LEU G 374 52.01 29.33 -52.04
CA LEU G 374 52.27 30.68 -52.50
C LEU G 374 52.65 30.73 -53.97
N GLY G 375 52.81 29.58 -54.62
CA GLY G 375 53.20 29.51 -56.01
C GLY G 375 54.69 29.41 -56.25
N SER G 376 55.51 29.77 -55.28
CA SER G 376 56.96 29.75 -55.48
C SER G 376 57.47 28.32 -55.53
N GLU G 377 58.60 28.16 -56.23
CA GLU G 377 59.21 26.84 -56.41
C GLU G 377 60.71 26.86 -56.15
N VAL G 378 61.25 27.94 -55.59
CA VAL G 378 62.69 28.02 -55.33
C VAL G 378 62.90 27.43 -53.94
N VAL G 379 62.97 26.10 -53.89
CA VAL G 379 63.18 25.36 -52.66
C VAL G 379 64.44 24.56 -52.85
N ALA G 380 65.52 24.98 -52.19
CA ALA G 380 66.85 24.42 -52.37
C ALA G 380 67.38 23.91 -51.03
N THR G 381 68.62 23.42 -51.07
CA THR G 381 69.37 23.05 -49.88
C THR G 381 70.64 23.88 -49.83
N GLU G 382 71.43 23.67 -48.79
CA GLU G 382 72.70 24.39 -48.70
C GLU G 382 73.78 23.73 -49.53
N GLN G 383 73.98 22.42 -49.35
CA GLN G 383 74.97 21.71 -50.14
C GLN G 383 74.61 21.75 -51.62
N GLY G 384 75.59 22.05 -52.46
CA GLY G 384 75.42 21.92 -53.89
C GLY G 384 75.57 20.48 -54.33
N PHE G 385 75.24 20.23 -55.60
CA PHE G 385 75.22 18.87 -56.09
C PHE G 385 75.20 18.89 -57.62
N ILE G 386 75.51 17.73 -58.21
CA ILE G 386 75.40 17.57 -59.64
C ILE G 386 74.00 17.98 -60.08
N ALA G 387 73.94 18.78 -61.15
CA ALA G 387 72.66 19.15 -61.73
C ALA G 387 72.00 17.94 -62.36
N GLY G 388 70.68 17.81 -62.16
CA GLY G 388 69.96 16.67 -62.69
C GLY G 388 70.17 15.39 -61.93
N GLY G 389 70.82 15.44 -60.77
CA GLY G 389 71.14 14.22 -60.03
C GLY G 389 69.98 13.62 -59.29
N THR G 390 68.96 14.41 -58.97
CA THR G 390 67.83 13.91 -58.20
C THR G 390 66.94 12.97 -59.01
N ASP G 391 67.21 12.79 -60.29
CA ASP G 391 66.36 11.95 -61.12
C ASP G 391 66.37 10.51 -60.64
N ASN G 392 67.53 10.00 -60.28
CA ASN G 392 67.71 8.61 -59.87
C ASN G 392 68.18 8.56 -58.43
N ARG G 393 67.47 7.77 -57.61
CA ARG G 393 67.78 7.70 -56.20
C ARG G 393 69.13 7.07 -55.91
N ALA G 394 69.73 6.39 -56.89
CA ALA G 394 71.05 5.79 -56.68
C ALA G 394 72.18 6.78 -56.85
N ASN G 395 71.91 7.99 -57.34
CA ASN G 395 72.97 8.94 -57.64
C ASN G 395 73.50 9.65 -56.42
N TYR G 396 72.87 9.49 -55.26
CA TYR G 396 73.28 10.24 -54.07
C TYR G 396 73.23 9.39 -52.81
N LEU G 397 73.50 8.10 -52.91
CA LEU G 397 73.42 7.19 -51.77
C LEU G 397 74.61 6.25 -51.76
N LEU G 398 74.84 5.65 -50.61
CA LEU G 398 75.75 4.52 -50.47
C LEU G 398 75.00 3.29 -50.96
N ASN G 399 75.05 3.05 -52.28
CA ASN G 399 74.33 1.91 -52.82
C ASN G 399 74.81 0.61 -52.21
N SER G 400 76.10 0.52 -51.90
CA SER G 400 76.61 -0.55 -51.06
C SER G 400 76.32 -0.17 -49.62
N THR G 401 75.41 -0.91 -48.98
CA THR G 401 74.98 -0.56 -47.64
C THR G 401 76.17 -0.47 -46.70
N ILE G 402 75.96 0.20 -45.56
CA ILE G 402 77.05 0.36 -44.61
C ILE G 402 77.59 -1.00 -44.20
N ALA G 403 76.69 -1.94 -43.91
CA ALA G 403 77.13 -3.28 -43.58
C ALA G 403 77.86 -3.91 -44.77
N GLY G 404 77.38 -3.65 -45.98
CA GLY G 404 77.94 -4.27 -47.16
C GLY G 404 79.41 -3.94 -47.39
N LEU G 405 79.88 -2.82 -46.87
CA LEU G 405 81.26 -2.43 -47.13
C LEU G 405 82.25 -3.37 -46.45
N GLU G 406 81.90 -3.91 -45.29
CA GLU G 406 82.87 -4.71 -44.56
C GLU G 406 83.29 -5.95 -45.34
N GLU G 407 82.49 -6.40 -46.30
CA GLU G 407 82.90 -7.47 -47.20
C GLU G 407 83.73 -6.98 -48.37
N ALA G 408 83.86 -5.66 -48.54
CA ALA G 408 84.52 -5.12 -49.72
C ALA G 408 85.93 -5.67 -49.86
N ASP G 409 86.42 -5.65 -51.09
CA ASP G 409 87.72 -6.21 -51.42
C ASP G 409 88.65 -5.21 -52.09
N ALA G 410 88.12 -4.20 -52.76
CA ALA G 410 88.93 -3.16 -53.37
C ALA G 410 88.12 -1.88 -53.36
N VAL G 411 88.62 -0.86 -52.68
CA VAL G 411 87.88 0.39 -52.48
C VAL G 411 88.74 1.54 -52.98
N LEU G 412 88.10 2.49 -53.67
CA LEU G 412 88.75 3.67 -54.20
C LEU G 412 88.07 4.88 -53.58
N LEU G 413 88.85 5.68 -52.84
CA LEU G 413 88.32 6.83 -52.12
C LEU G 413 88.72 8.09 -52.88
N VAL G 414 87.74 8.76 -53.47
CA VAL G 414 87.97 9.93 -54.30
C VAL G 414 87.54 11.15 -53.50
N GLY G 415 88.51 11.95 -53.07
CA GLY G 415 88.21 13.18 -52.36
C GLY G 415 87.39 12.95 -51.11
N THR G 416 87.74 11.94 -50.33
CA THR G 416 86.96 11.56 -49.15
C THR G 416 87.91 11.12 -48.06
N ASN G 417 87.81 11.74 -46.91
CA ASN G 417 88.54 11.29 -45.73
C ASN G 417 87.52 10.69 -44.76
N PRO G 418 87.10 9.45 -44.97
CA PRO G 418 86.01 8.90 -44.15
C PRO G 418 86.35 8.79 -42.69
N ARG G 419 87.63 8.82 -42.34
CA ARG G 419 88.00 8.78 -40.93
C ARG G 419 87.37 9.94 -40.16
N TYR G 420 87.15 11.06 -40.82
CA TYR G 420 86.54 12.23 -40.20
C TYR G 420 85.18 12.59 -40.79
N GLU G 421 85.01 12.43 -42.10
CA GLU G 421 83.73 12.77 -42.70
C GLU G 421 82.60 11.91 -42.14
N ALA G 422 82.87 10.63 -41.96
CA ALA G 422 81.88 9.70 -41.41
C ALA G 422 82.59 8.54 -40.75
N PRO G 423 83.04 8.69 -39.50
CA PRO G 423 83.90 7.66 -38.90
C PRO G 423 83.31 6.27 -38.89
N LEU G 424 82.00 6.15 -38.68
CA LEU G 424 81.41 4.83 -38.57
C LEU G 424 81.58 4.02 -39.84
N VAL G 425 81.66 4.69 -40.99
CA VAL G 425 81.98 3.98 -42.22
C VAL G 425 83.43 3.53 -42.22
N ASN G 426 84.34 4.42 -41.80
CA ASN G 426 85.75 4.06 -41.74
C ASN G 426 85.96 2.85 -40.84
N THR G 427 85.22 2.79 -39.74
CA THR G 427 85.32 1.63 -38.86
C THR G 427 84.99 0.35 -39.61
N ARG G 428 84.11 0.41 -40.60
CA ARG G 428 83.81 -0.78 -41.39
C ARG G 428 84.93 -1.07 -42.38
N LEU G 429 85.51 -0.05 -42.98
CA LEU G 429 86.60 -0.28 -43.91
C LEU G 429 87.77 -0.94 -43.19
N ARG G 430 88.14 -0.43 -42.03
CA ARG G 430 89.22 -1.05 -41.27
C ARG G 430 88.88 -2.48 -40.92
N LYS G 431 87.61 -2.75 -40.63
CA LYS G 431 87.21 -4.13 -40.37
C LYS G 431 87.47 -5.01 -41.58
N ALA G 432 87.15 -4.52 -42.77
CA ALA G 432 87.47 -5.26 -43.98
C ALA G 432 88.97 -5.38 -44.16
N TYR G 433 89.69 -4.30 -43.89
CA TYR G 433 91.14 -4.30 -44.08
C TYR G 433 91.80 -5.34 -43.18
N VAL G 434 91.37 -5.43 -41.93
CA VAL G 434 91.93 -6.42 -41.02
C VAL G 434 91.55 -7.82 -41.45
N HIS G 435 90.28 -8.05 -41.75
CA HIS G 435 89.75 -9.40 -41.95
C HIS G 435 89.68 -9.80 -43.41
N ASN G 436 89.02 -9.00 -44.25
CA ASN G 436 88.76 -9.40 -45.62
C ASN G 436 89.91 -9.08 -46.56
N GLU G 437 91.01 -8.56 -46.05
CA GLU G 437 92.21 -8.31 -46.85
C GLU G 437 91.92 -7.26 -47.93
N LEU G 438 91.45 -6.11 -47.47
CA LEU G 438 91.01 -5.07 -48.38
C LEU G 438 92.20 -4.35 -48.98
N GLN G 439 92.07 -3.97 -50.25
CA GLN G 439 93.03 -3.14 -50.95
C GLN G 439 92.40 -1.77 -51.15
N ILE G 440 93.12 -0.71 -50.78
CA ILE G 440 92.56 0.63 -50.76
C ILE G 440 93.44 1.55 -51.59
N ALA G 441 92.85 2.61 -52.11
CA ALA G 441 93.56 3.64 -52.84
C ALA G 441 92.84 4.95 -52.65
N SER G 442 93.54 6.05 -52.93
CA SER G 442 92.98 7.38 -52.71
C SER G 442 93.30 8.28 -53.90
N ILE G 443 92.48 9.32 -54.03
CA ILE G 443 92.71 10.36 -55.03
C ILE G 443 92.42 11.70 -54.38
N GLY G 444 93.46 12.41 -53.99
CA GLY G 444 93.32 13.64 -53.25
C GLY G 444 94.53 13.89 -52.39
N PRO G 445 94.42 14.83 -51.45
CA PRO G 445 95.56 15.13 -50.59
C PRO G 445 95.92 13.96 -49.70
N LYS G 446 97.20 13.87 -49.36
CA LYS G 446 97.66 12.80 -48.50
C LYS G 446 96.99 12.92 -47.14
N ILE G 447 96.56 11.77 -46.61
CA ILE G 447 95.86 11.70 -45.33
C ILE G 447 96.24 10.37 -44.67
N ASP G 448 95.80 10.20 -43.43
CA ASP G 448 95.94 8.93 -42.71
C ASP G 448 94.55 8.44 -42.36
N LEU G 449 94.27 7.18 -42.67
CA LEU G 449 92.95 6.61 -42.50
C LEU G 449 92.87 5.67 -41.31
N SER G 450 93.94 5.53 -40.54
CA SER G 450 94.13 4.49 -39.52
C SER G 450 94.43 3.14 -40.14
N TYR G 451 94.94 3.11 -41.37
CA TYR G 451 95.39 1.87 -41.98
C TYR G 451 96.09 2.19 -43.29
N ASP G 452 96.92 1.26 -43.72
CA ASP G 452 97.70 1.46 -44.93
C ASP G 452 96.80 1.61 -46.14
N HIS G 453 97.12 2.58 -47.00
CA HIS G 453 96.38 2.81 -48.22
C HIS G 453 97.26 3.58 -49.19
N GLU G 454 97.08 3.32 -50.47
CA GLU G 454 97.88 3.96 -51.50
C GLU G 454 97.28 5.31 -51.86
N ASN G 455 98.14 6.26 -52.18
CA ASN G 455 97.74 7.58 -52.62
C ASN G 455 98.11 7.72 -54.08
N LEU G 456 97.11 7.60 -54.97
CA LEU G 456 97.35 7.70 -56.39
C LEU G 456 97.72 9.12 -56.83
N GLY G 457 97.53 10.11 -55.97
CA GLY G 457 97.78 11.49 -56.32
C GLY G 457 96.50 12.30 -56.33
N ALA G 458 96.66 13.62 -56.22
CA ALA G 458 95.53 14.53 -56.10
C ALA G 458 95.07 15.09 -57.45
N ASP G 459 95.70 14.69 -58.55
CA ASP G 459 95.36 15.25 -59.85
C ASP G 459 93.93 14.89 -60.25
N ALA G 460 93.26 15.83 -60.90
CA ALA G 460 91.89 15.59 -61.36
C ALA G 460 91.84 14.50 -62.42
N ALA G 461 92.83 14.47 -63.32
CA ALA G 461 92.82 13.53 -64.43
C ALA G 461 92.97 12.08 -63.98
N LEU G 462 93.33 11.84 -62.72
CA LEU G 462 93.52 10.48 -62.26
C LEU G 462 92.24 9.67 -62.41
N VAL G 463 91.10 10.24 -62.03
CA VAL G 463 89.85 9.49 -62.03
C VAL G 463 89.54 8.98 -63.43
N LYS G 464 89.81 9.79 -64.45
CA LYS G 464 89.63 9.31 -65.81
C LYS G 464 90.68 8.27 -66.17
N ASP G 465 91.84 8.32 -65.54
CA ASP G 465 92.85 7.30 -65.77
C ASP G 465 92.40 5.96 -65.22
N VAL G 466 91.93 5.95 -63.97
CA VAL G 466 91.48 4.71 -63.36
C VAL G 466 90.29 4.15 -64.13
N CYS G 467 89.35 5.01 -64.51
CA CYS G 467 88.24 4.55 -65.34
C CYS G 467 88.72 4.00 -66.66
N SER G 468 89.68 4.67 -67.29
CA SER G 468 90.17 4.24 -68.59
C SER G 468 90.90 2.90 -68.53
N GLY G 469 91.21 2.40 -67.34
CA GLY G 469 91.86 1.13 -67.18
C GLY G 469 93.36 1.17 -67.31
N ALA G 470 93.93 2.27 -67.81
CA ALA G 470 95.37 2.34 -68.01
C ALA G 470 96.13 2.31 -66.69
N HIS G 471 95.54 2.83 -65.63
CA HIS G 471 96.27 2.98 -64.38
C HIS G 471 96.44 1.62 -63.71
N ALA G 472 97.51 1.50 -62.91
CA ALA G 472 97.84 0.22 -62.31
C ALA G 472 96.75 -0.29 -61.38
N PHE G 473 96.23 0.59 -60.51
CA PHE G 473 95.20 0.15 -59.59
C PHE G 473 93.93 -0.27 -60.30
N SER G 474 93.72 0.18 -61.54
CA SER G 474 92.52 -0.20 -62.27
C SER G 474 92.41 -1.71 -62.42
N LYS G 475 93.54 -2.41 -62.47
CA LYS G 475 93.50 -3.86 -62.51
C LYS G 475 92.93 -4.44 -61.22
N VAL G 476 93.26 -3.82 -60.08
CA VAL G 476 92.81 -4.33 -58.80
C VAL G 476 91.29 -4.32 -58.74
N LEU G 477 90.68 -3.20 -59.13
CA LEU G 477 89.23 -3.08 -59.00
C LEU G 477 88.51 -4.05 -59.92
N GLU G 478 89.06 -4.32 -61.10
CA GLU G 478 88.36 -5.17 -62.05
C GLU G 478 88.51 -6.66 -61.74
N GLY G 479 89.37 -7.01 -60.79
CA GLY G 479 89.57 -8.41 -60.44
C GLY G 479 88.84 -8.81 -59.17
N ALA G 480 88.69 -7.87 -58.25
CA ALA G 480 88.12 -8.18 -56.94
C ALA G 480 86.67 -8.60 -57.07
N LYS G 481 86.23 -9.46 -56.13
CA LYS G 481 84.88 -9.98 -56.15
C LYS G 481 83.86 -9.03 -55.53
N LYS G 482 84.31 -7.95 -54.89
CA LYS G 482 83.40 -6.95 -54.33
C LYS G 482 84.08 -5.59 -54.36
N PRO G 483 84.29 -5.05 -55.55
CA PRO G 483 84.84 -3.69 -55.65
C PRO G 483 83.82 -2.65 -55.26
N ALA G 484 84.33 -1.50 -54.83
CA ALA G 484 83.46 -0.39 -54.46
C ALA G 484 84.21 0.91 -54.71
N ILE G 485 83.48 1.94 -55.09
CA ILE G 485 84.05 3.27 -55.32
C ILE G 485 83.28 4.25 -54.47
N ILE G 486 83.97 4.93 -53.57
CA ILE G 486 83.36 5.90 -52.66
C ILE G 486 83.89 7.28 -53.04
N ILE G 487 82.96 8.21 -53.26
CA ILE G 487 83.28 9.57 -53.67
C ILE G 487 82.62 10.52 -52.69
N GLY G 488 83.40 11.46 -52.16
CA GLY G 488 82.87 12.39 -51.18
C GLY G 488 81.82 13.30 -51.79
N ALA G 489 80.77 13.59 -51.02
CA ALA G 489 79.72 14.46 -51.50
C ALA G 489 80.23 15.88 -51.73
N ASP G 490 81.33 16.26 -51.10
CA ASP G 490 81.89 17.59 -51.34
C ASP G 490 82.36 17.72 -52.78
N LEU G 491 83.05 16.71 -53.30
CA LEU G 491 83.58 16.81 -54.65
C LEU G 491 82.47 16.97 -55.67
N LEU G 492 81.40 16.19 -55.54
CA LEU G 492 80.28 16.31 -56.47
C LEU G 492 79.78 17.74 -56.52
N GLU G 493 79.75 18.41 -55.36
CA GLU G 493 79.31 19.80 -55.35
C GLU G 493 80.24 20.69 -56.16
N ARG G 494 81.52 20.34 -56.23
CA ARG G 494 82.47 21.14 -57.01
C ARG G 494 82.02 21.22 -58.47
N ALA G 495 82.56 22.21 -59.18
CA ALA G 495 82.13 22.47 -60.55
C ALA G 495 82.41 21.27 -61.45
N ASP G 496 83.57 20.64 -61.31
CA ASP G 496 83.91 19.49 -62.14
C ASP G 496 83.01 18.29 -61.86
N GLY G 497 82.37 18.24 -60.68
CA GLY G 497 81.68 17.08 -60.21
C GLY G 497 80.84 16.30 -61.22
N ALA G 498 80.17 17.02 -62.13
CA ALA G 498 79.28 16.34 -63.07
C ALA G 498 80.04 15.37 -63.95
N ALA G 499 81.19 15.78 -64.48
CA ALA G 499 82.00 14.88 -65.28
C ALA G 499 82.54 13.73 -64.44
N ILE G 500 83.03 14.04 -63.23
CA ILE G 500 83.57 13.00 -62.36
C ILE G 500 82.47 12.02 -61.99
N HIS G 501 81.29 12.53 -61.65
CA HIS G 501 80.18 11.65 -61.33
C HIS G 501 79.81 10.76 -62.50
N ALA G 502 80.00 11.25 -63.73
CA ALA G 502 79.62 10.45 -64.90
C ALA G 502 80.60 9.29 -65.10
N THR G 503 81.90 9.56 -65.03
CA THR G 503 82.88 8.53 -65.35
C THR G 503 82.77 7.36 -64.38
N VAL G 504 82.82 7.64 -63.08
CA VAL G 504 82.77 6.57 -62.10
C VAL G 504 81.42 5.87 -62.15
N ALA G 505 80.34 6.64 -62.26
CA ALA G 505 79.02 6.03 -62.43
C ALA G 505 78.94 5.25 -63.73
N GLU G 506 79.74 5.63 -64.73
CA GLU G 506 79.86 4.81 -65.92
C GLU G 506 80.75 3.60 -65.65
N TYR G 507 81.83 3.80 -64.88
CA TYR G 507 82.76 2.71 -64.64
C TYR G 507 82.15 1.63 -63.77
N CYS G 508 81.29 2.02 -62.82
CA CYS G 508 80.73 1.03 -61.90
C CYS G 508 79.95 -0.04 -62.63
N LYS G 509 79.29 0.32 -63.73
CA LYS G 509 78.48 -0.65 -64.45
C LYS G 509 79.33 -1.79 -64.98
N LYS G 510 80.60 -1.52 -65.32
CA LYS G 510 81.51 -2.62 -65.65
C LYS G 510 81.83 -3.46 -64.42
N LEU G 511 82.16 -2.81 -63.31
CA LEU G 511 82.48 -3.51 -62.08
C LEU G 511 81.26 -4.14 -61.43
N LYS G 512 80.06 -3.74 -61.83
CA LYS G 512 78.86 -4.22 -61.19
C LYS G 512 78.78 -5.74 -61.26
N LYS G 513 78.52 -6.35 -60.12
CA LYS G 513 78.49 -7.80 -59.96
C LYS G 513 77.16 -8.20 -59.36
N PRO G 514 76.75 -9.46 -59.54
CA PRO G 514 75.40 -9.87 -59.11
C PRO G 514 75.13 -9.57 -57.65
N ASN G 515 74.17 -8.69 -57.39
CA ASN G 515 73.74 -8.28 -56.06
C ASN G 515 74.70 -7.32 -55.38
N TRP G 516 75.56 -6.65 -56.15
CA TRP G 516 76.51 -5.69 -55.61
C TRP G 516 76.53 -4.45 -56.49
N ASN G 517 76.43 -3.28 -55.87
CA ASN G 517 76.38 -2.00 -56.58
C ASN G 517 77.61 -1.18 -56.20
N PRO G 518 78.68 -1.20 -57.01
CA PRO G 518 79.92 -0.55 -56.58
C PRO G 518 79.79 0.93 -56.29
N PHE G 519 79.00 1.66 -57.06
CA PHE G 519 78.98 3.11 -56.92
C PHE G 519 78.44 3.52 -55.56
N ASN G 520 79.06 4.53 -54.96
CA ASN G 520 78.75 4.93 -53.60
C ASN G 520 79.09 6.40 -53.43
N VAL G 521 78.10 7.19 -53.01
CA VAL G 521 78.28 8.60 -52.68
C VAL G 521 78.17 8.73 -51.17
N LEU G 522 79.11 9.44 -50.57
CA LEU G 522 79.18 9.58 -49.13
C LEU G 522 78.68 10.96 -48.74
N GLN G 523 77.54 11.01 -48.07
CA GLN G 523 76.93 12.26 -47.65
C GLN G 523 77.41 12.63 -46.25
N THR G 524 77.28 13.92 -45.92
CA THR G 524 77.74 14.45 -44.65
C THR G 524 76.65 15.17 -43.86
N ASN G 525 75.46 15.31 -44.42
CA ASN G 525 74.34 15.93 -43.72
C ASN G 525 73.15 15.00 -43.72
N ALA G 526 72.49 14.90 -42.56
CA ALA G 526 71.27 14.11 -42.49
C ALA G 526 70.13 14.77 -43.25
N ALA G 527 70.19 16.08 -43.46
CA ALA G 527 69.14 16.77 -44.19
C ALA G 527 69.23 16.55 -45.68
N GLN G 528 70.44 16.42 -46.22
CA GLN G 528 70.62 16.45 -47.67
C GLN G 528 69.84 15.34 -48.36
N VAL G 529 70.02 14.10 -47.92
CA VAL G 529 69.41 12.98 -48.61
C VAL G 529 67.89 13.11 -48.59
N GLY G 530 67.33 13.46 -47.44
CA GLY G 530 65.89 13.65 -47.37
C GLY G 530 65.40 14.74 -48.30
N ALA G 531 66.12 15.86 -48.35
CA ALA G 531 65.70 16.96 -49.19
C ALA G 531 65.67 16.55 -50.66
N LEU G 532 66.77 15.97 -51.15
CA LEU G 532 66.78 15.50 -52.53
C LEU G 532 65.74 14.43 -52.77
N ASP G 533 65.42 13.65 -51.74
CA ASP G 533 64.45 12.59 -51.89
C ASP G 533 63.02 13.13 -51.96
N VAL G 534 62.79 14.35 -51.48
CA VAL G 534 61.45 14.93 -51.50
C VAL G 534 61.21 15.76 -52.76
N GLY G 535 62.25 16.35 -53.32
CA GLY G 535 62.10 17.14 -54.54
C GLY G 535 62.81 18.48 -54.48
N TYR G 536 63.63 18.70 -53.47
CA TYR G 536 64.38 19.94 -53.39
C TYR G 536 65.38 20.03 -54.53
N LYS G 537 65.67 21.26 -54.94
CA LYS G 537 66.84 21.51 -55.76
C LYS G 537 68.08 21.56 -54.87
N ALA G 538 69.24 21.54 -55.49
CA ALA G 538 70.50 21.47 -54.78
C ALA G 538 71.28 22.78 -54.94
N GLY G 539 71.99 23.16 -53.89
CA GLY G 539 72.85 24.33 -53.93
C GLY G 539 72.17 25.60 -53.48
N ALA G 540 72.79 26.29 -52.53
CA ALA G 540 72.24 27.54 -52.02
C ALA G 540 72.19 28.64 -53.07
N GLN G 541 72.91 28.48 -54.19
CA GLN G 541 72.85 29.48 -55.25
C GLN G 541 71.59 29.35 -56.09
N THR G 542 70.84 28.26 -55.95
CA THR G 542 69.54 28.17 -56.58
C THR G 542 68.55 29.16 -55.97
N ALA G 543 68.82 29.65 -54.77
CA ALA G 543 67.97 30.65 -54.11
C ALA G 543 68.49 32.07 -54.29
N VAL G 544 69.81 32.26 -54.25
CA VAL G 544 70.36 33.59 -54.47
C VAL G 544 70.06 34.07 -55.89
N LYS G 545 70.10 33.15 -56.85
CA LYS G 545 69.90 33.53 -58.25
C LYS G 545 68.48 34.00 -58.52
N ALA G 546 67.53 33.70 -57.64
CA ALA G 546 66.17 34.20 -57.81
C ALA G 546 65.98 35.62 -57.30
N GLN G 547 66.93 36.14 -56.52
CA GLN G 547 66.83 37.46 -55.91
C GLN G 547 65.49 37.60 -55.17
N PRO G 548 65.22 36.75 -54.19
CA PRO G 548 63.92 36.78 -53.52
C PRO G 548 63.81 37.91 -52.52
N LYS G 549 62.60 38.43 -52.38
CA LYS G 549 62.33 39.44 -51.37
C LYS G 549 62.09 38.84 -49.99
N VAL G 550 61.84 37.54 -49.91
CA VAL G 550 61.69 36.83 -48.64
C VAL G 550 62.41 35.51 -48.74
N LEU G 551 63.16 35.16 -47.70
CA LEU G 551 63.98 33.95 -47.70
C LEU G 551 63.82 33.24 -46.37
N PHE G 552 63.63 31.93 -46.42
CA PHE G 552 63.50 31.09 -45.23
C PHE G 552 64.77 30.28 -45.05
N LEU G 553 65.46 30.52 -43.94
CA LEU G 553 66.62 29.73 -43.55
C LEU G 553 66.15 28.73 -42.50
N LEU G 554 65.85 27.51 -42.94
CA LEU G 554 65.37 26.47 -42.06
C LEU G 554 66.58 25.72 -41.52
N ASN G 555 67.02 26.07 -40.32
CA ASN G 555 68.18 25.46 -39.69
C ASN G 555 69.44 25.63 -40.53
N ALA G 556 69.47 26.64 -41.39
CA ALA G 556 70.56 26.83 -42.35
C ALA G 556 71.63 27.71 -41.71
N ASP G 557 72.41 27.10 -40.81
CA ASP G 557 73.41 27.82 -40.04
C ASP G 557 74.80 27.74 -40.65
N ALA G 558 74.94 27.19 -41.84
CA ALA G 558 76.18 27.35 -42.56
C ALA G 558 76.35 28.81 -42.97
N GLY G 559 77.60 29.20 -43.22
CA GLY G 559 77.88 30.56 -43.63
C GLY G 559 77.75 30.75 -45.12
N LYS G 560 77.12 29.80 -45.79
CA LYS G 560 77.07 29.82 -47.25
C LYS G 560 76.37 31.07 -47.76
N VAL G 561 75.29 31.48 -47.09
CA VAL G 561 74.57 32.69 -47.45
C VAL G 561 75.07 33.84 -46.61
N THR G 562 75.12 35.03 -47.21
CA THR G 562 75.56 36.23 -46.51
C THR G 562 74.65 37.39 -46.87
N ARG G 563 74.51 38.33 -45.94
CA ARG G 563 73.55 39.43 -46.10
C ARG G 563 73.90 40.32 -47.27
N GLU G 564 75.14 40.29 -47.77
CA GLU G 564 75.48 41.07 -48.95
C GLU G 564 74.87 40.47 -50.20
N GLN G 565 74.94 39.15 -50.35
CA GLN G 565 74.42 38.50 -51.54
C GLN G 565 72.92 38.64 -51.67
N LEU G 566 72.23 38.98 -50.60
CA LEU G 566 70.79 39.15 -50.69
C LEU G 566 70.46 40.49 -51.34
N PRO G 567 69.33 40.60 -52.02
CA PRO G 567 68.87 41.92 -52.46
C PRO G 567 68.69 42.84 -51.26
N LYS G 568 68.95 44.13 -51.47
CA LYS G 568 68.88 45.07 -50.36
C LYS G 568 67.47 45.14 -49.78
N ASP G 569 66.46 44.89 -50.60
CA ASP G 569 65.10 44.65 -50.10
C ASP G 569 64.92 43.15 -49.96
N CYS G 570 65.12 42.64 -48.74
CA CYS G 570 64.87 41.23 -48.46
C CYS G 570 64.46 41.10 -47.01
N PHE G 571 63.80 40.00 -46.69
CA PHE G 571 63.33 39.69 -45.34
C PHE G 571 63.72 38.26 -45.02
N VAL G 572 64.78 38.09 -44.24
CA VAL G 572 65.31 36.77 -43.91
C VAL G 572 64.62 36.27 -42.66
N VAL G 573 63.99 35.10 -42.76
CA VAL G 573 63.28 34.48 -41.64
C VAL G 573 63.99 33.18 -41.33
N TYR G 574 64.63 33.12 -40.17
CA TYR G 574 65.42 31.97 -39.76
C TYR G 574 64.61 31.14 -38.80
N ILE G 575 64.42 29.87 -39.13
CA ILE G 575 63.68 28.92 -38.30
C ILE G 575 64.69 27.88 -37.85
N GLY G 576 65.14 27.99 -36.62
CA GLY G 576 66.17 27.08 -36.15
C GLY G 576 66.23 27.03 -34.64
N SER G 577 67.13 26.17 -34.16
CA SER G 577 67.29 25.93 -32.74
C SER G 577 68.33 26.84 -32.11
N HIS G 578 69.52 26.89 -32.69
CA HIS G 578 70.65 27.59 -32.09
C HIS G 578 70.89 28.91 -32.80
N GLY G 579 70.89 29.99 -32.04
CA GLY G 579 71.28 31.27 -32.59
C GLY G 579 72.72 31.24 -33.02
N ASP G 580 72.96 31.45 -34.30
CA ASP G 580 74.31 31.39 -34.86
C ASP G 580 74.40 32.41 -35.98
N ASN G 581 75.44 32.27 -36.81
CA ASN G 581 75.58 33.14 -37.97
C ASN G 581 74.32 33.15 -38.82
N GLY G 582 73.63 32.02 -38.90
CA GLY G 582 72.36 31.99 -39.60
C GLY G 582 71.36 32.97 -39.02
N ALA G 583 71.30 33.03 -37.68
CA ALA G 583 70.42 34.00 -37.03
C ALA G 583 71.00 35.41 -37.08
N SER G 584 72.33 35.53 -37.12
CA SER G 584 72.94 36.86 -37.07
C SER G 584 72.49 37.74 -38.22
N ILE G 585 72.11 37.16 -39.34
CA ILE G 585 71.61 37.93 -40.47
C ILE G 585 70.09 38.06 -40.46
N ALA G 586 69.39 37.19 -39.76
CA ALA G 586 67.95 37.08 -39.93
C ALA G 586 67.25 38.37 -39.54
N ASP G 587 66.11 38.63 -40.19
CA ASP G 587 65.26 39.75 -39.83
C ASP G 587 64.16 39.35 -38.86
N ALA G 588 63.80 38.07 -38.81
CA ALA G 588 62.77 37.59 -37.89
C ALA G 588 63.10 36.15 -37.53
N VAL G 589 63.57 35.96 -36.30
CA VAL G 589 64.03 34.64 -35.85
C VAL G 589 62.88 33.93 -35.16
N LEU G 590 62.54 32.74 -35.64
CA LEU G 590 61.51 31.91 -35.03
C LEU G 590 62.16 30.72 -34.37
N PRO G 591 62.02 30.49 -33.06
CA PRO G 591 62.74 29.39 -32.44
C PRO G 591 62.17 28.04 -32.85
N GLY G 592 63.07 27.10 -33.14
CA GLY G 592 62.70 25.73 -33.39
C GLY G 592 63.23 24.81 -32.29
N ALA G 593 62.84 23.55 -32.38
CA ALA G 593 63.27 22.53 -31.46
C ALA G 593 64.42 21.73 -32.05
N ALA G 594 65.34 21.31 -31.18
CA ALA G 594 66.43 20.46 -31.64
C ALA G 594 65.97 19.02 -31.76
N TYR G 595 66.84 18.17 -32.29
CA TYR G 595 66.41 16.82 -32.64
C TYR G 595 66.00 16.01 -31.43
N THR G 596 66.45 16.38 -30.23
CA THR G 596 66.04 15.64 -29.04
C THR G 596 64.63 15.99 -28.58
N GLU G 597 64.01 17.03 -29.13
CA GLU G 597 62.68 17.46 -28.71
C GLU G 597 61.70 17.50 -29.87
N LYS G 598 61.97 16.77 -30.95
CA LYS G 598 61.04 16.75 -32.07
C LYS G 598 61.10 15.38 -32.72
N GLN G 599 59.94 14.75 -32.84
CA GLN G 599 59.83 13.48 -33.54
C GLN G 599 59.89 13.76 -35.03
N GLY G 600 60.95 13.31 -35.69
CA GLY G 600 61.16 13.64 -37.08
C GLY G 600 61.84 12.50 -37.81
N ILE G 601 61.59 12.42 -39.10
CA ILE G 601 62.20 11.41 -39.95
C ILE G 601 63.48 11.97 -40.55
N TYR G 602 64.54 11.19 -40.48
CA TYR G 602 65.80 11.51 -41.14
C TYR G 602 66.19 10.32 -42.02
N VAL G 603 66.83 10.63 -43.14
CA VAL G 603 67.30 9.60 -44.06
C VAL G 603 68.82 9.60 -44.01
N ASN G 604 69.41 8.50 -43.58
CA ASN G 604 70.85 8.42 -43.52
C ASN G 604 71.41 8.19 -44.92
N THR G 605 72.73 8.16 -45.02
CA THR G 605 73.38 8.16 -46.33
C THR G 605 72.93 6.98 -47.16
N GLU G 606 72.90 5.79 -46.56
CA GLU G 606 72.56 4.59 -47.33
C GLU G 606 71.10 4.55 -47.73
N GLY G 607 70.27 5.46 -47.22
CA GLY G 607 68.88 5.55 -47.61
C GLY G 607 67.89 5.10 -46.56
N ARG G 608 68.34 4.66 -45.40
CA ARG G 608 67.43 4.20 -44.37
C ARG G 608 66.65 5.39 -43.82
N PRO G 609 65.32 5.38 -43.83
CA PRO G 609 64.59 6.40 -43.07
C PRO G 609 64.46 5.97 -41.62
N GLN G 610 64.73 6.89 -40.70
CA GLN G 610 64.69 6.60 -39.28
C GLN G 610 64.03 7.76 -38.55
N GLN G 611 63.51 7.46 -37.38
CA GLN G 611 62.68 8.38 -36.62
C GLN G 611 63.33 8.73 -35.30
N THR G 612 63.48 10.01 -35.02
CA THR G 612 63.84 10.47 -33.69
C THR G 612 62.61 10.47 -32.80
N LEU G 613 62.84 10.47 -31.49
CA LEU G 613 61.76 10.61 -30.52
C LEU G 613 62.09 11.73 -29.56
N PRO G 614 61.08 12.46 -29.08
CA PRO G 614 61.34 13.61 -28.21
C PRO G 614 61.59 13.18 -26.78
N GLY G 615 62.83 13.30 -26.35
CA GLY G 615 63.17 12.96 -24.98
C GLY G 615 62.95 14.09 -24.01
N VAL G 616 63.05 15.32 -24.52
CA VAL G 616 63.05 16.52 -23.70
C VAL G 616 62.04 17.49 -24.29
N SER G 617 61.33 18.21 -23.43
CA SER G 617 60.46 19.26 -23.92
C SER G 617 61.31 20.41 -24.46
N PRO G 618 60.85 21.08 -25.52
CA PRO G 618 61.63 22.22 -26.03
C PRO G 618 61.60 23.37 -25.04
N PRO G 619 62.67 24.14 -24.96
CA PRO G 619 62.78 25.16 -23.91
C PRO G 619 62.08 26.45 -24.30
N GLY G 620 61.78 27.26 -23.28
CA GLY G 620 61.21 28.57 -23.51
C GLY G 620 59.90 28.47 -24.26
N MET G 621 59.76 29.30 -25.30
CA MET G 621 58.61 29.26 -26.19
C MET G 621 58.95 28.63 -27.53
N ALA G 622 59.95 27.75 -27.55
CA ALA G 622 60.30 27.04 -28.77
C ALA G 622 59.18 26.07 -29.15
N ARG G 623 59.05 25.84 -30.45
CA ARG G 623 58.07 24.90 -30.97
C ARG G 623 58.73 24.08 -32.07
N GLU G 624 58.06 23.01 -32.48
CA GLU G 624 58.63 22.17 -33.52
C GLU G 624 58.72 22.95 -34.84
N ASP G 625 59.66 22.54 -35.69
CA ASP G 625 59.93 23.29 -36.90
C ASP G 625 58.71 23.31 -37.83
N TRP G 626 58.06 22.18 -38.03
CA TRP G 626 56.93 22.15 -38.96
C TRP G 626 55.70 22.81 -38.36
N LYS G 627 55.55 22.79 -37.03
CA LYS G 627 54.43 23.47 -36.42
C LYS G 627 54.41 24.94 -36.81
N ILE G 628 55.59 25.57 -36.85
CA ILE G 628 55.65 26.98 -37.21
C ILE G 628 55.15 27.19 -38.62
N LEU G 629 55.69 26.42 -39.57
CA LEU G 629 55.29 26.58 -40.95
C LEU G 629 53.82 26.27 -41.13
N ARG G 630 53.35 25.22 -40.48
CA ARG G 630 51.92 24.93 -40.50
C ARG G 630 51.12 26.10 -39.95
N ALA G 631 51.60 26.71 -38.86
CA ALA G 631 50.92 27.86 -38.30
C ALA G 631 51.10 29.08 -39.18
N LEU G 632 52.27 29.23 -39.80
CA LEU G 632 52.52 30.43 -40.57
C LEU G 632 51.62 30.52 -41.79
N SER G 633 51.15 29.39 -42.29
CA SER G 633 50.23 29.42 -43.42
C SER G 633 48.88 30.03 -43.02
N GLU G 634 48.45 29.81 -41.78
CA GLU G 634 47.19 30.38 -41.32
C GLU G 634 47.21 31.90 -41.43
N VAL G 635 48.23 32.52 -40.86
CA VAL G 635 48.30 33.98 -40.88
C VAL G 635 48.53 34.50 -42.30
N VAL G 636 48.92 33.63 -43.23
CA VAL G 636 49.02 34.00 -44.63
C VAL G 636 47.77 33.61 -45.41
N GLY G 637 47.01 32.62 -44.94
CA GLY G 637 45.69 32.34 -45.45
C GLY G 637 45.53 31.02 -46.17
N LYS G 638 46.60 30.28 -46.40
CA LYS G 638 46.53 29.04 -47.17
C LYS G 638 46.79 27.84 -46.27
N PRO G 639 45.80 27.39 -45.48
CA PRO G 639 46.06 26.32 -44.52
C PRO G 639 46.52 25.05 -45.21
N LEU G 640 47.49 24.39 -44.60
CA LEU G 640 48.04 23.18 -45.18
C LEU G 640 47.07 22.01 -45.00
N PRO G 641 47.19 20.97 -45.82
CA PRO G 641 46.19 19.89 -45.77
C PRO G 641 46.16 19.13 -44.46
N TYR G 642 47.19 19.26 -43.63
CA TYR G 642 47.37 18.40 -42.46
C TYR G 642 47.54 19.26 -41.21
N ASP G 643 47.07 18.71 -40.09
CA ASP G 643 47.16 19.38 -38.79
C ASP G 643 47.72 18.48 -37.70
N ASN G 644 48.18 17.29 -38.05
CA ASN G 644 48.83 16.39 -37.10
C ASN G 644 49.99 15.72 -37.81
N LEU G 645 50.88 15.13 -37.02
CA LEU G 645 52.04 14.46 -37.61
C LEU G 645 51.60 13.31 -38.50
N ASP G 646 50.65 12.50 -38.04
CA ASP G 646 50.19 11.37 -38.85
C ASP G 646 49.61 11.86 -40.17
N GLU G 647 48.89 12.97 -40.14
CA GLU G 647 48.41 13.56 -41.38
C GLU G 647 49.57 14.04 -42.24
N LEU G 648 50.59 14.63 -41.61
CA LEU G 648 51.77 15.04 -42.35
C LEU G 648 52.51 13.84 -42.92
N ARG G 649 52.64 12.77 -42.14
CA ARG G 649 53.37 11.60 -42.61
C ARG G 649 52.73 11.00 -43.84
N ASN G 650 51.40 10.97 -43.90
CA ASN G 650 50.73 10.42 -45.07
C ASN G 650 51.00 11.26 -46.32
N ARG G 651 51.25 12.56 -46.15
CA ARG G 651 51.65 13.37 -47.28
C ARG G 651 53.01 12.89 -47.81
N LEU G 652 53.91 12.52 -46.91
CA LEU G 652 55.15 11.87 -47.35
C LEU G 652 54.86 10.54 -48.00
N GLU G 653 53.92 9.78 -47.44
CA GLU G 653 53.57 8.49 -47.98
C GLU G 653 53.11 8.59 -49.43
N ASP G 654 52.61 9.76 -49.83
CA ASP G 654 52.18 9.99 -51.20
C ASP G 654 53.31 10.48 -52.09
N VAL G 655 54.22 11.29 -51.54
CA VAL G 655 55.36 11.77 -52.33
C VAL G 655 56.34 10.64 -52.59
N ALA G 656 56.67 9.86 -51.57
CA ALA G 656 57.66 8.79 -51.69
C ALA G 656 57.24 7.64 -50.76
N PRO G 657 56.66 6.57 -51.31
CA PRO G 657 56.14 5.51 -50.42
C PRO G 657 57.19 4.90 -49.51
N HIS G 658 58.42 4.75 -49.98
CA HIS G 658 59.43 4.08 -49.16
C HIS G 658 59.77 4.87 -47.90
N LEU G 659 59.53 6.18 -47.89
CA LEU G 659 59.91 6.98 -46.73
C LEU G 659 59.11 6.60 -45.48
N THR G 660 57.97 5.96 -45.64
CA THR G 660 57.20 5.55 -44.47
C THR G 660 57.81 4.31 -43.82
N ARG G 661 58.35 3.39 -44.62
CA ARG G 661 58.81 2.10 -44.11
C ARG G 661 60.11 2.34 -43.34
N LEU G 662 59.95 2.72 -42.08
CA LEU G 662 61.10 3.05 -41.24
C LEU G 662 61.96 1.83 -40.99
N GLY G 663 63.25 2.08 -40.76
CA GLY G 663 64.18 0.99 -40.50
C GLY G 663 64.22 -0.03 -41.60
N GLN G 664 64.22 0.42 -42.85
CA GLN G 664 64.29 -0.47 -43.99
C GLN G 664 65.02 0.23 -45.12
N LEU G 665 65.44 -0.54 -46.11
CA LEU G 665 66.13 -0.01 -47.28
C LEU G 665 65.52 -0.58 -48.54
N GLU G 666 65.46 0.24 -49.59
CA GLU G 666 65.01 -0.17 -50.90
C GLU G 666 66.18 -0.08 -51.88
N PRO G 667 66.67 -1.17 -52.45
CA PRO G 667 67.78 -1.05 -53.40
C PRO G 667 67.40 -0.19 -54.59
N ALA G 668 68.34 0.66 -55.01
CA ALA G 668 68.13 1.60 -56.10
C ALA G 668 68.75 1.14 -57.42
N GLY G 669 69.32 -0.07 -57.46
CA GLY G 669 69.83 -0.58 -58.71
C GLY G 669 70.91 0.30 -59.30
N ASP G 670 70.79 0.58 -60.60
CA ASP G 670 71.86 1.25 -61.33
C ASP G 670 71.96 2.72 -60.94
N ALA G 671 73.13 3.30 -61.22
CA ALA G 671 73.37 4.72 -61.05
C ALA G 671 73.66 5.33 -62.41
N GLY G 672 72.97 6.40 -62.74
CA GLY G 672 73.13 7.07 -64.02
C GLY G 672 73.30 8.56 -63.89
N ALA G 685 92.65 19.92 -59.35
CA ALA G 685 93.14 19.07 -58.27
C ALA G 685 92.07 18.87 -57.22
N ILE G 686 91.77 17.61 -56.89
CA ILE G 686 90.81 17.33 -55.83
C ILE G 686 91.36 17.87 -54.53
N ASP G 687 90.51 18.56 -53.77
CA ASP G 687 90.85 19.05 -52.45
C ASP G 687 89.66 18.83 -51.54
N ILE G 688 89.94 18.63 -50.27
CA ILE G 688 88.93 18.23 -49.29
C ILE G 688 89.01 19.14 -48.08
N LYS G 689 87.86 19.50 -47.55
CA LYS G 689 87.77 20.07 -46.22
C LYS G 689 87.84 18.94 -45.20
N LEU G 690 87.97 19.30 -43.93
CA LEU G 690 87.78 18.35 -42.83
C LEU G 690 88.83 17.24 -42.87
N LYS G 691 90.08 17.61 -43.16
CA LYS G 691 91.16 16.64 -43.21
C LYS G 691 91.90 16.51 -41.89
N GLU G 692 91.77 17.48 -40.99
CA GLU G 692 92.44 17.47 -39.71
C GLU G 692 91.47 17.13 -38.60
N LEU G 693 91.98 16.53 -37.53
CA LEU G 693 91.15 16.29 -36.36
C LEU G 693 90.65 17.61 -35.77
N ARG G 694 91.48 18.66 -35.81
CA ARG G 694 91.05 19.96 -35.32
C ARG G 694 89.78 20.43 -36.01
N ASP G 695 89.63 20.10 -37.29
CA ASP G 695 88.44 20.50 -38.03
C ASP G 695 87.26 19.56 -37.81
N TYR G 696 87.47 18.44 -37.13
CA TYR G 696 86.39 17.48 -36.97
C TYR G 696 85.33 17.95 -35.99
N PHE G 697 85.73 18.65 -34.94
CA PHE G 697 84.80 18.92 -33.84
C PHE G 697 83.83 20.05 -34.18
N MET G 698 84.29 21.09 -34.85
CA MET G 698 83.49 22.28 -35.10
C MET G 698 83.01 22.25 -36.55
N THR G 699 81.88 21.60 -36.77
CA THR G 699 81.28 21.53 -38.10
C THR G 699 79.80 21.86 -38.13
N ASP G 700 79.11 21.88 -36.98
CA ASP G 700 77.68 22.11 -36.92
C ASP G 700 77.37 23.13 -35.84
N ALA G 701 76.17 23.70 -35.92
CA ALA G 701 75.77 24.70 -34.93
C ALA G 701 75.74 24.10 -33.54
N ILE G 702 75.19 22.90 -33.40
CA ILE G 702 75.16 22.25 -32.09
C ILE G 702 76.57 22.01 -31.60
N SER G 703 77.41 21.43 -32.44
CA SER G 703 78.80 21.19 -32.04
C SER G 703 79.52 22.49 -31.78
N ARG G 704 79.33 23.49 -32.64
CA ARG G 704 80.05 24.75 -32.50
C ARG G 704 79.71 25.45 -31.18
N ALA G 705 78.55 25.16 -30.60
CA ALA G 705 78.15 25.76 -29.33
C ALA G 705 78.55 24.90 -28.13
N SER G 706 79.21 23.77 -28.35
CA SER G 706 79.49 22.84 -27.28
C SER G 706 80.66 23.34 -26.43
N PRO G 707 80.50 23.53 -25.13
CA PRO G 707 81.69 23.83 -24.31
C PRO G 707 82.70 22.70 -24.33
N THR G 708 82.25 21.46 -24.36
CA THR G 708 83.18 20.33 -24.35
C THR G 708 84.07 20.38 -25.59
N MET G 709 83.48 20.58 -26.75
CA MET G 709 84.26 20.60 -27.98
C MET G 709 85.23 21.77 -28.02
N ALA G 710 84.97 22.82 -27.26
CA ALA G 710 85.99 23.86 -27.12
C ALA G 710 87.22 23.32 -26.40
N LYS G 711 87.02 22.51 -25.36
CA LYS G 711 88.15 21.91 -24.66
C LYS G 711 88.94 20.99 -25.58
N CYS G 712 88.24 20.19 -26.39
CA CYS G 712 88.94 19.29 -27.29
C CYS G 712 89.78 20.05 -28.31
N ILE G 713 89.25 21.14 -28.84
CA ILE G 713 90.01 21.94 -29.79
C ILE G 713 91.24 22.52 -29.11
N SER G 714 91.07 23.06 -27.90
CA SER G 714 92.21 23.60 -27.18
C SER G 714 93.20 22.48 -26.83
N ALA G 715 92.69 21.32 -26.45
CA ALA G 715 93.57 20.22 -26.05
C ALA G 715 94.44 19.77 -27.21
N VAL G 716 93.84 19.59 -28.39
CA VAL G 716 94.63 19.20 -29.55
C VAL G 716 95.64 20.29 -29.88
N ASN G 717 95.21 21.55 -29.88
CA ASN G 717 96.13 22.64 -30.12
C ASN G 717 97.20 22.71 -29.02
N LYS G 718 96.80 22.46 -27.77
CA LYS G 718 97.75 22.55 -26.66
C LYS G 718 98.91 21.58 -26.86
N GLN G 719 98.61 20.33 -27.20
CA GLN G 719 99.67 19.36 -27.39
C GLN G 719 100.59 19.75 -28.53
N GLN G 720 100.02 20.22 -29.65
CA GLN G 720 100.84 20.60 -30.79
C GLN G 720 101.79 21.73 -30.42
N ARG G 721 101.30 22.73 -29.68
CA ARG G 721 102.17 23.83 -29.26
C ARG G 721 103.32 23.32 -28.41
N GLU G 722 103.04 22.46 -27.44
CA GLU G 722 104.09 21.94 -26.59
C GLU G 722 105.06 21.08 -27.37
N ASN G 723 104.56 20.27 -28.30
CA ASN G 723 105.42 19.34 -29.02
C ASN G 723 106.53 20.07 -29.76
N GLU G 724 106.17 21.08 -30.56
CA GLU G 724 107.18 21.83 -31.27
C GLU G 724 108.09 22.60 -30.32
N ALA G 725 107.57 23.01 -29.16
CA ALA G 725 108.39 23.76 -28.22
C ALA G 725 109.58 22.93 -27.75
N LYS G 726 109.34 21.67 -27.40
CA LYS G 726 110.42 20.83 -26.91
C LYS G 726 111.50 20.63 -27.98
N GLN G 727 111.08 20.40 -29.22
CA GLN G 727 112.03 20.24 -30.31
C GLN G 727 112.53 21.61 -30.76
N MET H 1 8.09 47.15 56.55
CA MET H 1 6.84 46.44 56.83
C MET H 1 6.54 45.50 55.66
N PHE H 2 5.27 45.28 55.34
CA PHE H 2 4.93 44.32 54.29
C PHE H 2 5.48 44.77 52.94
N TYR H 3 5.38 46.06 52.62
CA TYR H 3 5.92 46.55 51.36
C TYR H 3 7.39 46.17 51.23
N MET H 4 8.12 46.21 52.34
CA MET H 4 9.53 45.89 52.30
C MET H 4 9.74 44.39 52.12
N GLU H 5 8.83 43.58 52.66
CA GLU H 5 9.05 42.14 52.69
C GLU H 5 9.34 41.59 51.30
N PHE H 6 8.48 41.91 50.33
CA PHE H 6 8.66 41.32 49.01
C PHE H 6 9.92 41.82 48.32
N ILE H 7 10.42 43.01 48.68
CA ILE H 7 11.70 43.44 48.15
C ILE H 7 12.78 42.43 48.50
N LEU H 8 12.80 41.98 49.76
CA LEU H 8 13.79 40.99 50.17
C LEU H 8 13.64 39.70 49.38
N SER H 9 12.40 39.30 49.09
CA SER H 9 12.18 38.09 48.32
C SER H 9 12.81 38.21 46.94
N LEU H 10 12.73 39.39 46.33
CA LEU H 10 13.41 39.61 45.06
C LEU H 10 14.91 39.43 45.22
N ILE H 11 15.49 40.07 46.24
CA ILE H 11 16.92 40.00 46.45
C ILE H 11 17.35 38.55 46.60
N GLY H 12 16.62 37.77 47.41
CA GLY H 12 16.99 36.39 47.61
C GLY H 12 17.03 35.60 46.32
N SER H 13 15.99 35.74 45.49
CA SER H 13 15.97 35.02 44.23
C SER H 13 17.13 35.45 43.34
N LEU H 14 17.35 36.76 43.21
CA LEU H 14 18.49 37.22 42.43
C LEU H 14 19.79 36.74 43.03
N LEU H 15 19.92 36.83 44.35
CA LEU H 15 21.12 36.33 45.00
C LEU H 15 21.28 34.83 44.77
N LEU H 16 20.18 34.08 44.92
CA LEU H 16 20.26 32.64 44.67
C LEU H 16 20.51 32.36 43.20
N ILE H 17 20.01 33.21 42.31
CA ILE H 17 20.18 32.97 40.87
C ILE H 17 21.64 33.17 40.47
N ILE H 18 22.24 34.28 40.85
CA ILE H 18 23.61 34.54 40.47
C ILE H 18 24.54 33.53 41.14
N CYS H 19 24.23 33.15 42.37
CA CYS H 19 25.08 32.18 43.07
C CYS H 19 25.00 30.81 42.42
N VAL H 20 23.80 30.37 42.03
CA VAL H 20 23.68 29.11 41.33
C VAL H 20 24.34 29.19 39.97
N LEU H 21 24.13 30.29 39.25
CA LEU H 21 24.73 30.44 37.93
C LEU H 21 26.24 30.41 38.01
N VAL H 22 26.80 31.03 39.05
CA VAL H 22 28.25 30.99 39.24
C VAL H 22 28.69 29.58 39.57
N SER H 23 27.97 28.90 40.44
CA SER H 23 28.41 27.59 40.91
C SER H 23 28.44 26.58 39.76
N VAL H 24 27.44 26.61 38.88
CA VAL H 24 27.44 25.66 37.77
C VAL H 24 28.64 25.87 36.87
N ALA H 25 29.16 27.10 36.80
CA ALA H 25 30.42 27.31 36.10
C ALA H 25 31.55 26.59 36.81
N PHE H 26 31.65 26.74 38.13
CA PHE H 26 32.70 26.08 38.88
C PHE H 26 32.45 24.59 39.06
N LEU H 27 31.19 24.16 39.00
CA LEU H 27 30.93 22.72 38.99
C LEU H 27 31.54 22.07 37.77
N THR H 28 31.43 22.72 36.61
CA THR H 28 31.97 22.14 35.40
C THR H 28 33.47 21.96 35.50
N LEU H 29 34.16 22.92 36.12
CA LEU H 29 35.58 22.72 36.39
C LEU H 29 35.77 21.53 37.32
N LEU H 30 35.02 21.49 38.43
CA LEU H 30 35.15 20.38 39.36
C LEU H 30 34.92 19.05 38.67
N GLU H 31 33.94 19.00 37.77
CA GLU H 31 33.71 17.78 37.01
C GLU H 31 34.96 17.39 36.24
N ARG H 32 35.65 18.36 35.66
CA ARG H 32 36.80 18.02 34.83
C ARG H 32 38.00 17.63 35.69
N LYS H 33 38.20 18.30 36.81
CA LYS H 33 39.30 17.91 37.70
C LYS H 33 39.06 16.52 38.28
N VAL H 34 37.90 16.30 38.89
CA VAL H 34 37.63 15.03 39.54
C VAL H 34 37.64 13.90 38.50
N LEU H 35 36.88 14.09 37.42
CA LEU H 35 36.90 13.09 36.35
C LEU H 35 38.28 12.96 35.75
N GLY H 36 39.11 13.99 35.87
CA GLY H 36 40.49 13.88 35.47
C GLY H 36 41.39 13.19 36.45
N TYR H 37 40.94 13.01 37.70
CA TYR H 37 41.72 12.30 38.70
C TYR H 37 41.27 10.87 38.90
N ILE H 38 39.98 10.58 38.75
CA ILE H 38 39.57 9.18 38.73
C ILE H 38 40.26 8.45 37.60
N GLN H 39 40.20 9.02 36.40
CA GLN H 39 41.19 8.72 35.39
C GLN H 39 42.52 9.27 35.87
N ILE H 40 43.61 8.60 35.54
CA ILE H 40 44.87 8.88 36.21
C ILE H 40 45.45 10.21 35.72
N ARG H 41 44.72 10.92 34.86
CA ARG H 41 45.07 12.25 34.36
C ARG H 41 45.25 13.30 35.45
N LYS H 42 45.67 14.51 35.07
CA LYS H 42 45.75 15.65 35.98
C LYS H 42 44.56 16.59 35.88
N GLY H 43 43.98 16.75 34.71
CA GLY H 43 42.87 17.67 34.54
C GLY H 43 43.34 19.08 34.25
N PRO H 44 42.39 20.00 34.03
CA PRO H 44 42.78 21.37 33.67
C PRO H 44 43.63 22.02 34.75
N ASN H 45 44.86 22.38 34.38
CA ASN H 45 45.85 22.87 35.32
C ASN H 45 46.62 24.09 34.85
N LYS H 46 46.58 24.43 33.56
CA LYS H 46 47.40 25.51 33.05
C LYS H 46 46.70 26.86 33.10
N VAL H 47 45.50 26.96 32.54
CA VAL H 47 44.87 28.25 32.32
C VAL H 47 44.83 29.05 33.59
N GLY H 48 45.16 30.33 33.48
CA GLY H 48 45.19 31.19 34.64
C GLY H 48 46.11 30.60 35.70
N LEU H 49 45.62 30.53 36.93
CA LEU H 49 46.37 29.99 38.05
C LEU H 49 45.77 28.64 38.42
N MET H 50 46.52 27.58 38.21
CA MET H 50 46.15 26.23 38.65
C MET H 50 44.78 25.80 38.13
N GLY H 51 44.30 26.42 37.06
CA GLY H 51 43.10 25.97 36.38
C GLY H 51 41.81 26.51 36.93
N ILE H 52 41.83 27.21 38.06
CA ILE H 52 40.57 27.68 38.66
C ILE H 52 39.76 28.55 37.70
N PRO H 53 40.34 29.49 36.96
CA PRO H 53 39.54 30.29 36.02
C PRO H 53 39.19 29.59 34.73
N GLN H 54 39.39 28.28 34.64
CA GLN H 54 39.07 27.56 33.40
C GLN H 54 37.63 27.77 32.94
N PRO H 55 36.61 27.55 33.77
CA PRO H 55 35.24 27.64 33.22
C PRO H 55 34.91 29.01 32.69
N PHE H 56 35.43 30.07 33.31
CA PHE H 56 35.24 31.39 32.76
C PHE H 56 35.96 31.51 31.43
N CYS H 57 37.15 30.90 31.33
CA CYS H 57 37.90 30.95 30.08
C CYS H 57 37.18 30.24 28.95
N ASP H 58 36.19 29.41 29.26
CA ASP H 58 35.36 28.80 28.24
C ASP H 58 34.10 29.59 27.94
N ALA H 59 33.53 30.25 28.95
CA ALA H 59 32.34 31.05 28.71
C ALA H 59 32.62 32.17 27.73
N ILE H 60 33.88 32.60 27.62
CA ILE H 60 34.23 33.59 26.60
C ILE H 60 34.00 33.01 25.21
N LYS H 61 34.50 31.80 24.98
CA LYS H 61 34.48 31.23 23.65
C LYS H 61 33.06 30.96 23.17
N LEU H 62 32.24 30.37 24.03
CA LEU H 62 30.91 29.98 23.61
C LEU H 62 30.01 31.15 23.30
N PHE H 63 30.46 32.38 23.55
CA PHE H 63 29.67 33.57 23.28
C PHE H 63 30.25 34.46 22.20
N THR H 64 31.56 34.35 21.94
CA THR H 64 32.18 35.04 20.82
C THR H 64 32.15 34.19 19.54
N LYS H 65 31.38 33.12 19.54
CA LYS H 65 31.32 32.14 18.48
C LYS H 65 29.95 32.30 17.81
N GLU H 66 29.85 32.09 16.50
CA GLU H 66 28.62 32.55 15.84
C GLU H 66 27.44 31.64 16.12
N GLN H 67 26.24 32.22 16.09
CA GLN H 67 25.04 31.43 16.07
C GLN H 67 25.00 30.60 14.80
N THR H 68 24.36 29.43 14.89
CA THR H 68 24.09 28.58 13.74
C THR H 68 22.62 28.68 13.38
N TYR H 69 22.34 28.95 12.11
CA TYR H 69 20.97 29.04 11.60
C TYR H 69 20.71 27.82 10.74
N PRO H 70 20.22 26.72 11.29
CA PRO H 70 20.06 25.52 10.47
C PRO H 70 19.09 25.77 9.32
N LEU H 71 19.38 25.17 8.18
CA LEU H 71 18.60 25.45 6.99
C LEU H 71 17.19 24.89 7.10
N LEU H 72 17.04 23.70 7.68
CA LEU H 72 15.78 22.98 7.70
C LEU H 72 15.08 23.07 9.05
N SER H 73 15.50 23.96 9.93
CA SER H 73 14.92 24.07 11.25
C SER H 73 13.89 25.18 11.28
N ASN H 74 12.83 24.96 12.07
CA ASN H 74 11.90 26.03 12.43
C ASN H 74 12.65 26.96 13.37
N TYR H 75 13.11 28.10 12.86
CA TYR H 75 14.14 28.85 13.56
C TYR H 75 13.65 29.36 14.91
N LEU H 76 12.41 29.85 14.98
CA LEU H 76 11.94 30.45 16.23
C LEU H 76 11.93 29.42 17.35
N SER H 77 11.42 28.22 17.07
CA SER H 77 11.46 27.17 18.07
C SER H 77 12.89 26.78 18.40
N TYR H 78 13.72 26.61 17.37
CA TYR H 78 15.12 26.27 17.58
C TYR H 78 15.82 27.32 18.40
N TYR H 79 15.39 28.57 18.30
CA TYR H 79 16.07 29.67 18.97
C TYR H 79 15.61 29.88 20.40
N ILE H 80 14.42 29.40 20.76
CA ILE H 80 13.84 29.72 22.05
C ILE H 80 14.06 28.59 23.03
N SER H 81 14.14 27.36 22.52
CA SER H 81 14.27 26.19 23.38
C SER H 81 15.39 26.31 24.40
N PRO H 82 16.56 26.84 24.07
CA PRO H 82 17.57 27.06 25.12
C PRO H 82 17.08 27.93 26.26
N ILE H 83 16.27 28.96 26.00
CA ILE H 83 15.83 29.85 27.07
C ILE H 83 15.07 29.07 28.13
N PHE H 84 14.07 28.31 27.70
CA PHE H 84 13.22 27.65 28.67
C PHE H 84 13.95 26.51 29.36
N SER H 85 14.95 25.93 28.70
CA SER H 85 15.76 24.93 29.37
C SER H 85 16.49 25.52 30.56
N LEU H 86 17.08 26.71 30.38
CA LEU H 86 17.77 27.34 31.48
C LEU H 86 16.78 27.89 32.51
N PHE H 87 15.70 28.49 32.04
CA PHE H 87 14.72 29.06 32.96
C PHE H 87 14.17 28.00 33.90
N LEU H 88 13.78 26.85 33.35
CA LEU H 88 13.22 25.80 34.19
C LEU H 88 14.25 25.26 35.17
N SER H 89 15.53 25.28 34.78
CA SER H 89 16.57 24.83 35.70
C SER H 89 16.71 25.78 36.89
N LEU H 90 16.72 27.09 36.63
CA LEU H 90 16.84 28.03 37.73
C LEU H 90 15.54 28.13 38.52
N PHE H 91 14.40 28.09 37.83
CA PHE H 91 13.15 28.36 38.51
C PHE H 91 12.86 27.34 39.60
N VAL H 92 13.27 26.09 39.42
CA VAL H 92 12.96 25.07 40.40
C VAL H 92 13.68 25.28 41.73
N TRP H 93 14.61 26.24 41.78
CA TRP H 93 15.35 26.49 43.01
C TRP H 93 14.56 27.28 44.03
N MET H 94 13.51 27.98 43.60
CA MET H 94 12.75 28.80 44.53
C MET H 94 12.06 27.99 45.61
N CYS H 95 11.94 26.69 45.43
CA CYS H 95 11.33 25.82 46.43
C CYS H 95 12.34 25.21 47.37
N MET H 96 13.62 25.51 47.22
CA MET H 96 14.62 24.90 48.08
C MET H 96 14.46 25.47 49.49
N PRO H 97 14.29 24.62 50.51
CA PRO H 97 13.91 25.14 51.84
C PRO H 97 14.95 26.07 52.43
N PHE H 98 14.47 27.20 52.94
CA PHE H 98 15.26 28.08 53.80
C PHE H 98 14.50 28.32 55.09
N PHE H 99 15.21 28.30 56.20
CA PHE H 99 14.60 28.71 57.45
C PHE H 99 14.48 30.23 57.54
N VAL H 100 15.40 30.95 56.90
CA VAL H 100 15.21 32.35 56.59
C VAL H 100 14.32 32.39 55.36
N LYS H 101 13.02 32.58 55.56
CA LYS H 101 12.01 32.38 54.52
C LYS H 101 12.42 33.02 53.21
N LEU H 102 12.28 32.26 52.13
CA LEU H 102 12.32 32.78 50.78
C LEU H 102 10.98 32.64 50.09
N TYR H 103 10.40 31.43 50.11
CA TYR H 103 9.04 31.21 49.68
C TYR H 103 8.44 30.13 50.55
N SER H 104 7.18 30.34 50.96
CA SER H 104 6.55 29.40 51.89
C SER H 104 6.52 27.99 51.30
N PHE H 105 5.78 27.82 50.21
CA PHE H 105 5.75 26.55 49.48
C PHE H 105 5.33 25.39 50.37
N ASN H 106 4.11 25.48 50.89
CA ASN H 106 3.38 24.28 51.25
C ASN H 106 2.96 23.58 49.96
N LEU H 107 3.11 22.27 49.93
CA LEU H 107 3.10 21.50 48.69
C LEU H 107 4.34 21.75 47.86
N GLY H 108 5.46 22.06 48.53
CA GLY H 108 6.70 22.23 47.81
C GLY H 108 7.16 20.97 47.13
N GLY H 109 6.92 19.82 47.77
CA GLY H 109 7.30 18.55 47.17
C GLY H 109 6.66 18.33 45.81
N LEU H 110 5.39 18.70 45.67
CA LEU H 110 4.74 18.61 44.36
C LEU H 110 5.41 19.55 43.37
N PHE H 111 5.71 20.78 43.80
CA PHE H 111 6.28 21.77 42.88
C PHE H 111 7.54 21.23 42.24
N PHE H 112 8.32 20.46 42.98
CA PHE H 112 9.39 19.69 42.37
C PHE H 112 8.89 18.82 41.23
N LEU H 113 7.83 18.05 41.47
CA LEU H 113 7.39 17.09 40.45
C LEU H 113 6.96 17.82 39.18
N CYS H 114 6.26 18.93 39.31
CA CYS H 114 5.83 19.67 38.12
C CYS H 114 7.03 20.19 37.35
N CYS H 115 7.96 20.86 38.03
CA CYS H 115 9.05 21.52 37.34
C CYS H 115 9.95 20.52 36.62
N THR H 116 10.30 19.42 37.30
CA THR H 116 11.23 18.47 36.69
C THR H 116 10.65 17.88 35.41
N SER H 117 9.34 17.63 35.40
CA SER H 117 8.72 17.10 34.20
C SER H 117 8.84 18.07 33.04
N LEU H 118 8.71 19.37 33.31
CA LEU H 118 8.81 20.36 32.25
C LEU H 118 10.15 20.30 31.53
N GLY H 119 11.20 19.90 32.23
CA GLY H 119 12.53 19.91 31.62
C GLY H 119 12.63 19.02 30.40
N VAL H 120 11.67 18.13 30.20
CA VAL H 120 11.72 17.22 29.07
C VAL H 120 11.30 17.92 27.79
N TYR H 121 10.34 18.84 27.87
CA TYR H 121 9.88 19.52 26.67
C TYR H 121 11.00 20.28 26.01
N THR H 122 11.82 20.96 26.80
CA THR H 122 12.88 21.77 26.22
C THR H 122 13.83 20.90 25.41
N VAL H 123 14.18 19.73 25.93
CA VAL H 123 14.97 18.78 25.14
C VAL H 123 14.16 18.31 23.94
N MET H 124 12.92 17.94 24.20
CA MET H 124 12.00 17.45 23.19
C MET H 124 11.81 18.45 22.06
N VAL H 125 11.54 19.71 22.39
CA VAL H 125 11.33 20.70 21.34
C VAL H 125 12.63 21.01 20.63
N ALA H 126 13.73 21.12 21.36
CA ALA H 126 15.00 21.43 20.73
C ALA H 126 15.37 20.37 19.71
N GLY H 127 15.22 19.09 20.06
CA GLY H 127 15.54 18.04 19.13
C GLY H 127 14.68 18.09 17.88
N TRP H 128 13.37 18.23 18.06
CA TRP H 128 12.48 18.25 16.91
C TRP H 128 12.66 19.52 16.09
N SER H 129 12.89 20.65 16.77
CA SER H 129 13.07 21.91 16.06
C SER H 129 14.32 21.88 15.19
N SER H 130 15.39 21.28 15.68
CA SER H 130 16.63 21.22 14.91
C SER H 130 16.42 20.57 13.56
N ASN H 131 15.49 19.61 13.47
CA ASN H 131 15.17 18.96 12.21
C ASN H 131 16.38 18.25 11.62
N SER H 132 17.06 17.47 12.46
CA SER H 132 18.12 16.56 12.04
C SER H 132 17.81 15.18 12.57
N ASN H 133 18.23 14.16 11.82
CA ASN H 133 17.91 12.79 12.19
C ASN H 133 18.38 12.49 13.61
N TYR H 134 19.64 12.80 13.91
CA TYR H 134 20.18 12.53 15.23
C TYR H 134 19.46 13.34 16.28
N ALA H 135 19.19 14.61 16.00
CA ALA H 135 18.50 15.44 16.98
C ALA H 135 17.14 14.86 17.31
N LEU H 136 16.41 14.40 16.31
CA LEU H 136 15.10 13.81 16.57
C LEU H 136 15.22 12.53 17.39
N LEU H 137 16.21 11.69 17.07
CA LEU H 137 16.42 10.49 17.87
C LEU H 137 16.77 10.86 19.30
N GLY H 138 17.56 11.91 19.48
CA GLY H 138 17.85 12.36 20.83
C GLY H 138 16.60 12.80 21.57
N GLY H 139 15.75 13.57 20.91
CA GLY H 139 14.54 14.03 21.55
C GLY H 139 13.64 12.87 21.95
N LEU H 140 13.41 11.94 21.03
CA LEU H 140 12.56 10.80 21.35
C LEU H 140 13.24 9.81 22.26
N ARG H 141 14.56 9.86 22.35
CA ARG H 141 15.24 9.08 23.38
C ARG H 141 15.07 9.72 24.74
N ALA H 142 14.92 11.05 24.78
CA ALA H 142 14.68 11.74 26.05
C ALA H 142 13.26 11.52 26.54
N VAL H 143 12.28 11.59 25.64
CA VAL H 143 10.89 11.40 26.05
C VAL H 143 10.70 10.02 26.65
N ALA H 144 11.25 8.99 26.01
CA ALA H 144 11.14 7.65 26.55
C ALA H 144 11.73 7.55 27.94
N GLN H 145 12.70 8.40 28.26
CA GLN H 145 13.22 8.45 29.62
C GLN H 145 12.14 8.87 30.60
N THR H 146 11.37 9.90 30.25
CA THR H 146 10.31 10.36 31.14
C THR H 146 9.28 9.27 31.39
N ILE H 147 8.88 8.58 30.33
CA ILE H 147 7.90 7.48 30.47
C ILE H 147 8.39 6.49 31.49
N SER H 148 9.70 6.37 31.70
CA SER H 148 10.24 5.42 32.64
C SER H 148 10.33 5.98 34.06
N TYR H 149 11.10 7.06 34.24
CA TYR H 149 11.36 7.53 35.59
C TYR H 149 10.18 8.28 36.20
N GLU H 150 9.28 8.82 35.39
CA GLU H 150 8.31 9.78 35.89
C GLU H 150 7.42 9.15 36.96
N VAL H 151 6.87 7.97 36.68
CA VAL H 151 5.91 7.37 37.60
C VAL H 151 6.62 6.92 38.87
N SER H 152 7.75 6.23 38.73
CA SER H 152 8.47 5.76 39.91
C SER H 152 8.97 6.91 40.75
N LEU H 153 9.23 8.06 40.14
CA LEU H 153 9.72 9.21 40.90
C LEU H 153 8.68 9.64 41.93
N ALA H 154 7.42 9.75 41.52
CA ALA H 154 6.38 10.22 42.42
C ALA H 154 6.21 9.28 43.61
N LEU H 155 6.18 7.97 43.33
CA LEU H 155 5.97 7.01 44.41
C LEU H 155 7.08 7.09 45.44
N ILE H 156 8.32 7.19 44.99
CA ILE H 156 9.44 7.23 45.92
C ILE H 156 9.39 8.51 46.76
N LEU H 157 8.98 9.62 46.15
CA LEU H 157 8.77 10.83 46.94
C LEU H 157 7.69 10.62 47.98
N LEU H 158 6.64 9.88 47.62
CA LEU H 158 5.55 9.66 48.56
C LEU H 158 6.03 8.93 49.80
N SER H 159 6.95 7.97 49.62
CA SER H 159 7.48 7.25 50.78
C SER H 159 8.16 8.20 51.74
N PHE H 160 9.01 9.09 51.23
CA PHE H 160 9.65 10.07 52.10
C PHE H 160 8.61 10.97 52.73
N ILE H 161 7.58 11.32 51.97
CA ILE H 161 6.56 12.23 52.49
C ILE H 161 5.84 11.59 53.67
N PHE H 162 5.49 10.30 53.59
CA PHE H 162 4.85 9.65 54.73
C PHE H 162 5.64 9.81 56.01
N LEU H 163 6.96 9.86 55.91
CA LEU H 163 7.74 9.95 57.14
C LEU H 163 7.56 11.31 57.82
N ILE H 164 7.40 12.36 57.04
CA ILE H 164 7.41 13.71 57.61
C ILE H 164 6.01 14.24 57.91
N GLY H 165 4.98 13.77 57.21
CA GLY H 165 3.62 14.15 57.51
C GLY H 165 3.03 15.21 56.61
N SER H 166 3.83 15.84 55.76
CA SER H 166 3.33 16.93 54.92
C SER H 166 4.25 17.07 53.72
N TYR H 167 3.80 17.87 52.76
CA TYR H 167 4.59 18.14 51.57
C TYR H 167 5.51 19.34 51.73
N ASN H 168 5.52 19.98 52.90
CA ASN H 168 6.43 21.08 53.13
C ASN H 168 7.82 20.54 53.40
N MET H 169 8.80 21.03 52.64
CA MET H 169 10.16 20.52 52.79
C MET H 169 10.79 20.87 54.12
N ILE H 170 10.26 21.88 54.82
CA ILE H 170 10.89 22.32 56.06
C ILE H 170 10.88 21.21 57.10
N TYR H 171 9.82 20.39 57.11
CA TYR H 171 9.70 19.37 58.14
C TYR H 171 10.80 18.34 58.08
N PHE H 172 11.47 18.18 56.93
CA PHE H 172 12.58 17.25 56.87
C PHE H 172 13.65 17.59 57.89
N PHE H 173 13.79 18.87 58.22
CA PHE H 173 14.79 19.26 59.21
C PHE H 173 14.45 18.69 60.58
N PHE H 174 13.20 18.84 61.01
CA PHE H 174 12.84 18.45 62.37
C PHE H 174 12.97 16.94 62.57
N TYR H 175 12.56 16.16 61.58
CA TYR H 175 12.59 14.72 61.73
C TYR H 175 13.99 14.14 61.58
N GLN H 176 14.91 14.87 60.94
CA GLN H 176 16.30 14.43 60.79
C GLN H 176 17.19 15.14 61.80
N VAL H 177 16.69 15.36 63.01
CA VAL H 177 17.45 16.06 64.03
C VAL H 177 18.31 15.10 64.83
N TYR H 178 17.83 13.88 65.09
CA TYR H 178 18.60 12.88 65.82
C TYR H 178 19.47 12.04 64.90
N MET H 179 19.00 11.78 63.69
CA MET H 179 19.66 10.85 62.79
C MET H 179 19.32 11.28 61.37
N TRP H 180 19.67 10.43 60.40
CA TRP H 180 19.46 10.72 59.00
C TRP H 180 18.60 9.64 58.38
N PHE H 181 17.66 10.05 57.52
CA PHE H 181 16.78 9.09 56.88
C PHE H 181 17.54 8.11 56.00
N LEU H 182 18.80 8.40 55.67
CA LEU H 182 19.60 7.45 54.92
C LEU H 182 19.57 6.07 55.56
N ILE H 183 19.64 6.03 56.89
CA ILE H 183 19.65 4.75 57.59
C ILE H 183 18.34 4.01 57.36
N ILE H 184 17.21 4.69 57.56
CA ILE H 184 15.92 4.03 57.41
C ILE H 184 15.66 3.67 55.96
N LEU H 185 16.17 4.45 55.02
CA LEU H 185 15.79 4.37 53.62
C LEU H 185 16.97 4.02 52.73
N PHE H 186 17.84 3.13 53.18
CA PHE H 186 19.06 2.88 52.44
C PHE H 186 18.80 2.43 51.00
N PRO H 187 17.98 1.41 50.74
CA PRO H 187 17.74 1.03 49.34
C PRO H 187 17.10 2.14 48.53
N MET H 188 16.19 2.92 49.13
CA MET H 188 15.61 4.04 48.40
C MET H 188 16.64 5.10 48.09
N ALA H 189 17.52 5.40 49.04
CA ALA H 189 18.61 6.33 48.75
C ALA H 189 19.38 5.84 47.55
N LEU H 190 19.69 4.55 47.52
CA LEU H 190 20.42 3.99 46.39
C LEU H 190 19.55 4.02 45.12
N VAL H 191 18.28 3.69 45.25
CA VAL H 191 17.36 3.80 44.11
C VAL H 191 17.18 5.26 43.72
N TRP H 192 17.02 6.14 44.71
CA TRP H 192 16.72 7.53 44.41
C TRP H 192 17.84 8.18 43.62
N VAL H 193 19.09 7.89 43.97
CA VAL H 193 20.20 8.39 43.17
C VAL H 193 20.06 7.90 41.73
N SER H 194 19.66 6.64 41.56
CA SER H 194 19.53 6.09 40.22
C SER H 194 18.51 6.85 39.41
N ILE H 195 17.35 7.15 40.00
CA ILE H 195 16.35 7.94 39.30
C ILE H 195 16.84 9.37 39.13
N SER H 196 17.54 9.89 40.14
CA SER H 196 18.07 11.25 40.02
C SER H 196 18.97 11.38 38.80
N LEU H 197 19.75 10.34 38.49
CA LEU H 197 20.57 10.36 37.28
C LEU H 197 19.71 10.49 36.04
N ALA H 198 18.60 9.76 35.99
CA ALA H 198 17.72 9.85 34.83
C ALA H 198 17.16 11.25 34.68
N GLU H 199 16.82 11.90 35.80
CA GLU H 199 16.32 13.26 35.75
C GLU H 199 17.26 14.17 34.99
N THR H 200 18.54 14.11 35.33
CA THR H 200 19.55 14.98 34.75
C THR H 200 20.20 14.39 33.51
N ASN H 201 19.80 13.18 33.10
CA ASN H 201 20.32 12.55 31.89
C ASN H 201 21.84 12.44 31.93
N ARG H 202 22.30 11.63 32.88
CA ARG H 202 23.72 11.39 33.07
C ARG H 202 24.03 9.93 32.83
N THR H 203 25.29 9.66 32.54
CA THR H 203 25.77 8.30 32.53
C THR H 203 25.47 7.70 33.90
N PRO H 204 24.93 6.48 33.98
CA PRO H 204 24.69 5.47 32.94
C PRO H 204 23.37 5.62 32.19
N PHE H 205 22.67 6.75 32.37
CA PHE H 205 21.40 6.99 31.70
C PHE H 205 21.50 8.14 30.70
N ASP H 206 22.64 8.28 30.04
CA ASP H 206 22.87 9.41 29.14
C ASP H 206 22.35 9.02 27.75
N PHE H 207 21.08 9.32 27.51
CA PHE H 207 20.40 9.00 26.25
C PHE H 207 20.04 10.22 25.44
N ALA H 208 19.62 11.31 26.08
CA ALA H 208 19.34 12.53 25.35
C ALA H 208 20.58 13.01 24.61
N GLU H 209 21.70 13.11 25.32
CA GLU H 209 22.98 13.35 24.64
C GLU H 209 23.39 12.14 23.82
N GLY H 210 23.35 10.96 24.44
CA GLY H 210 23.60 9.73 23.70
C GLY H 210 24.95 9.73 23.02
N GLU H 211 25.97 10.25 23.69
CA GLU H 211 27.28 10.36 23.07
C GLU H 211 27.81 8.98 22.69
N SER H 212 28.26 8.87 21.44
CA SER H 212 28.83 7.66 20.84
C SER H 212 27.75 6.69 20.36
N GLU H 213 26.47 6.99 20.59
CA GLU H 213 25.38 6.32 19.89
C GLU H 213 24.72 7.27 18.91
N LEU H 214 24.29 8.43 19.39
CA LEU H 214 24.06 9.60 18.57
C LEU H 214 25.27 10.50 18.71
N VAL H 215 25.56 11.27 17.65
CA VAL H 215 26.81 12.00 17.62
C VAL H 215 26.91 12.96 18.80
N SER H 216 25.87 13.77 19.00
CA SER H 216 25.77 14.56 20.22
C SER H 216 24.32 14.66 20.70
N GLY H 217 23.46 13.77 20.25
CA GLY H 217 22.08 13.81 20.70
C GLY H 217 21.37 15.05 20.21
N PHE H 218 20.43 15.53 21.02
CA PHE H 218 19.62 16.69 20.66
C PHE H 218 20.43 17.98 20.60
N ASN H 219 21.65 18.00 21.13
CA ASN H 219 22.53 19.16 21.04
C ASN H 219 23.30 19.21 19.73
N VAL H 220 23.15 18.21 18.86
CA VAL H 220 24.04 18.08 17.71
C VAL H 220 23.97 19.28 16.79
N GLU H 221 22.89 20.05 16.82
CA GLU H 221 22.68 21.14 15.89
C GLU H 221 22.69 22.50 16.58
N TYR H 222 23.25 22.58 17.78
CA TYR H 222 23.36 23.83 18.51
C TYR H 222 24.80 24.29 18.53
N SER H 223 24.97 25.58 18.78
CA SER H 223 26.27 26.22 18.71
C SER H 223 26.27 27.35 19.73
N SER H 224 27.16 28.32 19.52
CA SER H 224 27.67 29.20 20.57
C SER H 224 26.66 29.60 21.64
N GLY H 225 25.60 30.28 21.26
CA GLY H 225 24.70 30.81 22.26
C GLY H 225 23.77 29.75 22.81
N GLY H 226 23.01 29.11 21.93
CA GLY H 226 22.05 28.13 22.38
C GLY H 226 22.70 26.97 23.12
N PHE H 227 23.81 26.47 22.61
CA PHE H 227 24.42 25.30 23.23
C PHE H 227 24.89 25.61 24.64
N ALA H 228 25.40 26.82 24.87
CA ALA H 228 25.88 27.18 26.20
C ALA H 228 24.75 27.06 27.22
N LEU H 229 23.61 27.69 26.94
CA LEU H 229 22.51 27.67 27.88
C LEU H 229 22.02 26.24 28.11
N ILE H 230 21.99 25.43 27.05
CA ILE H 230 21.65 24.03 27.22
C ILE H 230 22.62 23.37 28.19
N PHE H 231 23.90 23.73 28.09
CA PHE H 231 24.89 23.14 28.97
C PHE H 231 24.67 23.58 30.41
N MET H 232 24.56 24.89 30.63
CA MET H 232 24.38 25.38 31.99
C MET H 232 23.10 24.83 32.60
N ALA H 233 22.02 24.81 31.82
CA ALA H 233 20.77 24.24 32.31
C ALA H 233 20.95 22.78 32.73
N GLU H 234 21.87 22.08 32.08
CA GLU H 234 22.12 20.70 32.44
C GLU H 234 22.74 20.60 33.83
N TYR H 235 23.80 21.38 34.09
CA TYR H 235 24.51 21.27 35.34
C TYR H 235 23.80 21.96 36.49
N ALA H 236 22.89 22.87 36.21
CA ALA H 236 22.02 23.38 37.27
C ALA H 236 21.14 22.27 37.81
N SER H 237 20.68 21.38 36.93
CA SER H 237 19.86 20.26 37.36
C SER H 237 20.63 19.36 38.32
N ILE H 238 21.88 19.06 37.99
CA ILE H 238 22.70 18.22 38.87
C ILE H 238 22.81 18.87 40.23
N LEU H 239 23.11 20.17 40.26
CA LEU H 239 23.35 20.85 41.53
C LEU H 239 22.12 20.81 42.41
N PHE H 240 20.95 21.09 41.83
CA PHE H 240 19.73 21.06 42.63
C PHE H 240 19.43 19.64 43.09
N MET H 241 19.42 18.69 42.17
CA MET H 241 19.07 17.33 42.53
C MET H 241 20.03 16.77 43.56
N SER H 242 21.29 17.20 43.51
CA SER H 242 22.22 16.86 44.58
C SER H 242 21.78 17.47 45.89
N MET H 243 21.35 18.73 45.89
CA MET H 243 20.87 19.34 47.11
C MET H 243 19.62 18.63 47.61
N LEU H 244 18.70 18.30 46.71
CA LEU H 244 17.47 17.63 47.13
C LEU H 244 17.76 16.28 47.77
N PHE H 245 18.90 15.68 47.43
CA PHE H 245 19.33 14.48 48.14
C PHE H 245 19.83 14.83 49.53
N CYS H 246 20.42 16.01 49.71
CA CYS H 246 20.94 16.38 51.02
C CYS H 246 19.85 16.78 51.99
N VAL H 247 18.75 17.35 51.50
CA VAL H 247 17.66 17.69 52.40
C VAL H 247 16.82 16.48 52.78
N ILE H 248 16.84 15.42 51.98
CA ILE H 248 16.01 14.26 52.25
C ILE H 248 16.75 13.24 53.11
N PHE H 249 18.00 12.93 52.77
CA PHE H 249 18.71 11.83 53.41
C PHE H 249 19.85 12.28 54.32
N LEU H 250 20.22 13.55 54.35
CA LEU H 250 21.45 13.97 55.00
C LEU H 250 21.22 15.20 55.88
N GLY H 251 20.21 15.13 56.72
CA GLY H 251 20.05 16.12 57.79
C GLY H 251 19.21 17.33 57.50
N CYS H 252 19.43 17.98 56.37
CA CYS H 252 18.66 19.18 55.99
C CYS H 252 18.87 20.31 57.00
N ASP H 253 20.12 20.53 57.38
CA ASP H 253 20.47 21.68 58.22
C ASP H 253 20.98 22.82 57.33
N VAL H 254 20.04 23.43 56.62
CA VAL H 254 20.39 24.37 55.57
C VAL H 254 21.22 25.53 56.11
N PHE H 255 21.00 25.91 57.37
CA PHE H 255 21.74 27.04 57.91
C PHE H 255 23.12 26.65 58.43
N ASN H 256 23.38 25.37 58.63
CA ASN H 256 24.70 24.93 59.05
C ASN H 256 25.65 24.93 57.86
N LEU H 257 26.95 25.04 58.17
CA LEU H 257 27.95 25.02 57.11
C LEU H 257 28.11 23.63 56.51
N LEU H 258 28.09 22.61 57.36
CA LEU H 258 28.35 21.25 56.89
C LEU H 258 27.41 20.85 55.78
N PHE H 259 26.17 21.36 55.80
CA PHE H 259 25.21 21.04 54.76
C PHE H 259 25.78 21.32 53.38
N TYR H 260 26.61 22.34 53.26
CA TYR H 260 27.23 22.67 51.98
C TYR H 260 28.49 21.87 51.73
N MET H 261 29.17 21.40 52.77
CA MET H 261 30.18 20.37 52.56
C MET H 261 29.53 19.11 52.04
N LYS H 262 28.36 18.74 52.58
CA LYS H 262 27.63 17.59 52.08
C LYS H 262 27.19 17.82 50.64
N LEU H 263 26.69 19.01 50.32
CA LEU H 263 26.12 19.25 49.01
C LEU H 263 27.14 19.02 47.92
N THR H 264 28.36 19.53 48.10
CA THR H 264 29.40 19.32 47.11
C THR H 264 29.76 17.85 46.99
N PHE H 265 29.74 17.13 48.12
CA PHE H 265 30.11 15.71 48.07
C PHE H 265 29.15 14.93 47.20
N ILE H 266 27.85 15.16 47.35
CA ILE H 266 26.90 14.48 46.48
C ILE H 266 27.12 14.91 45.04
N SER H 267 27.53 16.16 44.82
CA SER H 267 27.90 16.56 43.47
C SER H 267 29.10 15.77 42.99
N PHE H 268 30.07 15.51 43.88
CA PHE H 268 31.18 14.66 43.51
C PHE H 268 30.70 13.26 43.16
N VAL H 269 29.71 12.75 43.89
CA VAL H 269 29.20 11.41 43.62
C VAL H 269 28.67 11.33 42.19
N PHE H 270 27.99 12.39 41.74
CA PHE H 270 27.44 12.37 40.39
C PHE H 270 28.56 12.32 39.36
N ILE H 271 29.65 13.03 39.59
CA ILE H 271 30.81 12.90 38.71
C ILE H 271 31.45 11.54 38.89
N TRP H 272 31.56 11.10 40.15
CA TRP H 272 32.16 9.81 40.45
C TRP H 272 31.50 8.69 39.67
N VAL H 273 30.17 8.70 39.59
CA VAL H 273 29.48 7.63 38.90
C VAL H 273 29.73 7.72 37.39
N ARG H 274 29.79 8.93 36.85
CA ARG H 274 30.01 9.08 35.43
C ARG H 274 31.32 8.44 35.00
N GLY H 275 32.31 8.41 35.89
CA GLY H 275 33.58 7.78 35.62
C GLY H 275 33.67 6.33 36.02
N THR H 276 32.55 5.68 36.33
CA THR H 276 32.55 4.28 36.72
C THR H 276 31.73 3.40 35.80
N LEU H 277 30.50 3.80 35.48
CA LEU H 277 29.57 2.89 34.87
C LEU H 277 29.47 3.12 33.37
N PRO H 278 29.31 2.07 32.56
CA PRO H 278 28.92 2.28 31.17
C PRO H 278 27.44 2.60 31.06
N ARG H 279 27.07 3.16 29.92
CA ARG H 279 25.69 3.56 29.69
C ARG H 279 24.79 2.33 29.56
N PHE H 280 23.61 2.39 30.19
CA PHE H 280 22.60 1.39 29.89
C PHE H 280 22.17 1.40 28.43
N ARG H 281 21.43 0.35 28.10
CA ARG H 281 20.82 0.17 26.81
C ARG H 281 19.44 0.79 26.83
N TYR H 282 19.12 1.55 25.79
CA TYR H 282 17.89 2.33 25.71
C TYR H 282 16.61 1.66 26.20
N ASP H 283 16.46 0.36 25.99
CA ASP H 283 15.27 -0.32 26.48
C ASP H 283 15.42 -0.82 27.89
N LYS H 284 16.64 -1.19 28.28
CA LYS H 284 16.83 -1.78 29.59
C LYS H 284 16.44 -0.81 30.69
N LEU H 285 16.54 0.49 30.44
CA LEU H 285 16.08 1.47 31.42
C LEU H 285 14.58 1.40 31.61
N MET H 286 13.83 1.44 30.50
CA MET H 286 12.38 1.47 30.63
C MET H 286 11.88 0.19 31.27
N TYR H 287 12.47 -0.94 30.93
CA TYR H 287 12.15 -2.17 31.65
C TYR H 287 12.53 -2.06 33.12
N LEU H 288 13.67 -1.46 33.41
CA LEU H 288 14.09 -1.34 34.81
C LEU H 288 13.08 -0.55 35.62
N ALA H 289 12.59 0.58 35.08
CA ALA H 289 11.68 1.41 35.85
C ALA H 289 10.38 0.69 36.13
N TRP H 290 9.82 0.02 35.12
CA TRP H 290 8.51 -0.61 35.28
C TRP H 290 8.62 -2.00 35.89
N LYS H 291 9.64 -2.77 35.52
CA LYS H 291 9.71 -4.14 36.00
C LYS H 291 10.18 -4.21 37.44
N CYS H 292 11.09 -3.33 37.86
CA CYS H 292 11.70 -3.41 39.18
C CYS H 292 11.37 -2.22 40.06
N PHE H 293 11.66 -1.00 39.62
CA PHE H 293 11.54 0.16 40.50
C PHE H 293 10.10 0.39 40.91
N LEU H 294 9.18 0.38 39.94
CA LEU H 294 7.77 0.63 40.24
C LEU H 294 7.24 -0.42 41.21
N SER H 295 7.53 -1.69 40.96
CA SER H 295 7.13 -2.72 41.90
C SER H 295 7.81 -2.54 43.25
N PHE H 296 9.10 -2.19 43.23
CA PHE H 296 9.81 -1.96 44.47
C PHE H 296 9.17 -0.83 45.26
N SER H 297 8.92 0.30 44.61
CA SER H 297 8.44 1.47 45.34
C SER H 297 7.08 1.20 45.96
N LEU H 298 6.17 0.57 45.21
CA LEU H 298 4.86 0.27 45.75
C LEU H 298 4.95 -0.64 46.97
N ASN H 299 5.93 -1.54 47.00
CA ASN H 299 6.03 -2.47 48.11
C ASN H 299 6.26 -1.75 49.42
N TYR H 300 7.01 -0.65 49.42
CA TYR H 300 7.31 0.03 50.66
C TYR H 300 6.24 1.01 51.09
N LEU H 301 5.38 1.43 50.17
CA LEU H 301 4.22 2.20 50.60
C LEU H 301 3.42 1.39 51.61
N LEU H 302 3.25 0.10 51.35
CA LEU H 302 2.64 -0.78 52.34
C LEU H 302 3.49 -0.81 53.60
N PHE H 303 4.81 -0.95 53.45
CA PHE H 303 5.67 -1.01 54.61
C PHE H 303 5.58 0.26 55.43
N PHE H 304 5.45 1.41 54.76
CA PHE H 304 5.36 2.68 55.47
C PHE H 304 3.92 3.04 55.82
N ILE H 305 2.94 2.51 55.11
CA ILE H 305 1.55 2.65 55.55
C ILE H 305 1.34 1.85 56.82
N GLY H 306 1.88 0.64 56.89
CA GLY H 306 1.80 -0.12 58.11
C GLY H 306 2.60 0.52 59.22
N PHE H 307 3.82 0.95 58.93
CA PHE H 307 4.66 1.52 59.97
C PHE H 307 4.05 2.79 60.53
N LYS H 308 3.55 3.67 59.67
CA LYS H 308 2.91 4.88 60.15
C LYS H 308 1.67 4.55 60.97
N ILE H 309 0.88 3.57 60.50
CA ILE H 309 -0.30 3.16 61.26
C ILE H 309 0.12 2.63 62.63
N LEU H 310 1.09 1.72 62.64
CA LEU H 310 1.57 1.18 63.91
C LEU H 310 2.08 2.30 64.80
N LEU H 311 2.88 3.20 64.23
CA LEU H 311 3.41 4.30 65.01
C LEU H 311 2.29 5.24 65.47
N PHE H 312 1.25 5.39 64.66
CA PHE H 312 0.14 6.25 65.06
C PHE H 312 -0.55 5.72 66.30
N SER H 313 -0.71 4.40 66.40
CA SER H 313 -1.38 3.85 67.58
C SER H 313 -0.59 4.14 68.84
N LEU H 314 0.73 4.01 68.78
CA LEU H 314 1.55 4.30 69.96
C LEU H 314 1.52 5.79 70.28
N LEU H 315 1.51 6.63 69.25
CA LEU H 315 1.50 8.08 69.45
C LEU H 315 0.27 8.68 68.80
N GLU I 1 32.61 -24.67 44.35
CA GLU I 1 32.67 -24.25 42.96
C GLU I 1 31.68 -25.06 42.12
N PRO I 2 31.04 -24.44 41.13
CA PRO I 2 30.20 -25.20 40.21
C PRO I 2 31.04 -25.97 39.20
N LYS I 3 30.37 -26.85 38.47
CA LYS I 3 31.03 -27.68 37.48
C LYS I 3 31.12 -26.96 36.15
N ASP I 4 31.80 -27.58 35.20
CA ASP I 4 31.95 -27.05 33.85
C ASP I 4 30.97 -27.74 32.92
N ILE I 5 30.26 -26.95 32.11
CA ILE I 5 29.29 -27.53 31.19
C ILE I 5 29.99 -28.39 30.15
N VAL I 6 31.16 -27.95 29.69
CA VAL I 6 31.94 -28.66 28.68
C VAL I 6 33.28 -29.04 29.29
N GLU I 7 33.62 -30.32 29.26
CA GLU I 7 34.92 -30.75 29.72
C GLU I 7 36.00 -30.12 28.85
N VAL I 8 37.10 -29.74 29.46
CA VAL I 8 38.16 -28.98 28.80
C VAL I 8 39.30 -29.91 28.45
N PRO I 9 39.79 -29.93 27.20
CA PRO I 9 41.00 -30.70 26.89
C PRO I 9 42.25 -29.98 27.38
N LYS I 10 43.42 -30.49 27.02
CA LYS I 10 44.67 -29.89 27.43
C LYS I 10 44.99 -28.67 26.58
N GLY I 11 45.76 -27.76 27.15
CA GLY I 11 46.21 -26.59 26.41
C GLY I 11 45.09 -25.72 25.91
N TYR I 12 44.02 -25.60 26.68
CA TYR I 12 42.90 -24.74 26.32
C TYR I 12 42.23 -24.24 27.58
N VAL I 13 41.81 -22.99 27.53
CA VAL I 13 41.18 -22.31 28.65
C VAL I 13 39.83 -21.80 28.18
N TYR I 14 38.81 -22.00 29.00
CA TYR I 14 37.47 -21.55 28.68
C TYR I 14 37.13 -20.33 29.54
N VAL I 15 36.29 -19.46 28.98
CA VAL I 15 35.95 -18.20 29.61
C VAL I 15 34.58 -18.24 30.27
N ASN I 16 33.60 -18.86 29.62
CA ASN I 16 32.28 -19.10 30.20
C ASN I 16 31.99 -20.58 30.08
N ASN I 17 32.48 -21.35 31.04
CA ASN I 17 32.25 -22.78 31.10
C ASN I 17 31.57 -23.20 32.39
N LYS I 18 31.95 -22.60 33.51
CA LYS I 18 31.36 -22.96 34.79
C LYS I 18 29.86 -22.67 34.78
N GLU I 19 29.08 -23.63 35.27
CA GLU I 19 27.64 -23.43 35.38
C GLU I 19 27.31 -22.67 36.66
N LEU I 20 26.03 -22.37 36.85
CA LEU I 20 25.56 -21.63 38.01
C LEU I 20 25.00 -22.60 39.05
N SER I 21 25.48 -22.50 40.28
CA SER I 21 24.96 -23.31 41.35
C SER I 21 23.52 -22.96 41.64
N MET I 22 22.79 -23.92 42.23
CA MET I 22 21.40 -23.72 42.61
C MET I 22 21.18 -23.97 44.09
N GLU I 23 22.25 -23.96 44.88
CA GLU I 23 22.12 -24.06 46.32
C GLU I 23 21.72 -22.71 46.89
N PHE I 24 20.87 -22.73 47.91
CA PHE I 24 20.41 -21.49 48.51
C PHE I 24 21.57 -20.65 49.01
N ALA I 25 22.66 -21.30 49.45
CA ALA I 25 23.82 -20.56 49.92
C ALA I 25 24.39 -19.66 48.83
N ASP I 26 24.34 -20.11 47.58
CA ASP I 26 24.88 -19.35 46.47
C ASP I 26 23.84 -18.42 45.85
N ILE I 27 22.60 -18.90 45.66
CA ILE I 27 21.58 -18.06 45.05
C ILE I 27 21.39 -16.80 45.89
N THR I 28 21.36 -16.94 47.21
CA THR I 28 21.26 -15.76 48.06
C THR I 28 22.48 -14.85 47.86
N ASP I 29 23.67 -15.44 47.70
CA ASP I 29 24.85 -14.63 47.48
C ASP I 29 24.75 -13.84 46.18
N ARG I 30 24.32 -14.50 45.10
CA ARG I 30 24.05 -13.76 43.88
C ARG I 30 22.92 -12.77 44.09
N ALA I 31 21.87 -13.19 44.80
CA ALA I 31 20.72 -12.32 45.00
C ALA I 31 21.11 -11.07 45.78
N ALA I 32 21.93 -11.23 46.81
CA ALA I 32 22.31 -10.07 47.63
C ALA I 32 23.01 -9.01 46.80
N SER I 33 23.98 -9.43 45.98
CA SER I 33 24.66 -8.47 45.11
C SER I 33 23.70 -7.87 44.10
N THR I 34 22.86 -8.69 43.48
CA THR I 34 21.91 -8.19 42.50
C THR I 34 20.89 -7.25 43.12
N MET I 35 20.80 -7.24 44.45
CA MET I 35 19.74 -6.58 45.18
C MET I 35 20.22 -5.37 45.96
N PHE I 36 21.51 -5.34 46.33
CA PHE I 36 22.11 -4.19 47.00
C PHE I 36 23.26 -3.61 46.19
N PHE I 37 23.26 -3.80 44.88
CA PHE I 37 24.27 -3.21 44.01
C PHE I 37 25.68 -3.67 44.39
N GLY I 38 25.79 -4.93 44.83
CA GLY I 38 27.05 -5.41 45.37
C GLY I 38 28.17 -5.41 44.34
N GLU I 39 27.87 -5.82 43.12
CA GLU I 39 28.89 -5.84 42.09
C GLU I 39 29.41 -4.44 41.82
N LEU I 40 28.50 -3.47 41.71
CA LEU I 40 28.90 -2.10 41.44
C LEU I 40 29.65 -1.49 42.62
N LEU I 41 29.44 -1.98 43.84
CA LEU I 41 30.10 -1.41 45.00
C LEU I 41 31.62 -1.48 44.84
N ARG I 42 32.15 -2.67 44.56
CA ARG I 42 33.59 -2.79 44.43
C ARG I 42 34.10 -2.01 43.22
N GLY I 43 33.26 -1.85 42.20
CA GLY I 43 33.63 -0.99 41.09
C GLY I 43 33.83 0.44 41.54
N PHE I 44 33.03 0.89 42.49
CA PHE I 44 33.19 2.25 42.98
C PHE I 44 34.39 2.39 43.90
N ALA I 45 34.71 1.34 44.66
CA ALA I 45 35.90 1.40 45.49
C ALA I 45 37.15 1.54 44.63
N VAL I 46 37.22 0.82 43.53
CA VAL I 46 38.41 0.86 42.68
C VAL I 46 38.61 2.26 42.13
N THR I 47 37.57 2.85 41.55
CA THR I 47 37.73 4.15 40.92
C THR I 47 38.11 5.22 41.94
N LEU I 48 37.49 5.19 43.11
CA LEU I 48 37.85 6.15 44.15
C LEU I 48 39.31 5.96 44.56
N ALA I 49 39.77 4.71 44.60
CA ALA I 49 41.16 4.46 44.99
C ALA I 49 42.13 5.19 44.08
N HIS I 50 41.78 5.35 42.81
CA HIS I 50 42.68 6.02 41.88
C HIS I 50 42.82 7.51 42.16
N ILE I 51 41.92 8.08 42.95
CA ILE I 51 42.08 9.47 43.36
C ILE I 51 43.37 9.64 44.14
N PHE I 52 43.78 8.61 44.87
CA PHE I 52 44.89 8.68 45.82
C PHE I 52 46.17 8.14 45.21
N LYS I 53 46.40 8.39 43.94
CA LYS I 53 47.63 8.01 43.24
C LYS I 53 48.22 9.26 42.62
N GLU I 54 49.53 9.26 42.46
CA GLU I 54 50.13 10.35 41.73
C GLU I 54 49.69 10.23 40.27
N PRO I 55 49.04 11.23 39.68
CA PRO I 55 48.72 11.13 38.26
C PRO I 55 49.99 11.10 37.42
N ALA I 56 49.91 10.39 36.31
CA ALA I 56 51.06 10.13 35.46
C ALA I 56 51.35 11.24 34.46
N THR I 57 50.74 12.40 34.62
CA THR I 57 50.90 13.48 33.65
C THR I 57 52.29 14.10 33.75
N ILE I 58 52.78 14.57 32.61
CA ILE I 58 54.06 15.26 32.49
C ILE I 58 53.80 16.72 32.18
N ASN I 59 54.53 17.61 32.84
CA ASN I 59 54.33 19.05 32.69
C ASN I 59 55.06 19.58 31.45
N TYR I 60 54.62 19.11 30.30
CA TYR I 60 55.21 19.58 29.04
C TYR I 60 54.95 21.08 28.90
N PRO I 61 55.91 21.86 28.39
CA PRO I 61 57.24 21.55 27.86
C PRO I 61 58.35 21.59 28.90
N PHE I 62 58.04 21.93 30.14
CA PHE I 62 59.10 22.02 31.14
C PHE I 62 59.72 20.67 31.40
N GLU I 63 58.90 19.64 31.46
CA GLU I 63 59.36 18.25 31.51
C GLU I 63 58.88 17.55 30.27
N LYS I 64 59.69 16.68 29.70
CA LYS I 64 59.28 15.99 28.50
C LYS I 64 60.23 14.84 28.23
N GLY I 65 59.97 14.11 27.15
CA GLY I 65 60.58 12.82 26.94
C GLY I 65 59.78 11.76 27.67
N PRO I 66 60.38 10.60 27.95
CA PRO I 66 61.72 10.13 27.56
C PRO I 66 61.77 9.59 26.14
N LEU I 67 62.96 9.61 25.56
CA LEU I 67 63.20 9.05 24.24
C LEU I 67 64.39 8.12 24.31
N SER I 68 64.86 7.64 23.17
CA SER I 68 66.02 6.79 23.07
C SER I 68 66.92 7.32 21.96
N PRO I 69 68.21 6.98 21.97
CA PRO I 69 69.11 7.51 20.94
C PRO I 69 68.74 7.11 19.53
N ARG I 70 67.92 6.08 19.35
CA ARG I 70 67.53 5.64 18.01
C ARG I 70 66.38 6.45 17.44
N PHE I 71 65.88 7.46 18.15
CA PHE I 71 64.68 8.15 17.72
C PHE I 71 64.87 8.79 16.35
N ARG I 72 63.85 8.64 15.51
CA ARG I 72 63.85 9.19 14.16
C ARG I 72 63.04 10.49 14.17
N GLY I 73 63.67 11.58 13.74
CA GLY I 73 63.01 12.86 13.72
C GLY I 73 63.34 13.66 12.48
N GLU I 74 63.53 14.97 12.64
CA GLU I 74 63.85 15.85 11.53
C GLU I 74 65.21 15.50 10.93
N HIS I 75 65.38 15.81 9.66
CA HIS I 75 66.59 15.44 8.93
C HIS I 75 67.66 16.50 9.05
N ALA I 76 68.87 16.12 8.68
CA ALA I 76 70.01 17.02 8.75
C ALA I 76 71.20 16.44 8.00
N LEU I 77 71.87 17.26 7.20
CA LEU I 77 73.06 16.82 6.50
C LEU I 77 74.28 17.14 7.35
N ARG I 78 74.99 16.11 7.80
CA ARG I 78 76.16 16.30 8.63
C ARG I 78 77.33 16.77 7.78
N ARG I 79 78.45 16.99 8.43
CA ARG I 79 79.68 17.32 7.73
C ARG I 79 80.86 16.83 8.56
N TYR I 80 82.00 16.70 7.90
CA TYR I 80 83.20 16.24 8.55
C TYR I 80 83.68 17.27 9.55
N PRO I 81 84.52 16.87 10.51
CA PRO I 81 85.09 17.86 11.44
C PRO I 81 85.88 18.93 10.73
N SER I 82 86.42 18.65 9.55
CA SER I 82 87.06 19.69 8.76
C SER I 82 86.09 20.79 8.39
N GLY I 83 84.80 20.46 8.30
CA GLY I 83 83.78 21.38 7.81
C GLY I 83 83.20 20.98 6.48
N GLU I 84 83.90 20.15 5.72
CA GLU I 84 83.42 19.72 4.42
C GLU I 84 82.17 18.85 4.58
N GLU I 85 81.21 19.04 3.69
CA GLU I 85 79.98 18.25 3.75
C GLU I 85 80.31 16.77 3.52
N ARG I 86 79.60 15.91 4.24
CA ARG I 86 79.83 14.49 4.08
C ARG I 86 79.23 13.97 2.78
N CYS I 87 78.08 14.50 2.38
CA CYS I 87 77.37 13.94 1.24
C CYS I 87 78.19 14.07 -0.03
N ILE I 88 78.26 12.97 -0.79
CA ILE I 88 78.98 12.90 -2.03
C ILE I 88 78.04 12.63 -3.21
N ALA I 89 76.76 12.84 -3.02
CA ALA I 89 75.77 12.67 -4.08
C ALA I 89 75.86 11.27 -4.67
N CYS I 90 75.93 10.28 -3.80
CA CYS I 90 75.91 8.90 -4.27
C CYS I 90 74.51 8.49 -4.70
N LYS I 91 73.49 9.12 -4.11
CA LYS I 91 72.09 8.93 -4.48
C LYS I 91 71.53 7.60 -4.04
N LEU I 92 72.19 6.89 -3.13
CA LEU I 92 71.56 5.73 -2.54
C LEU I 92 70.33 6.12 -1.75
N CYS I 93 70.40 7.24 -1.02
CA CYS I 93 69.24 7.64 -0.24
C CYS I 93 68.04 7.92 -1.13
N GLU I 94 68.27 8.56 -2.28
CA GLU I 94 67.16 8.83 -3.18
C GLU I 94 66.54 7.54 -3.68
N ALA I 95 67.37 6.55 -4.00
CA ALA I 95 66.85 5.33 -4.62
C ALA I 95 66.09 4.47 -3.63
N ILE I 96 66.42 4.55 -2.34
CA ILE I 96 65.78 3.71 -1.35
C ILE I 96 64.57 4.38 -0.71
N CYS I 97 64.48 5.71 -0.76
CA CYS I 97 63.40 6.42 -0.10
C CYS I 97 62.05 5.86 -0.53
N PRO I 98 61.31 5.19 0.34
CA PRO I 98 60.02 4.62 -0.09
C PRO I 98 59.07 5.65 -0.62
N ALA I 99 59.09 6.87 -0.08
CA ALA I 99 58.15 7.90 -0.47
C ALA I 99 58.63 8.75 -1.63
N GLN I 100 59.82 8.49 -2.15
CA GLN I 100 60.41 9.32 -3.18
C GLN I 100 60.45 10.78 -2.75
N ALA I 101 60.73 10.98 -1.47
CA ALA I 101 60.73 12.32 -0.91
C ALA I 101 62.02 13.07 -1.16
N ILE I 102 63.02 12.43 -1.73
CA ILE I 102 64.34 13.03 -1.90
C ILE I 102 64.58 13.31 -3.36
N THR I 103 65.14 14.48 -3.65
CA THR I 103 65.57 14.85 -4.99
C THR I 103 66.97 15.39 -4.89
N ILE I 104 67.88 14.86 -5.71
CA ILE I 104 69.28 15.25 -5.68
C ILE I 104 69.73 15.51 -7.11
N GLU I 105 70.45 16.61 -7.30
CA GLU I 105 71.14 16.89 -8.54
C GLU I 105 72.59 17.19 -8.18
N ALA I 106 73.51 16.48 -8.82
CA ALA I 106 74.92 16.55 -8.47
C ALA I 106 75.71 17.12 -9.64
N GLU I 107 76.83 17.76 -9.32
CA GLU I 107 77.70 18.31 -10.35
C GLU I 107 79.14 18.31 -9.87
N GLU I 108 80.05 18.14 -10.81
CA GLU I 108 81.48 18.26 -10.54
C GLU I 108 81.78 19.63 -9.98
N ARG I 109 82.14 19.70 -8.70
CA ARG I 109 82.39 20.98 -8.07
C ARG I 109 83.57 21.67 -8.74
N ALA I 110 83.78 22.93 -8.37
CA ALA I 110 84.90 23.68 -8.93
C ALA I 110 86.23 23.01 -8.60
N ASP I 111 86.40 22.61 -7.34
CA ASP I 111 87.62 21.90 -6.94
C ASP I 111 87.64 20.46 -7.41
N GLY I 112 86.58 19.99 -8.08
CA GLY I 112 86.59 18.69 -8.71
C GLY I 112 86.06 17.56 -7.87
N SER I 113 85.39 17.85 -6.76
CA SER I 113 84.85 16.83 -5.88
C SER I 113 83.40 16.55 -6.21
N ARG I 114 83.03 15.27 -6.20
CA ARG I 114 81.64 14.90 -6.40
C ARG I 114 80.80 15.49 -5.29
N ARG I 115 79.85 16.34 -5.65
CA ARG I 115 79.03 17.02 -4.64
C ARG I 115 77.68 17.35 -5.23
N THR I 116 76.76 17.73 -4.35
CA THR I 116 75.41 18.08 -4.75
C THR I 116 75.29 19.58 -4.98
N THR I 117 74.64 19.96 -6.08
CA THR I 117 74.11 21.29 -6.25
C THR I 117 72.66 21.38 -5.81
N ARG I 118 72.06 20.26 -5.44
CA ARG I 118 70.67 20.23 -5.01
C ARG I 118 70.45 19.04 -4.10
N TYR I 119 69.70 19.28 -3.03
CA TYR I 119 69.32 18.20 -2.13
C TYR I 119 68.06 18.65 -1.41
N ASP I 120 66.92 18.14 -1.84
CA ASP I 120 65.62 18.56 -1.34
C ASP I 120 64.90 17.38 -0.73
N ILE I 121 64.32 17.59 0.44
CA ILE I 121 63.46 16.59 1.08
C ILE I 121 62.09 17.21 1.25
N ASP I 122 61.07 16.48 0.85
CA ASP I 122 59.69 16.97 0.90
C ASP I 122 59.09 16.37 2.18
N MET I 123 59.22 17.10 3.29
CA MET I 123 58.84 16.55 4.59
C MET I 123 57.37 16.19 4.66
N THR I 124 56.55 16.71 3.76
CA THR I 124 55.16 16.29 3.71
C THR I 124 54.97 15.03 2.90
N LYS I 125 56.04 14.46 2.39
CA LYS I 125 56.03 13.18 1.70
C LYS I 125 56.84 12.13 2.41
N CYS I 126 57.87 12.53 3.14
CA CYS I 126 58.65 11.59 3.93
C CYS I 126 57.76 10.93 4.97
N ILE I 127 58.14 9.71 5.33
CA ILE I 127 57.44 8.94 6.35
C ILE I 127 58.32 8.67 7.56
N TYR I 128 59.51 9.27 7.59
CA TYR I 128 60.40 9.11 8.72
C TYR I 128 60.69 7.64 8.97
N CYS I 129 60.84 6.89 7.87
CA CYS I 129 61.19 5.48 7.97
C CYS I 129 62.61 5.28 8.46
N GLY I 130 63.52 6.13 8.00
CA GLY I 130 64.91 6.01 8.39
C GLY I 130 65.75 5.18 7.46
N PHE I 131 65.22 4.77 6.30
CA PHE I 131 66.04 4.04 5.35
C PHE I 131 67.14 4.91 4.78
N CYS I 132 66.92 6.22 4.68
CA CYS I 132 67.95 7.07 4.12
C CYS I 132 69.21 7.04 4.97
N GLN I 133 69.08 7.10 6.29
CA GLN I 133 70.28 7.13 7.11
C GLN I 133 70.94 5.76 7.21
N GLU I 134 70.22 4.68 6.92
CA GLU I 134 70.85 3.38 6.88
C GLU I 134 71.61 3.16 5.58
N ALA I 135 71.14 3.75 4.49
CA ALA I 135 71.76 3.56 3.19
C ALA I 135 72.94 4.48 2.94
N CYS I 136 73.03 5.60 3.63
CA CYS I 136 74.10 6.54 3.34
C CYS I 136 75.43 5.89 3.71
N PRO I 137 76.35 5.72 2.76
CA PRO I 137 77.61 5.07 3.11
C PRO I 137 78.56 5.94 3.89
N VAL I 138 78.27 7.23 4.09
CA VAL I 138 79.18 8.12 4.79
C VAL I 138 78.45 8.89 5.87
N ASP I 139 77.27 8.42 6.28
CA ASP I 139 76.52 9.02 7.38
C ASP I 139 76.19 10.48 7.10
N ALA I 140 76.05 10.85 5.84
CA ALA I 140 75.82 12.25 5.52
C ALA I 140 74.44 12.70 5.99
N ILE I 141 73.42 11.89 5.72
CA ILE I 141 72.04 12.22 6.06
C ILE I 141 71.66 11.44 7.30
N VAL I 142 71.10 12.14 8.29
CA VAL I 142 70.64 11.51 9.52
C VAL I 142 69.31 12.12 9.90
N GLU I 143 68.56 11.36 10.68
CA GLU I 143 67.29 11.83 11.23
C GLU I 143 67.60 12.34 12.64
N GLY I 144 67.68 13.65 12.77
CA GLY I 144 68.10 14.26 14.00
C GLY I 144 67.10 14.06 15.12
N PRO I 145 67.47 14.44 16.33
CA PRO I 145 66.57 14.25 17.47
C PRO I 145 65.34 15.12 17.43
N ASN I 146 65.35 16.19 16.66
CA ASN I 146 64.27 17.17 16.72
C ASN I 146 62.97 16.54 16.24
N PHE I 147 61.89 16.78 16.98
CA PHE I 147 60.55 16.42 16.53
C PHE I 147 59.58 17.59 16.67
N GLU I 148 60.08 18.80 16.90
CA GLU I 148 59.25 19.97 17.12
C GLU I 148 59.59 20.96 15.99
N PHE I 149 59.01 20.72 14.82
CA PHE I 149 59.22 21.61 13.69
C PHE I 149 57.92 21.79 12.90
N SER I 150 56.80 21.90 13.60
CA SER I 150 55.56 22.24 12.92
C SER I 150 55.62 23.68 12.44
N THR I 151 55.10 23.90 11.24
CA THR I 151 55.08 25.21 10.62
C THR I 151 53.65 25.70 10.45
N GLU I 152 53.52 26.92 9.95
CA GLU I 152 52.22 27.50 9.64
C GLU I 152 51.98 27.61 8.14
N THR I 153 52.84 27.03 7.31
CA THR I 153 52.67 27.08 5.88
C THR I 153 53.22 25.81 5.28
N HIS I 154 52.55 25.31 4.24
CA HIS I 154 52.98 24.08 3.60
C HIS I 154 54.36 24.25 2.99
N GLU I 155 54.63 25.41 2.39
CA GLU I 155 55.89 25.59 1.68
C GLU I 155 57.08 25.47 2.61
N GLU I 156 56.94 25.88 3.86
CA GLU I 156 58.05 25.83 4.79
C GLU I 156 58.43 24.41 5.19
N LEU I 157 57.63 23.41 4.83
CA LEU I 157 57.96 22.03 5.14
C LEU I 157 58.75 21.35 4.03
N LEU I 158 59.12 22.06 2.98
CA LEU I 158 59.94 21.50 1.92
C LEU I 158 61.36 21.97 2.15
N TYR I 159 62.21 21.09 2.61
CA TYR I 159 63.58 21.44 2.95
C TYR I 159 64.46 21.34 1.73
N ASN I 160 65.24 22.39 1.48
CA ASN I 160 66.32 22.36 0.51
C ASN I 160 67.64 22.22 1.26
N LYS I 161 68.74 22.16 0.52
CA LYS I 161 70.01 21.79 1.14
C LYS I 161 70.42 22.79 2.21
N GLU I 162 70.23 24.08 1.95
CA GLU I 162 70.64 25.09 2.92
C GLU I 162 69.89 24.92 4.23
N LYS I 163 68.59 24.65 4.16
CA LYS I 163 67.84 24.37 5.38
C LYS I 163 68.36 23.10 6.04
N LEU I 164 68.60 22.05 5.25
CA LEU I 164 69.10 20.82 5.84
C LEU I 164 70.48 21.01 6.44
N LEU I 165 71.34 21.76 5.77
CA LEU I 165 72.67 22.01 6.30
C LEU I 165 72.60 22.80 7.59
N CYS I 166 71.70 23.78 7.67
CA CYS I 166 71.56 24.54 8.90
C CYS I 166 71.21 23.65 10.07
N ASN I 167 70.30 22.69 9.87
CA ASN I 167 69.97 21.75 10.93
C ASN I 167 71.18 20.93 11.33
N GLY I 168 71.96 20.50 10.35
CA GLY I 168 73.15 19.73 10.65
C GLY I 168 74.18 20.48 11.45
N ASP I 169 74.08 21.81 11.53
CA ASP I 169 74.93 22.62 12.38
C ASP I 169 74.27 22.96 13.69
N LYS I 170 72.98 23.27 13.68
CA LYS I 170 72.27 23.52 14.93
C LYS I 170 72.25 22.28 15.80
N TRP I 171 72.07 21.11 15.20
CA TRP I 171 71.92 19.85 15.93
C TRP I 171 73.17 19.01 15.92
N GLU I 172 74.32 19.57 15.54
CA GLU I 172 75.50 18.73 15.32
C GLU I 172 75.92 18.03 16.59
N SER I 173 75.92 18.74 17.71
CA SER I 173 76.43 18.15 18.94
C SER I 173 75.64 16.91 19.34
N GLU I 174 74.32 16.97 19.22
CA GLU I 174 73.51 15.86 19.69
C GLU I 174 73.53 14.69 18.72
N ILE I 175 73.58 14.96 17.42
CA ILE I 175 73.64 13.87 16.46
C ILE I 175 74.93 13.09 16.62
N ALA I 176 76.05 13.80 16.75
CA ALA I 176 77.32 13.11 16.92
C ALA I 176 77.32 12.26 18.17
N SER I 177 76.56 12.65 19.19
CA SER I 177 76.48 11.85 20.40
C SER I 177 75.58 10.63 20.21
N ASN I 178 74.51 10.77 19.42
CA ASN I 178 73.65 9.61 19.18
C ASN I 178 74.34 8.58 18.30
N LEU I 179 75.04 9.02 17.27
CA LEU I 179 75.73 8.08 16.39
C LEU I 179 76.77 7.29 17.16
N GLN I 180 77.53 7.97 18.03
CA GLN I 180 78.56 7.26 18.78
C GLN I 180 77.95 6.20 19.67
N ALA I 181 76.85 6.53 20.34
CA ALA I 181 76.23 5.60 21.28
C ALA I 181 75.37 4.55 20.59
N ASP I 182 75.28 4.57 19.27
CA ASP I 182 74.36 3.68 18.56
C ASP I 182 74.94 3.00 17.34
N HIS I 183 76.10 3.42 16.83
CA HIS I 183 76.58 2.89 15.57
C HIS I 183 76.88 1.40 15.64
N LEU I 184 77.32 0.91 16.81
CA LEU I 184 77.71 -0.49 16.90
C LEU I 184 76.53 -1.42 16.62
N TYR I 185 75.35 -1.06 17.11
CA TYR I 185 74.17 -1.86 16.80
C TYR I 185 73.90 -1.84 15.30
N ARG I 186 74.07 -0.69 14.66
CA ARG I 186 73.72 -0.51 13.27
C ARG I 186 74.82 -1.00 12.35
N MET J 1 -5.81 44.13 38.08
CA MET J 1 -5.12 43.10 38.82
C MET J 1 -5.04 41.85 37.96
N ILE J 2 -4.12 40.94 38.29
CA ILE J 2 -3.73 39.92 37.32
C ILE J 2 -4.88 38.98 37.00
N GLN J 3 -5.88 38.87 37.86
CA GLN J 3 -7.02 38.01 37.55
C GLN J 3 -7.66 38.41 36.23
N LEU J 4 -7.89 39.70 36.03
CA LEU J 4 -8.46 40.16 34.77
C LEU J 4 -7.50 39.90 33.62
N MET J 5 -6.21 40.18 33.82
CA MET J 5 -5.25 39.87 32.77
C MET J 5 -5.21 38.37 32.49
N LEU J 6 -5.38 37.53 33.50
CA LEU J 6 -5.54 36.11 33.23
C LEU J 6 -6.78 35.83 32.40
N TYR J 7 -7.86 36.56 32.66
CA TYR J 7 -9.05 36.43 31.84
C TYR J 7 -8.75 36.78 30.38
N SER J 8 -7.98 37.85 30.17
CA SER J 8 -7.67 38.27 28.81
C SER J 8 -6.83 37.22 28.09
N LEU J 9 -5.80 36.70 28.76
CA LEU J 9 -4.91 35.75 28.11
C LEU J 9 -5.62 34.45 27.75
N ILE J 10 -6.40 33.91 28.69
CA ILE J 10 -7.12 32.68 28.42
C ILE J 10 -8.08 32.88 27.25
N ILE J 11 -8.69 34.05 27.15
CA ILE J 11 -9.53 34.35 25.99
C ILE J 11 -8.66 34.43 24.74
N THR J 12 -7.56 35.17 24.82
CA THR J 12 -6.70 35.38 23.65
C THR J 12 -6.18 34.04 23.12
N THR J 13 -5.63 33.22 24.01
CA THR J 13 -5.08 31.93 23.57
C THR J 13 -6.18 31.03 23.03
N SER J 14 -7.43 31.22 23.46
CA SER J 14 -8.51 30.40 22.94
C SER J 14 -8.89 30.82 21.53
N ILE J 15 -8.87 32.12 21.25
CA ILE J 15 -9.18 32.59 19.89
C ILE J 15 -8.21 31.98 18.90
N ILE J 16 -6.91 32.04 19.19
CA ILE J 16 -5.94 31.49 18.27
C ILE J 16 -6.09 29.98 18.19
N PHE J 17 -6.40 29.33 19.32
CA PHE J 17 -6.51 27.88 19.32
C PHE J 17 -7.58 27.41 18.34
N LEU J 18 -8.63 28.21 18.14
CA LEU J 18 -9.61 27.86 17.14
C LEU J 18 -9.04 27.85 15.74
N ASN J 19 -7.93 28.54 15.52
CA ASN J 19 -7.39 28.74 14.18
C ASN J 19 -6.13 27.93 13.91
N MET J 20 -5.61 27.22 14.90
CA MET J 20 -4.47 26.35 14.67
C MET J 20 -4.87 25.20 13.75
N ILE J 21 -3.95 24.80 12.87
CA ILE J 21 -4.11 23.61 12.04
C ILE J 21 -3.02 22.60 12.31
N HIS J 22 -1.78 23.04 12.39
CA HIS J 22 -0.68 22.13 12.65
C HIS J 22 -0.85 21.51 14.04
N PRO J 23 -0.74 20.19 14.19
CA PRO J 23 -0.96 19.59 15.51
C PRO J 23 -0.06 20.15 16.60
N LEU J 24 1.20 20.46 16.28
CA LEU J 24 2.09 20.98 17.30
C LEU J 24 1.74 22.42 17.65
N ALA J 25 1.29 23.20 16.66
CA ALA J 25 0.76 24.51 16.95
C ALA J 25 -0.41 24.41 17.93
N LEU J 26 -1.28 23.43 17.73
CA LEU J 26 -2.34 23.18 18.70
C LEU J 26 -1.75 22.84 20.06
N GLY J 27 -0.73 21.98 20.07
CA GLY J 27 -0.16 21.56 21.34
C GLY J 27 0.45 22.70 22.10
N LEU J 28 1.24 23.53 21.42
CA LEU J 28 1.84 24.68 22.10
C LEU J 28 0.77 25.61 22.64
N THR J 29 -0.26 25.87 21.84
CA THR J 29 -1.37 26.69 22.33
C THR J 29 -2.00 26.05 23.56
N LEU J 30 -2.25 24.75 23.49
CA LEU J 30 -2.88 24.07 24.61
C LEU J 30 -1.99 24.09 25.85
N LEU J 31 -0.70 23.85 25.67
CA LEU J 31 0.20 23.82 26.82
C LEU J 31 0.22 25.17 27.53
N ILE J 32 0.25 26.26 26.77
CA ILE J 32 0.26 27.58 27.37
C ILE J 32 -1.02 27.78 28.17
N GLN J 33 -2.15 27.35 27.63
CA GLN J 33 -3.41 27.57 28.31
C GLN J 33 -3.52 26.72 29.57
N THR J 34 -3.01 25.48 29.52
CA THR J 34 -3.02 24.65 30.71
C THR J 34 -2.30 25.33 31.86
N ILE J 35 -1.30 26.17 31.57
CA ILE J 35 -0.65 26.91 32.63
C ILE J 35 -1.62 27.92 33.23
N PHE J 36 -2.29 28.70 32.38
CA PHE J 36 -3.14 29.77 32.88
C PHE J 36 -4.32 29.22 33.66
N VAL J 37 -5.03 28.25 33.07
CA VAL J 37 -6.18 27.67 33.76
C VAL J 37 -5.76 27.11 35.10
N CYS J 38 -4.59 26.45 35.14
CA CYS J 38 -4.07 25.96 36.41
C CYS J 38 -3.85 27.11 37.38
N LEU J 39 -3.23 28.19 36.89
CA LEU J 39 -3.02 29.35 37.75
C LEU J 39 -4.35 29.95 38.20
N LEU J 40 -5.28 30.09 37.26
CA LEU J 40 -6.53 30.78 37.58
C LEU J 40 -7.34 30.01 38.61
N THR J 41 -7.36 28.68 38.52
CA THR J 41 -8.19 27.89 39.41
C THR J 41 -7.76 28.07 40.87
N GLY J 42 -6.46 28.15 41.10
CA GLY J 42 -5.98 28.28 42.46
C GLY J 42 -6.29 29.62 43.09
N LEU J 43 -6.59 30.64 42.28
CA LEU J 43 -6.97 31.94 42.83
C LEU J 43 -8.25 31.84 43.63
N MET J 44 -9.21 31.08 43.13
CA MET J 44 -10.55 31.00 43.71
C MET J 44 -10.72 29.76 44.58
N THR J 45 -9.68 29.40 45.32
CA THR J 45 -9.73 28.19 46.12
C THR J 45 -8.86 28.35 47.36
N LYS J 46 -9.11 27.50 48.35
CA LYS J 46 -8.37 27.56 49.59
C LYS J 46 -6.93 27.11 49.43
N SER J 47 -6.59 26.44 48.33
CA SER J 47 -5.23 26.01 48.10
C SER J 47 -5.04 25.73 46.62
N PHE J 48 -3.77 25.62 46.23
CA PHE J 48 -3.40 25.29 44.86
C PHE J 48 -3.16 23.81 44.66
N TRP J 49 -3.58 22.98 45.62
CA TRP J 49 -3.33 21.55 45.52
C TRP J 49 -3.83 20.99 44.21
N TYR J 50 -4.98 21.46 43.76
CA TYR J 50 -5.57 20.90 42.55
C TYR J 50 -4.88 21.41 41.30
N SER J 51 -4.36 22.65 41.33
CA SER J 51 -3.59 23.14 40.20
C SER J 51 -2.34 22.30 39.99
N TYR J 52 -1.66 21.94 41.08
CA TYR J 52 -0.52 21.04 40.97
C TYR J 52 -0.94 19.72 40.33
N ILE J 53 -2.03 19.14 40.82
CA ILE J 53 -2.47 17.85 40.30
C ILE J 53 -2.86 17.98 38.84
N LEU J 54 -3.69 18.96 38.52
CA LEU J 54 -4.13 19.14 37.15
C LEU J 54 -2.94 19.35 36.22
N PHE J 55 -2.02 20.23 36.62
CA PHE J 55 -0.83 20.46 35.81
C PHE J 55 -0.06 19.17 35.59
N LEU J 56 0.15 18.40 36.66
CA LEU J 56 0.88 17.16 36.53
C LEU J 56 0.14 16.17 35.64
N ILE J 57 -1.18 16.08 35.78
CA ILE J 57 -1.93 15.11 34.99
C ILE J 57 -1.82 15.43 33.51
N PHE J 58 -2.03 16.69 33.15
CA PHE J 58 -2.07 17.03 31.73
C PHE J 58 -0.71 16.89 31.08
N LEU J 59 0.36 17.24 31.80
CA LEU J 59 1.69 17.11 31.24
C LEU J 59 1.97 15.67 30.83
N GLY J 60 1.46 14.71 31.58
CA GLY J 60 1.53 13.33 31.13
C GLY J 60 0.88 13.14 29.79
N GLY J 61 -0.30 13.74 29.59
CA GLY J 61 -0.96 13.66 28.30
C GLY J 61 -0.28 14.49 27.23
N MET J 62 0.44 15.52 27.61
CA MET J 62 1.14 16.34 26.63
C MET J 62 2.25 15.55 25.95
N LEU J 63 3.08 14.86 26.73
CA LEU J 63 4.19 14.10 26.16
C LEU J 63 3.67 13.03 25.22
N VAL J 64 2.68 12.27 25.65
CA VAL J 64 2.26 11.08 24.92
C VAL J 64 1.78 11.48 23.53
N LEU J 65 1.02 12.56 23.43
CA LEU J 65 0.49 12.93 22.12
C LEU J 65 1.55 13.50 21.20
N PHE J 66 2.62 14.08 21.74
CA PHE J 66 3.77 14.41 20.90
C PHE J 66 4.38 13.16 20.31
N ILE J 67 4.49 12.11 21.11
CA ILE J 67 5.06 10.87 20.61
C ILE J 67 4.25 10.36 19.43
N TYR J 68 2.92 10.46 19.52
CA TYR J 68 2.08 10.06 18.41
C TYR J 68 2.02 11.11 17.31
N VAL J 69 2.06 12.39 17.67
CA VAL J 69 2.14 13.43 16.63
C VAL J 69 3.41 13.24 15.82
N THR J 70 4.53 13.01 16.48
CA THR J 70 5.80 12.85 15.79
C THR J 70 5.86 11.56 14.98
N SER J 71 4.91 10.64 15.18
CA SER J 71 4.84 9.42 14.40
C SER J 71 3.76 9.43 13.34
N LEU J 72 2.70 10.22 13.51
CA LEU J 72 1.57 10.23 12.60
C LEU J 72 1.50 11.49 11.76
N ALA J 73 1.59 12.66 12.38
CA ALA J 73 1.45 13.94 11.70
C ALA J 73 2.78 14.67 11.63
N SER J 74 3.87 13.92 11.44
CA SER J 74 5.19 14.52 11.52
C SER J 74 5.38 15.59 10.45
N ASN J 75 4.93 15.33 9.23
CA ASN J 75 5.21 16.21 8.09
C ASN J 75 3.98 17.07 7.82
N GLU J 76 3.94 18.25 8.45
CA GLU J 76 2.85 19.20 8.24
C GLU J 76 3.40 20.62 8.29
N MET J 77 2.55 21.60 8.00
CA MET J 77 2.98 22.98 7.87
C MET J 77 2.25 24.02 8.70
N PHE J 78 3.04 25.04 9.01
CA PHE J 78 2.70 26.24 9.73
C PHE J 78 2.43 27.33 8.70
N ASN J 79 1.70 28.37 9.12
CA ASN J 79 1.52 29.55 8.27
C ASN J 79 1.22 30.72 9.20
N LEU J 80 2.15 31.65 9.31
CA LEU J 80 1.90 32.85 10.09
C LEU J 80 0.78 33.64 9.45
N SER J 81 -0.25 33.95 10.23
CA SER J 81 -1.44 34.63 9.73
C SER J 81 -1.42 36.06 10.25
N MET J 82 -1.04 36.99 9.39
CA MET J 82 -0.96 38.39 9.81
C MET J 82 -2.31 38.88 10.28
N LYS J 83 -3.40 38.33 9.73
CA LYS J 83 -4.72 38.62 10.25
C LYS J 83 -4.83 38.20 11.71
N LEU J 84 -4.29 37.02 12.04
CA LEU J 84 -4.43 36.50 13.39
C LEU J 84 -3.58 37.29 14.37
N THR J 85 -2.32 37.54 14.02
CA THR J 85 -1.43 38.24 14.95
C THR J 85 -1.97 39.62 15.28
N LEU J 86 -2.41 40.37 14.27
CA LEU J 86 -2.98 41.67 14.53
C LEU J 86 -4.25 41.55 15.36
N PHE J 87 -5.12 40.61 14.99
CA PHE J 87 -6.41 40.48 15.66
C PHE J 87 -6.22 40.17 17.14
N SER J 88 -5.40 39.17 17.46
CA SER J 88 -5.16 38.84 18.86
C SER J 88 -4.45 39.98 19.57
N SER J 89 -3.38 40.50 18.97
CA SER J 89 -2.68 41.63 19.56
C SER J 89 -3.59 42.84 19.69
N LEU J 90 -4.46 43.05 18.71
CA LEU J 90 -5.38 44.18 18.77
C LEU J 90 -6.33 44.03 19.96
N ILE J 91 -7.00 42.89 20.07
CA ILE J 91 -7.93 42.71 21.18
C ILE J 91 -7.16 42.59 22.49
N LEU J 92 -6.00 41.93 22.48
CA LEU J 92 -5.28 41.69 23.72
C LEU J 92 -4.99 43.01 24.44
N ILE J 93 -4.39 43.96 23.73
CA ILE J 93 -4.16 45.27 24.31
C ILE J 93 -5.48 45.92 24.67
N PHE J 94 -6.48 45.77 23.81
CA PHE J 94 -7.81 46.30 24.11
C PHE J 94 -8.34 45.74 25.42
N MET J 95 -8.24 44.43 25.60
CA MET J 95 -8.68 43.82 26.85
C MET J 95 -7.82 44.27 28.02
N LEU J 96 -6.50 44.35 27.83
CA LEU J 96 -5.63 44.79 28.91
C LEU J 96 -5.96 46.20 29.34
N ILE J 97 -6.39 47.05 28.40
CA ILE J 97 -6.75 48.42 28.73
C ILE J 97 -7.94 48.43 29.68
N LEU J 98 -8.94 47.59 29.41
CA LEU J 98 -10.12 47.55 30.27
C LEU J 98 -9.76 47.17 31.69
N SER J 99 -8.87 46.18 31.85
CA SER J 99 -8.55 45.70 33.18
C SER J 99 -7.89 46.77 34.03
N PHE J 100 -7.31 47.79 33.42
CA PHE J 100 -6.77 48.89 34.21
C PHE J 100 -7.86 49.87 34.65
N ILE J 101 -8.91 50.02 33.85
CA ILE J 101 -9.96 50.99 34.13
C ILE J 101 -11.25 50.26 34.52
N MET J 102 -11.11 49.07 35.08
CA MET J 102 -12.24 48.27 35.49
C MET J 102 -12.46 48.44 36.99
N ASP J 103 -13.74 48.39 37.39
CA ASP J 103 -14.07 48.32 38.81
C ASP J 103 -13.80 46.91 39.29
N LYS J 104 -12.53 46.64 39.51
CA LYS J 104 -12.08 45.27 39.73
C LYS J 104 -12.32 44.77 41.15
N THR J 105 -13.09 45.50 41.95
CA THR J 105 -13.76 44.87 43.07
C THR J 105 -15.01 44.13 42.62
N SER J 106 -15.64 44.63 41.55
CA SER J 106 -16.83 43.97 41.01
C SER J 106 -16.47 42.73 40.20
N SER J 107 -15.34 42.73 39.51
CA SER J 107 -14.98 41.62 38.66
C SER J 107 -14.43 40.43 39.45
N SER J 108 -14.01 40.63 40.69
CA SER J 108 -13.46 39.54 41.48
C SER J 108 -14.54 38.50 41.75
N LEU J 109 -14.14 37.23 41.72
CA LEU J 109 -15.08 36.14 41.89
C LEU J 109 -15.45 35.97 43.35
N PHE J 110 -16.73 35.72 43.60
CA PHE J 110 -17.25 35.66 44.96
C PHE J 110 -16.80 34.42 45.73
N LEU J 111 -16.22 33.43 45.05
CA LEU J 111 -15.76 32.24 45.74
C LEU J 111 -14.76 32.61 46.83
N MET J 112 -14.90 31.96 47.99
CA MET J 112 -14.18 32.39 49.18
C MET J 112 -12.78 31.81 49.18
N ASN J 113 -11.79 32.65 48.94
CA ASN J 113 -10.41 32.28 49.15
C ASN J 113 -10.20 31.92 50.62
N ASN J 114 -9.02 31.37 50.94
CA ASN J 114 -8.73 31.05 52.33
C ASN J 114 -8.74 32.29 53.20
N ASP J 115 -8.15 33.38 52.72
CA ASP J 115 -8.17 34.62 53.48
C ASP J 115 -9.55 35.25 53.49
N MET J 116 -10.32 35.08 52.43
CA MET J 116 -11.67 35.61 52.40
C MET J 116 -12.54 35.04 53.51
N GLN J 117 -12.18 33.88 54.04
CA GLN J 117 -12.94 33.30 55.13
C GLN J 117 -12.82 34.16 56.38
N SER J 118 -13.79 34.01 57.27
CA SER J 118 -13.78 34.73 58.52
C SER J 118 -12.61 34.30 59.38
N ILE J 119 -12.39 35.05 60.46
CA ILE J 119 -11.42 34.64 61.47
C ILE J 119 -12.00 33.62 62.43
N ILE J 120 -13.33 33.58 62.58
CA ILE J 120 -13.94 32.66 63.53
C ILE J 120 -14.02 31.25 62.99
N ASN J 121 -13.82 31.05 61.69
CA ASN J 121 -14.07 29.75 61.09
C ASN J 121 -13.01 28.79 61.61
N MET J 122 -13.38 28.00 62.62
CA MET J 122 -12.40 27.13 63.25
C MET J 122 -11.85 26.09 62.29
N ASN J 123 -12.63 25.70 61.30
CA ASN J 123 -12.19 24.66 60.38
C ASN J 123 -11.16 25.17 59.38
N SER J 124 -10.88 26.47 59.35
CA SER J 124 -9.92 27.02 58.42
C SER J 124 -8.51 27.10 58.98
N TYR J 125 -8.27 26.59 60.20
CA TYR J 125 -6.97 26.65 60.83
C TYR J 125 -6.24 25.32 60.83
N PHE J 126 -6.70 24.35 60.05
CA PHE J 126 -6.05 23.05 59.98
C PHE J 126 -5.08 23.05 58.81
N MET J 127 -4.58 21.87 58.44
CA MET J 127 -3.68 21.82 57.30
C MET J 127 -4.41 22.30 56.05
N GLU J 128 -3.60 22.68 55.05
CA GLU J 128 -4.15 23.42 53.92
C GLU J 128 -5.21 22.63 53.17
N ASN J 129 -5.10 21.30 53.14
CA ASN J 129 -6.00 20.47 52.35
C ASN J 129 -6.56 19.30 53.15
N SER J 130 -6.54 19.39 54.47
CA SER J 130 -6.98 18.27 55.28
C SER J 130 -8.43 17.93 55.01
N LEU J 131 -9.35 18.84 55.34
CA LEU J 131 -10.77 18.52 55.28
C LEU J 131 -11.23 18.28 53.85
N SER J 132 -10.79 19.11 52.90
CA SER J 132 -11.35 19.05 51.55
C SER J 132 -11.15 17.68 50.94
N LEU J 133 -9.93 17.16 51.00
CA LEU J 133 -9.63 15.84 50.46
C LEU J 133 -10.01 14.73 51.41
N ASN J 134 -10.59 15.06 52.58
CA ASN J 134 -10.81 14.06 53.60
C ASN J 134 -11.72 12.95 53.13
N LYS J 135 -12.98 13.27 52.85
CA LYS J 135 -13.96 12.22 52.66
C LYS J 135 -13.80 11.52 51.33
N LEU J 136 -12.74 11.79 50.60
CA LEU J 136 -12.34 10.91 49.52
C LEU J 136 -11.93 9.54 50.03
N TYR J 137 -11.61 9.41 51.32
CA TYR J 137 -11.20 8.14 51.87
C TYR J 137 -11.90 7.87 53.18
N ASN J 138 -13.20 8.13 53.23
CA ASN J 138 -14.00 7.81 54.40
C ASN J 138 -15.36 7.30 53.94
N PHE J 139 -16.01 6.56 54.82
CA PHE J 139 -17.31 6.02 54.48
C PHE J 139 -18.28 7.19 54.25
N PRO J 140 -19.17 7.10 53.26
CA PRO J 140 -19.37 6.07 52.24
C PRO J 140 -18.71 6.39 50.90
N THR J 141 -18.21 7.61 50.74
CA THR J 141 -17.68 8.03 49.44
C THR J 141 -16.41 7.27 49.05
N ASN J 142 -15.76 6.59 49.99
CA ASN J 142 -14.54 5.87 49.66
C ASN J 142 -14.79 4.83 48.58
N PHE J 143 -15.96 4.21 48.61
CA PHE J 143 -16.27 3.17 47.63
C PHE J 143 -16.21 3.72 46.21
N ILE J 144 -16.51 5.00 46.03
CA ILE J 144 -16.34 5.60 44.72
C ILE J 144 -14.88 5.53 44.29
N THR J 145 -13.96 5.85 45.19
CA THR J 145 -12.56 5.71 44.83
C THR J 145 -12.27 4.27 44.47
N ILE J 146 -12.76 3.32 45.26
CA ILE J 146 -12.57 1.90 44.95
C ILE J 146 -13.15 1.58 43.59
N LEU J 147 -14.32 2.13 43.27
CA LEU J 147 -14.92 1.88 41.97
C LEU J 147 -14.02 2.35 40.85
N LEU J 148 -13.36 3.50 41.04
CA LEU J 148 -12.41 3.97 40.04
C LEU J 148 -11.32 2.94 39.81
N MET J 149 -10.96 2.21 40.86
CA MET J 149 -9.72 1.43 40.85
C MET J 149 -9.89 0.31 39.85
N ASN J 150 -11.00 -0.41 39.99
CA ASN J 150 -11.41 -1.37 38.99
C ASN J 150 -11.58 -0.69 37.64
N TYR J 151 -12.25 0.46 37.63
CA TYR J 151 -12.42 1.17 36.38
C TYR J 151 -11.09 1.48 35.73
N LEU J 152 -10.10 1.89 36.52
CA LEU J 152 -8.78 2.15 35.96
C LEU J 152 -8.09 0.85 35.58
N LEU J 153 -8.15 -0.16 36.45
CA LEU J 153 -7.56 -1.45 36.13
C LEU J 153 -8.27 -2.09 34.95
N ILE J 154 -9.60 -2.05 34.95
CA ILE J 154 -10.34 -2.60 33.82
C ILE J 154 -9.99 -1.83 32.55
N THR J 155 -9.81 -0.52 32.66
CA THR J 155 -9.28 0.22 31.53
C THR J 155 -7.95 -0.37 31.08
N LEU J 156 -7.06 -0.63 32.03
CA LEU J 156 -5.75 -1.16 31.68
C LEU J 156 -5.86 -2.46 30.91
N ILE J 157 -6.96 -3.20 31.09
CA ILE J 157 -7.18 -4.40 30.28
C ILE J 157 -7.75 -4.02 28.91
N VAL J 158 -8.43 -2.89 28.81
CA VAL J 158 -9.04 -2.51 27.54
C VAL J 158 -7.97 -2.10 26.54
N ILE J 159 -6.99 -1.30 26.96
CA ILE J 159 -5.98 -0.81 26.03
C ILE J 159 -5.19 -1.97 25.43
N VAL J 160 -4.78 -2.93 26.24
CA VAL J 160 -3.98 -4.01 25.69
C VAL J 160 -4.80 -4.83 24.69
N LYS J 161 -6.10 -4.99 24.94
CA LYS J 161 -6.93 -5.75 24.02
C LYS J 161 -7.23 -4.97 22.75
N ILE J 162 -7.51 -3.68 22.87
CA ILE J 162 -7.68 -2.87 21.66
C ILE J 162 -6.37 -2.80 20.89
N THR J 163 -5.26 -2.73 21.61
CA THR J 163 -3.99 -2.43 20.97
C THR J 163 -3.45 -3.61 20.18
N LYS J 164 -3.54 -4.82 20.74
CA LYS J 164 -3.00 -6.02 20.10
C LYS J 164 -1.53 -5.82 19.75
N LEU J 165 -0.74 -5.71 20.82
CA LEU J 165 0.68 -5.39 20.69
C LEU J 165 1.39 -6.31 19.71
N PHE J 166 1.08 -7.60 19.76
CA PHE J 166 1.93 -8.59 19.10
C PHE J 166 1.92 -8.48 17.58
N LYS J 167 0.93 -7.81 17.00
CA LYS J 167 0.82 -7.75 15.55
C LYS J 167 1.61 -6.58 14.95
N GLY J 168 2.53 -5.98 15.70
CA GLY J 168 3.55 -5.13 15.13
C GLY J 168 3.68 -3.77 15.78
N PRO J 169 4.61 -2.96 15.28
CA PRO J 169 4.71 -1.55 15.71
C PRO J 169 3.65 -0.71 15.00
N ILE J 170 3.74 0.61 15.22
CA ILE J 170 2.88 1.58 14.56
C ILE J 170 3.74 2.47 13.67
N ARG J 171 3.36 2.53 12.39
CA ARG J 171 3.98 3.41 11.42
C ARG J 171 2.85 4.02 10.59
N MET J 172 3.11 5.22 10.08
CA MET J 172 2.15 5.91 9.22
C MET J 172 2.33 5.43 7.78
N MET J 173 2.04 4.14 7.58
CA MET J 173 2.24 3.53 6.25
C MET J 173 1.51 4.32 5.18
N MET K 1 -25.69 40.76 34.85
CA MET K 1 -26.19 39.58 35.55
C MET K 1 -25.06 38.80 36.18
N ILE K 2 -25.38 38.03 37.23
CA ILE K 2 -24.38 37.22 37.91
C ILE K 2 -23.75 36.25 36.94
N MET K 3 -24.58 35.53 36.18
CA MET K 3 -24.05 34.54 35.25
C MET K 3 -23.14 35.17 34.20
N ILE K 4 -23.35 36.44 33.89
CA ILE K 4 -22.53 37.07 32.86
C ILE K 4 -21.21 37.54 33.43
N LEU K 5 -21.18 37.97 34.69
CA LEU K 5 -19.96 38.48 35.28
C LEU K 5 -19.05 37.39 35.81
N TYR K 6 -19.55 36.18 35.99
CA TYR K 6 -18.79 35.14 36.65
C TYR K 6 -18.71 33.84 35.86
N TRP K 7 -19.78 33.46 35.14
CA TRP K 7 -19.82 32.19 34.44
C TRP K 7 -19.83 32.35 32.92
N SER K 8 -19.86 33.57 32.41
CA SER K 8 -19.86 33.74 30.96
C SER K 8 -18.56 33.23 30.35
N LEU K 9 -17.42 33.69 30.87
CA LEU K 9 -16.14 33.39 30.24
C LEU K 9 -15.92 31.90 30.05
N PRO K 10 -16.07 31.05 31.06
CA PRO K 10 -15.87 29.61 30.82
C PRO K 10 -16.80 29.03 29.79
N MET K 11 -18.06 29.45 29.75
CA MET K 11 -18.98 28.89 28.77
C MET K 11 -18.59 29.29 27.36
N ILE K 12 -18.25 30.57 27.16
CA ILE K 12 -17.81 31.00 25.84
C ILE K 12 -16.58 30.21 25.42
N LEU K 13 -15.70 29.90 26.38
CA LEU K 13 -14.53 29.10 26.08
C LEU K 13 -14.93 27.67 25.72
N PHE K 14 -15.96 27.14 26.38
CA PHE K 14 -16.37 25.77 26.12
C PHE K 14 -16.87 25.60 24.70
N ILE K 15 -17.73 26.51 24.23
CA ILE K 15 -18.27 26.36 22.89
C ILE K 15 -17.17 26.49 21.85
N LEU K 16 -16.19 27.33 22.11
CA LEU K 16 -15.04 27.40 21.22
C LEU K 16 -14.30 26.07 21.21
N GLY K 17 -14.30 25.36 22.33
CA GLY K 17 -13.75 24.02 22.32
C GLY K 17 -14.50 23.10 21.37
N LEU K 18 -15.82 23.14 21.43
CA LEU K 18 -16.60 22.26 20.56
C LEU K 18 -16.36 22.59 19.10
N PHE K 19 -16.31 23.88 18.77
CA PHE K 19 -16.11 24.26 17.37
C PHE K 19 -14.76 23.82 16.85
N CYS K 20 -13.80 23.54 17.73
CA CYS K 20 -12.59 22.88 17.30
C CYS K 20 -12.84 21.41 17.04
N PHE K 21 -13.64 20.78 17.88
CA PHE K 21 -13.91 19.35 17.78
C PHE K 21 -14.66 18.98 16.52
N VAL K 22 -15.23 19.95 15.80
CA VAL K 22 -16.01 19.67 14.61
C VAL K 22 -15.38 20.23 13.33
N SER K 23 -14.40 21.12 13.43
CA SER K 23 -13.84 21.73 12.23
C SER K 23 -13.04 20.70 11.43
N ASN K 24 -12.85 21.00 10.15
CA ASN K 24 -12.27 20.05 9.21
C ASN K 24 -10.74 20.16 9.25
N ARG K 25 -10.10 19.24 9.95
CA ARG K 25 -8.65 19.08 9.96
C ARG K 25 -8.33 17.67 9.49
N LYS K 26 -7.23 17.53 8.75
CA LYS K 26 -6.95 16.25 8.08
C LYS K 26 -6.78 15.13 9.08
N HIS K 27 -5.99 15.36 10.13
CA HIS K 27 -5.56 14.28 11.00
C HIS K 27 -6.54 14.06 12.15
N LEU K 28 -6.77 12.79 12.47
CA LEU K 28 -7.60 12.43 13.60
C LEU K 28 -7.08 13.05 14.88
N LEU K 29 -5.76 13.19 15.01
CA LEU K 29 -5.18 13.73 16.24
C LEU K 29 -5.70 15.13 16.53
N SER K 30 -6.07 15.88 15.49
CA SER K 30 -6.67 17.18 15.70
C SER K 30 -7.93 17.09 16.56
N MET K 31 -8.66 15.97 16.47
CA MET K 31 -9.78 15.76 17.36
C MET K 31 -9.31 15.50 18.79
N LEU K 32 -8.30 14.67 18.96
CA LEU K 32 -7.78 14.42 20.30
C LEU K 32 -7.21 15.68 20.91
N LEU K 33 -6.47 16.48 20.12
CA LEU K 33 -5.95 17.74 20.65
C LEU K 33 -7.08 18.58 21.23
N SER K 34 -8.15 18.79 20.46
CA SER K 34 -9.25 19.58 20.93
C SER K 34 -10.07 18.87 22.00
N LEU K 35 -9.93 17.55 22.12
CA LEU K 35 -10.71 16.83 23.13
C LEU K 35 -10.32 17.26 24.54
N GLU K 36 -9.05 17.15 24.89
CA GLU K 36 -8.61 17.58 26.21
C GLU K 36 -8.57 19.09 26.37
N PHE K 37 -8.69 19.86 25.30
CA PHE K 37 -8.96 21.28 25.49
C PHE K 37 -10.31 21.48 26.15
N ILE K 38 -11.32 20.79 25.65
CA ILE K 38 -12.65 20.94 26.24
C ILE K 38 -12.64 20.45 27.68
N VAL K 39 -11.99 19.31 27.92
CA VAL K 39 -11.92 18.78 29.27
C VAL K 39 -11.29 19.80 30.21
N LEU K 40 -10.27 20.51 29.73
CA LEU K 40 -9.67 21.55 30.53
C LEU K 40 -10.68 22.62 30.92
N MET K 41 -11.59 22.95 30.01
CA MET K 41 -12.60 23.97 30.32
C MET K 41 -13.70 23.40 31.20
N LEU K 42 -14.08 22.13 30.99
CA LEU K 42 -15.05 21.51 31.88
C LEU K 42 -14.54 21.51 33.31
N PHE K 43 -13.26 21.18 33.49
CA PHE K 43 -12.69 21.25 34.83
C PHE K 43 -12.87 22.64 35.41
N PHE K 44 -12.68 23.67 34.58
CA PHE K 44 -12.71 25.02 35.12
C PHE K 44 -14.08 25.36 35.68
N MET K 45 -15.15 25.07 34.93
CA MET K 45 -16.48 25.34 35.47
C MET K 45 -16.78 24.46 36.67
N LEU K 46 -16.58 23.15 36.50
CA LEU K 46 -16.84 22.24 37.60
C LEU K 46 -16.13 22.70 38.86
N PHE K 47 -14.96 23.30 38.69
CA PHE K 47 -14.22 23.79 39.85
C PHE K 47 -14.84 25.07 40.39
N ILE K 48 -15.53 25.85 39.56
CA ILE K 48 -16.31 26.97 40.08
C ILE K 48 -17.43 26.46 40.97
N TYR K 49 -18.18 25.48 40.48
CA TYR K 49 -19.34 25.01 41.21
C TYR K 49 -18.93 24.28 42.48
N LEU K 50 -17.92 23.43 42.41
CA LEU K 50 -17.51 22.70 43.60
C LEU K 50 -17.04 23.64 44.70
N ASN K 51 -16.52 24.81 44.34
CA ASN K 51 -16.05 25.74 45.36
C ASN K 51 -17.16 26.58 45.95
N MET K 52 -18.33 26.65 45.31
CA MET K 52 -19.48 27.22 45.99
C MET K 52 -19.81 26.41 47.24
N LEU K 53 -19.51 25.11 47.20
CA LEU K 53 -19.48 24.29 48.39
C LEU K 53 -18.17 24.55 49.13
N ASN K 54 -18.24 24.52 50.47
CA ASN K 54 -17.05 24.85 51.25
C ASN K 54 -15.96 23.79 51.09
N TYR K 55 -16.30 22.52 51.30
CA TYR K 55 -15.35 21.42 51.15
C TYR K 55 -15.98 20.33 50.31
N GLU K 56 -15.88 20.47 48.99
CA GLU K 56 -16.28 19.39 48.10
C GLU K 56 -15.35 19.28 46.90
N SER K 57 -14.20 19.94 46.92
CA SER K 57 -13.33 19.93 45.75
C SER K 57 -12.71 18.57 45.50
N TYR K 58 -12.84 17.62 46.43
CA TYR K 58 -12.26 16.30 46.22
C TYR K 58 -12.79 15.64 44.96
N PHE K 59 -13.99 16.02 44.53
CA PHE K 59 -14.57 15.42 43.33
C PHE K 59 -13.79 15.79 42.08
N SER K 60 -12.88 16.76 42.15
CA SER K 60 -12.04 17.04 41.00
C SER K 60 -11.25 15.81 40.58
N MET K 61 -10.76 15.03 41.55
CA MET K 61 -10.04 13.81 41.22
C MET K 61 -10.92 12.83 40.46
N MET K 62 -12.17 12.67 40.89
CA MET K 62 -13.09 11.79 40.18
C MET K 62 -13.19 12.21 38.72
N PHE K 63 -13.33 13.51 38.47
CA PHE K 63 -13.47 13.95 37.09
C PHE K 63 -12.21 13.69 36.29
N LEU K 64 -11.04 13.99 36.86
CA LEU K 64 -9.79 13.81 36.14
C LEU K 64 -9.56 12.35 35.76
N THR K 65 -9.98 11.41 36.62
CA THR K 65 -9.76 10.01 36.30
C THR K 65 -10.50 9.61 35.03
N PHE K 66 -11.72 10.10 34.86
CA PHE K 66 -12.46 9.82 33.65
C PHE K 66 -11.95 10.63 32.48
N SER K 67 -11.33 11.77 32.73
CA SER K 67 -10.76 12.56 31.64
C SER K 67 -9.64 11.80 30.93
N VAL K 68 -8.74 11.19 31.70
CA VAL K 68 -7.61 10.52 31.09
C VAL K 68 -8.06 9.26 30.38
N CYS K 69 -9.02 8.54 30.95
CA CYS K 69 -9.43 7.28 30.35
C CYS K 69 -10.07 7.48 28.99
N GLU K 70 -10.88 8.54 28.84
CA GLU K 70 -11.43 8.83 27.53
C GLU K 70 -10.34 9.28 26.57
N GLY K 71 -9.37 10.05 27.06
CA GLY K 71 -8.21 10.35 26.25
C GLY K 71 -7.37 9.12 25.98
N ALA K 72 -7.14 8.31 27.00
CA ALA K 72 -6.37 7.09 26.83
C ALA K 72 -7.09 6.12 25.91
N LEU K 73 -8.40 5.95 26.11
CA LEU K 73 -9.17 5.13 25.18
C LEU K 73 -9.22 5.77 23.81
N GLY K 74 -9.34 7.10 23.76
CA GLY K 74 -9.33 7.77 22.49
C GLY K 74 -8.04 7.55 21.73
N LEU K 75 -6.93 7.44 22.47
CA LEU K 75 -5.65 7.18 21.83
C LEU K 75 -5.52 5.74 21.40
N SER K 76 -6.07 4.79 22.16
CA SER K 76 -6.02 3.39 21.75
C SER K 76 -6.76 3.17 20.45
N ILE K 77 -7.95 3.74 20.31
CA ILE K 77 -8.71 3.58 19.08
C ILE K 77 -7.93 4.10 17.89
N LEU K 78 -7.19 5.19 18.08
CA LEU K 78 -6.34 5.69 17.01
C LEU K 78 -5.28 4.65 16.63
N VAL K 79 -4.68 4.00 17.62
CA VAL K 79 -3.69 2.96 17.31
C VAL K 79 -4.33 1.86 16.47
N SER K 80 -5.50 1.39 16.90
CA SER K 80 -6.21 0.38 16.11
C SER K 80 -6.58 0.93 14.74
N MET K 81 -6.77 2.25 14.64
CA MET K 81 -7.01 2.85 13.33
C MET K 81 -5.84 2.57 12.40
N ILE K 82 -4.63 2.82 12.89
CA ILE K 82 -3.46 2.77 12.02
C ILE K 82 -3.27 1.38 11.45
N ARG K 83 -3.43 0.36 12.29
CA ARG K 83 -3.13 -1.00 11.88
C ARG K 83 -4.27 -1.68 11.13
N THR K 84 -5.20 -0.91 10.59
CA THR K 84 -6.15 -1.41 9.60
C THR K 84 -6.20 -0.51 8.37
N HIS K 85 -6.07 0.80 8.54
CA HIS K 85 -6.08 1.74 7.43
C HIS K 85 -4.69 2.22 7.03
N GLY K 86 -3.72 2.16 7.94
CA GLY K 86 -2.38 2.63 7.67
C GLY K 86 -2.17 4.10 7.94
N ASN K 87 -3.25 4.86 8.09
CA ASN K 87 -3.15 6.30 8.32
C ASN K 87 -4.43 6.75 8.99
N ASP K 88 -4.36 7.92 9.63
CA ASP K 88 -5.45 8.42 10.46
C ASP K 88 -6.24 9.55 9.82
N TYR K 89 -6.03 9.82 8.53
CA TYR K 89 -6.70 10.95 7.92
C TYR K 89 -8.21 10.71 7.90
N PHE K 90 -8.98 11.77 8.16
CA PHE K 90 -10.42 11.65 8.09
C PHE K 90 -10.90 11.28 6.69
N GLN K 91 -10.35 11.93 5.68
CA GLN K 91 -10.80 11.68 4.32
C GLN K 91 -10.49 10.26 3.85
N SER K 92 -9.70 9.50 4.60
CA SER K 92 -9.41 8.11 4.25
C SER K 92 -10.51 7.15 4.67
N PHE K 93 -11.46 7.58 5.48
CA PHE K 93 -12.51 6.68 5.97
C PHE K 93 -13.69 6.68 5.01
N SER K 94 -14.32 5.51 4.86
CA SER K 94 -15.53 5.42 4.05
C SER K 94 -16.55 6.41 4.59
N ILE K 95 -17.11 7.21 3.68
CA ILE K 95 -17.89 8.37 4.10
C ILE K 95 -19.11 7.96 4.91
N MET K 96 -19.63 6.76 4.68
CA MET K 96 -20.75 6.27 5.47
C MET K 96 -20.28 6.00 6.89
N MET L 1 -89.75 -40.85 -20.88
CA MET L 1 -89.10 -39.67 -21.44
C MET L 1 -88.03 -40.09 -22.44
N LYS L 2 -87.22 -41.08 -22.04
CA LYS L 2 -86.17 -41.59 -22.91
C LYS L 2 -86.73 -42.17 -24.21
N TYR L 3 -87.99 -42.58 -24.22
CA TYR L 3 -88.65 -43.10 -25.41
C TYR L 3 -89.82 -42.24 -25.87
N LEU L 4 -90.08 -41.13 -25.20
CA LEU L 4 -91.15 -40.21 -25.58
C LEU L 4 -90.56 -38.84 -25.84
N SER L 5 -90.91 -38.25 -26.97
CA SER L 5 -90.45 -36.90 -27.27
C SER L 5 -90.95 -35.94 -26.20
N ILE L 6 -90.06 -35.05 -25.75
CA ILE L 6 -90.46 -34.07 -24.75
C ILE L 6 -91.56 -33.17 -25.29
N CYS L 7 -91.62 -33.00 -26.62
CA CYS L 7 -92.75 -32.31 -27.21
C CYS L 7 -94.02 -33.12 -27.06
N SER L 8 -93.94 -34.44 -27.28
CA SER L 8 -95.11 -35.28 -27.10
C SER L 8 -95.56 -35.30 -25.65
N ILE L 9 -94.62 -35.41 -24.71
CA ILE L 9 -94.97 -35.34 -23.30
C ILE L 9 -95.54 -33.97 -22.96
N SER L 10 -94.90 -32.91 -23.44
CA SER L 10 -95.29 -31.56 -23.05
C SER L 10 -96.71 -31.24 -23.48
N PHE L 11 -97.08 -31.63 -24.69
CA PHE L 11 -98.35 -31.19 -25.26
C PHE L 11 -99.53 -31.65 -24.42
N VAL L 12 -99.54 -32.91 -24.00
CA VAL L 12 -100.69 -33.43 -23.27
C VAL L 12 -100.83 -32.72 -21.93
N ASN L 13 -99.71 -32.38 -21.29
CA ASN L 13 -99.79 -31.68 -20.01
C ASN L 13 -100.44 -30.32 -20.17
N LEU L 14 -99.94 -29.51 -21.11
CA LEU L 14 -100.44 -28.15 -21.24
C LEU L 14 -101.90 -28.13 -21.67
N ILE L 15 -102.27 -28.96 -22.64
CA ILE L 15 -103.64 -28.94 -23.14
C ILE L 15 -104.62 -29.35 -22.04
N SER L 16 -104.30 -30.40 -21.28
CA SER L 16 -105.14 -30.79 -20.17
C SER L 16 -105.23 -29.67 -19.14
N MET L 17 -104.09 -29.05 -18.82
CA MET L 17 -104.11 -27.90 -17.92
C MET L 17 -104.90 -26.75 -18.52
N SER L 18 -104.73 -26.49 -19.82
CA SER L 18 -105.51 -25.45 -20.47
C SER L 18 -106.99 -25.77 -20.42
N LEU L 19 -107.35 -27.01 -20.72
CA LEU L 19 -108.76 -27.38 -20.74
C LEU L 19 -109.40 -27.21 -19.37
N SER L 20 -108.69 -27.64 -18.31
CA SER L 20 -109.22 -27.49 -16.96
C SER L 20 -109.42 -26.02 -16.62
N CYS L 21 -108.42 -25.19 -16.92
CA CYS L 21 -108.56 -23.76 -16.65
C CYS L 21 -109.75 -23.18 -17.39
N PHE L 22 -110.04 -23.69 -18.59
CA PHE L 22 -111.19 -23.21 -19.33
C PHE L 22 -112.48 -23.48 -18.59
N LEU L 23 -112.61 -24.67 -18.00
CA LEU L 23 -113.81 -24.99 -17.23
C LEU L 23 -113.94 -24.05 -16.04
N LEU L 24 -112.84 -23.78 -15.34
CA LEU L 24 -112.90 -22.87 -14.20
C LEU L 24 -113.36 -21.49 -14.63
N SER L 25 -112.77 -20.97 -15.72
CA SER L 25 -113.14 -19.64 -16.17
C SER L 25 -114.63 -19.54 -16.41
N LEU L 26 -115.24 -20.60 -16.95
CA LEU L 26 -116.69 -20.63 -17.06
C LEU L 26 -117.34 -20.59 -15.70
N TYR L 27 -116.82 -21.35 -14.75
CA TYR L 27 -117.41 -21.36 -13.41
C TYR L 27 -117.32 -19.98 -12.78
N PHE L 28 -116.18 -19.31 -12.93
CA PHE L 28 -116.04 -17.99 -12.34
C PHE L 28 -116.88 -16.96 -13.06
N LEU L 29 -117.17 -17.18 -14.35
CA LEU L 29 -118.07 -16.28 -15.05
C LEU L 29 -119.49 -16.39 -14.51
N LEU L 30 -119.96 -17.62 -14.28
CA LEU L 30 -121.33 -17.81 -13.83
C LEU L 30 -121.55 -17.15 -12.48
N ASN L 31 -120.69 -17.45 -11.51
CA ASN L 31 -120.84 -16.91 -10.16
C ASN L 31 -120.23 -15.53 -10.01
N ASP L 32 -119.50 -15.04 -11.00
CA ASP L 32 -118.80 -13.76 -10.88
C ASP L 32 -117.91 -13.75 -9.65
N MET L 33 -117.15 -14.83 -9.49
CA MET L 33 -116.29 -14.98 -8.33
C MET L 33 -115.06 -14.11 -8.45
N ILE L 34 -114.45 -13.83 -7.30
CA ILE L 34 -113.11 -13.28 -7.22
C ILE L 34 -112.47 -13.96 -6.03
N TYR L 35 -111.44 -14.76 -6.28
CA TYR L 35 -110.67 -15.41 -5.23
C TYR L 35 -109.29 -14.77 -5.15
N PHE L 36 -108.82 -14.57 -3.93
CA PHE L 36 -107.55 -13.87 -3.69
C PHE L 36 -106.82 -14.64 -2.61
N ILE L 37 -106.02 -15.61 -3.02
CA ILE L 37 -105.18 -16.35 -2.09
C ILE L 37 -103.81 -15.70 -2.07
N GLU L 38 -103.15 -15.73 -0.92
CA GLU L 38 -101.80 -15.18 -0.87
C GLU L 38 -101.02 -15.82 0.26
N TRP L 39 -99.74 -16.04 0.00
CA TRP L 39 -98.80 -16.55 0.99
C TRP L 39 -97.87 -15.41 1.38
N GLU L 40 -97.46 -15.39 2.64
CA GLU L 40 -96.72 -14.27 3.19
C GLU L 40 -95.27 -14.66 3.43
N LEU L 41 -94.36 -13.77 3.04
CA LEU L 41 -92.94 -13.99 3.26
C LEU L 41 -92.47 -13.30 4.54
N VAL L 42 -92.63 -11.99 4.63
CA VAL L 42 -92.07 -11.21 5.74
C VAL L 42 -92.87 -9.93 5.88
N SER L 43 -92.89 -9.40 7.09
CA SER L 43 -93.68 -8.22 7.42
C SER L 43 -92.87 -7.29 8.31
N LEU L 44 -93.08 -5.99 8.16
CA LEU L 44 -92.44 -5.03 9.04
C LEU L 44 -93.04 -3.66 8.80
N ASN L 45 -93.00 -2.82 9.83
CA ASN L 45 -93.57 -1.49 9.78
C ASN L 45 -95.02 -1.56 9.29
N SER L 46 -95.77 -2.51 9.83
CA SER L 46 -97.17 -2.67 9.47
C SER L 46 -97.34 -3.00 7.99
N MET L 47 -96.37 -3.69 7.42
CA MET L 47 -96.36 -3.97 6.00
C MET L 47 -96.12 -5.44 5.81
N SER L 48 -96.31 -5.93 4.59
CA SER L 48 -96.15 -7.35 4.33
C SER L 48 -95.80 -7.57 2.87
N ILE L 49 -94.70 -8.29 2.65
CA ILE L 49 -94.33 -8.74 1.32
C ILE L 49 -94.89 -10.14 1.15
N VAL L 50 -95.67 -10.34 0.09
CA VAL L 50 -96.48 -11.54 -0.08
C VAL L 50 -96.35 -12.01 -1.52
N MET L 51 -96.57 -13.31 -1.72
CA MET L 51 -97.04 -13.79 -3.02
C MET L 51 -98.56 -13.88 -2.96
N THR L 52 -99.20 -13.34 -3.98
CA THR L 52 -100.65 -13.29 -4.04
C THR L 52 -101.10 -13.85 -5.38
N PHE L 53 -102.28 -14.45 -5.38
CA PHE L 53 -102.90 -14.94 -6.60
C PHE L 53 -104.35 -14.48 -6.62
N LEU L 54 -104.75 -13.86 -7.72
CA LEU L 54 -106.12 -13.40 -7.91
C LEU L 54 -106.75 -14.23 -9.01
N PHE L 55 -107.70 -15.08 -8.64
CA PHE L 55 -108.37 -15.96 -9.58
C PHE L 55 -109.75 -15.38 -9.88
N ASP L 56 -109.91 -14.83 -11.07
CA ASP L 56 -111.19 -14.45 -11.61
C ASP L 56 -111.27 -14.97 -13.04
N TRP L 57 -112.43 -14.77 -13.67
CA TRP L 57 -112.60 -15.22 -15.04
C TRP L 57 -111.56 -14.58 -15.96
N MET L 58 -111.25 -13.31 -15.73
CA MET L 58 -110.33 -12.61 -16.61
C MET L 58 -108.93 -13.19 -16.52
N SER L 59 -108.45 -13.43 -15.30
CA SER L 59 -107.15 -14.05 -15.13
C SER L 59 -107.16 -15.49 -15.63
N LEU L 60 -108.13 -16.27 -15.18
CA LEU L 60 -108.15 -17.70 -15.52
C LEU L 60 -108.32 -17.90 -17.03
N LEU L 61 -109.25 -17.17 -17.63
CA LEU L 61 -109.52 -17.39 -19.05
C LEU L 61 -108.26 -17.15 -19.88
N PHE L 62 -107.64 -15.99 -19.71
CA PHE L 62 -106.47 -15.68 -20.51
C PHE L 62 -105.32 -16.62 -20.18
N MET L 63 -105.27 -17.11 -18.94
CA MET L 63 -104.29 -18.13 -18.60
C MET L 63 -104.52 -19.39 -19.42
N SER L 64 -105.77 -19.70 -19.73
CA SER L 64 -106.05 -20.90 -20.52
C SER L 64 -105.51 -20.76 -21.93
N PHE L 65 -105.82 -19.66 -22.61
CA PHE L 65 -105.40 -19.50 -23.98
C PHE L 65 -103.88 -19.49 -24.10
N VAL L 66 -103.19 -18.98 -23.08
CA VAL L 66 -101.74 -19.06 -23.10
C VAL L 66 -101.29 -20.51 -23.15
N LEU L 67 -102.01 -21.39 -22.44
CA LEU L 67 -101.67 -22.80 -22.46
C LEU L 67 -102.11 -23.45 -23.77
N MET L 68 -103.32 -23.15 -24.23
CA MET L 68 -103.81 -23.75 -25.47
C MET L 68 -102.88 -23.44 -26.63
N ILE L 69 -102.56 -22.17 -26.82
CA ILE L 69 -101.65 -21.80 -27.90
C ILE L 69 -100.28 -22.42 -27.66
N SER L 70 -99.78 -22.35 -26.43
CA SER L 70 -98.44 -22.85 -26.15
C SER L 70 -98.35 -24.34 -26.42
N SER L 71 -99.36 -25.10 -26.02
CA SER L 71 -99.34 -26.55 -26.24
C SER L 71 -99.18 -26.86 -27.72
N LEU L 72 -99.96 -26.20 -28.56
CA LEU L 72 -99.91 -26.47 -29.99
C LEU L 72 -98.61 -25.97 -30.60
N VAL L 73 -98.07 -24.86 -30.10
CA VAL L 73 -96.79 -24.38 -30.62
C VAL L 73 -95.68 -25.36 -30.31
N ILE L 74 -95.72 -25.97 -29.13
CA ILE L 74 -94.75 -27.02 -28.82
C ILE L 74 -94.92 -28.19 -29.76
N PHE L 75 -96.16 -28.68 -29.91
CA PHE L 75 -96.40 -29.79 -30.80
C PHE L 75 -96.02 -29.43 -32.23
N TYR L 76 -96.35 -28.21 -32.66
CA TYR L 76 -95.91 -27.74 -33.97
C TYR L 76 -94.40 -27.83 -34.11
N SER L 77 -93.67 -27.48 -33.06
CA SER L 77 -92.21 -27.52 -33.11
C SER L 77 -91.67 -28.92 -33.16
N LYS L 78 -92.48 -29.94 -32.93
CA LYS L 78 -91.99 -31.32 -33.03
C LYS L 78 -91.38 -31.59 -34.40
N GLU L 79 -91.99 -31.04 -35.45
CA GLU L 79 -91.48 -31.23 -36.80
C GLU L 79 -90.68 -30.03 -37.29
N TYR L 80 -90.98 -28.83 -36.83
CA TYR L 80 -90.18 -27.68 -37.25
C TYR L 80 -88.73 -27.83 -36.82
N MET L 81 -88.50 -28.29 -35.60
CA MET L 81 -87.17 -28.39 -35.04
C MET L 81 -86.62 -29.80 -34.97
N MET L 82 -87.25 -30.77 -35.64
CA MET L 82 -86.71 -32.12 -35.59
C MET L 82 -85.31 -32.20 -36.19
N ASN L 83 -84.92 -31.21 -36.99
CA ASN L 83 -83.82 -31.40 -37.92
C ASN L 83 -82.47 -30.99 -37.37
N ASP L 84 -82.38 -30.03 -36.44
CA ASP L 84 -81.07 -29.47 -36.11
C ASP L 84 -80.42 -30.17 -34.91
N ASN L 85 -80.92 -29.93 -33.69
CA ASN L 85 -80.33 -30.39 -32.43
C ASN L 85 -81.16 -29.84 -31.27
N HIS L 86 -80.82 -30.31 -30.08
CA HIS L 86 -81.18 -29.64 -28.82
C HIS L 86 -82.67 -29.35 -28.73
N ILE L 87 -83.50 -30.30 -29.16
CA ILE L 87 -84.93 -30.15 -28.97
C ILE L 87 -85.26 -30.15 -27.49
N ASN L 88 -84.56 -30.98 -26.72
CA ASN L 88 -84.80 -31.02 -25.29
C ASN L 88 -84.44 -29.70 -24.62
N ARG L 89 -83.34 -29.09 -25.03
CA ARG L 89 -82.99 -27.78 -24.48
C ARG L 89 -84.07 -26.76 -24.80
N PHE L 90 -84.50 -26.70 -26.05
CA PHE L 90 -85.41 -25.64 -26.47
C PHE L 90 -86.73 -25.73 -25.73
N ILE L 91 -87.31 -26.92 -25.65
CA ILE L 91 -88.65 -27.05 -25.08
C ILE L 91 -88.62 -26.75 -23.60
N MET L 92 -87.54 -27.13 -22.90
CA MET L 92 -87.46 -26.84 -21.48
C MET L 92 -87.45 -25.34 -21.22
N LEU L 93 -86.99 -24.55 -22.19
CA LEU L 93 -87.12 -23.10 -22.08
C LEU L 93 -88.55 -22.67 -22.28
N VAL L 94 -89.20 -23.19 -23.32
CA VAL L 94 -90.58 -22.80 -23.61
C VAL L 94 -91.48 -23.08 -22.43
N LEU L 95 -91.28 -24.23 -21.78
CA LEU L 95 -92.06 -24.52 -20.58
C LEU L 95 -91.80 -23.50 -19.50
N MET L 96 -90.52 -23.16 -19.28
CA MET L 96 -90.21 -22.10 -18.33
C MET L 96 -90.79 -20.77 -18.77
N PHE L 97 -91.06 -20.60 -20.06
CA PHE L 97 -91.67 -19.38 -20.54
C PHE L 97 -93.16 -19.34 -20.21
N VAL L 98 -93.83 -20.48 -20.29
CA VAL L 98 -95.24 -20.56 -19.93
C VAL L 98 -95.43 -20.21 -18.46
N LEU L 99 -94.64 -20.85 -17.59
CA LEU L 99 -94.81 -20.66 -16.16
C LEU L 99 -94.59 -19.20 -15.77
N SER L 100 -93.58 -18.57 -16.36
CA SER L 100 -93.33 -17.15 -16.08
C SER L 100 -94.52 -16.31 -16.51
N MET L 101 -95.03 -16.54 -17.72
CA MET L 101 -96.22 -15.82 -18.16
C MET L 101 -97.41 -16.18 -17.29
N MET L 102 -97.51 -17.43 -16.89
CA MET L 102 -98.58 -17.84 -15.99
C MET L 102 -98.55 -17.04 -14.70
N LEU L 103 -97.39 -16.97 -14.05
CA LEU L 103 -97.31 -16.24 -12.80
C LEU L 103 -97.56 -14.75 -13.00
N LEU L 104 -97.16 -14.22 -14.15
CA LEU L 104 -97.46 -12.82 -14.44
C LEU L 104 -98.97 -12.59 -14.46
N ILE L 105 -99.70 -13.48 -15.11
CA ILE L 105 -101.13 -13.29 -15.28
C ILE L 105 -101.82 -13.28 -13.93
N ILE L 106 -101.54 -14.29 -13.11
CA ILE L 106 -102.29 -14.46 -11.87
C ILE L 106 -102.00 -13.31 -10.91
N SER L 107 -100.78 -12.81 -10.91
CA SER L 107 -100.31 -11.89 -9.89
C SER L 107 -101.21 -10.65 -9.79
N PRO L 108 -101.83 -10.40 -8.62
CA PRO L 108 -102.45 -9.09 -8.38
C PRO L 108 -101.58 -8.15 -7.59
N ASN L 109 -100.44 -8.64 -7.09
CA ASN L 109 -99.55 -7.86 -6.23
C ASN L 109 -98.45 -7.24 -7.07
N LEU L 110 -98.09 -6.01 -6.74
CA LEU L 110 -97.06 -5.32 -7.52
C LEU L 110 -95.72 -6.01 -7.36
N ILE L 111 -95.37 -6.43 -6.15
CA ILE L 111 -94.10 -7.13 -5.95
C ILE L 111 -94.12 -8.49 -6.64
N SER L 112 -95.21 -9.24 -6.48
CA SER L 112 -95.28 -10.56 -7.07
C SER L 112 -95.19 -10.50 -8.59
N ILE L 113 -95.61 -9.40 -9.19
CA ILE L 113 -95.47 -9.24 -10.63
C ILE L 113 -94.02 -9.44 -11.04
N LEU L 114 -93.10 -8.90 -10.24
CA LEU L 114 -91.68 -8.98 -10.58
C LEU L 114 -91.24 -10.42 -10.81
N LEU L 115 -91.84 -11.37 -10.10
CA LEU L 115 -91.48 -12.76 -10.29
C LEU L 115 -91.68 -13.14 -11.75
N GLY L 116 -92.93 -13.11 -12.22
CA GLY L 116 -93.19 -13.41 -13.61
C GLY L 116 -92.60 -12.37 -14.55
N TRP L 117 -92.65 -11.10 -14.14
CA TRP L 117 -92.23 -10.03 -15.02
C TRP L 117 -90.76 -10.14 -15.37
N ASP L 118 -89.89 -10.24 -14.36
CA ASP L 118 -88.47 -10.35 -14.64
C ASP L 118 -88.11 -11.70 -15.22
N GLY L 119 -88.80 -12.75 -14.78
CA GLY L 119 -88.59 -14.06 -15.39
C GLY L 119 -88.86 -14.03 -16.88
N LEU L 120 -89.90 -13.31 -17.30
CA LEU L 120 -90.10 -13.10 -18.72
C LEU L 120 -88.95 -12.32 -19.33
N GLY L 121 -88.44 -11.33 -18.61
CA GLY L 121 -87.34 -10.54 -19.13
C GLY L 121 -86.11 -11.38 -19.40
N LEU L 122 -85.95 -12.49 -18.68
CA LEU L 122 -84.77 -13.34 -18.82
C LEU L 122 -85.02 -14.50 -19.77
N VAL L 123 -86.05 -15.30 -19.50
CA VAL L 123 -86.31 -16.47 -20.34
C VAL L 123 -86.54 -16.04 -21.77
N SER L 124 -87.26 -14.94 -21.97
CA SER L 124 -87.44 -14.42 -23.33
C SER L 124 -86.09 -14.12 -23.97
N TYR L 125 -85.17 -13.56 -23.20
CA TYR L 125 -83.85 -13.26 -23.74
C TYR L 125 -83.16 -14.53 -24.23
N CYS L 126 -83.26 -15.61 -23.46
CA CYS L 126 -82.56 -16.83 -23.83
C CYS L 126 -83.05 -17.36 -25.16
N LEU L 127 -84.36 -17.36 -25.38
CA LEU L 127 -84.88 -17.89 -26.63
C LEU L 127 -84.39 -17.09 -27.83
N VAL L 128 -84.36 -15.76 -27.71
CA VAL L 128 -83.87 -14.94 -28.80
C VAL L 128 -82.43 -15.28 -29.12
N ILE L 129 -81.64 -15.59 -28.09
CA ILE L 129 -80.24 -15.94 -28.25
C ILE L 129 -80.04 -17.38 -28.73
N TYR L 130 -81.13 -18.11 -28.98
CA TYR L 130 -81.02 -19.55 -29.18
C TYR L 130 -80.05 -19.90 -30.30
N PHE L 131 -80.14 -19.22 -31.43
CA PHE L 131 -79.18 -19.45 -32.49
C PHE L 131 -77.87 -18.75 -32.17
N GLN L 132 -76.79 -19.23 -32.79
CA GLN L 132 -75.44 -18.81 -32.45
C GLN L 132 -74.87 -17.75 -33.37
N ASN L 133 -75.64 -17.28 -34.35
CA ASN L 133 -75.12 -16.24 -35.22
C ASN L 133 -75.05 -14.92 -34.48
N ILE L 134 -74.25 -13.99 -35.02
CA ILE L 134 -74.12 -12.69 -34.39
C ILE L 134 -75.44 -11.96 -34.40
N LYS L 135 -76.18 -12.06 -35.51
CA LYS L 135 -77.45 -11.35 -35.63
C LYS L 135 -78.36 -11.65 -34.44
N SER L 136 -78.36 -12.90 -33.98
CA SER L 136 -79.15 -13.24 -32.82
C SER L 136 -78.64 -12.53 -31.58
N TYR L 137 -77.33 -12.47 -31.41
CA TYR L 137 -76.76 -11.79 -30.25
C TYR L 137 -77.24 -10.36 -30.16
N ASN L 138 -77.09 -9.60 -31.25
CA ASN L 138 -77.53 -8.21 -31.25
C ASN L 138 -79.03 -8.12 -31.02
N ALA L 139 -79.79 -9.01 -31.63
CA ALA L 139 -81.23 -9.02 -31.41
C ALA L 139 -81.56 -9.26 -29.95
N GLY L 140 -80.94 -10.28 -29.36
CA GLY L 140 -81.26 -10.60 -27.98
C GLY L 140 -80.86 -9.51 -27.02
N MET L 141 -79.71 -8.89 -27.25
CA MET L 141 -79.25 -7.82 -26.37
C MET L 141 -80.23 -6.66 -26.39
N LEU L 142 -80.75 -6.32 -27.57
CA LEU L 142 -81.66 -5.20 -27.69
C LEU L 142 -82.93 -5.43 -26.89
N THR L 143 -83.49 -6.63 -26.93
CA THR L 143 -84.75 -6.88 -26.25
C THR L 143 -84.59 -6.79 -24.74
N ALA L 144 -83.57 -7.44 -24.19
CA ALA L 144 -83.44 -7.50 -22.74
C ALA L 144 -83.25 -6.11 -22.16
N LEU L 145 -82.39 -5.30 -22.77
CA LEU L 145 -82.23 -3.93 -22.30
C LEU L 145 -83.51 -3.13 -22.52
N SER L 146 -84.19 -3.36 -23.64
CA SER L 146 -85.46 -2.67 -23.85
C SER L 146 -86.48 -3.05 -22.79
N ASN L 147 -86.56 -4.34 -22.45
CA ASN L 147 -87.45 -4.76 -21.38
C ASN L 147 -86.89 -4.41 -20.01
N ARG L 148 -85.57 -4.29 -19.88
CA ARG L 148 -85.01 -3.96 -18.58
C ARG L 148 -85.40 -2.57 -18.13
N ILE L 149 -85.76 -1.68 -19.06
CA ILE L 149 -86.31 -0.39 -18.67
C ILE L 149 -87.63 -0.58 -17.94
N GLY L 150 -88.51 -1.39 -18.51
CA GLY L 150 -89.74 -1.72 -17.81
C GLY L 150 -89.49 -2.35 -16.47
N ASP L 151 -88.47 -3.21 -16.41
CA ASP L 151 -88.12 -3.84 -15.13
C ASP L 151 -87.73 -2.77 -14.11
N VAL L 152 -86.96 -1.78 -14.54
CA VAL L 152 -86.56 -0.70 -13.64
C VAL L 152 -87.78 0.09 -13.18
N ALA L 153 -88.69 0.40 -14.10
CA ALA L 153 -89.84 1.22 -13.75
C ALA L 153 -90.61 0.62 -12.59
N LEU L 154 -90.96 -0.67 -12.70
CA LEU L 154 -91.72 -1.30 -11.64
C LEU L 154 -91.00 -1.26 -10.31
N LEU L 155 -89.66 -1.30 -10.33
CA LEU L 155 -88.92 -1.26 -9.08
C LEU L 155 -89.16 0.06 -8.36
N LEU L 156 -89.24 1.16 -9.10
CA LEU L 156 -89.51 2.45 -8.47
C LEU L 156 -90.96 2.55 -8.04
N SER L 157 -91.87 1.96 -8.81
CA SER L 157 -93.28 1.99 -8.43
C SER L 157 -93.48 1.31 -7.09
N ILE L 158 -92.71 0.25 -6.82
CA ILE L 158 -92.80 -0.44 -5.54
C ILE L 158 -92.47 0.51 -4.40
N ALA L 159 -91.43 1.32 -4.57
CA ALA L 159 -91.06 2.27 -3.52
C ALA L 159 -92.15 3.30 -3.30
N TRP L 160 -92.73 3.83 -4.38
CA TRP L 160 -93.74 4.85 -4.22
C TRP L 160 -95.01 4.32 -3.58
N MET L 161 -95.43 3.10 -3.97
CA MET L 161 -96.67 2.57 -3.44
C MET L 161 -96.53 2.18 -1.97
N LEU L 162 -95.32 2.21 -1.42
CA LEU L 162 -95.15 2.02 0.00
C LEU L 162 -95.97 3.02 0.80
N ASN L 163 -96.22 4.20 0.25
CA ASN L 163 -96.96 5.23 0.98
C ASN L 163 -98.33 4.75 1.41
N TYR L 164 -98.90 3.77 0.73
CA TYR L 164 -100.22 3.26 1.06
C TYR L 164 -100.17 1.98 1.87
N GLY L 165 -98.98 1.51 2.22
CA GLY L 165 -98.84 0.41 3.15
C GLY L 165 -98.94 -0.97 2.56
N SER L 166 -99.19 -1.10 1.27
CA SER L 166 -99.37 -2.42 0.68
C SER L 166 -98.97 -2.37 -0.78
N TRP L 167 -99.02 -3.53 -1.42
CA TRP L 167 -98.78 -3.67 -2.86
C TRP L 167 -99.90 -4.41 -3.55
N ASN L 168 -101.11 -4.37 -2.98
CA ASN L 168 -102.30 -4.94 -3.61
C ASN L 168 -103.04 -3.83 -4.35
N TYR L 169 -102.45 -3.43 -5.47
CA TYR L 169 -102.92 -2.24 -6.18
C TYR L 169 -104.38 -2.36 -6.62
N ILE L 170 -104.91 -3.58 -6.76
CA ILE L 170 -106.25 -3.74 -7.28
C ILE L 170 -107.32 -3.31 -6.28
N PHE L 171 -106.90 -2.89 -5.09
CA PHE L 171 -107.80 -2.44 -4.05
C PHE L 171 -107.75 -0.94 -3.80
N TYR L 172 -106.58 -0.32 -3.99
CA TYR L 172 -106.42 1.11 -3.76
C TYR L 172 -106.55 1.94 -5.03
N LEU L 173 -106.52 1.30 -6.21
CA LEU L 173 -106.49 2.05 -7.46
C LEU L 173 -107.71 2.95 -7.60
N GLU L 174 -108.85 2.53 -7.07
CA GLU L 174 -110.11 3.22 -7.33
C GLU L 174 -110.56 4.11 -6.19
N ILE L 175 -109.93 4.00 -5.02
CA ILE L 175 -110.21 4.91 -3.91
C ILE L 175 -109.14 5.99 -3.78
N MET L 176 -107.95 5.77 -4.34
CA MET L 176 -106.87 6.76 -4.33
C MET L 176 -106.68 7.38 -5.71
N GLN L 177 -107.77 7.54 -6.46
CA GLN L 177 -107.65 7.99 -7.85
C GLN L 177 -107.01 9.36 -7.97
N ASN L 178 -107.09 10.19 -6.93
CA ASN L 178 -106.69 11.59 -7.06
C ASN L 178 -105.27 11.84 -6.58
N GLU L 179 -104.88 11.25 -5.46
CA GLU L 179 -103.65 11.63 -4.79
C GLU L 179 -102.44 11.48 -5.69
N PHE L 180 -101.40 12.24 -5.38
CA PHE L 180 -100.23 12.32 -6.25
C PHE L 180 -99.50 10.98 -6.34
N GLU L 181 -99.59 10.16 -5.30
CA GLU L 181 -98.82 8.92 -5.29
C GLU L 181 -99.33 7.94 -6.35
N MET L 182 -100.65 7.81 -6.48
CA MET L 182 -101.19 6.95 -7.53
C MET L 182 -100.78 7.48 -8.91
N LEU L 183 -100.83 8.79 -9.10
CA LEU L 183 -100.38 9.33 -10.39
C LEU L 183 -98.91 9.05 -10.63
N MET L 184 -98.12 8.96 -9.56
CA MET L 184 -96.71 8.59 -9.72
C MET L 184 -96.54 7.10 -9.95
N ILE L 185 -97.38 6.26 -9.33
CA ILE L 185 -97.36 4.84 -9.64
C ILE L 185 -97.86 4.60 -11.05
N GLY L 186 -99.00 5.20 -11.40
CA GLY L 186 -99.52 5.03 -12.74
C GLY L 186 -98.57 5.55 -13.80
N SER L 187 -97.77 6.56 -13.45
CA SER L 187 -96.80 7.10 -14.40
C SER L 187 -95.71 6.08 -14.69
N LEU L 188 -95.13 5.48 -13.65
CA LEU L 188 -94.06 4.52 -13.86
C LEU L 188 -94.59 3.24 -14.51
N VAL L 189 -95.71 2.72 -14.02
CA VAL L 189 -96.26 1.50 -14.58
C VAL L 189 -96.62 1.69 -16.04
N MET L 190 -96.92 2.92 -16.45
CA MET L 190 -97.16 3.18 -17.86
C MET L 190 -95.92 2.86 -18.69
N LEU L 191 -94.74 3.28 -18.22
CA LEU L 191 -93.51 2.93 -18.93
C LEU L 191 -93.32 1.42 -18.96
N ALA L 192 -93.55 0.75 -17.83
CA ALA L 192 -93.40 -0.70 -17.81
C ALA L 192 -94.34 -1.38 -18.77
N ALA L 193 -95.53 -0.80 -18.99
CA ALA L 193 -96.44 -1.35 -19.97
C ALA L 193 -96.01 -1.00 -21.39
N MET L 194 -95.48 0.20 -21.57
CA MET L 194 -95.10 0.63 -22.91
C MET L 194 -93.94 -0.19 -23.46
N THR L 195 -92.97 -0.53 -22.62
CA THR L 195 -91.80 -1.25 -23.10
C THR L 195 -92.16 -2.67 -23.54
N LYS L 196 -92.88 -3.40 -22.69
CA LYS L 196 -93.25 -4.76 -23.06
C LYS L 196 -94.17 -4.79 -24.26
N SER L 197 -95.02 -3.77 -24.41
CA SER L 197 -95.92 -3.69 -25.55
C SER L 197 -95.25 -3.07 -26.77
N ALA L 198 -94.04 -2.54 -26.64
CA ALA L 198 -93.28 -2.05 -27.78
C ALA L 198 -93.96 -0.84 -28.41
N GLN L 199 -94.32 0.14 -27.57
CA GLN L 199 -94.87 1.40 -28.05
C GLN L 199 -93.74 2.34 -28.45
N ILE L 200 -94.11 3.57 -28.78
CA ILE L 200 -93.09 4.56 -29.19
C ILE L 200 -92.34 5.01 -27.93
N PRO L 201 -91.00 5.14 -27.97
CA PRO L 201 -90.01 4.75 -28.98
C PRO L 201 -89.46 3.35 -28.73
N PHE L 202 -90.14 2.59 -27.87
CA PHE L 202 -89.68 1.26 -27.51
C PHE L 202 -90.07 0.22 -28.55
N SER L 203 -90.74 0.63 -29.62
CA SER L 203 -91.15 -0.31 -30.65
C SER L 203 -89.96 -1.03 -31.27
N SER L 204 -88.76 -0.45 -31.19
CA SER L 204 -87.63 -0.96 -31.95
C SER L 204 -87.31 -2.42 -31.64
N TRP L 205 -87.57 -2.87 -30.41
CA TRP L 205 -87.12 -4.20 -30.03
C TRP L 205 -87.99 -5.30 -30.60
N LEU L 206 -89.29 -5.06 -30.73
CA LEU L 206 -90.18 -6.14 -31.17
C LEU L 206 -89.82 -6.65 -32.55
N PRO L 207 -89.57 -5.82 -33.56
CA PRO L 207 -89.07 -6.36 -34.83
C PRO L 207 -87.72 -7.05 -34.69
N ALA L 208 -86.90 -6.62 -33.72
CA ALA L 208 -85.58 -7.21 -33.58
C ALA L 208 -85.65 -8.64 -33.08
N ALA L 209 -86.64 -8.97 -32.28
CA ALA L 209 -86.75 -10.31 -31.70
C ALA L 209 -87.16 -11.34 -32.71
N MET L 210 -87.20 -11.05 -34.00
CA MET L 210 -87.48 -12.07 -35.00
C MET L 210 -86.32 -13.03 -35.20
N ALA L 211 -85.15 -12.74 -34.64
CA ALA L 211 -84.01 -13.65 -34.76
C ALA L 211 -84.28 -14.99 -34.09
N ALA L 212 -85.28 -15.08 -33.22
CA ALA L 212 -85.56 -16.33 -32.56
C ALA L 212 -86.15 -17.33 -33.54
N PRO L 213 -86.17 -18.61 -33.19
CA PRO L 213 -86.87 -19.59 -34.03
C PRO L 213 -88.33 -19.23 -34.18
N THR L 214 -88.92 -19.63 -35.29
CA THR L 214 -90.31 -19.28 -35.56
C THR L 214 -91.26 -19.71 -34.45
N PRO L 215 -91.13 -20.90 -33.84
CA PRO L 215 -92.00 -21.21 -32.70
C PRO L 215 -91.90 -20.19 -31.59
N VAL L 216 -90.69 -19.66 -31.33
CA VAL L 216 -90.54 -18.64 -30.31
C VAL L 216 -91.33 -17.40 -30.68
N SER L 217 -91.21 -16.96 -31.93
CA SER L 217 -91.92 -15.75 -32.34
C SER L 217 -93.42 -15.91 -32.15
N ALA L 218 -93.94 -17.12 -32.33
CA ALA L 218 -95.35 -17.35 -32.06
C ALA L 218 -95.66 -17.17 -30.58
N LEU L 219 -94.76 -17.63 -29.70
CA LEU L 219 -95.00 -17.53 -28.28
C LEU L 219 -94.76 -16.12 -27.74
N VAL L 220 -93.79 -15.41 -28.29
CA VAL L 220 -93.44 -14.10 -27.74
C VAL L 220 -94.35 -13.01 -28.28
N HIS L 221 -94.79 -13.12 -29.53
CA HIS L 221 -95.53 -12.06 -30.20
C HIS L 221 -96.98 -12.44 -30.46
N SER L 222 -97.52 -13.38 -29.72
CA SER L 222 -98.93 -13.72 -29.83
C SER L 222 -99.64 -13.80 -28.48
N SER L 223 -98.96 -14.30 -27.44
CA SER L 223 -99.63 -14.58 -26.17
C SER L 223 -98.75 -14.23 -24.99
N THR L 224 -97.73 -13.41 -25.18
CA THR L 224 -96.75 -13.16 -24.13
C THR L 224 -96.23 -11.76 -24.39
N LEU L 225 -94.94 -11.49 -24.14
CA LEU L 225 -94.38 -10.18 -23.83
C LEU L 225 -95.12 -9.04 -24.49
N VAL L 226 -95.46 -9.19 -25.77
CA VAL L 226 -96.22 -8.15 -26.45
C VAL L 226 -97.53 -7.89 -25.73
N THR L 227 -98.21 -8.94 -25.27
CA THR L 227 -99.46 -8.79 -24.54
C THR L 227 -99.25 -8.53 -23.06
N ALA L 228 -98.03 -8.65 -22.55
CA ALA L 228 -97.80 -8.47 -21.12
C ALA L 228 -98.19 -7.07 -20.68
N GLY L 229 -97.70 -6.06 -21.40
CA GLY L 229 -97.99 -4.69 -21.01
C GLY L 229 -99.47 -4.39 -21.04
N VAL L 230 -100.19 -4.96 -22.01
CA VAL L 230 -101.62 -4.70 -22.11
C VAL L 230 -102.32 -5.19 -20.85
N TYR L 231 -102.05 -6.42 -20.44
CA TYR L 231 -102.75 -6.99 -19.29
C TYR L 231 -102.43 -6.19 -18.04
N LEU L 232 -101.21 -5.70 -17.91
CA LEU L 232 -100.86 -4.90 -16.74
C LEU L 232 -101.72 -3.65 -16.67
N LEU L 233 -101.91 -2.97 -17.80
CA LEU L 233 -102.74 -1.78 -17.82
C LEU L 233 -104.20 -2.12 -17.56
N ILE L 234 -104.66 -3.27 -18.04
CA ILE L 234 -106.04 -3.67 -17.79
C ILE L 234 -106.29 -3.75 -16.29
N ARG L 235 -105.26 -4.07 -15.51
CA ARG L 235 -105.39 -4.08 -14.06
C ARG L 235 -105.20 -2.70 -13.44
N PHE L 236 -104.71 -1.72 -14.21
CA PHE L 236 -104.50 -0.36 -13.74
C PHE L 236 -105.42 0.63 -14.44
N ASN L 237 -106.48 0.13 -15.07
CA ASN L 237 -107.21 0.97 -16.02
C ASN L 237 -107.86 2.18 -15.36
N ILE L 238 -108.03 2.18 -14.04
CA ILE L 238 -108.76 3.26 -13.40
C ILE L 238 -107.96 4.55 -13.52
N ILE L 239 -106.78 4.60 -12.92
CA ILE L 239 -106.02 5.84 -12.89
C ILE L 239 -105.67 6.27 -14.31
N LEU L 240 -105.33 5.32 -15.17
CA LEU L 240 -104.99 5.65 -16.55
C LEU L 240 -106.18 6.29 -17.25
N SER L 241 -107.39 5.77 -17.01
CA SER L 241 -108.55 6.29 -17.71
C SER L 241 -108.93 7.68 -17.24
N THR L 242 -108.69 8.01 -15.98
CA THR L 242 -109.27 9.19 -15.36
C THR L 242 -108.34 10.40 -15.32
N SER L 243 -107.06 10.22 -15.57
CA SER L 243 -106.08 11.29 -15.40
C SER L 243 -105.47 11.64 -16.74
N TRP L 244 -104.50 12.56 -16.69
CA TRP L 244 -103.83 13.03 -17.91
C TRP L 244 -103.13 11.90 -18.64
N LEU L 245 -102.79 10.80 -17.95
CA LEU L 245 -102.12 9.70 -18.63
C LEU L 245 -102.97 9.15 -19.76
N GLY L 246 -104.28 9.15 -19.60
CA GLY L 246 -105.15 8.74 -20.69
C GLY L 246 -104.91 9.56 -21.94
N GLN L 247 -104.69 10.86 -21.78
CA GLN L 247 -104.39 11.70 -22.93
C GLN L 247 -103.10 11.23 -23.60
N LEU L 248 -102.07 10.96 -22.80
CA LEU L 248 -100.77 10.59 -23.38
C LEU L 248 -100.81 9.20 -24.00
N MET L 249 -101.33 8.22 -23.25
CA MET L 249 -101.33 6.85 -23.75
C MET L 249 -102.05 6.76 -25.08
N LEU L 250 -103.14 7.52 -25.23
CA LEU L 250 -103.88 7.50 -26.47
C LEU L 250 -103.03 8.01 -27.62
N LEU L 251 -102.28 9.08 -27.40
CA LEU L 251 -101.43 9.63 -28.45
C LEU L 251 -100.32 8.66 -28.81
N LEU L 252 -99.58 8.18 -27.81
CA LEU L 252 -98.46 7.28 -28.09
C LEU L 252 -98.94 6.00 -28.73
N SER L 253 -100.03 5.45 -28.24
CA SER L 253 -100.57 4.23 -28.85
C SER L 253 -100.98 4.48 -30.28
N GLY L 254 -101.65 5.61 -30.54
CA GLY L 254 -102.10 5.89 -31.88
C GLY L 254 -100.96 5.92 -32.89
N LEU L 255 -99.84 6.54 -32.52
CA LEU L 255 -98.68 6.55 -33.40
C LEU L 255 -98.15 5.14 -33.61
N THR L 256 -98.09 4.35 -32.55
CA THR L 256 -97.57 2.99 -32.66
C THR L 256 -98.37 2.19 -33.68
N MET L 257 -99.70 2.26 -33.60
CA MET L 257 -100.52 1.53 -34.56
C MET L 257 -100.44 2.15 -35.94
N PHE L 258 -100.28 3.47 -36.01
CA PHE L 258 -100.14 4.13 -37.29
C PHE L 258 -98.79 3.82 -37.92
N MET L 259 -97.71 3.95 -37.14
CA MET L 259 -96.37 3.84 -37.71
C MET L 259 -96.15 2.47 -38.33
N ALA L 260 -96.40 1.40 -37.57
CA ALA L 260 -96.22 0.07 -38.11
C ALA L 260 -97.21 -0.22 -39.23
N GLY L 261 -98.37 0.44 -39.21
CA GLY L 261 -99.28 0.31 -40.33
C GLY L 261 -98.62 0.70 -41.63
N LEU L 262 -97.92 1.83 -41.63
CA LEU L 262 -97.16 2.22 -42.81
C LEU L 262 -95.92 1.37 -42.96
N GLY L 263 -95.23 1.08 -41.86
CA GLY L 263 -94.02 0.29 -41.95
C GLY L 263 -94.27 -1.08 -42.56
N ALA L 264 -95.41 -1.68 -42.24
CA ALA L 264 -95.73 -2.99 -42.80
C ALA L 264 -95.89 -2.96 -44.30
N ASN L 265 -96.13 -1.79 -44.89
CA ASN L 265 -96.30 -1.67 -46.33
C ASN L 265 -95.00 -1.47 -47.06
N PHE L 266 -93.88 -1.43 -46.35
CA PHE L 266 -92.56 -1.30 -46.96
C PHE L 266 -91.62 -2.43 -46.59
N GLU L 267 -91.81 -3.06 -45.43
CA GLU L 267 -90.95 -4.17 -45.04
C GLU L 267 -91.11 -5.31 -46.03
N PHE L 268 -90.03 -6.07 -46.20
CA PHE L 268 -90.02 -7.18 -47.16
C PHE L 268 -89.73 -8.53 -46.52
N ASP L 269 -89.42 -8.58 -45.22
CA ASP L 269 -89.24 -9.86 -44.54
C ASP L 269 -90.60 -10.36 -44.07
N LEU L 270 -90.93 -11.59 -44.46
CA LEU L 270 -92.20 -12.16 -44.05
C LEU L 270 -92.31 -12.17 -42.53
N LYS L 271 -91.26 -12.56 -41.86
CA LYS L 271 -91.28 -12.64 -40.40
C LYS L 271 -91.50 -11.28 -39.77
N LYS L 272 -90.93 -10.24 -40.37
CA LYS L 272 -91.05 -8.88 -39.83
C LYS L 272 -92.43 -8.29 -40.09
N ILE L 273 -92.97 -8.50 -41.29
CA ILE L 273 -94.28 -7.93 -41.60
C ILE L 273 -95.31 -8.40 -40.59
N ILE L 274 -95.26 -9.68 -40.22
CA ILE L 274 -96.18 -10.19 -39.20
C ILE L 274 -95.88 -9.53 -37.86
N ALA L 275 -94.61 -9.26 -37.58
CA ALA L 275 -94.28 -8.64 -36.30
C ALA L 275 -94.85 -7.24 -36.20
N LEU L 276 -94.64 -6.42 -37.22
CA LEU L 276 -95.23 -5.09 -37.21
C LEU L 276 -96.75 -5.17 -37.17
N SER L 277 -97.31 -6.17 -37.84
CA SER L 277 -98.75 -6.38 -37.77
C SER L 277 -99.19 -6.58 -36.33
N THR L 278 -98.48 -7.45 -35.59
CA THR L 278 -98.78 -7.63 -34.18
C THR L 278 -98.68 -6.31 -33.44
N LEU L 279 -97.56 -5.61 -33.61
CA LEU L 279 -97.36 -4.37 -32.89
C LEU L 279 -98.41 -3.33 -33.27
N SER L 280 -98.81 -3.29 -34.54
CA SER L 280 -99.78 -2.30 -34.96
C SER L 280 -101.09 -2.46 -34.20
N GLN L 281 -101.56 -3.69 -34.05
CA GLN L 281 -102.80 -3.92 -33.34
C GLN L 281 -102.66 -3.76 -31.83
N LEU L 282 -101.46 -3.89 -31.28
CA LEU L 282 -101.28 -3.59 -29.87
C LEU L 282 -101.62 -2.15 -29.57
N GLY L 283 -101.18 -1.23 -30.43
CA GLY L 283 -101.56 0.16 -30.26
C GLY L 283 -103.07 0.33 -30.27
N LEU L 284 -103.78 -0.53 -30.99
CA LEU L 284 -105.23 -0.43 -30.99
C LEU L 284 -105.81 -0.73 -29.60
N MET L 285 -105.30 -1.76 -28.94
CA MET L 285 -105.75 -2.04 -27.58
C MET L 285 -105.40 -0.90 -26.64
N MET L 286 -104.15 -0.46 -26.67
CA MET L 286 -103.70 0.57 -25.75
C MET L 286 -104.54 1.82 -25.86
N SER L 287 -105.03 2.11 -27.06
CA SER L 287 -105.82 3.32 -27.25
C SER L 287 -107.24 3.14 -26.71
N ILE L 288 -107.92 2.07 -27.08
CA ILE L 288 -109.26 1.83 -26.55
C ILE L 288 -109.20 1.59 -25.06
N LEU L 289 -108.14 0.93 -24.59
CA LEU L 289 -107.94 0.77 -23.16
C LEU L 289 -107.90 2.12 -22.46
N SER L 290 -107.28 3.12 -23.11
CA SER L 290 -107.20 4.44 -22.53
C SER L 290 -108.55 5.13 -22.51
N MET L 291 -109.48 4.72 -23.37
CA MET L 291 -110.84 5.28 -23.30
C MET L 291 -111.50 4.92 -21.97
N GLY L 292 -111.27 3.70 -21.48
CA GLY L 292 -111.81 3.27 -20.22
C GLY L 292 -112.61 1.99 -20.28
N PHE L 293 -112.36 1.16 -21.29
CA PHE L 293 -113.08 -0.09 -21.50
C PHE L 293 -112.14 -1.27 -21.30
N LEU L 294 -112.56 -2.23 -20.48
CA LEU L 294 -111.78 -3.41 -20.16
C LEU L 294 -112.15 -4.60 -21.05
N LYS L 295 -113.44 -4.91 -21.14
CA LYS L 295 -113.86 -6.08 -21.90
C LYS L 295 -113.44 -5.95 -23.36
N LEU L 296 -113.61 -4.76 -23.93
CA LEU L 296 -113.22 -4.54 -25.31
C LEU L 296 -111.73 -4.82 -25.50
N ALA L 297 -110.89 -4.26 -24.63
CA ALA L 297 -109.47 -4.55 -24.71
C ALA L 297 -109.19 -6.03 -24.47
N MET L 298 -109.77 -6.58 -23.40
CA MET L 298 -109.54 -7.99 -23.09
C MET L 298 -110.05 -8.87 -24.22
N PHE L 299 -111.23 -8.56 -24.76
CA PHE L 299 -111.81 -9.37 -25.81
C PHE L 299 -110.91 -9.41 -27.04
N HIS L 300 -110.41 -8.24 -27.45
CA HIS L 300 -109.55 -8.22 -28.63
C HIS L 300 -108.22 -8.90 -28.35
N LEU L 301 -107.71 -8.77 -27.13
CA LEU L 301 -106.43 -9.39 -26.80
C LEU L 301 -106.47 -10.88 -27.03
N LEU L 302 -107.49 -11.55 -26.49
CA LEU L 302 -107.62 -12.98 -26.71
C LEU L 302 -107.78 -13.28 -28.19
N THR L 303 -108.55 -12.45 -28.89
CA THR L 303 -108.72 -12.65 -30.33
C THR L 303 -107.38 -12.55 -31.05
N HIS L 304 -106.57 -11.56 -30.67
CA HIS L 304 -105.29 -11.38 -31.36
C HIS L 304 -104.40 -12.59 -31.17
N ALA L 305 -104.39 -13.16 -29.96
CA ALA L 305 -103.55 -14.32 -29.71
C ALA L 305 -103.94 -15.47 -30.61
N LEU L 306 -105.24 -15.66 -30.82
CA LEU L 306 -105.71 -16.82 -31.58
C LEU L 306 -105.12 -16.82 -32.99
N PHE L 307 -105.47 -15.83 -33.81
CA PHE L 307 -105.06 -15.90 -35.20
C PHE L 307 -103.61 -15.49 -35.40
N LYS L 308 -103.08 -14.60 -34.57
CA LYS L 308 -101.70 -14.17 -34.79
C LYS L 308 -100.74 -15.33 -34.57
N ALA L 309 -101.02 -16.19 -33.60
CA ALA L 309 -100.23 -17.40 -33.45
C ALA L 309 -100.33 -18.26 -34.71
N LEU L 310 -101.52 -18.33 -35.30
CA LEU L 310 -101.69 -19.12 -36.51
C LEU L 310 -100.84 -18.57 -37.65
N LEU L 311 -100.79 -17.25 -37.79
CA LEU L 311 -100.03 -16.66 -38.89
C LEU L 311 -98.56 -17.06 -38.80
N PHE L 312 -97.98 -16.99 -37.61
CA PHE L 312 -96.59 -17.37 -37.46
C PHE L 312 -96.38 -18.83 -37.78
N MET L 313 -97.32 -19.68 -37.37
CA MET L 313 -97.21 -21.09 -37.73
C MET L 313 -97.20 -21.26 -39.25
N CYS L 314 -98.05 -20.53 -39.95
CA CYS L 314 -98.04 -20.59 -41.40
C CYS L 314 -96.71 -20.12 -41.95
N ALA L 315 -96.15 -19.04 -41.40
CA ALA L 315 -94.89 -18.53 -41.89
C ALA L 315 -93.78 -19.54 -41.70
N GLY L 316 -93.77 -20.23 -40.56
CA GLY L 316 -92.71 -21.21 -40.32
C GLY L 316 -92.71 -22.33 -41.35
N ALA L 317 -93.89 -22.84 -41.68
CA ALA L 317 -93.98 -23.86 -42.71
C ALA L 317 -93.50 -23.31 -44.05
N ILE L 318 -93.94 -22.10 -44.39
CA ILE L 318 -93.55 -21.51 -45.67
C ILE L 318 -92.04 -21.33 -45.73
N ILE L 319 -91.47 -20.72 -44.69
CA ILE L 319 -90.04 -20.40 -44.72
C ILE L 319 -89.22 -21.68 -44.78
N HIS L 320 -89.58 -22.67 -43.95
CA HIS L 320 -88.81 -23.91 -43.91
C HIS L 320 -88.79 -24.60 -45.27
N ASN L 321 -89.84 -24.41 -46.08
CA ASN L 321 -89.85 -24.97 -47.42
C ASN L 321 -89.06 -24.11 -48.39
N MET L 322 -89.06 -22.79 -48.21
CA MET L 322 -88.08 -21.99 -48.88
C MET L 322 -86.72 -22.26 -48.26
N ASN L 323 -85.67 -21.67 -48.83
CA ASN L 323 -84.31 -21.94 -48.38
C ASN L 323 -83.97 -21.04 -47.19
N ASN L 324 -84.81 -21.14 -46.15
CA ASN L 324 -84.61 -20.40 -44.91
C ASN L 324 -84.54 -18.89 -45.14
N SER L 325 -85.30 -18.39 -46.12
CA SER L 325 -85.31 -16.98 -46.46
C SER L 325 -86.66 -16.37 -46.10
N GLN L 326 -86.64 -15.31 -45.30
CA GLN L 326 -87.87 -14.65 -44.90
C GLN L 326 -88.37 -13.65 -45.93
N ASP L 327 -87.54 -13.27 -46.89
CA ASP L 327 -87.92 -12.21 -47.82
C ASP L 327 -89.11 -12.65 -48.66
N ILE L 328 -90.05 -11.73 -48.87
CA ILE L 328 -91.22 -12.04 -49.68
C ILE L 328 -90.93 -11.91 -51.16
N ARG L 329 -89.87 -11.20 -51.54
CA ARG L 329 -89.55 -11.06 -52.95
C ARG L 329 -89.14 -12.37 -53.59
N LEU L 330 -88.67 -13.34 -52.79
CA LEU L 330 -88.33 -14.64 -53.34
C LEU L 330 -89.55 -15.53 -53.50
N MET L 331 -90.53 -15.41 -52.61
CA MET L 331 -91.68 -16.28 -52.62
C MET L 331 -92.66 -15.87 -53.71
N GLY L 332 -93.68 -16.71 -53.91
CA GLY L 332 -94.72 -16.41 -54.87
C GLY L 332 -95.48 -17.65 -55.28
N GLY L 333 -96.73 -17.47 -55.70
CA GLY L 333 -97.50 -18.58 -56.25
C GLY L 333 -97.67 -19.75 -55.31
N LEU L 334 -97.83 -19.49 -54.02
CA LEU L 334 -97.97 -20.56 -53.05
C LEU L 334 -99.40 -21.07 -52.94
N SER L 335 -100.37 -20.41 -53.57
CA SER L 335 -101.76 -20.84 -53.45
C SER L 335 -102.00 -22.19 -54.10
N ILE L 336 -101.13 -22.62 -55.01
CA ILE L 336 -101.26 -23.93 -55.63
C ILE L 336 -100.14 -24.87 -55.21
N HIS L 337 -98.93 -24.37 -54.99
CA HIS L 337 -97.85 -25.22 -54.55
C HIS L 337 -98.00 -25.63 -53.10
N MET L 338 -98.70 -24.83 -52.30
CA MET L 338 -98.98 -25.13 -50.90
C MET L 338 -100.47 -24.98 -50.67
N PRO L 339 -101.25 -25.99 -51.03
CA PRO L 339 -102.71 -25.86 -50.85
C PRO L 339 -103.08 -25.69 -49.40
N LEU L 340 -102.65 -26.63 -48.56
CA LEU L 340 -103.13 -26.67 -47.19
C LEU L 340 -102.64 -25.48 -46.39
N THR L 341 -101.34 -25.17 -46.48
CA THR L 341 -100.80 -24.05 -45.72
C THR L 341 -101.41 -22.73 -46.17
N SER L 342 -101.53 -22.52 -47.48
CA SER L 342 -102.14 -21.29 -47.97
C SER L 342 -103.58 -21.15 -47.48
N ALA L 343 -104.32 -22.25 -47.49
CA ALA L 343 -105.67 -22.23 -46.92
C ALA L 343 -105.62 -21.86 -45.44
N CYS L 344 -104.66 -22.42 -44.71
CA CYS L 344 -104.53 -22.08 -43.30
C CYS L 344 -104.19 -20.62 -43.11
N PHE L 345 -103.44 -20.03 -44.04
CA PHE L 345 -103.11 -18.61 -43.93
C PHE L 345 -104.33 -17.75 -44.26
N ASN L 346 -105.07 -18.12 -45.30
CA ASN L 346 -106.14 -17.27 -45.80
C ASN L 346 -107.15 -16.96 -44.72
N VAL L 347 -107.53 -17.96 -43.92
CA VAL L 347 -108.46 -17.72 -42.83
C VAL L 347 -107.88 -16.72 -41.84
N SER L 348 -106.61 -16.90 -41.48
CA SER L 348 -106.00 -16.00 -40.50
C SER L 348 -105.92 -14.58 -41.04
N ASN L 349 -105.49 -14.44 -42.30
CA ASN L 349 -105.34 -13.11 -42.87
C ASN L 349 -106.69 -12.40 -42.93
N LEU L 350 -107.73 -13.11 -43.34
CA LEU L 350 -109.06 -12.50 -43.38
C LEU L 350 -109.52 -12.09 -41.99
N ALA L 351 -109.24 -12.91 -40.98
CA ALA L 351 -109.56 -12.52 -39.61
C ALA L 351 -108.92 -11.19 -39.26
N LEU L 352 -107.66 -11.00 -39.66
CA LEU L 352 -107.02 -9.70 -39.51
C LEU L 352 -107.72 -8.65 -40.38
N CYS L 353 -108.09 -9.02 -41.61
CA CYS L 353 -108.73 -8.07 -42.50
C CYS L 353 -110.00 -7.52 -41.90
N GLY L 354 -110.88 -8.41 -41.42
CA GLY L 354 -112.15 -8.01 -40.86
C GLY L 354 -113.32 -8.54 -41.68
N MET L 355 -113.11 -9.68 -42.34
CA MET L 355 -114.21 -10.33 -43.03
C MET L 355 -115.30 -10.65 -41.99
N PRO L 356 -116.56 -10.32 -42.24
CA PRO L 356 -117.55 -10.40 -41.16
C PRO L 356 -117.64 -11.78 -40.53
N PHE L 357 -117.69 -11.78 -39.20
CA PHE L 357 -117.98 -12.97 -38.41
C PHE L 357 -116.82 -13.95 -38.37
N LEU L 358 -115.61 -13.46 -38.56
CA LEU L 358 -114.41 -14.19 -38.17
C LEU L 358 -113.99 -13.73 -36.79
N ALA L 359 -112.91 -14.33 -36.28
CA ALA L 359 -112.45 -13.99 -34.93
C ALA L 359 -112.19 -12.50 -34.79
N GLY L 360 -111.41 -11.93 -35.70
CA GLY L 360 -111.03 -10.54 -35.58
C GLY L 360 -112.20 -9.58 -35.68
N PHE L 361 -113.20 -9.91 -36.48
CA PHE L 361 -114.28 -8.96 -36.76
C PHE L 361 -115.02 -8.58 -35.48
N TYR L 362 -115.34 -9.57 -34.65
CA TYR L 362 -116.13 -9.29 -33.45
C TYR L 362 -115.41 -8.31 -32.54
N SER L 363 -114.08 -8.36 -32.50
CA SER L 363 -113.33 -7.45 -31.65
C SER L 363 -113.09 -6.12 -32.34
N LYS L 364 -112.57 -6.15 -33.57
CA LYS L 364 -112.29 -4.91 -34.27
C LYS L 364 -113.54 -4.07 -34.46
N ASP L 365 -114.64 -4.71 -34.87
CA ASP L 365 -115.88 -3.99 -35.08
C ASP L 365 -116.31 -3.24 -33.83
N MET L 366 -116.55 -3.97 -32.75
CA MET L 366 -117.07 -3.35 -31.54
C MET L 366 -116.14 -2.25 -31.05
N ILE L 367 -114.83 -2.44 -31.19
CA ILE L 367 -113.89 -1.42 -30.75
C ILE L 367 -114.08 -0.15 -31.57
N LEU L 368 -114.11 -0.27 -32.89
CA LEU L 368 -114.28 0.90 -33.73
C LEU L 368 -115.62 1.57 -33.47
N GLU L 369 -116.66 0.77 -33.21
CA GLU L 369 -117.96 1.34 -32.93
C GLU L 369 -117.93 2.14 -31.63
N ILE L 370 -117.29 1.59 -30.59
CA ILE L 370 -117.19 2.30 -29.33
C ILE L 370 -116.38 3.57 -29.49
N VAL L 371 -115.40 3.56 -30.37
CA VAL L 371 -114.61 4.77 -30.62
C VAL L 371 -115.50 5.87 -31.16
N SER L 372 -116.35 5.54 -32.14
CA SER L 372 -117.22 6.53 -32.73
C SER L 372 -118.38 6.93 -31.83
N ILE L 373 -118.63 6.21 -30.74
CA ILE L 373 -119.70 6.58 -29.81
C ILE L 373 -119.21 7.50 -28.71
N SER L 374 -117.98 7.35 -28.26
CA SER L 374 -117.47 8.10 -27.13
C SER L 374 -116.98 9.48 -27.58
N ASN L 375 -116.42 10.22 -26.63
CA ASN L 375 -115.83 11.53 -26.90
C ASN L 375 -114.36 11.32 -27.21
N VAL L 376 -114.01 11.35 -28.50
CA VAL L 376 -112.66 11.06 -28.94
C VAL L 376 -112.01 12.34 -29.42
N ASN L 377 -110.72 12.27 -29.67
CA ASN L 377 -109.97 13.34 -30.29
C ASN L 377 -110.08 13.23 -31.80
N MET L 378 -110.06 14.37 -32.48
CA MET L 378 -110.16 14.34 -33.93
C MET L 378 -108.97 13.62 -34.54
N PHE L 379 -107.77 13.88 -34.03
CA PHE L 379 -106.59 13.20 -34.55
C PHE L 379 -106.64 11.71 -34.24
N SER L 380 -107.10 11.35 -33.03
CA SER L 380 -107.18 9.94 -32.68
C SER L 380 -108.18 9.20 -33.56
N PHE L 381 -109.32 9.83 -33.85
CA PHE L 381 -110.33 9.17 -34.66
C PHE L 381 -109.77 8.83 -36.04
N PHE L 382 -109.06 9.76 -36.66
CA PHE L 382 -108.52 9.50 -37.99
C PHE L 382 -107.54 8.34 -37.95
N LEU L 383 -106.64 8.31 -36.96
CA LEU L 383 -105.69 7.22 -36.87
C LEU L 383 -106.38 5.88 -36.67
N TYR L 384 -107.44 5.87 -35.86
CA TYR L 384 -108.18 4.63 -35.64
C TYR L 384 -108.63 4.02 -36.96
N TYR L 385 -109.32 4.82 -37.77
CA TYR L 385 -109.88 4.28 -39.00
C TYR L 385 -108.84 4.21 -40.10
N PHE L 386 -107.88 5.12 -40.13
CA PHE L 386 -106.82 5.05 -41.13
C PHE L 386 -106.01 3.77 -40.96
N SER L 387 -105.72 3.38 -39.71
CA SER L 387 -104.95 2.17 -39.49
C SER L 387 -105.68 0.94 -39.99
N THR L 388 -107.01 0.91 -39.83
CA THR L 388 -107.75 -0.23 -40.34
C THR L 388 -107.57 -0.36 -41.84
N GLY L 389 -107.61 0.76 -42.56
CA GLY L 389 -107.24 0.73 -43.97
C GLY L 389 -105.83 0.24 -44.17
N LEU L 390 -104.90 0.75 -43.37
CA LEU L 390 -103.53 0.27 -43.44
C LEU L 390 -103.44 -1.19 -43.03
N THR L 391 -104.25 -1.60 -42.06
CA THR L 391 -104.20 -2.98 -41.59
C THR L 391 -104.53 -3.93 -42.72
N VAL L 392 -105.53 -3.58 -43.54
CA VAL L 392 -105.87 -4.43 -44.66
C VAL L 392 -104.89 -4.21 -45.80
N SER L 393 -104.30 -3.02 -45.89
CA SER L 393 -103.42 -2.70 -47.01
C SER L 393 -102.26 -3.68 -47.08
N TYR L 394 -101.41 -3.68 -46.05
CA TYR L 394 -100.24 -4.56 -46.11
C TYR L 394 -100.64 -6.03 -46.17
N SER L 395 -101.79 -6.38 -45.57
CA SER L 395 -102.15 -7.80 -45.50
C SER L 395 -102.37 -8.39 -46.88
N PHE L 396 -103.12 -7.70 -47.74
CA PHE L 396 -103.21 -8.15 -49.13
C PHE L 396 -101.96 -7.86 -49.93
N ARG L 397 -101.20 -6.81 -49.59
CA ARG L 397 -99.89 -6.67 -50.20
C ARG L 397 -99.09 -7.94 -50.00
N LEU L 398 -99.21 -8.55 -48.82
CA LEU L 398 -98.54 -9.80 -48.57
C LEU L 398 -99.17 -10.93 -49.37
N VAL L 399 -100.48 -10.86 -49.63
CA VAL L 399 -101.12 -11.87 -50.46
C VAL L 399 -100.52 -11.89 -51.85
N TYR L 400 -100.34 -10.71 -52.44
CA TYR L 400 -99.81 -10.65 -53.80
C TYR L 400 -98.42 -11.22 -53.87
N TYR L 401 -97.53 -10.78 -52.99
CA TYR L 401 -96.16 -11.23 -53.04
C TYR L 401 -96.00 -12.71 -52.71
N SER L 402 -97.04 -13.35 -52.16
CA SER L 402 -96.95 -14.74 -51.73
C SER L 402 -97.80 -15.68 -52.57
N MET L 403 -99.11 -15.44 -52.68
CA MET L 403 -100.00 -16.39 -53.31
C MET L 403 -100.36 -16.01 -54.75
N THR L 404 -100.96 -14.85 -54.97
CA THR L 404 -101.40 -14.54 -56.31
C THR L 404 -100.24 -14.22 -57.22
N GLY L 405 -99.17 -13.64 -56.67
CA GLY L 405 -98.03 -13.29 -57.50
C GLY L 405 -97.42 -14.51 -58.17
N ASP L 406 -96.89 -14.29 -59.37
CA ASP L 406 -96.20 -15.37 -60.07
C ASP L 406 -94.95 -15.75 -59.29
N LEU L 407 -94.56 -17.02 -59.43
CA LEU L 407 -93.45 -17.55 -58.66
C LEU L 407 -92.17 -16.81 -59.01
N ASN L 408 -91.33 -16.60 -57.99
CA ASN L 408 -90.11 -15.83 -58.13
C ASN L 408 -88.96 -16.44 -57.34
N CYS L 409 -89.00 -17.75 -57.11
CA CYS L 409 -88.06 -18.41 -56.21
C CYS L 409 -86.79 -18.77 -56.97
N GLY L 410 -85.93 -19.58 -56.34
CA GLY L 410 -84.74 -20.07 -56.99
C GLY L 410 -85.01 -21.31 -57.83
N SER L 411 -83.97 -21.76 -58.52
CA SER L 411 -84.13 -22.88 -59.44
C SER L 411 -84.48 -24.16 -58.69
N LEU L 412 -83.85 -24.41 -57.55
CA LEU L 412 -84.14 -25.56 -56.72
C LEU L 412 -85.03 -25.12 -55.58
N ASN L 413 -86.27 -25.60 -55.57
CA ASN L 413 -87.27 -25.20 -54.59
C ASN L 413 -87.81 -26.44 -53.90
N MET L 414 -87.88 -26.40 -52.57
CA MET L 414 -88.40 -27.50 -51.78
C MET L 414 -89.89 -27.37 -51.50
N LEU L 415 -90.63 -26.71 -52.39
CA LEU L 415 -92.05 -26.50 -52.17
C LEU L 415 -92.76 -27.82 -51.93
N ASN L 416 -93.39 -27.92 -50.76
CA ASN L 416 -94.03 -29.15 -50.32
C ASN L 416 -94.95 -28.81 -49.17
N ASP L 417 -96.06 -29.53 -49.08
CA ASP L 417 -97.04 -29.28 -48.03
C ASP L 417 -97.53 -30.62 -47.46
N GLU L 418 -96.60 -31.53 -47.20
CA GLU L 418 -96.89 -32.83 -46.62
C GLU L 418 -96.32 -32.97 -45.22
N SER L 419 -96.29 -31.88 -44.46
CA SER L 419 -95.79 -31.89 -43.08
C SER L 419 -97.00 -31.95 -42.15
N TRP L 420 -97.53 -33.16 -41.98
CA TRP L 420 -98.74 -33.32 -41.18
C TRP L 420 -98.50 -32.97 -39.72
N ILE L 421 -97.34 -33.35 -39.18
CA ILE L 421 -97.06 -33.07 -37.77
C ILE L 421 -97.13 -31.56 -37.52
N MET L 422 -96.58 -30.77 -38.43
CA MET L 422 -96.74 -29.33 -38.31
C MET L 422 -98.20 -28.93 -38.49
N LEU L 423 -98.91 -29.59 -39.40
CA LEU L 423 -100.23 -29.11 -39.78
C LEU L 423 -101.27 -29.41 -38.71
N ARG L 424 -101.23 -30.60 -38.10
CA ARG L 424 -102.24 -30.96 -37.12
C ARG L 424 -102.33 -29.91 -36.01
N GLY L 425 -101.18 -29.46 -35.51
CA GLY L 425 -101.19 -28.42 -34.50
C GLY L 425 -101.83 -27.13 -35.00
N MET L 426 -101.63 -26.82 -36.28
CA MET L 426 -102.21 -25.59 -36.82
C MET L 426 -103.73 -25.64 -36.82
N MET L 427 -104.32 -26.79 -37.18
CA MET L 427 -105.77 -26.88 -37.23
C MET L 427 -106.41 -26.66 -35.87
N GLY L 428 -105.67 -26.85 -34.78
CA GLY L 428 -106.21 -26.46 -33.49
C GLY L 428 -106.51 -24.98 -33.43
N LEU L 429 -105.57 -24.15 -33.86
CA LEU L 429 -105.82 -22.72 -33.94
C LEU L 429 -106.86 -22.40 -35.00
N LEU L 430 -106.79 -23.08 -36.14
CA LEU L 430 -107.66 -22.73 -37.26
C LEU L 430 -109.13 -22.86 -36.89
N ILE L 431 -109.49 -23.92 -36.17
CA ILE L 431 -110.86 -24.08 -35.72
C ILE L 431 -111.25 -22.90 -34.84
N MET L 432 -110.37 -22.55 -33.89
CA MET L 432 -110.70 -21.49 -32.95
C MET L 432 -110.85 -20.15 -33.65
N SER L 433 -110.06 -19.90 -34.69
CA SER L 433 -110.15 -18.62 -35.37
C SER L 433 -111.47 -18.41 -36.09
N ILE L 434 -112.26 -19.47 -36.27
CA ILE L 434 -113.57 -19.35 -36.89
C ILE L 434 -114.69 -19.19 -35.86
N ILE L 435 -114.45 -19.58 -34.61
CA ILE L 435 -115.50 -19.62 -33.60
C ILE L 435 -115.07 -18.87 -32.34
N GLY L 436 -113.78 -18.54 -32.26
CA GLY L 436 -113.30 -17.83 -31.09
C GLY L 436 -114.01 -16.50 -30.91
N GLY L 437 -114.30 -15.81 -32.00
CA GLY L 437 -115.00 -14.55 -31.92
C GLY L 437 -116.37 -14.70 -31.31
N SER L 438 -117.26 -15.42 -31.99
CA SER L 438 -118.64 -15.50 -31.55
C SER L 438 -118.75 -16.15 -30.18
N MET L 439 -117.96 -17.19 -29.92
CA MET L 439 -118.03 -17.86 -28.63
C MET L 439 -117.82 -16.89 -27.48
N LEU L 440 -116.78 -16.05 -27.58
CA LEU L 440 -116.47 -15.14 -26.48
C LEU L 440 -117.47 -14.01 -26.36
N ASN L 441 -118.17 -13.64 -27.43
CA ASN L 441 -119.13 -12.56 -27.33
C ASN L 441 -120.24 -12.92 -26.36
N TRP L 442 -120.69 -14.16 -26.37
CA TRP L 442 -121.75 -14.58 -25.47
C TRP L 442 -121.27 -14.81 -24.05
N LEU L 443 -119.96 -14.84 -23.82
CA LEU L 443 -119.40 -15.11 -22.50
C LEU L 443 -118.77 -13.88 -21.87
N ILE L 444 -117.93 -13.16 -22.62
CA ILE L 444 -117.20 -12.05 -22.04
C ILE L 444 -118.14 -10.96 -21.55
N PHE L 445 -119.23 -10.74 -22.28
CA PHE L 445 -120.10 -9.58 -22.07
C PHE L 445 -121.40 -10.00 -21.38
N PRO L 446 -121.44 -10.03 -20.04
CA PRO L 446 -122.73 -10.24 -19.38
C PRO L 446 -123.68 -9.09 -19.59
N PHE L 447 -123.20 -7.91 -19.98
CA PHE L 447 -124.02 -6.75 -20.29
C PHE L 447 -123.58 -6.22 -21.65
N PRO L 448 -124.17 -6.69 -22.74
CA PRO L 448 -123.67 -6.29 -24.06
C PRO L 448 -123.77 -4.79 -24.26
N TYR L 449 -122.77 -4.24 -24.95
CA TYR L 449 -122.80 -2.83 -25.28
C TYR L 449 -123.85 -2.57 -26.34
N MET L 450 -124.56 -1.46 -26.21
CA MET L 450 -125.53 -1.03 -27.20
C MET L 450 -124.91 0.06 -28.05
N ILE L 451 -125.21 0.03 -29.34
CA ILE L 451 -124.68 0.98 -30.30
C ILE L 451 -125.78 1.37 -31.27
N CYS L 452 -125.85 2.66 -31.60
CA CYS L 452 -126.80 3.15 -32.59
C CYS L 452 -126.17 4.37 -33.27
N LEU L 453 -125.55 4.14 -34.43
CA LEU L 453 -124.80 5.16 -35.14
C LEU L 453 -125.35 5.32 -36.54
N PRO L 454 -125.14 6.47 -37.17
CA PRO L 454 -125.61 6.64 -38.55
C PRO L 454 -124.89 5.69 -39.49
N ILE L 455 -125.58 5.40 -40.60
CA ILE L 455 -125.05 4.42 -41.55
C ILE L 455 -123.69 4.86 -42.07
N TYR L 456 -123.51 6.15 -42.29
CA TYR L 456 -122.30 6.65 -42.95
C TYR L 456 -121.08 6.64 -42.03
N MET L 457 -121.17 6.06 -40.85
CA MET L 457 -120.00 5.73 -40.04
C MET L 457 -119.93 4.26 -39.67
N LYS L 458 -121.08 3.62 -39.44
CA LYS L 458 -121.06 2.18 -39.17
C LYS L 458 -120.46 1.42 -40.35
N LEU L 459 -120.74 1.88 -41.58
CA LEU L 459 -120.18 1.26 -42.77
C LEU L 459 -118.76 1.72 -43.05
N LEU L 460 -118.24 2.69 -42.32
CA LEU L 460 -116.89 3.18 -42.60
C LEU L 460 -115.86 2.08 -42.38
N THR L 461 -116.06 1.23 -41.38
CA THR L 461 -115.09 0.17 -41.11
C THR L 461 -114.99 -0.80 -42.28
N LEU L 462 -116.13 -1.22 -42.82
CA LEU L 462 -116.09 -2.08 -43.99
C LEU L 462 -115.51 -1.34 -45.19
N PHE L 463 -115.96 -0.12 -45.44
CA PHE L 463 -115.57 0.59 -46.65
C PHE L 463 -114.06 0.79 -46.71
N VAL L 464 -113.44 1.22 -45.61
CA VAL L 464 -111.99 1.41 -45.62
C VAL L 464 -111.29 0.08 -45.86
N CYS L 465 -111.78 -0.99 -45.24
CA CYS L 465 -111.22 -2.31 -45.49
C CYS L 465 -111.30 -2.68 -46.97
N ILE L 466 -112.39 -2.32 -47.63
CA ILE L 466 -112.48 -2.54 -49.07
C ILE L 466 -111.44 -1.71 -49.81
N VAL L 467 -111.36 -0.41 -49.48
CA VAL L 467 -110.38 0.44 -50.14
C VAL L 467 -108.97 -0.05 -49.84
N GLY L 468 -108.70 -0.37 -48.58
CA GLY L 468 -107.37 -0.83 -48.22
C GLY L 468 -106.98 -2.09 -48.97
N GLY L 469 -107.88 -3.07 -49.02
CA GLY L 469 -107.56 -4.31 -49.72
C GLY L 469 -107.29 -4.09 -51.18
N LEU L 470 -108.11 -3.28 -51.85
CA LEU L 470 -107.85 -2.96 -53.24
C LEU L 470 -106.57 -2.13 -53.38
N PHE L 471 -106.44 -1.09 -52.56
CA PHE L 471 -105.30 -0.20 -52.69
C PHE L 471 -103.99 -0.93 -52.43
N GLY L 472 -103.95 -1.77 -51.39
CA GLY L 472 -102.75 -2.54 -51.13
C GLY L 472 -102.45 -3.53 -52.23
N TYR L 473 -103.47 -4.24 -52.70
CA TYR L 473 -103.27 -5.20 -53.78
C TYR L 473 -102.91 -4.50 -55.08
N LEU L 474 -103.71 -3.50 -55.48
CA LEU L 474 -103.53 -2.92 -56.80
C LEU L 474 -102.18 -2.23 -56.93
N ILE L 475 -101.80 -1.46 -55.92
CA ILE L 475 -100.52 -0.75 -55.98
C ILE L 475 -99.37 -1.72 -55.99
N SER L 476 -99.54 -2.89 -55.37
CA SER L 476 -98.46 -3.87 -55.34
C SER L 476 -98.09 -4.33 -56.74
N LEU L 477 -99.04 -4.30 -57.68
CA LEU L 477 -98.75 -4.70 -59.04
C LEU L 477 -97.72 -3.77 -59.67
N SER L 478 -97.22 -4.17 -60.82
CA SER L 478 -96.19 -3.42 -61.53
C SER L 478 -96.18 -3.84 -62.98
N ASN L 479 -95.43 -3.09 -63.78
CA ASN L 479 -95.26 -3.35 -65.20
C ASN L 479 -93.89 -2.88 -65.62
N LEU L 480 -93.66 -2.77 -66.92
CA LEU L 480 -92.36 -2.35 -67.40
C LEU L 480 -92.18 -0.85 -67.39
N PHE L 481 -93.26 -0.09 -67.58
CA PHE L 481 -93.19 1.35 -67.75
C PHE L 481 -94.00 2.07 -66.68
N PHE L 482 -93.86 1.62 -65.44
CA PHE L 482 -94.46 2.29 -64.30
C PHE L 482 -93.38 3.09 -63.58
N LEU L 483 -93.77 3.77 -62.52
CA LEU L 483 -92.88 4.60 -61.73
C LEU L 483 -92.68 3.94 -60.38
N ASN L 484 -91.42 3.70 -60.02
CA ASN L 484 -91.10 3.13 -58.72
C ASN L 484 -91.29 4.23 -57.68
N LYS L 485 -92.55 4.38 -57.25
CA LYS L 485 -92.90 5.48 -56.36
C LYS L 485 -92.10 5.42 -55.07
N SER L 486 -91.81 4.20 -54.59
CA SER L 486 -90.97 4.08 -53.40
C SER L 486 -89.58 4.63 -53.67
N LEU L 487 -89.01 4.33 -54.83
CA LEU L 487 -87.70 4.87 -55.19
C LEU L 487 -87.75 6.38 -55.38
N PHE L 488 -88.80 6.89 -56.04
CA PHE L 488 -88.82 8.29 -56.39
C PHE L 488 -88.80 9.17 -55.16
N MET L 489 -89.71 8.91 -54.22
CA MET L 489 -89.72 9.60 -52.93
C MET L 489 -88.77 8.88 -51.97
N TYR L 490 -87.51 8.80 -52.40
CA TYR L 490 -86.54 7.94 -51.73
C TYR L 490 -86.43 8.29 -50.25
N ASN L 491 -86.34 9.58 -49.94
CA ASN L 491 -86.17 9.97 -48.54
C ASN L 491 -87.36 9.53 -47.70
N LEU L 492 -88.58 9.69 -48.20
CA LEU L 492 -89.74 9.32 -47.42
C LEU L 492 -89.81 7.81 -47.24
N SER L 493 -89.58 7.05 -48.30
CA SER L 493 -89.64 5.59 -48.18
C SER L 493 -88.64 5.08 -47.18
N THR L 494 -87.42 5.59 -47.21
CA THR L 494 -86.41 5.19 -46.23
C THR L 494 -86.86 5.53 -44.82
N PHE L 495 -87.55 6.66 -44.66
CA PHE L 495 -88.06 7.01 -43.34
C PHE L 495 -89.13 6.02 -42.88
N LEU L 496 -90.12 5.75 -43.73
CA LEU L 496 -91.18 4.84 -43.36
C LEU L 496 -90.74 3.38 -43.41
N GLY L 497 -89.72 3.07 -44.22
CA GLY L 497 -89.22 1.71 -44.29
C GLY L 497 -88.27 1.35 -43.17
N SER L 498 -87.83 2.33 -42.39
CA SER L 498 -86.96 2.11 -41.25
C SER L 498 -87.67 2.34 -39.92
N MET L 499 -89.00 2.28 -39.92
CA MET L 499 -89.79 2.51 -38.72
C MET L 499 -89.39 3.82 -38.06
N TRP L 500 -89.27 4.85 -38.88
CA TRP L 500 -88.96 6.20 -38.40
C TRP L 500 -87.60 6.24 -37.71
N PHE L 501 -86.67 5.42 -38.19
CA PHE L 501 -85.29 5.38 -37.72
C PHE L 501 -85.17 4.98 -36.25
N MET L 502 -86.22 4.42 -35.67
CA MET L 502 -86.14 3.99 -34.28
C MET L 502 -85.03 2.97 -34.06
N PRO L 503 -84.88 1.93 -34.88
CA PRO L 503 -83.75 1.03 -34.67
C PRO L 503 -82.42 1.73 -34.69
N TYR L 504 -82.25 2.72 -35.58
CA TYR L 504 -81.00 3.46 -35.61
C TYR L 504 -80.85 4.32 -34.37
N ILE L 505 -81.91 5.03 -33.99
CA ILE L 505 -81.84 5.92 -32.83
C ILE L 505 -81.49 5.14 -31.58
N SER L 506 -82.13 3.99 -31.38
CA SER L 506 -82.00 3.23 -30.15
C SER L 506 -80.79 2.30 -30.14
N THR L 507 -80.11 2.10 -31.27
CA THR L 507 -79.00 1.16 -31.33
C THR L 507 -77.69 1.78 -31.78
N TYR L 508 -77.72 2.79 -32.64
CA TYR L 508 -76.51 3.43 -33.13
C TYR L 508 -76.41 4.89 -32.77
N GLY L 509 -77.51 5.55 -32.46
CA GLY L 509 -77.49 6.92 -32.01
C GLY L 509 -77.33 7.09 -30.52
N MET L 510 -77.30 6.00 -29.75
CA MET L 510 -77.22 6.08 -28.30
C MET L 510 -75.99 5.39 -27.73
N ILE L 511 -75.72 4.15 -28.14
CA ILE L 511 -74.72 3.34 -27.46
C ILE L 511 -73.33 3.94 -27.54
N PHE L 512 -73.08 4.84 -28.49
CA PHE L 512 -71.75 5.43 -28.59
C PHE L 512 -71.41 6.19 -27.33
N TYR L 513 -72.38 6.87 -26.73
CA TYR L 513 -72.06 7.82 -25.67
C TYR L 513 -71.78 7.11 -24.35
N PRO L 514 -72.63 6.24 -23.82
CA PRO L 514 -72.29 5.60 -22.54
C PRO L 514 -71.00 4.82 -22.58
N LEU L 515 -70.72 4.14 -23.69
CA LEU L 515 -69.54 3.27 -23.72
C LEU L 515 -68.26 4.08 -23.72
N ASN L 516 -68.25 5.23 -24.39
CA ASN L 516 -67.07 6.10 -24.30
C ASN L 516 -66.84 6.54 -22.88
N TYR L 517 -67.90 6.92 -22.18
CA TYR L 517 -67.78 7.36 -20.80
C TYR L 517 -67.09 6.32 -19.95
N GLY L 518 -67.27 5.04 -20.27
CA GLY L 518 -66.57 4.02 -19.53
C GLY L 518 -65.06 4.13 -19.68
N GLN L 519 -64.60 4.48 -20.88
CA GLN L 519 -63.16 4.63 -21.08
C GLN L 519 -62.64 5.86 -20.36
N LEU L 520 -63.33 7.00 -20.50
CA LEU L 520 -62.84 8.23 -19.89
C LEU L 520 -62.72 8.09 -18.38
N VAL L 521 -63.69 7.41 -17.77
CA VAL L 521 -63.60 7.17 -16.33
C VAL L 521 -62.38 6.32 -16.00
N VAL L 522 -62.33 5.10 -16.55
CA VAL L 522 -61.23 4.22 -16.24
C VAL L 522 -59.92 4.79 -16.74
N LYS L 523 -59.96 5.53 -17.85
CA LYS L 523 -58.73 6.11 -18.37
C LYS L 523 -58.19 7.18 -17.44
N SER L 524 -59.07 7.96 -16.80
CA SER L 524 -58.66 9.11 -16.02
C SER L 524 -58.78 8.94 -14.52
N PHE L 525 -59.54 7.95 -14.03
CA PHE L 525 -59.64 7.71 -12.59
C PHE L 525 -59.12 6.34 -12.17
N ASP L 526 -59.66 5.24 -12.70
CA ASP L 526 -59.24 3.94 -12.17
C ASP L 526 -57.78 3.64 -12.46
N GLN L 527 -57.19 4.34 -13.42
CA GLN L 527 -55.75 4.26 -13.63
C GLN L 527 -55.16 5.64 -13.84
N GLY L 528 -55.90 6.69 -13.52
CA GLY L 528 -55.41 8.05 -13.61
C GLY L 528 -55.41 8.75 -12.26
N TRP L 529 -56.33 9.68 -12.08
CA TRP L 529 -56.30 10.53 -10.89
C TRP L 529 -56.44 9.72 -9.61
N SER L 530 -57.35 8.75 -9.60
CA SER L 530 -57.63 8.05 -8.35
C SER L 530 -56.38 7.41 -7.78
N GLU L 531 -55.52 6.90 -8.64
CA GLU L 531 -54.21 6.40 -8.25
C GLU L 531 -53.09 7.40 -8.47
N TYR L 532 -53.37 8.58 -9.02
CA TYR L 532 -52.41 9.68 -8.91
C TYR L 532 -52.32 10.18 -7.48
N PHE L 533 -53.46 10.34 -6.83
CA PHE L 533 -53.47 10.63 -5.41
C PHE L 533 -53.44 9.37 -4.56
N GLY L 534 -53.51 8.20 -5.19
CA GLY L 534 -53.46 6.94 -4.47
C GLY L 534 -52.05 6.45 -4.24
N GLY L 535 -51.78 5.22 -4.67
CA GLY L 535 -50.53 4.57 -4.32
C GLY L 535 -49.36 4.85 -5.23
N GLN L 536 -49.50 4.55 -6.53
CA GLN L 536 -48.33 4.53 -7.40
C GLN L 536 -47.56 5.84 -7.36
N HIS L 537 -48.26 6.96 -7.29
CA HIS L 537 -47.56 8.23 -7.13
C HIS L 537 -46.95 8.37 -5.75
N LEU L 538 -47.70 7.97 -4.72
CA LEU L 538 -47.18 8.10 -3.36
C LEU L 538 -45.87 7.36 -3.23
N TYR L 539 -45.80 6.15 -3.77
CA TYR L 539 -44.54 5.41 -3.78
C TYR L 539 -43.47 6.15 -4.56
N GLN L 540 -43.83 6.67 -5.74
CA GLN L 540 -42.85 7.39 -6.53
C GLN L 540 -42.34 8.63 -5.81
N LYS L 541 -43.14 9.17 -4.89
CA LYS L 541 -42.66 10.27 -4.07
C LYS L 541 -41.86 9.77 -2.87
N LEU L 542 -42.37 8.75 -2.17
CA LEU L 542 -41.66 8.25 -1.00
C LEU L 542 -40.28 7.74 -1.37
N SER L 543 -40.18 6.98 -2.46
CA SER L 543 -38.86 6.52 -2.90
C SER L 543 -37.98 7.71 -3.24
N MET L 544 -38.55 8.75 -3.82
CA MET L 544 -37.74 9.92 -4.17
C MET L 544 -37.16 10.56 -2.93
N TYR L 545 -37.92 10.62 -1.84
CA TYR L 545 -37.37 11.16 -0.61
C TYR L 545 -36.34 10.22 0.00
N SER L 546 -36.58 8.91 -0.07
CA SER L 546 -35.61 7.96 0.46
C SER L 546 -34.26 8.11 -0.24
N LYS L 547 -34.26 8.54 -1.50
CA LYS L 547 -33.01 8.90 -2.16
C LYS L 547 -32.36 10.09 -1.48
N THR L 548 -33.16 11.11 -1.18
CA THR L 548 -32.61 12.32 -0.60
C THR L 548 -32.03 12.07 0.79
N LEU L 549 -32.73 11.29 1.61
CA LEU L 549 -32.18 10.95 2.92
C LEU L 549 -30.89 10.18 2.81
N PHE L 550 -30.70 9.43 1.72
CA PHE L 550 -29.45 8.70 1.55
C PHE L 550 -28.27 9.64 1.45
N LEU L 551 -28.41 10.69 0.63
CA LEU L 551 -27.32 11.64 0.50
C LEU L 551 -27.08 12.38 1.81
N MET L 552 -28.16 12.72 2.53
CA MET L 552 -28.00 13.33 3.84
C MET L 552 -27.25 12.42 4.81
N HIS L 553 -27.27 11.12 4.58
CA HIS L 553 -26.48 10.20 5.38
C HIS L 553 -25.10 9.95 4.79
N ASN L 554 -24.84 10.44 3.58
CA ASN L 554 -23.56 10.22 2.91
C ASN L 554 -22.65 11.44 3.08
N ASN L 555 -22.36 11.77 4.34
CA ASN L 555 -21.47 12.89 4.67
C ASN L 555 -20.46 12.44 5.69
N SER L 556 -19.47 13.30 5.91
CA SER L 556 -18.47 13.05 6.93
C SER L 556 -19.10 13.13 8.31
N LEU L 557 -18.49 12.42 9.26
CA LEU L 557 -18.99 12.46 10.62
C LEU L 557 -18.93 13.87 11.20
N LYS L 558 -17.99 14.69 10.71
CA LYS L 558 -17.84 16.03 11.26
C LYS L 558 -19.10 16.87 11.06
N ILE L 559 -19.71 16.76 9.88
CA ILE L 559 -20.85 17.62 9.57
C ILE L 559 -21.98 17.40 10.56
N TYR L 560 -22.28 16.14 10.87
CA TYR L 560 -23.38 15.87 11.79
C TYR L 560 -23.09 16.44 13.17
N LEU L 561 -21.86 16.29 13.65
CA LEU L 561 -21.53 16.86 14.95
C LEU L 561 -21.59 18.38 14.91
N LEU L 562 -21.14 18.97 13.80
CA LEU L 562 -21.27 20.42 13.66
C LEU L 562 -22.72 20.85 13.75
N LEU L 563 -23.62 20.08 13.12
CA LEU L 563 -25.03 20.37 13.22
C LEU L 563 -25.49 20.39 14.67
N PHE L 564 -25.02 19.42 15.45
CA PHE L 564 -25.38 19.38 16.86
C PHE L 564 -24.86 20.62 17.59
N VAL L 565 -23.62 21.01 17.32
CA VAL L 565 -23.04 22.14 18.01
C VAL L 565 -23.81 23.42 17.68
N PHE L 566 -24.25 23.55 16.43
CA PHE L 566 -25.09 24.70 16.10
C PHE L 566 -26.33 24.73 16.96
N TRP L 567 -26.95 23.58 17.17
CA TRP L 567 -28.15 23.54 18.00
C TRP L 567 -27.84 23.96 19.42
N ILE L 568 -26.71 23.49 19.96
CA ILE L 568 -26.32 23.87 21.32
C ILE L 568 -26.11 25.37 21.41
N LEU L 569 -25.42 25.94 20.41
CA LEU L 569 -25.08 27.36 20.47
C LEU L 569 -26.33 28.21 20.50
N ILE L 570 -27.35 27.82 19.74
CA ILE L 570 -28.61 28.57 19.75
C ILE L 570 -29.24 28.53 21.13
N LEU L 571 -29.27 27.36 21.76
CA LEU L 571 -29.84 27.27 23.10
C LEU L 571 -29.05 28.10 24.09
N LEU L 572 -27.72 28.08 23.98
CA LEU L 572 -26.91 28.92 24.87
C LEU L 572 -27.18 30.40 24.62
N ILE L 573 -27.32 30.79 23.35
CA ILE L 573 -27.58 32.20 23.06
C ILE L 573 -28.91 32.62 23.65
N LEU L 574 -29.93 31.79 23.50
CA LEU L 574 -31.23 32.11 24.11
C LEU L 574 -31.13 32.15 25.63
N LEU L 575 -30.16 31.43 26.20
CA LEU L 575 -30.00 31.45 27.66
C LEU L 575 -29.61 32.83 28.15
N PHE L 576 -28.69 33.49 27.44
CA PHE L 576 -28.29 34.84 27.83
C PHE L 576 -29.46 35.80 27.81
N LEU L 577 -30.28 35.71 26.77
CA LEU L 577 -31.46 36.55 26.65
C LEU L 577 -32.37 36.35 27.87
N MET M 1 -72.18 -20.98 22.21
CA MET M 1 -71.35 -20.46 21.13
C MET M 1 -69.96 -21.08 21.12
N LEU M 2 -69.45 -21.40 22.31
CA LEU M 2 -68.14 -22.05 22.38
C LEU M 2 -68.13 -23.39 21.68
N LYS M 3 -69.29 -24.01 21.53
CA LYS M 3 -69.37 -25.28 20.78
C LYS M 3 -68.71 -25.13 19.42
N ILE M 4 -69.00 -24.04 18.72
CA ILE M 4 -68.39 -23.82 17.41
C ILE M 4 -66.89 -23.64 17.56
N ILE M 5 -66.46 -22.77 18.46
CA ILE M 5 -65.06 -22.39 18.52
C ILE M 5 -64.18 -23.60 18.82
N PHE M 6 -64.53 -24.36 19.85
CA PHE M 6 -63.70 -25.49 20.22
C PHE M 6 -63.77 -26.59 19.17
N PHE M 7 -64.87 -26.68 18.43
CA PHE M 7 -64.91 -27.61 17.31
C PHE M 7 -63.85 -27.25 16.27
N LEU M 8 -63.75 -25.97 15.94
CA LEU M 8 -62.76 -25.55 14.94
C LEU M 8 -61.35 -25.76 15.45
N LEU M 9 -61.10 -25.42 16.72
CA LEU M 9 -59.74 -25.51 17.25
C LEU M 9 -59.22 -26.94 17.19
N PHE M 10 -60.05 -27.91 17.54
CA PHE M 10 -59.61 -29.30 17.53
C PHE M 10 -59.56 -29.88 16.13
N LEU M 11 -60.09 -29.17 15.14
CA LEU M 11 -59.92 -29.54 13.74
C LEU M 11 -58.63 -28.99 13.15
N ILE M 12 -57.91 -28.15 13.90
CA ILE M 12 -56.60 -27.68 13.44
C ILE M 12 -55.63 -28.83 13.19
N PRO M 13 -55.49 -29.81 14.08
CA PRO M 13 -54.52 -30.88 13.82
C PRO M 13 -54.79 -31.65 12.54
N PHE M 14 -56.02 -31.64 12.03
CA PHE M 14 -56.28 -32.33 10.77
C PHE M 14 -55.48 -31.78 9.62
N CYS M 15 -54.97 -30.55 9.75
CA CYS M 15 -54.10 -30.00 8.73
C CYS M 15 -52.79 -30.77 8.64
N PHE M 16 -52.37 -31.42 9.73
CA PHE M 16 -51.05 -32.04 9.78
C PHE M 16 -51.07 -33.48 9.31
N ILE M 17 -52.10 -34.25 9.71
CA ILE M 17 -52.21 -35.61 9.22
C ILE M 17 -52.38 -35.59 7.71
N ASN M 18 -51.78 -36.56 7.04
CA ASN M 18 -51.80 -36.59 5.58
C ASN M 18 -53.06 -37.31 5.08
N ASN M 19 -53.43 -37.01 3.83
CA ASN M 19 -54.63 -37.55 3.21
C ASN M 19 -55.87 -37.22 4.03
N MET M 20 -55.95 -35.99 4.53
CA MET M 20 -57.08 -35.52 5.31
C MET M 20 -57.70 -34.27 4.69
N TYR M 21 -57.40 -33.98 3.44
CA TYR M 21 -57.99 -32.81 2.81
C TYR M 21 -59.50 -32.92 2.74
N TRP M 22 -60.00 -34.06 2.28
CA TRP M 22 -61.44 -34.20 2.09
C TRP M 22 -62.16 -34.45 3.41
N MET M 23 -61.49 -35.07 4.38
CA MET M 23 -62.12 -35.21 5.69
C MET M 23 -62.26 -33.87 6.39
N VAL M 24 -61.60 -32.83 5.92
CA VAL M 24 -61.73 -31.53 6.57
C VAL M 24 -63.06 -30.89 6.22
N GLN M 25 -63.44 -30.87 4.93
CA GLN M 25 -64.65 -30.13 4.57
C GLN M 25 -65.85 -30.72 5.27
N ILE M 26 -65.91 -32.05 5.33
CA ILE M 26 -67.03 -32.71 5.98
C ILE M 26 -67.15 -32.24 7.43
N MET M 27 -66.03 -32.18 8.14
CA MET M 27 -66.06 -31.57 9.46
C MET M 27 -66.44 -30.09 9.37
N MET M 28 -66.07 -29.41 8.29
CA MET M 28 -66.49 -28.03 8.12
C MET M 28 -67.94 -27.92 7.67
N PHE M 29 -68.43 -28.87 6.88
CA PHE M 29 -69.83 -28.85 6.50
C PHE M 29 -70.71 -29.32 7.65
N PHE M 30 -70.26 -30.33 8.38
CA PHE M 30 -71.05 -30.85 9.48
C PHE M 30 -71.27 -29.79 10.55
N ILE M 31 -70.23 -29.01 10.84
CA ILE M 31 -70.39 -27.98 11.87
C ILE M 31 -71.39 -26.92 11.42
N SER M 32 -71.43 -26.62 10.13
CA SER M 32 -72.46 -25.71 9.63
C SER M 32 -73.84 -26.26 9.95
N PHE M 33 -74.04 -27.56 9.72
CA PHE M 33 -75.30 -28.19 10.08
C PHE M 33 -75.59 -28.03 11.57
N ILE M 34 -74.59 -28.32 12.41
CA ILE M 34 -74.77 -28.15 13.85
C ILE M 34 -75.07 -26.71 14.20
N PHE M 35 -74.33 -25.78 13.59
CA PHE M 35 -74.63 -24.37 13.81
C PHE M 35 -76.01 -24.01 13.28
N LEU M 36 -76.45 -24.68 12.22
CA LEU M 36 -77.75 -24.40 11.63
C LEU M 36 -78.90 -24.79 12.55
N LEU M 37 -78.65 -25.60 13.58
CA LEU M 37 -79.71 -26.03 14.48
C LEU M 37 -79.94 -25.07 15.63
N MET M 38 -78.97 -24.23 15.96
CA MET M 38 -79.01 -23.44 17.18
C MET M 38 -79.51 -22.03 16.94
N ASN M 39 -80.43 -21.86 15.99
CA ASN M 39 -81.05 -20.56 15.73
C ASN M 39 -82.20 -20.39 16.69
N ASN M 40 -81.97 -19.66 17.78
CA ASN M 40 -83.03 -19.14 18.62
C ASN M 40 -82.69 -17.73 19.07
N PHE M 41 -82.19 -16.92 18.14
CA PHE M 41 -81.63 -15.62 18.47
C PHE M 41 -82.69 -14.52 18.30
N MET M 42 -82.32 -13.33 18.76
CA MET M 42 -83.22 -12.19 18.83
C MET M 42 -82.41 -10.95 18.50
N ASN M 43 -83.06 -9.78 18.59
CA ASN M 43 -82.32 -8.54 18.37
C ASN M 43 -81.22 -8.37 19.41
N TYR M 44 -81.52 -8.67 20.66
CA TYR M 44 -80.53 -8.56 21.72
C TYR M 44 -79.62 -9.78 21.72
N TRP M 45 -78.49 -9.65 22.42
CA TRP M 45 -77.48 -10.68 22.41
C TRP M 45 -77.95 -11.90 23.20
N SER M 46 -77.47 -13.07 22.79
CA SER M 46 -77.90 -14.33 23.38
C SER M 46 -76.75 -15.31 23.39
N GLU M 47 -76.88 -16.34 24.21
CA GLU M 47 -75.84 -17.35 24.40
C GLU M 47 -74.50 -16.70 24.76
N ILE M 48 -74.49 -16.06 25.92
CA ILE M 48 -73.28 -15.40 26.40
C ILE M 48 -72.26 -16.45 26.81
N SER M 49 -70.99 -16.21 26.47
CA SER M 49 -69.92 -17.08 26.96
C SER M 49 -68.62 -16.27 27.01
N TYR M 50 -68.38 -15.63 28.16
CA TYR M 50 -67.15 -14.96 28.54
C TYR M 50 -66.82 -13.69 27.75
N PHE M 51 -67.26 -13.63 26.49
CA PHE M 51 -67.38 -12.38 25.73
C PHE M 51 -68.01 -12.64 24.37
N LEU M 52 -68.60 -13.80 24.17
CA LEU M 52 -69.05 -14.25 22.86
C LEU M 52 -70.55 -14.46 22.93
N GLY M 53 -71.27 -13.72 22.11
CA GLY M 53 -72.70 -13.90 22.01
C GLY M 53 -73.08 -13.98 20.56
N CYS M 54 -74.38 -13.89 20.27
CA CYS M 54 -74.83 -13.87 18.90
C CYS M 54 -76.27 -13.42 18.84
N ASP M 55 -76.55 -12.42 18.02
CA ASP M 55 -77.90 -11.99 17.73
C ASP M 55 -78.23 -12.37 16.30
N MET M 56 -79.42 -11.98 15.86
CA MET M 56 -79.84 -12.39 14.51
C MET M 56 -78.92 -11.81 13.46
N LEU M 57 -78.39 -10.61 13.69
CA LEU M 57 -77.45 -10.02 12.75
C LEU M 57 -76.18 -10.86 12.65
N SER M 58 -75.56 -11.15 13.78
CA SER M 58 -74.30 -11.89 13.76
C SER M 58 -74.50 -13.30 13.26
N TYR M 59 -75.66 -13.89 13.55
CA TYR M 59 -75.88 -15.29 13.18
C TYR M 59 -75.79 -15.49 11.68
N GLY M 60 -76.55 -14.70 10.93
CA GLY M 60 -76.56 -14.88 9.48
C GLY M 60 -75.19 -14.67 8.87
N LEU M 61 -74.46 -13.68 9.37
CA LEU M 61 -73.13 -13.43 8.83
C LEU M 61 -72.17 -14.55 9.21
N ILE M 62 -72.28 -15.07 10.43
CA ILE M 62 -71.45 -16.22 10.80
C ILE M 62 -71.79 -17.41 9.90
N LEU M 63 -73.07 -17.73 9.80
CA LEU M 63 -73.47 -18.89 9.01
C LEU M 63 -73.08 -18.72 7.56
N LEU M 64 -73.10 -17.49 7.06
CA LEU M 64 -72.63 -17.25 5.69
C LEU M 64 -71.17 -17.64 5.55
N SER M 65 -70.34 -17.29 6.53
CA SER M 65 -68.91 -17.59 6.44
C SER M 65 -68.68 -19.09 6.46
N LEU M 66 -69.30 -19.79 7.41
CA LEU M 66 -69.14 -21.24 7.48
C LEU M 66 -69.50 -21.89 6.15
N TRP M 67 -70.59 -21.45 5.53
CA TRP M 67 -70.95 -21.97 4.23
C TRP M 67 -69.88 -21.62 3.21
N ILE M 68 -69.51 -20.34 3.11
CA ILE M 68 -68.55 -19.93 2.10
C ILE M 68 -67.19 -20.58 2.36
N CYS M 69 -66.72 -20.52 3.60
CA CYS M 69 -65.42 -21.10 3.88
C CYS M 69 -65.40 -22.60 3.65
N SER M 70 -66.56 -23.25 3.71
CA SER M 70 -66.62 -24.66 3.38
C SER M 70 -66.54 -24.86 1.87
N LEU M 71 -67.14 -23.97 1.10
CA LEU M 71 -67.08 -24.09 -0.35
C LEU M 71 -65.69 -23.78 -0.89
N MET M 72 -64.91 -22.97 -0.17
CA MET M 72 -63.54 -22.72 -0.57
C MET M 72 -62.78 -24.03 -0.76
N LEU M 73 -62.99 -24.99 0.13
CA LEU M 73 -62.28 -26.25 0.03
C LEU M 73 -62.70 -27.03 -1.21
N LEU M 74 -64.00 -27.05 -1.51
CA LEU M 74 -64.45 -27.68 -2.75
C LEU M 74 -63.83 -26.99 -3.96
N ALA M 75 -63.89 -25.67 -4.00
CA ALA M 75 -63.43 -24.95 -5.19
C ALA M 75 -61.95 -25.19 -5.43
N SER M 76 -61.15 -25.14 -4.36
CA SER M 76 -59.70 -25.26 -4.49
C SER M 76 -59.27 -26.72 -4.34
N GLU M 77 -59.81 -27.56 -5.22
CA GLU M 77 -59.34 -28.94 -5.29
C GLU M 77 -58.02 -29.05 -6.03
N MET M 78 -57.66 -28.04 -6.84
CA MET M 78 -56.37 -28.09 -7.52
C MET M 78 -55.22 -28.10 -6.54
N ILE M 79 -55.39 -27.42 -5.40
CA ILE M 79 -54.34 -27.45 -4.37
C ILE M 79 -54.13 -28.87 -3.89
N ASN M 80 -55.21 -29.65 -3.78
CA ASN M 80 -55.07 -31.04 -3.37
C ASN M 80 -54.48 -31.88 -4.50
N LYS M 81 -54.84 -31.58 -5.73
CA LYS M 81 -54.39 -32.38 -6.86
C LYS M 81 -52.88 -32.31 -7.05
N HIS M 82 -52.28 -31.17 -6.75
CA HIS M 82 -50.85 -30.96 -6.93
C HIS M 82 -50.10 -30.90 -5.60
N ASN M 83 -50.73 -31.30 -4.49
CA ASN M 83 -50.14 -31.27 -3.16
C ASN M 83 -49.31 -30.02 -2.95
N ASN M 84 -49.85 -28.87 -3.35
CA ASN M 84 -49.14 -27.61 -3.34
C ASN M 84 -49.22 -26.97 -1.95
N TYR M 85 -48.51 -27.57 -1.01
CA TYR M 85 -48.54 -27.15 0.38
C TYR M 85 -49.96 -27.17 0.94
N LYS M 86 -50.71 -28.23 0.59
CA LYS M 86 -52.10 -28.31 0.99
C LYS M 86 -52.26 -28.21 2.50
N ASN M 87 -51.37 -28.84 3.25
CA ASN M 87 -51.48 -28.81 4.70
C ASN M 87 -51.44 -27.37 5.22
N LEU M 88 -50.48 -26.59 4.74
CA LEU M 88 -50.44 -25.19 5.11
C LEU M 88 -51.68 -24.45 4.63
N PHE M 89 -52.13 -24.77 3.42
CA PHE M 89 -53.32 -24.12 2.88
C PHE M 89 -54.51 -24.36 3.77
N LEU M 90 -54.69 -25.60 4.22
CA LEU M 90 -55.81 -25.90 5.10
C LEU M 90 -55.72 -25.10 6.39
N LEU M 91 -54.53 -25.03 6.99
CA LEU M 91 -54.38 -24.30 8.23
C LEU M 91 -54.70 -22.84 8.05
N ASN M 92 -54.46 -22.29 6.86
CA ASN M 92 -54.78 -20.89 6.63
C ASN M 92 -56.28 -20.65 6.73
N ILE M 93 -57.08 -21.54 6.14
CA ILE M 93 -58.53 -21.35 6.15
C ILE M 93 -59.08 -21.60 7.54
N ILE M 94 -58.62 -22.64 8.22
CA ILE M 94 -59.13 -22.92 9.56
C ILE M 94 -58.83 -21.77 10.49
N ILE M 95 -57.62 -21.22 10.41
CA ILE M 95 -57.32 -20.02 11.20
C ILE M 95 -58.21 -18.87 10.75
N LEU M 96 -58.33 -18.67 9.43
CA LEU M 96 -59.11 -17.55 8.93
C LEU M 96 -60.55 -17.64 9.40
N LEU M 97 -61.13 -18.83 9.33
CA LEU M 97 -62.52 -18.98 9.74
C LEU M 97 -62.68 -18.62 11.21
N LEU M 98 -61.78 -19.08 12.07
CA LEU M 98 -61.86 -18.76 13.49
C LEU M 98 -61.87 -17.27 13.71
N LEU M 99 -61.03 -16.53 12.98
CA LEU M 99 -61.02 -15.08 13.14
C LEU M 99 -62.36 -14.49 12.76
N LEU M 100 -62.99 -15.00 11.71
CA LEU M 100 -64.29 -14.48 11.32
C LEU M 100 -65.33 -14.78 12.38
N ILE M 101 -65.39 -16.02 12.85
CA ILE M 101 -66.40 -16.40 13.83
C ILE M 101 -66.30 -15.51 15.06
N LEU M 102 -65.07 -15.26 15.52
CA LEU M 102 -64.88 -14.37 16.66
C LEU M 102 -65.29 -12.95 16.32
N THR M 103 -64.99 -12.50 15.09
CA THR M 103 -65.27 -11.12 14.72
C THR M 103 -66.75 -10.83 14.80
N PHE M 104 -67.57 -11.70 14.24
CA PHE M 104 -69.01 -11.49 14.30
C PHE M 104 -69.59 -11.85 15.65
N SER M 105 -69.04 -12.84 16.32
CA SER M 105 -69.55 -13.26 17.60
C SER M 105 -69.03 -12.42 18.75
N SER M 106 -68.14 -11.47 18.50
CA SER M 106 -67.67 -10.60 19.56
C SER M 106 -68.76 -9.63 19.97
N MET M 107 -68.89 -9.41 21.28
CA MET M 107 -69.92 -8.55 21.82
C MET M 107 -69.44 -7.14 22.10
N SER M 108 -68.14 -6.91 22.12
CA SER M 108 -67.57 -5.62 22.45
C SER M 108 -66.89 -5.04 21.23
N LEU M 109 -66.95 -3.71 21.10
CA LEU M 109 -66.44 -3.09 19.88
C LEU M 109 -64.94 -3.29 19.74
N PHE M 110 -64.20 -3.27 20.85
CA PHE M 110 -62.76 -3.44 20.73
C PHE M 110 -62.43 -4.81 20.14
N MET M 111 -63.07 -5.87 20.64
CA MET M 111 -62.88 -7.19 20.06
C MET M 111 -63.17 -7.23 18.58
N PHE M 112 -64.30 -6.65 18.16
CA PHE M 112 -64.63 -6.70 16.75
C PHE M 112 -63.45 -6.21 15.95
N TYR M 113 -62.88 -5.08 16.36
CA TYR M 113 -61.69 -4.57 15.70
C TYR M 113 -60.52 -5.53 15.84
N LEU M 114 -60.37 -6.16 17.01
CA LEU M 114 -59.22 -7.01 17.23
C LEU M 114 -59.16 -8.15 16.22
N PHE M 115 -60.29 -8.77 15.95
CA PHE M 115 -60.37 -9.82 14.94
C PHE M 115 -60.79 -9.29 13.58
N PHE M 116 -61.33 -8.08 13.51
CA PHE M 116 -61.60 -7.42 12.24
C PHE M 116 -60.41 -7.49 11.31
N GLU M 117 -59.33 -6.83 11.71
CA GLU M 117 -58.15 -6.78 10.86
C GLU M 117 -57.36 -8.08 10.92
N SER M 118 -57.37 -8.76 12.06
CA SER M 118 -56.48 -9.91 12.25
C SER M 118 -56.76 -10.98 11.20
N SER M 119 -58.01 -11.07 10.76
CA SER M 119 -58.36 -11.95 9.65
C SER M 119 -57.61 -11.58 8.37
N LEU M 120 -57.15 -10.33 8.26
CA LEU M 120 -56.50 -9.91 7.02
C LEU M 120 -55.25 -10.72 6.74
N ILE M 121 -54.42 -10.93 7.75
CA ILE M 121 -53.12 -11.58 7.50
C ILE M 121 -53.28 -12.98 6.97
N PRO M 122 -54.16 -13.83 7.49
CA PRO M 122 -54.43 -15.11 6.82
C PRO M 122 -54.88 -14.93 5.38
N THR M 123 -55.63 -13.88 5.07
CA THR M 123 -55.96 -13.62 3.66
C THR M 123 -54.72 -13.24 2.88
N LEU M 124 -53.85 -12.42 3.47
CA LEU M 124 -52.67 -11.96 2.74
C LEU M 124 -51.75 -13.12 2.41
N PHE M 125 -51.57 -14.06 3.34
CA PHE M 125 -50.81 -15.26 3.01
C PHE M 125 -51.46 -15.99 1.85
N LEU M 126 -52.79 -16.02 1.82
CA LEU M 126 -53.49 -16.79 0.80
C LEU M 126 -53.17 -16.26 -0.59
N ILE M 127 -53.16 -14.94 -0.75
CA ILE M 127 -52.91 -14.36 -2.07
C ILE M 127 -51.50 -14.68 -2.54
N LEU M 128 -50.50 -14.37 -1.71
CA LEU M 128 -49.13 -14.58 -2.14
C LEU M 128 -48.82 -16.05 -2.32
N GLY M 129 -49.31 -16.89 -1.42
CA GLY M 129 -48.90 -18.29 -1.44
C GLY M 129 -49.33 -19.01 -2.70
N TRP M 130 -50.60 -18.82 -3.10
CA TRP M 130 -51.22 -19.68 -4.10
C TRP M 130 -51.72 -18.91 -5.31
N GLY M 131 -51.29 -17.66 -5.50
CA GLY M 131 -51.67 -16.90 -6.68
C GLY M 131 -50.72 -17.16 -7.83
N TYR M 132 -51.28 -17.19 -9.04
CA TYR M 132 -50.46 -17.50 -10.21
C TYR M 132 -49.69 -16.27 -10.69
N GLN M 133 -50.40 -15.22 -11.06
CA GLN M 133 -49.78 -14.16 -11.83
C GLN M 133 -48.78 -13.37 -10.99
N PRO M 134 -47.79 -12.75 -11.63
CA PRO M 134 -46.78 -12.02 -10.87
C PRO M 134 -47.33 -10.86 -10.09
N GLU M 135 -48.51 -10.38 -10.43
CA GLU M 135 -49.03 -9.16 -9.82
C GLU M 135 -49.57 -9.40 -8.42
N ARG M 136 -49.54 -10.63 -7.91
CA ARG M 136 -50.06 -10.85 -6.56
C ARG M 136 -49.29 -10.08 -5.51
N LEU M 137 -48.03 -9.72 -5.80
CA LEU M 137 -47.32 -8.77 -4.95
C LEU M 137 -48.02 -7.43 -4.95
N GLN M 138 -48.01 -6.79 -6.12
CA GLN M 138 -48.53 -5.44 -6.27
C GLN M 138 -50.00 -5.37 -5.95
N ALA M 139 -50.70 -6.52 -5.90
CA ALA M 139 -52.03 -6.61 -5.34
C ALA M 139 -52.04 -7.11 -3.91
N GLY M 140 -50.97 -7.76 -3.45
CA GLY M 140 -50.89 -8.12 -2.05
C GLY M 140 -50.76 -6.91 -1.15
N LEU M 141 -50.00 -5.90 -1.59
CA LEU M 141 -49.81 -4.71 -0.76
C LEU M 141 -51.07 -3.87 -0.70
N TYR M 142 -51.73 -3.68 -1.84
CA TYR M 142 -52.94 -2.86 -1.86
C TYR M 142 -53.95 -3.35 -0.83
N LEU M 143 -54.19 -4.65 -0.80
CA LEU M 143 -55.13 -5.18 0.17
C LEU M 143 -54.67 -4.89 1.59
N LEU M 144 -53.37 -5.04 1.84
CA LEU M 144 -52.86 -4.86 3.20
C LEU M 144 -52.80 -3.40 3.59
N PHE M 145 -52.45 -2.52 2.67
CA PHE M 145 -52.09 -1.15 3.05
C PHE M 145 -53.26 -0.18 2.98
N TYR M 146 -54.20 -0.38 2.07
CA TYR M 146 -55.44 0.38 2.16
C TYR M 146 -56.14 0.08 3.48
N THR M 147 -56.19 -1.18 3.87
CA THR M 147 -56.90 -1.56 5.09
C THR M 147 -56.18 -1.03 6.32
N LEU M 148 -54.87 -1.26 6.41
CA LEU M 148 -54.13 -0.83 7.59
C LEU M 148 -54.14 0.68 7.72
N LEU M 149 -54.03 1.39 6.60
CA LEU M 149 -53.94 2.84 6.65
C LEU M 149 -55.17 3.46 7.28
N VAL M 150 -56.34 2.86 7.06
CA VAL M 150 -57.60 3.41 7.56
C VAL M 150 -58.09 2.69 8.80
N SER M 151 -57.54 1.53 9.12
CA SER M 151 -57.91 0.83 10.34
C SER M 151 -57.12 1.30 11.55
N LEU M 152 -55.86 1.67 11.36
CA LEU M 152 -55.07 2.17 12.49
C LEU M 152 -55.67 3.43 13.09
N PRO M 153 -56.07 4.44 12.32
CA PRO M 153 -56.81 5.57 12.92
C PRO M 153 -58.10 5.17 13.58
N MET M 154 -58.77 4.12 13.10
CA MET M 154 -59.98 3.67 13.78
C MET M 154 -59.67 3.22 15.20
N LEU M 155 -58.48 2.66 15.42
CA LEU M 155 -58.13 2.20 16.76
C LEU M 155 -58.16 3.35 17.76
N ILE M 156 -57.74 4.53 17.34
CA ILE M 156 -57.80 5.69 18.22
C ILE M 156 -59.25 6.03 18.53
N GLY M 157 -60.11 6.02 17.50
CA GLY M 157 -61.50 6.31 17.73
C GLY M 157 -62.16 5.36 18.70
N ILE M 158 -61.72 4.10 18.69
CA ILE M 158 -62.27 3.12 19.63
C ILE M 158 -61.88 3.48 21.06
N PHE M 159 -60.59 3.77 21.29
CA PHE M 159 -60.15 4.06 22.64
C PHE M 159 -60.77 5.35 23.17
N TYR M 160 -60.92 6.35 22.32
CA TYR M 160 -61.56 7.57 22.77
C TYR M 160 -62.97 7.31 23.27
N LEU M 161 -63.58 6.21 22.87
CA LEU M 161 -64.94 5.91 23.31
C LEU M 161 -64.98 5.27 24.69
N MET M 162 -63.92 4.59 25.12
CA MET M 162 -63.89 4.12 26.50
C MET M 162 -63.96 5.28 27.48
N ASN M 163 -63.16 6.32 27.24
CA ASN M 163 -63.07 7.36 28.23
C ASN M 163 -64.36 8.14 28.39
N LYS M 164 -65.32 7.95 27.48
CA LYS M 164 -66.64 8.56 27.59
C LYS M 164 -67.69 7.54 28.04
N ILE M 165 -67.83 6.44 27.29
CA ILE M 165 -68.77 5.40 27.68
C ILE M 165 -68.28 4.65 28.90
N GLY M 166 -66.98 4.37 28.96
CA GLY M 166 -66.44 3.50 29.97
C GLY M 166 -66.42 2.03 29.59
N SER M 167 -66.92 1.67 28.42
CA SER M 167 -66.96 0.28 28.01
C SER M 167 -67.05 0.20 26.50
N MET M 168 -66.86 -1.01 25.98
CA MET M 168 -66.98 -1.30 24.56
C MET M 168 -68.29 -1.97 24.16
N ASN M 169 -68.99 -2.61 25.10
CA ASN M 169 -70.13 -3.43 24.74
C ASN M 169 -71.14 -2.64 23.93
N PHE M 170 -71.63 -3.25 22.85
CA PHE M 170 -72.42 -2.52 21.87
C PHE M 170 -73.68 -1.94 22.47
N TYR M 171 -74.37 -2.71 23.32
CA TYR M 171 -75.62 -2.23 23.88
C TYR M 171 -75.41 -0.98 24.72
N LEU M 172 -74.34 -0.94 25.50
CA LEU M 172 -74.08 0.22 26.32
C LEU M 172 -73.69 1.43 25.48
N MET M 173 -73.15 1.22 24.29
CA MET M 173 -72.76 2.36 23.46
C MET M 173 -73.98 3.08 22.90
N ASN M 174 -75.03 2.33 22.56
CA ASN M 174 -76.18 2.93 21.89
C ASN M 174 -76.86 4.00 22.73
N ASN M 175 -76.61 4.02 24.03
CA ASN M 175 -77.21 5.02 24.90
C ASN M 175 -76.66 6.41 24.67
N PHE M 176 -75.56 6.54 23.94
CA PHE M 176 -74.89 7.82 23.74
C PHE M 176 -75.05 8.29 22.30
N MET M 177 -74.97 9.60 22.11
CA MET M 177 -74.91 10.20 20.79
C MET M 177 -73.81 11.25 20.82
N PHE M 178 -72.83 11.09 19.93
CA PHE M 178 -71.65 11.94 19.92
C PHE M 178 -71.78 13.04 18.88
N ASN M 179 -71.09 14.15 19.13
CA ASN M 179 -71.19 15.34 18.30
C ASN M 179 -69.88 15.73 17.65
N TYR M 180 -68.81 14.97 17.86
CA TYR M 180 -67.49 15.36 17.39
C TYR M 180 -67.32 14.97 15.93
N ASP M 181 -66.92 15.93 15.11
CA ASP M 181 -66.91 15.71 13.67
C ASP M 181 -65.88 14.67 13.28
N LEU M 182 -64.67 14.76 13.85
CA LEU M 182 -63.61 13.85 13.45
C LEU M 182 -63.92 12.41 13.85
N LEU M 183 -64.48 12.22 15.04
CA LEU M 183 -64.82 10.87 15.48
C LEU M 183 -65.71 10.17 14.47
N TYR M 184 -66.62 10.91 13.84
CA TYR M 184 -67.44 10.32 12.80
C TYR M 184 -66.58 9.77 11.68
N PHE M 185 -65.55 10.52 11.28
CA PHE M 185 -64.67 10.09 10.21
C PHE M 185 -63.68 9.02 10.64
N CYS M 186 -63.52 8.77 11.94
CA CYS M 186 -62.62 7.75 12.43
C CYS M 186 -63.30 6.43 12.72
N LEU M 187 -64.58 6.31 12.42
CA LEU M 187 -65.29 5.05 12.57
C LEU M 187 -66.12 4.70 11.36
N LEU M 188 -66.09 5.50 10.31
CA LEU M 188 -66.81 5.19 9.08
C LEU M 188 -65.91 5.26 7.86
N CYS M 189 -64.99 6.22 7.80
CA CYS M 189 -64.02 6.19 6.72
C CYS M 189 -63.17 4.92 6.78
N ALA M 190 -63.09 4.28 7.94
CA ALA M 190 -62.41 3.00 8.03
C ALA M 190 -63.26 1.86 7.48
N PHE M 191 -64.58 1.94 7.60
CA PHE M 191 -65.44 0.95 6.99
C PHE M 191 -65.85 1.32 5.57
N LEU M 192 -65.90 2.61 5.25
CA LEU M 192 -66.20 3.00 3.88
C LEU M 192 -65.13 2.51 2.93
N VAL M 193 -63.91 2.34 3.42
CA VAL M 193 -62.83 1.82 2.57
C VAL M 193 -63.11 0.36 2.21
N LYS M 194 -63.52 -0.43 3.20
CA LYS M 194 -63.66 -1.86 2.98
C LYS M 194 -64.97 -2.25 2.32
N MET M 195 -65.89 -1.31 2.14
CA MET M 195 -67.17 -1.64 1.54
C MET M 195 -67.02 -2.19 0.13
N PRO M 196 -66.30 -1.54 -0.80
CA PRO M 196 -65.63 -0.24 -0.76
C PRO M 196 -66.46 0.89 -1.34
N MET M 197 -66.09 2.12 -1.01
CA MET M 197 -66.63 3.29 -1.70
C MET M 197 -66.01 3.42 -3.08
N PHE M 198 -66.69 4.14 -3.96
CA PHE M 198 -66.28 4.20 -5.35
C PHE M 198 -64.88 4.79 -5.52
N LEU M 199 -64.57 5.86 -4.80
CA LEU M 199 -63.31 6.54 -5.00
C LEU M 199 -62.13 5.90 -4.29
N VAL M 200 -62.39 4.95 -3.37
CA VAL M 200 -61.31 4.29 -2.64
C VAL M 200 -61.39 2.79 -2.90
N HIS M 201 -61.89 2.41 -4.06
CA HIS M 201 -62.03 1.02 -4.43
C HIS M 201 -60.81 0.48 -5.17
N LEU M 202 -59.77 1.29 -5.34
CA LEU M 202 -58.68 0.92 -6.24
C LEU M 202 -58.01 -0.38 -5.85
N TRP M 203 -58.13 -0.81 -4.60
CA TRP M 203 -57.55 -2.09 -4.21
C TRP M 203 -58.41 -3.26 -4.67
N LEU M 204 -59.73 -3.08 -4.75
CA LEU M 204 -60.60 -4.22 -5.00
C LEU M 204 -60.38 -4.88 -6.35
N PRO M 205 -60.30 -4.15 -7.47
CA PRO M 205 -60.03 -4.83 -8.74
C PRO M 205 -58.68 -5.51 -8.80
N LYS M 206 -57.71 -5.06 -8.00
CA LYS M 206 -56.39 -5.69 -8.02
C LYS M 206 -56.35 -6.94 -7.17
N ALA M 207 -56.94 -6.88 -5.97
CA ALA M 207 -56.91 -8.05 -5.09
C ALA M 207 -57.69 -9.21 -5.69
N HIS M 208 -58.84 -8.93 -6.29
CA HIS M 208 -59.70 -10.00 -6.79
C HIS M 208 -59.15 -10.61 -8.07
N VAL M 209 -58.61 -9.78 -8.97
CA VAL M 209 -58.10 -10.30 -10.22
C VAL M 209 -56.91 -11.21 -9.99
N GLU M 210 -56.09 -10.92 -8.99
CA GLU M 210 -54.84 -11.65 -8.78
C GLU M 210 -54.97 -12.79 -7.79
N ALA M 211 -55.88 -12.71 -6.84
CA ALA M 211 -55.97 -13.72 -5.81
C ALA M 211 -56.38 -15.05 -6.40
N PRO M 212 -56.07 -16.15 -5.72
CA PRO M 212 -56.52 -17.46 -6.22
C PRO M 212 -58.03 -17.56 -6.18
N VAL M 213 -58.58 -18.69 -6.63
CA VAL M 213 -60.03 -18.84 -6.61
C VAL M 213 -60.55 -18.75 -5.17
N SER M 214 -59.90 -19.46 -4.25
CA SER M 214 -60.36 -19.45 -2.87
C SER M 214 -60.26 -18.06 -2.28
N GLY M 215 -59.14 -17.38 -2.50
CA GLY M 215 -59.01 -16.02 -2.02
C GLY M 215 -60.07 -15.10 -2.60
N SER M 216 -60.44 -15.31 -3.85
CA SER M 216 -61.52 -14.53 -4.46
C SER M 216 -62.83 -14.75 -3.73
N MET M 217 -63.08 -15.99 -3.30
CA MET M 217 -64.33 -16.29 -2.62
C MET M 217 -64.45 -15.48 -1.33
N ILE M 218 -63.42 -15.58 -0.49
CA ILE M 218 -63.50 -14.97 0.83
C ILE M 218 -63.35 -13.46 0.74
N LEU M 219 -62.51 -12.98 -0.18
CA LEU M 219 -62.37 -11.54 -0.38
C LEU M 219 -63.70 -10.93 -0.80
N ALA M 220 -64.35 -11.54 -1.79
CA ALA M 220 -65.67 -11.06 -2.21
C ALA M 220 -66.76 -11.55 -1.28
N GLY M 221 -66.51 -12.58 -0.49
CA GLY M 221 -67.56 -13.22 0.28
C GLY M 221 -67.76 -12.67 1.67
N ILE M 222 -66.67 -12.41 2.39
CA ILE M 222 -66.77 -12.04 3.80
C ILE M 222 -66.04 -10.75 4.10
N MET M 223 -65.00 -10.42 3.34
CA MET M 223 -64.25 -9.22 3.64
C MET M 223 -65.06 -7.96 3.34
N LEU M 224 -65.79 -7.96 2.23
CA LEU M 224 -66.64 -6.82 1.93
C LEU M 224 -67.78 -6.68 2.92
N LYS M 225 -68.10 -7.73 3.67
CA LYS M 225 -69.18 -7.67 4.63
C LYS M 225 -68.71 -7.15 5.98
N LEU M 226 -67.45 -7.41 6.35
CA LEU M 226 -66.95 -6.90 7.61
C LEU M 226 -67.02 -5.39 7.65
N GLY M 227 -66.81 -4.73 6.52
CA GLY M 227 -67.07 -3.31 6.45
C GLY M 227 -68.54 -2.99 6.65
N GLY M 228 -69.40 -3.75 5.96
CA GLY M 228 -70.83 -3.53 6.11
C GLY M 228 -71.33 -3.87 7.50
N TYR M 229 -70.89 -5.00 8.05
CA TYR M 229 -71.32 -5.37 9.38
C TYR M 229 -70.87 -4.33 10.41
N GLY M 230 -69.64 -3.85 10.27
CA GLY M 230 -69.14 -2.87 11.21
C GLY M 230 -69.98 -1.62 11.24
N MET M 231 -70.40 -1.13 10.07
CA MET M 231 -71.22 0.07 10.04
C MET M 231 -72.53 -0.14 10.79
N LEU M 232 -73.16 -1.29 10.61
CA LEU M 232 -74.46 -1.52 11.23
C LEU M 232 -74.40 -1.40 12.75
N ARG M 233 -73.22 -1.56 13.34
CA ARG M 233 -73.09 -1.48 14.78
C ARG M 233 -72.73 -0.09 15.28
N VAL M 234 -72.19 0.79 14.44
CA VAL M 234 -71.59 2.03 14.89
C VAL M 234 -72.28 3.26 14.32
N ILE M 235 -73.31 3.09 13.49
CA ILE M 235 -74.17 4.22 13.18
C ILE M 235 -75.24 4.39 14.23
N SER M 236 -75.35 3.45 15.17
CA SER M 236 -76.34 3.58 16.23
C SER M 236 -76.08 4.79 17.10
N PHE M 237 -74.81 5.07 17.41
CA PHE M 237 -74.44 6.22 18.22
C PHE M 237 -73.73 7.30 17.40
N LEU M 238 -73.88 7.28 16.09
CA LEU M 238 -73.46 8.38 15.23
C LEU M 238 -74.64 8.93 14.44
N GLN M 239 -75.84 8.78 14.98
CA GLN M 239 -77.03 9.22 14.26
C GLN M 239 -77.00 10.72 14.00
N LEU M 240 -76.65 11.50 15.00
CA LEU M 240 -76.67 12.95 14.83
C LEU M 240 -75.63 13.39 13.82
N MET M 241 -74.40 12.89 13.95
CA MET M 241 -73.36 13.28 13.01
C MET M 241 -73.64 12.72 11.62
N ASN M 242 -74.35 11.59 11.55
CA ASN M 242 -74.61 10.99 10.25
C ASN M 242 -75.45 11.88 9.37
N LEU M 243 -76.26 12.76 9.97
CA LEU M 243 -77.16 13.58 9.18
C LEU M 243 -76.46 14.75 8.50
N LYS M 244 -75.28 15.14 8.98
CA LYS M 244 -74.59 16.29 8.40
C LYS M 244 -73.74 15.93 7.20
N TYR M 245 -73.28 14.68 7.12
CA TYR M 245 -72.37 14.27 6.07
C TYR M 245 -72.86 13.07 5.28
N SER M 246 -74.06 12.58 5.56
CA SER M 246 -74.56 11.43 4.81
C SER M 246 -74.69 11.76 3.34
N PHE M 247 -75.17 12.96 3.01
CA PHE M 247 -75.41 13.30 1.62
C PHE M 247 -74.13 13.24 0.79
N VAL M 248 -72.97 13.37 1.43
CA VAL M 248 -71.72 13.20 0.71
C VAL M 248 -71.54 11.74 0.31
N TRP M 249 -71.77 10.82 1.25
CA TRP M 249 -71.57 9.40 0.96
C TRP M 249 -72.62 8.88 0.00
N ILE M 250 -73.87 9.28 0.19
CA ILE M 250 -74.94 8.77 -0.67
C ILE M 250 -74.68 9.16 -2.12
N SER M 251 -74.31 10.42 -2.35
CA SER M 251 -74.06 10.87 -3.71
C SER M 251 -72.90 10.11 -4.32
N ILE M 252 -71.81 9.95 -3.57
CA ILE M 252 -70.62 9.29 -4.12
C ILE M 252 -70.94 7.85 -4.48
N SER M 253 -71.57 7.12 -3.57
CA SER M 253 -71.88 5.72 -3.84
C SER M 253 -72.88 5.60 -4.98
N LEU M 254 -73.92 6.43 -4.99
CA LEU M 254 -74.91 6.36 -6.05
C LEU M 254 -74.29 6.70 -7.40
N VAL M 255 -73.62 7.85 -7.48
CA VAL M 255 -72.93 8.19 -8.71
C VAL M 255 -71.79 7.21 -8.94
N GLY M 256 -71.15 6.75 -7.88
CA GLY M 256 -70.10 5.76 -8.03
C GLY M 256 -70.61 4.46 -8.62
N GLY M 257 -71.80 4.04 -8.22
CA GLY M 257 -72.36 2.83 -8.79
C GLY M 257 -72.61 2.93 -10.28
N VAL M 258 -73.14 4.07 -10.72
CA VAL M 258 -73.41 4.25 -12.15
C VAL M 258 -72.12 4.24 -12.93
N LEU M 259 -71.15 5.03 -12.50
CA LEU M 259 -69.91 5.17 -13.27
C LEU M 259 -69.19 3.83 -13.36
N VAL M 260 -69.21 3.06 -12.29
CA VAL M 260 -68.55 1.76 -12.31
C VAL M 260 -69.27 0.82 -13.26
N SER M 261 -70.59 0.92 -13.36
CA SER M 261 -71.31 0.05 -14.30
C SER M 261 -70.86 0.31 -15.72
N LEU M 262 -70.64 1.56 -16.09
CA LEU M 262 -70.06 1.83 -17.39
C LEU M 262 -68.66 1.25 -17.49
N VAL M 263 -67.88 1.35 -16.41
CA VAL M 263 -66.55 0.75 -16.40
C VAL M 263 -66.65 -0.75 -16.59
N CYS M 264 -67.69 -1.37 -16.03
CA CYS M 264 -67.89 -2.80 -16.24
C CYS M 264 -68.06 -3.11 -17.72
N LEU M 265 -68.83 -2.28 -18.44
CA LEU M 265 -69.11 -2.58 -19.84
C LEU M 265 -67.85 -2.50 -20.69
N ARG M 266 -66.86 -1.72 -20.27
CA ARG M 266 -65.62 -1.57 -21.02
C ARG M 266 -64.53 -2.49 -20.51
N GLN M 267 -64.83 -3.38 -19.57
CA GLN M 267 -63.85 -4.37 -19.18
C GLN M 267 -63.75 -5.45 -20.25
N THR M 268 -62.69 -6.24 -20.16
CA THR M 268 -62.48 -7.38 -21.03
C THR M 268 -61.96 -8.58 -20.27
N ASP M 269 -61.98 -8.54 -18.94
CA ASP M 269 -61.48 -9.61 -18.08
C ASP M 269 -62.63 -10.10 -17.21
N LEU M 270 -62.82 -11.41 -17.15
CA LEU M 270 -63.89 -11.97 -16.33
C LEU M 270 -63.69 -11.60 -14.86
N LYS M 271 -62.49 -11.86 -14.33
CA LYS M 271 -62.26 -11.56 -12.92
C LYS M 271 -62.44 -10.07 -12.64
N ALA M 272 -61.92 -9.21 -13.51
CA ALA M 272 -62.09 -7.78 -13.31
C ALA M 272 -63.57 -7.41 -13.32
N LEU M 273 -64.31 -7.93 -14.30
CA LEU M 273 -65.70 -7.53 -14.46
C LEU M 273 -66.53 -7.93 -13.24
N ILE M 274 -66.35 -9.14 -12.75
CA ILE M 274 -67.07 -9.56 -11.57
C ILE M 274 -66.69 -8.71 -10.37
N ALA M 275 -65.40 -8.39 -10.24
CA ALA M 275 -64.96 -7.56 -9.12
C ALA M 275 -65.57 -6.18 -9.17
N TYR M 276 -65.61 -5.57 -10.36
CA TYR M 276 -66.23 -4.26 -10.48
C TYR M 276 -67.72 -4.34 -10.25
N SER M 277 -68.33 -5.49 -10.54
CA SER M 277 -69.74 -5.66 -10.22
C SER M 277 -69.97 -5.65 -8.71
N SER M 278 -68.96 -6.05 -7.94
CA SER M 278 -69.09 -5.98 -6.48
C SER M 278 -69.22 -4.53 -6.01
N VAL M 279 -68.41 -3.63 -6.56
CA VAL M 279 -68.49 -2.23 -6.19
C VAL M 279 -69.85 -1.65 -6.54
N ALA M 280 -70.43 -2.10 -7.65
CA ALA M 280 -71.71 -1.54 -8.06
C ALA M 280 -72.79 -1.84 -7.03
N HIS M 281 -72.95 -3.10 -6.64
CA HIS M 281 -73.99 -3.43 -5.68
C HIS M 281 -73.64 -2.93 -4.30
N MET M 282 -72.38 -3.01 -3.90
CA MET M 282 -71.99 -2.51 -2.59
C MET M 282 -72.25 -1.03 -2.45
N GLY M 283 -72.34 -0.30 -3.57
CA GLY M 283 -72.74 1.09 -3.50
C GLY M 283 -74.19 1.24 -3.06
N ILE M 284 -75.07 0.36 -3.51
CA ILE M 284 -76.46 0.43 -3.06
C ILE M 284 -76.56 0.02 -1.60
N VAL M 285 -75.79 -0.99 -1.19
CA VAL M 285 -75.83 -1.44 0.20
C VAL M 285 -75.44 -0.30 1.12
N LEU M 286 -74.31 0.35 0.83
CA LEU M 286 -73.87 1.46 1.65
C LEU M 286 -74.86 2.61 1.60
N SER M 287 -75.40 2.89 0.41
CA SER M 287 -76.34 4.00 0.27
C SER M 287 -77.55 3.80 1.16
N GLY M 288 -78.17 2.61 1.10
CA GLY M 288 -79.32 2.35 1.93
C GLY M 288 -78.97 2.30 3.41
N LEU M 289 -77.79 1.79 3.73
CA LEU M 289 -77.37 1.70 5.12
C LEU M 289 -77.32 3.08 5.75
N LEU M 290 -76.75 4.06 5.06
CA LEU M 290 -76.63 5.40 5.62
C LEU M 290 -77.95 6.14 5.63
N THR M 291 -78.98 5.64 4.94
CA THR M 291 -80.30 6.23 5.08
C THR M 291 -80.87 6.00 6.46
N MET M 292 -80.40 4.97 7.16
CA MET M 292 -80.67 4.72 8.57
C MET M 292 -82.11 4.31 8.84
N THR M 293 -82.95 4.22 7.82
CA THR M 293 -84.34 3.87 8.07
C THR M 293 -84.45 2.38 8.34
N TYR M 294 -85.59 1.98 8.90
CA TYR M 294 -85.83 0.58 9.19
C TYR M 294 -85.64 -0.28 7.95
N TRP M 295 -86.17 0.17 6.81
CA TRP M 295 -86.03 -0.63 5.60
C TRP M 295 -84.57 -0.66 5.14
N GLY M 296 -83.92 0.49 5.09
CA GLY M 296 -82.55 0.53 4.62
C GLY M 296 -81.62 -0.32 5.45
N LEU M 297 -81.95 -0.53 6.72
CA LEU M 297 -81.10 -1.35 7.58
C LEU M 297 -81.37 -2.83 7.37
N CYS M 298 -82.63 -3.24 7.44
CA CYS M 298 -82.95 -4.65 7.21
C CYS M 298 -82.57 -5.06 5.80
N GLY M 299 -82.86 -4.21 4.80
CA GLY M 299 -82.50 -4.55 3.44
C GLY M 299 -81.01 -4.71 3.26
N SER M 300 -80.22 -3.79 3.83
CA SER M 300 -78.77 -3.86 3.68
C SER M 300 -78.22 -5.15 4.25
N TYR M 301 -78.73 -5.56 5.40
CA TYR M 301 -78.32 -6.84 5.96
C TYR M 301 -78.64 -7.97 5.00
N THR M 302 -79.82 -7.95 4.40
CA THR M 302 -80.20 -9.01 3.48
C THR M 302 -79.27 -9.05 2.28
N LEU M 303 -79.09 -7.91 1.62
CA LEU M 303 -78.33 -7.91 0.37
C LEU M 303 -76.89 -8.33 0.60
N MET M 304 -76.32 -8.02 1.76
CA MET M 304 -74.95 -8.44 2.03
C MET M 304 -74.85 -9.95 2.03
N ILE M 305 -75.83 -10.62 2.63
CA ILE M 305 -75.85 -12.09 2.58
C ILE M 305 -75.97 -12.55 1.13
N ALA M 306 -76.95 -12.03 0.41
CA ALA M 306 -77.22 -12.54 -0.93
C ALA M 306 -76.06 -12.25 -1.86
N HIS M 307 -75.55 -11.02 -1.84
CA HIS M 307 -74.50 -10.65 -2.77
C HIS M 307 -73.25 -11.49 -2.56
N GLY M 308 -72.88 -11.73 -1.30
CA GLY M 308 -71.70 -12.52 -1.03
C GLY M 308 -71.80 -13.90 -1.65
N LEU M 309 -72.94 -14.57 -1.48
CA LEU M 309 -73.12 -15.88 -2.08
C LEU M 309 -73.03 -15.82 -3.60
N CYS M 310 -73.61 -14.78 -4.19
CA CYS M 310 -73.58 -14.68 -5.64
C CYS M 310 -72.19 -14.37 -6.16
N SER M 311 -71.63 -13.23 -5.75
CA SER M 311 -70.30 -12.85 -6.22
C SER M 311 -69.28 -13.94 -5.93
N SER M 312 -69.40 -14.60 -4.78
CA SER M 312 -68.58 -15.78 -4.55
C SER M 312 -68.90 -16.85 -5.57
N GLY M 313 -70.18 -17.02 -5.89
CA GLY M 313 -70.55 -18.00 -6.91
C GLY M 313 -69.94 -17.68 -8.25
N LEU M 314 -70.04 -16.43 -8.68
CA LEU M 314 -69.52 -16.06 -10.00
C LEU M 314 -68.01 -16.23 -10.08
N PHE M 315 -67.32 -16.19 -8.95
CA PHE M 315 -65.87 -16.43 -8.99
C PHE M 315 -65.56 -17.91 -9.18
N CYS M 316 -66.46 -18.81 -8.78
CA CYS M 316 -66.29 -20.21 -9.13
C CYS M 316 -66.21 -20.35 -10.64
N LEU M 317 -67.19 -19.80 -11.35
CA LEU M 317 -67.32 -20.04 -12.78
C LEU M 317 -66.14 -19.48 -13.54
N ALA M 318 -65.68 -18.29 -13.17
CA ALA M 318 -64.50 -17.74 -13.81
C ALA M 318 -63.30 -18.66 -13.61
N ASN M 319 -63.17 -19.24 -12.42
CA ASN M 319 -62.07 -20.17 -12.20
C ASN M 319 -62.21 -21.41 -13.06
N VAL M 320 -63.43 -21.93 -13.20
CA VAL M 320 -63.63 -23.13 -14.02
C VAL M 320 -63.19 -22.86 -15.44
N SER M 321 -63.65 -21.75 -16.02
CA SER M 321 -63.25 -21.42 -17.38
C SER M 321 -61.75 -21.17 -17.46
N TYR M 322 -61.21 -20.42 -16.50
CA TYR M 322 -59.78 -20.10 -16.55
C TYR M 322 -58.94 -21.35 -16.43
N GLU M 323 -59.40 -22.32 -15.65
CA GLU M 323 -58.61 -23.52 -15.42
C GLU M 323 -58.31 -24.24 -16.73
N ARG M 324 -59.23 -24.21 -17.69
CA ARG M 324 -59.09 -24.95 -18.94
C ARG M 324 -58.60 -24.05 -20.07
N LEU M 325 -59.34 -22.99 -20.37
CA LEU M 325 -58.90 -22.07 -21.41
C LEU M 325 -57.56 -21.44 -21.09
N GLY M 326 -57.20 -21.38 -19.81
CA GLY M 326 -55.91 -20.88 -19.40
C GLY M 326 -55.81 -19.37 -19.36
N SER M 327 -56.76 -18.67 -19.96
CA SER M 327 -56.77 -17.21 -19.96
C SER M 327 -58.11 -16.72 -19.45
N ARG M 328 -58.06 -15.64 -18.68
CA ARG M 328 -59.26 -15.06 -18.09
C ARG M 328 -59.83 -13.91 -18.92
N SER M 329 -59.29 -13.66 -20.10
CA SER M 329 -59.80 -12.57 -20.92
C SER M 329 -61.08 -12.98 -21.64
N MET M 330 -61.96 -12.00 -21.84
CA MET M 330 -63.24 -12.30 -22.50
C MET M 330 -63.03 -12.78 -23.93
N LEU M 331 -62.00 -12.27 -24.61
CA LEU M 331 -61.79 -12.64 -26.01
C LEU M 331 -61.51 -14.13 -26.14
N ILE M 332 -60.69 -14.67 -25.25
CA ILE M 332 -60.44 -16.11 -25.26
C ILE M 332 -61.73 -16.86 -24.96
N ASN M 333 -62.46 -16.42 -23.94
CA ASN M 333 -63.61 -17.16 -23.44
C ASN M 333 -64.83 -16.75 -24.26
N LYS M 334 -65.21 -17.58 -25.21
CA LYS M 334 -66.40 -17.34 -26.02
C LYS M 334 -67.12 -18.65 -26.27
N GLY M 335 -68.43 -18.55 -26.43
CA GLY M 335 -69.22 -19.68 -26.89
C GLY M 335 -69.11 -20.90 -26.00
N LEU M 336 -68.77 -20.72 -24.72
CA LEU M 336 -68.61 -21.86 -23.84
C LEU M 336 -69.86 -22.73 -23.76
N LEU M 337 -71.00 -22.22 -24.22
CA LEU M 337 -72.19 -23.06 -24.34
C LEU M 337 -71.97 -24.24 -25.26
N ASN M 338 -71.01 -24.14 -26.19
CA ASN M 338 -70.76 -25.20 -27.14
C ASN M 338 -69.64 -26.14 -26.72
N PHE M 339 -68.90 -25.81 -25.67
CA PHE M 339 -67.96 -26.72 -25.04
C PHE M 339 -68.55 -27.40 -23.82
N MET M 340 -69.17 -26.62 -22.94
CA MET M 340 -69.61 -27.09 -21.62
C MET M 340 -71.06 -26.67 -21.42
N PRO M 341 -71.97 -27.18 -22.24
CA PRO M 341 -73.36 -26.71 -22.18
C PRO M 341 -74.00 -26.89 -20.82
N SER M 342 -73.69 -27.97 -20.12
CA SER M 342 -74.23 -28.14 -18.78
C SER M 342 -73.78 -27.03 -17.86
N MET M 343 -72.55 -26.56 -18.04
CA MET M 343 -72.05 -25.47 -17.20
C MET M 343 -72.84 -24.19 -17.43
N THR M 344 -73.26 -23.96 -18.67
CA THR M 344 -73.85 -22.65 -19.00
C THR M 344 -75.12 -22.40 -18.22
N LEU M 345 -75.80 -23.46 -17.78
CA LEU M 345 -76.98 -23.27 -16.96
C LEU M 345 -76.62 -22.54 -15.66
N TRP M 346 -75.55 -22.97 -15.01
CA TRP M 346 -75.16 -22.35 -13.75
C TRP M 346 -74.68 -20.93 -13.97
N TRP M 347 -74.03 -20.68 -15.10
CA TRP M 347 -73.66 -19.32 -15.45
C TRP M 347 -74.87 -18.42 -15.43
N PHE M 348 -75.99 -18.89 -15.97
CA PHE M 348 -77.18 -18.06 -16.07
C PHE M 348 -77.78 -17.78 -14.70
N LEU M 349 -77.97 -18.82 -13.90
CA LEU M 349 -78.69 -18.64 -12.64
C LEU M 349 -77.90 -17.73 -11.70
N LEU M 350 -76.60 -17.95 -11.58
CA LEU M 350 -75.79 -17.05 -10.77
C LEU M 350 -75.74 -15.66 -11.40
N SER M 351 -75.63 -15.58 -12.73
CA SER M 351 -75.64 -14.28 -13.38
C SER M 351 -76.98 -13.58 -13.16
N SER M 352 -78.08 -14.32 -13.32
CA SER M 352 -79.40 -13.73 -13.16
C SER M 352 -79.59 -13.17 -11.75
N ALA M 353 -79.11 -13.91 -10.75
CA ALA M 353 -79.22 -13.43 -9.37
C ALA M 353 -78.49 -12.11 -9.21
N ASN M 354 -77.33 -11.95 -9.85
CA ASN M 354 -76.55 -10.74 -9.71
C ASN M 354 -77.30 -9.51 -10.19
N MET M 355 -78.15 -9.68 -11.20
CA MET M 355 -78.97 -8.59 -11.73
C MET M 355 -80.33 -8.53 -11.05
N ALA M 356 -80.42 -9.00 -9.81
CA ALA M 356 -81.65 -8.89 -9.02
C ALA M 356 -82.81 -9.58 -9.70
N ALA M 357 -82.57 -10.77 -10.18
CA ALA M 357 -83.65 -11.54 -10.79
C ALA M 357 -84.38 -12.37 -9.74
N PRO M 358 -85.68 -12.60 -9.92
CA PRO M 358 -86.41 -13.38 -8.92
C PRO M 358 -86.17 -14.86 -9.10
N PRO M 359 -86.53 -15.68 -8.11
CA PRO M 359 -87.09 -15.34 -6.81
C PRO M 359 -85.99 -15.19 -5.77
N THR M 360 -84.80 -14.82 -6.23
CA THR M 360 -83.61 -14.89 -5.39
C THR M 360 -83.77 -14.00 -4.17
N LEU M 361 -83.01 -14.35 -3.12
CA LEU M 361 -82.92 -13.49 -1.95
C LEU M 361 -82.34 -12.14 -2.29
N ASN M 362 -81.62 -12.04 -3.41
CA ASN M 362 -81.02 -10.77 -3.81
C ASN M 362 -82.08 -9.72 -4.12
N LEU M 363 -83.16 -10.13 -4.78
CA LEU M 363 -84.21 -9.18 -5.12
C LEU M 363 -84.94 -8.68 -3.89
N LEU M 364 -85.08 -9.51 -2.85
CA LEU M 364 -85.74 -9.07 -1.64
C LEU M 364 -84.98 -7.92 -0.99
N GLY M 365 -83.66 -8.07 -0.88
CA GLY M 365 -82.86 -7.01 -0.29
C GLY M 365 -82.83 -5.75 -1.16
N GLU M 366 -82.76 -5.94 -2.47
CA GLU M 366 -82.62 -4.79 -3.36
C GLU M 366 -83.91 -3.98 -3.43
N ILE M 367 -85.06 -4.62 -3.26
CA ILE M 367 -86.33 -3.89 -3.22
C ILE M 367 -86.34 -2.90 -2.08
N TYR M 368 -85.60 -3.21 -1.01
CA TYR M 368 -85.72 -2.50 0.26
C TYR M 368 -84.80 -1.29 0.28
N LEU M 369 -83.52 -1.51 -0.03
CA LEU M 369 -82.59 -0.41 -0.17
C LEU M 369 -83.13 0.62 -1.15
N LEU M 370 -83.76 0.14 -2.22
CA LEU M 370 -84.38 1.05 -3.18
C LEU M 370 -85.49 1.85 -2.51
N ASN M 371 -86.27 1.22 -1.64
CA ASN M 371 -87.34 1.94 -0.96
C ASN M 371 -86.76 3.02 -0.05
N SER M 372 -85.77 2.65 0.77
CA SER M 372 -85.21 3.60 1.71
C SER M 372 -84.61 4.80 0.98
N ILE M 373 -83.86 4.52 -0.09
CA ILE M 373 -83.21 5.59 -0.82
C ILE M 373 -84.25 6.54 -1.40
N VAL M 374 -85.29 5.99 -2.00
CA VAL M 374 -86.33 6.85 -2.60
C VAL M 374 -86.97 7.71 -1.53
N SER M 375 -87.32 7.10 -0.40
CA SER M 375 -87.88 7.87 0.70
C SER M 375 -86.92 8.95 1.17
N TRP M 376 -85.62 8.67 1.11
CA TRP M 376 -84.64 9.65 1.55
C TRP M 376 -84.71 10.91 0.71
N SER M 377 -84.85 10.75 -0.61
CA SER M 377 -84.99 11.90 -1.49
C SER M 377 -85.46 11.47 -2.87
N TRP M 378 -86.52 12.09 -3.38
CA TRP M 378 -87.02 11.71 -4.69
C TRP M 378 -86.03 11.99 -5.80
N ILE M 379 -85.01 12.80 -5.55
CA ILE M 379 -83.97 13.03 -6.55
C ILE M 379 -83.13 11.78 -6.75
N SER M 380 -83.13 10.86 -5.78
CA SER M 380 -82.36 9.64 -5.93
C SER M 380 -82.93 8.70 -6.98
N MET M 381 -84.13 8.97 -7.48
CA MET M 381 -84.70 8.12 -8.52
C MET M 381 -83.92 8.20 -9.83
N ILE M 382 -83.15 9.27 -10.05
CA ILE M 382 -82.51 9.44 -11.35
C ILE M 382 -81.46 8.35 -11.56
N LEU M 383 -80.39 8.37 -10.77
CA LEU M 383 -79.37 7.34 -10.98
C LEU M 383 -79.83 5.97 -10.50
N LEU M 384 -80.61 5.91 -9.42
CA LEU M 384 -81.10 4.62 -8.95
C LEU M 384 -81.85 3.89 -10.07
N SER M 385 -82.44 4.64 -11.00
CA SER M 385 -82.93 4.03 -12.23
C SER M 385 -81.77 3.63 -13.14
N PHE M 386 -80.80 4.53 -13.33
CA PHE M 386 -79.67 4.21 -14.19
C PHE M 386 -78.90 3.01 -13.66
N LEU M 387 -78.64 2.99 -12.35
CA LEU M 387 -77.80 1.96 -11.78
C LEU M 387 -78.45 0.59 -11.91
N SER M 388 -79.76 0.50 -11.68
CA SER M 388 -80.45 -0.77 -11.87
C SER M 388 -80.50 -1.16 -13.33
N PHE M 389 -80.59 -0.18 -14.23
CA PHE M 389 -80.57 -0.50 -15.66
C PHE M 389 -79.21 -1.02 -16.08
N PHE M 390 -78.14 -0.30 -15.73
CA PHE M 390 -76.81 -0.72 -16.14
C PHE M 390 -76.34 -1.92 -15.36
N SER M 391 -76.89 -2.16 -14.17
CA SER M 391 -76.51 -3.36 -13.41
C SER M 391 -76.90 -4.63 -14.13
N ALA M 392 -77.81 -4.55 -15.10
CA ALA M 392 -78.08 -5.65 -16.00
C ALA M 392 -77.32 -5.52 -17.31
N ALA M 393 -76.90 -4.31 -17.68
CA ALA M 393 -76.21 -4.12 -18.93
C ALA M 393 -74.92 -4.92 -18.99
N TYR M 394 -74.16 -4.91 -17.89
CA TYR M 394 -72.91 -5.67 -17.91
C TYR M 394 -73.13 -7.14 -17.58
N THR M 395 -74.17 -7.45 -16.79
CA THR M 395 -74.41 -8.85 -16.47
C THR M 395 -74.73 -9.66 -17.72
N LEU M 396 -75.58 -9.13 -18.59
CA LEU M 396 -75.82 -9.78 -19.86
C LEU M 396 -74.55 -9.87 -20.67
N TYR M 397 -73.78 -8.78 -20.70
CA TYR M 397 -72.52 -8.79 -21.43
C TYR M 397 -71.58 -9.83 -20.86
N LEU M 398 -71.57 -9.99 -19.54
CA LEU M 398 -70.75 -11.03 -18.92
C LEU M 398 -71.23 -12.40 -19.34
N TYR M 399 -72.53 -12.66 -19.21
CA TYR M 399 -73.05 -13.98 -19.54
C TYR M 399 -73.05 -14.21 -21.03
N SER M 400 -73.76 -13.37 -21.78
CA SER M 400 -73.95 -13.60 -23.21
C SER M 400 -72.62 -13.72 -23.93
N PHE M 401 -71.73 -12.75 -23.72
CA PHE M 401 -70.50 -12.73 -24.47
C PHE M 401 -69.66 -13.96 -24.22
N SER M 402 -69.65 -14.47 -22.99
CA SER M 402 -68.79 -15.60 -22.66
C SER M 402 -69.40 -16.94 -23.02
N GLN M 403 -70.71 -17.01 -23.26
CA GLN M 403 -71.39 -18.28 -23.48
C GLN M 403 -71.94 -18.45 -24.89
N HIS M 404 -72.24 -17.37 -25.60
CA HIS M 404 -73.11 -17.49 -26.76
C HIS M 404 -72.35 -17.72 -28.07
N GLY M 405 -71.37 -16.87 -28.37
CA GLY M 405 -70.84 -16.79 -29.72
C GLY M 405 -70.19 -18.05 -30.24
N LYS M 406 -69.51 -17.94 -31.38
CA LYS M 406 -68.78 -19.07 -31.93
C LYS M 406 -67.50 -19.31 -31.15
N LEU M 407 -67.10 -20.58 -31.08
CA LEU M 407 -66.01 -21.00 -30.22
C LEU M 407 -64.70 -20.34 -30.62
N PHE M 408 -63.81 -20.19 -29.64
CA PHE M 408 -62.46 -19.76 -29.92
C PHE M 408 -61.79 -20.75 -30.87
N SER M 409 -60.77 -20.27 -31.58
CA SER M 409 -60.10 -21.08 -32.59
C SER M 409 -58.83 -21.72 -32.06
N GLY M 410 -58.03 -21.00 -31.29
CA GLY M 410 -56.74 -21.53 -30.86
C GLY M 410 -56.79 -22.47 -29.68
N VAL M 411 -57.93 -22.59 -29.01
CA VAL M 411 -57.99 -23.38 -27.78
C VAL M 411 -57.60 -24.82 -28.06
N TYR M 412 -56.79 -25.38 -27.16
CA TYR M 412 -56.42 -26.79 -27.21
C TYR M 412 -57.40 -27.62 -26.39
N SER M 413 -57.33 -28.94 -26.58
CA SER M 413 -58.29 -29.82 -25.94
C SER M 413 -58.15 -29.76 -24.43
N PHE M 414 -59.29 -29.83 -23.74
CA PHE M 414 -59.30 -29.76 -22.28
C PHE M 414 -60.46 -30.60 -21.77
N SER M 415 -60.38 -30.94 -20.48
CA SER M 415 -61.39 -31.77 -19.85
C SER M 415 -62.74 -31.06 -19.85
N SER M 416 -63.80 -31.83 -19.69
CA SER M 416 -65.12 -31.25 -19.51
C SER M 416 -65.40 -31.05 -18.02
N GLY M 417 -66.54 -30.42 -17.73
CA GLY M 417 -66.88 -30.14 -16.35
C GLY M 417 -67.03 -31.42 -15.54
N LYS M 418 -66.63 -31.36 -14.28
CA LYS M 418 -66.66 -32.50 -13.39
C LYS M 418 -67.77 -32.34 -12.36
N ILE M 419 -68.09 -33.44 -11.69
CA ILE M 419 -69.19 -33.42 -10.73
C ILE M 419 -68.90 -32.44 -9.61
N ARG M 420 -67.63 -32.35 -9.19
CA ARG M 420 -67.28 -31.41 -8.13
C ARG M 420 -67.71 -30.01 -8.49
N GLU M 421 -67.45 -29.59 -9.72
CA GLU M 421 -67.80 -28.23 -10.13
C GLU M 421 -69.30 -28.02 -10.07
N TYR M 422 -70.08 -28.96 -10.59
CA TYR M 422 -71.53 -28.82 -10.55
C TYR M 422 -72.04 -28.76 -9.12
N LEU M 423 -71.54 -29.65 -8.27
CA LEU M 423 -71.98 -29.63 -6.88
C LEU M 423 -71.62 -28.32 -6.22
N LEU M 424 -70.46 -27.76 -6.57
CA LEU M 424 -70.08 -26.47 -6.01
C LEU M 424 -71.07 -25.40 -6.40
N MET M 425 -71.51 -25.40 -7.66
CA MET M 425 -72.38 -24.33 -8.14
C MET M 425 -73.76 -24.44 -7.50
N LEU M 426 -74.25 -25.65 -7.33
CA LEU M 426 -75.55 -25.84 -6.71
C LEU M 426 -75.57 -25.26 -5.31
N LEU M 427 -74.55 -25.57 -4.51
CA LEU M 427 -74.52 -25.10 -3.13
C LEU M 427 -74.45 -23.59 -3.07
N HIS M 428 -73.92 -22.95 -4.10
CA HIS M 428 -73.90 -21.49 -4.12
C HIS M 428 -75.29 -20.93 -4.36
N TRP M 429 -75.95 -21.41 -5.41
CA TRP M 429 -77.19 -20.81 -5.85
C TRP M 429 -78.39 -21.33 -5.09
N LEU M 430 -78.45 -22.63 -4.84
CA LEU M 430 -79.67 -23.22 -4.31
C LEU M 430 -80.06 -22.61 -2.96
N PRO M 431 -79.16 -22.41 -2.00
CA PRO M 431 -79.57 -21.66 -0.81
C PRO M 431 -80.02 -20.26 -1.12
N LEU M 432 -79.40 -19.61 -2.11
CA LEU M 432 -79.72 -18.22 -2.42
C LEU M 432 -81.19 -18.05 -2.80
N ASN M 433 -81.87 -19.12 -3.22
CA ASN M 433 -83.29 -19.10 -3.50
C ASN M 433 -84.12 -19.56 -2.31
N LEU M 434 -83.81 -20.75 -1.77
CA LEU M 434 -84.61 -21.27 -0.66
C LEU M 434 -84.61 -20.35 0.54
N LEU M 435 -83.60 -19.51 0.68
CA LEU M 435 -83.55 -18.59 1.81
C LEU M 435 -84.73 -17.63 1.80
N ILE M 436 -85.31 -17.39 0.63
CA ILE M 436 -86.47 -16.50 0.54
C ILE M 436 -87.60 -17.02 1.42
N LEU M 437 -87.72 -18.35 1.56
CA LEU M 437 -88.81 -18.92 2.33
C LEU M 437 -88.71 -18.50 3.79
N LYS M 438 -87.51 -18.46 4.34
CA LYS M 438 -87.29 -18.11 5.73
C LYS M 438 -86.49 -16.82 5.85
N SER M 439 -86.82 -15.84 5.00
CA SER M 439 -86.27 -14.51 5.18
C SER M 439 -86.70 -13.90 6.51
N GLU M 440 -87.77 -14.44 7.10
CA GLU M 440 -88.17 -14.11 8.46
C GLU M 440 -86.97 -13.96 9.38
N SER M 441 -86.03 -14.89 9.28
CA SER M 441 -84.89 -14.94 10.20
C SER M 441 -83.75 -14.06 9.75
N PHE M 442 -83.35 -14.15 8.48
CA PHE M 442 -82.20 -13.42 8.00
C PHE M 442 -82.54 -12.02 7.52
N MET M 443 -83.69 -11.49 7.92
CA MET M 443 -84.05 -10.12 7.62
C MET M 443 -84.24 -9.27 8.87
N LEU M 444 -85.06 -9.70 9.81
CA LEU M 444 -85.50 -8.86 10.91
C LEU M 444 -84.51 -8.92 12.08
N TRP M 445 -83.32 -8.41 11.83
CA TRP M 445 -82.34 -8.27 12.88
C TRP M 445 -82.56 -7.03 13.73
N LEU M 446 -83.51 -6.18 13.36
CA LEU M 446 -83.90 -5.03 14.17
C LEU M 446 -85.36 -5.16 14.56
N MET N 1 -19.68 -11.86 24.33
CA MET N 1 -19.23 -12.95 25.19
C MET N 1 -18.90 -14.18 24.37
N PHE N 2 -18.33 -13.95 23.19
CA PHE N 2 -18.24 -15.01 22.19
C PHE N 2 -16.86 -15.65 22.07
N ASN N 3 -15.77 -14.92 22.31
CA ASN N 3 -14.44 -15.42 21.97
C ASN N 3 -13.60 -15.78 23.18
N ASN N 4 -13.35 -14.83 24.08
CA ASN N 4 -12.36 -15.03 25.13
C ASN N 4 -12.93 -14.61 26.48
N SER N 5 -12.20 -14.95 27.53
CA SER N 5 -12.61 -14.56 28.87
C SER N 5 -12.70 -13.05 29.01
N SER N 6 -11.91 -12.30 28.24
CA SER N 6 -11.95 -10.85 28.33
C SER N 6 -13.31 -10.32 27.90
N LYS N 7 -13.87 -10.86 26.82
CA LYS N 7 -15.18 -10.41 26.38
C LYS N 7 -16.23 -10.61 27.46
N ILE N 8 -16.04 -11.59 28.32
CA ILE N 8 -16.98 -11.80 29.41
C ILE N 8 -16.97 -10.60 30.34
N LEU N 9 -15.78 -10.08 30.63
CA LEU N 9 -15.67 -8.94 31.53
C LEU N 9 -16.37 -7.71 30.97
N PHE N 10 -16.04 -7.34 29.73
CA PHE N 10 -16.59 -6.11 29.16
C PHE N 10 -18.10 -6.11 29.19
N ILE N 11 -18.73 -7.26 29.01
CA ILE N 11 -20.17 -7.34 29.08
C ILE N 11 -20.65 -6.98 30.48
N THR N 12 -20.02 -7.57 31.50
CA THR N 12 -20.47 -7.27 32.86
C THR N 12 -20.26 -5.81 33.20
N ILE N 13 -19.09 -5.27 32.88
CA ILE N 13 -18.81 -3.87 33.22
C ILE N 13 -19.77 -2.96 32.50
N MET N 14 -20.30 -3.38 31.34
CA MET N 14 -21.37 -2.64 30.72
C MET N 14 -22.60 -2.62 31.59
N ILE N 15 -22.95 -3.76 32.18
CA ILE N 15 -24.11 -3.82 33.06
C ILE N 15 -23.90 -2.90 34.25
N ILE N 16 -22.73 -2.97 34.87
CA ILE N 16 -22.45 -2.12 36.02
C ILE N 16 -22.52 -0.66 35.61
N GLY N 17 -21.96 -0.32 34.46
CA GLY N 17 -21.98 1.07 34.01
C GLY N 17 -23.40 1.59 33.84
N THR N 18 -24.24 0.81 33.17
CA THR N 18 -25.63 1.23 32.98
C THR N 18 -26.34 1.37 34.31
N LEU N 19 -26.13 0.41 35.22
CA LEU N 19 -26.83 0.45 36.49
C LEU N 19 -26.43 1.68 37.30
N ILE N 20 -25.16 2.05 37.27
CA ILE N 20 -24.72 3.21 38.03
C ILE N 20 -25.44 4.45 37.55
N THR N 21 -25.69 4.55 36.25
CA THR N 21 -26.36 5.72 35.71
C THR N 21 -27.80 5.79 36.19
N VAL N 22 -28.55 4.70 36.05
CA VAL N 22 -29.98 4.75 36.35
C VAL N 22 -30.28 4.63 37.83
N THR N 23 -29.29 4.38 38.67
CA THR N 23 -29.46 4.35 40.11
C THR N 23 -28.86 5.57 40.79
N SER N 24 -28.40 6.55 40.03
CA SER N 24 -27.69 7.70 40.58
C SER N 24 -28.67 8.82 40.92
N ASN N 25 -28.54 9.37 42.12
CA ASN N 25 -29.44 10.40 42.60
C ASN N 25 -28.94 11.80 42.30
N SER N 26 -28.04 11.95 41.33
CA SER N 26 -27.57 13.27 40.94
C SER N 26 -27.02 13.19 39.52
N TRP N 27 -27.01 14.35 38.86
CA TRP N 27 -26.52 14.39 37.49
C TRP N 27 -25.09 13.92 37.42
N LEU N 28 -24.25 14.41 38.32
CA LEU N 28 -22.83 14.08 38.27
C LEU N 28 -22.62 12.57 38.43
N GLY N 29 -23.31 11.96 39.39
CA GLY N 29 -23.22 10.53 39.51
C GLY N 29 -23.70 9.82 38.26
N ALA N 30 -24.78 10.31 37.66
CA ALA N 30 -25.26 9.71 36.42
C ALA N 30 -24.22 9.81 35.32
N TRP N 31 -23.56 10.96 35.21
CA TRP N 31 -22.59 11.13 34.13
C TRP N 31 -21.45 10.15 34.26
N MET N 32 -21.02 9.87 35.49
CA MET N 32 -19.93 8.92 35.68
C MET N 32 -20.29 7.57 35.08
N GLY N 33 -21.50 7.10 35.34
CA GLY N 33 -21.91 5.80 34.82
C GLY N 33 -21.84 5.74 33.31
N LEU N 34 -22.08 6.86 32.64
CA LEU N 34 -21.95 6.87 31.19
C LEU N 34 -20.51 6.62 30.76
N GLU N 35 -19.55 7.22 31.46
CA GLU N 35 -18.15 6.98 31.14
C GLU N 35 -17.78 5.52 31.35
N ILE N 36 -18.24 4.92 32.44
CA ILE N 36 -18.00 3.51 32.65
C ILE N 36 -18.54 2.71 31.48
N ASN N 37 -19.76 3.04 31.05
CA ASN N 37 -20.39 2.32 29.94
C ASN N 37 -19.62 2.53 28.65
N LEU N 38 -19.01 3.70 28.46
CA LEU N 38 -18.38 3.99 27.18
C LEU N 38 -17.28 3.00 26.86
N LEU N 39 -16.32 2.84 27.77
CA LEU N 39 -15.19 1.97 27.47
C LEU N 39 -15.52 0.50 27.60
N SER N 40 -16.70 0.16 28.14
CA SER N 40 -17.08 -1.24 28.16
C SER N 40 -17.53 -1.72 26.79
N PHE N 41 -18.03 -0.82 25.95
CA PHE N 41 -18.57 -1.19 24.65
C PHE N 41 -17.53 -1.15 23.54
N ILE N 42 -16.61 -0.20 23.59
CA ILE N 42 -15.66 -0.04 22.49
C ILE N 42 -14.83 -1.29 22.24
N PRO N 43 -14.15 -1.87 23.24
CA PRO N 43 -13.38 -3.10 22.95
C PRO N 43 -14.24 -4.22 22.41
N LEU N 44 -15.47 -4.36 22.90
CA LEU N 44 -16.40 -5.32 22.30
C LEU N 44 -16.67 -4.99 20.85
N LEU N 45 -16.57 -3.71 20.49
CA LEU N 45 -16.96 -3.27 19.16
C LEU N 45 -15.81 -3.29 18.16
N SER N 46 -14.57 -3.24 18.63
CA SER N 46 -13.42 -3.08 17.75
C SER N 46 -12.81 -4.45 17.48
N ASP N 47 -12.68 -4.79 16.19
CA ASP N 47 -12.00 -6.00 15.76
C ASP N 47 -11.21 -5.67 14.51
N ASN N 48 -9.94 -6.04 14.49
CA ASN N 48 -9.04 -5.60 13.43
C ASN N 48 -9.10 -6.48 12.19
N ASN N 49 -9.82 -7.61 12.23
CA ASN N 49 -10.05 -8.37 11.01
C ASN N 49 -10.83 -7.58 9.98
N ASN N 50 -11.59 -6.58 10.41
CA ASN N 50 -12.43 -5.79 9.53
C ASN N 50 -11.90 -4.37 9.46
N LEU N 51 -11.66 -3.88 8.25
CA LEU N 51 -11.41 -2.45 8.07
C LEU N 51 -12.63 -1.64 8.49
N MET N 52 -13.83 -2.21 8.35
CA MET N 52 -15.05 -1.48 8.69
C MET N 52 -15.24 -1.36 10.19
N SER N 53 -14.87 -2.40 10.94
CA SER N 53 -15.16 -2.41 12.37
C SER N 53 -14.46 -1.27 13.10
N THR N 54 -13.19 -1.02 12.77
CA THR N 54 -12.47 0.05 13.45
C THR N 54 -13.12 1.40 13.15
N GLU N 55 -13.62 1.59 11.94
CA GLU N 55 -14.35 2.81 11.64
C GLU N 55 -15.57 2.94 12.53
N ALA N 56 -16.28 1.83 12.76
CA ALA N 56 -17.42 1.86 13.68
C ALA N 56 -16.97 2.23 15.08
N SER N 57 -15.84 1.69 15.52
CA SER N 57 -15.31 2.03 16.83
C SER N 57 -14.99 3.51 16.94
N LEU N 58 -14.79 4.19 15.82
CA LEU N 58 -14.48 5.61 15.85
C LEU N 58 -15.73 6.45 15.98
N LYS N 59 -16.64 6.33 15.01
CA LYS N 59 -17.82 7.19 14.97
C LYS N 59 -18.56 7.15 16.30
N TYR N 60 -18.66 5.96 16.89
CA TYR N 60 -19.29 5.86 18.19
C TYR N 60 -18.52 6.65 19.23
N PHE N 61 -17.20 6.55 19.22
CA PHE N 61 -16.40 7.19 20.26
C PHE N 61 -16.51 8.70 20.17
N LEU N 62 -16.34 9.26 18.98
CA LEU N 62 -16.43 10.71 18.84
C LEU N 62 -17.80 11.21 19.23
N THR N 63 -18.85 10.51 18.82
CA THR N 63 -20.20 10.92 19.17
C THR N 63 -20.41 10.84 20.68
N GLN N 64 -20.12 9.69 21.27
CA GLN N 64 -20.40 9.53 22.70
C GLN N 64 -19.57 10.48 23.54
N VAL N 65 -18.30 10.68 23.17
CA VAL N 65 -17.46 11.59 23.93
C VAL N 65 -18.08 12.99 23.91
N LEU N 66 -18.50 13.44 22.73
CA LEU N 66 -19.13 14.75 22.65
C LEU N 66 -20.40 14.80 23.49
N ALA N 67 -21.21 13.75 23.42
CA ALA N 67 -22.47 13.74 24.16
C ALA N 67 -22.22 13.86 25.66
N SER N 68 -21.36 13.01 26.21
CA SER N 68 -21.07 13.08 27.64
C SER N 68 -20.44 14.42 28.00
N THR N 69 -19.57 14.94 27.12
CA THR N 69 -18.96 16.24 27.37
C THR N 69 -20.02 17.33 27.46
N VAL N 70 -20.88 17.42 26.46
CA VAL N 70 -21.93 18.44 26.50
C VAL N 70 -22.90 18.14 27.63
N LEU N 71 -23.16 16.86 27.90
CA LEU N 71 -24.05 16.52 29.01
C LEU N 71 -23.50 17.05 30.32
N LEU N 72 -22.21 16.83 30.58
CA LEU N 72 -21.63 17.36 31.80
C LEU N 72 -21.62 18.87 31.81
N PHE N 73 -21.38 19.50 30.65
CA PHE N 73 -21.42 20.95 30.55
C PHE N 73 -22.73 21.52 31.09
N SER N 74 -23.85 20.98 30.62
CA SER N 74 -25.14 21.54 31.03
C SER N 74 -25.44 21.22 32.48
N SER N 75 -25.09 20.01 32.92
CA SER N 75 -25.39 19.64 34.30
C SER N 75 -24.70 20.56 35.28
N ILE N 76 -23.44 20.91 35.02
CA ILE N 76 -22.76 21.91 35.83
C ILE N 76 -23.51 23.23 35.75
N LEU N 77 -23.87 23.63 34.53
CA LEU N 77 -24.60 24.87 34.36
C LEU N 77 -25.96 24.81 35.04
N LEU N 78 -26.61 23.65 35.00
CA LEU N 78 -27.95 23.55 35.57
C LEU N 78 -27.94 23.85 37.06
N MET N 79 -27.00 23.26 37.79
CA MET N 79 -26.92 23.48 39.23
C MET N 79 -26.02 24.65 39.60
N LEU N 80 -25.50 25.38 38.62
CA LEU N 80 -24.90 26.66 38.92
C LEU N 80 -25.95 27.72 39.17
N LYS N 81 -27.11 27.60 38.54
CA LYS N 81 -28.19 28.57 38.68
C LYS N 81 -29.26 28.15 39.68
N ASN N 82 -29.55 26.86 39.78
CA ASN N 82 -30.57 26.36 40.69
C ASN N 82 -30.00 25.81 41.99
N ASN N 83 -28.76 25.35 41.98
CA ASN N 83 -28.12 24.74 43.13
C ASN N 83 -28.78 23.44 43.55
N MET N 84 -29.58 22.86 42.67
CA MET N 84 -30.23 21.59 42.90
C MET N 84 -30.05 20.71 41.68
N ASN N 85 -30.09 19.39 41.89
CA ASN N 85 -30.09 18.49 40.75
C ASN N 85 -31.34 18.66 39.90
N ASN N 86 -32.38 19.29 40.44
CA ASN N 86 -33.65 19.46 39.76
C ASN N 86 -33.92 20.94 39.52
N GLU N 87 -34.57 21.22 38.40
CA GLU N 87 -34.97 22.57 38.04
C GLU N 87 -36.45 22.73 38.32
N ILE N 88 -36.81 23.78 39.06
CA ILE N 88 -38.19 23.97 39.49
C ILE N 88 -39.10 24.14 38.28
N ASN N 89 -38.70 24.98 37.33
CA ASN N 89 -39.44 25.22 36.10
C ASN N 89 -38.49 25.06 34.92
N GLU N 90 -38.82 24.13 34.03
CA GLU N 90 -37.89 23.78 32.96
C GLU N 90 -37.65 24.98 32.05
N SER N 91 -36.41 25.12 31.59
CA SER N 91 -36.03 26.24 30.75
C SER N 91 -34.92 25.78 29.81
N PHE N 92 -34.19 26.72 29.22
CA PHE N 92 -33.22 26.38 28.19
C PHE N 92 -32.13 25.47 28.74
N THR N 93 -31.66 25.75 29.96
CA THR N 93 -30.57 24.94 30.50
C THR N 93 -30.96 23.47 30.58
N SER N 94 -32.24 23.19 30.82
CA SER N 94 -32.68 21.80 30.81
C SER N 94 -32.84 21.27 29.39
N MET N 95 -33.15 22.14 28.42
CA MET N 95 -33.22 21.68 27.04
C MET N 95 -31.88 21.16 26.57
N ILE N 96 -30.79 21.85 26.94
CA ILE N 96 -29.47 21.44 26.47
C ILE N 96 -29.15 20.04 26.95
N ILE N 97 -29.53 19.72 28.18
CA ILE N 97 -29.33 18.35 28.67
C ILE N 97 -30.10 17.37 27.82
N MET N 98 -31.32 17.72 27.45
CA MET N 98 -32.12 16.83 26.62
C MET N 98 -31.45 16.61 25.27
N SER N 99 -30.91 17.66 24.67
CA SER N 99 -30.31 17.51 23.35
C SER N 99 -29.17 16.51 23.39
N ALA N 100 -28.32 16.58 24.41
CA ALA N 100 -27.22 15.63 24.51
C ALA N 100 -27.73 14.21 24.65
N LEU N 101 -28.73 13.99 25.50
CA LEU N 101 -29.20 12.63 25.72
C LEU N 101 -29.78 12.03 24.45
N LEU N 102 -30.50 12.83 23.67
CA LEU N 102 -31.03 12.33 22.40
C LEU N 102 -29.90 11.94 21.47
N LEU N 103 -28.89 12.78 21.35
CA LEU N 103 -27.72 12.41 20.57
C LEU N 103 -27.04 11.18 21.15
N LYS N 104 -27.03 11.07 22.48
CA LYS N 104 -26.46 9.88 23.10
C LYS N 104 -27.20 8.63 22.67
N SER N 105 -28.48 8.74 22.33
CA SER N 105 -29.29 7.61 21.90
C SER N 105 -29.62 7.63 20.43
N GLY N 106 -29.15 8.64 19.69
CA GLY N 106 -29.41 8.69 18.26
C GLY N 106 -30.86 8.93 17.89
N ALA N 107 -31.56 9.79 18.62
CA ALA N 107 -32.89 10.18 18.19
C ALA N 107 -32.79 10.96 16.88
N ALA N 108 -33.96 11.24 16.30
CA ALA N 108 -34.08 11.68 14.92
C ALA N 108 -33.09 12.79 14.52
N PRO N 109 -33.16 13.96 15.13
CA PRO N 109 -32.34 15.07 14.63
C PRO N 109 -30.86 14.81 14.72
N PHE N 110 -30.45 13.87 15.58
CA PHE N 110 -29.03 13.58 15.80
C PHE N 110 -28.78 12.08 15.69
N HIS N 111 -29.56 11.41 14.85
CA HIS N 111 -29.42 9.98 14.61
C HIS N 111 -28.37 9.64 13.57
N PHE N 112 -27.85 10.63 12.84
CA PHE N 112 -27.08 10.35 11.64
C PHE N 112 -25.96 9.36 11.91
N TRP N 113 -25.24 9.55 13.01
CA TRP N 113 -24.14 8.65 13.33
C TRP N 113 -24.61 7.22 13.51
N PHE N 114 -25.87 7.00 13.85
CA PHE N 114 -26.26 5.69 14.35
C PHE N 114 -26.35 4.68 13.22
N PRO N 115 -27.15 4.90 12.16
CA PRO N 115 -27.06 3.96 11.03
C PRO N 115 -25.71 3.95 10.37
N ASN N 116 -25.03 5.09 10.28
CA ASN N 116 -23.77 5.16 9.55
C ASN N 116 -22.64 4.43 10.27
N MET N 117 -22.85 3.97 11.50
CA MET N 117 -21.90 3.12 12.17
C MET N 117 -22.30 1.66 12.18
N MET N 118 -23.46 1.32 11.62
CA MET N 118 -23.94 -0.05 11.64
C MET N 118 -23.36 -0.90 10.52
N GLU N 119 -22.64 -0.32 9.56
CA GLU N 119 -22.08 -1.14 8.49
C GLU N 119 -21.12 -2.17 9.06
N GLY N 120 -20.29 -1.78 10.01
CA GLY N 120 -19.18 -2.61 10.46
C GLY N 120 -19.35 -3.20 11.84
N LEU N 121 -20.55 -3.68 12.17
CA LEU N 121 -20.80 -4.37 13.42
C LEU N 121 -21.26 -5.79 13.15
N THR N 122 -20.81 -6.72 13.98
CA THR N 122 -21.41 -8.04 13.99
C THR N 122 -22.83 -7.93 14.53
N TRP N 123 -23.64 -8.94 14.23
CA TRP N 123 -25.02 -8.91 14.66
C TRP N 123 -25.11 -8.83 16.18
N MET N 124 -24.31 -9.62 16.88
CA MET N 124 -24.35 -9.60 18.34
C MET N 124 -23.93 -8.23 18.87
N ASN N 125 -23.07 -7.52 18.15
CA ASN N 125 -22.75 -6.15 18.55
C ASN N 125 -23.94 -5.23 18.37
N ALA N 126 -24.65 -5.36 17.25
CA ALA N 126 -25.78 -4.49 16.99
C ALA N 126 -26.84 -4.63 18.06
N LEU N 127 -27.08 -5.85 18.52
CA LEU N 127 -28.06 -6.06 19.58
C LEU N 127 -27.68 -5.30 20.85
N MET N 128 -26.41 -5.38 21.25
CA MET N 128 -25.98 -4.63 22.43
C MET N 128 -26.18 -3.15 22.21
N LEU N 129 -25.88 -2.66 21.01
CA LEU N 129 -26.08 -1.24 20.73
C LEU N 129 -27.57 -0.91 20.65
N MET N 130 -28.33 -1.70 19.90
CA MET N 130 -29.73 -1.35 19.66
C MET N 130 -30.54 -1.35 20.94
N THR N 131 -30.35 -2.35 21.80
CA THR N 131 -31.19 -2.53 22.97
C THR N 131 -30.57 -1.93 24.23
N TRP N 132 -29.41 -2.41 24.64
CA TRP N 132 -28.92 -2.05 25.96
C TRP N 132 -28.42 -0.62 26.02
N GLN N 133 -27.69 -0.17 25.00
CA GLN N 133 -27.13 1.17 25.06
C GLN N 133 -28.21 2.23 25.10
N LYS N 134 -29.43 1.92 24.70
CA LYS N 134 -30.52 2.88 24.75
C LYS N 134 -31.21 2.92 26.10
N ILE N 135 -30.82 2.06 27.05
CA ILE N 135 -31.43 2.09 28.37
C ILE N 135 -31.03 3.35 29.12
N ALA N 136 -29.73 3.51 29.35
CA ALA N 136 -29.27 4.63 30.17
C ALA N 136 -29.68 5.98 29.61
N PRO N 137 -29.50 6.28 28.33
CA PRO N 137 -29.90 7.59 27.83
C PRO N 137 -31.39 7.85 28.03
N LEU N 138 -32.22 6.95 27.49
CA LEU N 138 -33.66 7.17 27.53
C LEU N 138 -34.18 7.19 28.95
N MET N 139 -33.52 6.50 29.88
CA MET N 139 -34.05 6.43 31.22
C MET N 139 -33.80 7.73 31.97
N LEU N 140 -32.75 8.47 31.62
CA LEU N 140 -32.52 9.77 32.23
C LEU N 140 -33.46 10.83 31.66
N ILE N 141 -33.88 10.69 30.40
CA ILE N 141 -34.80 11.66 29.84
C ILE N 141 -36.11 11.67 30.58
N SER N 142 -36.46 10.59 31.27
CA SER N 142 -37.68 10.58 32.05
C SER N 142 -37.66 11.64 33.15
N TYR N 143 -36.46 12.03 33.60
CA TYR N 143 -36.37 13.06 34.63
C TYR N 143 -36.72 14.44 34.07
N LEU N 144 -36.22 14.75 32.89
CA LEU N 144 -36.48 16.05 32.28
C LEU N 144 -37.90 16.09 31.72
N ASN N 145 -38.51 17.26 31.81
CA ASN N 145 -39.94 17.42 31.51
C ASN N 145 -40.18 18.50 30.47
N ILE N 146 -39.33 18.58 29.45
CA ILE N 146 -39.62 19.45 28.31
C ILE N 146 -40.47 18.69 27.32
N LYS N 147 -41.53 19.34 26.83
CA LYS N 147 -42.49 18.71 25.95
C LYS N 147 -42.15 18.92 24.48
N TYR N 148 -42.00 20.17 24.06
CA TYR N 148 -41.85 20.45 22.64
C TYR N 148 -40.55 19.86 22.09
N LEU N 149 -39.45 19.99 22.82
CA LEU N 149 -38.21 19.38 22.35
C LEU N 149 -38.35 17.88 22.24
N LEU N 150 -38.89 17.23 23.29
CA LEU N 150 -39.11 15.80 23.21
C LEU N 150 -40.13 15.46 22.12
N LEU N 151 -41.17 16.29 22.01
CA LEU N 151 -42.20 16.03 21.01
C LEU N 151 -41.65 16.12 19.60
N ILE N 152 -40.76 17.07 19.35
CA ILE N 152 -40.20 17.22 18.01
C ILE N 152 -39.39 15.98 17.63
N SER N 153 -38.63 15.44 18.58
CA SER N 153 -37.81 14.28 18.26
C SER N 153 -38.66 13.09 17.86
N VAL N 154 -39.80 12.90 18.52
CA VAL N 154 -40.70 11.80 18.16
C VAL N 154 -41.16 11.95 16.72
N ILE N 155 -41.65 13.14 16.36
CA ILE N 155 -42.21 13.34 15.03
C ILE N 155 -41.16 13.09 13.97
N LEU N 156 -39.95 13.60 14.19
CA LEU N 156 -38.89 13.35 13.22
C LEU N 156 -38.39 11.91 13.28
N SER N 157 -38.42 11.30 14.45
CA SER N 157 -37.88 9.94 14.59
C SER N 157 -38.67 8.96 13.74
N VAL N 158 -40.00 8.98 13.87
CA VAL N 158 -40.81 8.04 13.12
C VAL N 158 -40.70 8.31 11.62
N ILE N 159 -40.60 9.59 11.24
CA ILE N 159 -40.53 9.92 9.84
C ILE N 159 -39.18 9.52 9.26
N ILE N 160 -38.10 10.09 9.79
CA ILE N 160 -36.78 9.78 9.27
C ILE N 160 -36.47 8.30 9.43
N GLY N 161 -36.89 7.71 10.55
CA GLY N 161 -36.63 6.30 10.75
C GLY N 161 -37.28 5.42 9.71
N ALA N 162 -38.44 5.82 9.20
CA ALA N 162 -39.14 5.00 8.23
C ALA N 162 -38.64 5.29 6.82
N ILE N 163 -38.73 6.55 6.38
CA ILE N 163 -38.43 6.89 4.99
C ILE N 163 -37.00 6.49 4.64
N GLY N 164 -36.08 6.69 5.56
CA GLY N 164 -34.70 6.30 5.30
C GLY N 164 -34.56 4.82 5.06
N GLY N 165 -35.35 4.00 5.76
CA GLY N 165 -35.20 2.56 5.69
C GLY N 165 -35.66 1.94 4.40
N LEU N 166 -36.49 2.64 3.63
CA LEU N 166 -36.99 2.07 2.38
C LEU N 166 -35.87 1.81 1.40
N ASN N 167 -34.83 2.64 1.41
CA ASN N 167 -33.81 2.64 0.38
C ASN N 167 -32.68 1.66 0.65
N GLN N 168 -32.62 1.10 1.86
CA GLN N 168 -31.52 0.22 2.23
C GLN N 168 -31.76 -1.20 1.74
N THR N 169 -30.66 -1.92 1.54
CA THR N 169 -30.71 -3.37 1.36
C THR N 169 -29.87 -4.12 2.39
N SER N 170 -28.91 -3.46 3.04
CA SER N 170 -28.14 -4.11 4.09
C SER N 170 -29.01 -4.26 5.33
N LEU N 171 -29.21 -5.49 5.77
CA LEU N 171 -30.10 -5.74 6.90
C LEU N 171 -29.60 -5.03 8.16
N ARG N 172 -28.30 -5.00 8.38
CA ARG N 172 -27.77 -4.28 9.52
C ARG N 172 -28.12 -2.80 9.46
N LYS N 173 -27.96 -2.20 8.28
CA LYS N 173 -28.35 -0.80 8.12
C LYS N 173 -29.86 -0.64 8.12
N LEU N 174 -30.59 -1.64 7.61
CA LEU N 174 -32.03 -1.56 7.62
C LEU N 174 -32.57 -1.58 9.05
N MET N 175 -32.05 -2.50 9.88
CA MET N 175 -32.53 -2.58 11.25
C MET N 175 -32.26 -1.30 12.01
N ALA N 176 -31.16 -0.61 11.68
CA ALA N 176 -30.89 0.66 12.35
C ALA N 176 -32.03 1.65 12.14
N PHE N 177 -32.42 1.84 10.89
CA PHE N 177 -33.55 2.72 10.61
C PHE N 177 -34.83 2.17 11.21
N SER N 178 -34.98 0.85 11.25
CA SER N 178 -36.11 0.28 11.95
C SER N 178 -36.06 0.60 13.44
N SER N 179 -34.86 0.54 14.02
CA SER N 179 -34.73 0.82 15.45
C SER N 179 -35.00 2.28 15.76
N ILE N 180 -34.66 3.18 14.85
CA ILE N 180 -34.93 4.60 15.07
C ILE N 180 -36.43 4.82 15.21
N ASN N 181 -37.23 4.09 14.44
CA ASN N 181 -38.67 4.27 14.55
C ASN N 181 -39.18 3.80 15.90
N HIS N 182 -38.81 2.59 16.33
CA HIS N 182 -39.20 2.12 17.64
C HIS N 182 -38.72 3.06 18.73
N LEU N 183 -37.56 3.68 18.53
CA LEU N 183 -37.11 4.70 19.47
C LEU N 183 -38.12 5.83 19.55
N GLY N 184 -38.68 6.23 18.42
CA GLY N 184 -39.70 7.27 18.44
C GLY N 184 -40.88 6.91 19.31
N TRP N 185 -41.31 5.65 19.26
CA TRP N 185 -42.42 5.23 20.09
C TRP N 185 -42.08 5.32 21.57
N MET N 186 -40.85 4.98 21.94
CA MET N 186 -40.45 5.09 23.33
C MET N 186 -40.58 6.51 23.84
N LEU N 187 -39.99 7.46 23.14
CA LEU N 187 -40.00 8.84 23.60
C LEU N 187 -41.44 9.35 23.71
N SER N 188 -42.29 8.97 22.77
CA SER N 188 -43.71 9.27 22.91
C SER N 188 -44.26 8.61 24.17
N SER N 189 -43.90 7.36 24.41
CA SER N 189 -44.34 6.68 25.61
C SER N 189 -43.68 7.23 26.86
N LEU N 190 -42.62 8.04 26.70
CA LEU N 190 -41.88 8.53 27.84
C LEU N 190 -42.42 9.85 28.37
N MET N 191 -43.12 10.61 27.54
CA MET N 191 -43.75 11.84 28.02
C MET N 191 -45.05 11.56 28.76
N ILE N 192 -45.52 10.33 28.77
CA ILE N 192 -46.79 9.97 29.38
C ILE N 192 -46.60 9.17 30.67
N SER N 193 -45.61 8.28 30.70
CA SER N 193 -45.38 7.38 31.81
C SER N 193 -43.98 6.82 31.69
N GLU N 194 -43.66 5.81 32.50
CA GLU N 194 -42.47 5.02 32.26
C GLU N 194 -42.86 3.55 32.22
N SER N 195 -43.85 3.17 33.04
CA SER N 195 -44.22 1.77 33.14
C SER N 195 -44.63 1.24 31.77
N ILE N 196 -45.32 2.07 30.99
CA ILE N 196 -45.51 1.73 29.59
C ILE N 196 -44.16 1.63 28.90
N TRP N 197 -43.30 2.62 29.12
CA TRP N 197 -41.99 2.61 28.47
C TRP N 197 -41.20 1.37 28.91
N LEU N 198 -41.22 1.05 30.19
CA LEU N 198 -40.53 -0.15 30.64
C LEU N 198 -41.13 -1.38 29.99
N ILE N 199 -42.45 -1.45 29.90
CA ILE N 199 -43.09 -2.56 29.20
C ILE N 199 -42.72 -2.53 27.72
N TYR N 200 -42.87 -1.36 27.10
CA TYR N 200 -42.65 -1.26 25.66
C TYR N 200 -41.22 -1.57 25.31
N PHE N 201 -40.27 -1.08 26.11
CA PHE N 201 -38.87 -1.38 25.85
C PHE N 201 -38.61 -2.87 25.94
N PHE N 202 -39.17 -3.54 26.95
CA PHE N 202 -38.90 -4.97 27.10
C PHE N 202 -39.39 -5.74 25.88
N PHE N 203 -40.56 -5.39 25.35
CA PHE N 203 -41.04 -6.07 24.16
C PHE N 203 -40.19 -5.71 22.95
N TYR N 204 -39.81 -4.44 22.81
CA TYR N 204 -38.96 -4.05 21.69
C TYR N 204 -37.66 -4.82 21.70
N SER N 205 -37.01 -4.90 22.87
CA SER N 205 -35.77 -5.67 22.96
C SER N 205 -36.04 -7.13 22.64
N PHE N 206 -37.18 -7.66 23.08
CA PHE N 206 -37.50 -9.05 22.82
C PHE N 206 -37.52 -9.34 21.33
N LEU N 207 -38.25 -8.53 20.56
CA LEU N 207 -38.35 -8.78 19.13
C LEU N 207 -36.99 -8.62 18.46
N SER N 208 -36.29 -7.54 18.78
CA SER N 208 -34.96 -7.35 18.20
C SER N 208 -34.02 -8.46 18.63
N PHE N 209 -34.14 -8.91 19.88
CA PHE N 209 -33.37 -10.05 20.33
C PHE N 209 -33.62 -11.27 19.45
N VAL N 210 -34.83 -11.40 18.91
CA VAL N 210 -35.14 -12.54 18.07
C VAL N 210 -34.58 -12.36 16.67
N LEU N 211 -34.90 -11.23 16.03
CA LEU N 211 -34.48 -11.04 14.65
C LEU N 211 -32.96 -11.04 14.53
N THR N 212 -32.26 -10.55 15.53
CA THR N 212 -30.81 -10.56 15.48
C THR N 212 -30.28 -11.99 15.42
N PHE N 213 -30.83 -12.88 16.23
CA PHE N 213 -30.36 -14.26 16.23
C PHE N 213 -30.55 -14.90 14.86
N MET N 214 -31.71 -14.72 14.24
CA MET N 214 -31.96 -15.38 12.97
C MET N 214 -30.93 -14.97 11.93
N PHE N 215 -30.59 -13.68 11.87
CA PHE N 215 -29.50 -13.27 11.00
C PHE N 215 -28.16 -13.75 11.54
N ASN N 216 -27.97 -13.67 12.85
CA ASN N 216 -26.69 -14.07 13.42
C ASN N 216 -26.44 -15.55 13.27
N ILE N 217 -27.48 -16.37 13.44
CA ILE N 217 -27.29 -17.81 13.38
C ILE N 217 -26.93 -18.24 11.97
N PHE N 218 -27.54 -17.60 10.96
CA PHE N 218 -27.33 -17.97 9.57
C PHE N 218 -26.51 -16.94 8.81
N LYS N 219 -25.86 -16.03 9.53
CA LYS N 219 -24.95 -15.05 8.95
C LYS N 219 -25.47 -14.44 7.66
N LEU N 220 -26.61 -13.78 7.73
CA LEU N 220 -27.20 -13.06 6.61
C LEU N 220 -26.96 -11.58 6.81
N PHE N 221 -26.52 -10.90 5.75
CA PHE N 221 -26.21 -9.47 5.82
C PHE N 221 -26.80 -8.67 4.67
N HIS N 222 -27.49 -9.30 3.73
CA HIS N 222 -28.04 -8.60 2.58
C HIS N 222 -29.34 -9.25 2.17
N LEU N 223 -30.21 -8.47 1.53
CA LEU N 223 -31.53 -9.00 1.17
C LEU N 223 -31.41 -10.19 0.24
N ASN N 224 -30.53 -10.11 -0.75
CA ASN N 224 -30.36 -11.21 -1.69
C ASN N 224 -30.09 -12.51 -0.95
N GLN N 225 -29.30 -12.46 0.12
CA GLN N 225 -28.96 -13.68 0.85
C GLN N 225 -30.20 -14.37 1.38
N LEU N 226 -31.25 -13.61 1.69
CA LEU N 226 -32.49 -14.23 2.16
C LEU N 226 -33.06 -15.16 1.12
N PHE N 227 -33.11 -14.73 -0.14
CA PHE N 227 -33.65 -15.58 -1.20
C PHE N 227 -32.73 -16.77 -1.46
N SER N 228 -31.42 -16.56 -1.39
CA SER N 228 -30.49 -17.66 -1.57
C SER N 228 -30.43 -18.57 -0.36
N TRP N 229 -30.94 -18.13 0.78
CA TRP N 229 -30.85 -18.94 2.00
C TRP N 229 -31.63 -20.24 1.82
N PHE N 230 -31.02 -21.34 2.23
CA PHE N 230 -31.59 -22.66 2.05
C PHE N 230 -32.20 -23.16 3.36
N VAL N 231 -33.41 -23.68 3.28
CA VAL N 231 -34.08 -24.28 4.44
C VAL N 231 -34.78 -25.54 3.98
N ASN N 232 -34.77 -26.56 4.83
CA ASN N 232 -35.34 -27.85 4.45
C ASN N 232 -36.83 -27.74 4.16
N SER N 233 -37.58 -27.17 5.09
CA SER N 233 -39.02 -27.06 4.99
C SER N 233 -39.36 -25.60 4.71
N LYS N 234 -39.86 -25.33 3.51
CA LYS N 234 -40.29 -23.97 3.21
C LYS N 234 -41.39 -23.52 4.16
N ILE N 235 -42.11 -24.46 4.77
CA ILE N 235 -43.02 -24.09 5.86
C ILE N 235 -42.23 -23.51 7.02
N LEU N 236 -41.10 -24.13 7.37
CA LEU N 236 -40.30 -23.62 8.47
C LEU N 236 -39.79 -22.22 8.18
N LYS N 237 -39.21 -22.02 7.00
CA LYS N 237 -38.74 -20.70 6.63
C LYS N 237 -39.89 -19.71 6.60
N PHE N 238 -41.05 -20.15 6.14
CA PHE N 238 -42.22 -19.27 6.12
C PHE N 238 -42.58 -18.80 7.51
N THR N 239 -42.49 -19.68 8.50
CA THR N 239 -42.90 -19.33 9.85
C THR N 239 -41.86 -18.47 10.56
N LEU N 240 -40.57 -18.70 10.32
CA LEU N 240 -39.56 -17.90 10.96
C LEU N 240 -39.72 -16.43 10.59
N PHE N 241 -40.03 -16.15 9.33
CA PHE N 241 -40.18 -14.78 8.88
C PHE N 241 -41.45 -14.13 9.40
N MET N 242 -42.37 -14.89 9.99
CA MET N 242 -43.56 -14.30 10.56
C MET N 242 -43.27 -13.52 11.83
N ASN N 243 -42.00 -13.43 12.24
CA ASN N 243 -41.61 -12.53 13.32
C ASN N 243 -41.55 -11.08 12.87
N PHE N 244 -41.26 -10.84 11.58
CA PHE N 244 -41.22 -9.47 11.09
C PHE N 244 -42.55 -8.79 11.26
N LEU N 245 -43.64 -9.53 11.03
CA LEU N 245 -44.97 -8.96 11.21
C LEU N 245 -45.18 -8.53 12.65
N SER N 246 -44.73 -9.33 13.61
CA SER N 246 -44.79 -8.91 15.00
C SER N 246 -43.96 -7.65 15.21
N LEU N 247 -42.76 -7.61 14.64
CA LEU N 247 -41.97 -6.38 14.69
C LEU N 247 -42.70 -5.22 14.02
N GLY N 248 -43.58 -5.54 13.07
CA GLY N 248 -44.46 -4.53 12.51
C GLY N 248 -45.68 -4.24 13.37
N GLY N 249 -45.84 -4.95 14.47
CA GLY N 249 -46.95 -4.71 15.38
C GLY N 249 -48.31 -5.08 14.83
N LEU N 250 -48.41 -6.22 14.13
CA LEU N 250 -49.74 -6.65 13.68
C LEU N 250 -50.45 -7.42 14.80
N PRO N 251 -51.74 -7.15 15.04
CA PRO N 251 -52.40 -7.66 16.26
C PRO N 251 -52.45 -9.17 16.39
N PRO N 252 -52.55 -9.97 15.32
CA PRO N 252 -52.59 -11.42 15.57
C PRO N 252 -51.36 -11.95 16.30
N PHE N 253 -50.26 -11.20 16.31
CA PHE N 253 -49.00 -11.63 16.89
C PHE N 253 -48.71 -10.85 18.18
N LEU N 254 -47.67 -11.32 18.87
CA LEU N 254 -47.30 -10.72 20.15
C LEU N 254 -46.79 -9.30 19.99
N GLY N 255 -46.20 -8.98 18.86
CA GLY N 255 -45.51 -7.71 18.73
C GLY N 255 -46.40 -6.50 18.68
N PHE N 256 -47.72 -6.68 18.69
CA PHE N 256 -48.66 -5.57 18.66
C PHE N 256 -49.04 -5.11 20.06
N LEU N 257 -49.20 -6.07 20.97
CA LEU N 257 -49.44 -5.76 22.39
C LEU N 257 -48.61 -4.59 22.90
N PRO N 258 -47.30 -4.51 22.66
CA PRO N 258 -46.58 -3.29 23.05
C PRO N 258 -47.13 -2.03 22.41
N LYS N 259 -47.31 -2.04 21.08
CA LYS N 259 -47.87 -0.87 20.41
C LYS N 259 -49.25 -0.56 20.98
N TRP N 260 -50.00 -1.61 21.31
CA TRP N 260 -51.38 -1.45 21.74
C TRP N 260 -51.45 -0.69 23.06
N LEU N 261 -50.63 -1.07 24.04
CA LEU N 261 -50.67 -0.40 25.33
C LEU N 261 -50.14 1.02 25.25
N VAL N 262 -49.33 1.33 24.25
CA VAL N 262 -48.85 2.70 24.10
C VAL N 262 -49.92 3.59 23.51
N ILE N 263 -50.96 3.02 22.89
CA ILE N 263 -52.03 3.81 22.30
C ILE N 263 -53.16 3.94 23.32
N GLN N 264 -53.40 2.89 24.10
CA GLN N 264 -54.43 2.98 25.11
C GLN N 264 -54.09 3.99 26.19
N GLN N 265 -52.82 4.38 26.30
CA GLN N 265 -52.38 5.39 27.25
C GLN N 265 -52.16 6.75 26.61
N LEU N 266 -51.61 6.80 25.40
CA LEU N 266 -51.51 8.08 24.71
C LEU N 266 -52.90 8.64 24.44
N THR N 267 -53.83 7.80 24.00
CA THR N 267 -55.20 8.25 23.77
C THR N 267 -55.85 8.68 25.07
N LEU N 268 -55.63 7.93 26.14
CA LEU N 268 -56.15 8.33 27.44
C LEU N 268 -55.66 9.72 27.84
N CYS N 269 -54.48 10.11 27.36
CA CYS N 269 -53.90 11.40 27.69
C CYS N 269 -54.15 12.44 26.62
N ASN N 270 -55.05 12.17 25.67
CA ASN N 270 -55.52 13.16 24.71
C ASN N 270 -54.48 13.55 23.68
N GLN N 271 -53.43 12.76 23.50
CA GLN N 271 -52.41 13.07 22.51
C GLN N 271 -52.80 12.52 21.14
N TYR N 272 -54.02 12.85 20.69
CA TYR N 272 -54.55 12.21 19.49
C TYR N 272 -53.73 12.53 18.28
N PHE N 273 -53.29 13.78 18.13
CA PHE N 273 -52.62 14.17 16.89
C PHE N 273 -51.30 13.42 16.73
N MET N 274 -50.57 13.27 17.82
CA MET N 274 -49.31 12.54 17.77
C MET N 274 -49.50 11.14 17.21
N LEU N 275 -50.51 10.42 17.72
CA LEU N 275 -50.72 9.05 17.29
C LEU N 275 -50.98 8.96 15.81
N THR N 276 -51.66 9.96 15.24
CA THR N 276 -51.89 9.95 13.80
C THR N 276 -50.58 9.95 13.04
N LEU N 277 -49.67 10.87 13.38
CA LEU N 277 -48.40 10.91 12.67
C LEU N 277 -47.59 9.66 12.93
N MET N 278 -47.59 9.18 14.17
CA MET N 278 -46.81 7.99 14.51
C MET N 278 -47.36 6.75 13.81
N MET N 279 -48.61 6.40 14.13
CA MET N 279 -49.18 5.16 13.62
C MET N 279 -49.19 5.15 12.10
N MET N 280 -49.49 6.30 11.50
CA MET N 280 -49.43 6.40 10.05
C MET N 280 -48.02 6.15 9.53
N SER N 281 -47.02 6.73 10.17
CA SER N 281 -45.65 6.54 9.72
C SER N 281 -45.17 5.12 9.94
N THR N 282 -45.77 4.40 10.90
CA THR N 282 -45.36 3.02 11.12
C THR N 282 -45.66 2.14 9.92
N LEU N 283 -46.65 2.53 9.11
CA LEU N 283 -46.93 1.73 7.91
C LEU N 283 -45.71 1.65 7.02
N ILE N 284 -45.06 2.79 6.78
CA ILE N 284 -43.86 2.78 5.95
C ILE N 284 -42.82 1.85 6.57
N THR N 285 -42.70 1.87 7.89
CA THR N 285 -41.85 0.89 8.55
C THR N 285 -42.35 -0.52 8.31
N LEU N 286 -43.65 -0.72 8.35
CA LEU N 286 -44.20 -2.03 8.05
C LEU N 286 -43.91 -2.44 6.61
N PHE N 287 -43.72 -1.47 5.73
CA PHE N 287 -43.49 -1.79 4.32
C PHE N 287 -42.22 -2.61 4.15
N PHE N 288 -41.06 -2.03 4.44
CA PHE N 288 -39.83 -2.73 4.10
C PHE N 288 -39.66 -4.00 4.91
N TYR N 289 -40.38 -4.17 6.01
CA TYR N 289 -40.44 -5.47 6.63
C TYR N 289 -41.04 -6.49 5.68
N LEU N 290 -42.11 -6.12 4.98
CA LEU N 290 -42.66 -7.03 3.99
C LEU N 290 -41.69 -7.31 2.87
N ARG N 291 -40.86 -6.34 2.49
CA ARG N 291 -39.87 -6.61 1.46
C ARG N 291 -38.96 -7.77 1.88
N ILE N 292 -38.69 -7.90 3.17
CA ILE N 292 -37.99 -9.08 3.64
C ILE N 292 -38.85 -10.33 3.47
N CYS N 293 -40.14 -10.23 3.78
CA CYS N 293 -41.02 -11.38 3.71
C CYS N 293 -41.25 -11.85 2.28
N TYR N 294 -40.83 -11.07 1.27
CA TYR N 294 -40.88 -11.55 -0.10
C TYR N 294 -40.13 -12.87 -0.24
N SER N 295 -39.13 -13.08 0.59
CA SER N 295 -38.33 -14.29 0.56
C SER N 295 -38.96 -15.44 1.32
N ALA N 296 -40.12 -15.24 1.92
CA ALA N 296 -40.77 -16.29 2.69
C ALA N 296 -42.23 -16.52 2.30
N PHE N 297 -42.97 -15.47 1.96
CA PHE N 297 -44.41 -15.62 1.81
C PHE N 297 -44.75 -16.26 0.48
N MET N 298 -44.21 -15.74 -0.62
CA MET N 298 -43.97 -16.61 -1.74
C MET N 298 -43.11 -17.75 -1.23
N MET N 299 -43.37 -18.97 -1.70
CA MET N 299 -42.70 -20.11 -1.10
C MET N 299 -42.32 -21.15 -2.13
N ASN N 300 -41.91 -20.71 -3.31
CA ASN N 300 -41.14 -21.51 -4.23
C ASN N 300 -40.25 -20.55 -5.00
N TYR N 301 -38.93 -20.69 -4.88
CA TYR N 301 -37.99 -19.71 -5.38
C TYR N 301 -36.99 -20.36 -6.31
N PHE N 302 -36.40 -19.52 -7.16
CA PHE N 302 -35.21 -19.88 -7.91
C PHE N 302 -34.01 -19.67 -6.98
N GLU N 303 -33.38 -20.75 -6.57
CA GLU N 303 -32.26 -20.66 -5.63
C GLU N 303 -31.07 -21.43 -6.15
N ASN N 304 -29.89 -20.94 -5.80
CA ASN N 304 -28.67 -21.66 -6.13
C ASN N 304 -28.72 -23.05 -5.50
N ASN N 305 -28.07 -24.00 -6.15
CA ASN N 305 -28.28 -25.41 -5.88
C ASN N 305 -27.02 -26.15 -5.46
N TRP N 306 -25.98 -25.44 -5.02
CA TRP N 306 -24.81 -26.08 -4.45
C TRP N 306 -24.92 -26.24 -2.95
N ILE N 307 -26.12 -26.08 -2.39
CA ILE N 307 -26.37 -26.39 -1.00
C ILE N 307 -27.60 -27.28 -0.95
N MET N 308 -27.49 -28.37 -0.22
CA MET N 308 -28.62 -29.16 0.20
C MET N 308 -28.84 -29.12 1.67
N LYS N 309 -27.98 -28.48 2.42
CA LYS N 309 -27.95 -28.73 3.84
C LYS N 309 -27.87 -27.41 4.61
N MET N 310 -28.46 -27.44 5.81
CA MET N 310 -28.44 -26.36 6.78
C MET N 310 -27.45 -26.70 7.88
N ASN N 311 -26.46 -25.82 8.08
CA ASN N 311 -25.50 -25.97 9.19
C ASN N 311 -25.75 -24.83 10.17
N MET N 312 -26.23 -25.16 11.37
CA MET N 312 -26.65 -24.16 12.34
C MET N 312 -26.19 -24.56 13.75
N ASN N 313 -25.93 -23.54 14.58
CA ASN N 313 -25.59 -23.75 15.97
C ASN N 313 -26.81 -24.18 16.76
N SER N 314 -26.63 -25.11 17.70
CA SER N 314 -27.77 -25.66 18.42
C SER N 314 -28.30 -24.68 19.44
N ILE N 315 -27.45 -24.26 20.39
CA ILE N 315 -27.95 -23.54 21.57
C ILE N 315 -28.61 -22.23 21.15
N ASN N 316 -27.96 -21.48 20.27
CA ASN N 316 -28.57 -20.26 19.77
C ASN N 316 -29.89 -20.58 19.09
N TYR N 317 -29.87 -21.55 18.19
CA TYR N 317 -31.10 -21.95 17.52
C TYR N 317 -32.11 -22.50 18.52
N ASN N 318 -31.64 -23.25 19.52
CA ASN N 318 -32.54 -23.78 20.51
C ASN N 318 -33.25 -22.67 21.27
N MET N 319 -32.52 -21.63 21.65
CA MET N 319 -33.14 -20.49 22.31
C MET N 319 -33.92 -19.63 21.33
N TYR N 320 -33.48 -19.58 20.07
CA TYR N 320 -34.19 -18.79 19.08
C TYR N 320 -35.56 -19.35 18.77
N MET N 321 -35.67 -20.69 18.66
CA MET N 321 -36.96 -21.28 18.36
C MET N 321 -37.95 -21.04 19.50
N ILE N 322 -37.49 -21.13 20.75
CA ILE N 322 -38.37 -20.85 21.87
C ILE N 322 -38.87 -19.41 21.80
N MET N 323 -37.96 -18.47 21.57
CA MET N 323 -38.36 -17.07 21.52
C MET N 323 -39.30 -16.82 20.35
N THR N 324 -39.05 -17.47 19.21
CA THR N 324 -39.93 -17.29 18.07
C THR N 324 -41.33 -17.77 18.36
N PHE N 325 -41.46 -18.87 19.10
CA PHE N 325 -42.78 -19.43 19.34
C PHE N 325 -43.69 -18.43 20.04
N PHE N 326 -43.19 -17.77 21.08
CA PHE N 326 -43.98 -16.75 21.74
C PHE N 326 -44.20 -15.54 20.84
N SER N 327 -43.24 -15.24 19.97
CA SER N 327 -43.38 -14.09 19.10
C SER N 327 -44.54 -14.24 18.12
N ILE N 328 -45.06 -15.46 17.96
CA ILE N 328 -46.22 -15.69 17.12
C ILE N 328 -47.47 -16.01 17.95
N PHE N 329 -47.34 -16.68 19.09
CA PHE N 329 -48.46 -17.10 19.90
C PHE N 329 -48.49 -16.39 21.25
N GLY N 330 -47.75 -15.31 21.40
CA GLY N 330 -47.65 -14.70 22.71
C GLY N 330 -48.85 -13.88 23.12
N LEU N 331 -49.84 -13.73 22.25
CA LEU N 331 -50.93 -12.81 22.57
C LEU N 331 -51.81 -13.35 23.68
N PHE N 332 -52.13 -14.66 23.65
CA PHE N 332 -53.07 -15.17 24.63
C PHE N 332 -52.51 -15.15 26.04
N LEU N 333 -51.24 -14.84 26.21
CA LEU N 333 -50.65 -14.70 27.54
C LEU N 333 -50.79 -13.31 28.11
N ILE N 334 -51.45 -12.39 27.41
CA ILE N 334 -51.73 -11.08 27.98
C ILE N 334 -52.54 -11.23 29.26
N SER N 335 -53.40 -12.25 29.33
CA SER N 335 -54.13 -12.50 30.56
C SER N 335 -53.19 -12.58 31.76
N LEU N 336 -52.08 -13.30 31.59
CA LEU N 336 -51.15 -13.47 32.71
C LEU N 336 -50.52 -12.15 33.14
N PHE N 337 -50.10 -11.33 32.17
CA PHE N 337 -49.38 -10.11 32.52
C PHE N 337 -50.25 -9.20 33.36
N TYR N 338 -49.68 -8.72 34.47
CA TYR N 338 -50.40 -7.87 35.42
C TYR N 338 -49.66 -6.56 35.64
N PHE N 339 -48.84 -6.15 34.67
CA PHE N 339 -48.04 -4.94 34.79
C PHE N 339 -48.69 -3.74 34.13
N MET N 340 -49.82 -3.92 33.46
CA MET N 340 -50.52 -2.82 32.81
C MET N 340 -51.66 -2.25 33.65
N PHE N 341 -52.08 -2.94 34.69
CA PHE N 341 -53.26 -2.55 35.44
C PHE N 341 -52.90 -1.81 36.72
N ILE O 1 7.20 -35.08 12.33
CA ILE O 1 8.58 -34.65 12.17
C ILE O 1 9.52 -35.69 12.78
N SER O 2 9.21 -36.13 13.99
CA SER O 2 9.98 -37.17 14.65
C SER O 2 9.32 -38.51 14.38
N GLY O 3 9.84 -39.24 13.41
CA GLY O 3 9.31 -40.55 13.09
C GLY O 3 9.41 -41.50 14.26
N LYS O 4 8.86 -42.69 14.08
CA LYS O 4 8.88 -43.68 15.16
C LYS O 4 10.30 -44.07 15.51
N THR O 5 11.20 -44.12 14.53
CA THR O 5 12.60 -44.43 14.84
C THR O 5 13.22 -43.33 15.68
N MET O 6 12.95 -42.07 15.36
CA MET O 6 13.52 -40.97 16.13
C MET O 6 13.05 -41.01 17.58
N ARG O 7 11.73 -41.10 17.79
CA ARG O 7 11.21 -41.30 19.14
C ARG O 7 11.49 -42.70 19.64
N GLY O 8 11.86 -43.64 18.76
CA GLY O 8 12.06 -45.01 19.17
C GLY O 8 10.79 -45.73 19.53
N GLY O 9 9.62 -45.11 19.32
CA GLY O 9 8.37 -45.69 19.75
C GLY O 9 7.18 -44.84 19.39
N PRO O 10 6.00 -45.27 19.80
CA PRO O 10 4.78 -44.56 19.42
C PRO O 10 4.69 -43.19 20.05
N ARG O 11 3.89 -42.34 19.42
CA ARG O 11 3.69 -40.99 19.93
C ARG O 11 3.15 -41.05 21.37
N VAL O 12 3.71 -40.20 22.22
CA VAL O 12 3.28 -40.11 23.62
C VAL O 12 2.57 -38.78 23.78
N PRO O 13 1.23 -38.74 23.79
CA PRO O 13 0.55 -37.46 23.93
C PRO O 13 0.92 -36.76 25.23
N LYS O 14 1.06 -35.44 25.17
CA LYS O 14 1.35 -34.68 26.37
C LYS O 14 0.23 -34.79 27.39
N ALA O 15 -1.02 -34.72 26.92
CA ALA O 15 -2.18 -34.85 27.79
C ALA O 15 -3.29 -35.52 27.00
N ALA O 16 -4.29 -36.01 27.73
CA ALA O 16 -5.34 -36.80 27.12
C ALA O 16 -6.07 -35.97 26.06
N PRO O 17 -6.31 -36.50 24.86
CA PRO O 17 -7.04 -35.72 23.85
C PRO O 17 -8.43 -35.35 24.33
N TYR O 18 -8.86 -34.16 23.98
CA TYR O 18 -10.20 -33.72 24.31
C TYR O 18 -11.20 -34.41 23.39
N PRO O 19 -12.28 -35.01 23.92
CA PRO O 19 -13.19 -35.74 23.04
C PRO O 19 -14.00 -34.81 22.16
N TYR O 20 -13.35 -34.27 21.12
CA TYR O 20 -13.96 -33.23 20.30
C TYR O 20 -15.11 -33.74 19.44
N LYS O 21 -15.25 -35.05 19.26
CA LYS O 21 -16.37 -35.57 18.50
C LYS O 21 -17.68 -35.57 19.29
N THR O 22 -17.60 -35.47 20.61
CA THR O 22 -18.77 -35.68 21.46
C THR O 22 -19.08 -34.51 22.38
N LYS O 23 -18.07 -33.74 22.81
CA LYS O 23 -18.28 -32.59 23.68
C LYS O 23 -17.90 -31.31 22.96
N LYS O 24 -18.73 -30.30 23.11
CA LYS O 24 -18.44 -29.00 22.53
C LYS O 24 -17.35 -28.30 23.32
N TYR O 25 -16.70 -27.34 22.67
CA TYR O 25 -15.63 -26.54 23.29
C TYR O 25 -15.96 -25.08 23.04
N SER O 26 -16.78 -24.51 23.92
CA SER O 26 -17.16 -23.11 23.82
C SER O 26 -16.24 -22.29 24.72
N VAL O 27 -16.58 -21.02 24.92
CA VAL O 27 -15.75 -20.15 25.74
C VAL O 27 -15.65 -20.71 27.15
N PHE O 28 -16.78 -21.11 27.72
CA PHE O 28 -16.79 -21.55 29.11
C PHE O 28 -16.13 -22.90 29.28
N ASN O 29 -15.97 -23.68 28.21
CA ASN O 29 -15.14 -24.87 28.27
C ASN O 29 -13.66 -24.50 28.23
N ALA O 30 -13.32 -23.39 27.58
CA ALA O 30 -11.92 -23.02 27.42
C ALA O 30 -11.29 -22.58 28.73
N ILE O 31 -12.08 -22.19 29.72
CA ILE O 31 -11.51 -21.71 30.98
C ILE O 31 -10.73 -22.81 31.67
N PHE O 32 -11.29 -24.02 31.70
CA PHE O 32 -10.69 -25.11 32.46
C PHE O 32 -9.74 -25.95 31.63
N ASP O 33 -9.94 -26.00 30.31
CA ASP O 33 -9.12 -26.79 29.41
C ASP O 33 -8.37 -25.85 28.49
N LYS O 34 -7.05 -25.94 28.50
CA LYS O 34 -6.19 -25.12 27.67
C LYS O 34 -5.68 -25.92 26.48
N THR O 35 -5.30 -25.18 25.42
CA THR O 35 -4.98 -25.79 24.14
C THR O 35 -3.50 -26.07 23.97
N SER O 36 -2.64 -25.13 24.38
CA SER O 36 -1.23 -25.26 24.08
C SER O 36 -0.58 -26.44 24.77
N LYS O 37 -1.19 -26.98 25.83
CA LYS O 37 -0.55 -28.04 26.59
C LYS O 37 -0.40 -29.33 25.81
N ARG O 38 -1.08 -29.47 24.68
CA ARG O 38 -1.12 -30.72 23.93
C ARG O 38 -0.27 -30.70 22.67
N PHE O 39 0.41 -29.60 22.37
CA PHE O 39 1.11 -29.46 21.10
C PHE O 39 2.53 -29.99 21.19
N ASP O 40 2.89 -30.82 20.22
CA ASP O 40 4.18 -31.49 20.15
C ASP O 40 4.90 -31.03 18.89
N GLU O 41 6.05 -31.65 18.61
CA GLU O 41 6.73 -31.43 17.34
C GLU O 41 5.90 -31.96 16.18
N ASN O 42 5.06 -32.96 16.41
CA ASN O 42 4.26 -33.57 15.37
C ASN O 42 2.89 -32.92 15.22
N SER O 43 2.61 -31.85 15.93
CA SER O 43 1.31 -31.17 15.84
C SER O 43 1.34 -30.23 14.63
N LYS O 44 1.24 -30.83 13.44
CA LYS O 44 1.28 -30.07 12.21
C LYS O 44 0.33 -30.67 11.19
N VAL O 45 0.22 -29.99 10.06
CA VAL O 45 -0.72 -30.32 8.99
C VAL O 45 0.08 -30.55 7.72
N ILE O 46 -0.19 -31.67 7.04
CA ILE O 46 0.56 -32.07 5.86
C ILE O 46 -0.44 -32.33 4.74
N CYS O 47 -0.18 -31.73 3.58
CA CYS O 47 -1.02 -31.89 2.40
C CYS O 47 -0.22 -32.63 1.34
N VAL O 48 -0.66 -33.84 1.00
CA VAL O 48 0.06 -34.70 0.08
C VAL O 48 -0.70 -34.64 -1.25
N GLU O 49 -0.28 -33.72 -2.11
CA GLU O 49 -0.98 -33.45 -3.35
C GLU O 49 -0.15 -33.95 -4.53
N GLY O 50 -0.69 -33.75 -5.73
CA GLY O 50 -0.05 -34.21 -6.93
C GLY O 50 -1.01 -34.16 -8.11
N PRO O 51 -0.60 -34.71 -9.24
CA PRO O 51 -1.48 -34.75 -10.40
C PRO O 51 -2.51 -35.86 -10.24
N ILE O 52 -3.30 -36.05 -11.30
CA ILE O 52 -4.33 -37.07 -11.28
C ILE O 52 -3.68 -38.44 -11.29
N ALA O 53 -4.14 -39.33 -10.41
CA ALA O 53 -3.72 -40.73 -10.40
C ALA O 53 -2.21 -40.84 -10.24
N ALA O 54 -1.70 -40.23 -9.17
CA ALA O 54 -0.29 -40.29 -8.81
C ALA O 54 -0.05 -41.11 -7.57
N GLY O 55 -1.00 -41.95 -7.17
CA GLY O 55 -0.82 -42.78 -5.99
C GLY O 55 -0.67 -41.97 -4.71
N LYS O 56 -1.37 -40.84 -4.62
CA LYS O 56 -1.29 -40.04 -3.39
C LYS O 56 -1.84 -40.80 -2.21
N SER O 57 -2.96 -41.50 -2.40
CA SER O 57 -3.62 -42.17 -1.28
C SER O 57 -2.71 -43.20 -0.64
N LYS O 58 -2.06 -44.03 -1.45
CA LYS O 58 -1.16 -45.03 -0.90
C LYS O 58 0.00 -44.39 -0.16
N PHE O 59 0.57 -43.34 -0.75
CA PHE O 59 1.69 -42.66 -0.12
C PHE O 59 1.27 -42.02 1.20
N ALA O 60 0.09 -41.40 1.22
CA ALA O 60 -0.36 -40.74 2.44
C ALA O 60 -0.52 -41.74 3.58
N LYS O 61 -1.20 -42.86 3.31
CA LYS O 61 -1.45 -43.84 4.36
C LYS O 61 -0.15 -44.30 4.97
N GLU O 62 0.81 -44.70 4.14
CA GLU O 62 2.11 -45.12 4.65
C GLU O 62 2.77 -43.98 5.41
N LEU O 63 2.78 -42.78 4.81
CA LEU O 63 3.40 -41.62 5.47
C LEU O 63 2.73 -41.33 6.79
N ALA O 64 1.40 -41.23 6.80
CA ALA O 64 0.71 -40.90 8.04
C ALA O 64 0.92 -41.96 9.10
N GLU O 65 1.27 -43.18 8.70
CA GLU O 65 1.54 -44.24 9.66
C GLU O 65 2.90 -44.05 10.32
N GLU O 66 3.92 -43.62 9.58
CA GLU O 66 5.24 -43.45 10.16
C GLU O 66 5.26 -42.30 11.15
N LEU O 67 4.72 -41.15 10.74
CA LEU O 67 4.73 -39.95 11.56
C LEU O 67 3.65 -39.95 12.63
N ASP O 68 2.93 -41.06 12.80
CA ASP O 68 1.83 -41.13 13.77
C ASP O 68 0.83 -40.00 13.52
N MET O 69 0.57 -39.75 12.25
CA MET O 69 -0.29 -38.67 11.79
C MET O 69 -1.66 -39.25 11.50
N GLU O 70 -2.71 -38.49 11.75
CA GLU O 70 -4.03 -38.92 11.34
C GLU O 70 -4.18 -38.73 9.83
N TYR O 71 -4.74 -39.74 9.17
CA TYR O 71 -4.91 -39.72 7.73
C TYR O 71 -6.37 -39.50 7.39
N TYR O 72 -6.63 -38.52 6.51
CA TYR O 72 -7.99 -38.17 6.14
C TYR O 72 -8.23 -38.53 4.68
N PRO O 73 -9.06 -39.53 4.38
CA PRO O 73 -9.24 -39.93 2.97
C PRO O 73 -9.83 -38.81 2.15
N ALA O 74 -9.43 -38.75 0.89
CA ALA O 74 -9.86 -37.68 0.01
C ALA O 74 -11.38 -37.71 -0.16
N VAL O 75 -11.96 -36.51 -0.22
CA VAL O 75 -13.41 -36.40 -0.32
C VAL O 75 -13.88 -36.91 -1.67
N ASP O 76 -15.12 -37.39 -1.70
CA ASP O 76 -15.76 -37.82 -2.93
C ASP O 76 -17.26 -37.60 -2.79
N LEU O 77 -17.95 -37.58 -3.91
CA LEU O 77 -19.38 -37.28 -3.90
C LEU O 77 -20.19 -38.34 -3.18
N ASP O 78 -19.62 -39.50 -2.90
CA ASP O 78 -20.33 -40.48 -2.07
C ASP O 78 -20.69 -39.89 -0.71
N LEU O 79 -19.94 -38.88 -0.25
CA LEU O 79 -20.27 -38.21 0.99
C LEU O 79 -21.55 -37.38 0.88
N ILE O 80 -22.02 -37.11 -0.33
CA ILE O 80 -23.25 -36.33 -0.52
C ILE O 80 -24.38 -37.25 -0.93
N TYR O 81 -24.09 -38.27 -1.74
CA TYR O 81 -25.11 -39.13 -2.30
C TYR O 81 -25.31 -40.42 -1.51
N ILE O 82 -24.60 -40.60 -0.40
CA ILE O 82 -24.82 -41.72 0.51
C ILE O 82 -25.06 -41.14 1.89
N ASN O 83 -26.27 -41.34 2.41
CA ASN O 83 -26.59 -40.84 3.75
C ASN O 83 -25.97 -41.77 4.81
N SER O 84 -26.15 -41.40 6.08
CA SER O 84 -25.49 -42.12 7.15
C SER O 84 -25.95 -43.57 7.19
N TYR O 85 -27.24 -43.81 6.98
CA TYR O 85 -27.76 -45.17 7.04
C TYR O 85 -27.28 -46.02 5.87
N GLY O 86 -26.62 -45.44 4.88
CA GLY O 86 -26.04 -46.18 3.79
C GLY O 86 -26.85 -46.19 2.52
N TYR O 87 -28.06 -45.66 2.55
CA TYR O 87 -28.89 -45.68 1.34
C TYR O 87 -28.24 -44.83 0.24
N ASP O 88 -28.39 -45.28 -0.99
CA ASP O 88 -27.82 -44.58 -2.14
C ASP O 88 -28.85 -43.61 -2.69
N MET O 89 -28.55 -42.32 -2.56
CA MET O 89 -29.47 -41.31 -3.08
C MET O 89 -29.60 -41.38 -4.59
N ARG O 90 -28.55 -41.81 -5.29
CA ARG O 90 -28.58 -41.80 -6.74
C ARG O 90 -29.70 -42.67 -7.30
N LYS O 91 -30.14 -43.68 -6.54
CA LYS O 91 -31.25 -44.50 -7.00
C LYS O 91 -32.52 -43.69 -7.20
N LEU O 92 -32.64 -42.53 -6.56
CA LEU O 92 -33.82 -41.70 -6.67
C LEU O 92 -33.83 -40.85 -7.92
N ASP O 93 -32.76 -40.86 -8.70
CA ASP O 93 -32.68 -39.91 -9.79
C ASP O 93 -33.68 -40.14 -10.92
N PRO O 94 -34.24 -41.34 -11.15
CA PRO O 94 -35.26 -41.42 -12.21
C PRO O 94 -36.44 -40.51 -11.95
N GLN O 95 -36.78 -40.32 -10.68
CA GLN O 95 -37.91 -39.46 -10.33
C GLN O 95 -37.57 -37.99 -10.54
N LEU O 96 -36.36 -37.58 -10.17
CA LEU O 96 -36.03 -36.17 -10.12
C LEU O 96 -36.06 -35.56 -11.52
N PRO O 97 -36.26 -34.24 -11.61
CA PRO O 97 -36.18 -33.58 -12.91
C PRO O 97 -34.76 -33.60 -13.44
N PRO O 98 -34.57 -33.44 -14.75
CA PRO O 98 -33.23 -33.60 -15.32
C PRO O 98 -32.18 -32.68 -14.70
N SER O 99 -32.54 -31.44 -14.40
CA SER O 99 -31.54 -30.52 -13.87
C SER O 99 -31.02 -30.97 -12.52
N CYS O 100 -31.87 -31.62 -11.73
CA CYS O 100 -31.51 -32.07 -10.39
C CYS O 100 -31.00 -33.50 -10.38
N ARG O 101 -30.77 -34.09 -11.54
CA ARG O 101 -30.24 -35.45 -11.59
C ARG O 101 -28.87 -35.50 -10.94
N SER O 102 -28.56 -36.64 -10.33
CA SER O 102 -27.28 -36.79 -9.64
C SER O 102 -26.12 -36.69 -10.61
N TYR O 103 -25.02 -36.11 -10.15
CA TYR O 103 -23.84 -35.89 -10.97
C TYR O 103 -22.60 -36.24 -10.16
N ASP O 104 -21.69 -37.00 -10.75
CA ASP O 104 -20.55 -37.55 -10.04
C ASP O 104 -19.31 -37.42 -10.92
N VAL O 105 -18.20 -38.01 -10.46
CA VAL O 105 -17.00 -38.05 -11.29
C VAL O 105 -17.24 -38.89 -12.53
N ARG O 106 -17.93 -40.02 -12.38
CA ARG O 106 -18.27 -40.84 -13.54
C ARG O 106 -18.92 -39.98 -14.61
N ASN O 107 -19.92 -39.22 -14.22
CA ASN O 107 -20.63 -38.38 -15.16
C ASN O 107 -19.69 -37.34 -15.76
N PHE O 108 -18.85 -36.72 -14.94
CA PHE O 108 -17.95 -35.71 -15.46
C PHE O 108 -17.04 -36.28 -16.54
N CYS O 109 -16.50 -37.48 -16.30
CA CYS O 109 -15.62 -38.08 -17.29
C CYS O 109 -16.39 -38.52 -18.54
N LEU O 110 -17.71 -38.68 -18.45
CA LEU O 110 -18.51 -39.20 -19.55
C LEU O 110 -19.29 -38.12 -20.30
N ASP O 111 -19.85 -37.13 -19.61
CA ASP O 111 -20.44 -35.96 -20.25
C ASP O 111 -19.89 -34.70 -19.57
N PRO O 112 -18.61 -34.40 -19.81
CA PRO O 112 -18.01 -33.24 -19.12
C PRO O 112 -18.67 -31.93 -19.45
N SER O 113 -19.30 -31.81 -20.62
CA SER O 113 -19.86 -30.54 -21.05
C SER O 113 -21.21 -30.23 -20.44
N HIS O 114 -21.78 -31.14 -19.66
CA HIS O 114 -23.10 -30.91 -19.11
C HIS O 114 -23.07 -29.74 -18.12
N ASP O 115 -24.16 -28.99 -18.08
CA ASP O 115 -24.22 -27.79 -17.25
C ASP O 115 -24.02 -28.09 -15.77
N LEU O 116 -24.26 -29.33 -15.34
CA LEU O 116 -24.06 -29.68 -13.94
C LEU O 116 -22.59 -29.75 -13.56
N ALA O 117 -21.67 -29.62 -14.52
CA ALA O 117 -20.26 -29.62 -14.18
C ALA O 117 -19.92 -28.48 -13.24
N ALA O 118 -20.45 -27.28 -13.51
CA ALA O 118 -20.19 -26.14 -12.63
C ALA O 118 -20.64 -26.45 -11.21
N GLN O 119 -21.84 -27.01 -11.07
CA GLN O 119 -22.25 -27.53 -9.76
C GLN O 119 -21.22 -28.47 -9.19
N PHE O 120 -20.79 -29.46 -9.98
CA PHE O 120 -19.97 -30.52 -9.44
C PHE O 120 -18.67 -29.96 -8.89
N GLN O 121 -18.11 -28.94 -9.55
CA GLN O 121 -16.84 -28.41 -9.11
C GLN O 121 -16.98 -27.66 -7.79
N ILE O 122 -18.07 -26.92 -7.61
CA ILE O 122 -18.26 -26.20 -6.36
C ILE O 122 -18.46 -27.17 -5.21
N ARG O 123 -19.11 -28.30 -5.46
CA ARG O 123 -19.32 -29.27 -4.40
C ARG O 123 -17.99 -29.78 -3.87
N MET O 124 -17.08 -30.08 -4.78
CA MET O 124 -15.77 -30.57 -4.37
C MET O 124 -15.07 -29.54 -3.50
N TYR O 125 -15.14 -28.27 -3.87
CA TYR O 125 -14.57 -27.24 -3.03
C TYR O 125 -15.24 -27.21 -1.66
N MET O 126 -16.56 -27.31 -1.64
CA MET O 126 -17.27 -27.29 -0.36
C MET O 126 -16.91 -28.51 0.48
N LEU O 127 -16.79 -29.67 -0.15
CA LEU O 127 -16.47 -30.87 0.60
C LEU O 127 -15.07 -30.79 1.21
N ARG O 128 -14.09 -30.43 0.39
CA ARG O 128 -12.74 -30.26 0.92
C ARG O 128 -12.73 -29.25 2.05
N TYR O 129 -13.49 -28.17 1.90
CA TYR O 129 -13.52 -27.13 2.93
C TYR O 129 -13.99 -27.69 4.25
N SER O 130 -15.09 -28.43 4.25
CA SER O 130 -15.59 -29.02 5.49
C SER O 130 -14.59 -30.02 6.04
N GLN O 131 -14.06 -30.89 5.19
CA GLN O 131 -13.09 -31.87 5.65
C GLN O 131 -11.86 -31.19 6.21
N TYR O 132 -11.37 -30.15 5.54
CA TYR O 132 -10.20 -29.45 6.03
C TYR O 132 -10.43 -28.91 7.43
N ILE O 133 -11.60 -28.34 7.68
CA ILE O 133 -11.89 -27.83 9.01
C ILE O 133 -11.91 -28.97 10.02
N ASP O 134 -12.42 -30.13 9.62
CA ASP O 134 -12.45 -31.27 10.53
C ASP O 134 -11.05 -31.67 10.95
N ALA O 135 -10.10 -31.60 10.01
CA ALA O 135 -8.71 -31.90 10.36
C ALA O 135 -8.21 -30.92 11.42
N LEU O 136 -8.52 -29.64 11.27
CA LEU O 136 -8.05 -28.66 12.23
C LEU O 136 -8.59 -28.95 13.63
N GLN O 137 -9.86 -29.32 13.72
CA GLN O 137 -10.40 -29.68 15.03
C GLN O 137 -9.63 -30.83 15.63
N HIS O 138 -9.29 -31.83 14.82
CA HIS O 138 -8.50 -32.94 15.32
C HIS O 138 -7.13 -32.47 15.79
N VAL O 139 -6.51 -31.57 15.03
CA VAL O 139 -5.19 -31.09 15.41
C VAL O 139 -5.26 -30.33 16.73
N LEU O 140 -6.19 -29.39 16.83
CA LEU O 140 -6.19 -28.48 17.96
C LEU O 140 -6.65 -29.17 19.24
N SER O 141 -7.51 -30.18 19.13
CA SER O 141 -8.06 -30.84 20.30
C SER O 141 -7.25 -32.05 20.74
N THR O 142 -6.55 -32.69 19.82
CA THR O 142 -5.79 -33.89 20.13
C THR O 142 -4.28 -33.67 20.10
N GLY O 143 -3.81 -32.66 19.39
CA GLY O 143 -2.39 -32.43 19.26
C GLY O 143 -1.71 -33.30 18.26
N GLN O 144 -2.38 -34.33 17.74
CA GLN O 144 -1.81 -35.17 16.72
C GLN O 144 -1.97 -34.50 15.36
N GLY O 145 -0.91 -34.45 14.58
CA GLY O 145 -0.98 -33.85 13.28
C GLY O 145 -1.79 -34.70 12.31
N VAL O 146 -2.16 -34.09 11.19
CA VAL O 146 -3.05 -34.69 10.22
C VAL O 146 -2.40 -34.67 8.85
N VAL O 147 -2.74 -35.66 8.03
CA VAL O 147 -2.25 -35.76 6.67
C VAL O 147 -3.44 -35.72 5.73
N LEU O 148 -3.47 -34.72 4.86
CA LEU O 148 -4.55 -34.51 3.90
C LEU O 148 -4.05 -34.82 2.50
N GLU O 149 -4.95 -35.28 1.64
CA GLU O 149 -4.56 -35.55 0.26
C GLU O 149 -4.64 -34.30 -0.60
N ARG O 150 -5.77 -33.60 -0.58
CA ARG O 150 -5.91 -32.37 -1.34
C ARG O 150 -6.68 -31.35 -0.50
N SER O 151 -6.05 -30.24 -0.19
CA SER O 151 -6.67 -29.20 0.59
C SER O 151 -7.61 -28.38 -0.29
N PRO O 152 -8.54 -27.63 0.31
CA PRO O 152 -9.33 -26.69 -0.48
C PRO O 152 -8.51 -25.63 -1.18
N TYR O 153 -7.31 -25.33 -0.69
CA TYR O 153 -6.47 -24.34 -1.35
C TYR O 153 -6.16 -24.76 -2.78
N SER O 154 -5.88 -26.04 -2.98
CA SER O 154 -5.48 -26.55 -4.29
C SER O 154 -6.67 -26.86 -5.18
N ASP O 155 -7.90 -26.67 -4.72
CA ASP O 155 -9.03 -27.11 -5.51
C ASP O 155 -9.33 -26.20 -6.69
N PHE O 156 -8.99 -24.92 -6.60
CA PHE O 156 -9.31 -24.01 -7.69
C PHE O 156 -8.58 -24.36 -8.97
N VAL O 157 -7.53 -25.17 -8.88
CA VAL O 157 -6.80 -25.59 -10.07
C VAL O 157 -7.72 -26.38 -11.00
N PHE O 158 -8.47 -27.33 -10.44
CA PHE O 158 -9.36 -28.12 -11.27
C PHE O 158 -10.42 -27.25 -11.91
N MET O 159 -10.97 -26.29 -11.15
CA MET O 159 -11.94 -25.37 -11.73
C MET O 159 -11.29 -24.56 -12.84
N GLU O 160 -10.07 -24.09 -12.62
CA GLU O 160 -9.42 -23.29 -13.63
C GLU O 160 -9.06 -24.12 -14.85
N ALA O 161 -8.57 -25.34 -14.64
CA ALA O 161 -8.27 -26.20 -15.77
C ALA O 161 -9.53 -26.51 -16.57
N MET O 162 -10.63 -26.83 -15.89
CA MET O 162 -11.88 -27.09 -16.59
C MET O 162 -12.34 -25.88 -17.38
N PHE O 163 -12.08 -24.68 -16.85
CA PHE O 163 -12.47 -23.47 -17.56
C PHE O 163 -11.70 -23.32 -18.86
N ARG O 164 -10.39 -23.59 -18.84
CA ARG O 164 -9.59 -23.42 -20.05
C ARG O 164 -10.06 -24.35 -21.16
N GLN O 165 -10.45 -25.58 -20.81
CA GLN O 165 -10.99 -26.50 -21.80
C GLN O 165 -12.38 -26.09 -22.27
N GLY O 166 -13.00 -25.10 -21.65
CA GLY O 166 -14.29 -24.62 -22.07
C GLY O 166 -15.47 -25.36 -21.48
N TYR O 167 -15.25 -26.31 -20.56
CA TYR O 167 -16.37 -26.97 -19.92
C TYR O 167 -17.21 -25.99 -19.13
N LEU O 168 -16.56 -25.13 -18.36
CA LEU O 168 -17.27 -24.08 -17.63
C LEU O 168 -17.43 -22.85 -18.50
N SER O 169 -18.28 -21.95 -18.04
CA SER O 169 -18.53 -20.68 -18.70
C SER O 169 -17.84 -19.57 -17.91
N ARG O 170 -17.94 -18.34 -18.42
CA ARG O 170 -17.43 -17.21 -17.66
C ARG O 170 -18.17 -17.07 -16.33
N GLY O 171 -19.49 -17.20 -16.36
CA GLY O 171 -20.26 -17.00 -15.15
C GLY O 171 -19.88 -17.97 -14.05
N ALA O 172 -19.76 -19.25 -14.39
CA ALA O 172 -19.44 -20.26 -13.39
C ALA O 172 -18.10 -19.97 -12.73
N ARG O 173 -17.11 -19.57 -13.52
CA ARG O 173 -15.82 -19.20 -12.93
C ARG O 173 -15.97 -17.98 -12.04
N SER O 174 -16.75 -16.99 -12.45
CA SER O 174 -16.96 -15.81 -11.64
C SER O 174 -17.61 -16.19 -10.31
N VAL O 175 -18.58 -17.10 -10.35
CA VAL O 175 -19.23 -17.53 -9.11
C VAL O 175 -18.25 -18.25 -8.21
N TYR O 176 -17.42 -19.12 -8.79
CA TYR O 176 -16.50 -19.90 -7.99
C TYR O 176 -15.53 -19.01 -7.24
N ASN O 177 -15.00 -17.99 -7.90
CA ASN O 177 -14.04 -17.12 -7.25
C ASN O 177 -14.66 -16.41 -6.06
N GLU O 178 -15.91 -15.98 -6.19
CA GLU O 178 -16.54 -15.27 -5.09
C GLU O 178 -16.72 -16.18 -3.88
N LEU O 179 -17.12 -17.43 -4.11
CA LEU O 179 -17.19 -18.38 -3.00
C LEU O 179 -15.83 -18.57 -2.35
N ARG O 180 -14.81 -18.81 -3.17
CA ARG O 180 -13.48 -19.04 -2.62
C ARG O 180 -12.99 -17.82 -1.86
N GLN O 181 -13.15 -16.64 -2.43
CA GLN O 181 -12.76 -15.42 -1.72
C GLN O 181 -13.58 -15.26 -0.44
N ASN O 182 -14.87 -15.55 -0.51
CA ASN O 182 -15.73 -15.38 0.65
C ASN O 182 -15.38 -16.32 1.79
N THR O 183 -14.69 -17.42 1.51
CA THR O 183 -14.54 -18.50 2.47
C THR O 183 -13.09 -18.86 2.77
N ILE O 184 -12.21 -18.77 1.78
CA ILE O 184 -10.87 -19.34 1.96
C ILE O 184 -10.10 -18.64 3.05
N GLY O 185 -10.34 -17.35 3.25
CA GLY O 185 -9.53 -16.58 4.18
C GLY O 185 -9.63 -17.02 5.62
N GLU O 186 -10.60 -17.86 5.96
CA GLU O 186 -10.86 -18.23 7.34
C GLU O 186 -10.15 -19.50 7.78
N LEU O 187 -9.33 -20.10 6.93
CA LEU O 187 -8.64 -21.34 7.27
C LEU O 187 -7.21 -21.05 7.71
N LEU O 188 -6.60 -22.07 8.30
CA LEU O 188 -5.19 -22.04 8.67
C LEU O 188 -4.40 -22.82 7.62
N LYS O 189 -3.43 -22.16 7.02
CA LYS O 189 -2.68 -22.79 5.95
C LYS O 189 -1.81 -23.93 6.50
N PRO O 190 -1.54 -24.96 5.69
CA PRO O 190 -0.82 -26.12 6.20
C PRO O 190 0.62 -25.81 6.51
N HIS O 191 1.18 -26.56 7.47
CA HIS O 191 2.59 -26.40 7.78
C HIS O 191 3.46 -26.85 6.62
N LEU O 192 3.16 -28.02 6.08
CA LEU O 192 3.98 -28.67 5.08
C LEU O 192 3.10 -29.12 3.92
N VAL O 193 3.62 -29.00 2.71
CA VAL O 193 2.95 -29.49 1.51
C VAL O 193 3.96 -30.32 0.73
N ILE O 194 3.53 -31.51 0.31
CA ILE O 194 4.37 -32.42 -0.46
C ILE O 194 3.74 -32.61 -1.82
N TYR O 195 4.55 -32.50 -2.86
CA TYR O 195 4.09 -32.60 -4.23
C TYR O 195 4.81 -33.75 -4.92
N LEU O 196 4.10 -34.44 -5.80
CA LEU O 196 4.60 -35.61 -6.52
C LEU O 196 4.56 -35.29 -8.00
N ASP O 197 5.62 -34.68 -8.52
CA ASP O 197 5.63 -34.21 -9.89
C ASP O 197 5.78 -35.37 -10.87
N LEU O 198 4.68 -35.96 -11.29
CA LEU O 198 4.71 -36.94 -12.36
C LEU O 198 4.62 -36.23 -13.71
N PRO O 199 5.52 -36.48 -14.65
CA PRO O 199 5.43 -35.79 -15.94
C PRO O 199 4.15 -36.17 -16.68
N VAL O 200 3.76 -35.31 -17.61
CA VAL O 200 2.42 -35.41 -18.21
C VAL O 200 2.26 -36.75 -18.91
N ASP O 201 3.27 -37.17 -19.68
CA ASP O 201 3.16 -38.45 -20.36
C ASP O 201 3.01 -39.59 -19.37
N ALA O 202 3.71 -39.51 -18.22
CA ALA O 202 3.66 -40.58 -17.24
C ALA O 202 2.25 -40.75 -16.68
N VAL O 203 1.58 -39.65 -16.33
CA VAL O 203 0.25 -39.77 -15.74
C VAL O 203 -0.72 -40.37 -16.74
N LYS O 204 -0.58 -40.03 -18.02
CA LYS O 204 -1.46 -40.60 -19.02
C LYS O 204 -1.29 -42.11 -19.10
N LYS O 205 -0.05 -42.58 -19.06
CA LYS O 205 0.20 -44.01 -18.94
C LYS O 205 -0.38 -44.54 -17.63
N GLN O 206 -0.15 -43.81 -16.54
CA GLN O 206 -0.52 -44.31 -15.22
C GLN O 206 -2.03 -44.47 -15.10
N ILE O 207 -2.80 -43.56 -15.68
CA ILE O 207 -4.25 -43.64 -15.58
C ILE O 207 -4.74 -44.96 -16.16
N LYS O 208 -4.20 -45.37 -17.29
CA LYS O 208 -4.59 -46.63 -17.89
C LYS O 208 -4.18 -47.83 -17.03
N ALA O 209 -3.28 -47.64 -16.07
CA ALA O 209 -2.90 -48.74 -15.20
C ALA O 209 -4.02 -49.08 -14.22
N ARG O 210 -4.70 -48.06 -13.70
CA ARG O 210 -5.84 -48.33 -12.81
C ARG O 210 -6.90 -49.15 -13.53
N ASN O 211 -7.07 -48.94 -14.83
CA ASN O 211 -8.09 -49.62 -15.61
C ASN O 211 -9.47 -49.40 -15.00
N VAL O 212 -9.72 -48.16 -14.56
CA VAL O 212 -11.07 -47.79 -14.15
C VAL O 212 -11.92 -47.64 -15.40
N ASP O 213 -13.14 -48.18 -15.35
CA ASP O 213 -14.00 -48.25 -16.52
C ASP O 213 -14.15 -46.88 -17.19
N TYR O 214 -14.71 -45.91 -16.46
CA TYR O 214 -15.10 -44.66 -17.09
C TYR O 214 -13.90 -43.82 -17.50
N GLU O 215 -12.82 -43.86 -16.72
CA GLU O 215 -11.66 -43.02 -17.02
C GLU O 215 -11.04 -43.38 -18.36
N VAL O 216 -10.75 -44.67 -18.57
CA VAL O 216 -10.14 -45.08 -19.82
C VAL O 216 -11.07 -44.77 -21.00
N GLN O 217 -12.35 -45.06 -20.83
CA GLN O 217 -13.33 -44.78 -21.88
C GLN O 217 -13.52 -43.28 -22.12
N SER O 218 -13.10 -42.45 -21.19
CA SER O 218 -13.41 -41.02 -21.27
C SER O 218 -12.47 -40.30 -22.24
N LYS O 219 -12.82 -39.05 -22.53
CA LYS O 219 -12.01 -38.17 -23.36
C LYS O 219 -11.43 -37.00 -22.58
N VAL O 220 -11.86 -36.79 -21.33
CA VAL O 220 -11.44 -35.60 -20.58
C VAL O 220 -9.94 -35.58 -20.38
N PHE O 221 -9.36 -36.72 -20.00
CA PHE O 221 -7.94 -36.78 -19.67
C PHE O 221 -7.12 -36.73 -20.96
N SER O 222 -7.16 -35.58 -21.60
CA SER O 222 -6.39 -35.32 -22.79
C SER O 222 -5.04 -34.74 -22.41
N ASP O 223 -4.16 -34.62 -23.40
CA ASP O 223 -2.89 -33.94 -23.16
C ASP O 223 -3.13 -32.50 -22.74
N ALA O 224 -4.05 -31.82 -23.42
CA ALA O 224 -4.33 -30.42 -23.08
C ALA O 224 -4.83 -30.30 -21.64
N TYR O 225 -5.82 -31.11 -21.27
CA TYR O 225 -6.38 -31.00 -19.93
C TYR O 225 -5.36 -31.33 -18.88
N LEU O 226 -4.69 -32.48 -19.00
CA LEU O 226 -3.70 -32.86 -18.01
C LEU O 226 -2.54 -31.88 -17.99
N SER O 227 -2.18 -31.31 -19.14
CA SER O 227 -1.13 -30.31 -19.16
C SER O 227 -1.54 -29.07 -18.39
N ASP O 228 -2.81 -28.67 -18.51
CA ASP O 228 -3.27 -27.47 -17.82
C ASP O 228 -3.11 -27.61 -16.32
N LEU O 229 -3.41 -28.78 -15.76
CA LEU O 229 -3.26 -28.98 -14.33
C LEU O 229 -1.82 -28.79 -13.90
N GLU O 230 -0.87 -29.31 -14.67
CA GLU O 230 0.53 -29.17 -14.32
C GLU O 230 0.92 -27.70 -14.27
N GLN O 231 0.54 -26.93 -15.28
CA GLN O 231 0.88 -25.52 -15.28
C GLN O 231 0.22 -24.79 -14.11
N LEU O 232 -0.93 -25.26 -13.65
CA LEU O 232 -1.65 -24.55 -12.60
C LEU O 232 -1.08 -24.87 -11.21
N TYR O 233 -0.77 -26.14 -10.94
CA TYR O 233 -0.15 -26.47 -9.66
C TYR O 233 1.13 -25.68 -9.45
N LYS O 234 2.04 -25.74 -10.41
CA LYS O 234 3.36 -25.19 -10.18
C LYS O 234 3.41 -23.68 -10.26
N GLN O 235 2.63 -23.07 -11.16
CA GLN O 235 2.74 -21.63 -11.35
C GLN O 235 1.89 -20.83 -10.38
N GLN O 236 0.73 -21.35 -9.98
CA GLN O 236 -0.18 -20.61 -9.13
C GLN O 236 -0.25 -21.17 -7.72
N TYR O 237 -0.51 -22.45 -7.56
CA TYR O 237 -0.67 -22.99 -6.22
C TYR O 237 0.67 -23.06 -5.49
N LEU O 238 1.61 -23.84 -6.03
CA LEU O 238 2.85 -24.10 -5.29
C LEU O 238 3.63 -22.82 -5.07
N LYS O 239 3.66 -21.94 -6.07
CA LYS O 239 4.37 -20.68 -5.89
C LYS O 239 3.76 -19.85 -4.77
N ASP O 240 2.47 -19.99 -4.52
CA ASP O 240 1.80 -19.20 -3.50
C ASP O 240 1.91 -19.83 -2.11
N ILE O 241 1.66 -21.13 -2.00
CA ILE O 241 1.65 -21.74 -0.68
C ILE O 241 3.05 -21.78 -0.09
N SER O 242 4.08 -21.86 -0.93
CA SER O 242 5.44 -21.94 -0.40
C SER O 242 5.81 -20.72 0.42
N THR O 243 5.11 -19.60 0.23
CA THR O 243 5.35 -18.44 1.06
C THR O 243 4.97 -18.68 2.51
N HIS O 244 4.14 -19.69 2.78
CA HIS O 244 3.72 -20.02 4.13
C HIS O 244 4.14 -21.40 4.57
N ALA O 245 4.16 -22.37 3.67
CA ALA O 245 4.37 -23.77 4.04
C ALA O 245 5.64 -24.30 3.39
N GLU O 246 6.30 -25.21 4.10
CA GLU O 246 7.47 -25.88 3.53
C GLU O 246 7.05 -26.75 2.37
N LEU O 247 7.87 -26.80 1.34
CA LEU O 247 7.50 -27.41 0.07
C LEU O 247 8.56 -28.43 -0.31
N LEU O 248 8.14 -29.67 -0.51
CA LEU O 248 8.99 -30.75 -0.98
C LEU O 248 8.42 -31.26 -2.29
N ILE O 249 9.29 -31.49 -3.27
CA ILE O 249 8.88 -31.93 -4.60
C ILE O 249 9.60 -33.21 -4.94
N TYR O 250 8.84 -34.21 -5.36
CA TYR O 250 9.35 -35.51 -5.76
C TYR O 250 8.77 -35.88 -7.11
N ASP O 251 9.50 -36.67 -7.88
CA ASP O 251 8.95 -37.13 -9.15
C ASP O 251 7.73 -38.02 -8.92
N TRP O 252 7.87 -39.05 -8.09
CA TRP O 252 6.70 -39.80 -7.62
C TRP O 252 7.11 -40.60 -6.38
N THR O 253 6.73 -40.11 -5.20
CA THR O 253 6.91 -40.94 -4.02
C THR O 253 5.97 -42.13 -4.02
N ALA O 254 4.87 -42.06 -4.79
CA ALA O 254 4.00 -43.22 -4.91
C ALA O 254 4.74 -44.39 -5.56
N GLY O 255 5.50 -44.11 -6.61
CA GLY O 255 6.38 -45.12 -7.17
C GLY O 255 7.68 -45.30 -6.41
N GLY O 256 8.08 -44.29 -5.63
CA GLY O 256 9.24 -44.38 -4.77
C GLY O 256 8.88 -44.92 -3.40
N GLU O 257 9.85 -44.86 -2.50
CA GLU O 257 9.69 -45.31 -1.13
C GLU O 257 9.36 -44.14 -0.23
N THR O 258 8.63 -44.42 0.85
CA THR O 258 8.24 -43.38 1.80
C THR O 258 9.22 -43.25 2.96
N GLU O 259 9.92 -44.32 3.32
CA GLU O 259 10.87 -44.23 4.42
C GLU O 259 11.96 -43.22 4.11
N VAL O 260 12.37 -43.12 2.85
CA VAL O 260 13.30 -42.06 2.48
C VAL O 260 12.63 -40.70 2.60
N VAL O 261 11.33 -40.64 2.30
CA VAL O 261 10.62 -39.36 2.35
C VAL O 261 10.46 -38.89 3.79
N VAL O 262 10.09 -39.80 4.69
CA VAL O 262 9.97 -39.41 6.09
C VAL O 262 11.30 -38.90 6.61
N GLU O 263 12.39 -39.56 6.25
CA GLU O 263 13.72 -39.10 6.63
C GLU O 263 14.07 -37.77 5.97
N ASP O 264 13.43 -37.44 4.84
CA ASP O 264 13.62 -36.12 4.25
C ASP O 264 12.86 -35.07 5.04
N ILE O 265 11.65 -35.40 5.48
CA ILE O 265 10.85 -34.44 6.24
C ILE O 265 11.53 -34.09 7.54
N GLU O 266 12.00 -35.10 8.27
CA GLU O 266 12.59 -34.84 9.58
C GLU O 266 13.82 -33.94 9.48
N ARG O 267 14.52 -33.97 8.34
CA ARG O 267 15.61 -33.03 8.14
C ARG O 267 15.11 -31.60 8.13
N ILE O 268 13.96 -31.36 7.50
CA ILE O 268 13.41 -30.01 7.46
C ILE O 268 13.16 -29.54 8.88
N ASP O 269 13.59 -28.33 9.18
CA ASP O 269 13.43 -27.74 10.50
C ASP O 269 12.32 -26.71 10.47
N PHE O 270 11.51 -26.70 11.52
CA PHE O 270 10.31 -25.89 11.58
C PHE O 270 10.41 -24.79 12.64
N ASN O 271 11.59 -24.62 13.25
CA ASN O 271 11.78 -23.62 14.29
C ASN O 271 12.54 -22.40 13.81
N GLN O 272 13.41 -22.56 12.80
CA GLN O 272 14.16 -21.41 12.29
C GLN O 272 13.23 -20.29 11.87
N PHE O 273 12.02 -20.62 11.43
CA PHE O 273 11.06 -19.61 11.02
C PHE O 273 10.37 -18.96 12.20
N GLU O 274 10.43 -19.59 13.38
CA GLU O 274 9.74 -19.06 14.54
C GLU O 274 10.39 -17.77 15.03
N ALA O 275 11.69 -17.59 14.80
CA ALA O 275 12.44 -16.48 15.38
C ALA O 275 11.76 -15.14 15.10
N ASP O 276 11.66 -14.76 13.84
CA ASP O 276 10.99 -13.51 13.50
C ASP O 276 9.49 -13.67 13.63
N ILE O 277 8.86 -12.71 14.33
CA ILE O 277 7.42 -12.82 14.57
C ILE O 277 6.65 -12.70 13.27
N HIS O 278 6.98 -11.69 12.46
CA HIS O 278 6.21 -11.37 11.28
C HIS O 278 6.64 -12.16 10.05
N ASN O 279 7.55 -13.10 10.21
CA ASN O 279 7.98 -13.93 9.08
C ASN O 279 6.77 -14.64 8.48
N LYS O 280 6.64 -14.54 7.16
CA LYS O 280 5.47 -15.10 6.49
C LYS O 280 5.38 -16.60 6.71
N LYS O 281 6.51 -17.29 6.66
CA LYS O 281 6.51 -18.74 6.75
C LYS O 281 5.84 -19.19 8.04
N MET O 282 4.75 -19.94 7.89
CA MET O 282 4.01 -20.48 9.03
C MET O 282 3.50 -19.36 9.92
N LEU O 283 3.09 -18.25 9.31
CA LEU O 283 2.55 -17.13 10.07
C LEU O 283 1.25 -17.51 10.77
N ASP O 284 0.41 -18.29 10.10
CA ASP O 284 -0.94 -18.51 10.60
C ASP O 284 -0.92 -19.17 11.98
N TRP O 285 0.01 -20.09 12.19
CA TRP O 285 0.04 -20.90 13.39
C TRP O 285 0.88 -20.29 14.51
N ARG O 286 1.12 -18.98 14.46
CA ARG O 286 1.94 -18.30 15.45
C ARG O 286 1.01 -17.54 16.40
N PHE O 287 0.71 -18.16 17.53
CA PHE O 287 -0.16 -17.59 18.54
C PHE O 287 0.67 -17.10 19.70
N PRO O 288 0.71 -15.81 20.02
CA PRO O 288 1.53 -15.36 21.15
C PRO O 288 1.06 -15.90 22.49
N LEU O 289 -0.22 -15.70 22.82
CA LEU O 289 -0.75 -16.01 24.14
C LEU O 289 -1.67 -17.22 24.08
N GLU O 290 -1.96 -17.75 25.26
CA GLU O 290 -2.86 -18.89 25.36
C GLU O 290 -4.26 -18.54 24.88
N ALA O 291 -4.64 -17.28 24.98
CA ALA O 291 -5.96 -16.88 24.50
C ALA O 291 -6.07 -17.10 23.00
N GLU O 292 -5.02 -16.78 22.25
CA GLU O 292 -5.07 -16.93 20.81
C GLU O 292 -5.24 -18.39 20.41
N TRP O 293 -4.54 -19.28 21.10
CA TRP O 293 -4.74 -20.70 20.86
C TRP O 293 -6.20 -21.07 21.01
N CYS O 294 -6.80 -20.71 22.13
CA CYS O 294 -8.17 -21.11 22.41
C CYS O 294 -9.14 -20.50 21.41
N GLU O 295 -8.91 -19.24 21.03
CA GLU O 295 -9.76 -18.60 20.04
C GLU O 295 -9.82 -19.40 18.76
N ALA O 296 -8.65 -19.78 18.23
CA ALA O 296 -8.63 -20.58 17.02
C ALA O 296 -9.33 -21.92 17.26
N ARG O 297 -9.10 -22.53 18.42
CA ARG O 297 -9.76 -23.80 18.71
C ARG O 297 -11.27 -23.62 18.77
N ILE O 298 -11.74 -22.55 19.41
CA ILE O 298 -13.17 -22.30 19.49
C ILE O 298 -13.74 -22.12 18.10
N LYS O 299 -13.06 -21.34 17.26
CA LYS O 299 -13.58 -21.04 15.93
C LYS O 299 -13.88 -22.31 15.16
N TYR O 300 -12.93 -23.24 15.12
CA TYR O 300 -13.12 -24.44 14.33
C TYR O 300 -13.90 -25.51 15.07
N CYS O 301 -13.73 -25.60 16.39
CA CYS O 301 -14.48 -26.60 17.15
C CYS O 301 -15.93 -26.18 17.36
N HIS O 302 -16.18 -24.89 17.57
CA HIS O 302 -17.48 -24.41 18.01
C HIS O 302 -18.18 -23.50 17.01
N GLU O 303 -17.46 -22.90 16.07
CA GLU O 303 -18.05 -21.98 15.11
C GLU O 303 -17.90 -22.48 13.68
N LYS O 304 -17.76 -23.79 13.47
CA LYS O 304 -17.72 -24.31 12.12
C LYS O 304 -19.03 -24.03 11.39
N PRO O 305 -20.19 -24.18 12.04
CA PRO O 305 -21.43 -23.84 11.33
C PRO O 305 -21.41 -22.47 10.71
N ASP O 306 -20.80 -21.49 11.38
CA ASP O 306 -20.58 -20.21 10.75
C ASP O 306 -19.69 -20.36 9.52
N LEU O 307 -18.61 -21.12 9.64
CA LEU O 307 -17.70 -21.28 8.51
C LEU O 307 -18.40 -21.85 7.29
N MET O 308 -19.35 -22.77 7.51
CA MET O 308 -20.05 -23.40 6.40
C MET O 308 -21.28 -22.63 5.97
N ASN O 309 -21.63 -21.54 6.66
CA ASN O 309 -22.71 -20.66 6.23
C ASN O 309 -22.22 -19.52 5.35
N TYR O 310 -20.91 -19.38 5.15
CA TYR O 310 -20.43 -18.34 4.26
C TYR O 310 -20.60 -18.70 2.79
N PHE O 311 -20.85 -19.97 2.50
CA PHE O 311 -21.08 -20.40 1.13
C PHE O 311 -22.39 -19.88 0.56
N ASN O 312 -23.17 -19.15 1.34
CA ASN O 312 -24.41 -18.54 0.86
C ASN O 312 -24.06 -17.20 0.22
N VAL O 313 -23.72 -17.23 -1.06
CA VAL O 313 -23.49 -16.03 -1.85
C VAL O 313 -24.54 -16.00 -2.96
N PRO O 314 -25.49 -15.06 -2.95
CA PRO O 314 -26.57 -15.11 -3.93
C PRO O 314 -26.07 -14.64 -5.29
N ARG O 315 -26.15 -15.54 -6.28
CA ARG O 315 -25.82 -15.19 -7.67
C ARG O 315 -26.76 -15.95 -8.59
N PHE O 316 -27.70 -15.21 -9.20
CA PHE O 316 -28.72 -15.78 -10.06
C PHE O 316 -28.60 -15.38 -11.52
N ASP O 317 -27.83 -14.33 -11.82
CA ASP O 317 -27.62 -13.98 -13.23
C ASP O 317 -26.95 -15.12 -13.99
N VAL O 318 -26.27 -16.03 -13.29
CA VAL O 318 -25.72 -17.24 -13.90
C VAL O 318 -26.85 -18.25 -14.07
N PRO O 319 -27.14 -18.72 -15.29
CA PRO O 319 -28.27 -19.64 -15.46
C PRO O 319 -27.95 -21.08 -15.14
N GLU O 320 -26.68 -21.49 -15.24
CA GLU O 320 -26.33 -22.88 -15.00
C GLU O 320 -26.58 -23.28 -13.56
N LEU O 321 -26.09 -22.47 -12.62
CA LEU O 321 -26.16 -22.85 -11.21
C LEU O 321 -27.55 -22.66 -10.63
N VAL O 322 -28.41 -21.85 -11.26
CA VAL O 322 -29.74 -21.62 -10.72
C VAL O 322 -30.59 -22.87 -10.92
N ARG O 323 -31.38 -23.21 -9.90
CA ARG O 323 -32.30 -24.34 -9.96
C ARG O 323 -33.72 -23.81 -9.96
N SER O 324 -34.48 -24.18 -10.99
CA SER O 324 -35.80 -23.61 -11.18
C SER O 324 -36.71 -23.93 -10.01
N ALA O 325 -37.65 -23.01 -9.74
CA ALA O 325 -38.52 -23.17 -8.58
C ALA O 325 -39.38 -24.42 -8.69
N ASP O 326 -39.91 -24.70 -9.88
CA ASP O 326 -40.73 -25.89 -10.04
C ASP O 326 -39.93 -27.16 -9.75
N ASP O 327 -38.67 -27.21 -10.22
CA ASP O 327 -37.83 -28.34 -9.90
C ASP O 327 -37.58 -28.45 -8.40
N GLY O 328 -37.31 -27.31 -7.75
CA GLY O 328 -37.00 -27.34 -6.34
C GLY O 328 -38.08 -28.01 -5.51
N LYS O 329 -39.34 -27.68 -5.79
CA LYS O 329 -40.43 -28.32 -5.08
C LYS O 329 -40.40 -29.83 -5.31
N VAL O 330 -40.27 -30.26 -6.56
CA VAL O 330 -40.25 -31.68 -6.85
C VAL O 330 -39.02 -32.32 -6.21
N TRP O 331 -37.86 -31.68 -6.36
CA TRP O 331 -36.65 -32.24 -5.79
C TRP O 331 -36.75 -32.33 -4.26
N ARG O 332 -37.33 -31.31 -3.63
CA ARG O 332 -37.50 -31.37 -2.18
C ARG O 332 -38.37 -32.55 -1.78
N ASP O 333 -39.42 -32.83 -2.55
CA ASP O 333 -40.29 -33.95 -2.23
C ASP O 333 -39.54 -35.26 -2.24
N VAL O 334 -38.84 -35.54 -3.34
CA VAL O 334 -38.16 -36.82 -3.47
C VAL O 334 -37.00 -36.91 -2.48
N TRP O 335 -36.18 -35.86 -2.41
CA TRP O 335 -34.94 -35.95 -1.66
C TRP O 335 -35.18 -36.22 -0.19
N PHE O 336 -36.12 -35.50 0.42
CA PHE O 336 -36.28 -35.53 1.86
C PHE O 336 -37.31 -36.54 2.33
N ASN O 337 -37.93 -37.30 1.43
CA ASN O 337 -38.79 -38.41 1.81
C ASN O 337 -38.13 -39.75 1.58
N ALA O 338 -36.86 -39.76 1.18
CA ALA O 338 -36.13 -41.00 0.98
C ALA O 338 -35.87 -41.67 2.33
N PRO O 339 -35.62 -42.98 2.33
CA PRO O 339 -35.39 -43.67 3.61
C PRO O 339 -34.17 -43.13 4.34
N GLY O 340 -34.40 -42.51 5.50
CA GLY O 340 -33.34 -41.95 6.30
C GLY O 340 -33.20 -40.45 6.20
N MET O 341 -33.92 -39.80 5.28
CA MET O 341 -33.88 -38.35 5.14
C MET O 341 -35.09 -37.67 5.74
N LYS O 342 -36.02 -38.42 6.33
CA LYS O 342 -37.18 -37.79 6.97
C LYS O 342 -36.76 -36.88 8.11
N TYR O 343 -35.78 -37.32 8.91
CA TYR O 343 -35.36 -36.61 10.10
C TYR O 343 -33.84 -36.55 10.13
N ARG O 344 -33.31 -35.90 11.16
CA ARG O 344 -31.87 -35.81 11.30
C ARG O 344 -31.30 -37.22 11.49
N PRO O 345 -30.04 -37.44 11.14
CA PRO O 345 -29.47 -38.78 11.32
C PRO O 345 -29.55 -39.22 12.77
N GLY O 346 -29.91 -40.48 12.97
CA GLY O 346 -30.07 -41.01 14.30
C GLY O 346 -31.45 -40.86 14.89
N TYR O 347 -32.46 -40.53 14.07
CA TYR O 347 -33.82 -40.42 14.56
C TYR O 347 -34.84 -41.07 13.65
N ASN O 348 -34.48 -41.52 12.46
CA ASN O 348 -35.42 -42.11 11.52
C ASN O 348 -35.81 -43.49 12.01
N ALA O 349 -37.00 -43.59 12.60
CA ALA O 349 -37.43 -44.86 13.20
C ALA O 349 -37.59 -45.95 12.15
N ASP O 350 -38.11 -45.60 10.97
CA ASP O 350 -38.32 -46.59 9.93
C ASP O 350 -37.02 -47.25 9.48
N MET O 351 -35.87 -46.61 9.73
CA MET O 351 -34.57 -47.19 9.43
C MET O 351 -34.03 -48.03 10.59
N GLY O 352 -34.79 -48.19 11.67
CA GLY O 352 -34.43 -49.08 12.75
C GLY O 352 -34.06 -48.39 14.05
N ASP O 353 -33.86 -47.08 14.05
CA ASP O 353 -33.54 -46.39 15.28
C ASP O 353 -34.66 -46.59 16.30
N GLU O 354 -34.29 -46.64 17.58
CA GLU O 354 -35.22 -46.99 18.64
C GLU O 354 -35.01 -46.08 19.84
N GLY O 355 -36.03 -46.05 20.70
CA GLY O 355 -35.97 -45.24 21.90
C GLY O 355 -36.22 -43.78 21.69
N LEU O 356 -36.85 -43.39 20.58
CA LEU O 356 -36.99 -41.97 20.27
C LEU O 356 -37.81 -41.23 21.32
N LEU O 357 -38.72 -41.92 22.02
CA LEU O 357 -39.51 -41.25 23.04
C LEU O 357 -38.61 -40.68 24.14
N THR O 358 -37.63 -41.46 24.57
CA THR O 358 -36.73 -41.06 25.64
C THR O 358 -35.43 -40.46 25.12
N LYS O 359 -35.30 -40.28 23.80
CA LYS O 359 -34.08 -39.76 23.20
C LYS O 359 -34.24 -38.26 23.00
N THR O 360 -33.22 -37.50 23.42
CA THR O 360 -33.22 -36.05 23.27
C THR O 360 -31.92 -35.50 22.73
N LYS O 361 -30.91 -36.33 22.53
CA LYS O 361 -29.56 -35.86 22.22
C LYS O 361 -29.39 -35.67 20.73
N ILE O 362 -28.53 -34.73 20.36
CA ILE O 362 -28.13 -34.50 18.98
C ILE O 362 -26.61 -34.38 18.94
N GLY O 363 -26.03 -34.67 17.78
CA GLY O 363 -24.59 -34.64 17.67
C GLY O 363 -24.05 -33.23 17.59
N ILE O 364 -22.79 -33.09 17.95
CA ILE O 364 -22.10 -31.81 17.89
C ILE O 364 -21.43 -31.67 16.55
N ASN O 365 -21.43 -30.45 16.04
CA ASN O 365 -20.98 -30.18 14.68
C ASN O 365 -21.68 -31.14 13.72
N GLN O 366 -22.91 -31.51 14.06
CA GLN O 366 -23.74 -32.37 13.25
C GLN O 366 -24.74 -31.51 12.53
N GLY O 367 -25.28 -32.05 11.48
CA GLY O 367 -26.20 -31.31 10.67
C GLY O 367 -27.52 -31.00 11.35
N ILE O 368 -28.22 -30.02 10.78
CA ILE O 368 -29.62 -29.78 11.09
C ILE O 368 -29.73 -29.26 12.52
N PRO P 1 53.99 44.21 -32.80
CA PRO P 1 54.76 43.23 -32.02
C PRO P 1 55.16 43.78 -30.66
N ARG P 2 54.48 43.32 -29.61
CA ARG P 2 54.71 43.86 -28.29
C ARG P 2 55.98 43.26 -27.71
N PRO P 3 56.95 44.08 -27.28
CA PRO P 3 58.20 43.50 -26.77
C PRO P 3 57.95 42.58 -25.59
N LEU P 4 58.72 41.51 -25.52
CA LEU P 4 58.66 40.60 -24.39
C LEU P 4 59.43 41.22 -23.23
N LYS P 5 58.75 41.42 -22.11
CA LYS P 5 59.34 42.21 -21.02
C LYS P 5 60.59 41.57 -20.48
N THR P 6 60.60 40.25 -20.31
CA THR P 6 61.77 39.55 -19.82
C THR P 6 61.85 38.19 -20.48
N THR P 7 63.06 37.83 -20.91
CA THR P 7 63.31 36.58 -21.63
C THR P 7 63.79 35.47 -20.72
N ASN P 8 63.81 35.69 -19.41
CA ASN P 8 64.26 34.65 -18.49
C ASN P 8 63.32 33.46 -18.61
N PRO P 9 63.80 32.27 -18.99
CA PRO P 9 62.87 31.16 -19.26
C PRO P 9 62.01 30.79 -18.08
N ALA P 10 62.53 30.92 -16.86
CA ALA P 10 61.75 30.59 -15.68
C ALA P 10 60.48 31.41 -15.57
N ALA P 11 60.44 32.59 -16.19
CA ALA P 11 59.29 33.47 -16.13
C ALA P 11 58.45 33.42 -17.41
N MET P 12 58.45 32.28 -18.10
CA MET P 12 57.66 32.09 -19.31
C MET P 12 56.53 31.10 -19.04
N LYS P 13 55.54 31.12 -19.92
CA LYS P 13 54.39 30.24 -19.79
C LYS P 13 54.83 28.79 -19.96
N ARG P 14 54.36 27.92 -19.07
CA ARG P 14 54.72 26.51 -19.09
C ARG P 14 53.52 25.66 -18.74
N GLY P 15 53.39 24.54 -19.43
CA GLY P 15 52.52 23.47 -19.00
C GLY P 15 51.15 23.49 -19.65
N THR P 16 50.33 22.55 -19.19
CA THR P 16 49.02 22.29 -19.77
C THR P 16 47.95 23.27 -19.29
N GLY P 17 48.26 24.13 -18.34
CA GLY P 17 47.31 25.09 -17.81
C GLY P 17 46.74 24.73 -16.46
N GLY P 18 46.94 23.50 -15.99
CA GLY P 18 46.44 23.10 -14.69
C GLY P 18 47.08 23.89 -13.56
N ARG P 19 46.81 23.49 -12.33
CA ARG P 19 47.31 24.27 -11.19
C ARG P 19 48.83 24.31 -11.17
N SER P 20 49.51 23.28 -11.67
CA SER P 20 50.96 23.27 -11.67
C SER P 20 51.55 24.01 -12.86
N SER P 21 50.74 24.56 -13.74
CA SER P 21 51.23 25.28 -14.90
C SER P 21 51.67 26.67 -14.47
N PHE P 22 51.89 27.55 -15.43
CA PHE P 22 52.26 28.92 -15.12
C PHE P 22 51.87 29.81 -16.28
N ASN P 23 51.13 30.88 -16.00
CA ASN P 23 50.71 31.82 -17.02
C ASN P 23 51.75 32.87 -17.36
N GLY P 24 52.85 32.92 -16.61
CA GLY P 24 53.72 34.05 -16.73
C GLY P 24 53.14 35.33 -16.20
N ILE P 25 52.02 35.25 -15.49
CA ILE P 25 51.33 36.40 -14.92
C ILE P 25 51.57 36.39 -13.42
N VAL P 26 52.03 37.51 -12.88
CA VAL P 26 52.23 37.67 -11.44
C VAL P 26 51.27 38.76 -11.02
N ALA P 27 50.07 38.36 -10.60
CA ALA P 27 49.01 39.32 -10.31
C ALA P 27 49.11 39.81 -8.88
N THR P 28 48.36 40.87 -8.60
CA THR P 28 48.24 41.43 -7.26
C THR P 28 46.83 41.96 -7.12
N VAL P 29 45.99 41.23 -6.40
CA VAL P 29 44.56 41.52 -6.34
C VAL P 29 44.31 42.29 -5.05
N PHE P 30 44.13 43.60 -5.16
CA PHE P 30 43.81 44.43 -4.01
C PHE P 30 42.33 44.31 -3.70
N GLY P 31 42.02 43.76 -2.53
CA GLY P 31 40.64 43.51 -2.17
C GLY P 31 40.18 42.13 -2.58
N ALA P 32 41.06 41.15 -2.41
CA ALA P 32 40.71 39.79 -2.77
C ALA P 32 39.70 39.17 -1.82
N THR P 33 39.58 39.71 -0.61
CA THR P 33 38.67 39.13 0.37
C THR P 33 37.20 39.43 0.05
N GLY P 34 36.93 40.45 -0.75
CA GLY P 34 35.57 40.86 -1.00
C GLY P 34 34.79 39.82 -1.77
N PHE P 35 33.57 40.21 -2.12
CA PHE P 35 32.67 39.32 -2.83
C PHE P 35 33.24 38.93 -4.20
N VAL P 36 33.62 39.92 -5.00
CA VAL P 36 34.16 39.62 -6.31
C VAL P 36 35.50 38.89 -6.19
N GLY P 37 36.30 39.27 -5.19
CA GLY P 37 37.64 38.72 -5.09
C GLY P 37 37.66 37.21 -4.99
N ARG P 38 36.72 36.63 -4.26
CA ARG P 38 36.69 35.18 -4.12
C ARG P 38 36.62 34.50 -5.47
N TYR P 39 35.94 35.11 -6.43
CA TYR P 39 35.75 34.50 -7.73
C TYR P 39 36.86 34.85 -8.70
N VAL P 40 37.42 36.05 -8.60
CA VAL P 40 38.58 36.39 -9.43
C VAL P 40 39.77 35.52 -9.03
N CYS P 41 40.04 35.43 -7.74
CA CYS P 41 41.21 34.70 -7.28
C CYS P 41 41.14 33.24 -7.69
N ASN P 42 39.98 32.61 -7.56
CA ASN P 42 39.88 31.20 -7.89
C ASN P 42 40.10 30.98 -9.38
N LYS P 43 39.54 31.84 -10.22
CA LYS P 43 39.73 31.68 -11.65
C LYS P 43 41.20 31.86 -12.03
N LEU P 44 41.89 32.79 -11.38
CA LEU P 44 43.34 32.91 -11.59
C LEU P 44 44.05 31.63 -11.16
N GLY P 45 43.67 31.07 -10.02
CA GLY P 45 44.35 29.89 -9.51
C GLY P 45 44.24 28.70 -10.42
N LYS P 46 43.13 28.58 -11.14
CA LYS P 46 42.98 27.50 -12.11
C LYS P 46 44.05 27.58 -13.19
N SER P 47 44.32 28.78 -13.69
CA SER P 47 45.19 28.93 -14.84
C SER P 47 46.64 28.60 -14.50
N GLY P 48 47.03 28.79 -13.24
CA GLY P 48 48.41 28.67 -12.83
C GLY P 48 49.06 29.98 -12.45
N THR P 49 48.29 31.04 -12.30
CA THR P 49 48.84 32.34 -11.97
C THR P 49 49.49 32.32 -10.60
N GLN P 50 50.50 33.16 -10.42
CA GLN P 50 51.05 33.48 -9.10
C GLN P 50 50.43 34.80 -8.66
N MET P 51 49.78 34.80 -7.51
CA MET P 51 49.04 35.95 -7.05
C MET P 51 49.52 36.37 -5.67
N ILE P 52 49.66 37.67 -5.48
CA ILE P 52 49.84 38.27 -4.17
C ILE P 52 48.50 38.86 -3.76
N LEU P 53 48.07 38.56 -2.54
CA LEU P 53 46.75 38.95 -2.05
C LEU P 53 46.92 39.85 -0.84
N PRO P 54 47.11 41.15 -1.03
CA PRO P 54 47.19 42.04 0.12
C PRO P 54 45.88 42.04 0.89
N TYR P 55 46.00 42.12 2.22
CA TYR P 55 44.85 42.08 3.09
C TYR P 55 45.07 43.07 4.22
N ARG P 56 44.06 43.87 4.52
CA ARG P 56 44.18 44.88 5.56
C ARG P 56 43.85 44.36 6.94
N GLY P 57 42.92 43.43 7.05
CA GLY P 57 42.44 42.94 8.32
C GLY P 57 43.27 41.79 8.83
N ASP P 58 42.68 41.06 9.78
CA ASP P 58 43.36 39.90 10.33
C ASP P 58 43.44 38.80 9.28
N ASP P 59 44.49 37.97 9.40
CA ASP P 59 44.72 36.91 8.42
C ASP P 59 43.56 35.94 8.32
N SER P 60 42.75 35.82 9.36
CA SER P 60 41.68 34.82 9.37
C SER P 60 40.79 34.97 8.15
N ASP P 61 40.46 36.20 7.77
CA ASP P 61 39.56 36.41 6.64
C ASP P 61 40.17 35.90 5.35
N VAL P 62 41.45 36.20 5.12
CA VAL P 62 42.07 35.89 3.83
C VAL P 62 42.64 34.49 3.76
N ILE P 63 42.79 33.80 4.90
CA ILE P 63 43.44 32.50 4.89
C ILE P 63 42.68 31.51 4.04
N ARG P 64 41.37 31.71 3.88
CA ARG P 64 40.58 30.77 3.10
C ARG P 64 40.96 30.77 1.64
N LEU P 65 41.62 31.82 1.15
CA LEU P 65 41.99 31.85 -0.26
C LEU P 65 43.17 30.95 -0.58
N LYS P 66 43.92 30.53 0.43
CA LYS P 66 45.09 29.70 0.17
C LYS P 66 44.73 28.42 -0.58
N VAL P 67 43.49 27.96 -0.43
CA VAL P 67 43.06 26.76 -1.14
C VAL P 67 42.89 27.02 -2.64
N THR P 68 42.71 28.27 -3.04
CA THR P 68 42.41 28.56 -4.44
C THR P 68 43.53 28.14 -5.37
N GLY P 69 44.78 28.43 -4.98
CA GLY P 69 45.92 28.19 -5.83
C GLY P 69 46.67 26.93 -5.47
N ASP P 70 47.92 26.88 -5.88
CA ASP P 70 48.83 25.77 -5.61
C ASP P 70 49.96 26.25 -4.71
N LEU P 71 50.86 25.33 -4.37
CA LEU P 71 51.90 25.64 -3.41
C LEU P 71 52.82 26.73 -3.93
N GLY P 72 53.02 27.76 -3.12
CA GLY P 72 53.89 28.85 -3.49
C GLY P 72 53.30 29.81 -4.49
N GLN P 73 52.08 29.56 -4.97
CA GLN P 73 51.45 30.44 -5.93
C GLN P 73 50.54 31.46 -5.28
N VAL P 74 50.32 31.38 -3.97
CA VAL P 74 49.52 32.35 -3.25
C VAL P 74 50.36 32.88 -2.10
N LEU P 75 50.47 34.20 -2.03
CA LEU P 75 51.23 34.86 -0.98
C LEU P 75 50.40 36.02 -0.44
N PHE P 76 50.37 36.15 0.87
CA PHE P 76 49.66 37.24 1.51
C PHE P 76 50.65 38.33 1.91
N HIS P 77 50.17 39.57 1.93
CA HIS P 77 51.02 40.68 2.31
C HIS P 77 50.17 41.72 3.02
N PHE P 78 50.31 41.80 4.34
CA PHE P 78 49.62 42.83 5.10
C PHE P 78 50.01 44.20 4.58
N TYR P 79 49.03 45.09 4.49
CA TYR P 79 49.27 46.42 3.97
C TYR P 79 48.21 47.36 4.50
N ASN P 80 48.56 48.64 4.60
CA ASN P 80 47.63 49.69 4.96
C ASN P 80 47.42 50.59 3.76
N LEU P 81 46.16 50.83 3.41
CA LEU P 81 45.88 51.53 2.16
C LEU P 81 46.48 52.93 2.14
N GLU P 82 46.62 53.56 3.30
CA GLU P 82 47.18 54.91 3.34
C GLU P 82 48.70 54.90 3.19
N ASP P 83 49.38 53.89 3.67
CA ASP P 83 50.84 53.88 3.66
C ASP P 83 51.36 53.41 2.31
N PRO P 84 52.08 54.24 1.55
CA PRO P 84 52.59 53.76 0.27
C PRO P 84 53.74 52.79 0.40
N ALA P 85 54.54 52.89 1.46
CA ALA P 85 55.63 51.95 1.65
C ALA P 85 55.11 50.53 1.73
N SER P 86 53.96 50.34 2.37
CA SER P 86 53.33 49.03 2.41
C SER P 86 52.95 48.55 1.01
N ILE P 87 52.40 49.45 0.20
CA ILE P 87 51.87 49.04 -1.10
C ILE P 87 53.01 48.69 -2.05
N ARG P 88 54.09 49.49 -2.05
CA ARG P 88 55.19 49.22 -2.96
C ARG P 88 55.71 47.80 -2.82
N ASP P 89 55.75 47.30 -1.59
CA ASP P 89 56.26 45.95 -1.38
C ASP P 89 55.46 44.91 -2.14
N ALA P 90 54.16 45.15 -2.31
CA ALA P 90 53.28 44.17 -2.93
C ALA P 90 53.12 44.36 -4.43
N VAL P 91 53.78 45.35 -5.03
CA VAL P 91 53.59 45.65 -6.44
C VAL P 91 54.95 45.80 -7.14
N LYS P 92 56.03 45.44 -6.45
CA LYS P 92 57.36 45.62 -7.01
C LYS P 92 57.81 44.43 -7.84
N HIS P 93 56.98 43.39 -7.96
CA HIS P 93 57.31 42.22 -8.77
C HIS P 93 56.19 41.82 -9.71
N SER P 94 55.12 42.60 -9.79
CA SER P 94 53.91 42.17 -10.46
C SER P 94 53.90 42.58 -11.92
N ASN P 95 53.23 41.76 -12.74
CA ASN P 95 52.92 42.11 -14.12
C ASN P 95 51.52 42.67 -14.27
N VAL P 96 50.60 42.31 -13.38
CA VAL P 96 49.22 42.75 -13.43
C VAL P 96 48.83 43.21 -12.04
N VAL P 97 48.06 44.29 -11.97
CA VAL P 97 47.47 44.75 -10.73
C VAL P 97 45.97 44.86 -10.95
N ILE P 98 45.20 44.35 -10.01
CA ILE P 98 43.75 44.38 -10.08
C ILE P 98 43.25 45.10 -8.84
N ASN P 99 42.42 46.10 -9.03
CA ASN P 99 41.98 46.98 -7.97
C ASN P 99 40.49 46.77 -7.74
N LEU P 100 40.16 45.86 -6.84
CA LEU P 100 38.77 45.60 -6.43
C LEU P 100 38.48 46.22 -5.07
N VAL P 101 39.07 47.37 -4.79
CA VAL P 101 38.92 48.03 -3.50
C VAL P 101 37.75 49.01 -3.59
N GLY P 102 36.84 48.92 -2.64
CA GLY P 102 35.72 49.82 -2.60
C GLY P 102 34.75 49.40 -1.52
N ARG P 103 33.77 50.27 -1.27
CA ARG P 103 32.79 50.01 -0.23
C ARG P 103 31.45 50.58 -0.66
N ASP P 104 30.38 49.97 -0.16
CA ASP P 104 29.03 50.44 -0.40
C ASP P 104 28.60 51.52 0.58
N PHE P 105 29.46 51.89 1.53
CA PHE P 105 29.11 52.85 2.56
C PHE P 105 30.39 53.42 3.11
N GLU P 106 30.25 54.50 3.86
CA GLU P 106 31.40 55.17 4.45
C GLU P 106 31.71 54.57 5.81
N THR P 107 32.88 54.92 6.35
CA THR P 107 33.35 54.42 7.63
C THR P 107 33.90 55.58 8.45
N LYS P 108 34.37 55.27 9.65
CA LYS P 108 34.98 56.29 10.49
C LYS P 108 36.39 56.63 10.04
N ASN P 109 37.09 55.68 9.43
CA ASN P 109 38.45 55.90 8.95
C ASN P 109 38.54 56.12 7.45
N PHE P 110 37.48 55.86 6.70
CA PHE P 110 37.55 55.90 5.24
C PHE P 110 36.24 56.42 4.68
N LYS P 111 36.25 57.68 4.26
CA LYS P 111 35.15 58.24 3.48
C LYS P 111 35.36 57.90 2.01
N PHE P 112 34.30 58.07 1.22
CA PHE P 112 34.40 57.72 -0.20
C PHE P 112 35.53 58.46 -0.88
N LYS P 113 35.88 59.65 -0.38
CA LYS P 113 37.04 60.35 -0.90
C LYS P 113 38.31 59.53 -0.70
N ASP P 114 38.47 58.93 0.47
CA ASP P 114 39.72 58.24 0.77
C ASP P 114 39.85 56.92 0.03
N VAL P 115 38.74 56.23 -0.22
CA VAL P 115 38.80 54.89 -0.79
C VAL P 115 38.75 54.95 -2.31
N HIS P 116 37.67 55.51 -2.85
CA HIS P 116 37.41 55.33 -4.28
C HIS P 116 38.31 56.20 -5.15
N VAL P 117 38.58 57.44 -4.73
CA VAL P 117 39.35 58.36 -5.56
C VAL P 117 40.78 58.50 -5.05
N ASN P 118 40.97 58.79 -3.76
CA ASN P 118 42.33 58.93 -3.26
C ASN P 118 43.02 57.59 -3.12
N GLY P 119 42.31 56.58 -2.60
CA GLY P 119 42.93 55.28 -2.46
C GLY P 119 43.26 54.64 -3.78
N ALA P 120 42.29 54.57 -4.68
CA ALA P 120 42.52 53.92 -5.97
C ALA P 120 43.60 54.62 -6.77
N GLU P 121 43.67 55.95 -6.66
CA GLU P 121 44.76 56.68 -7.29
C GLU P 121 46.10 56.24 -6.73
N ARG P 122 46.19 56.09 -5.40
CA ARG P 122 47.45 55.72 -4.79
C ARG P 122 47.92 54.36 -5.26
N ILE P 123 47.00 53.41 -5.41
CA ILE P 123 47.38 52.10 -5.93
C ILE P 123 47.83 52.21 -7.38
N ALA P 124 47.16 53.05 -8.17
CA ALA P 124 47.53 53.18 -9.57
C ALA P 124 48.82 53.96 -9.72
N ARG P 125 48.99 55.05 -8.96
CA ARG P 125 50.20 55.84 -9.07
C ARG P 125 51.43 55.03 -8.69
N ILE P 126 51.34 54.25 -7.60
CA ILE P 126 52.46 53.43 -7.20
C ILE P 126 52.74 52.36 -8.23
N ALA P 127 51.69 51.81 -8.84
CA ALA P 127 51.89 50.77 -9.84
C ALA P 127 52.71 51.28 -11.02
N ARG P 128 52.42 52.49 -11.49
CA ARG P 128 53.18 53.04 -12.61
C ARG P 128 54.63 53.20 -12.23
N GLU P 129 54.90 53.62 -10.99
CA GLU P 129 56.28 53.78 -10.55
C GLU P 129 57.02 52.46 -10.59
N ALA P 130 56.41 51.40 -10.06
CA ALA P 130 57.06 50.09 -10.04
C ALA P 130 57.30 49.59 -11.45
N GLY P 131 56.33 49.76 -12.33
CA GLY P 131 56.47 49.34 -13.72
C GLY P 131 55.54 48.21 -14.09
N VAL P 132 54.36 48.17 -13.45
CA VAL P 132 53.41 47.12 -13.77
C VAL P 132 52.94 47.29 -15.21
N GLU P 133 52.89 46.18 -15.94
CA GLU P 133 52.51 46.24 -17.35
C GLU P 133 51.04 46.54 -17.51
N ARG P 134 50.19 45.86 -16.75
CA ARG P 134 48.74 45.96 -16.90
C ARG P 134 48.12 46.44 -15.60
N PHE P 135 46.91 46.96 -15.73
CA PHE P 135 46.14 47.44 -14.59
C PHE P 135 44.67 47.32 -14.94
N ILE P 136 43.87 47.00 -13.94
CA ILE P 136 42.43 46.79 -14.13
C ILE P 136 41.70 47.43 -12.98
N HIS P 137 40.59 48.09 -13.29
CA HIS P 137 39.82 48.82 -12.29
C HIS P 137 38.34 48.55 -12.50
N LEU P 138 37.56 48.69 -11.44
CA LEU P 138 36.12 48.48 -11.49
C LEU P 138 35.40 49.79 -11.17
N SER P 139 34.21 49.94 -11.77
CA SER P 139 33.42 51.15 -11.61
C SER P 139 31.97 50.80 -11.90
N SER P 140 31.07 51.65 -11.44
CA SER P 140 29.67 51.39 -11.71
C SER P 140 29.35 51.67 -13.17
N LEU P 141 28.28 51.02 -13.65
CA LEU P 141 27.86 51.20 -15.04
C LEU P 141 27.14 52.51 -15.25
N ASN P 142 26.32 52.92 -14.29
CA ASN P 142 25.59 54.17 -14.37
C ASN P 142 26.44 55.37 -14.00
N VAL P 143 27.77 55.19 -13.95
CA VAL P 143 28.65 56.26 -13.53
C VAL P 143 28.45 57.49 -14.41
N GLU P 144 28.39 58.66 -13.79
CA GLU P 144 28.08 59.90 -14.48
C GLU P 144 28.88 61.03 -13.85
N ALA P 145 29.06 62.11 -14.61
CA ALA P 145 29.85 63.25 -14.12
C ALA P 145 29.22 63.86 -12.88
N ASN P 146 27.90 63.99 -12.87
CA ASN P 146 27.18 64.52 -11.71
C ASN P 146 25.83 63.82 -11.64
N PRO P 147 25.76 62.68 -10.95
CA PRO P 147 24.50 61.93 -10.93
C PRO P 147 23.49 62.58 -9.99
N LYS P 148 22.28 62.77 -10.49
CA LYS P 148 21.22 63.34 -9.69
C LYS P 148 20.61 62.29 -8.79
N ASP P 149 20.26 62.68 -7.57
CA ASP P 149 19.58 61.78 -6.66
C ASP P 149 18.20 61.44 -7.22
N LEU P 150 17.64 60.36 -6.69
CA LEU P 150 16.31 59.91 -7.10
C LEU P 150 15.34 59.78 -5.94
N TYR P 151 15.79 59.29 -4.79
CA TYR P 151 14.94 59.24 -3.60
C TYR P 151 15.63 59.67 -2.31
N VAL P 152 16.95 59.62 -2.23
CA VAL P 152 17.69 59.96 -1.02
C VAL P 152 18.46 61.25 -1.27
N LYS P 153 18.39 62.18 -0.32
CA LYS P 153 18.99 63.49 -0.54
C LYS P 153 20.50 63.41 -0.73
N GLY P 154 21.15 62.39 -0.16
CA GLY P 154 22.58 62.21 -0.30
C GLY P 154 22.96 60.83 -0.77
N GLY P 155 22.13 60.24 -1.63
CA GLY P 155 22.35 58.90 -2.09
C GLY P 155 23.24 58.75 -3.30
N SER P 156 23.75 59.85 -3.85
CA SER P 156 24.56 59.81 -5.05
C SER P 156 26.06 59.96 -4.77
N GLU P 157 26.45 60.05 -3.50
CA GLU P 157 27.87 60.24 -3.21
C GLU P 157 28.69 59.08 -3.71
N TRP P 158 28.17 57.86 -3.57
CA TRP P 158 28.94 56.69 -3.98
C TRP P 158 29.27 56.73 -5.46
N LEU P 159 28.31 57.10 -6.29
CA LEU P 159 28.58 57.17 -7.73
C LEU P 159 29.52 58.32 -8.06
N LYS P 160 29.35 59.46 -7.39
CA LYS P 160 30.23 60.59 -7.65
C LYS P 160 31.68 60.21 -7.44
N SER P 161 31.96 59.54 -6.31
CA SER P 161 33.33 59.12 -6.04
C SER P 161 33.80 58.13 -7.09
N LYS P 162 32.94 57.19 -7.49
CA LYS P 162 33.34 56.21 -8.48
C LYS P 162 33.73 56.86 -9.79
N TYR P 163 32.94 57.84 -10.25
CA TYR P 163 33.31 58.54 -11.47
C TYR P 163 34.65 59.23 -11.31
N GLU P 164 34.82 59.96 -10.21
CA GLU P 164 36.06 60.69 -10.00
C GLU P 164 37.23 59.73 -9.86
N GLY P 165 37.04 58.63 -9.15
CA GLY P 165 38.09 57.63 -9.05
C GLY P 165 38.46 57.06 -10.40
N GLU P 166 37.47 56.91 -11.29
CA GLU P 166 37.75 56.40 -12.63
C GLU P 166 38.70 57.31 -13.38
N LEU P 167 38.50 58.63 -13.28
CA LEU P 167 39.34 59.56 -14.02
C LEU P 167 40.76 59.57 -13.47
N ARG P 168 40.91 59.68 -12.15
CA ARG P 168 42.25 59.70 -11.58
C ARG P 168 43.02 58.44 -11.94
N VAL P 169 42.32 57.31 -12.00
CA VAL P 169 42.97 56.07 -12.43
C VAL P 169 43.53 56.25 -13.84
N ARG P 170 42.70 56.73 -14.76
CA ARG P 170 43.17 56.99 -16.11
C ARG P 170 44.21 58.08 -16.14
N ASP P 171 44.20 58.97 -15.14
CA ASP P 171 45.23 60.01 -15.07
C ASP P 171 46.58 59.41 -14.69
N ALA P 172 46.61 58.58 -13.66
CA ALA P 172 47.87 58.04 -13.17
C ALA P 172 48.40 56.94 -14.07
N PHE P 173 47.52 56.06 -14.57
CA PHE P 173 47.90 54.86 -15.31
C PHE P 173 47.18 54.90 -16.65
N PRO P 174 47.66 55.70 -17.59
CA PRO P 174 46.82 56.03 -18.77
C PRO P 174 46.36 54.82 -19.56
N ASN P 175 47.14 53.74 -19.61
CA ASN P 175 46.72 52.54 -20.32
C ASN P 175 46.01 51.54 -19.41
N ALA P 176 45.34 52.02 -18.37
CA ALA P 176 44.60 51.13 -17.50
C ALA P 176 43.33 50.66 -18.16
N THR P 177 42.96 49.41 -17.92
CA THR P 177 41.67 48.88 -18.33
C THR P 177 40.63 49.18 -17.26
N ILE P 178 39.41 49.43 -17.70
CA ILE P 178 38.30 49.70 -16.80
C ILE P 178 37.13 48.84 -17.22
N ILE P 179 36.63 48.04 -16.28
CA ILE P 179 35.45 47.21 -16.50
C ILE P 179 34.35 47.76 -15.60
N ARG P 180 33.21 48.09 -16.20
CA ARG P 180 32.13 48.75 -15.49
C ARG P 180 30.96 47.78 -15.28
N PRO P 181 30.96 46.99 -14.20
CA PRO P 181 29.86 46.08 -13.96
C PRO P 181 28.62 46.80 -13.50
N ALA P 182 27.54 46.03 -13.37
CA ALA P 182 26.25 46.57 -12.97
C ALA P 182 25.48 45.47 -12.25
N ASP P 183 25.30 45.63 -10.95
CA ASP P 183 24.46 44.74 -10.15
C ASP P 183 24.96 43.30 -10.26
N ILE P 184 26.17 43.11 -9.74
CA ILE P 184 26.76 41.78 -9.74
C ILE P 184 26.04 40.91 -8.73
N TYR P 185 25.94 39.62 -9.02
CA TYR P 185 25.23 38.70 -8.14
C TYR P 185 25.83 37.31 -8.28
N GLY P 186 25.51 36.45 -7.32
CA GLY P 186 25.73 35.04 -7.50
C GLY P 186 26.13 34.23 -6.28
N SER P 187 26.62 34.86 -5.23
CA SER P 187 26.55 34.32 -3.87
C SER P 187 27.37 35.23 -2.99
N GLU P 188 27.11 35.25 -1.68
CA GLU P 188 27.80 36.18 -0.80
C GLU P 188 27.69 37.61 -1.33
N ASP P 189 26.66 37.87 -2.12
CA ASP P 189 26.49 39.13 -2.81
C ASP P 189 25.61 40.06 -1.99
N ARG P 190 25.30 41.21 -2.55
CA ARG P 190 24.42 42.17 -1.92
C ARG P 190 23.24 42.53 -2.82
N PHE P 191 22.92 41.68 -3.78
CA PHE P 191 21.76 41.90 -4.67
C PHE P 191 20.71 40.82 -4.43
N LEU P 192 21.06 39.54 -4.56
CA LEU P 192 20.09 38.50 -4.28
C LEU P 192 19.87 38.27 -2.80
N ARG P 193 20.73 38.81 -1.95
CA ARG P 193 20.54 38.73 -0.50
C ARG P 193 19.88 39.97 0.05
N TYR P 194 20.19 41.13 -0.54
CA TYR P 194 19.55 42.36 -0.14
C TYR P 194 18.05 42.36 -0.39
N TYR P 195 17.56 41.48 -1.26
CA TYR P 195 16.13 41.34 -1.50
C TYR P 195 15.52 40.13 -0.82
N ALA P 196 16.33 39.23 -0.27
CA ALA P 196 15.83 38.07 0.45
C ALA P 196 15.95 38.23 1.96
N HIS P 197 16.48 39.34 2.43
CA HIS P 197 16.75 39.49 3.85
C HIS P 197 15.49 39.91 4.59
N ILE P 198 15.50 39.71 5.91
CA ILE P 198 14.34 40.06 6.72
C ILE P 198 14.20 41.57 6.82
N TRP P 199 15.31 42.28 6.95
CA TRP P 199 15.24 43.73 7.12
C TRP P 199 14.56 44.39 5.93
N ARG P 200 14.85 43.93 4.72
CA ARG P 200 14.31 44.58 3.53
C ARG P 200 12.79 44.56 3.53
N ARG P 201 12.19 43.56 4.16
CA ARG P 201 10.74 43.41 4.16
C ARG P 201 10.11 44.26 5.26
N GLN P 202 8.78 44.31 5.26
CA GLN P 202 8.00 44.83 6.39
C GLN P 202 6.94 43.78 6.71
N PHE P 203 7.38 42.78 7.46
CA PHE P 203 6.64 41.64 8.00
C PHE P 203 6.21 40.63 6.97
N ARG P 204 5.90 41.06 5.74
CA ARG P 204 5.91 40.17 4.58
C ARG P 204 6.10 40.95 3.28
N SER P 205 6.25 42.26 3.36
CA SER P 205 6.04 43.13 2.23
C SER P 205 7.36 43.48 1.56
N MET P 206 7.32 44.34 0.56
CA MET P 206 8.51 44.74 -0.18
C MET P 206 8.32 46.16 -0.69
N PRO P 207 8.74 47.14 0.08
CA PRO P 207 8.70 48.51 -0.43
C PRO P 207 9.70 48.72 -1.54
N LEU P 208 9.21 48.85 -2.76
CA LEU P 208 10.02 49.11 -3.94
C LEU P 208 9.67 50.48 -4.48
N TRP P 209 10.69 51.21 -4.92
CA TRP P 209 10.47 52.52 -5.51
C TRP P 209 9.60 52.39 -6.74
N HIS P 210 8.48 53.10 -6.76
CA HIS P 210 7.49 53.00 -7.82
C HIS P 210 7.03 51.57 -8.03
N LYS P 211 7.10 50.74 -7.00
CA LYS P 211 6.90 49.29 -7.09
C LYS P 211 7.93 48.64 -8.00
N GLY P 212 9.03 49.34 -8.28
CA GLY P 212 10.08 48.78 -9.11
C GLY P 212 9.78 48.76 -10.58
N GLU P 213 8.66 49.34 -11.01
CA GLU P 213 8.24 49.24 -12.40
C GLU P 213 8.90 50.26 -13.30
N LYS P 214 9.56 51.28 -12.75
CA LYS P 214 10.31 52.24 -13.53
C LYS P 214 11.82 52.01 -13.46
N THR P 215 12.25 50.88 -12.89
CA THR P 215 13.66 50.54 -12.80
C THR P 215 13.92 49.33 -13.68
N VAL P 216 14.91 49.44 -14.55
CA VAL P 216 15.32 48.35 -15.42
C VAL P 216 16.78 48.07 -15.16
N LYS P 217 17.12 46.79 -15.06
CA LYS P 217 18.44 46.36 -14.64
C LYS P 217 18.96 45.26 -15.55
N GLN P 218 20.28 45.15 -15.62
CA GLN P 218 20.97 44.13 -16.39
C GLN P 218 21.98 43.44 -15.48
N PRO P 219 21.52 42.64 -14.53
CA PRO P 219 22.46 42.00 -13.62
C PRO P 219 23.32 41.00 -14.37
N VAL P 220 24.55 40.85 -13.91
CA VAL P 220 25.53 39.97 -14.53
C VAL P 220 26.04 39.01 -13.46
N TYR P 221 26.16 37.75 -13.82
CA TYR P 221 26.67 36.76 -12.89
C TYR P 221 28.12 37.07 -12.56
N VAL P 222 28.49 36.92 -11.29
CA VAL P 222 29.81 37.36 -10.85
C VAL P 222 30.90 36.57 -11.55
N SER P 223 30.66 35.29 -11.83
CA SER P 223 31.68 34.50 -12.49
C SER P 223 31.99 35.04 -13.88
N ASP P 224 30.96 35.47 -14.62
CA ASP P 224 31.20 36.07 -15.92
C ASP P 224 32.05 37.33 -15.78
N VAL P 225 31.79 38.13 -14.76
CA VAL P 225 32.61 39.32 -14.54
C VAL P 225 34.05 38.92 -14.25
N ALA P 226 34.23 37.92 -13.39
CA ALA P 226 35.58 37.48 -13.07
C ALA P 226 36.29 36.95 -14.31
N GLN P 227 35.57 36.21 -15.15
CA GLN P 227 36.15 35.75 -16.40
C GLN P 227 36.58 36.93 -17.26
N ALA P 228 35.78 38.00 -17.26
CA ALA P 228 36.15 39.19 -18.02
C ALA P 228 37.43 39.80 -17.51
N ILE P 229 37.59 39.88 -16.19
CA ILE P 229 38.78 40.50 -15.63
C ILE P 229 40.02 39.72 -16.03
N ILE P 230 39.95 38.39 -15.95
CA ILE P 230 41.12 37.59 -16.29
C ILE P 230 41.40 37.64 -17.78
N ASN P 231 40.35 37.51 -18.60
CA ASN P 231 40.55 37.59 -20.04
C ASN P 231 41.18 38.91 -20.43
N ALA P 232 40.73 40.00 -19.80
CA ALA P 232 41.35 41.29 -20.04
C ALA P 232 42.80 41.30 -19.56
N ALA P 233 43.13 40.47 -18.58
CA ALA P 233 44.50 40.41 -18.07
C ALA P 233 45.43 39.64 -19.00
N LYS P 234 44.93 38.62 -19.68
CA LYS P 234 45.75 37.86 -20.60
C LYS P 234 46.00 38.57 -21.92
N ASP P 235 45.26 39.62 -22.22
CA ASP P 235 45.31 40.27 -23.53
C ASP P 235 45.85 41.68 -23.40
N PRO P 236 46.81 42.11 -24.23
CA PRO P 236 47.22 43.52 -24.20
C PRO P 236 46.34 44.41 -25.06
N ASP P 237 45.64 43.84 -26.04
CA ASP P 237 44.77 44.65 -26.89
C ASP P 237 43.71 45.36 -26.06
N SER P 238 43.34 44.80 -24.91
CA SER P 238 42.28 45.35 -24.09
C SER P 238 42.75 46.49 -23.19
N ALA P 239 44.03 46.83 -23.21
CA ALA P 239 44.55 47.88 -22.35
C ALA P 239 43.98 49.24 -22.76
N GLY P 240 43.82 50.11 -21.76
CA GLY P 240 43.42 51.48 -22.02
C GLY P 240 42.08 51.64 -22.70
N ARG P 241 41.10 50.82 -22.30
CA ARG P 241 39.76 50.90 -22.86
C ARG P 241 38.74 50.68 -21.75
N ILE P 242 37.51 51.07 -22.03
CA ILE P 242 36.40 50.93 -21.10
C ILE P 242 35.54 49.77 -21.55
N TYR P 243 35.15 48.92 -20.61
CA TYR P 243 34.29 47.79 -20.88
C TYR P 243 33.07 47.86 -19.97
N GLN P 244 31.92 47.55 -20.53
CA GLN P 244 30.67 47.49 -19.78
C GLN P 244 30.31 46.03 -19.56
N ALA P 245 30.16 45.64 -18.30
CA ALA P 245 29.84 44.27 -17.94
C ALA P 245 28.37 44.20 -17.56
N VAL P 246 27.53 43.80 -18.52
CA VAL P 246 26.10 43.70 -18.33
C VAL P 246 25.64 42.33 -18.80
N GLY P 247 24.51 41.89 -18.26
CA GLY P 247 23.98 40.61 -18.61
C GLY P 247 23.42 40.61 -20.02
N PRO P 248 22.82 39.49 -20.41
CA PRO P 248 22.25 39.39 -21.75
C PRO P 248 20.85 39.98 -21.87
N LYS P 249 20.10 40.07 -20.79
CA LYS P 249 18.71 40.50 -20.84
C LYS P 249 18.48 41.65 -19.86
N ARG P 250 17.42 42.41 -20.11
CA ARG P 250 17.03 43.53 -19.27
C ARG P 250 15.69 43.21 -18.64
N TYR P 251 15.57 43.48 -17.34
CA TYR P 251 14.35 43.19 -16.60
C TYR P 251 13.95 44.40 -15.79
N GLN P 252 12.64 44.59 -15.65
CA GLN P 252 12.13 45.56 -14.69
C GLN P 252 12.34 45.05 -13.28
N LEU P 253 12.63 45.97 -12.37
CA LEU P 253 12.90 45.53 -11.00
C LEU P 253 11.68 44.86 -10.39
N SER P 254 10.48 45.30 -10.76
CA SER P 254 9.28 44.62 -10.28
C SER P 254 9.23 43.20 -10.81
N GLU P 255 9.59 43.01 -12.07
CA GLU P 255 9.53 41.68 -12.66
C GLU P 255 10.50 40.72 -11.98
N LEU P 256 11.71 41.18 -11.67
CA LEU P 256 12.69 40.31 -11.04
C LEU P 256 12.20 39.87 -9.67
N VAL P 257 11.82 40.82 -8.82
CA VAL P 257 11.53 40.50 -7.43
C VAL P 257 10.35 39.56 -7.34
N ASP P 258 9.37 39.72 -8.22
CA ASP P 258 8.28 38.74 -8.28
C ASP P 258 8.83 37.36 -8.53
N TRP P 259 9.78 37.24 -9.47
CA TRP P 259 10.28 35.93 -9.84
C TRP P 259 11.05 35.27 -8.70
N PHE P 260 11.85 36.06 -7.96
CA PHE P 260 12.54 35.50 -6.81
C PHE P 260 11.54 34.88 -5.84
N HIS P 261 10.55 35.66 -5.43
CA HIS P 261 9.63 35.19 -4.42
C HIS P 261 8.80 34.02 -4.90
N ARG P 262 8.70 33.81 -6.21
CA ARG P 262 8.15 32.56 -6.71
C ARG P 262 9.15 31.43 -6.54
N LEU P 263 10.42 31.67 -6.88
CA LEU P 263 11.44 30.66 -6.69
C LEU P 263 11.59 30.31 -5.22
N MET P 264 11.53 31.32 -4.37
CA MET P 264 11.67 31.14 -2.93
C MET P 264 10.41 30.56 -2.29
N ARG P 265 9.42 30.18 -3.07
CA ARG P 265 8.14 29.65 -2.58
C ARG P 265 7.40 30.68 -1.75
N LYS P 266 7.81 31.94 -1.78
CA LYS P 266 7.19 32.99 -0.99
C LYS P 266 6.13 33.72 -1.83
N ASP P 267 5.18 32.94 -2.32
CA ASP P 267 4.12 33.49 -3.14
C ASP P 267 3.08 34.20 -2.26
N GLN P 268 2.41 35.17 -2.86
CA GLN P 268 1.42 35.95 -2.12
C GLN P 268 0.24 35.10 -1.67
N LYS P 269 -0.09 34.04 -2.41
CA LYS P 269 -1.28 33.26 -2.11
C LYS P 269 -1.20 32.64 -0.72
N ARG P 270 -0.05 32.06 -0.38
CA ARG P 270 0.16 31.43 0.91
C ARG P 270 1.04 32.27 1.83
N TRP P 271 2.21 32.67 1.35
CA TRP P 271 3.18 33.32 2.22
C TRP P 271 2.72 34.72 2.62
N GLY P 272 2.19 35.49 1.68
CA GLY P 272 1.67 36.81 1.99
C GLY P 272 2.54 37.94 1.49
N TYR P 273 3.26 37.70 0.40
CA TYR P 273 4.13 38.72 -0.18
C TYR P 273 3.30 39.76 -0.92
N MET P 274 3.71 41.02 -0.80
CA MET P 274 3.00 42.12 -1.43
C MET P 274 3.95 43.30 -1.57
N ARG P 275 3.73 44.11 -2.60
CA ARG P 275 4.64 45.18 -2.98
C ARG P 275 4.00 46.54 -2.67
N TYR P 276 4.61 47.28 -1.74
CA TYR P 276 4.26 48.66 -1.52
C TYR P 276 4.82 49.51 -2.67
N ASP P 277 4.62 50.82 -2.57
CA ASP P 277 5.43 51.80 -3.28
C ASP P 277 6.23 52.54 -2.23
N MET P 278 7.56 52.48 -2.36
CA MET P 278 8.43 52.92 -1.27
C MET P 278 8.15 54.36 -0.86
N ARG P 279 7.68 55.18 -1.80
CA ARG P 279 7.37 56.57 -1.46
C ARG P 279 6.23 56.68 -0.46
N TRP P 280 5.35 55.69 -0.40
CA TRP P 280 4.17 55.82 0.44
C TRP P 280 4.49 55.63 1.92
N ASP P 281 5.39 54.69 2.25
CA ASP P 281 5.70 54.38 3.63
C ASP P 281 6.99 55.06 4.04
N PRO P 282 6.99 55.99 5.00
CA PRO P 282 8.25 56.56 5.47
C PRO P 282 8.94 55.71 6.52
N THR P 283 8.26 54.68 7.04
CA THR P 283 8.89 53.81 8.02
C THR P 283 10.16 53.18 7.47
N PHE P 284 10.14 52.80 6.19
CA PHE P 284 11.28 52.08 5.63
C PHE P 284 12.54 52.92 5.65
N LEU P 285 12.45 54.18 5.21
CA LEU P 285 13.64 55.02 5.21
C LEU P 285 14.20 55.19 6.62
N LEU P 286 13.35 55.19 7.63
CA LEU P 286 13.85 55.27 9.00
C LEU P 286 14.68 54.05 9.34
N LYS P 287 14.24 52.87 8.90
CA LYS P 287 14.97 51.63 9.21
C LYS P 287 16.41 51.73 8.73
N ALA P 288 16.60 52.16 7.48
CA ALA P 288 17.95 52.32 6.96
C ALA P 288 18.73 53.34 7.78
N LYS P 289 18.13 54.51 8.03
CA LYS P 289 18.82 55.55 8.78
C LYS P 289 19.18 55.07 10.18
N LEU P 290 18.24 54.41 10.85
CA LEU P 290 18.56 53.77 12.13
C LEU P 290 19.60 52.68 11.94
N ASN P 291 19.43 51.84 10.91
CA ASN P 291 20.31 50.70 10.73
C ASN P 291 21.74 51.15 10.49
N SER P 292 21.95 52.18 9.68
CA SER P 292 23.29 52.67 9.43
C SER P 292 23.94 53.14 10.71
N PHE P 293 23.19 53.89 11.52
CA PHE P 293 23.77 54.48 12.73
C PHE P 293 24.14 53.41 13.75
N ILE P 294 23.23 52.47 13.99
CA ILE P 294 23.39 51.58 15.14
C ILE P 294 24.57 50.64 14.94
N CYS P 295 24.74 50.10 13.75
CA CYS P 295 25.71 49.02 13.59
C CYS P 295 27.11 49.59 13.36
N PRO P 296 28.11 49.20 14.15
CA PRO P 296 29.43 49.79 13.99
C PRO P 296 30.22 49.21 12.81
N GLY P 297 30.10 47.92 12.58
CA GLY P 297 30.94 47.27 11.59
C GLY P 297 30.41 47.33 10.18
N THR P 298 29.21 46.79 9.96
CA THR P 298 28.64 46.72 8.63
C THR P 298 27.12 46.71 8.77
N PRO P 299 26.39 47.41 7.90
CA PRO P 299 24.92 47.39 8.03
C PRO P 299 24.37 45.97 7.93
N ILE P 300 23.32 45.72 8.68
CA ILE P 300 22.68 44.41 8.71
C ILE P 300 21.76 44.31 7.50
N GLY P 301 21.72 43.13 6.90
CA GLY P 301 20.91 42.95 5.70
C GLY P 301 21.30 43.86 4.57
N GLY P 302 22.54 44.37 4.58
CA GLY P 302 23.00 45.24 3.52
C GLY P 302 22.14 46.48 3.33
N LEU P 303 21.43 46.90 4.37
CA LEU P 303 20.42 47.94 4.23
C LEU P 303 20.94 49.24 4.82
N HIS P 304 20.99 50.27 3.99
CA HIS P 304 21.47 51.59 4.40
C HIS P 304 21.17 52.56 3.26
N PRO P 305 21.02 53.85 3.53
CA PRO P 305 20.46 54.74 2.50
C PRO P 305 21.26 54.76 1.20
N ALA P 306 22.57 54.56 1.27
CA ALA P 306 23.36 54.48 0.06
C ALA P 306 22.90 53.34 -0.82
N ARG P 307 22.63 52.17 -0.22
CA ARG P 307 22.20 51.03 -1.01
C ARG P 307 20.83 51.28 -1.64
N ILE P 308 19.99 52.07 -0.99
CA ILE P 308 18.66 52.34 -1.54
C ILE P 308 18.79 53.03 -2.90
N GLU P 309 19.68 54.02 -2.99
CA GLU P 309 19.80 54.77 -4.23
C GLU P 309 20.30 53.90 -5.37
N ARG P 310 21.13 52.89 -5.07
CA ARG P 310 21.54 51.95 -6.12
C ARG P 310 20.32 51.27 -6.72
N GLU P 311 19.39 50.84 -5.87
CA GLU P 311 18.22 50.12 -6.36
C GLU P 311 17.37 50.97 -7.27
N ALA P 312 17.17 52.24 -6.91
CA ALA P 312 16.25 53.08 -7.67
C ALA P 312 16.74 53.33 -9.09
N VAL P 313 18.03 53.53 -9.27
CA VAL P 313 18.57 53.97 -10.55
C VAL P 313 18.56 52.80 -11.53
N THR P 314 18.04 53.06 -12.74
CA THR P 314 17.98 52.05 -13.78
C THR P 314 19.28 52.01 -14.57
N ASP P 315 19.72 50.79 -14.90
CA ASP P 315 20.97 50.62 -15.62
C ASP P 315 20.91 51.33 -16.97
N LYS P 316 21.97 52.06 -17.29
CA LYS P 316 22.08 52.83 -18.53
C LYS P 316 23.29 52.31 -19.28
N VAL P 317 23.10 51.26 -20.07
CA VAL P 317 24.19 50.70 -20.85
C VAL P 317 24.39 51.56 -22.09
N LEU P 318 25.56 52.19 -22.19
CA LEU P 318 25.83 53.06 -23.32
C LEU P 318 25.99 52.24 -24.60
N THR P 319 25.69 52.89 -25.73
CA THR P 319 25.90 52.28 -27.03
C THR P 319 27.28 52.64 -27.54
N GLY P 320 27.98 51.65 -28.07
CA GLY P 320 29.29 51.86 -28.66
C GLY P 320 30.46 51.55 -27.76
N VAL P 321 30.23 51.35 -26.47
CA VAL P 321 31.30 50.95 -25.56
C VAL P 321 31.37 49.43 -25.59
N PRO P 322 32.56 48.82 -25.65
CA PRO P 322 32.62 47.36 -25.74
C PRO P 322 31.98 46.69 -24.53
N THR P 323 31.49 45.47 -24.76
CA THR P 323 30.92 44.64 -23.72
C THR P 323 31.78 43.38 -23.56
N LEU P 324 31.44 42.59 -22.54
CA LEU P 324 32.22 41.39 -22.26
C LEU P 324 32.21 40.44 -23.43
N GLU P 325 31.19 40.49 -24.28
CA GLU P 325 31.19 39.66 -25.48
C GLU P 325 32.39 39.98 -26.36
N ASP P 326 32.85 41.24 -26.33
CA ASP P 326 34.09 41.56 -27.01
C ASP P 326 35.28 40.83 -26.39
N LEU P 327 35.23 40.59 -25.08
CA LEU P 327 36.28 39.85 -24.41
C LEU P 327 36.10 38.34 -24.49
N GLY P 328 35.07 37.86 -25.19
CA GLY P 328 34.88 36.44 -25.38
C GLY P 328 34.08 35.74 -24.31
N VAL P 329 33.69 36.44 -23.25
CA VAL P 329 32.87 35.83 -22.20
C VAL P 329 31.50 35.49 -22.76
N THR P 330 30.98 34.33 -22.38
CA THR P 330 29.63 33.90 -22.75
C THR P 330 28.74 34.07 -21.52
N LEU P 331 27.90 35.08 -21.54
CA LEU P 331 27.15 35.46 -20.34
C LEU P 331 26.15 34.39 -19.96
N THR P 332 26.03 34.15 -18.65
CA THR P 332 25.03 33.25 -18.11
C THR P 332 23.75 34.03 -17.84
N THR P 333 22.62 33.45 -18.23
CA THR P 333 21.34 34.09 -17.98
C THR P 333 20.94 33.92 -16.52
N MET P 334 20.05 34.80 -16.06
CA MET P 334 19.57 34.70 -14.69
C MET P 334 18.84 33.38 -14.46
N GLU P 335 18.01 32.97 -15.44
CA GLU P 335 17.26 31.74 -15.30
C GLU P 335 18.17 30.55 -15.08
N GLN P 336 19.38 30.58 -15.63
CA GLN P 336 20.31 29.47 -15.43
C GLN P 336 20.78 29.41 -13.99
N GLN P 337 21.12 30.55 -13.40
CA GLN P 337 21.85 30.59 -12.13
C GLN P 337 20.95 30.87 -10.94
N VAL P 338 20.09 31.88 -11.04
CA VAL P 338 19.33 32.32 -9.87
C VAL P 338 18.55 31.19 -9.22
N PRO P 339 17.89 30.29 -9.97
CA PRO P 339 17.12 29.23 -9.30
C PRO P 339 17.96 28.36 -8.38
N TRP P 340 19.27 28.31 -8.58
CA TRP P 340 20.16 27.59 -7.68
C TRP P 340 20.73 28.48 -6.59
N GLU P 341 20.77 29.79 -6.82
CA GLU P 341 21.24 30.70 -5.78
C GLU P 341 20.28 30.73 -4.60
N LEU P 342 18.98 30.66 -4.88
CA LEU P 342 17.96 30.90 -3.87
C LEU P 342 17.44 29.62 -3.24
N ARG P 343 17.99 28.48 -3.61
CA ARG P 343 17.59 27.24 -2.94
C ARG P 343 17.76 27.30 -1.43
N PRO P 344 18.85 27.84 -0.87
CA PRO P 344 18.96 27.92 0.59
C PRO P 344 18.16 29.04 1.23
N TYR P 345 17.51 29.90 0.45
CA TYR P 345 16.63 30.92 1.00
C TYR P 345 15.16 30.55 0.89
N ARG P 346 14.85 29.36 0.40
CA ARG P 346 13.46 29.00 0.17
C ARG P 346 12.70 28.94 1.48
N ALA P 347 11.43 29.33 1.41
CA ALA P 347 10.55 29.30 2.57
C ALA P 347 9.94 27.91 2.72
N ALA P 348 9.59 27.58 3.96
CA ALA P 348 9.04 26.27 4.28
C ALA P 348 9.97 25.17 3.74
N LEU P 349 11.26 25.32 4.02
CA LEU P 349 12.29 24.42 3.52
C LEU P 349 12.43 23.16 4.36
N TYR P 350 11.66 23.06 5.43
CA TYR P 350 11.64 21.90 6.31
C TYR P 350 10.57 20.89 5.92
N TYR P 351 9.94 21.07 4.75
CA TYR P 351 8.68 20.39 4.47
C TYR P 351 8.93 18.93 4.12
N ASP P 352 9.96 18.66 3.34
CA ASP P 352 10.14 17.38 2.64
C ASP P 352 8.97 17.13 1.69
N ALA P 353 8.85 18.03 0.70
CA ALA P 353 7.74 17.96 -0.22
C ALA P 353 7.83 16.69 -1.06
N GLU P 354 6.67 16.12 -1.37
CA GLU P 354 6.64 15.09 -2.39
C GLU P 354 6.90 15.72 -3.74
N LEU P 355 7.21 14.89 -4.72
CA LEU P 355 7.47 15.39 -6.06
C LEU P 355 6.21 16.00 -6.64
N GLY P 356 6.32 17.22 -7.14
CA GLY P 356 5.21 17.92 -7.73
C GLY P 356 4.40 18.76 -6.78
N GLU P 357 4.61 18.64 -5.48
CA GLU P 357 3.83 19.43 -4.54
C GLU P 357 4.16 20.91 -4.61
N PHE P 358 5.31 21.26 -5.16
CA PHE P 358 5.64 22.65 -5.49
C PHE P 358 5.81 22.74 -7.00
N GLU P 359 5.02 23.59 -7.63
CA GLU P 359 5.07 23.73 -9.08
C GLU P 359 6.21 24.64 -9.49
N THR P 360 6.83 24.33 -10.61
CA THR P 360 7.96 25.12 -11.07
C THR P 360 7.51 26.55 -11.36
N PRO P 361 8.21 27.56 -10.87
CA PRO P 361 7.75 28.93 -11.09
C PRO P 361 7.89 29.37 -12.54
N SER P 362 7.03 30.30 -12.94
CA SER P 362 7.11 30.84 -14.27
C SER P 362 8.33 31.74 -14.42
N PRO P 363 9.01 31.74 -15.57
CA PRO P 363 10.20 32.57 -15.71
C PRO P 363 9.83 34.04 -15.78
N PRO P 364 10.77 34.94 -15.56
CA PRO P 364 10.49 36.36 -15.68
C PRO P 364 10.43 36.77 -17.14
N LYS P 365 9.70 37.85 -17.40
CA LYS P 365 9.54 38.40 -18.74
C LYS P 365 10.47 39.59 -18.89
N CYS P 366 11.45 39.48 -19.77
CA CYS P 366 12.32 40.60 -20.03
C CYS P 366 11.52 41.75 -20.65
N ILE P 367 12.17 42.90 -20.77
CA ILE P 367 11.55 44.11 -21.31
C ILE P 367 12.18 44.40 -22.66
N GLU P 368 11.35 44.43 -23.70
CA GLU P 368 11.84 44.72 -25.03
C GLU P 368 12.31 46.16 -25.12
N ALA P 369 13.20 46.41 -26.09
CA ALA P 369 13.77 47.75 -26.23
C ALA P 369 12.68 48.78 -26.48
N ARG P 370 11.72 48.46 -27.36
CA ARG P 370 10.62 49.38 -27.60
C ARG P 370 9.78 49.58 -26.34
N ASP P 371 9.53 48.52 -25.59
CA ASP P 371 8.71 48.63 -24.39
C ASP P 371 9.35 49.58 -23.38
N GLU P 372 10.67 49.63 -23.32
CA GLU P 372 11.32 50.56 -22.42
C GLU P 372 11.01 52.00 -22.78
N LEU P 373 10.85 52.29 -24.08
CA LEU P 373 10.45 53.63 -24.50
C LEU P 373 9.07 53.97 -23.96
N ARG P 374 8.12 53.03 -24.09
CA ARG P 374 6.78 53.28 -23.59
C ARG P 374 6.75 53.29 -22.07
N LEU P 375 7.46 52.36 -21.43
CA LEU P 375 7.48 52.30 -19.97
C LEU P 375 7.97 53.61 -19.38
N PHE P 376 8.89 54.28 -20.06
CA PHE P 376 9.43 55.56 -19.63
C PHE P 376 8.78 56.73 -20.34
N ALA P 377 7.71 56.49 -21.10
CA ALA P 377 7.00 57.54 -21.81
C ALA P 377 7.91 58.20 -22.84
N THR Q 1 17.21 -39.08 -11.29
CA THR Q 1 18.31 -38.86 -10.38
C THR Q 1 18.10 -39.79 -9.18
N ASP Q 2 17.96 -39.24 -7.97
CA ASP Q 2 17.58 -40.01 -6.79
C ASP Q 2 16.40 -39.32 -6.12
N GLY Q 3 15.67 -40.08 -5.31
CA GLY Q 3 14.48 -39.62 -4.62
C GLY Q 3 14.55 -38.21 -4.07
N GLY Q 4 15.65 -37.88 -3.41
CA GLY Q 4 15.81 -36.63 -2.69
C GLY Q 4 15.18 -35.42 -3.37
N PRO Q 5 14.44 -34.58 -2.60
CA PRO Q 5 13.62 -33.52 -3.21
C PRO Q 5 14.26 -32.75 -4.34
N LEU Q 6 13.43 -32.25 -5.24
CA LEU Q 6 13.89 -31.43 -6.36
C LEU Q 6 14.00 -29.97 -5.94
N ASP Q 7 14.90 -29.26 -6.59
CA ASP Q 7 15.10 -27.84 -6.29
C ASP Q 7 13.82 -27.08 -6.59
N PRO Q 8 13.26 -26.33 -5.64
CA PRO Q 8 12.04 -25.56 -5.95
C PRO Q 8 12.23 -24.57 -7.07
N LYS Q 9 13.40 -23.93 -7.16
CA LYS Q 9 13.59 -22.87 -8.14
C LYS Q 9 13.46 -23.41 -9.56
N THR Q 10 14.20 -24.47 -9.88
CA THR Q 10 14.09 -25.05 -11.21
C THR Q 10 12.82 -25.89 -11.36
N ALA Q 11 12.39 -26.57 -10.30
CA ALA Q 11 11.20 -27.40 -10.41
C ALA Q 11 9.96 -26.58 -10.69
N LEU Q 12 9.86 -25.38 -10.10
CA LEU Q 12 8.69 -24.54 -10.27
C LEU Q 12 8.84 -23.47 -11.35
N ALA Q 13 10.04 -23.30 -11.91
CA ALA Q 13 10.25 -22.24 -12.88
C ALA Q 13 9.42 -22.48 -14.13
N ARG Q 14 8.83 -21.40 -14.65
CA ARG Q 14 8.04 -21.49 -15.86
C ARG Q 14 8.94 -21.92 -17.01
N PRO Q 15 8.36 -22.54 -18.05
CA PRO Q 15 9.20 -22.98 -19.17
C PRO Q 15 9.97 -21.85 -19.83
N GLU Q 16 9.43 -20.64 -19.83
CA GLU Q 16 10.13 -19.53 -20.47
C GLU Q 16 11.43 -19.21 -19.74
N GLU Q 17 11.40 -19.18 -18.41
CA GLU Q 17 12.60 -18.82 -17.65
C GLU Q 17 13.68 -19.88 -17.80
N LEU Q 18 13.28 -21.15 -17.87
CA LEU Q 18 14.27 -22.21 -18.11
C LEU Q 18 14.91 -22.02 -19.47
N GLU Q 19 14.13 -21.59 -20.46
CA GLU Q 19 14.67 -21.41 -21.80
C GLU Q 19 15.74 -20.34 -21.83
N GLN Q 20 15.46 -19.16 -21.25
CA GLN Q 20 16.48 -18.13 -21.18
C GLN Q 20 17.58 -18.49 -20.21
N ARG Q 21 17.31 -19.34 -19.23
CA ARG Q 21 18.38 -19.89 -18.42
C ARG Q 21 19.29 -20.80 -19.24
N ASN Q 22 18.75 -21.38 -20.32
CA ASN Q 22 19.58 -22.21 -21.19
C ASN Q 22 20.47 -21.35 -22.08
N LYS Q 23 19.87 -20.48 -22.90
CA LYS Q 23 20.68 -19.71 -23.83
C LYS Q 23 21.62 -18.74 -23.12
N LEU Q 24 21.39 -18.45 -21.84
CA LEU Q 24 22.38 -17.72 -21.07
C LEU Q 24 23.55 -18.62 -20.68
N SER Q 25 23.32 -19.93 -20.56
CA SER Q 25 24.46 -20.85 -20.61
C SER Q 25 25.11 -20.79 -21.98
N GLY Q 26 24.30 -20.73 -23.03
CA GLY Q 26 24.71 -20.15 -24.30
C GLY Q 26 25.86 -20.82 -25.03
N LYS Q 27 27.03 -20.20 -24.96
CA LYS Q 27 28.17 -20.45 -25.84
C LYS Q 27 27.93 -19.83 -27.22
N ILE Q 28 27.30 -18.66 -27.24
CA ILE Q 28 27.09 -17.94 -28.50
C ILE Q 28 28.43 -17.56 -29.14
N THR Q 29 28.39 -17.29 -30.44
CA THR Q 29 29.54 -16.82 -31.20
C THR Q 29 29.59 -15.30 -31.21
N VAL Q 30 30.80 -14.76 -31.12
CA VAL Q 30 31.02 -13.34 -31.34
C VAL Q 30 32.34 -13.14 -32.08
N PRO Q 31 32.43 -12.08 -32.88
CA PRO Q 31 33.69 -11.81 -33.57
C PRO Q 31 34.81 -11.52 -32.57
N THR Q 32 36.02 -11.95 -32.94
CA THR Q 32 37.16 -11.84 -32.04
C THR Q 32 37.87 -10.49 -32.14
N ALA Q 33 37.52 -9.65 -33.11
CA ALA Q 33 38.09 -8.32 -33.23
C ALA Q 33 37.17 -7.34 -32.53
N VAL Q 34 37.54 -6.94 -31.31
CA VAL Q 34 36.69 -6.14 -30.45
C VAL Q 34 37.44 -4.90 -29.99
N ASN Q 35 36.69 -3.91 -29.57
CA ASN Q 35 37.25 -2.67 -29.02
C ASN Q 35 36.64 -2.45 -27.66
N LEU Q 36 37.48 -2.42 -26.63
CA LEU Q 36 37.05 -2.22 -25.26
C LEU Q 36 37.27 -0.80 -24.78
N SER Q 37 37.52 0.14 -25.69
CA SER Q 37 37.68 1.53 -25.28
C SER Q 37 36.49 2.07 -24.50
N PRO Q 38 35.23 1.78 -24.85
CA PRO Q 38 34.14 2.36 -24.05
C PRO Q 38 34.16 1.97 -22.60
N ILE Q 39 34.51 0.72 -22.29
CA ILE Q 39 34.42 0.24 -20.91
C ILE Q 39 35.73 0.36 -20.14
N SER Q 40 36.86 0.52 -20.84
CA SER Q 40 38.13 0.65 -20.15
C SER Q 40 38.20 1.89 -19.28
N GLY Q 41 37.39 2.91 -19.58
CA GLY Q 41 37.35 4.08 -18.74
C GLY Q 41 38.43 5.11 -19.00
N VAL Q 42 39.25 4.93 -20.02
CA VAL Q 42 40.22 5.97 -20.33
C VAL Q 42 39.47 7.23 -20.77
N PRO Q 43 39.92 8.43 -20.42
CA PRO Q 43 39.30 9.62 -21.02
C PRO Q 43 39.42 9.57 -22.54
N GLU Q 44 38.35 9.98 -23.21
CA GLU Q 44 38.32 9.89 -24.66
C GLU Q 44 39.46 10.68 -25.30
N GLU Q 45 39.90 11.75 -24.65
CA GLU Q 45 40.91 12.61 -25.26
C GLU Q 45 42.22 11.87 -25.46
N HIS Q 46 42.63 11.09 -24.47
CA HIS Q 46 43.89 10.35 -24.58
C HIS Q 46 43.83 9.35 -25.71
N ILE Q 47 42.71 8.65 -25.85
CA ILE Q 47 42.61 7.58 -26.83
C ILE Q 47 42.81 8.11 -28.24
N ARG Q 48 42.48 9.38 -28.48
CA ARG Q 48 42.54 9.94 -29.82
C ARG Q 48 43.91 10.52 -30.18
N GLU Q 49 44.70 10.94 -29.19
CA GLU Q 49 45.90 11.73 -29.45
C GLU Q 49 47.19 10.97 -29.26
N ARG Q 50 47.23 9.96 -28.41
CA ARG Q 50 48.47 9.38 -27.94
C ARG Q 50 48.74 8.07 -28.65
N ARG Q 51 49.92 7.97 -29.26
CA ARG Q 51 50.37 6.76 -29.92
C ARG Q 51 51.08 5.86 -28.92
N VAL Q 52 51.18 4.58 -29.27
CA VAL Q 52 51.83 3.57 -28.45
C VAL Q 52 52.93 2.93 -29.27
N ARG Q 53 54.12 2.81 -28.70
CA ARG Q 53 55.28 2.31 -29.42
C ARG Q 53 55.62 0.93 -28.89
N ILE Q 54 55.34 -0.09 -29.68
CA ILE Q 54 55.79 -1.45 -29.36
C ILE Q 54 57.27 -1.53 -29.68
N HIS Q 55 58.07 -1.95 -28.71
CA HIS Q 55 59.50 -1.99 -28.92
C HIS Q 55 60.13 -2.90 -27.89
N ILE Q 56 61.35 -3.33 -28.20
CA ILE Q 56 62.17 -4.07 -27.25
C ILE Q 56 62.99 -3.04 -26.49
N PRO Q 57 63.06 -3.08 -25.16
CA PRO Q 57 63.86 -2.09 -24.46
C PRO Q 57 65.30 -2.15 -24.91
N PRO Q 58 65.97 -1.01 -25.06
CA PRO Q 58 67.31 -1.01 -25.63
C PRO Q 58 68.33 -1.54 -24.65
N LYS Q 59 69.23 -2.38 -25.14
CA LYS Q 59 70.28 -2.93 -24.29
C LYS Q 59 71.17 -1.82 -23.79
N ASN Q 60 71.64 -1.94 -22.56
CA ASN Q 60 72.53 -0.96 -21.98
C ASN Q 60 73.92 -1.17 -22.55
N ALA Q 61 74.39 -0.22 -23.35
CA ALA Q 61 75.70 -0.35 -23.98
C ALA Q 61 76.80 -0.51 -22.94
N MET Q 62 76.61 0.03 -21.74
CA MET Q 62 77.64 0.00 -20.72
C MET Q 62 77.65 -1.30 -19.93
N GLN Q 63 77.01 -2.35 -20.43
CA GLN Q 63 77.02 -3.64 -19.78
C GLN Q 63 76.94 -4.73 -20.83
N SER Q 64 77.31 -5.94 -20.44
CA SER Q 64 77.28 -7.09 -21.32
C SER Q 64 76.10 -8.02 -21.08
N GLY Q 65 75.43 -7.90 -19.93
CA GLY Q 65 74.26 -8.72 -19.69
C GLY Q 65 73.12 -8.34 -20.63
N THR Q 66 72.24 -9.32 -20.87
CA THR Q 66 71.17 -9.15 -21.83
C THR Q 66 69.79 -9.55 -21.33
N ASP Q 67 69.68 -10.26 -20.22
CA ASP Q 67 68.39 -10.82 -19.82
C ASP Q 67 67.35 -9.76 -19.47
N ASN Q 68 67.72 -8.48 -19.56
CA ASN Q 68 66.78 -7.39 -19.37
C ASN Q 68 66.24 -6.86 -20.70
N VAL Q 69 66.51 -7.55 -21.80
CA VAL Q 69 65.94 -7.18 -23.10
C VAL Q 69 65.24 -8.39 -23.69
N ASN Q 70 64.74 -9.27 -22.83
CA ASN Q 70 64.05 -10.49 -23.25
C ASN Q 70 62.54 -10.30 -23.22
N THR Q 71 62.06 -9.11 -23.55
CA THR Q 71 60.64 -8.82 -23.57
C THR Q 71 60.35 -7.77 -24.63
N TRP Q 72 59.08 -7.71 -25.03
CA TRP Q 72 58.56 -6.58 -25.78
C TRP Q 72 57.80 -5.68 -24.83
N GLN Q 73 57.74 -4.40 -25.15
CA GLN Q 73 57.19 -3.41 -24.24
C GLN Q 73 56.30 -2.44 -24.99
N ILE Q 74 55.52 -1.68 -24.24
CA ILE Q 74 54.77 -0.55 -24.76
C ILE Q 74 55.09 0.68 -23.92
N GLU Q 75 55.42 1.77 -24.59
CA GLU Q 75 55.62 3.06 -23.93
C GLU Q 75 54.90 4.13 -24.74
N PHE Q 76 54.21 5.01 -24.03
CA PHE Q 76 53.40 6.02 -24.69
C PHE Q 76 54.27 7.17 -25.18
N ASP Q 77 53.63 8.11 -25.86
CA ASP Q 77 54.34 9.27 -26.36
C ASP Q 77 54.95 10.06 -25.20
N ASN Q 78 55.99 10.83 -25.49
CA ASN Q 78 56.74 11.58 -24.49
C ASN Q 78 56.22 13.01 -24.45
N ARG Q 79 55.10 13.18 -23.77
CA ARG Q 79 54.45 14.47 -23.72
C ARG Q 79 55.26 15.45 -22.86
N GLU Q 80 54.74 16.66 -22.70
CA GLU Q 80 55.52 17.77 -22.17
C GLU Q 80 55.80 17.62 -20.68
N ARG Q 81 56.95 18.15 -20.26
CA ARG Q 81 57.27 18.38 -18.86
C ARG Q 81 57.75 19.81 -18.72
N TRP Q 82 57.68 20.35 -17.50
CA TRP Q 82 58.13 21.71 -17.26
C TRP Q 82 58.68 21.84 -15.85
N GLU Q 83 59.56 22.83 -15.70
CA GLU Q 83 60.10 23.15 -14.38
C GLU Q 83 58.99 23.55 -13.44
N ASN Q 84 59.06 23.07 -12.22
CA ASN Q 84 58.06 23.42 -11.21
C ASN Q 84 58.34 24.82 -10.69
N PRO Q 85 57.35 25.72 -10.67
CA PRO Q 85 57.64 27.11 -10.30
C PRO Q 85 58.22 27.26 -8.91
N LEU Q 86 57.81 26.44 -7.95
CA LEU Q 86 58.20 26.66 -6.56
C LEU Q 86 59.60 26.13 -6.28
N MET Q 87 59.78 24.82 -6.41
CA MET Q 87 61.03 24.17 -6.06
C MET Q 87 61.86 23.79 -7.27
N GLY Q 88 61.30 23.83 -8.46
CA GLY Q 88 62.05 23.49 -9.66
C GLY Q 88 62.03 22.03 -10.04
N TRP Q 89 61.21 21.21 -9.39
CA TRP Q 89 61.08 19.82 -9.80
C TRP Q 89 60.56 19.73 -11.23
N ALA Q 90 60.59 18.52 -11.77
CA ALA Q 90 59.94 18.27 -13.05
C ALA Q 90 58.47 17.99 -12.81
N SER Q 91 57.61 18.63 -13.60
CA SER Q 91 56.17 18.48 -13.47
C SER Q 91 55.57 18.11 -14.82
N SER Q 92 54.42 17.44 -14.77
CA SER Q 92 53.76 17.00 -15.98
C SER Q 92 52.31 16.64 -15.65
N GLY Q 93 51.45 16.78 -16.66
CA GLY Q 93 50.05 16.42 -16.55
C GLY Q 93 49.73 15.23 -17.43
N ASP Q 94 50.61 14.23 -17.40
CA ASP Q 94 50.65 13.18 -18.40
C ASP Q 94 50.61 11.83 -17.69
N PRO Q 95 49.42 11.39 -17.25
CA PRO Q 95 49.38 10.15 -16.46
C PRO Q 95 49.93 8.95 -17.20
N LEU Q 96 49.62 8.81 -18.48
CA LEU Q 96 50.08 7.65 -19.23
C LEU Q 96 51.56 7.68 -19.50
N SER Q 97 52.20 8.85 -19.42
CA SER Q 97 53.63 8.93 -19.67
C SER Q 97 54.43 8.08 -18.71
N ASN Q 98 53.84 7.72 -17.57
CA ASN Q 98 54.52 6.93 -16.57
C ASN Q 98 54.47 5.44 -16.89
N MET Q 99 53.87 5.06 -18.00
CA MET Q 99 53.34 3.71 -18.14
C MET Q 99 54.32 2.77 -18.85
N ASN Q 100 54.16 1.48 -18.58
CA ASN Q 100 55.02 0.45 -19.14
C ASN Q 100 54.43 -0.94 -18.91
N VAL Q 101 54.32 -1.75 -19.96
CA VAL Q 101 53.80 -3.11 -19.85
C VAL Q 101 54.70 -4.01 -20.69
N GLN Q 102 54.73 -5.30 -20.33
CA GLN Q 102 55.62 -6.27 -20.95
C GLN Q 102 54.82 -7.32 -21.68
N PHE Q 103 55.39 -7.83 -22.78
CA PHE Q 103 54.73 -8.82 -23.62
C PHE Q 103 55.74 -9.83 -24.12
N GLY Q 104 55.24 -10.93 -24.67
CA GLY Q 104 56.09 -11.98 -25.16
C GLY Q 104 56.42 -11.89 -26.64
N SER Q 105 55.57 -11.23 -27.41
CA SER Q 105 55.77 -11.11 -28.85
C SER Q 105 55.01 -9.89 -29.34
N PRO Q 106 55.40 -9.32 -30.48
CA PRO Q 106 54.65 -8.18 -31.00
C PRO Q 106 53.21 -8.51 -31.34
N GLU Q 107 52.94 -9.76 -31.76
CA GLU Q 107 51.57 -10.11 -32.10
C GLU Q 107 50.65 -9.96 -30.90
N GLU Q 108 51.09 -10.41 -29.73
CA GLU Q 108 50.32 -10.17 -28.51
C GLU Q 108 50.24 -8.68 -28.22
N ALA Q 109 51.34 -7.96 -28.40
CA ALA Q 109 51.35 -6.54 -28.13
C ALA Q 109 50.38 -5.80 -29.03
N ILE Q 110 50.35 -6.14 -30.31
CA ILE Q 110 49.35 -5.54 -31.20
C ILE Q 110 47.95 -5.98 -30.78
N THR Q 111 47.79 -7.25 -30.43
CA THR Q 111 46.47 -7.73 -30.02
C THR Q 111 45.99 -6.96 -28.80
N PHE Q 112 46.86 -6.74 -27.83
CA PHE Q 112 46.47 -5.97 -26.66
C PHE Q 112 46.13 -4.54 -27.03
N CYS Q 113 46.91 -3.93 -27.93
CA CYS Q 113 46.66 -2.54 -28.30
C CYS Q 113 45.34 -2.39 -29.04
N GLU Q 114 45.02 -3.33 -29.92
CA GLU Q 114 43.76 -3.23 -30.64
C GLU Q 114 42.57 -3.37 -29.69
N ARG Q 115 42.67 -4.29 -28.73
CA ARG Q 115 41.56 -4.52 -27.82
C ARG Q 115 41.25 -3.32 -26.94
N ASN Q 116 42.15 -2.34 -26.87
CA ASN Q 116 41.94 -1.16 -26.04
C ASN Q 116 41.84 0.12 -26.84
N GLY Q 117 41.86 0.05 -28.16
CA GLY Q 117 41.61 1.21 -28.99
C GLY Q 117 42.79 2.13 -29.18
N TRP Q 118 43.95 1.81 -28.59
CA TRP Q 118 45.13 2.64 -28.76
C TRP Q 118 45.60 2.60 -30.21
N ARG Q 119 46.19 3.70 -30.66
CA ARG Q 119 46.93 3.70 -31.92
C ARG Q 119 48.36 3.30 -31.64
N TRP Q 120 48.88 2.40 -32.46
CA TRP Q 120 50.16 1.77 -32.21
C TRP Q 120 51.03 1.81 -33.44
N TYR Q 121 52.34 1.63 -33.23
CA TYR Q 121 53.25 1.38 -34.33
C TYR Q 121 54.46 0.67 -33.78
N VAL Q 122 54.90 -0.36 -34.47
CA VAL Q 122 55.90 -1.28 -33.96
C VAL Q 122 57.26 -0.90 -34.50
N ASP Q 123 58.25 -0.83 -33.62
CA ASP Q 123 59.63 -0.71 -34.05
C ASP Q 123 60.07 -2.03 -34.67
N GLY Q 124 60.90 -1.95 -35.69
CA GLY Q 124 61.39 -3.14 -36.35
C GLY Q 124 62.09 -4.08 -35.39
N ALA Q 125 61.62 -5.32 -35.29
CA ALA Q 125 62.27 -6.29 -34.45
C ALA Q 125 63.71 -6.48 -34.91
N ALA Q 126 64.64 -6.46 -33.95
CA ALA Q 126 66.04 -6.65 -34.29
C ALA Q 126 66.25 -8.03 -34.91
N LYS Q 127 66.82 -8.05 -36.10
CA LYS Q 127 67.06 -9.31 -36.77
C LYS Q 127 68.03 -10.15 -35.95
N PRO Q 128 67.89 -11.48 -35.91
CA PRO Q 128 68.84 -12.29 -35.14
C PRO Q 128 70.26 -12.11 -35.65
N LYS Q 129 71.17 -11.84 -34.71
CA LYS Q 129 72.53 -11.49 -35.08
C LYS Q 129 73.17 -12.55 -35.95
N LYS Q 130 73.82 -12.12 -37.02
CA LYS Q 130 74.51 -13.04 -37.92
C LYS Q 130 75.62 -13.76 -37.17
N GLU Q 131 75.90 -14.98 -37.60
CA GLU Q 131 76.91 -15.78 -36.95
C GLU Q 131 78.28 -15.12 -37.08
N ARG Q 132 79.06 -15.18 -36.01
CA ARG Q 132 80.39 -14.61 -35.98
C ARG Q 132 81.39 -15.71 -35.62
N VAL Q 133 82.52 -15.73 -36.32
CA VAL Q 133 83.47 -16.83 -36.16
C VAL Q 133 84.18 -16.74 -34.82
N LYS Q 134 84.89 -15.64 -34.58
CA LYS Q 134 85.57 -15.40 -33.31
C LYS Q 134 86.51 -16.56 -32.98
N ASN Q 135 87.50 -16.75 -33.85
CA ASN Q 135 88.54 -17.73 -33.62
C ASN Q 135 89.70 -17.07 -32.88
N TYR Q 136 90.40 -17.86 -32.07
CA TYR Q 136 91.51 -17.34 -31.29
C TYR Q 136 92.83 -17.40 -32.05
N GLY Q 137 93.06 -18.49 -32.78
CA GLY Q 137 94.35 -18.67 -33.40
C GLY Q 137 94.69 -17.60 -34.41
N ILE Q 138 93.68 -17.00 -35.03
CA ILE Q 138 93.93 -16.00 -36.06
C ILE Q 138 94.63 -14.78 -35.49
N ASN Q 139 94.58 -14.58 -34.17
CA ASN Q 139 95.33 -13.48 -33.57
C ASN Q 139 96.82 -13.62 -33.83
N PHE Q 140 97.31 -14.81 -34.13
CA PHE Q 140 98.72 -15.06 -34.41
C PHE Q 140 98.78 -15.68 -35.80
N ALA Q 141 98.81 -14.84 -36.83
CA ALA Q 141 98.73 -15.28 -38.21
C ALA Q 141 100.02 -14.94 -38.94
N TRP Q 142 100.36 -15.80 -39.90
CA TRP Q 142 101.67 -15.73 -40.53
C TRP Q 142 101.76 -14.61 -41.55
N ASN Q 143 100.78 -14.53 -42.45
CA ASN Q 143 100.79 -13.52 -43.50
C ASN Q 143 99.55 -12.64 -43.53
N LYS Q 144 98.59 -12.89 -42.65
CA LYS Q 144 97.34 -12.13 -42.65
C LYS Q 144 97.49 -10.91 -41.78
N ARG Q 145 96.60 -9.94 -41.99
CA ARG Q 145 96.63 -8.71 -41.21
C ARG Q 145 95.96 -8.84 -39.86
N THR Q 146 95.24 -9.94 -39.60
CA THR Q 146 94.57 -10.11 -38.33
C THR Q 146 95.53 -10.24 -37.16
N ARG Q 147 96.81 -10.44 -37.42
CA ARG Q 147 97.78 -10.57 -36.34
C ARG Q 147 97.74 -9.35 -35.44
N VAL Q 148 97.65 -9.58 -34.14
CA VAL Q 148 97.57 -8.52 -33.15
C VAL Q 148 98.98 -8.08 -32.77
N SER Q 149 99.21 -6.77 -32.73
CA SER Q 149 100.49 -6.24 -32.28
C SER Q 149 100.56 -6.10 -30.76
N THR Q 150 99.47 -6.30 -30.05
CA THR Q 150 99.42 -6.20 -28.60
C THR Q 150 99.19 -7.57 -27.99
N LYS Q 151 99.00 -7.59 -26.68
CA LYS Q 151 98.63 -8.79 -25.98
C LYS Q 151 98.17 -8.45 -24.57
N ARG R 1 66.29 43.00 1.52
CA ARG R 1 67.36 42.91 2.51
C ARG R 1 68.61 42.33 1.90
N GLY R 2 69.64 42.13 2.73
CA GLY R 2 70.89 41.60 2.21
C GLY R 2 70.75 40.20 1.66
N ASP R 3 70.00 39.35 2.36
CA ASP R 3 69.97 37.92 2.01
C ASP R 3 69.45 37.68 0.60
N ILE R 4 68.59 38.56 0.09
CA ILE R 4 67.98 38.33 -1.22
C ILE R 4 69.06 38.28 -2.29
N GLU R 5 69.99 39.24 -2.25
CA GLU R 5 71.02 39.32 -3.28
C GLU R 5 72.21 38.41 -3.01
N LYS R 6 72.30 37.82 -1.81
CA LYS R 6 73.39 36.92 -1.51
C LYS R 6 73.37 35.73 -2.47
N VAL R 7 74.56 35.30 -2.89
CA VAL R 7 74.72 34.19 -3.83
C VAL R 7 75.21 32.98 -3.06
N THR R 8 74.48 31.87 -3.19
CA THR R 8 74.80 30.67 -2.44
C THR R 8 76.07 30.01 -2.99
N HIS R 9 76.59 29.06 -2.21
CA HIS R 9 77.79 28.36 -2.62
C HIS R 9 77.59 27.57 -3.90
N THR R 10 76.39 27.03 -4.11
CA THR R 10 76.11 26.34 -5.36
C THR R 10 76.09 27.29 -6.55
N GLY R 11 76.09 28.60 -6.31
CA GLY R 11 76.21 29.56 -7.37
C GLY R 11 74.91 30.06 -7.95
N GLN R 12 73.81 29.92 -7.24
CA GLN R 12 72.51 30.32 -7.74
C GLN R 12 72.04 31.57 -7.00
N VAL R 13 71.28 32.40 -7.71
CA VAL R 13 70.66 33.58 -7.12
C VAL R 13 69.61 34.06 -8.10
N PHE R 14 68.50 34.57 -7.57
CA PHE R 14 67.47 35.15 -8.40
C PHE R 14 67.91 36.53 -8.87
N ASP R 15 67.70 36.80 -10.16
CA ASP R 15 68.05 38.10 -10.70
C ASP R 15 67.20 39.18 -10.05
N LYS R 16 67.76 40.39 -9.98
CA LYS R 16 67.07 41.48 -9.30
C LYS R 16 65.73 41.80 -9.95
N GLU R 17 65.53 41.42 -11.22
CA GLU R 17 64.26 41.62 -11.90
C GLU R 17 63.38 40.37 -11.86
N ASP R 18 63.93 39.21 -11.51
CA ASP R 18 63.14 37.99 -11.49
C ASP R 18 62.03 38.11 -10.46
N TYR R 19 60.81 37.73 -10.87
CA TYR R 19 59.69 37.84 -9.97
C TYR R 19 59.80 36.90 -8.78
N ARG R 20 60.55 35.81 -8.92
CA ARG R 20 60.57 34.79 -7.88
C ARG R 20 61.11 35.32 -6.56
N ASN R 21 61.77 36.47 -6.56
CA ASN R 21 62.12 37.10 -5.29
C ASN R 21 60.89 37.47 -4.49
N ALA R 22 59.71 37.51 -5.12
CA ALA R 22 58.49 37.86 -4.41
C ALA R 22 58.27 36.95 -3.20
N ARG R 23 58.74 35.71 -3.26
CA ARG R 23 58.52 34.80 -2.16
C ARG R 23 59.27 35.22 -0.91
N PHE R 24 60.27 36.08 -1.01
CA PHE R 24 61.10 36.44 0.12
C PHE R 24 60.73 37.77 0.76
N VAL R 25 59.69 38.43 0.28
CA VAL R 25 59.34 39.72 0.88
C VAL R 25 58.82 39.53 2.30
N ASN R 26 58.18 38.39 2.58
CA ASN R 26 57.67 38.10 3.92
C ASN R 26 58.40 36.95 4.60
N ALA R 27 59.56 36.56 4.08
CA ALA R 27 60.36 35.50 4.69
C ALA R 27 61.82 35.80 4.43
N LYS R 28 62.70 34.89 4.83
CA LYS R 28 64.13 35.06 4.67
C LYS R 28 64.69 33.96 3.78
N ARG R 29 65.90 34.20 3.29
CA ARG R 29 66.62 33.29 2.42
C ARG R 29 67.90 32.89 3.13
N TYR R 30 67.85 31.82 3.92
CA TYR R 30 69.06 31.40 4.61
C TYR R 30 70.07 30.90 3.59
N VAL R 31 71.19 31.60 3.49
CA VAL R 31 72.35 31.14 2.74
C VAL R 31 73.37 30.68 3.76
N ASN R 32 73.75 29.41 3.69
CA ASN R 32 74.73 28.89 4.62
C ASN R 32 76.04 29.65 4.45
N GLU R 33 76.69 29.97 5.57
CA GLU R 33 77.93 30.73 5.54
C GLU R 33 79.17 29.84 5.60
N ASN R 34 79.03 28.61 6.05
CA ASN R 34 80.18 27.70 6.17
C ASN R 34 80.31 26.92 4.87
N TRP R 35 80.90 27.57 3.87
CA TRP R 35 81.03 26.96 2.56
C TRP R 35 82.08 25.86 2.63
N GLY R 36 81.67 24.63 2.29
CA GLY R 36 82.60 23.51 2.38
C GLY R 36 83.81 23.67 1.49
N ILE R 37 83.67 24.37 0.37
CA ILE R 37 84.78 24.48 -0.56
C ILE R 37 85.94 25.24 0.07
N LYS R 38 85.65 26.16 0.98
CA LYS R 38 86.69 26.96 1.60
C LYS R 38 87.23 26.34 2.88
N LEU R 39 86.37 25.69 3.66
CA LEU R 39 86.86 25.08 4.90
C LEU R 39 87.84 23.95 4.61
N ILE R 40 87.54 23.10 3.63
CA ILE R 40 88.47 22.04 3.30
C ILE R 40 89.75 22.61 2.72
N GLU R 41 89.62 23.65 1.88
CA GLU R 41 90.81 24.31 1.35
C GLU R 41 91.69 24.85 2.46
N GLU R 42 91.09 25.27 3.57
CA GLU R 42 91.87 25.81 4.67
C GLU R 42 92.78 24.78 5.29
N VAL R 43 92.30 23.54 5.46
CA VAL R 43 93.10 22.54 6.16
C VAL R 43 94.37 22.25 5.34
N PRO R 44 95.56 22.27 5.93
CA PRO R 44 96.77 22.05 5.14
C PRO R 44 96.92 20.59 4.77
N PRO R 45 97.74 20.28 3.76
CA PRO R 45 97.93 18.89 3.37
C PRO R 45 98.77 18.14 4.40
N LYS R 46 98.74 16.82 4.31
CA LYS R 46 99.50 15.94 5.20
C LYS R 46 100.70 15.38 4.46
N GLU R 47 101.89 15.70 4.96
CA GLU R 47 103.11 15.14 4.40
C GLU R 47 103.27 13.70 4.86
N CYS R 48 103.59 12.81 3.93
CA CYS R 48 103.81 11.41 4.23
C CYS R 48 105.18 10.98 3.72
N THR R 49 105.54 9.75 4.06
CA THR R 49 106.76 9.13 3.59
C THR R 49 106.51 7.87 2.77
N GLU R 50 105.55 7.05 3.17
CA GLU R 50 105.24 5.85 2.42
C GLU R 50 104.69 6.22 1.05
N ARG R 51 104.72 5.25 0.14
CA ARG R 51 104.31 5.52 -1.23
C ARG R 51 102.80 5.59 -1.37
N VAL R 52 102.06 4.84 -0.55
CA VAL R 52 100.60 4.85 -0.57
C VAL R 52 100.09 4.92 0.85
N VAL R 53 99.05 5.73 1.05
CA VAL R 53 98.42 5.91 2.36
C VAL R 53 96.93 5.76 2.19
N PHE R 54 96.24 5.66 3.33
CA PHE R 54 94.80 5.49 3.36
C PHE R 54 94.17 6.58 4.20
N CYS R 55 93.01 7.05 3.77
CA CYS R 55 92.15 7.90 4.59
C CYS R 55 90.82 7.21 4.75
N ASP R 56 90.30 7.24 5.98
CA ASP R 56 89.01 6.63 6.29
C ASP R 56 88.03 7.66 6.81
N GLY R 57 88.30 8.94 6.61
CA GLY R 57 87.50 9.99 7.19
C GLY R 57 87.88 10.36 8.61
N GLY R 58 88.82 9.63 9.21
CA GLY R 58 89.41 10.01 10.47
C GLY R 58 88.89 9.29 11.70
N ASP R 59 87.77 8.58 11.61
CA ASP R 59 87.15 8.00 12.81
C ASP R 59 86.65 6.59 12.52
N GLY R 60 87.33 5.87 11.65
CA GLY R 60 87.02 4.47 11.42
C GLY R 60 85.56 4.25 11.05
N PRO R 61 84.83 3.47 11.84
CA PRO R 61 83.44 3.14 11.44
C PRO R 61 82.53 4.33 11.35
N LEU R 62 82.87 5.46 11.97
CA LEU R 62 82.10 6.68 11.83
C LEU R 62 82.56 7.54 10.66
N GLY R 63 83.65 7.17 10.00
CA GLY R 63 84.12 7.85 8.82
C GLY R 63 83.57 7.24 7.55
N HIS R 64 84.25 7.52 6.45
CA HIS R 64 83.86 7.02 5.14
C HIS R 64 84.63 5.75 4.84
N PRO R 65 84.29 5.05 3.76
CA PRO R 65 84.99 3.81 3.44
C PRO R 65 86.49 4.05 3.26
N LYS R 66 87.27 3.06 3.68
CA LYS R 66 88.72 3.18 3.59
C LYS R 66 89.15 3.13 2.14
N VAL R 67 89.80 4.18 1.68
CA VAL R 67 90.34 4.25 0.32
C VAL R 67 91.83 4.50 0.41
N TYR R 68 92.58 3.88 -0.49
CA TYR R 68 94.03 4.04 -0.56
C TYR R 68 94.38 4.98 -1.71
N ILE R 69 95.41 5.77 -1.50
CA ILE R 69 95.86 6.78 -2.45
C ILE R 69 97.32 6.53 -2.78
N ASN R 70 97.69 6.76 -4.03
CA ASN R 70 99.06 6.59 -4.49
C ASN R 70 99.69 7.97 -4.67
N LEU R 71 100.88 8.16 -4.09
CA LEU R 71 101.49 9.47 -3.96
C LEU R 71 102.67 9.66 -4.90
N ASP R 72 102.77 8.86 -5.96
CA ASP R 72 103.95 8.92 -6.82
C ASP R 72 104.04 10.26 -7.54
N LYS R 73 102.93 10.80 -7.99
CA LYS R 73 102.96 12.08 -8.69
C LYS R 73 103.39 13.17 -7.73
N PRO R 74 103.87 14.30 -8.25
CA PRO R 74 104.28 15.39 -7.36
C PRO R 74 103.11 16.06 -6.65
N GLY R 75 102.05 16.38 -7.41
CA GLY R 75 100.98 17.19 -6.83
C GLY R 75 100.31 16.50 -5.67
N ASN R 76 99.94 17.29 -4.66
CA ASN R 76 99.22 16.75 -3.52
C ASN R 76 97.88 16.18 -3.95
N HIS R 77 97.49 15.06 -3.35
CA HIS R 77 96.40 14.23 -3.84
C HIS R 77 95.21 14.32 -2.92
N ILE R 78 94.03 14.48 -3.51
CA ILE R 78 92.79 14.68 -2.78
C ILE R 78 92.11 13.34 -2.56
N CYS R 79 91.48 13.19 -1.40
CA CYS R 79 90.66 12.01 -1.13
C CYS R 79 89.29 12.21 -1.77
N GLY R 80 88.79 11.16 -2.42
CA GLY R 80 87.51 11.28 -3.08
C GLY R 80 86.39 11.65 -2.13
N TYR R 81 86.36 11.02 -0.96
CA TYR R 81 85.26 11.23 -0.03
C TYR R 81 85.43 12.51 0.77
N CYS R 82 86.46 12.57 1.61
CA CYS R 82 86.56 13.64 2.60
C CYS R 82 87.16 14.91 2.03
N GLY R 83 87.89 14.83 0.93
CA GLY R 83 88.52 15.99 0.34
C GLY R 83 89.87 16.35 0.93
N LEU R 84 90.33 15.63 1.94
CA LEU R 84 91.64 15.92 2.50
C LEU R 84 92.72 15.67 1.46
N ARG R 85 93.83 16.38 1.61
CA ARG R 85 94.93 16.33 0.66
C ARG R 85 96.14 15.66 1.29
N PHE R 86 96.83 14.87 0.49
CA PHE R 86 98.02 14.15 0.92
C PHE R 86 99.17 14.48 -0.03
N VAL R 87 100.39 14.37 0.47
CA VAL R 87 101.56 14.63 -0.35
C VAL R 87 102.74 13.87 0.23
N LYS R 88 103.59 13.36 -0.66
CA LYS R 88 104.82 12.69 -0.26
C LYS R 88 105.98 13.62 -0.56
N LYS R 89 106.86 13.78 0.43
CA LYS R 89 108.07 14.56 0.25
C LYS R 89 109.22 13.90 0.99
N LEU S 3 -13.66 3.50 -26.79
CA LEU S 3 -13.99 4.27 -25.59
C LEU S 3 -13.51 5.71 -25.74
N SER S 4 -14.46 6.61 -26.04
CA SER S 4 -14.16 8.03 -26.19
C SER S 4 -13.02 8.24 -27.18
N LEU S 5 -13.18 7.63 -28.36
CA LEU S 5 -12.08 7.56 -29.31
C LEU S 5 -11.57 8.95 -29.69
N LYS S 6 -12.47 9.89 -29.93
CA LYS S 6 -12.05 11.25 -30.28
C LYS S 6 -11.27 11.87 -29.13
N LEU S 7 -11.74 11.70 -27.90
CA LEU S 7 -10.97 12.15 -26.75
C LEU S 7 -9.62 11.47 -26.70
N ILE S 8 -9.59 10.18 -27.01
CA ILE S 8 -8.33 9.45 -27.06
C ILE S 8 -7.46 9.97 -28.20
N ASN S 9 -8.06 10.18 -29.37
CA ASN S 9 -7.27 10.59 -30.54
C ASN S 9 -6.62 11.95 -30.31
N GLU S 10 -7.39 12.92 -29.80
CA GLU S 10 -6.82 14.23 -29.57
C GLU S 10 -5.70 14.18 -28.53
N ARG S 11 -5.83 13.34 -27.51
CA ARG S 11 -4.74 13.17 -26.55
C ARG S 11 -3.49 12.64 -27.24
N VAL S 12 -3.62 11.54 -27.98
CA VAL S 12 -2.45 10.92 -28.60
C VAL S 12 -1.76 11.89 -29.53
N LEU S 13 -2.53 12.59 -30.35
CA LEU S 13 -1.95 13.59 -31.24
C LEU S 13 -1.51 14.83 -30.49
N LEU S 14 -2.09 15.11 -29.32
CA LEU S 14 -1.58 16.22 -28.52
C LEU S 14 -0.19 15.91 -28.00
N VAL S 15 0.05 14.66 -27.58
CA VAL S 15 1.37 14.29 -27.09
C VAL S 15 2.43 14.61 -28.14
N LEU S 16 2.14 14.27 -29.40
CA LEU S 16 3.11 14.51 -30.46
C LEU S 16 3.33 16.01 -30.68
N LYS S 17 2.24 16.77 -30.81
CA LYS S 17 2.39 18.22 -30.97
C LYS S 17 3.07 18.84 -29.76
N LEU S 18 2.64 18.44 -28.55
CA LEU S 18 3.30 18.92 -27.35
C LEU S 18 4.76 18.51 -27.35
N TYR S 19 5.09 17.35 -27.91
CA TYR S 19 6.47 16.93 -28.03
C TYR S 19 7.23 17.89 -28.93
N ASP S 20 8.49 18.13 -28.59
CA ASP S 20 9.38 19.00 -29.35
C ASP S 20 10.39 18.16 -30.10
N LYS S 21 11.01 18.78 -31.12
CA LYS S 21 11.79 18.08 -32.14
C LYS S 21 10.91 17.33 -33.11
N ILE S 22 9.66 17.79 -33.26
CA ILE S 22 8.72 17.22 -34.23
C ILE S 22 7.89 18.36 -34.80
N ASP S 23 7.40 18.16 -36.03
CA ASP S 23 6.55 19.10 -36.72
C ASP S 23 5.12 18.57 -36.81
N PRO S 24 4.09 19.41 -36.65
CA PRO S 24 2.72 18.92 -36.79
C PRO S 24 2.36 18.47 -38.20
N SER S 25 3.23 18.68 -39.18
CA SER S 25 2.99 18.17 -40.51
C SER S 25 3.06 16.65 -40.51
N LYS S 26 2.34 16.03 -41.45
CA LYS S 26 2.31 14.57 -41.58
C LYS S 26 1.86 13.92 -40.27
N LEU S 27 1.06 14.63 -39.49
CA LEU S 27 0.64 14.15 -38.17
C LEU S 27 -0.68 13.38 -38.28
N ASN S 28 -0.67 12.37 -39.13
CA ASN S 28 -1.82 11.53 -39.37
C ASN S 28 -1.70 10.24 -38.56
N VAL S 29 -2.81 9.50 -38.50
CA VAL S 29 -2.83 8.25 -37.75
C VAL S 29 -1.93 7.21 -38.40
N GLU S 30 -1.84 7.21 -39.74
CA GLU S 30 -1.05 6.22 -40.45
C GLU S 30 0.44 6.54 -40.47
N SER S 31 0.83 7.73 -40.02
CA SER S 31 2.23 8.13 -40.10
C SER S 31 3.12 7.17 -39.32
N HIS S 32 4.28 6.84 -39.91
CA HIS S 32 5.21 5.90 -39.30
C HIS S 32 6.26 6.67 -38.51
N PHE S 33 6.49 6.25 -37.26
CA PHE S 33 7.36 7.00 -36.36
C PHE S 33 8.80 7.05 -36.86
N ILE S 34 9.38 5.90 -37.14
CA ILE S 34 10.81 5.82 -37.43
C ILE S 34 11.12 6.06 -38.90
N ASN S 35 10.12 6.03 -39.78
CA ASN S 35 10.32 6.24 -41.21
C ASN S 35 9.68 7.54 -41.68
N ASP S 36 8.39 7.73 -41.43
CA ASP S 36 7.71 8.93 -41.88
C ASP S 36 8.04 10.10 -40.96
N LEU S 37 7.72 9.97 -39.67
CA LEU S 37 8.07 11.01 -38.71
C LEU S 37 9.58 11.15 -38.56
N GLY S 38 10.32 10.08 -38.81
CA GLY S 38 11.78 10.15 -38.81
C GLY S 38 12.38 10.49 -37.46
N LEU S 39 11.89 9.87 -36.40
CA LEU S 39 12.40 10.09 -35.05
C LEU S 39 13.46 9.06 -34.70
N ASP S 40 14.50 9.51 -34.00
CA ASP S 40 15.52 8.59 -33.51
C ASP S 40 14.88 7.56 -32.60
N SER S 41 15.48 6.36 -32.56
CA SER S 41 14.95 5.30 -31.72
C SER S 41 14.95 5.70 -30.26
N LEU S 42 15.88 6.57 -29.84
CA LEU S 42 15.77 7.18 -28.52
C LEU S 42 14.59 8.13 -28.47
N ASP S 43 14.48 9.02 -29.44
CA ASP S 43 13.36 9.96 -29.47
C ASP S 43 12.03 9.22 -29.45
N HIS S 44 11.95 8.12 -30.20
CA HIS S 44 10.75 7.29 -30.18
C HIS S 44 10.36 6.89 -28.78
N VAL S 45 11.35 6.48 -27.97
CA VAL S 45 11.06 6.10 -26.60
C VAL S 45 10.58 7.30 -25.79
N GLU S 46 11.16 8.47 -26.06
CA GLU S 46 10.76 9.66 -25.32
C GLU S 46 9.28 9.97 -25.54
N VAL S 47 8.81 9.85 -26.78
CA VAL S 47 7.43 10.18 -27.10
C VAL S 47 6.47 9.23 -26.38
N ILE S 48 6.56 7.94 -26.71
CA ILE S 48 5.60 6.97 -26.18
C ILE S 48 5.61 6.99 -24.66
N MET S 49 6.80 7.08 -24.07
CA MET S 49 6.89 7.07 -22.63
C MET S 49 6.52 8.42 -22.03
N ALA S 50 6.52 9.49 -22.84
CA ALA S 50 5.84 10.71 -22.45
C ALA S 50 4.33 10.55 -22.53
N MET S 51 3.86 9.83 -23.55
CA MET S 51 2.43 9.60 -23.71
C MET S 51 1.84 8.90 -22.50
N GLU S 52 2.59 7.99 -21.88
CA GLU S 52 2.11 7.33 -20.68
C GLU S 52 1.79 8.33 -19.59
N ASP S 53 2.46 9.49 -19.60
CA ASP S 53 2.22 10.50 -18.58
C ASP S 53 0.84 11.14 -18.75
N GLU S 54 0.52 11.54 -19.98
CA GLU S 54 -0.78 12.18 -20.21
C GLU S 54 -1.93 11.21 -19.95
N PHE S 55 -1.80 9.97 -20.42
CA PHE S 55 -2.85 9.00 -20.21
C PHE S 55 -2.79 8.35 -18.83
N GLY S 56 -1.66 8.45 -18.14
CA GLY S 56 -1.56 7.85 -16.83
C GLY S 56 -1.53 6.34 -16.84
N PHE S 57 -1.10 5.72 -17.93
CA PHE S 57 -0.99 4.28 -18.03
C PHE S 57 0.45 3.87 -17.73
N GLU S 58 0.73 2.57 -17.88
CA GLU S 58 2.08 2.04 -17.70
C GLU S 58 2.26 0.92 -18.71
N ILE S 59 3.06 1.16 -19.74
CA ILE S 59 3.20 0.24 -20.87
C ILE S 59 4.51 -0.52 -20.68
N PRO S 60 4.49 -1.84 -20.48
CA PRO S 60 5.73 -2.60 -20.51
C PRO S 60 6.39 -2.53 -21.88
N ASP S 61 7.67 -2.91 -21.92
CA ASP S 61 8.43 -2.87 -23.17
C ASP S 61 7.81 -3.78 -24.21
N SER S 62 7.46 -5.01 -23.82
CA SER S 62 6.85 -5.93 -24.78
C SER S 62 5.51 -5.42 -25.27
N ASP S 63 4.82 -4.62 -24.44
CA ASP S 63 3.65 -3.89 -24.92
C ASP S 63 4.06 -2.64 -25.69
N ALA S 64 5.15 -2.00 -25.28
CA ALA S 64 5.58 -0.76 -25.90
C ALA S 64 6.22 -1.01 -27.27
N GLU S 65 6.80 -2.19 -27.46
CA GLU S 65 7.52 -2.45 -28.71
C GLU S 65 6.58 -2.45 -29.92
N LYS S 66 5.36 -2.96 -29.73
CA LYS S 66 4.40 -3.01 -30.84
C LYS S 66 4.15 -1.63 -31.43
N LEU S 67 4.22 -0.60 -30.61
CA LEU S 67 3.79 0.74 -31.01
C LEU S 67 4.73 1.27 -32.10
N LEU S 68 4.24 1.30 -33.34
CA LEU S 68 5.00 1.79 -34.48
C LEU S 68 4.37 3.00 -35.15
N LYS S 69 3.08 3.22 -34.96
CA LYS S 69 2.35 4.32 -35.58
C LYS S 69 1.44 4.91 -34.51
N PRO S 70 0.97 6.14 -34.71
CA PRO S 70 -0.14 6.61 -33.87
C PRO S 70 -1.35 5.69 -33.98
N ALA S 71 -1.51 5.03 -35.13
CA ALA S 71 -2.55 4.02 -35.25
C ALA S 71 -2.34 2.87 -34.28
N ASP S 72 -1.10 2.38 -34.17
CA ASP S 72 -0.82 1.33 -33.21
C ASP S 72 -1.06 1.82 -31.78
N ILE S 73 -0.59 3.02 -31.47
CA ILE S 73 -0.78 3.56 -30.13
C ILE S 73 -2.26 3.78 -29.86
N ILE S 74 -2.95 4.48 -30.76
CA ILE S 74 -4.33 4.87 -30.49
C ILE S 74 -5.21 3.63 -30.32
N LYS S 75 -4.97 2.61 -31.14
CA LYS S 75 -5.68 1.34 -30.94
C LYS S 75 -5.29 0.71 -29.61
N TYR S 76 -3.99 0.59 -29.37
CA TYR S 76 -3.52 0.03 -28.10
C TYR S 76 -4.02 0.85 -26.93
N VAL S 77 -4.10 2.17 -27.09
CA VAL S 77 -4.59 3.04 -26.03
C VAL S 77 -6.01 2.70 -25.65
N ALA S 78 -6.78 2.15 -26.59
CA ALA S 78 -8.20 1.89 -26.33
C ALA S 78 -8.41 0.95 -25.15
N ASP S 79 -7.45 0.06 -24.92
CA ASP S 79 -7.56 -0.90 -23.82
C ASP S 79 -7.79 -0.21 -22.47
N PRO T 1 -81.31 -32.37 -49.71
CA PRO T 1 -80.71 -33.63 -50.11
C PRO T 1 -79.37 -33.43 -50.78
N PRO T 2 -78.55 -34.49 -50.86
CA PRO T 2 -77.20 -34.34 -51.42
C PRO T 2 -77.26 -33.88 -52.88
N LEU T 3 -76.33 -33.00 -53.23
CA LEU T 3 -76.20 -32.46 -54.58
C LEU T 3 -75.07 -33.21 -55.27
N SER T 4 -75.43 -34.18 -56.11
CA SER T 4 -74.42 -34.99 -56.77
C SER T 4 -73.55 -34.14 -57.69
N LEU T 5 -72.30 -34.56 -57.86
CA LEU T 5 -71.38 -33.81 -58.71
C LEU T 5 -71.85 -33.79 -60.15
N LYS T 6 -72.37 -34.92 -60.63
CA LYS T 6 -72.86 -34.98 -62.01
C LYS T 6 -73.93 -33.92 -62.24
N LEU T 7 -74.81 -33.72 -61.26
CA LEU T 7 -75.84 -32.70 -61.40
C LEU T 7 -75.22 -31.31 -61.50
N ILE T 8 -74.19 -31.05 -60.69
CA ILE T 8 -73.51 -29.77 -60.78
C ILE T 8 -72.99 -29.54 -62.19
N ASN T 9 -72.42 -30.58 -62.80
CA ASN T 9 -71.97 -30.46 -64.18
C ASN T 9 -73.14 -30.16 -65.10
N GLU T 10 -74.29 -30.78 -64.84
CA GLU T 10 -75.47 -30.50 -65.66
C GLU T 10 -76.00 -29.10 -65.39
N ARG T 11 -76.11 -28.73 -64.12
CA ARG T 11 -76.71 -27.45 -63.77
C ARG T 11 -75.89 -26.29 -64.33
N VAL T 12 -74.57 -26.38 -64.25
CA VAL T 12 -73.73 -25.30 -64.75
C VAL T 12 -73.93 -25.13 -66.25
N LEU T 13 -73.82 -26.24 -66.99
CA LEU T 13 -73.90 -26.16 -68.44
C LEU T 13 -75.28 -25.70 -68.89
N LEU T 14 -76.32 -26.11 -68.18
CA LEU T 14 -77.66 -25.66 -68.53
C LEU T 14 -77.74 -24.14 -68.54
N VAL T 15 -77.22 -23.51 -67.49
CA VAL T 15 -77.25 -22.06 -67.41
C VAL T 15 -76.44 -21.45 -68.56
N LEU T 16 -75.25 -21.98 -68.80
CA LEU T 16 -74.41 -21.40 -69.84
C LEU T 16 -75.07 -21.54 -71.21
N LYS T 17 -75.65 -22.70 -71.50
CA LYS T 17 -76.34 -22.85 -72.78
C LYS T 17 -77.46 -21.84 -72.93
N LEU T 18 -78.22 -21.61 -71.86
CA LEU T 18 -79.28 -20.62 -71.92
C LEU T 18 -78.72 -19.21 -72.14
N TYR T 19 -77.48 -18.97 -71.75
CA TYR T 19 -76.87 -17.67 -71.99
C TYR T 19 -76.62 -17.51 -73.48
N ASP T 20 -77.16 -16.43 -74.05
CA ASP T 20 -77.26 -16.31 -75.49
C ASP T 20 -75.99 -15.80 -76.16
N LYS T 21 -75.04 -15.27 -75.40
CA LYS T 21 -73.78 -14.76 -75.94
C LYS T 21 -72.66 -15.78 -75.83
N ILE T 22 -72.99 -17.08 -75.92
CA ILE T 22 -72.02 -18.16 -75.87
C ILE T 22 -72.36 -19.14 -76.97
N ASP T 23 -71.37 -19.96 -77.33
CA ASP T 23 -71.56 -20.97 -78.37
C ASP T 23 -71.92 -22.31 -77.72
N PRO T 24 -73.06 -22.91 -78.04
CA PRO T 24 -73.36 -24.25 -77.49
C PRO T 24 -72.38 -25.32 -77.92
N SER T 25 -71.64 -25.13 -79.01
CA SER T 25 -70.69 -26.14 -79.46
C SER T 25 -69.37 -26.03 -78.71
N LYS T 26 -68.75 -24.85 -78.73
CA LYS T 26 -67.51 -24.64 -77.99
C LYS T 26 -67.70 -24.93 -76.51
N LEU T 27 -68.88 -24.59 -75.98
CA LEU T 27 -69.16 -24.77 -74.56
C LEU T 27 -68.87 -26.18 -74.11
N ASN T 28 -67.90 -26.30 -73.20
CA ASN T 28 -67.51 -27.59 -72.66
C ASN T 28 -66.95 -27.36 -71.26
N VAL T 29 -66.57 -28.44 -70.60
CA VAL T 29 -66.08 -28.33 -69.23
C VAL T 29 -64.79 -27.50 -69.17
N GLU T 30 -63.96 -27.58 -70.21
CA GLU T 30 -62.61 -27.05 -70.16
C GLU T 30 -62.47 -25.66 -70.77
N SER T 31 -63.49 -25.15 -71.45
CA SER T 31 -63.32 -23.91 -72.20
C SER T 31 -63.11 -22.74 -71.27
N HIS T 32 -62.43 -21.72 -71.79
CA HIS T 32 -62.26 -20.45 -71.09
C HIS T 32 -63.28 -19.43 -71.58
N PHE T 33 -63.67 -18.53 -70.69
CA PHE T 33 -64.70 -17.56 -71.02
C PHE T 33 -64.12 -16.41 -71.83
N ILE T 34 -63.18 -15.68 -71.25
CA ILE T 34 -62.66 -14.50 -71.92
C ILE T 34 -61.70 -14.87 -73.05
N ASN T 35 -61.02 -16.01 -72.94
CA ASN T 35 -60.06 -16.42 -73.95
C ASN T 35 -60.75 -17.10 -75.14
N ASP T 36 -61.42 -18.23 -74.88
CA ASP T 36 -61.97 -19.03 -75.96
C ASP T 36 -63.31 -18.51 -76.42
N LEU T 37 -64.23 -18.31 -75.49
CA LEU T 37 -65.61 -17.96 -75.81
C LEU T 37 -65.80 -16.46 -76.02
N GLY T 38 -64.74 -15.67 -75.98
CA GLY T 38 -64.84 -14.25 -76.29
C GLY T 38 -65.76 -13.49 -75.36
N LEU T 39 -65.70 -13.77 -74.07
CA LEU T 39 -66.52 -13.08 -73.08
C LEU T 39 -65.79 -11.86 -72.56
N ASP T 40 -66.53 -10.77 -72.41
CA ASP T 40 -65.96 -9.57 -71.81
C ASP T 40 -65.95 -9.71 -70.29
N SER T 41 -65.28 -8.76 -69.63
CA SER T 41 -65.31 -8.74 -68.17
C SER T 41 -66.73 -8.56 -67.66
N LEU T 42 -67.44 -7.54 -68.15
CA LEU T 42 -68.81 -7.34 -67.72
C LEU T 42 -69.68 -8.54 -68.04
N ASP T 43 -69.45 -9.16 -69.20
CA ASP T 43 -70.16 -10.40 -69.50
C ASP T 43 -69.82 -11.48 -68.49
N HIS T 44 -68.56 -11.57 -68.09
CA HIS T 44 -68.17 -12.57 -67.10
C HIS T 44 -68.83 -12.31 -65.76
N VAL T 45 -69.08 -11.05 -65.43
CA VAL T 45 -69.78 -10.74 -64.18
C VAL T 45 -71.19 -11.31 -64.22
N GLU T 46 -71.91 -11.07 -65.30
CA GLU T 46 -73.28 -11.54 -65.39
C GLU T 46 -73.36 -13.05 -65.25
N VAL T 47 -72.37 -13.77 -65.77
CA VAL T 47 -72.39 -15.22 -65.67
C VAL T 47 -72.33 -15.65 -64.21
N ILE T 48 -71.46 -15.03 -63.43
CA ILE T 48 -71.36 -15.38 -62.03
C ILE T 48 -72.68 -15.11 -61.31
N MET T 49 -73.31 -13.99 -61.61
CA MET T 49 -74.61 -13.68 -61.01
C MET T 49 -75.61 -14.79 -61.28
N ALA T 50 -75.60 -15.34 -62.49
CA ALA T 50 -76.44 -16.51 -62.76
C ALA T 50 -76.01 -17.69 -61.90
N MET T 51 -74.71 -17.90 -61.75
CA MET T 51 -74.23 -19.01 -60.92
C MET T 51 -74.69 -18.84 -59.48
N GLU T 52 -74.63 -17.61 -58.97
CA GLU T 52 -75.07 -17.37 -57.60
C GLU T 52 -76.53 -17.75 -57.43
N ASP T 53 -77.40 -17.22 -58.30
CA ASP T 53 -78.81 -17.57 -58.22
C ASP T 53 -79.05 -19.04 -58.53
N GLU T 54 -78.19 -19.64 -59.35
CA GLU T 54 -78.38 -21.04 -59.71
C GLU T 54 -78.31 -21.93 -58.48
N PHE T 55 -77.37 -21.66 -57.58
CA PHE T 55 -77.12 -22.52 -56.43
C PHE T 55 -77.46 -21.87 -55.10
N GLY T 56 -77.58 -20.55 -55.05
CA GLY T 56 -78.07 -19.88 -53.86
C GLY T 56 -77.01 -19.48 -52.85
N PHE T 57 -76.08 -18.63 -53.26
CA PHE T 57 -75.09 -18.10 -52.34
C PHE T 57 -74.32 -17.00 -53.06
N GLU T 58 -73.42 -16.35 -52.34
CA GLU T 58 -72.54 -15.32 -52.89
C GLU T 58 -71.21 -15.92 -53.29
N ILE T 59 -70.76 -15.60 -54.49
CA ILE T 59 -69.39 -15.88 -54.93
C ILE T 59 -68.60 -14.58 -54.79
N PRO T 60 -67.68 -14.47 -53.83
CA PRO T 60 -67.08 -13.16 -53.55
C PRO T 60 -66.38 -12.60 -54.77
N ASP T 61 -66.46 -11.28 -54.93
CA ASP T 61 -65.83 -10.62 -56.07
C ASP T 61 -64.34 -10.92 -56.13
N SER T 62 -63.71 -11.06 -54.96
CA SER T 62 -62.30 -11.43 -54.93
C SER T 62 -62.07 -12.83 -55.49
N ASP T 63 -62.95 -13.77 -55.16
CA ASP T 63 -62.78 -15.16 -55.55
C ASP T 63 -63.35 -15.47 -56.93
N ALA T 64 -64.05 -14.53 -57.56
CA ALA T 64 -64.57 -14.77 -58.89
C ALA T 64 -63.48 -14.75 -59.95
N GLU T 65 -62.29 -14.25 -59.61
CA GLU T 65 -61.21 -14.22 -60.59
C GLU T 65 -60.59 -15.58 -60.81
N LYS T 66 -60.77 -16.51 -59.88
CA LYS T 66 -60.31 -17.87 -60.09
C LYS T 66 -61.24 -18.66 -61.02
N LEU T 67 -62.43 -18.14 -61.29
CA LEU T 67 -63.44 -18.88 -62.05
C LEU T 67 -63.37 -18.47 -63.51
N LEU T 68 -62.39 -19.04 -64.22
CA LEU T 68 -62.15 -18.73 -65.62
C LEU T 68 -62.55 -19.87 -66.56
N LYS T 69 -63.22 -20.89 -66.06
CA LYS T 69 -63.72 -21.95 -66.91
C LYS T 69 -64.78 -22.72 -66.14
N PRO T 70 -65.77 -23.30 -66.82
CA PRO T 70 -66.87 -23.96 -66.08
C PRO T 70 -66.40 -25.07 -65.18
N ALA T 71 -65.26 -25.70 -65.47
CA ALA T 71 -64.73 -26.70 -64.56
C ALA T 71 -64.40 -26.09 -63.21
N ASP T 72 -63.79 -24.90 -63.21
CA ASP T 72 -63.51 -24.21 -61.96
C ASP T 72 -64.80 -23.89 -61.21
N ILE T 73 -65.81 -23.39 -61.92
CA ILE T 73 -67.09 -23.12 -61.30
C ILE T 73 -67.67 -24.40 -60.73
N ILE T 74 -67.55 -25.49 -61.48
CA ILE T 74 -68.02 -26.78 -60.97
C ILE T 74 -67.27 -27.14 -59.70
N LYS T 75 -65.95 -26.98 -59.72
CA LYS T 75 -65.16 -27.28 -58.52
C LYS T 75 -65.57 -26.37 -57.37
N TYR T 76 -65.79 -25.09 -57.65
CA TYR T 76 -66.14 -24.15 -56.59
C TYR T 76 -67.41 -24.56 -55.88
N VAL T 77 -68.48 -24.80 -56.65
CA VAL T 77 -69.74 -25.18 -56.04
C VAL T 77 -69.59 -26.49 -55.27
N ALA T 78 -68.80 -27.42 -55.81
CA ALA T 78 -68.58 -28.67 -55.11
C ALA T 78 -67.88 -28.43 -53.78
N ASP T 79 -66.88 -27.56 -53.77
CA ASP T 79 -66.18 -27.25 -52.52
C ASP T 79 -67.12 -26.63 -51.50
N LYS T 80 -67.95 -25.68 -51.93
CA LYS T 80 -68.85 -25.03 -51.00
C LYS T 80 -69.84 -26.03 -50.41
N GLU T 81 -70.40 -26.90 -51.25
CA GLU T 81 -71.32 -27.93 -50.80
C GLU T 81 -70.61 -29.21 -50.38
N ASP T 82 -69.26 -29.20 -50.38
CA ASP T 82 -68.42 -30.34 -50.01
C ASP T 82 -68.95 -31.68 -50.51
N VAL T 83 -69.46 -31.71 -51.73
CA VAL T 83 -69.86 -32.95 -52.39
C VAL T 83 -68.71 -33.32 -53.31
N TYR T 84 -67.88 -34.26 -52.87
CA TYR T 84 -66.70 -34.67 -53.61
C TYR T 84 -66.92 -35.93 -54.41
N GLU T 85 -68.16 -36.41 -54.50
CA GLU T 85 -68.43 -37.67 -55.17
C GLU T 85 -68.49 -37.48 -56.68
N ILE U 1 24.03 -38.93 27.26
CA ILE U 1 23.77 -37.71 26.50
C ILE U 1 24.74 -36.61 26.88
N LYS U 2 25.36 -36.00 25.87
CA LYS U 2 26.16 -34.82 26.11
C LYS U 2 25.29 -33.71 26.67
N ALA U 3 25.78 -33.06 27.72
CA ALA U 3 25.09 -31.87 28.23
C ALA U 3 25.02 -30.79 27.17
N SER U 4 26.16 -30.46 26.57
CA SER U 4 26.23 -29.43 25.55
C SER U 4 27.21 -29.87 24.46
N THR U 5 26.97 -29.38 23.25
CA THR U 5 27.87 -29.66 22.14
C THR U 5 29.19 -28.91 22.27
N GLY U 6 29.22 -27.82 23.03
CA GLY U 6 30.40 -27.00 23.13
C GLY U 6 30.54 -25.97 22.04
N LEU U 7 29.75 -26.07 20.97
CA LEU U 7 29.78 -25.12 19.88
C LEU U 7 28.48 -24.33 19.87
N THR U 8 28.59 -23.01 19.78
CA THR U 8 27.41 -22.17 19.73
C THR U 8 26.58 -22.50 18.50
N GLY U 9 25.28 -22.65 18.69
CA GLY U 9 24.38 -22.86 17.58
C GLY U 9 24.42 -24.24 16.98
N LEU U 10 24.97 -25.22 17.69
CA LEU U 10 24.96 -26.61 17.27
C LEU U 10 24.33 -27.43 18.38
N ALA U 11 23.18 -28.01 18.10
CA ALA U 11 22.38 -28.67 19.13
C ALA U 11 22.76 -30.14 19.25
N VAL U 12 22.69 -30.66 20.47
CA VAL U 12 22.93 -32.08 20.69
C VAL U 12 21.91 -32.88 19.89
N SER U 13 22.36 -34.00 19.33
CA SER U 13 21.55 -34.81 18.44
C SER U 13 20.92 -35.97 19.18
N THR U 14 19.62 -36.17 18.96
CA THR U 14 18.92 -37.35 19.46
C THR U 14 18.97 -38.44 18.40
N ASN U 15 19.30 -39.66 18.82
CA ASN U 15 19.49 -40.78 17.92
C ASN U 15 20.43 -40.39 16.77
N PRO U 16 21.67 -40.03 17.07
CA PRO U 16 22.63 -39.82 15.98
C PRO U 16 22.89 -41.07 15.17
N HIS U 17 22.72 -42.24 15.78
CA HIS U 17 22.92 -43.49 15.04
C HIS U 17 21.92 -43.63 13.92
N HIS U 18 20.67 -43.24 14.16
CA HIS U 18 19.67 -43.30 13.10
C HIS U 18 19.93 -42.25 12.04
N THR U 19 20.19 -41.00 12.46
CA THR U 19 20.35 -39.94 11.49
C THR U 19 21.52 -40.20 10.57
N LEU U 20 22.64 -40.66 11.13
CA LEU U 20 23.77 -41.03 10.29
C LEU U 20 23.42 -42.17 9.36
N SER U 21 22.75 -43.20 9.88
CA SER U 21 22.46 -44.38 9.07
C SER U 21 21.61 -44.01 7.87
N ALA U 22 20.60 -43.16 8.07
CA ALA U 22 19.79 -42.72 6.94
C ALA U 22 20.64 -41.96 5.94
N LEU U 23 21.47 -41.03 6.41
CA LEU U 23 22.24 -40.20 5.50
C LEU U 23 23.22 -41.04 4.68
N TYR U 24 23.97 -41.91 5.34
CA TYR U 24 24.88 -42.78 4.60
C TYR U 24 24.10 -43.67 3.64
N GLY U 25 22.93 -44.16 4.06
CA GLY U 25 22.11 -44.92 3.15
C GLY U 25 21.70 -44.11 1.93
N LYS U 26 21.31 -42.86 2.14
CA LYS U 26 20.92 -42.02 1.02
C LYS U 26 22.09 -41.79 0.06
N ILE U 27 23.29 -41.55 0.62
CA ILE U 27 24.44 -41.24 -0.23
C ILE U 27 24.73 -42.39 -1.17
N LEU U 28 24.75 -43.62 -0.63
CA LEU U 28 25.07 -44.76 -1.47
C LEU U 28 24.07 -44.92 -2.61
N ARG U 29 22.83 -44.50 -2.41
CA ARG U 29 21.86 -44.56 -3.49
C ARG U 29 22.14 -43.49 -4.54
N ALA U 30 22.45 -42.26 -4.10
CA ALA U 30 22.79 -41.22 -5.05
C ALA U 30 24.07 -41.57 -5.81
N VAL U 31 25.06 -42.10 -5.10
CA VAL U 31 26.32 -42.48 -5.74
C VAL U 31 26.09 -43.62 -6.71
N SER U 32 25.18 -44.54 -6.38
CA SER U 32 24.94 -45.70 -7.24
C SER U 32 24.56 -45.26 -8.64
N LYS U 33 23.79 -44.19 -8.76
CA LYS U 33 23.34 -43.74 -10.07
C LYS U 33 24.50 -43.31 -10.95
N MET U 34 25.65 -43.03 -10.38
CA MET U 34 26.79 -42.57 -11.16
C MET U 34 27.42 -43.73 -11.93
N PRO U 35 28.09 -43.45 -13.05
CA PRO U 35 28.74 -44.53 -13.80
C PRO U 35 29.77 -45.25 -12.94
N GLN U 36 29.94 -46.55 -13.22
CA GLN U 36 30.78 -47.37 -12.37
C GLN U 36 32.24 -46.92 -12.41
N ASP U 37 32.73 -46.54 -13.59
CA ASP U 37 34.14 -46.18 -13.71
C ASP U 37 34.47 -44.83 -13.11
N ALA U 38 33.48 -44.03 -12.74
CA ALA U 38 33.75 -42.74 -12.12
C ALA U 38 34.55 -42.93 -10.85
N SER U 39 35.67 -42.23 -10.74
CA SER U 39 36.54 -42.40 -9.59
C SER U 39 35.88 -41.90 -8.32
N TYR U 40 35.03 -40.87 -8.42
CA TYR U 40 34.30 -40.41 -7.24
C TYR U 40 33.39 -41.50 -6.70
N ARG U 41 32.72 -42.23 -7.59
CA ARG U 41 31.85 -43.31 -7.14
C ARG U 41 32.65 -44.37 -6.40
N LYS U 42 33.86 -44.66 -6.86
CA LYS U 42 34.65 -45.69 -6.22
C LYS U 42 35.10 -45.27 -4.83
N TYR U 43 35.38 -43.98 -4.63
CA TYR U 43 35.94 -43.55 -3.35
C TYR U 43 34.87 -43.40 -2.29
N THR U 44 33.82 -42.62 -2.57
CA THR U 44 32.75 -42.47 -1.58
C THR U 44 32.10 -43.81 -1.28
N GLU U 45 31.84 -44.61 -2.30
CA GLU U 45 31.28 -45.93 -2.06
C GLU U 45 32.16 -46.73 -1.13
N GLN U 46 33.48 -46.67 -1.33
CA GLN U 46 34.39 -47.30 -0.38
C GLN U 46 34.35 -46.60 0.96
N LEU U 47 34.36 -45.27 0.96
CA LEU U 47 34.41 -44.52 2.21
C LEU U 47 33.15 -44.73 3.04
N VAL U 48 31.98 -44.50 2.43
CA VAL U 48 30.75 -44.48 3.20
C VAL U 48 30.50 -45.82 3.86
N LYS U 49 30.97 -46.90 3.26
CA LYS U 49 30.89 -48.20 3.93
C LYS U 49 31.71 -48.18 5.21
N GLN U 50 32.91 -47.59 5.17
CA GLN U 50 33.74 -47.55 6.35
C GLN U 50 33.11 -46.70 7.45
N ARG U 51 32.42 -45.63 7.08
CA ARG U 51 31.69 -44.85 8.08
C ARG U 51 30.38 -45.55 8.48
N ALA U 52 29.67 -46.11 7.50
CA ALA U 52 28.34 -46.63 7.78
C ALA U 52 28.40 -47.79 8.76
N ASP U 53 29.32 -48.74 8.54
CA ASP U 53 29.38 -49.90 9.41
C ASP U 53 29.74 -49.52 10.83
N SER U 54 30.67 -48.57 11.00
CA SER U 54 31.03 -48.13 12.33
C SER U 54 29.83 -47.55 13.07
N VAL U 55 28.91 -46.92 12.34
CA VAL U 55 27.72 -46.36 12.98
C VAL U 55 26.87 -47.47 13.55
N ALA U 56 26.69 -48.56 12.80
CA ALA U 56 25.95 -49.70 13.30
C ALA U 56 26.76 -50.53 14.27
N GLN U 57 28.08 -50.62 14.07
CA GLN U 57 28.90 -51.47 14.93
C GLN U 57 28.90 -50.98 16.36
N HIS U 58 28.97 -49.67 16.57
CA HIS U 58 29.03 -49.09 17.91
C HIS U 58 27.68 -48.49 18.28
N LYS U 59 27.30 -48.65 19.55
CA LYS U 59 26.06 -48.12 20.08
C LYS U 59 26.27 -47.01 21.09
N ASP U 60 27.51 -46.65 21.39
CA ASP U 60 27.83 -45.60 22.35
C ASP U 60 28.52 -44.47 21.59
N ILE U 61 27.91 -43.28 21.63
CA ILE U 61 28.38 -42.21 20.75
C ILE U 61 29.81 -41.85 21.06
N THR U 62 30.21 -41.89 22.34
CA THR U 62 31.59 -41.63 22.68
C THR U 62 32.52 -42.66 22.04
N ALA U 63 32.12 -43.93 22.07
CA ALA U 63 32.89 -44.96 21.40
C ALA U 63 32.85 -44.77 19.88
N LEU U 64 31.72 -44.32 19.35
CA LEU U 64 31.60 -44.09 17.93
C LEU U 64 32.61 -43.04 17.47
N GLU U 65 32.73 -41.94 18.21
CA GLU U 65 33.63 -40.88 17.79
C GLU U 65 35.08 -41.35 17.74
N LYS U 66 35.50 -42.13 18.74
CA LYS U 66 36.84 -42.68 18.69
C LYS U 66 37.00 -43.63 17.51
N ALA U 67 35.99 -44.47 17.27
CA ALA U 67 36.07 -45.45 16.20
C ALA U 67 36.21 -44.78 14.83
N VAL U 68 35.63 -43.60 14.67
CA VAL U 68 35.69 -42.87 13.42
C VAL U 68 36.62 -41.66 13.48
N GLY U 69 36.90 -41.14 14.67
CA GLY U 69 37.59 -39.87 14.75
C GLY U 69 36.76 -38.81 14.06
N CYS U 70 37.46 -37.84 13.46
CA CYS U 70 36.84 -36.89 12.55
C CYS U 70 35.68 -36.15 13.23
N GLY U 71 35.85 -35.82 14.50
CA GLY U 71 34.97 -34.88 15.18
C GLY U 71 33.81 -35.52 15.90
N GLN U 72 33.02 -34.66 16.52
CA GLN U 72 31.88 -35.11 17.30
C GLN U 72 30.77 -35.65 16.39
N VAL U 73 29.90 -36.47 16.98
CA VAL U 73 28.83 -37.08 16.21
C VAL U 73 27.96 -36.01 15.56
N GLU U 74 27.76 -34.88 16.24
CA GLU U 74 27.01 -33.80 15.64
C GLU U 74 27.67 -33.33 14.35
N GLU U 75 28.99 -33.21 14.37
CA GLU U 75 29.70 -32.82 13.16
C GLU U 75 29.66 -33.93 12.12
N LEU U 76 29.74 -35.18 12.56
CA LEU U 76 29.62 -36.29 11.63
C LEU U 76 28.33 -36.20 10.84
N ILE U 77 27.24 -35.85 11.51
CA ILE U 77 25.98 -35.63 10.80
C ILE U 77 26.14 -34.45 9.84
N VAL U 78 26.72 -33.35 10.33
CA VAL U 78 26.90 -32.17 9.51
C VAL U 78 27.68 -32.50 8.26
N GLN U 79 28.74 -33.29 8.40
CA GLN U 79 29.45 -33.76 7.21
C GLN U 79 28.51 -34.52 6.30
N ALA U 80 27.83 -35.53 6.84
CA ALA U 80 27.00 -36.40 6.01
C ALA U 80 25.93 -35.60 5.27
N GLU U 81 25.40 -34.55 5.90
CA GLU U 81 24.41 -33.73 5.20
C GLU U 81 24.99 -33.05 3.97
N ASN U 82 26.31 -32.99 3.85
CA ASN U 82 26.91 -32.29 2.72
C ASN U 82 27.01 -33.18 1.49
N GLU U 83 27.56 -34.39 1.63
CA GLU U 83 27.79 -35.22 0.46
C GLU U 83 26.49 -35.62 -0.21
N LEU U 84 25.38 -35.60 0.52
CA LEU U 84 24.10 -35.63 -0.15
C LEU U 84 24.01 -34.46 -1.12
N ILE U 85 24.32 -33.26 -0.65
CA ILE U 85 24.24 -32.08 -1.51
C ILE U 85 25.25 -32.20 -2.63
N LEU U 86 26.48 -32.60 -2.32
CA LEU U 86 27.48 -32.74 -3.37
C LEU U 86 27.10 -33.86 -4.33
N ALA U 87 26.80 -35.04 -3.81
CA ALA U 87 26.49 -36.17 -4.69
C ALA U 87 25.27 -35.87 -5.55
N ARG U 88 24.24 -35.26 -4.96
CA ARG U 88 23.07 -34.89 -5.74
C ARG U 88 23.43 -33.85 -6.79
N LYS U 89 24.16 -32.81 -6.39
CA LYS U 89 24.53 -31.77 -7.34
C LYS U 89 25.40 -32.33 -8.44
N MET U 90 26.25 -33.29 -8.11
CA MET U 90 27.24 -33.78 -9.07
C MET U 90 26.66 -34.75 -10.07
N LEU U 91 25.47 -35.29 -9.82
CA LEU U 91 24.80 -36.06 -10.85
C LEU U 91 24.36 -35.17 -12.00
N GLY U 92 24.35 -33.86 -11.82
CA GLY U 92 23.99 -32.93 -12.86
C GLY U 92 25.19 -32.43 -13.65
N TRP U 93 26.32 -32.23 -12.96
CA TRP U 93 27.51 -31.72 -13.63
C TRP U 93 28.21 -32.80 -14.45
N LYS U 94 28.12 -34.05 -14.05
CA LYS U 94 28.80 -35.14 -14.73
C LYS U 94 30.29 -34.86 -14.81
N PRO U 95 30.98 -34.67 -13.68
CA PRO U 95 32.39 -34.29 -13.75
C PRO U 95 33.30 -35.37 -14.32
N TRP U 96 32.87 -36.64 -14.32
CA TRP U 96 33.75 -37.72 -14.75
C TRP U 96 34.09 -37.65 -16.24
N GLU U 97 33.40 -36.84 -17.01
CA GLU U 97 33.63 -36.77 -18.45
C GLU U 97 35.04 -36.20 -18.72
N LYS U 98 35.39 -36.10 -20.00
CA LYS U 98 36.69 -35.56 -20.36
C LYS U 98 36.74 -34.06 -20.10
N LEU U 99 37.96 -33.53 -20.16
CA LEU U 99 38.20 -32.13 -19.83
C LEU U 99 37.34 -31.22 -20.68
N VAL U 100 36.50 -30.41 -20.03
CA VAL U 100 35.49 -29.64 -20.76
C VAL U 100 36.15 -28.59 -21.63
N GLN U 101 37.24 -27.98 -21.16
CA GLN U 101 37.86 -26.85 -21.83
C GLN U 101 39.36 -27.08 -21.91
N ALA U 102 39.85 -27.35 -23.11
CA ALA U 102 41.29 -27.49 -23.30
C ALA U 102 41.98 -26.19 -22.96
N ALA U 103 43.10 -26.30 -22.24
CA ALA U 103 43.77 -25.10 -21.77
C ALA U 103 44.30 -24.30 -22.95
N PRO U 104 44.26 -22.97 -22.91
CA PRO U 104 44.92 -22.19 -23.95
C PRO U 104 46.43 -22.27 -23.83
N ALA U 105 47.11 -21.83 -24.88
CA ALA U 105 48.55 -21.83 -24.90
C ALA U 105 49.09 -20.70 -24.01
N LYS U 106 50.07 -21.02 -23.18
CA LYS U 106 50.72 -20.10 -22.27
C LYS U 106 49.79 -19.59 -21.17
N GLN U 107 48.62 -20.20 -21.01
CA GLN U 107 47.68 -19.72 -20.01
C GLN U 107 48.09 -20.04 -18.59
N TRP U 108 49.05 -20.94 -18.39
CA TRP U 108 49.56 -21.27 -17.06
C TRP U 108 51.07 -21.20 -17.06
N ASP U 109 51.61 -20.11 -17.61
CA ASP U 109 53.04 -19.93 -17.77
C ASP U 109 53.52 -18.87 -16.79
N TRP U 110 54.61 -19.16 -16.08
CA TRP U 110 55.19 -18.23 -15.13
C TRP U 110 56.69 -18.42 -15.12
N PRO U 111 57.49 -17.34 -15.19
CA PRO U 111 57.12 -15.93 -15.26
C PRO U 111 56.61 -15.57 -16.65
N PRO U 112 55.81 -14.52 -16.76
CA PRO U 112 55.14 -14.22 -18.02
C PRO U 112 55.99 -13.34 -18.92
N ALA U 113 55.55 -13.23 -20.17
CA ALA U 113 56.09 -12.25 -21.12
C ALA U 113 57.60 -12.43 -21.29
N GLN U 114 57.95 -13.57 -21.87
CA GLN U 114 59.32 -13.83 -22.29
C GLN U 114 59.28 -14.30 -23.74
N ILE U 115 60.25 -13.84 -24.55
CA ILE U 115 60.32 -14.37 -25.91
C ILE U 115 60.66 -15.84 -25.86
N MET U 116 59.92 -16.64 -26.61
CA MET U 116 60.17 -18.05 -26.76
C MET U 116 60.79 -18.26 -28.14
N GLU U 117 61.98 -18.84 -28.17
CA GLU U 117 62.70 -19.05 -29.42
C GLU U 117 62.32 -20.41 -30.01
N PRO U 118 61.74 -20.47 -31.22
CA PRO U 118 61.50 -21.81 -31.79
C PRO U 118 62.79 -22.48 -32.25
N ALA V 1 36.70 -14.00 -38.57
CA ALA V 1 37.43 -14.26 -37.34
C ALA V 1 36.49 -14.27 -36.16
N VAL V 2 35.89 -15.43 -35.89
CA VAL V 2 34.84 -15.57 -34.88
C VAL V 2 35.27 -16.61 -33.86
N GLN V 3 34.74 -16.48 -32.64
CA GLN V 3 35.03 -17.43 -31.58
C GLN V 3 33.77 -17.66 -30.76
N GLN V 4 33.73 -18.81 -30.09
CA GLN V 4 32.65 -19.15 -29.18
C GLN V 4 32.91 -18.49 -27.83
N VAL V 5 31.89 -17.88 -27.23
CA VAL V 5 32.04 -17.22 -25.95
C VAL V 5 30.78 -17.39 -25.12
N ARG V 6 30.91 -17.10 -23.83
CA ARG V 6 29.82 -17.13 -22.85
C ARG V 6 29.12 -15.78 -22.80
N PRO V 7 27.80 -15.71 -22.99
CA PRO V 7 27.12 -14.41 -22.97
C PRO V 7 27.13 -13.79 -21.58
N ILE V 8 26.99 -12.46 -21.56
CA ILE V 8 27.03 -11.71 -20.31
C ILE V 8 25.64 -11.65 -19.70
N LEU V 9 24.74 -11.00 -20.40
CA LEU V 9 23.34 -10.87 -19.98
C LEU V 9 22.37 -11.29 -21.08
N SER V 10 22.70 -11.00 -22.33
CA SER V 10 21.81 -11.19 -23.46
C SER V 10 22.43 -12.15 -24.45
N VAL V 11 21.60 -12.66 -25.35
CA VAL V 11 22.04 -13.57 -26.39
C VAL V 11 21.97 -12.94 -27.77
N ASP V 12 21.17 -11.91 -27.98
CA ASP V 12 20.97 -11.31 -29.28
C ASP V 12 21.08 -9.81 -29.19
N ARG V 13 21.51 -9.19 -30.30
CA ARG V 13 21.56 -7.74 -30.34
C ARG V 13 20.19 -7.14 -30.03
N GLU V 14 19.13 -7.79 -30.49
CA GLU V 14 17.79 -7.28 -30.24
C GLU V 14 17.47 -7.26 -28.77
N GLU V 15 17.86 -8.31 -28.04
CA GLU V 15 17.69 -8.28 -26.59
C GLU V 15 18.57 -7.20 -25.97
N ALA V 16 19.80 -7.06 -26.45
CA ALA V 16 20.66 -5.99 -25.97
C ALA V 16 20.04 -4.64 -26.24
N ARG V 17 19.52 -4.44 -27.45
CA ARG V 17 18.82 -3.20 -27.76
C ARG V 17 17.65 -3.00 -26.80
N LYS V 18 16.96 -4.10 -26.46
CA LYS V 18 15.84 -4.00 -25.54
C LYS V 18 16.30 -3.59 -24.15
N ARG V 19 17.39 -4.16 -23.66
CA ARG V 19 17.88 -3.79 -22.32
C ARG V 19 18.32 -2.34 -22.28
N ALA V 20 19.03 -1.88 -23.30
CA ALA V 20 19.53 -0.52 -23.29
C ALA V 20 18.40 0.49 -23.18
N LEU V 21 17.30 0.25 -23.90
CA LEU V 21 16.18 1.18 -23.84
C LEU V 21 15.60 1.26 -22.44
N ASN V 22 15.51 0.13 -21.75
CA ASN V 22 15.00 0.15 -20.38
C ASN V 22 15.86 1.06 -19.52
N LEU V 23 17.18 0.97 -19.66
CA LEU V 23 18.05 1.86 -18.91
C LEU V 23 17.74 3.32 -19.23
N TYR V 24 17.37 3.62 -20.46
CA TYR V 24 16.96 4.98 -20.80
C TYR V 24 15.65 5.34 -20.09
N LYS V 25 14.69 4.42 -20.06
CA LYS V 25 13.47 4.64 -19.31
C LYS V 25 13.79 5.05 -17.89
N ALA V 26 14.50 4.18 -17.17
CA ALA V 26 14.69 4.36 -15.74
C ALA V 26 15.40 5.68 -15.45
N TRP V 27 16.41 6.01 -16.24
CA TRP V 27 17.05 7.32 -16.08
C TRP V 27 16.06 8.43 -16.36
N TYR V 28 15.33 8.34 -17.46
CA TYR V 28 14.46 9.44 -17.86
C TYR V 28 13.36 9.65 -16.83
N ARG V 29 12.91 8.56 -16.20
CA ARG V 29 11.99 8.66 -15.07
C ARG V 29 12.63 9.33 -13.88
N GLN V 30 13.94 9.14 -13.68
CA GLN V 30 14.58 9.50 -12.43
C GLN V 30 15.04 10.94 -12.38
N ILE V 31 15.22 11.60 -13.51
CA ILE V 31 15.74 12.96 -13.51
C ILE V 31 14.94 13.87 -12.60
N PRO V 32 13.61 13.87 -12.61
CA PRO V 32 12.88 14.77 -11.70
C PRO V 32 13.21 14.55 -10.25
N TYR V 33 13.53 13.33 -9.83
CA TYR V 33 13.91 13.10 -8.45
C TYR V 33 15.31 13.60 -8.16
N ILE V 34 16.22 13.48 -9.13
CA ILE V 34 17.60 13.85 -8.87
C ILE V 34 17.70 15.35 -8.69
N VAL V 35 16.96 16.12 -9.50
CA VAL V 35 17.00 17.58 -9.37
C VAL V 35 16.54 18.00 -7.98
N MET V 36 15.49 17.38 -7.48
CA MET V 36 14.96 17.78 -6.18
C MET V 36 15.94 17.43 -5.06
N ASP V 37 16.50 16.23 -5.10
CA ASP V 37 17.25 15.70 -3.97
C ASP V 37 18.74 16.01 -4.03
N TYR V 38 19.19 16.77 -5.01
CA TYR V 38 20.58 17.19 -5.10
C TYR V 38 20.62 18.71 -5.26
N ASP V 39 21.49 19.36 -4.47
CA ASP V 39 21.67 20.80 -4.57
C ASP V 39 22.65 21.08 -5.70
N ILE V 40 22.15 21.03 -6.92
CA ILE V 40 22.98 21.23 -8.11
C ILE V 40 22.32 22.24 -9.04
N PRO V 41 23.10 22.99 -9.84
CA PRO V 41 22.48 24.04 -10.66
C PRO V 41 21.58 23.51 -11.76
N MET V 42 21.78 22.28 -12.22
CA MET V 42 21.17 21.84 -13.46
C MET V 42 19.68 21.55 -13.29
N THR V 43 18.93 21.81 -14.35
CA THR V 43 17.50 21.62 -14.42
C THR V 43 17.16 20.33 -15.16
N VAL V 44 15.88 19.96 -15.14
CA VAL V 44 15.48 18.69 -15.73
C VAL V 44 15.77 18.67 -17.23
N GLU V 45 15.44 19.74 -17.94
CA GLU V 45 15.68 19.74 -19.38
C GLU V 45 17.17 19.63 -19.68
N GLN V 46 18.01 20.34 -18.93
CA GLN V 46 19.44 20.24 -19.14
C GLN V 46 19.92 18.82 -18.90
N CYS V 47 19.50 18.22 -17.79
CA CYS V 47 19.90 16.85 -17.48
C CYS V 47 19.38 15.87 -18.53
N ARG V 48 18.10 16.00 -18.88
CA ARG V 48 17.52 15.10 -19.87
C ARG V 48 18.26 15.19 -21.19
N ASP V 49 18.93 16.31 -21.46
CA ASP V 49 19.82 16.38 -22.62
C ASP V 49 21.10 15.60 -22.35
N LYS V 50 21.67 15.76 -21.14
CA LYS V 50 22.89 15.04 -20.81
C LYS V 50 22.70 13.54 -20.95
N LEU V 51 21.53 13.04 -20.59
CA LEU V 51 21.23 11.63 -20.80
C LEU V 51 21.27 11.29 -22.29
N ARG V 52 20.67 12.15 -23.11
CA ARG V 52 20.69 11.92 -24.55
C ARG V 52 22.10 12.06 -25.10
N GLU V 53 22.85 13.04 -24.61
CA GLU V 53 24.17 13.33 -25.17
C GLU V 53 25.10 12.13 -25.02
N GLU V 54 25.00 11.43 -23.91
CA GLU V 54 26.00 10.42 -23.56
C GLU V 54 25.64 9.05 -24.08
N PHE V 55 24.35 8.68 -24.04
CA PHE V 55 23.90 7.51 -24.76
C PHE V 55 24.33 7.56 -26.22
N VAL V 56 24.58 8.77 -26.72
CA VAL V 56 25.07 8.94 -28.08
C VAL V 56 26.57 8.69 -28.16
N LYS V 57 27.34 8.98 -27.09
CA LYS V 57 28.76 8.65 -27.12
C LYS V 57 29.01 7.26 -27.67
N HIS V 58 28.34 6.28 -27.08
CA HIS V 58 28.48 4.89 -27.52
C HIS V 58 27.51 4.67 -28.68
N ARG V 59 27.78 5.38 -29.76
CA ARG V 59 26.98 5.31 -30.97
C ARG V 59 27.39 4.16 -31.89
N ASN V 60 28.68 3.90 -32.00
CA ASN V 60 29.19 2.95 -32.96
C ASN V 60 29.42 1.56 -32.36
N VAL V 61 29.12 1.37 -31.07
CA VAL V 61 29.39 0.09 -30.44
C VAL V 61 28.57 -0.99 -31.14
N THR V 62 29.19 -2.15 -31.31
CA THR V 62 28.61 -3.24 -32.07
C THR V 62 28.56 -4.55 -31.29
N ASP V 63 29.58 -4.85 -30.49
CA ASP V 63 29.63 -6.14 -29.83
C ASP V 63 28.59 -6.20 -28.71
N ILE V 64 27.84 -7.30 -28.67
CA ILE V 64 26.78 -7.41 -27.68
C ILE V 64 27.37 -7.46 -26.28
N ARG V 65 28.51 -8.15 -26.13
CA ARG V 65 29.13 -8.25 -24.81
C ARG V 65 29.57 -6.88 -24.31
N VAL V 66 30.10 -6.05 -25.20
CA VAL V 66 30.44 -4.68 -24.81
C VAL V 66 29.18 -3.92 -24.44
N ILE V 67 28.10 -4.10 -25.20
CA ILE V 67 26.85 -3.41 -24.87
C ILE V 67 26.31 -3.91 -23.55
N ASP V 68 26.49 -5.20 -23.25
CA ASP V 68 26.08 -5.69 -21.94
C ASP V 68 26.84 -4.98 -20.83
N MET V 69 28.16 -4.85 -20.98
CA MET V 69 28.95 -4.24 -19.92
C MET V 69 28.56 -2.78 -19.72
N LEU V 70 28.35 -2.04 -20.81
CA LEU V 70 27.90 -0.67 -20.68
C LEU V 70 26.58 -0.60 -19.94
N VAL V 71 25.71 -1.59 -20.14
CA VAL V 71 24.43 -1.59 -19.45
C VAL V 71 24.59 -2.07 -18.01
N ILE V 72 25.56 -2.94 -17.73
CA ILE V 72 25.83 -3.28 -16.34
C ILE V 72 26.34 -2.07 -15.59
N LYS V 73 27.35 -1.40 -16.13
CA LYS V 73 27.85 -0.18 -15.48
C LYS V 73 26.79 0.90 -15.50
N GLY V 74 26.09 1.05 -16.62
CA GLY V 74 25.05 2.06 -16.70
C GLY V 74 23.98 1.88 -15.64
N GLN V 75 23.62 0.62 -15.38
CA GLN V 75 22.62 0.35 -14.35
C GLN V 75 23.19 0.63 -12.96
N MET V 76 24.46 0.34 -12.75
CA MET V 76 25.04 0.49 -11.42
C MET V 76 24.99 1.94 -10.97
N GLU V 77 25.30 2.87 -11.86
CA GLU V 77 25.23 4.28 -11.51
C GLU V 77 23.82 4.68 -11.14
N LEU V 78 22.83 4.17 -11.86
CA LEU V 78 21.46 4.57 -11.59
C LEU V 78 21.04 4.14 -10.20
N LYS V 79 21.41 2.94 -9.77
CA LYS V 79 21.12 2.53 -8.41
C LYS V 79 21.85 3.42 -7.41
N GLU V 80 23.10 3.78 -7.71
CA GLU V 80 23.84 4.69 -6.86
C GLU V 80 23.30 6.12 -6.92
N SER V 81 22.45 6.43 -7.89
CA SER V 81 21.80 7.73 -8.00
C SER V 81 20.33 7.69 -7.62
N VAL V 82 19.65 6.57 -7.89
CA VAL V 82 18.33 6.37 -7.30
C VAL V 82 18.45 6.43 -5.79
N GLU V 83 19.49 5.82 -5.25
CA GLU V 83 19.97 6.17 -3.92
C GLU V 83 20.87 7.38 -4.01
N ILE V 84 21.09 8.00 -2.86
CA ILE V 84 21.83 9.26 -2.78
C ILE V 84 23.19 8.92 -2.18
N TRP V 85 23.66 7.71 -2.47
CA TRP V 85 25.03 7.36 -2.11
C TRP V 85 26.00 8.27 -2.85
N LYS V 86 25.76 8.50 -4.13
CA LYS V 86 26.48 9.53 -4.85
C LYS V 86 26.13 10.88 -4.26
N GLN V 87 27.15 11.66 -3.94
CA GLN V 87 26.96 12.95 -3.31
C GLN V 87 26.77 14.03 -4.36
N LYS V 88 26.46 15.24 -3.88
CA LYS V 88 26.22 16.38 -4.76
C LYS V 88 27.35 16.56 -5.76
N GLY V 89 28.59 16.41 -5.30
CA GLY V 89 29.71 16.59 -6.22
C GLY V 89 29.70 15.60 -7.35
N HIS V 90 29.40 14.34 -7.06
CA HIS V 90 29.53 13.29 -8.06
C HIS V 90 28.55 13.49 -9.21
N ILE V 91 27.32 13.92 -8.91
CA ILE V 91 26.32 14.07 -9.96
C ILE V 91 26.78 15.12 -10.96
N MET V 92 27.23 16.27 -10.47
CA MET V 92 27.72 17.31 -11.35
C MET V 92 29.00 16.92 -12.05
N ARG V 93 29.63 15.82 -11.63
CA ARG V 93 30.82 15.33 -12.32
C ARG V 93 30.54 14.91 -13.75
N TYR V 94 29.26 14.71 -14.10
CA TYR V 94 28.90 14.33 -15.45
C TYR V 94 28.99 15.48 -16.44
N TRP V 95 29.25 16.70 -15.96
CA TRP V 95 29.30 17.87 -16.82
C TRP V 95 30.71 18.42 -17.03
N LYS V 96 31.66 18.07 -16.16
CA LYS V 96 33.02 18.57 -16.27
C LYS V 96 33.05 20.10 -16.25
N GLU V 97 32.24 20.68 -15.36
CA GLU V 97 32.06 22.13 -15.34
C GLU V 97 33.37 22.85 -15.06
N SER V 98 34.19 22.33 -14.14
CA SER V 98 35.41 23.01 -13.76
C SER V 98 36.35 23.17 -14.94
N GLN V 99 36.49 22.14 -15.75
CA GLN V 99 37.39 22.19 -16.90
C GLN V 99 36.84 23.17 -17.93
N ASP V 100 37.62 24.18 -18.26
CA ASP V 100 37.19 25.15 -19.25
C ASP V 100 37.54 24.66 -20.65
N PRO V 101 36.88 25.17 -21.68
CA PRO V 101 37.12 24.67 -23.03
C PRO V 101 38.57 24.85 -23.46
N LYS V 102 39.08 23.84 -24.16
CA LYS V 102 40.40 23.91 -24.79
C LYS V 102 40.22 24.11 -26.28
N PRO V 103 40.65 25.22 -26.88
CA PRO V 103 40.38 25.42 -28.31
C PRO V 103 41.00 24.32 -29.16
N THR V 104 40.34 24.03 -30.28
CA THR V 104 40.74 22.96 -31.16
C THR V 104 41.52 23.44 -32.39
N ASP V 105 41.29 24.68 -32.82
CA ASP V 105 41.95 25.17 -34.01
C ASP V 105 43.47 25.16 -33.83
N PHE V 106 44.17 24.91 -34.92
CA PHE V 106 45.62 24.77 -34.83
C PHE V 106 46.27 26.06 -34.35
N LEU V 107 45.85 27.19 -34.89
CA LEU V 107 46.51 28.45 -34.55
C LEU V 107 46.37 28.77 -33.07
N SER V 108 45.21 28.49 -32.50
CA SER V 108 45.01 28.76 -31.07
C SER V 108 45.86 27.83 -30.21
N LYS V 109 45.89 26.54 -30.54
CA LYS V 109 46.71 25.61 -29.76
C LYS V 109 48.18 25.97 -29.85
N PHE V 110 48.64 26.32 -31.05
CA PHE V 110 50.04 26.69 -31.22
C PHE V 110 50.39 27.89 -30.34
N ILE V 111 49.56 28.92 -30.37
CA ILE V 111 49.84 30.10 -29.56
C ILE V 111 49.78 29.77 -28.08
N GLN V 112 48.75 29.01 -27.68
CA GLN V 112 48.63 28.60 -26.28
C GLN V 112 49.76 27.68 -25.84
N GLY V 113 50.38 26.98 -26.78
CA GLY V 113 51.37 25.97 -26.43
C GLY V 113 50.74 24.62 -26.18
N VAL V 114 51.60 23.60 -26.20
CA VAL V 114 51.15 22.22 -26.01
C VAL V 114 50.41 22.08 -24.68
N VAL W 1 -27.52 42.10 53.88
CA VAL W 1 -28.56 41.39 54.59
C VAL W 1 -29.03 42.19 55.79
N ILE W 2 -28.15 43.02 56.34
CA ILE W 2 -28.51 43.81 57.50
C ILE W 2 -29.54 44.86 57.10
N THR W 3 -30.65 44.90 57.81
CA THR W 3 -31.70 45.87 57.57
C THR W 3 -31.90 46.73 58.82
N ASN W 4 -32.80 47.70 58.71
CA ASN W 4 -33.04 48.62 59.80
C ASN W 4 -33.54 47.89 61.04
N ASN W 5 -34.46 46.95 60.87
CA ASN W 5 -35.07 46.32 62.04
C ASN W 5 -34.10 45.39 62.75
N THR W 6 -33.08 44.88 62.06
CA THR W 6 -32.04 44.11 62.74
C THR W 6 -31.35 45.01 63.75
N THR W 7 -31.20 44.50 64.97
CA THR W 7 -30.75 45.30 66.10
C THR W 7 -29.27 45.04 66.35
N LEU W 8 -28.44 46.05 66.09
CA LEU W 8 -27.03 46.03 66.43
C LEU W 8 -26.78 46.97 67.60
N PRO W 9 -25.90 46.62 68.53
CA PRO W 9 -25.66 47.52 69.66
C PRO W 9 -25.04 48.82 69.19
N GLU W 10 -25.26 49.88 69.96
CA GLU W 10 -24.72 51.19 69.60
C GLU W 10 -23.20 51.20 69.72
N GLU W 11 -22.59 52.17 69.05
CA GLU W 11 -21.13 52.17 68.93
C GLU W 11 -20.46 52.26 70.30
N SER W 12 -21.00 53.08 71.19
CA SER W 12 -20.36 53.30 72.48
C SER W 12 -20.17 51.99 73.24
N GLU W 13 -21.16 51.10 73.17
CA GLU W 13 -21.08 49.86 73.91
C GLU W 13 -19.93 48.99 73.39
N LEU W 14 -19.78 48.89 72.07
CA LEU W 14 -18.71 48.07 71.51
C LEU W 14 -17.34 48.57 71.90
N ASN W 15 -17.21 49.85 72.22
CA ASN W 15 -15.92 50.39 72.62
C ASN W 15 -15.50 49.81 73.96
N VAL W 16 -14.26 49.37 74.06
CA VAL W 16 -13.72 48.82 75.30
C VAL W 16 -12.21 48.76 75.17
N GLN W 17 -11.51 48.87 76.29
CA GLN W 17 -10.05 48.85 76.27
C GLN W 17 -9.55 47.57 75.63
N GLU W 18 -8.64 47.70 74.68
CA GLU W 18 -8.14 46.57 73.89
C GLU W 18 -6.68 46.30 74.22
N LEU W 19 -6.25 45.09 73.89
CA LEU W 19 -4.86 44.71 74.12
C LEU W 19 -3.92 45.51 73.24
N ASN W 20 -4.05 45.36 71.93
CA ASN W 20 -3.14 46.00 70.98
C ASN W 20 -1.70 45.61 71.29
N LEU W 21 -1.51 44.32 71.54
CA LEU W 21 -0.23 43.75 71.92
C LEU W 21 0.20 42.76 70.85
N SER W 22 1.44 42.87 70.39
CA SER W 22 1.86 42.14 69.20
C SER W 22 1.82 40.63 69.44
N SER W 23 2.11 39.89 68.37
CA SER W 23 2.00 38.44 68.41
C SER W 23 3.03 37.83 69.35
N ALA W 24 4.30 38.19 69.19
CA ALA W 24 5.35 37.60 69.99
C ALA W 24 5.13 37.89 71.47
N ALA W 25 4.69 39.10 71.79
CA ALA W 25 4.38 39.44 73.18
C ALA W 25 3.25 38.56 73.70
N LEU W 26 2.26 38.26 72.87
CA LEU W 26 1.16 37.42 73.30
C LEU W 26 1.63 35.99 73.52
N ARG W 27 2.38 35.43 72.57
CA ARG W 27 2.82 34.04 72.70
C ARG W 27 3.71 33.84 73.91
N ALA W 28 4.39 34.89 74.37
CA ALA W 28 5.26 34.75 75.54
C ALA W 28 4.46 34.37 76.78
N GLY W 29 3.40 35.11 77.06
CA GLY W 29 2.59 34.88 78.24
C GLY W 29 1.48 33.86 78.06
N ALA W 30 1.46 33.18 76.92
CA ALA W 30 0.32 32.31 76.59
C ALA W 30 0.06 31.29 77.69
N PHE W 31 1.11 30.60 78.14
CA PHE W 31 0.88 29.48 79.04
C PHE W 31 0.45 29.94 80.42
N HIS W 32 1.05 31.02 80.91
CA HIS W 32 0.63 31.56 82.20
C HIS W 32 -0.68 32.34 82.08
N LEU W 33 -0.88 33.02 80.95
CA LEU W 33 -2.13 33.74 80.74
C LEU W 33 -3.31 32.77 80.69
N GLY W 34 -3.12 31.63 80.02
CA GLY W 34 -4.23 30.71 79.82
C GLY W 34 -4.78 30.17 81.13
N LYS W 35 -3.89 29.84 82.06
CA LYS W 35 -4.35 29.26 83.32
C LYS W 35 -5.25 30.21 84.10
N GLN W 36 -5.18 31.51 83.82
CA GLN W 36 -5.95 32.48 84.59
C GLN W 36 -7.31 32.77 83.97
N CYS W 37 -7.35 33.14 82.69
CA CYS W 37 -8.58 33.52 82.03
C CYS W 37 -9.34 32.34 81.44
N GLU W 38 -9.05 31.13 81.90
CA GLU W 38 -9.76 29.97 81.36
C GLU W 38 -11.24 30.02 81.68
N GLN W 39 -11.59 30.49 82.87
CA GLN W 39 -13.01 30.55 83.23
C GLN W 39 -13.77 31.46 82.28
N ALA W 40 -13.23 32.65 82.03
CA ALA W 40 -13.87 33.55 81.07
C ALA W 40 -13.81 32.97 79.67
N ASN W 41 -12.64 32.48 79.26
CA ASN W 41 -12.48 31.96 77.91
C ASN W 41 -13.50 30.87 77.62
N ASN W 42 -13.58 29.87 78.48
CA ASN W 42 -14.50 28.76 78.24
C ASN W 42 -15.94 29.26 78.24
N GLU W 43 -16.28 30.17 79.14
CA GLU W 43 -17.63 30.72 79.14
C GLU W 43 -17.89 31.46 77.83
N PHE W 44 -16.93 32.25 77.37
CA PHE W 44 -17.09 32.95 76.10
C PHE W 44 -17.12 31.98 74.94
N MET W 45 -16.14 31.09 74.86
CA MET W 45 -16.03 30.22 73.70
C MET W 45 -17.16 29.21 73.65
N LEU W 46 -17.73 28.84 74.80
CA LEU W 46 -18.83 27.89 74.79
C LEU W 46 -20.06 28.48 74.13
N CYS W 47 -20.45 29.70 74.53
CA CYS W 47 -21.63 30.31 73.92
C CYS W 47 -21.42 30.52 72.43
N ARG W 48 -20.25 31.02 72.06
CA ARG W 48 -19.99 31.32 70.64
C ARG W 48 -20.19 30.09 69.77
N GLN W 49 -19.91 28.91 70.28
CA GLN W 49 -20.09 27.68 69.50
C GLN W 49 -21.57 27.30 69.43
N GLU W 50 -22.20 27.10 70.58
CA GLU W 50 -23.62 26.77 70.59
C GLU W 50 -24.43 27.87 69.94
N LEU W 51 -24.24 29.11 70.37
CA LEU W 51 -24.94 30.26 69.81
C LEU W 51 -23.95 31.04 68.95
N ASP W 52 -24.29 31.22 67.67
CA ASP W 52 -23.39 31.81 66.69
C ASP W 52 -23.79 33.24 66.34
N ASP W 53 -24.27 33.98 67.34
CA ASP W 53 -24.64 35.38 67.14
C ASP W 53 -23.59 36.26 67.81
N PRO W 54 -22.79 37.03 67.08
CA PRO W 54 -21.74 37.81 67.75
C PRO W 54 -22.27 38.78 68.78
N ARG W 55 -23.43 39.40 68.53
CA ARG W 55 -23.96 40.36 69.49
C ARG W 55 -24.42 39.70 70.77
N ALA W 56 -24.72 38.41 70.74
CA ALA W 56 -25.19 37.73 71.95
C ALA W 56 -24.05 37.52 72.93
N CYS W 57 -22.86 37.21 72.42
CA CYS W 57 -21.68 37.02 73.27
C CYS W 57 -20.96 38.32 73.57
N LEU W 58 -21.62 39.46 73.39
CA LEU W 58 -20.97 40.74 73.60
C LEU W 58 -20.52 40.90 75.05
N ALA W 59 -21.39 40.53 75.99
CA ALA W 59 -21.05 40.69 77.40
C ALA W 59 -19.84 39.84 77.77
N GLU W 60 -19.86 38.57 77.38
CA GLU W 60 -18.77 37.67 77.76
C GLU W 60 -17.45 38.13 77.17
N GLY W 61 -17.48 38.63 75.93
CA GLY W 61 -16.24 39.05 75.30
C GLY W 61 -15.50 40.11 76.10
N LYS W 62 -16.23 41.07 76.66
CA LYS W 62 -15.59 42.09 77.46
C LYS W 62 -14.88 41.49 78.67
N ALA W 63 -15.41 40.40 79.22
CA ALA W 63 -14.73 39.73 80.31
C ALA W 63 -13.39 39.17 79.86
N VAL W 64 -13.37 38.58 78.66
CA VAL W 64 -12.15 37.92 78.18
C VAL W 64 -11.04 38.93 78.00
N THR W 65 -11.34 40.06 77.34
CA THR W 65 -10.30 41.07 77.13
C THR W 65 -9.85 41.69 78.45
N SER W 66 -10.79 41.90 79.38
CA SER W 66 -10.42 42.46 80.66
C SER W 66 -9.46 41.55 81.41
N CYS W 67 -9.71 40.25 81.39
CA CYS W 67 -8.80 39.32 82.05
C CYS W 67 -7.42 39.37 81.43
N ALA W 68 -7.36 39.41 80.10
CA ALA W 68 -6.06 39.50 79.43
C ALA W 68 -5.33 40.77 79.84
N LEU W 69 -6.02 41.90 79.78
CA LEU W 69 -5.40 43.15 80.18
C LEU W 69 -5.04 43.14 81.66
N ASP W 70 -5.86 42.49 82.48
CA ASP W 70 -5.55 42.37 83.90
C ASP W 70 -4.24 41.62 84.11
N PHE W 71 -4.02 40.55 83.36
CA PHE W 71 -2.83 39.74 83.56
C PHE W 71 -1.57 40.56 83.28
N PHE W 72 -1.56 41.31 82.18
CA PHE W 72 -0.32 41.98 81.79
C PHE W 72 0.03 43.12 82.74
N ARG W 73 -0.95 43.72 83.40
CA ARG W 73 -0.64 44.74 84.38
C ARG W 73 0.23 44.16 85.48
N LYS W 74 -0.06 42.93 85.90
CA LYS W 74 0.80 42.25 86.86
C LYS W 74 2.20 42.08 86.29
N VAL W 75 2.30 41.56 85.07
CA VAL W 75 3.60 41.37 84.45
C VAL W 75 4.33 42.70 84.33
N LYS W 76 3.61 43.75 83.92
CA LYS W 76 4.23 45.06 83.84
C LYS W 76 4.73 45.51 85.20
N LYS W 77 4.03 45.11 86.27
CA LYS W 77 4.44 45.54 87.60
C LYS W 77 5.71 44.85 88.09
N THR W 78 5.97 43.60 87.71
CA THR W 78 7.07 42.88 88.32
C THR W 78 8.18 42.45 87.36
N CYS W 79 7.87 41.56 86.41
CA CYS W 79 8.89 40.94 85.56
C CYS W 79 9.14 41.67 84.25
N HIS W 80 8.82 42.96 84.18
CA HIS W 80 8.91 43.70 82.93
C HIS W 80 10.18 43.38 82.15
N GLU W 81 11.33 43.44 82.81
CA GLU W 81 12.58 43.13 82.12
C GLU W 81 12.58 41.71 81.58
N GLU W 82 12.25 40.74 82.42
CA GLU W 82 12.34 39.33 81.99
C GLU W 82 11.40 39.08 80.82
N PHE W 83 10.15 39.52 80.94
CA PHE W 83 9.17 39.23 79.90
C PHE W 83 9.62 39.80 78.56
N THR W 84 10.25 40.98 78.57
CA THR W 84 10.70 41.57 77.31
C THR W 84 11.81 40.74 76.69
N GLN W 85 12.70 40.21 77.51
CA GLN W 85 13.78 39.37 76.97
C GLN W 85 13.20 38.09 76.38
N TYR W 86 12.25 37.46 77.08
CA TYR W 86 11.64 36.26 76.54
C TYR W 86 10.93 36.56 75.22
N ALA W 87 10.11 37.61 75.21
CA ALA W 87 9.39 37.97 73.99
C ALA W 87 10.36 38.32 72.87
N THR W 88 11.38 39.13 73.19
CA THR W 88 12.35 39.51 72.17
C THR W 88 13.02 38.28 71.59
N CYS W 89 13.46 37.36 72.44
CA CYS W 89 14.05 36.12 71.97
C CYS W 89 13.06 35.33 71.12
N LEU W 90 11.86 35.11 71.65
CA LEU W 90 10.86 34.34 70.91
C LEU W 90 10.57 34.96 69.56
N ASP W 91 10.62 36.29 69.48
CA ASP W 91 10.34 36.96 68.21
C ASP W 91 11.51 36.84 67.24
N LYS W 92 12.74 36.97 67.73
CA LYS W 92 13.91 37.13 66.89
C LYS W 92 14.72 35.84 66.75
N SER W 93 14.16 34.71 67.16
CA SER W 93 14.88 33.44 67.14
C SER W 93 14.53 32.58 65.94
N SER W 94 13.30 32.65 65.45
CA SER W 94 12.88 31.86 64.30
C SER W 94 11.69 32.56 63.65
N GLY W 95 11.41 32.15 62.40
CA GLY W 95 10.31 32.73 61.68
C GLY W 95 8.94 32.27 62.14
N THR W 96 8.88 31.21 62.94
CA THR W 96 7.62 30.65 63.41
C THR W 96 7.30 31.04 64.84
N MET W 97 8.24 31.64 65.57
CA MET W 97 8.07 31.91 67.00
C MET W 97 7.86 30.60 67.75
N ALA W 98 8.66 29.60 67.42
CA ALA W 98 8.59 28.32 68.10
C ALA W 98 9.17 28.43 69.50
N PHE W 99 8.56 27.71 70.45
CA PHE W 99 9.08 27.67 71.81
C PHE W 99 10.34 26.83 71.92
N SER W 100 10.58 25.94 70.96
CA SER W 100 11.66 24.96 71.09
C SER W 100 13.04 25.60 71.09
N HIS W 101 13.19 26.81 70.60
CA HIS W 101 14.50 27.45 70.50
C HIS W 101 14.85 28.20 71.79
N CYS W 102 13.90 28.93 72.35
CA CYS W 102 14.14 29.88 73.44
C CYS W 102 13.96 29.28 74.82
N ARG W 103 14.22 27.98 74.99
CA ARG W 103 13.99 27.35 76.28
C ARG W 103 14.74 28.07 77.41
N LYS W 104 15.94 28.56 77.13
CA LYS W 104 16.75 29.17 78.17
C LYS W 104 16.05 30.41 78.73
N THR W 105 15.87 31.43 77.90
CA THR W 105 15.25 32.66 78.37
C THR W 105 13.88 32.39 78.97
N GLN W 106 13.15 31.44 78.39
CA GLN W 106 11.88 31.02 78.96
C GLN W 106 12.04 30.67 80.43
N GLY W 107 13.08 29.91 80.77
CA GLY W 107 13.31 29.55 82.15
C GLY W 107 13.44 30.77 83.04
N VAL W 108 14.12 31.81 82.56
CA VAL W 108 14.29 33.03 83.34
C VAL W 108 12.93 33.59 83.72
N PHE W 109 12.03 33.71 82.74
CA PHE W 109 10.70 34.23 83.03
C PHE W 109 9.94 33.33 83.99
N ASP W 110 9.89 32.03 83.70
CA ASP W 110 9.10 31.12 84.52
C ASP W 110 9.52 31.17 85.98
N LYS W 111 10.80 31.41 86.24
CA LYS W 111 11.24 31.56 87.62
C LYS W 111 10.85 32.92 88.19
N CYS W 112 10.77 33.95 87.36
CA CYS W 112 10.31 35.25 87.85
C CYS W 112 8.84 35.19 88.24
N ILE W 113 8.01 34.56 87.42
CA ILE W 113 6.58 34.58 87.66
C ILE W 113 6.22 33.67 88.82
N LYS W 114 6.96 32.60 89.04
CA LYS W 114 6.68 31.68 90.14
C LYS W 114 7.31 32.14 91.45
N ASP W 115 8.16 33.16 91.42
CA ASP W 115 8.66 33.76 92.64
C ASP W 115 7.85 34.98 93.05
N ASN W 116 7.10 35.57 92.12
CA ASN W 116 6.31 36.76 92.39
C ASN W 116 4.82 36.49 92.48
N PHE W 117 4.32 35.42 91.87
CA PHE W 117 2.91 35.10 91.94
C PHE W 117 2.66 33.62 92.16
N ASP W 118 3.68 32.83 92.45
CA ASP W 118 3.54 31.41 92.75
C ASP W 118 2.72 30.65 91.72
N TRP W 119 2.77 31.09 90.46
CA TRP W 119 2.10 30.40 89.37
C TRP W 119 3.03 29.36 88.77
N ASP W 120 2.43 28.45 88.00
CA ASP W 120 3.16 27.33 87.41
C ASP W 120 2.82 27.25 85.93
N ARG W 121 3.83 26.96 85.13
CA ARG W 121 3.60 26.80 83.70
C ARG W 121 2.83 25.51 83.47
N PRO W 122 1.65 25.53 82.86
CA PRO W 122 0.93 24.28 82.61
C PRO W 122 1.71 23.39 81.65
N SER W 123 1.45 22.08 81.75
CA SER W 123 2.09 21.13 80.87
C SER W 123 1.82 21.49 79.41
N TYR W 124 2.72 21.02 78.54
CA TYR W 124 2.70 21.46 77.14
C TYR W 124 1.35 21.22 76.49
N GLY W 125 0.73 20.09 76.79
CA GLY W 125 -0.53 19.74 76.15
C GLY W 125 -1.75 20.11 76.97
N TYR W 126 -1.58 21.03 77.92
CA TYR W 126 -2.68 21.30 78.85
C TYR W 126 -3.87 21.91 78.13
N PHE W 127 -3.64 22.86 77.23
CA PHE W 127 -4.75 23.59 76.62
C PHE W 127 -5.29 22.93 75.36
N SER W 128 -4.65 21.88 74.85
CA SER W 128 -5.16 21.19 73.69
C SER W 128 -6.23 20.17 74.03
N ARG W 129 -6.47 19.92 75.32
CA ARG W 129 -7.45 18.93 75.73
C ARG W 129 -8.86 19.50 75.64
N ALA W 130 -9.83 18.60 75.66
CA ALA W 130 -11.22 19.03 75.77
C ALA W 130 -11.46 19.60 77.16
N LYS W 131 -12.09 20.76 77.23
CA LYS W 131 -12.33 21.46 78.49
C LYS W 131 -13.81 21.50 78.76
N VAL W 132 -14.25 20.79 79.79
CA VAL W 132 -15.65 20.69 80.16
C VAL W 132 -15.91 21.65 81.31
N ILE W 133 -16.92 22.49 81.18
CA ILE W 133 -17.18 23.56 82.12
C ILE W 133 -18.62 23.49 82.62
N GLN W 134 -18.90 24.33 83.61
CA GLN W 134 -20.24 24.48 84.17
C GLN W 134 -20.84 25.73 83.57
N SER W 135 -21.75 25.54 82.60
CA SER W 135 -22.29 26.65 81.83
C SER W 135 -23.02 27.63 82.72
N ALA W 136 -22.47 28.83 82.88
CA ALA W 136 -23.16 29.88 83.61
C ALA W 136 -24.29 30.48 82.80
N ARG W 137 -24.20 30.42 81.47
CA ARG W 137 -25.29 30.90 80.64
C ARG W 137 -26.56 30.10 80.89
N GLU W 138 -26.43 28.82 81.22
CA GLU W 138 -27.53 27.98 81.68
C GLU W 138 -28.65 27.89 80.66
N ALA W 139 -28.37 28.13 79.38
CA ALA W 139 -29.37 28.04 78.32
C ALA W 139 -28.84 27.16 77.20
N PRO W 140 -28.61 25.89 77.49
CA PRO W 140 -28.24 24.96 76.41
C PRO W 140 -29.35 24.89 75.38
N LYS W 141 -28.97 24.78 74.12
CA LYS W 141 -29.94 24.85 73.05
C LYS W 141 -30.95 23.72 73.17
N LYS W 142 -32.19 24.02 72.79
CA LYS W 142 -33.29 23.08 72.90
C LYS W 142 -33.24 22.08 71.74
N GLU W 143 -34.26 21.24 71.65
CA GLU W 143 -34.36 20.21 70.62
C GLU W 143 -35.82 20.10 70.19
N GLU W 144 -36.04 20.03 68.87
CA GLU W 144 -37.39 19.94 68.34
C GLU W 144 -37.39 19.06 67.10
N LYS W 145 -38.60 18.72 66.64
CA LYS W 145 -38.78 17.91 65.44
C LYS W 145 -39.89 18.52 64.61
N VAL W 146 -39.61 18.73 63.32
CA VAL W 146 -40.59 19.36 62.44
C VAL W 146 -41.78 18.45 62.26
N SER W 147 -42.96 19.04 62.02
CA SER W 147 -44.20 18.29 61.87
C SER W 147 -44.86 18.65 60.56
N TYR W 148 -45.19 17.62 59.78
CA TYR W 148 -45.91 17.75 58.50
C TYR W 148 -47.19 16.92 58.60
N PRO W 149 -48.30 17.49 59.07
CA PRO W 149 -49.55 16.74 59.08
C PRO W 149 -50.10 16.49 57.69
N ASP W 150 -49.60 17.19 56.67
CA ASP W 150 -50.13 17.13 55.32
C ASP W 150 -49.29 16.25 54.41
N ALA W 151 -48.41 15.42 54.97
CA ALA W 151 -47.54 14.60 54.15
C ALA W 151 -48.36 13.66 53.28
N THR W 152 -47.83 13.36 52.11
CA THR W 152 -48.47 12.43 51.18
C THR W 152 -48.71 11.10 51.86
N PRO W 153 -49.96 10.73 52.18
CA PRO W 153 -50.17 9.46 52.87
C PRO W 153 -49.99 8.29 51.93
N GLY W 154 -49.69 7.13 52.53
CA GLY W 154 -49.55 5.89 51.80
C GLY W 154 -50.48 4.83 52.36
N LEU W 155 -50.56 3.72 51.66
CA LEU W 155 -51.41 2.63 52.10
C LEU W 155 -50.80 1.95 53.31
N PRO W 156 -51.49 1.85 54.44
CA PRO W 156 -50.88 1.21 55.61
C PRO W 156 -51.00 -0.30 55.55
N GLU W 157 -50.04 -0.97 56.17
CA GLU W 157 -49.98 -2.43 56.09
C GLU W 157 -51.18 -3.08 56.76
N ASP W 158 -51.78 -2.43 57.75
CA ASP W 158 -52.96 -2.98 58.40
C ASP W 158 -54.20 -2.95 57.49
N TYR W 159 -54.15 -2.22 56.40
CA TYR W 159 -55.31 -2.09 55.54
C TYR W 159 -55.67 -3.45 54.94
N PRO W 160 -56.92 -3.90 55.02
CA PRO W 160 -57.28 -5.18 54.42
C PRO W 160 -57.44 -5.07 52.91
N LYS W 161 -57.12 -6.18 52.23
CA LYS W 161 -57.05 -6.22 50.78
C LYS W 161 -57.93 -7.36 50.27
N PRO W 162 -59.23 -7.13 50.10
CA PRO W 162 -60.08 -8.16 49.55
C PRO W 162 -59.90 -8.29 48.05
N PRO W 163 -60.42 -9.33 47.43
CA PRO W 163 -60.26 -9.47 45.98
C PRO W 163 -60.91 -8.32 45.23
N ALA W 164 -60.30 -7.96 44.10
CA ALA W 164 -60.78 -6.85 43.30
C ALA W 164 -62.16 -7.16 42.74
N LYS W 165 -62.96 -6.11 42.56
CA LYS W 165 -64.30 -6.29 42.01
C LYS W 165 -64.20 -6.61 40.53
N TYR W 166 -64.66 -7.79 40.16
CA TYR W 166 -64.58 -8.27 38.79
C TYR W 166 -63.15 -8.30 38.26
N GLY W 167 -62.17 -8.47 39.13
CA GLY W 167 -60.83 -8.69 38.66
C GLY W 167 -60.28 -7.51 37.87
N SER W 168 -59.37 -7.82 36.95
CA SER W 168 -58.60 -6.84 36.21
C SER W 168 -59.43 -5.68 35.69
N ARG W 169 -60.65 -5.95 35.25
CA ARG W 169 -61.51 -4.96 34.62
C ARG W 169 -60.84 -4.38 33.37
N PHE W 170 -60.07 -5.18 32.63
CA PHE W 170 -59.32 -4.58 31.55
C PHE W 170 -60.14 -4.30 30.29
N HIS W 171 -60.29 -5.28 29.39
CA HIS W 171 -61.28 -5.18 28.34
C HIS W 171 -62.31 -6.28 28.52
N TRP W 172 -61.96 -7.55 28.31
CA TRP W 172 -62.91 -8.64 28.41
C TRP W 172 -62.56 -9.38 29.69
N LEU W 173 -62.38 -8.60 30.75
CA LEU W 173 -61.80 -9.06 32.01
C LEU W 173 -60.62 -9.99 31.77
N GLU W 174 -59.60 -9.47 31.10
CA GLU W 174 -58.32 -10.17 31.05
C GLU W 174 -57.20 -9.18 31.29
N LEU X 1 -43.30 42.72 18.72
CA LEU X 1 -42.67 41.75 17.84
C LEU X 1 -43.21 40.36 18.10
N ARG X 2 -43.56 40.08 19.36
CA ARG X 2 -44.16 38.79 19.73
C ARG X 2 -45.67 38.92 19.69
N SER X 3 -46.25 38.59 18.54
CA SER X 3 -47.70 38.54 18.36
C SER X 3 -48.16 37.10 18.18
N LYS X 4 -49.30 36.77 18.80
CA LYS X 4 -49.91 35.46 18.67
C LYS X 4 -51.07 35.54 17.69
N TYR X 5 -51.21 34.51 16.86
CA TYR X 5 -52.14 34.59 15.73
C TYR X 5 -53.58 34.79 16.20
N TYR X 6 -54.03 33.98 17.16
CA TYR X 6 -55.42 33.98 17.57
C TYR X 6 -55.69 34.90 18.75
N ASP X 7 -54.78 35.84 19.02
CA ASP X 7 -55.00 36.77 20.11
C ASP X 7 -56.29 37.56 19.92
N HIS X 8 -56.69 37.78 18.68
CA HIS X 8 -57.90 38.54 18.37
C HIS X 8 -58.84 37.70 17.50
N PRO X 9 -60.07 38.17 17.26
CA PRO X 9 -60.94 37.46 16.32
C PRO X 9 -60.31 37.33 14.94
N ASP X 10 -60.94 36.51 14.10
CA ASP X 10 -60.32 36.10 12.85
C ASP X 10 -60.06 37.28 11.92
N GLY X 11 -61.01 38.20 11.83
CA GLY X 11 -60.87 39.32 10.91
C GLY X 11 -60.27 40.57 11.54
N GLU X 12 -59.14 40.42 12.23
CA GLU X 12 -58.60 41.50 13.06
C GLU X 12 -57.08 41.57 12.92
N ASP X 13 -56.54 42.70 13.39
CA ASP X 13 -55.11 42.92 13.66
C ASP X 13 -54.20 42.25 12.64
N ALA X 14 -54.34 42.69 11.39
CA ALA X 14 -53.58 42.10 10.28
C ALA X 14 -52.09 42.09 10.60
N PHE X 15 -51.55 43.24 11.04
CA PHE X 15 -50.12 43.29 11.34
C PHE X 15 -49.76 42.34 12.47
N GLY X 16 -50.68 42.09 13.39
CA GLY X 16 -50.44 41.10 14.43
C GLY X 16 -50.36 39.69 13.88
N LYS X 17 -51.21 39.37 12.91
CA LYS X 17 -51.24 38.02 12.36
C LYS X 17 -50.05 37.75 11.48
N ILE X 18 -49.71 38.69 10.60
CA ILE X 18 -48.62 38.45 9.66
C ILE X 18 -47.33 38.16 10.42
N VAL X 19 -47.05 38.93 11.47
CA VAL X 19 -45.86 38.69 12.27
C VAL X 19 -45.91 37.29 12.87
N ALA X 20 -47.07 36.88 13.36
CA ALA X 20 -47.17 35.58 14.02
C ALA X 20 -46.88 34.45 13.04
N THR X 21 -47.43 34.52 11.84
CA THR X 21 -47.22 33.44 10.88
C THR X 21 -45.81 33.49 10.28
N ASN X 22 -45.34 34.68 9.91
CA ASN X 22 -43.98 34.77 9.36
C ASN X 22 -42.95 34.26 10.36
N LYS X 23 -43.25 34.37 11.65
CA LYS X 23 -42.36 33.80 12.67
C LYS X 23 -42.12 32.32 12.40
N TYR X 24 -43.19 31.56 12.20
CA TYR X 24 -43.04 30.14 11.96
C TYR X 24 -42.53 29.86 10.56
N ALA X 25 -42.77 30.77 9.62
CA ALA X 25 -42.22 30.61 8.29
C ALA X 25 -40.70 30.67 8.31
N VAL X 26 -40.14 31.64 9.03
CA VAL X 26 -38.69 31.79 9.08
C VAL X 26 -38.06 30.63 9.84
N SER X 27 -38.63 30.28 11.00
CA SER X 27 -38.01 29.26 11.85
C SER X 27 -37.91 27.94 11.11
N ALA X 28 -39.00 27.50 10.50
CA ALA X 28 -38.96 26.25 9.73
C ALA X 28 -38.01 26.37 8.55
N GLY X 29 -37.99 27.54 7.90
CA GLY X 29 -37.09 27.70 6.77
C GLY X 29 -35.64 27.56 7.15
N VAL X 30 -35.23 28.23 8.22
CA VAL X 30 -33.84 28.14 8.67
C VAL X 30 -33.54 26.71 9.12
N ALA X 31 -34.46 26.11 9.87
CA ALA X 31 -34.22 24.76 10.39
C ALA X 31 -33.94 23.78 9.25
N TRP X 32 -34.81 23.76 8.24
CA TRP X 32 -34.53 22.92 7.08
C TRP X 32 -33.32 23.43 6.32
N SER X 33 -33.14 24.75 6.23
CA SER X 33 -32.05 25.30 5.43
C SER X 33 -30.70 24.88 5.99
N MET X 34 -30.59 24.73 7.31
CA MET X 34 -29.32 24.30 7.89
C MET X 34 -28.93 22.92 7.40
N PHE X 35 -29.88 22.00 7.33
CA PHE X 35 -29.59 20.68 6.77
C PHE X 35 -29.24 20.79 5.30
N ASP X 36 -29.93 21.67 4.57
CA ASP X 36 -29.77 21.74 3.13
C ASP X 36 -28.36 22.18 2.75
N VAL X 37 -27.82 23.18 3.46
CA VAL X 37 -26.54 23.74 3.05
C VAL X 37 -25.36 22.92 3.53
N LEU X 38 -25.55 22.05 4.52
CA LEU X 38 -24.47 21.19 5.01
C LEU X 38 -24.56 19.78 4.47
N THR X 39 -25.76 19.20 4.40
CA THR X 39 -25.91 17.78 4.16
C THR X 39 -26.30 17.43 2.72
N LEU X 40 -27.03 18.31 2.03
CA LEU X 40 -27.55 17.98 0.71
C LEU X 40 -26.94 18.83 -0.40
N SER X 41 -27.06 20.16 -0.34
CA SER X 41 -26.57 21.00 -1.43
C SER X 41 -25.08 21.24 -1.31
N LYS X 42 -24.62 21.64 -0.13
CA LYS X 42 -23.21 21.87 0.13
C LYS X 42 -22.65 22.93 -0.82
N PRO X 43 -23.13 24.16 -0.75
CA PRO X 43 -22.57 25.21 -1.58
C PRO X 43 -21.20 25.63 -1.07
N GLN X 44 -20.46 26.29 -1.94
CA GLN X 44 -19.11 26.75 -1.63
C GLN X 44 -19.04 28.26 -1.80
N GLY X 45 -18.43 28.92 -0.85
CA GLY X 45 -18.37 30.37 -0.81
C GLY X 45 -19.40 30.94 0.15
N TYR X 46 -19.08 32.10 0.71
CA TYR X 46 -19.95 32.71 1.70
C TYR X 46 -21.18 33.35 1.09
N LEU X 47 -21.14 33.73 -0.18
CA LEU X 47 -22.31 34.34 -0.80
C LEU X 47 -23.35 33.30 -1.21
N PRO X 48 -23.00 32.29 -1.99
CA PRO X 48 -24.04 31.32 -2.42
C PRO X 48 -24.72 30.65 -1.26
N THR X 49 -24.03 30.48 -0.14
CA THR X 49 -24.66 29.88 1.04
C THR X 49 -25.89 30.66 1.46
N LEU X 50 -25.85 31.98 1.30
CA LEU X 50 -27.03 32.78 1.63
C LEU X 50 -28.17 32.48 0.67
N GLY X 51 -27.86 32.22 -0.61
CA GLY X 51 -28.90 31.90 -1.56
C GLY X 51 -29.73 30.70 -1.13
N ARG X 52 -29.07 29.68 -0.57
CA ARG X 52 -29.81 28.55 -0.03
C ARG X 52 -30.67 28.98 1.15
N PHE X 53 -30.14 29.83 2.03
CA PHE X 53 -30.95 30.36 3.11
C PHE X 53 -32.12 31.17 2.58
N ALA X 54 -31.87 32.01 1.58
CA ALA X 54 -32.96 32.78 0.98
C ALA X 54 -33.91 31.88 0.21
N TYR X 55 -33.36 30.93 -0.56
CA TYR X 55 -34.20 30.10 -1.40
C TYR X 55 -35.16 29.26 -0.57
N ASN X 56 -34.67 28.64 0.50
CA ASN X 56 -35.51 27.77 1.29
C ASN X 56 -36.42 28.54 2.24
N THR X 57 -36.02 29.74 2.64
CA THR X 57 -36.79 30.54 3.60
C THR X 57 -37.69 31.57 2.93
N GLY X 58 -37.21 32.22 1.88
CA GLY X 58 -37.92 33.28 1.23
C GLY X 58 -39.35 32.93 0.86
N PRO X 59 -39.52 32.02 -0.10
CA PRO X 59 -40.89 31.67 -0.53
C PRO X 59 -41.70 31.10 0.61
N LEU X 60 -41.07 30.40 1.54
CA LEU X 60 -41.78 29.90 2.70
C LEU X 60 -42.33 31.05 3.55
N MET X 61 -41.73 32.23 3.48
CA MET X 61 -42.35 33.41 4.06
C MET X 61 -43.52 33.88 3.21
N GLY X 62 -43.38 33.81 1.89
CA GLY X 62 -44.47 34.21 1.02
C GLY X 62 -45.73 33.40 1.27
N MET X 63 -45.56 32.12 1.57
CA MET X 63 -46.72 31.26 1.82
C MET X 63 -47.49 31.74 3.04
N ALA X 64 -46.80 31.92 4.16
CA ALA X 64 -47.46 32.29 5.40
C ALA X 64 -48.20 33.61 5.24
N THR X 65 -47.53 34.60 4.65
CA THR X 65 -48.18 35.89 4.43
C THR X 65 -49.41 35.73 3.55
N ALA X 66 -49.29 34.96 2.47
CA ALA X 66 -50.42 34.76 1.57
C ALA X 66 -51.60 34.16 2.31
N PHE X 67 -51.36 33.16 3.15
CA PHE X 67 -52.45 32.53 3.88
C PHE X 67 -53.13 33.54 4.80
N THR X 68 -52.35 34.36 5.51
CA THR X 68 -52.95 35.33 6.41
C THR X 68 -53.77 36.35 5.64
N LEU X 69 -53.22 36.89 4.55
CA LEU X 69 -53.93 37.89 3.78
C LEU X 69 -55.21 37.32 3.19
N THR X 70 -55.10 36.18 2.51
CA THR X 70 -56.27 35.57 1.92
C THR X 70 -57.28 35.17 2.98
N THR X 71 -56.81 34.55 4.07
CA THR X 71 -57.72 34.21 5.16
C THR X 71 -58.35 35.46 5.75
N LEU X 72 -57.55 36.50 5.99
CA LEU X 72 -58.08 37.74 6.52
C LEU X 72 -59.01 38.41 5.52
N VAL X 73 -58.63 38.45 4.25
CA VAL X 73 -59.47 39.07 3.24
C VAL X 73 -60.79 38.34 3.12
N ALA X 74 -60.75 37.01 3.12
CA ALA X 74 -61.98 36.23 3.02
C ALA X 74 -62.88 36.46 4.22
N THR X 75 -62.29 36.61 5.41
CA THR X 75 -63.09 36.75 6.62
C THR X 75 -63.97 37.99 6.55
N ASN X 76 -63.46 39.08 5.99
CA ASN X 76 -64.26 40.30 5.89
C ASN X 76 -65.18 40.25 4.68
N ALA X 77 -64.67 39.76 3.54
CA ALA X 77 -65.43 39.81 2.30
C ALA X 77 -66.72 38.98 2.41
N ARG X 78 -66.61 37.77 2.93
CA ARG X 78 -67.79 36.91 3.02
C ARG X 78 -68.73 37.33 4.14
N GLY X 79 -68.20 37.96 5.19
CA GLY X 79 -69.01 38.37 6.32
C GLY X 79 -69.12 37.35 7.42
N LYS X 80 -68.25 36.34 7.44
CA LYS X 80 -68.34 35.30 8.46
C LYS X 80 -67.00 34.58 8.53
N ASP X 81 -66.60 34.18 9.75
CA ASP X 81 -65.34 33.49 9.98
C ASP X 81 -65.61 32.00 10.08
N ASP X 82 -65.67 31.34 8.94
CA ASP X 82 -66.01 29.94 8.86
C ASP X 82 -64.89 29.16 8.17
N LYS X 83 -65.06 27.84 8.15
CA LYS X 83 -63.98 26.94 7.75
C LYS X 83 -63.56 27.19 6.31
N ILE X 84 -64.49 27.57 5.44
CA ILE X 84 -64.15 27.79 4.03
C ILE X 84 -63.11 28.88 3.91
N ASN X 85 -63.07 29.82 4.86
CA ASN X 85 -62.07 30.85 4.83
C ASN X 85 -60.67 30.25 4.86
N TYR X 86 -60.41 29.38 5.84
CA TYR X 86 -59.10 28.75 5.92
C TYR X 86 -58.86 27.85 4.72
N LEU X 87 -59.90 27.19 4.23
CA LEU X 87 -59.77 26.46 2.97
C LEU X 87 -59.41 27.40 1.84
N ILE X 88 -60.06 28.57 1.79
CA ILE X 88 -59.71 29.56 0.78
C ILE X 88 -58.29 30.06 1.00
N GLY X 89 -57.89 30.18 2.26
CA GLY X 89 -56.53 30.61 2.54
C GLY X 89 -55.49 29.62 2.03
N GLY X 90 -55.72 28.33 2.24
CA GLY X 90 -54.72 27.34 1.89
C GLY X 90 -54.35 27.37 0.41
N PHE X 91 -55.35 27.54 -0.46
CA PHE X 91 -55.08 27.50 -1.89
C PHE X 91 -54.16 28.65 -2.31
N ALA X 92 -54.16 29.75 -1.56
CA ALA X 92 -53.24 30.83 -1.85
C ALA X 92 -51.80 30.39 -1.66
N ALA X 93 -51.48 29.81 -0.49
CA ALA X 93 -50.13 29.35 -0.23
C ALA X 93 -49.73 28.26 -1.20
N GLY X 94 -50.66 27.38 -1.57
CA GLY X 94 -50.39 26.40 -2.59
C GLY X 94 -50.02 27.05 -3.92
N GLY X 95 -50.73 28.11 -4.29
CA GLY X 95 -50.37 28.82 -5.50
C GLY X 95 -48.96 29.36 -5.45
N VAL X 96 -48.54 29.86 -4.28
CA VAL X 96 -47.18 30.35 -4.13
C VAL X 96 -46.20 29.19 -4.21
N PHE X 97 -46.61 28.00 -3.77
CA PHE X 97 -45.72 26.85 -3.85
C PHE X 97 -45.39 26.50 -5.29
N GLY X 98 -46.39 26.58 -6.18
CA GLY X 98 -46.13 26.32 -7.58
C GLY X 98 -45.18 27.33 -8.19
N ALA X 99 -45.43 28.62 -7.92
CA ALA X 99 -44.53 29.65 -8.42
C ALA X 99 -43.12 29.43 -7.91
N TRP X 100 -42.99 29.01 -6.65
CA TRP X 100 -41.68 28.67 -6.12
C TRP X 100 -41.05 27.52 -6.91
N LYS X 101 -41.83 26.46 -7.15
CA LYS X 101 -41.32 25.27 -7.81
C LYS X 101 -41.55 25.26 -9.30
N HIS X 102 -42.04 26.36 -9.87
CA HIS X 102 -42.15 26.52 -11.32
C HIS X 102 -43.09 25.49 -11.93
N ASN X 103 -43.94 24.88 -11.11
CA ASN X 103 -44.73 23.71 -11.48
C ASN X 103 -46.19 24.03 -11.28
N HIS X 104 -46.98 23.95 -12.35
CA HIS X 104 -48.41 24.24 -12.25
C HIS X 104 -49.11 23.23 -11.35
N VAL X 105 -48.79 21.95 -11.51
CA VAL X 105 -49.49 20.91 -10.74
C VAL X 105 -49.08 20.96 -9.27
N ALA X 106 -47.78 21.13 -9.00
CA ALA X 106 -47.31 21.10 -7.62
C ALA X 106 -48.01 22.15 -6.78
N GLY X 107 -48.18 23.35 -7.33
CA GLY X 107 -48.90 24.38 -6.60
C GLY X 107 -50.36 24.02 -6.36
N LEU X 108 -51.02 23.47 -7.38
CA LEU X 108 -52.43 23.16 -7.24
C LEU X 108 -52.65 22.08 -6.19
N CYS X 109 -51.97 20.94 -6.32
CA CYS X 109 -52.21 19.84 -5.40
C CYS X 109 -51.78 20.20 -3.98
N ALA X 110 -50.62 20.84 -3.84
CA ALA X 110 -50.14 21.24 -2.52
C ALA X 110 -51.13 22.19 -1.85
N GLY X 111 -51.86 22.98 -2.62
CA GLY X 111 -52.89 23.81 -2.03
C GLY X 111 -53.94 22.98 -1.32
N LEU X 112 -54.33 21.86 -1.91
CA LEU X 112 -55.30 20.98 -1.27
C LEU X 112 -54.71 20.36 -0.01
N PHE X 113 -53.48 19.88 -0.07
CA PHE X 113 -52.79 19.41 1.13
C PHE X 113 -52.79 20.51 2.19
N LEU X 114 -52.46 21.73 1.80
CA LEU X 114 -52.52 22.85 2.73
C LEU X 114 -53.95 23.25 3.02
N GLY X 115 -54.85 23.10 2.05
CA GLY X 115 -56.21 23.56 2.25
C GLY X 115 -56.93 22.79 3.34
N ILE X 116 -56.88 21.46 3.27
CA ILE X 116 -57.50 20.65 4.30
C ILE X 116 -56.75 20.80 5.62
N ALA X 117 -55.47 21.10 5.57
CA ALA X 117 -54.72 21.31 6.80
C ALA X 117 -55.29 22.48 7.58
N GLY X 118 -55.50 23.62 6.90
CA GLY X 118 -56.05 24.77 7.57
C GLY X 118 -57.46 24.51 8.11
N VAL X 119 -58.25 23.75 7.36
CA VAL X 119 -59.62 23.49 7.78
C VAL X 119 -59.64 22.83 9.15
N ILE X 120 -58.80 21.82 9.34
CA ILE X 120 -58.78 21.11 10.61
C ILE X 120 -58.31 22.03 11.74
N LYS X 121 -57.39 22.93 11.44
CA LYS X 121 -56.94 23.86 12.47
C LYS X 121 -58.11 24.74 12.93
N LYS X 122 -58.90 25.22 11.99
CA LYS X 122 -60.09 26.00 12.35
C LYS X 122 -61.07 25.14 13.14
N MET X 123 -61.21 23.87 12.76
CA MET X 123 -62.05 22.95 13.51
C MET X 123 -61.64 22.94 14.99
N SER X 124 -60.33 22.86 15.24
CA SER X 124 -59.85 22.82 16.61
C SER X 124 -60.20 24.10 17.36
N ILE X 125 -60.00 25.25 16.71
CA ILE X 125 -60.26 26.53 17.38
C ILE X 125 -61.73 26.67 17.70
N GLU X 126 -62.61 26.18 16.83
CA GLU X 126 -64.03 26.44 16.97
C GLU X 126 -64.71 25.45 17.92
N GLN X 127 -64.17 24.25 18.06
CA GLN X 127 -64.78 23.23 18.91
C GLN X 127 -64.20 23.19 20.32
N GLY X 128 -62.98 23.68 20.52
CA GLY X 128 -62.43 23.76 21.85
C GLY X 128 -61.60 22.57 22.27
N TRP X 129 -60.70 22.12 21.39
CA TRP X 129 -59.72 21.11 21.72
C TRP X 129 -58.38 21.48 21.10
N GLU X 130 -57.33 20.80 21.55
CA GLU X 130 -55.96 21.18 21.27
C GLU X 130 -55.22 20.05 20.59
N PHE X 131 -54.14 20.40 19.89
CA PHE X 131 -53.35 19.42 19.15
C PHE X 131 -52.29 18.74 20.01
N PHE X 132 -51.58 19.48 20.84
CA PHE X 132 -50.55 18.94 21.72
C PHE X 132 -50.83 19.41 23.13
N PRO X 133 -51.93 18.99 23.73
CA PRO X 133 -52.29 19.46 25.05
C PRO X 133 -51.32 18.96 26.11
N ASN X 134 -51.24 19.71 27.20
CA ASN X 134 -50.46 19.25 28.35
C ASN X 134 -51.07 17.97 28.89
N THR X 135 -50.22 16.98 29.13
CA THR X 135 -50.72 15.67 29.55
C THR X 135 -51.50 15.81 30.85
N PRO X 136 -52.73 15.30 30.92
CA PRO X 136 -53.47 15.38 32.19
C PRO X 136 -53.06 14.27 33.15
N ILE X 137 -52.67 13.13 32.62
CA ILE X 137 -52.19 12.00 33.42
C ILE X 137 -50.72 11.82 33.13
N LYS X 138 -49.88 11.95 34.16
CA LYS X 138 -48.44 11.77 34.04
C LYS X 138 -48.02 10.81 35.16
N GLN X 139 -47.68 9.59 34.79
CA GLN X 139 -47.42 8.52 35.74
C GLN X 139 -45.93 8.42 36.02
N TYR X 140 -45.56 8.40 37.30
CA TYR X 140 -44.16 8.38 37.72
C TYR X 140 -43.80 7.11 38.46
N GLY X 141 -44.58 6.04 38.32
CA GLY X 141 -44.24 4.82 39.04
C GLY X 141 -45.24 3.73 38.73
N GLY X 142 -45.01 2.57 39.33
CA GLY X 142 -45.95 1.47 39.32
C GLY X 142 -46.93 1.62 40.46
N LEU X 143 -47.50 0.49 40.88
CA LEU X 143 -48.37 0.51 42.05
C LEU X 143 -47.56 0.62 43.33
N ASN X 144 -46.42 -0.07 43.40
CA ASN X 144 -45.59 -0.14 44.59
C ASN X 144 -44.36 0.74 44.46
N ILE X 145 -44.50 1.91 43.84
CA ILE X 145 -43.33 2.76 43.61
C ILE X 145 -42.71 3.19 44.92
N ALA X 146 -43.51 3.41 45.96
CA ALA X 146 -43.00 3.79 47.26
C ALA X 146 -42.56 2.59 48.10
N GLY X 147 -42.80 1.37 47.64
CA GLY X 147 -42.44 0.19 48.38
C GLY X 147 -41.18 -0.49 47.86
N ASN X 148 -41.03 -0.57 46.54
CA ASN X 148 -39.91 -1.29 45.96
C ASN X 148 -38.62 -0.50 46.11
N ASP X 149 -37.91 -0.74 47.21
CA ASP X 149 -36.60 -0.16 47.47
C ASP X 149 -35.68 -1.28 47.93
N TRP X 150 -34.47 -1.33 47.37
CA TRP X 150 -33.56 -2.43 47.59
C TRP X 150 -32.27 -2.02 48.28
N THR X 151 -32.12 -0.75 48.64
CA THR X 151 -30.85 -0.26 49.16
C THR X 151 -30.50 -0.93 50.49
N ILE X 152 -29.21 -1.02 50.77
CA ILE X 152 -28.71 -1.78 51.92
C ILE X 152 -28.36 -0.86 53.07
N MET X 153 -27.86 0.35 52.79
CA MET X 153 -27.41 1.22 53.86
C MET X 153 -28.55 1.55 54.81
N ALA X 154 -28.29 1.41 56.10
CA ALA X 154 -29.28 1.70 57.11
C ALA X 154 -29.60 3.20 57.10
N ASP X 155 -30.87 3.53 56.97
CA ASP X 155 -31.29 4.92 56.98
C ASP X 155 -31.27 5.42 58.43
N PRO X 156 -30.40 6.37 58.78
CA PRO X 156 -30.37 6.85 60.17
C PRO X 156 -31.71 7.44 60.57
N PRO X 157 -31.90 7.77 61.84
CA PRO X 157 -33.24 8.16 62.31
C PRO X 157 -33.79 9.37 61.56
N LYS X 158 -35.09 9.54 61.74
CA LYS X 158 -35.88 10.56 61.07
C LYS X 158 -35.66 11.92 61.74
N ASN X 159 -36.23 12.97 61.15
CA ASN X 159 -36.22 14.28 61.76
C ASN X 159 -37.54 15.01 61.61
N TRP X 160 -38.58 14.35 61.09
CA TRP X 160 -39.89 14.96 60.95
C TRP X 160 -40.94 13.94 61.33
N THR X 161 -42.03 14.44 61.89
CA THR X 161 -43.11 13.61 62.39
C THR X 161 -44.40 13.95 61.66
N THR X 162 -45.06 12.92 61.12
CA THR X 162 -46.37 13.15 60.52
C THR X 162 -47.40 13.54 61.56
N GLU X 163 -47.20 13.12 62.81
CA GLU X 163 -48.12 13.47 63.87
C GLU X 163 -48.24 14.99 63.98
N LYS X 164 -49.36 15.43 64.55
CA LYS X 164 -49.52 16.85 64.80
C LYS X 164 -48.44 17.32 65.79
N PRO X 165 -47.94 18.54 65.63
CA PRO X 165 -46.83 18.98 66.48
C PRO X 165 -47.25 19.13 67.93
N LYS X 166 -46.29 18.90 68.82
CA LYS X 166 -46.44 19.18 70.23
C LYS X 166 -45.76 20.50 70.56
N GLU X 167 -46.21 21.14 71.64
CA GLU X 167 -45.68 22.42 72.04
C GLU X 167 -45.65 22.56 73.56
N PRO Y 1 80.28 -9.05 32.84
CA PRO Y 1 79.48 -8.04 32.16
C PRO Y 1 79.06 -8.49 30.76
N PRO Y 2 77.80 -8.83 30.54
CA PRO Y 2 77.40 -9.33 29.22
C PRO Y 2 77.54 -8.26 28.14
N LYS Y 3 77.80 -8.73 26.93
CA LYS Y 3 77.96 -7.87 25.76
C LYS Y 3 76.72 -7.85 24.90
N GLN Y 4 75.61 -8.35 25.40
CA GLN Y 4 74.38 -8.45 24.63
C GLN Y 4 73.22 -8.61 25.60
N ASP Y 5 72.06 -8.08 25.22
CA ASP Y 5 70.91 -8.12 26.11
C ASP Y 5 70.49 -9.57 26.30
N LEU Y 6 70.72 -10.11 27.49
CA LEU Y 6 70.46 -11.50 27.79
C LEU Y 6 69.83 -11.61 29.17
N PRO Y 7 69.14 -12.71 29.47
CA PRO Y 7 68.61 -12.88 30.81
C PRO Y 7 69.73 -12.95 31.82
N PRO Y 8 69.46 -12.57 33.06
CA PRO Y 8 70.53 -12.52 34.06
C PRO Y 8 70.99 -13.91 34.42
N PRO Y 9 72.08 -14.03 35.18
CA PRO Y 9 72.49 -15.35 35.66
C PRO Y 9 71.45 -15.94 36.60
N GLY Y 10 70.79 -17.01 36.14
CA GLY Y 10 69.72 -17.64 36.89
C GLY Y 10 68.34 -17.26 36.40
N GLY Y 11 68.21 -16.19 35.64
CA GLY Y 11 66.96 -15.85 34.99
C GLY Y 11 66.06 -14.98 35.84
N TYR Y 12 65.11 -14.33 35.17
CA TYR Y 12 64.12 -13.52 35.85
C TYR Y 12 63.19 -14.40 36.68
N LYS Y 13 62.57 -13.79 37.68
CA LYS Y 13 61.59 -14.49 38.47
C LYS Y 13 60.33 -14.75 37.64
N LYS Y 14 59.47 -15.63 38.15
CA LYS Y 14 58.22 -15.92 37.47
C LYS Y 14 57.31 -14.70 37.47
N ILE Y 15 56.66 -14.47 36.34
CA ILE Y 15 55.80 -13.30 36.17
C ILE Y 15 54.36 -13.70 36.51
N PRO Y 16 53.67 -12.99 37.40
CA PRO Y 16 52.29 -13.35 37.71
C PRO Y 16 51.38 -13.05 36.53
N PHE Y 17 50.58 -14.03 36.16
CA PHE Y 17 49.61 -13.89 35.08
C PHE Y 17 48.19 -14.25 35.50
N ALA Y 18 48.02 -15.09 36.51
CA ALA Y 18 46.71 -15.56 36.91
C ALA Y 18 45.90 -14.41 37.49
N ARG Y 19 44.58 -14.62 37.55
CA ARG Y 19 43.66 -13.64 38.11
C ARG Y 19 43.53 -13.87 39.61
N VAL Y 20 43.71 -12.80 40.37
CA VAL Y 20 43.53 -12.81 41.81
C VAL Y 20 42.29 -11.98 42.13
N PRO Y 21 41.27 -12.52 42.79
CA PRO Y 21 40.08 -11.73 43.06
C PRO Y 21 40.25 -10.92 44.33
N PRO Y 22 39.60 -9.75 44.44
CA PRO Y 22 39.80 -8.91 45.63
C PRO Y 22 39.15 -9.48 46.87
N LYS Y 23 39.37 -8.82 48.01
CA LYS Y 23 38.89 -9.33 49.29
C LYS Y 23 37.37 -9.29 49.34
N SER Y 24 36.77 -10.39 49.79
CA SER Y 24 35.32 -10.50 49.93
C SER Y 24 34.97 -10.40 51.42
N TYR Y 25 34.12 -9.43 51.75
CA TYR Y 25 33.75 -9.17 53.13
C TYR Y 25 32.32 -9.53 53.47
N PHE Y 26 31.44 -9.64 52.48
CA PHE Y 26 30.01 -9.75 52.71
C PHE Y 26 29.45 -10.95 51.97
N THR Y 27 28.58 -11.70 52.65
CA THR Y 27 27.86 -12.81 52.06
C THR Y 27 26.37 -12.49 52.06
N GLY Y 28 25.60 -13.38 51.44
CA GLY Y 28 24.17 -13.13 51.30
C GLY Y 28 23.47 -12.97 52.63
N PHE Y 29 23.74 -13.87 53.57
CA PHE Y 29 23.04 -13.83 54.85
C PHE Y 29 23.48 -12.64 55.69
N THR Y 30 24.77 -12.35 55.70
CA THR Y 30 25.25 -11.22 56.48
C THR Y 30 24.73 -9.90 55.92
N THR Y 31 24.61 -9.80 54.60
CA THR Y 31 24.07 -8.59 54.00
C THR Y 31 22.59 -8.45 54.28
N ILE Y 32 21.81 -9.51 54.05
CA ILE Y 32 20.39 -9.46 54.31
C ILE Y 32 20.13 -9.30 55.81
N GLY Y 33 20.91 -10.00 56.63
CA GLY Y 33 20.72 -9.90 58.07
C GLY Y 33 21.02 -8.51 58.60
N THR Y 34 22.12 -7.91 58.14
CA THR Y 34 22.48 -6.58 58.62
C THR Y 34 21.42 -5.56 58.25
N TYR Y 35 20.90 -5.63 57.03
CA TYR Y 35 19.97 -4.59 56.59
C TYR Y 35 18.73 -4.56 57.48
N VAL Y 36 18.18 -5.72 57.80
CA VAL Y 36 16.99 -5.76 58.65
C VAL Y 36 17.30 -5.14 60.00
N VAL Y 37 18.45 -5.49 60.58
CA VAL Y 37 18.84 -4.91 61.87
C VAL Y 37 18.98 -3.40 61.74
N VAL Y 38 19.64 -2.94 60.69
CA VAL Y 38 19.85 -1.50 60.52
C VAL Y 38 18.52 -0.79 60.35
N THR Y 39 17.61 -1.36 59.56
CA THR Y 39 16.29 -0.76 59.42
C THR Y 39 15.55 -0.77 60.74
N ALA Y 40 15.58 -1.89 61.46
CA ALA Y 40 14.84 -1.98 62.71
C ALA Y 40 15.30 -0.92 63.70
N VAL Y 41 16.61 -0.80 63.90
CA VAL Y 41 17.12 0.26 64.77
C VAL Y 41 16.72 1.62 64.22
N GLY Y 42 16.77 1.78 62.91
CA GLY Y 42 16.36 3.05 62.32
C GLY Y 42 14.94 3.41 62.67
N LEU Y 43 14.03 2.43 62.62
CA LEU Y 43 12.66 2.69 63.06
C LEU Y 43 12.62 2.99 64.54
N GLY Y 44 13.44 2.28 65.32
CA GLY Y 44 13.46 2.53 66.75
C GLY Y 44 13.82 3.96 67.08
N ILE Y 45 14.88 4.48 66.46
CA ILE Y 45 15.26 5.87 66.70
C ILE Y 45 14.25 6.82 66.06
N TYR Y 46 13.65 6.43 64.93
CA TYR Y 46 12.68 7.30 64.30
C TYR Y 46 11.49 7.53 65.23
N TYR Y 47 11.06 6.51 65.94
CA TYR Y 47 9.93 6.65 66.85
C TYR Y 47 10.19 7.73 67.89
N LEU Y 48 11.36 7.68 68.52
CA LEU Y 48 11.69 8.69 69.53
C LEU Y 48 11.64 10.08 68.94
N THR Y 49 12.11 10.24 67.70
CA THR Y 49 12.01 11.53 67.04
C THR Y 49 10.55 11.92 66.85
N ALA Y 50 9.71 10.97 66.42
CA ALA Y 50 8.31 11.28 66.21
C ALA Y 50 7.67 11.82 67.48
N LYS Y 51 8.07 11.29 68.64
CA LYS Y 51 7.59 11.84 69.89
C LYS Y 51 7.95 13.32 70.01
N LYS Y 52 9.20 13.66 69.76
CA LYS Y 52 9.65 15.02 69.98
C LYS Y 52 8.95 16.00 69.06
N VAL Y 53 8.74 15.62 67.80
CA VAL Y 53 8.02 16.50 66.89
C VAL Y 53 6.59 16.72 67.38
N LYS Y 54 5.93 15.63 67.80
CA LYS Y 54 4.58 15.77 68.34
C LYS Y 54 4.58 16.61 69.61
N ARG Y 55 5.55 16.38 70.48
CA ARG Y 55 5.69 17.20 71.68
C ARG Y 55 5.70 18.67 71.32
N ASP Y 56 6.54 19.04 70.37
CA ASP Y 56 6.65 20.45 69.99
C ASP Y 56 5.37 20.95 69.34
N GLU Y 57 4.76 20.14 68.47
CA GLU Y 57 3.55 20.57 67.78
C GLU Y 57 2.44 20.88 68.76
N ILE Y 58 2.19 19.98 69.70
CA ILE Y 58 1.11 20.20 70.66
C ILE Y 58 1.34 21.48 71.44
N GLU Y 59 2.59 21.72 71.83
CA GLU Y 59 2.90 22.96 72.54
C GLU Y 59 2.56 24.16 71.69
N MET Y 60 2.87 24.12 70.40
CA MET Y 60 2.50 25.22 69.52
C MET Y 60 1.00 25.36 69.42
N ARG Y 61 0.28 24.23 69.29
CA ARG Y 61 -1.17 24.30 69.17
C ARG Y 61 -1.81 24.78 70.45
N SER Y 62 -1.31 24.33 71.60
CA SER Y 62 -1.88 24.78 72.87
C SER Y 62 -1.75 26.28 73.03
N ALA Y 63 -0.71 26.87 72.47
CA ALA Y 63 -0.58 28.33 72.52
C ALA Y 63 -1.67 29.01 71.73
N GLN Y 64 -2.15 28.38 70.66
CA GLN Y 64 -3.25 28.97 69.90
C GLN Y 64 -4.50 29.09 70.75
N ASN Y 65 -4.85 28.03 71.46
CA ASN Y 65 -6.11 27.99 72.19
C ASN Y 65 -6.18 29.04 73.28
N VAL Y 66 -5.05 29.60 73.69
CA VAL Y 66 -5.07 30.71 74.64
C VAL Y 66 -5.14 32.06 73.94
N ILE Y 67 -4.82 32.11 72.66
CA ILE Y 67 -4.83 33.37 71.90
C ILE Y 67 -6.09 33.42 71.06
N PHE Y 68 -6.55 32.27 70.60
CA PHE Y 68 -7.72 32.27 69.71
C PHE Y 68 -8.94 32.90 70.36
N PRO Y 69 -9.29 32.62 71.61
CA PRO Y 69 -10.42 33.35 72.22
C PRO Y 69 -10.21 34.85 72.26
N ILE Y 70 -8.97 35.30 72.44
CA ILE Y 70 -8.70 36.73 72.53
C ILE Y 70 -9.10 37.43 71.23
N LEU Y 71 -8.66 36.87 70.10
CA LEU Y 71 -8.95 37.50 68.81
C LEU Y 71 -10.44 37.54 68.54
N VAL Y 72 -11.14 36.44 68.82
CA VAL Y 72 -12.57 36.37 68.54
C VAL Y 72 -13.30 37.48 69.30
N ALA Y 73 -12.89 37.72 70.55
CA ALA Y 73 -13.47 38.83 71.28
C ALA Y 73 -13.23 40.15 70.56
N GLU Y 74 -12.02 40.35 70.07
CA GLU Y 74 -11.69 41.59 69.38
C GLU Y 74 -12.47 41.73 68.08
N ARG Y 75 -12.52 40.66 67.29
CA ARG Y 75 -13.16 40.76 65.98
C ARG Y 75 -14.64 41.10 66.10
N ASP Y 76 -15.34 40.45 67.03
CA ASP Y 76 -16.77 40.68 67.15
C ASP Y 76 -17.07 42.13 67.44
N ARG Y 77 -16.36 42.71 68.41
CA ARG Y 77 -16.61 44.10 68.79
C ARG Y 77 -16.26 45.08 67.68
N GLU Y 78 -15.53 44.64 66.66
CA GLU Y 78 -15.26 45.47 65.49
C GLU Y 78 -16.04 45.05 64.27
N PHE Y 79 -16.40 43.78 64.17
CA PHE Y 79 -17.29 43.33 63.11
C PHE Y 79 -18.65 44.03 63.22
N LEU Y 80 -19.18 44.10 64.44
CA LEU Y 80 -20.47 44.76 64.64
C LEU Y 80 -20.38 46.24 64.30
N ARG Y 81 -19.34 46.91 64.79
CA ARG Y 81 -19.22 48.35 64.54
C ARG Y 81 -19.23 48.63 63.06
N GLN Y 82 -18.59 47.79 62.27
CA GLN Y 82 -18.58 48.00 60.82
C GLN Y 82 -19.97 47.89 60.24
N LEU Y 83 -20.77 46.94 60.74
CA LEU Y 83 -22.08 46.72 60.17
C LEU Y 83 -22.95 47.96 60.26
N ARG Y 84 -22.86 48.69 61.38
CA ARG Y 84 -23.62 49.93 61.48
C ARG Y 84 -23.21 50.90 60.38
N ARG Y 85 -21.91 51.04 60.15
CA ARG Y 85 -21.46 51.98 59.12
C ARG Y 85 -21.97 51.59 57.75
N ASN Y 86 -21.93 50.30 57.42
CA ASN Y 86 -22.44 49.86 56.13
C ASN Y 86 -23.94 50.08 56.02
N ARG Y 87 -24.69 49.76 57.08
CA ARG Y 87 -26.12 50.04 57.06
C ARG Y 87 -26.39 51.52 56.94
N ASP Y 88 -25.45 52.37 57.35
CA ASP Y 88 -25.62 53.81 57.20
C ASP Y 88 -25.12 54.29 55.84
N GLU Y 89 -24.04 53.70 55.34
CA GLU Y 89 -23.58 54.06 54.00
C GLU Y 89 -24.59 53.66 52.95
N GLU Y 90 -25.27 52.53 53.15
CA GLU Y 90 -26.30 52.12 52.20
C GLU Y 90 -27.43 53.13 52.15
N ALA Y 91 -27.81 53.66 53.31
CA ALA Y 91 -28.91 54.63 53.35
C ALA Y 91 -28.56 55.89 52.57
N GLU Y 92 -27.36 56.44 52.79
CA GLU Y 92 -26.98 57.67 52.12
C GLU Y 92 -26.77 57.45 50.64
N LEU Y 93 -26.18 56.31 50.26
CA LEU Y 93 -25.80 56.12 48.87
C LEU Y 93 -27.01 56.11 47.95
N MET Y 94 -28.14 55.58 48.43
CA MET Y 94 -29.28 55.25 47.59
C MET Y 94 -30.54 55.91 48.13
N LYS Y 95 -30.44 57.20 48.43
CA LYS Y 95 -31.61 57.95 48.87
C LYS Y 95 -32.68 57.98 47.80
N ASN Y 96 -32.29 58.17 46.54
CA ASN Y 96 -33.21 58.51 45.47
C ASN Y 96 -33.57 57.32 44.58
N VAL Y 97 -33.11 56.11 44.91
CA VAL Y 97 -33.43 54.93 44.11
C VAL Y 97 -34.93 54.69 44.23
N PRO Y 98 -35.62 54.21 43.17
CA PRO Y 98 -37.09 54.13 43.22
C PRO Y 98 -37.68 53.46 44.45
N GLY Y 99 -37.32 52.20 44.70
CA GLY Y 99 -37.94 51.45 45.78
C GLY Y 99 -36.96 50.74 46.69
N TRP Y 100 -35.71 51.21 46.71
CA TRP Y 100 -34.69 50.51 47.47
C TRP Y 100 -34.99 50.56 48.96
N GLU Y 101 -34.89 49.40 49.60
CA GLU Y 101 -34.95 49.29 51.05
C GLU Y 101 -33.65 48.69 51.55
N VAL Y 102 -33.08 49.31 52.59
CA VAL Y 102 -31.79 48.86 53.09
C VAL Y 102 -31.91 47.42 53.56
N GLY Y 103 -30.96 46.59 53.16
CA GLY Y 103 -30.93 45.20 53.57
C GLY Y 103 -31.81 44.27 52.79
N THR Y 104 -32.47 44.75 51.73
CA THR Y 104 -33.31 43.90 50.89
C THR Y 104 -33.17 44.37 49.45
N TRP Y 105 -33.54 43.49 48.53
CA TRP Y 105 -33.55 43.81 47.11
C TRP Y 105 -34.91 44.41 46.75
N TYR Y 106 -35.01 45.73 46.88
CA TYR Y 106 -36.24 46.45 46.55
C TYR Y 106 -37.42 45.92 47.36
N GLY Y 107 -37.19 45.69 48.66
CA GLY Y 107 -38.22 45.24 49.57
C GLY Y 107 -38.35 43.74 49.71
N GLU Y 108 -37.62 42.96 48.92
CA GLU Y 108 -37.71 41.51 49.00
C GLU Y 108 -36.66 41.01 49.99
N PRO Y 109 -37.05 40.50 51.16
CA PRO Y 109 -36.04 40.02 52.11
C PRO Y 109 -35.24 38.88 51.51
N VAL Y 110 -33.94 38.88 51.80
CA VAL Y 110 -33.05 37.89 51.22
C VAL Y 110 -33.06 36.61 52.04
N PHE Y 111 -33.91 36.54 53.05
CA PHE Y 111 -34.10 35.30 53.82
C PHE Y 111 -35.50 35.33 54.39
N LYS Y 112 -36.36 34.43 53.93
CA LYS Y 112 -37.75 34.41 54.37
C LYS Y 112 -37.96 33.53 55.59
N THR Y 113 -37.32 32.37 55.65
CA THR Y 113 -37.58 31.41 56.72
C THR Y 113 -36.97 31.84 58.04
N LEU Y 114 -35.94 32.67 58.02
CA LEU Y 114 -35.15 32.88 59.22
C LEU Y 114 -35.99 33.51 60.32
N PRO Y 115 -35.72 33.19 61.60
CA PRO Y 115 -36.47 33.83 62.69
C PRO Y 115 -36.26 35.34 62.71
N GLU Y 116 -36.95 36.02 63.60
CA GLU Y 116 -36.78 37.46 63.71
C GLU Y 116 -35.43 37.80 64.32
N ASP Y 117 -34.92 38.97 63.97
CA ASP Y 117 -33.62 39.47 64.44
C ASP Y 117 -32.55 38.37 64.36
N THR Y 118 -32.54 37.66 63.24
CA THR Y 118 -31.56 36.61 63.01
C THR Y 118 -30.43 37.20 62.18
N LEU Y 119 -29.35 37.58 62.84
CA LEU Y 119 -28.23 38.18 62.13
C LEU Y 119 -27.55 37.16 61.24
N VAL Y 120 -27.21 37.57 60.03
CA VAL Y 120 -26.56 36.73 59.04
C VAL Y 120 -25.32 37.45 58.53
N THR Y 121 -24.19 36.76 58.55
CA THR Y 121 -22.95 37.39 58.12
C THR Y 121 -22.98 37.57 56.61
N PRO Y 122 -22.91 38.79 56.09
CA PRO Y 122 -23.01 38.96 54.63
C PRO Y 122 -21.80 38.42 53.89
N ILE Y 123 -21.83 38.50 52.56
CA ILE Y 123 -20.72 38.02 51.76
C ILE Y 123 -19.52 38.93 51.96
N PHE Y 124 -18.34 38.37 51.70
CA PHE Y 124 -17.12 39.17 51.74
C PHE Y 124 -17.25 40.41 50.86
N LYS Y 125 -17.64 40.21 49.60
CA LYS Y 125 -17.80 41.35 48.70
C LYS Y 125 -18.80 42.36 49.25
N GLU Y 126 -19.96 41.88 49.72
CA GLU Y 126 -20.95 42.80 50.24
C GLU Y 126 -20.43 43.53 51.47
N PHE Y 127 -19.59 42.88 52.27
CA PHE Y 127 -18.97 43.56 53.40
C PHE Y 127 -18.10 44.72 52.94
N TYR Y 128 -17.53 44.62 51.73
CA TYR Y 128 -16.67 45.66 51.16
C TYR Y 128 -17.37 46.42 50.05
N ALA Y 129 -18.71 46.45 50.05
CA ALA Y 129 -19.43 47.06 48.95
C ALA Y 129 -19.12 48.54 48.81
N HIS Y 130 -18.72 49.20 49.89
CA HIS Y 130 -18.46 50.63 49.91
C HIS Y 130 -17.00 50.93 50.20
N SER Y 131 -16.09 50.20 49.57
CA SER Y 131 -14.67 50.30 49.87
C SER Y 131 -13.87 50.24 48.59
N ASP Y 132 -12.69 50.84 48.63
CA ASP Y 132 -11.82 50.84 47.46
C ASP Y 132 -11.27 49.44 47.21
N TRP Y 133 -10.74 49.25 46.00
CA TRP Y 133 -10.11 47.98 45.68
C TRP Y 133 -8.90 47.74 46.57
N LYS Y 134 -8.21 48.80 47.00
CA LYS Y 134 -7.00 48.63 47.78
C LYS Y 134 -7.28 47.89 49.08
N SER Y 135 -8.30 48.32 49.82
CA SER Y 135 -8.63 47.65 51.06
C SER Y 135 -9.05 46.21 50.82
N TYR Y 136 -9.83 45.97 49.77
CA TYR Y 136 -10.23 44.61 49.43
C TYR Y 136 -9.03 43.73 49.19
N ALA Y 137 -8.12 44.16 48.32
CA ALA Y 137 -6.95 43.36 48.01
C ALA Y 137 -6.02 43.18 49.19
N LYS Y 138 -6.08 44.09 50.17
CA LYS Y 138 -5.16 43.98 51.30
C LYS Y 138 -5.46 42.76 52.16
N ARG Y 139 -6.68 42.23 52.11
CA ARG Y 139 -7.05 41.05 52.88
C ARG Y 139 -7.18 39.80 52.03
N ALA Y 140 -7.76 39.90 50.85
CA ALA Y 140 -8.03 38.71 50.05
C ALA Y 140 -6.76 38.12 49.45
N HIS Y 141 -5.72 38.93 49.24
CA HIS Y 141 -4.51 38.47 48.58
C HIS Y 141 -3.32 38.38 49.51
N LEU Y 142 -3.54 38.35 50.83
CA LEU Y 142 -2.41 38.20 51.73
C LEU Y 142 -1.74 36.86 51.54
N LYS Y 143 -2.49 35.83 51.14
CA LYS Y 143 -1.88 34.53 50.89
C LYS Y 143 -0.91 34.61 49.72
N LEU Y 144 -1.28 35.31 48.65
CA LEU Y 144 -0.52 35.29 47.41
C LEU Y 144 0.57 36.33 47.37
N TRP Y 145 0.44 37.42 48.13
CA TRP Y 145 1.43 38.46 48.38
C TRP Y 145 1.53 39.50 47.28
N SER Y 146 0.80 39.38 46.18
CA SER Y 146 0.94 40.31 45.06
C SER Y 146 2.39 40.44 44.61
N MET Z 1 48.19 12.81 43.77
CA MET Z 1 48.23 14.16 44.33
C MET Z 1 46.82 14.73 44.33
N TRP Z 2 46.11 14.50 45.42
CA TRP Z 2 44.67 14.77 45.50
C TRP Z 2 44.34 16.15 46.01
N PHE Z 3 45.33 16.98 46.35
CA PHE Z 3 45.04 18.31 46.86
C PHE Z 3 44.38 19.17 45.79
N GLU Z 4 44.81 19.03 44.53
CA GLU Z 4 44.41 19.99 43.51
C GLU Z 4 42.91 20.04 43.30
N ILE Z 5 42.17 19.03 43.76
CA ILE Z 5 40.72 19.06 43.63
C ILE Z 5 40.13 20.09 44.57
N LEU Z 6 40.68 20.20 45.78
CA LEU Z 6 40.02 20.98 46.82
C LEU Z 6 39.73 22.42 46.42
N PRO Z 7 40.61 23.15 45.72
CA PRO Z 7 40.24 24.49 45.29
C PRO Z 7 38.93 24.55 44.53
N GLY Z 8 38.59 23.50 43.76
CA GLY Z 8 37.30 23.48 43.12
C GLY Z 8 36.16 23.36 44.10
N ALA Z 9 36.32 22.51 45.12
CA ALA Z 9 35.23 22.26 46.05
C ALA Z 9 35.04 23.39 47.05
N VAL Z 10 36.11 24.10 47.41
CA VAL Z 10 35.97 25.21 48.34
C VAL Z 10 35.11 26.31 47.73
N ILE Z 11 35.32 26.61 46.45
CA ILE Z 11 34.59 27.70 45.81
C ILE Z 11 33.11 27.38 45.76
N ILE Z 12 32.77 26.17 45.29
CA ILE Z 12 31.36 25.81 45.18
C ILE Z 12 30.70 25.82 46.55
N THR Z 13 31.41 25.31 47.57
CA THR Z 13 30.85 25.29 48.91
C THR Z 13 30.56 26.70 49.40
N THR Z 14 31.48 27.63 49.17
CA THR Z 14 31.27 29.00 49.64
C THR Z 14 30.16 29.68 48.86
N LEU Z 15 30.18 29.57 47.52
CA LEU Z 15 29.22 30.31 46.72
C LEU Z 15 27.79 29.87 47.03
N LEU Z 16 27.56 28.57 47.19
CA LEU Z 16 26.22 28.10 47.46
C LEU Z 16 25.73 28.50 48.84
N SER Z 17 26.64 28.79 49.77
CA SER Z 17 26.27 29.21 51.11
C SER Z 17 26.14 30.71 51.25
N VAL Z 18 26.47 31.48 50.20
CA VAL Z 18 26.30 32.92 50.26
C VAL Z 18 24.85 33.33 50.47
N PRO Z 19 23.88 32.80 49.72
CA PRO Z 19 22.51 33.30 49.85
C PRO Z 19 21.97 33.23 51.26
N ILE Z 20 21.92 32.03 51.86
CA ILE Z 20 21.29 31.89 53.16
C ILE Z 20 22.03 32.73 54.21
N TYR Z 21 23.35 32.79 54.12
CA TYR Z 21 24.11 33.64 55.03
C TYR Z 21 24.04 35.11 54.65
N ALA Z 22 23.55 35.43 53.45
CA ALA Z 22 23.38 36.82 53.10
C ALA Z 22 22.05 37.36 53.59
N MET Z 23 20.96 36.63 53.32
CA MET Z 23 19.65 37.09 53.78
C MET Z 23 19.60 37.16 55.29
N TYR Z 24 20.20 36.19 55.98
CA TYR Z 24 20.32 36.30 57.42
C TYR Z 24 21.02 37.59 57.81
N GLY Z 25 21.91 38.09 56.96
CA GLY Z 25 22.53 39.37 57.19
C GLY Z 25 21.65 40.51 56.76
N LEU Z 26 21.09 40.44 55.55
CA LEU Z 26 20.26 41.53 55.05
C LEU Z 26 19.03 41.73 55.92
N ASP Z 27 18.36 40.66 56.33
CA ASP Z 27 17.15 40.81 57.11
C ASP Z 27 17.42 41.56 58.41
N LYS Z 28 18.49 41.19 59.11
CA LYS Z 28 18.85 41.93 60.31
C LYS Z 28 19.09 43.39 60.01
N LEU Z 29 19.79 43.68 58.92
CA LEU Z 29 20.13 45.06 58.60
C LEU Z 29 18.91 45.85 58.14
N MET Z 30 17.92 45.18 57.58
CA MET Z 30 16.85 45.84 56.86
C MET Z 30 15.47 45.64 57.48
N ILE Z 31 15.23 44.51 58.13
CA ILE Z 31 14.04 44.33 58.95
C ILE Z 31 14.32 44.68 60.40
N GLY Z 32 15.49 44.31 60.88
CA GLY Z 32 15.75 44.20 62.30
C GLY Z 32 15.59 42.81 62.83
N ASN Z 33 15.08 41.88 62.03
CA ASN Z 33 14.84 40.51 62.43
C ASN Z 33 15.56 39.59 61.46
N ALA Z 34 16.20 38.56 61.99
CA ALA Z 34 16.94 37.63 61.15
C ALA Z 34 16.01 36.90 60.19
N PHE Z 35 14.92 36.34 60.72
CA PHE Z 35 14.00 35.54 59.93
C PHE Z 35 12.74 36.32 59.63
N ARG Z 36 12.14 36.04 58.47
CA ARG Z 36 10.87 36.62 58.10
C ARG Z 36 9.73 35.70 58.51
N ARG Z 37 8.58 36.29 58.74
CA ARG Z 37 7.43 35.54 59.24
C ARG Z 37 7.04 34.45 58.25
N ASN Z 38 6.57 33.33 58.79
CA ASN Z 38 6.27 32.14 58.00
C ASN Z 38 4.76 32.06 57.78
N MET Z 39 4.33 32.37 56.56
CA MET Z 39 2.92 32.30 56.19
C MET Z 39 2.53 30.88 55.77
N ASP Z 40 2.80 29.94 56.67
CA ASP Z 40 2.52 28.53 56.40
C ASP Z 40 1.15 28.08 56.88
N GLU Z 41 0.58 28.76 57.87
CA GLU Z 41 -0.69 28.34 58.45
C GLU Z 41 -1.60 29.56 58.61
N ARG Z 42 -2.91 29.32 58.54
CA ARG Z 42 -3.88 30.41 58.66
C ARG Z 42 -3.64 31.23 59.91
N PHE Z 43 -3.34 30.57 61.03
CA PHE Z 43 -3.14 31.32 62.26
C PHE Z 43 -1.94 32.25 62.13
N SER Z 44 -0.86 31.78 61.52
CA SER Z 44 0.29 32.65 61.34
C SER Z 44 -0.05 33.85 60.48
N ARG Z 45 -0.78 33.63 59.38
CA ARG Z 45 -1.19 34.75 58.54
C ARG Z 45 -2.11 35.68 59.29
N VAL Z 46 -3.07 35.12 60.04
CA VAL Z 46 -4.02 35.96 60.74
C VAL Z 46 -3.30 36.90 61.70
N MET Z 47 -2.41 36.35 62.52
CA MET Z 47 -1.72 37.20 63.48
C MET Z 47 -0.85 38.21 62.75
N TYR Z 48 -0.27 37.81 61.61
CA TYR Z 48 0.54 38.73 60.83
C TYR Z 48 -0.25 39.94 60.38
N GLN Z 49 -1.53 39.74 60.02
CA GLN Z 49 -2.38 40.90 59.78
C GLN Z 49 -2.47 41.75 61.03
N ARG Z 50 -2.63 41.12 62.18
CA ARG Z 50 -2.83 41.85 63.42
C ARG Z 50 -1.62 42.71 63.72
N ASP Z 51 -0.41 42.15 63.62
CA ASP Z 51 0.79 42.95 63.87
C ASP Z 51 0.90 44.09 62.86
N PHE Z 52 0.67 43.78 61.59
CA PHE Z 52 0.81 44.80 60.56
C PHE Z 52 -0.15 45.96 60.79
N ARG Z 53 -1.27 45.69 61.45
CA ARG Z 53 -2.25 46.75 61.68
C ARG Z 53 -1.83 47.63 62.85
N LEU Z 54 -1.53 47.03 64.00
CA LEU Z 54 -1.25 47.77 65.22
C LEU Z 54 -0.04 48.67 65.06
N THR Z 55 1.13 48.06 64.88
CA THR Z 55 2.37 48.81 64.85
C THR Z 55 2.65 49.47 63.51
N ASP Z 56 1.93 49.07 62.47
CA ASP Z 56 2.18 49.47 61.09
C ASP Z 56 3.50 48.90 60.59
N ASN Z 57 4.03 47.88 61.27
CA ASN Z 57 5.21 47.16 60.83
C ASN Z 57 5.20 45.78 61.49
N PRO Z 58 5.01 44.69 60.75
CA PRO Z 58 4.86 43.39 61.42
C PRO Z 58 6.06 42.97 62.23
N TYR Z 59 7.24 43.50 61.92
CA TYR Z 59 8.47 43.08 62.59
C TYR Z 59 8.90 44.00 63.71
N LYS Z 60 8.10 45.01 64.03
CA LYS Z 60 8.33 45.85 65.19
C LYS Z 60 7.40 45.37 66.30
N MET Z 61 7.98 44.96 67.42
CA MET Z 61 7.23 44.32 68.48
C MET Z 61 6.65 45.35 69.42
N ASN Z 62 5.44 45.06 69.93
CA ASN Z 62 4.73 45.92 70.86
C ASN Z 62 4.73 45.25 72.23
N GLY Z 63 5.76 45.53 73.01
CA GLY Z 63 5.86 44.99 74.34
C GLY Z 63 4.77 45.55 75.24
N LEU Z 64 4.96 45.31 76.54
CA LEU Z 64 3.96 45.73 77.51
C LEU Z 64 3.76 47.24 77.50
N ASP Z 65 4.75 47.99 77.03
CA ASP Z 65 4.65 49.44 77.06
C ASP Z 65 3.48 49.97 76.25
N ALA Z 66 2.97 49.18 75.31
CA ALA Z 66 1.76 49.58 74.59
C ALA Z 66 0.52 49.48 75.46
N ILE Z 67 0.57 48.74 76.56
CA ILE Z 67 -0.61 48.59 77.43
C ILE Z 67 -0.82 49.88 78.20
N PRO Z 68 -2.03 50.43 78.26
CA PRO Z 68 -2.27 51.55 79.18
C PRO Z 68 -1.98 51.14 80.61
N ASP Z 69 -0.97 51.78 81.19
CA ASP Z 69 -0.41 51.30 82.45
C ASP Z 69 -1.47 51.31 83.55
N GLU Z 70 -2.21 52.41 83.67
CA GLU Z 70 -3.10 52.62 84.80
C GLU Z 70 -4.50 52.94 84.32
N LYS Z 71 -5.48 52.51 85.10
CA LYS Z 71 -6.88 52.89 84.92
C LYS Z 71 -7.33 53.59 86.20
N THR Z 72 -8.00 54.74 86.04
CA THR Z 72 -8.41 55.51 87.20
C THR Z 72 -9.47 54.80 88.01
N ASN Z 73 -10.16 53.82 87.44
CA ASN Z 73 -11.20 53.09 88.15
C ASN Z 73 -12.28 54.04 88.64
N SER AA 1 11.73 -25.96 41.91
CA SER AA 1 10.55 -25.49 42.61
C SER AA 1 10.17 -24.10 42.12
N LEU AA 2 9.26 -23.44 42.81
CA LEU AA 2 8.84 -22.07 42.46
C LEU AA 2 9.71 -21.06 43.19
N LEU AA 3 9.74 -21.14 44.52
CA LEU AA 3 10.53 -20.26 45.38
C LEU AA 3 11.92 -20.06 44.81
N LYS AA 4 12.58 -21.14 44.38
CA LYS AA 4 13.93 -21.03 43.87
C LYS AA 4 13.96 -20.21 42.58
N ARG AA 5 13.06 -20.52 41.64
CA ARG AA 5 13.10 -19.87 40.34
C ARG AA 5 13.01 -18.35 40.48
N ALA AA 6 12.00 -17.87 41.21
CA ALA AA 6 11.85 -16.43 41.40
C ALA AA 6 13.04 -15.86 42.16
N TRP AA 7 13.44 -16.51 43.26
CA TRP AA 7 14.57 -16.06 44.03
C TRP AA 7 15.84 -15.96 43.20
N ASN AA 8 15.91 -16.70 42.10
CA ASN AA 8 17.01 -16.61 41.17
C ASN AA 8 16.77 -15.62 40.03
N GLU AA 9 15.52 -15.49 39.57
CA GLU AA 9 15.20 -14.65 38.43
C GLU AA 9 14.93 -13.20 38.84
N ILE AA 10 13.99 -12.99 39.74
CA ILE AA 10 13.58 -11.65 40.15
C ILE AA 10 13.68 -11.53 41.66
N PRO AA 11 14.88 -11.49 42.23
CA PRO AA 11 15.00 -11.44 43.69
C PRO AA 11 14.39 -10.22 44.33
N ASP AA 12 14.30 -9.10 43.61
CA ASP AA 12 13.75 -7.88 44.22
C ASP AA 12 12.29 -8.05 44.56
N ILE AA 13 11.50 -8.66 43.66
CA ILE AA 13 10.08 -8.83 43.93
C ILE AA 13 9.86 -9.76 45.10
N VAL AA 14 10.81 -10.64 45.39
CA VAL AA 14 10.71 -11.49 46.57
C VAL AA 14 11.04 -10.70 47.82
N GLY AA 15 12.18 -10.02 47.82
CA GLY AA 15 12.54 -9.20 48.96
C GLY AA 15 11.57 -8.06 49.15
N GLY AA 16 11.20 -7.38 48.07
CA GLY AA 16 10.24 -6.30 48.17
C GLY AA 16 8.91 -6.78 48.72
N SER AA 17 8.39 -7.88 48.17
CA SER AA 17 7.15 -8.45 48.69
C SER AA 17 7.32 -8.95 50.11
N ALA AA 18 8.53 -9.33 50.50
CA ALA AA 18 8.77 -9.72 51.89
C ALA AA 18 8.50 -8.56 52.83
N LEU AA 19 9.00 -7.37 52.48
CA LEU AA 19 8.70 -6.19 53.29
C LEU AA 19 7.27 -5.71 53.08
N ALA AA 20 6.73 -5.87 51.86
CA ALA AA 20 5.33 -5.54 51.65
C ALA AA 20 4.46 -6.37 52.56
N LEU AA 21 4.72 -7.68 52.62
CA LEU AA 21 4.00 -8.53 53.55
C LEU AA 21 4.21 -8.09 54.99
N ALA AA 22 5.38 -7.51 55.30
CA ALA AA 22 5.58 -6.97 56.63
C ALA AA 22 4.63 -5.81 56.89
N GLY AA 23 4.36 -5.00 55.87
CA GLY AA 23 3.46 -3.88 56.05
C GLY AA 23 2.07 -4.31 56.47
N ILE AA 24 1.51 -5.31 55.78
CA ILE AA 24 0.17 -5.78 56.11
C ILE AA 24 0.14 -6.32 57.53
N VAL AA 25 1.14 -7.09 57.92
CA VAL AA 25 1.16 -7.67 59.26
C VAL AA 25 1.15 -6.55 60.30
N MET AA 26 2.20 -5.73 60.33
CA MET AA 26 2.27 -4.73 61.39
C MET AA 26 1.29 -3.59 61.17
N ALA AA 27 0.61 -3.55 60.02
CA ALA AA 27 -0.57 -2.71 59.91
C ALA AA 27 -1.76 -3.35 60.64
N THR AA 28 -1.83 -4.69 60.62
CA THR AA 28 -2.90 -5.37 61.32
C THR AA 28 -2.71 -5.33 62.83
N ILE AA 29 -1.46 -5.25 63.30
CA ILE AA 29 -1.22 -5.08 64.72
C ILE AA 29 -1.60 -3.67 65.15
N GLY AA 30 -1.13 -2.67 64.41
CA GLY AA 30 -1.37 -1.30 64.80
C GLY AA 30 -2.84 -0.92 64.76
N VAL AA 31 -3.56 -1.41 63.75
CA VAL AA 31 -4.97 -1.07 63.64
C VAL AA 31 -5.76 -1.69 64.78
N ALA AA 32 -5.51 -2.96 65.07
CA ALA AA 32 -6.16 -3.60 66.21
C ALA AA 32 -5.75 -2.94 67.51
N ASN AA 33 -4.47 -2.61 67.64
CA ASN AA 33 -4.01 -1.91 68.82
C ASN AA 33 -4.70 -0.56 68.97
N TYR AA 34 -5.03 0.09 67.85
CA TYR AA 34 -5.64 1.40 67.90
C TYR AA 34 -7.00 1.36 68.58
N TYR AA 35 -7.82 0.38 68.22
CA TYR AA 35 -9.11 0.20 68.90
C TYR AA 35 -8.99 -0.58 70.20
N ALA AA 36 -7.82 -1.15 70.49
CA ALA AA 36 -7.58 -1.68 71.83
C ALA AA 36 -7.25 -0.58 72.82
N LYS AA 37 -7.04 0.64 72.34
CA LYS AA 37 -6.79 1.79 73.21
C LYS AA 37 -7.91 2.82 73.14
N ASP AA 38 -8.95 2.57 72.35
CA ASP AA 38 -9.98 3.58 72.10
C ASP AA 38 -9.36 4.88 71.61
N GLY AA 39 -8.53 4.76 70.58
CA GLY AA 39 -7.81 5.90 70.08
C GLY AA 39 -8.63 6.86 69.27
N ASP AA 40 -9.90 6.55 69.02
CA ASP AA 40 -10.79 7.54 68.43
C ASP AA 40 -10.93 8.75 69.35
N ASN AA 41 -10.98 8.51 70.66
CA ASN AA 41 -11.05 9.57 71.66
C ASN AA 41 -9.63 10.00 71.96
N ARG AA 42 -9.21 11.11 71.37
CA ARG AA 42 -7.82 11.57 71.44
C ARG AA 42 -7.69 12.68 72.46
N ARG AA 43 -6.65 12.59 73.28
CA ARG AA 43 -6.55 13.51 74.42
C ARG AA 43 -6.31 14.94 73.97
N TYR AA 44 -5.72 15.14 72.79
CA TYR AA 44 -5.46 16.47 72.26
C TYR AA 44 -6.35 16.70 71.05
N LYS AA 45 -7.13 17.77 71.07
CA LYS AA 45 -8.13 18.02 70.05
C LYS AA 45 -7.78 19.26 69.24
N LEU AA 46 -7.92 19.14 67.91
CA LEU AA 46 -7.73 20.27 67.04
C LEU AA 46 -8.87 21.27 67.23
N GLY AA 47 -8.51 22.54 67.37
CA GLY AA 47 -9.50 23.57 67.65
C GLY AA 47 -9.74 23.73 69.12
N TYR AA 48 -10.63 24.66 69.45
CA TYR AA 48 -10.98 24.96 70.83
C TYR AA 48 -12.28 24.25 71.15
N VAL AA 49 -12.17 23.10 71.81
CA VAL AA 49 -13.32 22.26 72.10
C VAL AA 49 -13.73 22.47 73.55
N VAL AA 50 -14.99 22.83 73.77
CA VAL AA 50 -15.53 23.04 75.09
C VAL AA 50 -16.85 22.29 75.19
N TYR AA 51 -17.00 21.48 76.24
CA TYR AA 51 -18.20 20.72 76.48
C TYR AA 51 -18.92 21.24 77.72
N ARG AA 52 -20.21 20.99 77.77
CA ARG AA 52 -20.98 21.20 78.99
C ARG AA 52 -20.86 19.98 79.89
N HIS AA 53 -20.87 20.22 81.19
CA HIS AA 53 -20.67 19.14 82.15
C HIS AA 53 -21.72 18.05 82.01
N ASP AA 54 -22.88 18.36 81.45
CA ASP AA 54 -23.96 17.38 81.30
C ASP AA 54 -23.97 16.69 79.94
N ASP AA 55 -23.16 17.14 79.00
CA ASP AA 55 -23.15 16.54 77.67
C ASP AA 55 -22.64 15.10 77.75
N PRO AA 56 -23.16 14.19 76.94
CA PRO AA 56 -22.67 12.80 77.01
C PRO AA 56 -21.18 12.69 76.74
N ARG AA 57 -20.65 13.52 75.82
CA ARG AA 57 -19.22 13.46 75.52
C ARG AA 57 -18.39 13.82 76.74
N ALA AA 58 -18.91 14.69 77.61
CA ALA AA 58 -18.14 15.14 78.76
C ALA AA 58 -17.74 13.98 79.67
N LEU AA 59 -18.45 12.85 79.60
CA LEU AA 59 -18.04 11.69 80.38
C LEU AA 59 -16.81 11.03 79.78
N LYS AA 60 -16.72 11.02 78.45
CA LYS AA 60 -15.68 10.28 77.75
C LYS AA 60 -14.38 11.03 77.64
N VAL AA 61 -14.17 12.10 78.42
CA VAL AA 61 -12.91 12.81 78.32
C VAL AA 61 -11.78 11.87 78.74
N ARG AA 62 -10.87 11.62 77.82
CA ARG AA 62 -9.72 10.77 78.12
C ARG AA 62 -8.86 11.46 79.17
N ASN AA 63 -8.61 10.78 80.28
CA ASN AA 63 -7.86 11.34 81.40
C ASN AA 63 -6.46 10.78 81.39
N ASP AA 64 -5.49 11.62 81.02
CA ASP AA 64 -4.09 11.25 80.90
C ASP AA 64 -3.26 12.11 81.85
N GLU AA 65 -1.94 11.99 81.73
CA GLU AA 65 -1.03 12.58 82.70
C GLU AA 65 -0.33 13.84 82.20
N ASP AA 66 0.10 13.87 80.93
CA ASP AA 66 0.89 14.98 80.42
C ASP AA 66 0.37 15.48 79.09
N SER BA 1 -79.68 1.05 45.22
CA SER BA 1 -80.19 2.21 45.93
C SER BA 1 -80.09 3.47 45.05
N ALA BA 2 -80.85 4.51 45.41
CA ALA BA 2 -80.87 5.74 44.64
C ALA BA 2 -79.59 6.54 44.77
N VAL BA 3 -78.70 6.17 45.66
CA VAL BA 3 -77.49 6.92 45.96
C VAL BA 3 -76.36 6.46 45.05
N ASN BA 4 -75.46 7.39 44.69
CA ASN BA 4 -74.22 7.07 44.00
C ASN BA 4 -73.07 7.42 44.93
N ASP BA 5 -72.69 6.47 45.78
CA ASP BA 5 -71.55 6.61 46.67
C ASP BA 5 -70.38 5.90 46.03
N PRO BA 6 -69.32 6.59 45.60
CA PRO BA 6 -68.22 5.87 44.94
C PRO BA 6 -67.61 4.78 45.80
N LEU BA 7 -67.53 4.98 47.12
CA LEU BA 7 -66.94 3.95 47.96
C LEU BA 7 -67.79 2.69 47.95
N GLU BA 8 -69.11 2.85 47.93
CA GLU BA 8 -69.98 1.69 47.79
C GLU BA 8 -69.72 0.97 46.48
N LEU BA 9 -69.48 1.73 45.41
CA LEU BA 9 -69.29 1.12 44.10
C LEU BA 9 -68.05 0.24 44.08
N LEU BA 10 -66.94 0.72 44.66
CA LEU BA 10 -65.72 -0.07 44.66
C LEU BA 10 -65.84 -1.29 45.56
N THR BA 11 -66.48 -1.13 46.72
CA THR BA 11 -66.45 -2.17 47.74
C THR BA 11 -67.11 -3.45 47.24
N ASN BA 12 -66.40 -4.57 47.43
CA ASN BA 12 -66.92 -5.85 46.99
C ASN BA 12 -67.92 -6.39 48.00
N LYS BA 13 -68.68 -7.41 47.58
CA LYS BA 13 -69.66 -8.06 48.42
C LYS BA 13 -69.62 -9.57 48.35
N GLY BA 14 -68.83 -10.16 47.45
CA GLY BA 14 -68.78 -11.60 47.28
C GLY BA 14 -69.86 -12.17 46.41
N THR BA 15 -70.78 -11.35 45.88
CA THR BA 15 -71.85 -11.87 45.06
C THR BA 15 -71.31 -12.48 43.77
N HIS BA 16 -70.35 -11.81 43.14
CA HIS BA 16 -69.81 -12.27 41.87
C HIS BA 16 -69.12 -13.62 42.05
N GLU BA 17 -69.39 -14.55 41.13
CA GLU BA 17 -68.74 -15.85 41.12
C GLU BA 17 -67.79 -15.91 39.93
N PRO BA 18 -66.46 -15.99 40.14
CA PRO BA 18 -65.56 -16.02 38.98
C PRO BA 18 -65.82 -17.21 38.07
N SER BA 19 -65.65 -16.99 36.77
CA SER BA 19 -65.96 -18.01 35.78
C SER BA 19 -65.17 -19.28 36.03
N PHE BA 20 -65.60 -20.37 35.39
CA PHE BA 20 -64.92 -21.64 35.59
C PHE BA 20 -63.51 -21.61 35.01
N LEU BA 21 -63.35 -21.04 33.83
CA LEU BA 21 -62.02 -21.01 33.23
C LEU BA 21 -61.08 -20.04 33.93
N SER BA 22 -61.59 -19.20 34.83
CA SER BA 22 -60.74 -18.18 35.43
C SER BA 22 -59.59 -18.76 36.24
N PRO BA 23 -59.81 -19.62 37.24
CA PRO BA 23 -58.70 -20.13 38.04
C PRO BA 23 -57.85 -21.18 37.36
N ILE BA 24 -58.09 -21.48 36.08
CA ILE BA 24 -57.37 -22.55 35.40
C ILE BA 24 -56.83 -22.10 34.05
N TRP BA 25 -57.30 -20.96 33.55
CA TRP BA 25 -56.90 -20.54 32.21
C TRP BA 25 -55.42 -20.22 32.15
N ASN BA 26 -54.90 -19.51 33.14
CA ASN BA 26 -53.47 -19.19 33.11
C ASN BA 26 -52.60 -20.42 33.28
N PRO BA 27 -52.84 -21.30 34.23
CA PRO BA 27 -52.11 -22.57 34.26
C PRO BA 27 -52.22 -23.35 32.96
N ILE BA 28 -53.45 -23.61 32.51
CA ILE BA 28 -53.64 -24.43 31.32
C ILE BA 28 -53.06 -23.76 30.09
N ALA BA 29 -53.16 -22.43 30.01
CA ALA BA 29 -52.61 -21.72 28.86
C ALA BA 29 -51.09 -21.85 28.81
N CYS BA 30 -50.43 -21.62 29.94
CA CYS BA 30 -48.98 -21.77 29.97
C CYS BA 30 -48.57 -23.23 29.75
N GLY BA 31 -49.30 -24.17 30.34
CA GLY BA 31 -48.97 -25.58 30.15
C GLY BA 31 -48.98 -25.97 28.69
N VAL BA 32 -50.02 -25.57 27.95
CA VAL BA 32 -50.08 -25.85 26.53
C VAL BA 32 -48.97 -25.10 25.80
N ALA BA 33 -48.69 -23.88 26.23
CA ALA BA 33 -47.63 -23.11 25.59
C ALA BA 33 -46.29 -23.81 25.73
N GLY BA 34 -45.99 -24.31 26.93
CA GLY BA 34 -44.73 -25.01 27.13
C GLY BA 34 -44.60 -26.22 26.21
N VAL BA 35 -45.64 -27.05 26.15
CA VAL BA 35 -45.61 -28.22 25.29
C VAL BA 35 -45.44 -27.78 23.84
N GLY BA 36 -46.25 -26.83 23.38
CA GLY BA 36 -46.16 -26.39 22.01
C GLY BA 36 -44.79 -25.83 21.68
N ALA BA 37 -44.18 -25.10 22.62
CA ALA BA 37 -42.84 -24.60 22.39
C ALA BA 37 -41.86 -25.76 22.20
N ALA BA 38 -42.00 -26.81 23.02
CA ALA BA 38 -41.17 -27.99 22.85
C ALA BA 38 -41.41 -28.64 21.50
N ILE BA 39 -42.62 -28.50 20.93
CA ILE BA 39 -42.90 -29.12 19.65
C ILE BA 39 -42.13 -28.42 18.54
N PHE BA 40 -42.00 -27.10 18.60
CA PHE BA 40 -41.17 -26.41 17.61
C PHE BA 40 -39.75 -26.94 17.62
N ILE BA 41 -39.15 -27.06 18.80
CA ILE BA 41 -37.72 -27.35 18.89
C ILE BA 41 -37.39 -28.61 18.12
N ASN BA 42 -38.20 -29.65 18.30
CA ASN BA 42 -38.00 -30.86 17.52
C ASN BA 42 -38.22 -30.59 16.05
N TRP BA 43 -39.28 -29.86 15.72
CA TRP BA 43 -39.54 -29.53 14.32
C TRP BA 43 -38.42 -28.71 13.73
N GLY BA 44 -37.91 -27.74 14.50
CA GLY BA 44 -36.81 -26.93 14.00
C GLY BA 44 -35.58 -27.78 13.71
N PHE BA 45 -35.32 -28.78 14.54
CA PHE BA 45 -34.20 -29.68 14.36
C PHE BA 45 -34.57 -30.89 13.50
N ARG BA 46 -35.74 -30.89 12.87
CA ARG BA 46 -36.18 -32.01 12.06
C ARG BA 46 -36.12 -33.31 12.85
N LYS BA 47 -36.52 -33.24 14.07
CA LYS BA 47 -36.70 -34.41 14.89
C LYS BA 47 -38.17 -34.78 14.92
N PRO BA 48 -38.53 -36.04 15.16
CA PRO BA 48 -39.95 -36.37 15.35
C PRO BA 48 -40.53 -35.54 16.48
N VAL BA 49 -41.67 -34.90 16.20
CA VAL BA 49 -42.18 -33.86 17.11
C VAL BA 49 -42.43 -34.40 18.50
N PHE BA 50 -42.82 -35.67 18.61
CA PHE BA 50 -43.09 -36.27 19.91
C PHE BA 50 -41.93 -37.09 20.43
N SER BA 51 -40.78 -37.05 19.76
CA SER BA 51 -39.57 -37.64 20.30
C SER BA 51 -39.05 -36.82 21.46
N GLY BA 52 -38.42 -37.50 22.42
CA GLY BA 52 -37.88 -36.82 23.56
C GLY BA 52 -38.93 -36.12 24.39
N ILE BA 53 -39.99 -36.85 24.77
CA ILE BA 53 -41.08 -36.27 25.52
C ILE BA 53 -40.63 -35.67 26.84
N GLN BA 54 -39.43 -36.03 27.31
CA GLN BA 54 -38.90 -35.44 28.54
C GLN BA 54 -38.97 -33.93 28.48
N LYS BA 55 -38.53 -33.34 27.36
CA LYS BA 55 -38.55 -31.90 27.22
C LYS BA 55 -39.98 -31.35 27.18
N HIS BA 56 -40.91 -32.09 26.59
CA HIS BA 56 -42.30 -31.66 26.60
C HIS BA 56 -42.83 -31.56 28.01
N ILE BA 57 -42.60 -32.60 28.82
CA ILE BA 57 -43.10 -32.60 30.18
C ILE BA 57 -42.48 -31.46 30.98
N ALA BA 58 -41.18 -31.25 30.82
CA ALA BA 58 -40.51 -30.17 31.52
C ALA BA 58 -41.12 -28.82 31.15
N PHE BA 59 -41.21 -28.54 29.85
CA PHE BA 59 -41.76 -27.25 29.42
C PHE BA 59 -43.23 -27.12 29.84
N GLY BA 60 -43.99 -28.20 29.71
CA GLY BA 60 -45.36 -28.18 30.19
C GLY BA 60 -45.43 -27.99 31.70
N ALA BA 61 -44.60 -28.73 32.43
CA ALA BA 61 -44.58 -28.58 33.88
C ALA BA 61 -44.09 -27.19 34.28
N ILE BA 62 -43.02 -26.72 33.64
CA ILE BA 62 -42.50 -25.40 33.97
C ILE BA 62 -43.53 -24.34 33.63
N GLY BA 63 -44.26 -24.53 32.54
CA GLY BA 63 -45.28 -23.56 32.18
C GLY BA 63 -46.37 -23.46 33.23
N VAL BA 64 -46.86 -24.61 33.71
CA VAL BA 64 -47.92 -24.59 34.71
C VAL BA 64 -47.42 -23.94 35.98
N GLY BA 65 -46.23 -24.33 36.44
CA GLY BA 65 -45.71 -23.77 37.68
C GLY BA 65 -45.57 -22.27 37.61
N ALA BA 66 -44.98 -21.77 36.51
CA ALA BA 66 -44.84 -20.33 36.35
C ALA BA 66 -46.19 -19.65 36.26
N GLY BA 67 -47.13 -20.25 35.54
CA GLY BA 67 -48.44 -19.65 35.41
C GLY BA 67 -49.13 -19.51 36.75
N ALA BA 68 -49.12 -20.57 37.56
CA ALA BA 68 -49.77 -20.51 38.85
C ALA BA 68 -49.12 -19.46 39.76
N TYR BA 69 -47.79 -19.39 39.76
CA TYR BA 69 -47.12 -18.43 40.61
C TYR BA 69 -47.48 -17.00 40.23
N PHE BA 70 -47.40 -16.68 38.93
CA PHE BA 70 -47.70 -15.33 38.50
C PHE BA 70 -49.18 -15.01 38.66
N ASP BA 71 -50.06 -15.98 38.45
CA ASP BA 71 -51.48 -15.75 38.70
C ASP BA 71 -51.72 -15.44 40.17
N GLN BA 72 -51.01 -16.12 41.06
CA GLN BA 72 -51.16 -15.83 42.48
C GLN BA 72 -50.76 -14.39 42.77
N LYS BA 73 -49.65 -13.93 42.18
CA LYS BA 73 -49.22 -12.56 42.41
C LYS BA 73 -50.15 -11.55 41.75
N ARG BA 74 -50.78 -11.94 40.64
CA ARG BA 74 -51.67 -11.02 39.94
C ARG BA 74 -52.79 -10.55 40.85
N ASN BA 75 -53.44 -11.49 41.55
CA ASN BA 75 -54.58 -11.12 42.38
C ASN BA 75 -54.17 -10.18 43.49
N GLU BA 76 -52.97 -10.38 44.06
CA GLU BA 76 -52.50 -9.45 45.07
C GLU BA 76 -52.37 -8.05 44.50
N TYR BA 77 -51.85 -7.95 43.28
CA TYR BA 77 -51.73 -6.64 42.65
C TYR BA 77 -53.09 -6.02 42.39
N LEU BA 78 -54.06 -6.82 41.96
CA LEU BA 78 -55.41 -6.27 41.77
C LEU BA 78 -56.06 -5.97 43.11
N ALA BA 79 -55.88 -6.84 44.09
CA ALA BA 79 -56.45 -6.58 45.41
C ALA BA 79 -55.88 -5.30 45.99
N LYS BA 80 -54.56 -5.11 45.87
CA LYS BA 80 -53.95 -3.89 46.35
C LYS BA 80 -54.44 -2.67 45.59
N ARG BA 81 -54.62 -2.80 44.27
CA ARG BA 81 -55.00 -1.65 43.46
C ARG BA 81 -56.32 -1.05 43.95
N ASP BA 82 -57.35 -1.87 44.07
CA ASP BA 82 -58.62 -1.35 44.55
C ASP BA 82 -58.48 -0.81 45.97
N ALA BA 83 -57.67 -1.47 46.81
CA ALA BA 83 -57.45 -0.97 48.16
C ALA BA 83 -56.93 0.45 48.13
N VAL BA 84 -56.04 0.75 47.19
CA VAL BA 84 -55.56 2.12 47.04
C VAL BA 84 -56.71 3.05 46.70
N LEU BA 85 -57.53 2.67 45.72
CA LEU BA 85 -58.62 3.55 45.30
C LEU BA 85 -59.59 3.78 46.44
N ARG BA 86 -59.94 2.73 47.18
CA ARG BA 86 -60.85 2.91 48.31
C ARG BA 86 -60.26 3.84 49.36
N HIS BA 87 -58.97 3.68 49.66
CA HIS BA 87 -58.35 4.55 50.64
C HIS BA 87 -58.31 5.99 50.15
N TYR BA 88 -58.00 6.21 48.87
CA TYR BA 88 -57.93 7.57 48.36
C TYR BA 88 -59.29 8.23 48.36
N ILE BA 89 -60.35 7.47 48.06
CA ILE BA 89 -61.70 8.02 48.13
C ILE BA 89 -62.00 8.49 49.55
N GLU BA 90 -61.65 7.68 50.53
CA GLU BA 90 -61.95 8.03 51.92
C GLU BA 90 -61.23 9.30 52.34
N LEU BA 91 -60.04 9.54 51.81
CA LEU BA 91 -59.25 10.68 52.25
C LEU BA 91 -59.79 11.99 51.69
N HIS BA 92 -60.46 11.95 50.55
CA HIS BA 92 -60.96 13.15 49.87
C HIS BA 92 -62.44 12.96 49.58
N PRO BA 93 -63.27 12.94 50.62
CA PRO BA 93 -64.72 12.83 50.39
C PRO BA 93 -65.29 14.02 49.63
N ASP BA 94 -64.58 15.15 49.61
CA ASP BA 94 -65.08 16.32 48.88
C ASP BA 94 -64.90 16.18 47.38
N ASP BA 95 -63.79 15.60 46.94
CA ASP BA 95 -63.53 15.48 45.52
C ASP BA 95 -64.34 14.37 44.85
N PHE BA 96 -64.97 13.50 45.64
CA PHE BA 96 -65.83 12.45 45.11
C PHE BA 96 -67.16 12.48 45.86
N PRO BA 97 -67.87 13.59 45.76
CA PRO BA 97 -69.10 13.74 46.54
C PRO BA 97 -70.18 12.80 46.06
N VAL BA 98 -71.06 12.43 46.98
CA VAL BA 98 -72.20 11.61 46.62
C VAL BA 98 -73.11 12.42 45.71
N LYS BA 99 -73.50 11.82 44.58
CA LYS BA 99 -74.39 12.46 43.62
C LYS BA 99 -75.69 11.68 43.55
N GLU BA 100 -76.77 12.41 43.26
CA GLU BA 100 -78.08 11.81 43.15
C GLU BA 100 -78.30 11.27 41.74
N ARG BA 101 -79.07 10.19 41.65
CA ARG BA 101 -79.27 9.49 40.39
C ARG BA 101 -80.51 10.05 39.70
N LYS BA 102 -80.30 10.84 38.66
CA LYS BA 102 -81.42 11.33 37.87
C LYS BA 102 -82.05 10.17 37.10
N THR BA 103 -83.34 10.32 36.81
CA THR BA 103 -84.05 9.43 35.91
C THR BA 103 -84.60 10.23 34.74
N TYR BA 104 -85.00 9.52 33.69
CA TYR BA 104 -85.31 10.18 32.44
C TYR BA 104 -86.49 11.12 32.56
N GLY BA 105 -87.29 10.99 33.62
CA GLY BA 105 -88.38 11.93 33.83
C GLY BA 105 -87.90 13.36 33.97
N GLN BA 106 -86.78 13.56 34.68
CA GLN BA 106 -86.29 14.89 35.02
C GLN BA 106 -85.16 15.35 34.12
N VAL BA 107 -85.12 14.85 32.88
CA VAL BA 107 -84.12 15.30 31.91
C VAL BA 107 -84.82 15.48 30.56
N LEU BA 108 -84.25 16.37 29.74
CA LEU BA 108 -84.74 16.59 28.38
C LEU BA 108 -83.53 16.75 27.47
N GLU BA 109 -83.06 15.63 26.92
CA GLU BA 109 -82.01 15.66 25.92
C GLU BA 109 -82.61 15.45 24.54
N SER BA 110 -81.78 15.68 23.52
CA SER BA 110 -82.27 15.70 22.16
C SER BA 110 -82.50 14.29 21.64
N TRP BA 111 -83.16 14.22 20.48
CA TRP BA 111 -83.30 13.00 19.72
C TRP BA 111 -82.98 13.32 18.27
N VAL BA 112 -82.77 12.28 17.49
CA VAL BA 112 -82.32 12.42 16.11
C VAL BA 112 -83.44 11.96 15.18
N PRO BA 113 -84.18 12.88 14.59
CA PRO BA 113 -85.25 12.50 13.66
C PRO BA 113 -84.66 12.15 12.31
N VAL BA 114 -84.67 10.86 11.98
CA VAL BA 114 -84.04 10.42 10.74
C VAL BA 114 -84.76 11.01 9.54
N ARG BA 115 -86.09 10.91 9.53
CA ARG BA 115 -86.87 11.31 8.38
C ARG BA 115 -86.31 10.74 7.08
N SER CA 1 -32.74 17.21 44.85
CA SER CA 1 -32.09 16.08 44.18
C SER CA 1 -32.88 15.04 43.41
N LEU CA 2 -32.27 14.47 42.38
CA LEU CA 2 -32.98 13.53 41.52
C LEU CA 2 -33.41 12.30 42.31
N THR CA 3 -34.40 11.61 41.76
CA THR CA 3 -34.87 10.34 42.31
C THR CA 3 -34.63 9.25 41.29
N PRO CA 4 -33.69 8.32 41.51
CA PRO CA 4 -33.57 7.20 40.59
C PRO CA 4 -34.85 6.40 40.60
N PHE CA 5 -35.24 5.90 39.43
CA PHE CA 5 -36.35 4.95 39.42
C PHE CA 5 -35.90 3.62 40.01
N LEU CA 6 -34.75 3.14 39.58
CA LEU CA 6 -34.29 1.80 39.97
C LEU CA 6 -34.18 1.68 41.48
N ARG CA 7 -33.28 2.45 42.09
CA ARG CA 7 -33.09 2.42 43.54
C ARG CA 7 -32.67 1.03 44.00
N LEU CA 8 -31.85 0.37 43.19
CA LEU CA 8 -31.16 -0.84 43.59
C LEU CA 8 -30.04 -0.48 44.56
N PRO CA 9 -29.33 -1.45 45.14
CA PRO CA 9 -28.28 -1.09 46.10
C PRO CA 9 -27.18 -0.22 45.53
N LEU CA 10 -27.02 -0.18 44.21
CA LEU CA 10 -25.97 0.64 43.62
C LEU CA 10 -26.14 2.11 43.99
N THR CA 11 -27.37 2.58 44.16
CA THR CA 11 -27.56 3.99 44.47
C THR CA 11 -26.89 4.36 45.77
N ASP CA 12 -26.74 3.41 46.69
CA ASP CA 12 -25.97 3.67 47.90
C ASP CA 12 -24.55 4.08 47.57
N LEU CA 13 -24.00 3.56 46.49
CA LEU CA 13 -22.61 3.86 46.14
C LEU CA 13 -22.41 5.34 45.87
N THR CA 14 -23.24 5.91 45.01
CA THR CA 14 -23.03 7.28 44.52
C THR CA 14 -23.96 8.29 45.18
N GLY CA 15 -24.73 7.88 46.19
CA GLY CA 15 -25.71 8.79 46.76
C GLY CA 15 -25.09 9.98 47.46
N CYS CA 16 -24.04 9.75 48.25
CA CYS CA 16 -23.42 10.78 49.08
C CYS CA 16 -22.30 11.51 48.36
N LEU CA 17 -22.35 11.59 47.04
CA LEU CA 17 -21.22 12.11 46.28
C LEU CA 17 -21.00 13.59 46.55
N ILE CA 18 -21.98 14.42 46.25
CA ILE CA 18 -21.90 15.86 46.44
C ILE CA 18 -23.02 16.28 47.36
N ASN CA 19 -22.69 17.03 48.40
CA ASN CA 19 -23.67 17.39 49.41
C ASN CA 19 -23.28 18.75 49.97
N HIS CA 20 -24.06 19.22 50.94
CA HIS CA 20 -23.72 20.42 51.70
C HIS CA 20 -23.58 20.12 53.18
N GLN CA 21 -23.55 18.85 53.57
CA GLN CA 21 -23.70 18.50 54.96
C GLN CA 21 -22.37 18.46 55.72
N THR CA 22 -21.27 18.85 55.09
CA THR CA 22 -19.95 18.80 55.69
C THR CA 22 -19.46 20.23 55.92
N TYR CA 23 -19.78 20.79 57.08
CA TYR CA 23 -19.24 22.06 57.55
C TYR CA 23 -19.53 23.19 56.55
N ASP CA 24 -20.82 23.49 56.41
CA ASP CA 24 -21.25 24.47 55.43
C ASP CA 24 -22.22 25.45 56.06
N LYS CA 25 -22.18 26.69 55.56
CA LYS CA 25 -23.10 27.72 56.02
C LYS CA 25 -24.54 27.38 55.70
N CYS CA 26 -24.78 26.48 54.75
CA CYS CA 26 -26.12 26.12 54.31
C CYS CA 26 -26.49 24.70 54.67
N GLY CA 27 -25.77 24.08 55.60
CA GLY CA 27 -26.09 22.72 55.97
C GLY CA 27 -27.49 22.61 56.56
N LYS CA 28 -27.82 23.50 57.49
CA LYS CA 28 -29.16 23.47 58.08
C LYS CA 28 -30.22 23.94 57.10
N PHE CA 29 -29.89 24.89 56.23
CA PHE CA 29 -30.88 25.38 55.27
C PHE CA 29 -31.33 24.28 54.33
N GLU CA 30 -30.40 23.45 53.87
CA GLU CA 30 -30.77 22.40 52.92
C GLU CA 30 -31.50 21.26 53.59
N MET CA 31 -31.09 20.92 54.81
CA MET CA 31 -31.71 19.77 55.48
C MET CA 31 -33.20 19.99 55.66
N LYS CA 32 -33.59 21.21 56.07
CA LYS CA 32 -35.01 21.52 56.18
C LYS CA 32 -35.70 21.37 54.83
N MET CA 33 -35.16 22.01 53.80
CA MET CA 33 -35.79 22.00 52.49
C MET CA 33 -35.96 20.58 51.98
N MET CA 34 -34.85 19.86 51.90
CA MET CA 34 -34.84 18.51 51.37
C MET CA 34 -35.68 17.56 52.19
N GLU CA 35 -35.65 17.74 53.51
CA GLU CA 35 -36.63 17.06 54.34
C GLU CA 35 -38.04 17.29 53.83
N CYS CA 36 -38.42 18.55 53.60
CA CYS CA 36 -39.77 18.81 53.14
C CYS CA 36 -40.05 18.08 51.84
N PHE CA 37 -39.04 17.94 50.97
CA PHE CA 37 -39.23 17.13 49.77
C PHE CA 37 -39.55 15.70 50.12
N GLU CA 38 -38.88 15.15 51.13
CA GLU CA 38 -39.13 13.76 51.52
C GLU CA 38 -40.53 13.62 52.10
N ALA CA 39 -41.00 14.63 52.83
CA ALA CA 39 -42.33 14.54 53.42
C ALA CA 39 -43.42 14.58 52.37
N TYR CA 40 -43.34 15.55 51.46
CA TYR CA 40 -44.37 15.74 50.45
C TYR CA 40 -44.08 15.02 49.14
N GLY CA 41 -42.92 14.42 48.98
CA GLY CA 41 -42.54 13.84 47.70
C GLY CA 41 -42.02 14.91 46.77
N LEU CA 42 -41.48 14.46 45.64
CA LEU CA 42 -40.76 15.37 44.76
C LEU CA 42 -41.71 16.36 44.10
N GLU CA 43 -42.66 15.85 43.30
CA GLU CA 43 -43.48 16.73 42.48
C GLU CA 43 -44.35 17.64 43.34
N ARG CA 44 -44.98 17.11 44.37
CA ARG CA 44 -45.77 17.95 45.26
C ARG CA 44 -44.88 18.84 46.10
N GLY CA 45 -43.66 18.39 46.40
CA GLY CA 45 -42.75 19.21 47.18
C GLY CA 45 -42.40 20.51 46.49
N LYS CA 46 -42.31 20.49 45.16
CA LYS CA 46 -41.96 21.71 44.43
C LYS CA 46 -43.00 22.81 44.61
N ARG CA 47 -44.19 22.47 45.08
CA ARG CA 47 -45.26 23.45 45.28
C ARG CA 47 -45.48 23.82 46.73
N GLU CA 48 -44.89 23.08 47.67
CA GLU CA 48 -45.00 23.39 49.09
C GLU CA 48 -43.70 23.90 49.69
N CYS CA 49 -42.61 23.93 48.92
CA CYS CA 49 -41.30 24.31 49.41
C CYS CA 49 -40.88 25.68 48.86
N ALA CA 50 -41.83 26.60 48.75
CA ALA CA 50 -41.51 27.91 48.17
C ALA CA 50 -40.47 28.63 49.02
N ASP CA 51 -40.67 28.69 50.32
CA ASP CA 51 -39.72 29.39 51.18
C ASP CA 51 -38.39 28.63 51.27
N LEU CA 52 -38.46 27.33 51.53
CA LEU CA 52 -37.24 26.57 51.80
C LEU CA 52 -36.31 26.56 50.59
N ILE CA 53 -36.87 26.43 49.39
CA ILE CA 53 -36.04 26.44 48.19
C ILE CA 53 -35.43 27.81 47.97
N SER CA 54 -36.23 28.87 48.11
CA SER CA 54 -35.69 30.21 47.90
C SER CA 54 -34.60 30.53 48.92
N ASP CA 55 -34.82 30.20 50.18
CA ASP CA 55 -33.81 30.47 51.19
C ASP CA 55 -32.53 29.69 50.90
N PHE CA 56 -32.67 28.39 50.62
CA PHE CA 56 -31.50 27.57 50.33
C PHE CA 56 -30.76 28.08 49.11
N GLN CA 57 -31.49 28.48 48.07
CA GLN CA 57 -30.84 29.01 46.89
C GLN CA 57 -30.16 30.35 47.17
N GLU CA 58 -30.79 31.18 48.00
CA GLU CA 58 -30.16 32.43 48.40
C GLU CA 58 -29.06 32.23 49.42
N CYS CA 59 -28.83 31.01 49.87
CA CYS CA 59 -27.71 30.71 50.76
C CYS CA 59 -26.51 30.15 50.03
N VAL CA 60 -26.71 29.42 48.93
CA VAL CA 60 -25.63 28.81 48.17
C VAL CA 60 -25.36 29.64 46.92
N GLY CA 61 -26.36 29.73 46.05
CA GLY CA 61 -26.18 30.47 44.83
C GLY CA 61 -25.85 31.92 45.07
N MET CA 62 -26.40 32.50 46.12
CA MET CA 62 -26.06 33.84 46.59
C MET CA 62 -26.36 34.90 45.55
N GLN CA 63 -27.12 34.56 44.51
CA GLN CA 63 -27.43 35.54 43.47
C GLN CA 63 -28.14 36.74 44.06
N LYS CA 64 -28.96 36.51 45.07
CA LYS CA 64 -29.82 37.57 45.59
C LYS CA 64 -28.99 38.66 46.24
N GLN CA 65 -27.83 38.31 46.79
CA GLN CA 65 -26.98 39.27 47.48
C GLN CA 65 -25.94 39.88 46.56
N LEU CA 66 -25.25 39.05 45.77
CA LEU CA 66 -24.33 39.58 44.77
C LEU CA 66 -25.03 40.58 43.86
N MET CA 67 -26.30 40.33 43.60
CA MET CA 67 -27.07 41.19 42.71
C MET CA 67 -27.65 42.39 43.45
N ARG CA 68 -27.56 42.41 44.78
CA ARG CA 68 -27.63 43.67 45.54
C ARG CA 68 -26.34 44.44 45.41
N PHE CA 69 -25.20 43.75 45.49
CA PHE CA 69 -23.91 44.42 45.60
C PHE CA 69 -23.65 45.31 44.39
N HIS CA 70 -23.92 44.79 43.19
CA HIS CA 70 -23.66 45.59 41.99
C HIS CA 70 -24.56 46.82 41.94
N ALA CA 71 -25.79 46.72 42.42
CA ALA CA 71 -26.65 47.89 42.46
C ALA CA 71 -26.03 48.99 43.29
N MET CA 72 -25.34 48.62 44.38
CA MET CA 72 -24.67 49.63 45.19
C MET CA 72 -23.46 50.20 44.45
N ARG CA 73 -22.62 49.33 43.89
CA ARG CA 73 -21.44 49.84 43.19
C ARG CA 73 -21.84 50.65 41.97
N ASN CA 74 -22.72 50.10 41.13
CA ASN CA 74 -23.14 50.83 39.94
C ASN CA 74 -23.76 52.17 40.31
N GLU CA 75 -24.58 52.19 41.35
CA GLU CA 75 -25.21 53.42 41.77
C GLU CA 75 -24.20 54.37 42.41
N ARG CA 76 -23.07 53.86 42.89
CA ARG CA 76 -22.00 54.74 43.33
C ARG CA 76 -21.28 55.36 42.14
N TYR CA 77 -21.05 54.57 41.09
CA TYR CA 77 -20.38 55.10 39.91
C TYR CA 77 -21.30 56.01 39.12
N LYS CA 78 -22.56 55.64 38.97
CA LYS CA 78 -23.50 56.49 38.25
C LYS CA 78 -23.54 57.88 38.87
N GLN CA 79 -23.56 57.96 40.20
CA GLN CA 79 -23.59 59.27 40.83
C GLN CA 79 -22.35 60.08 40.47
N TRP CA 80 -21.18 59.46 40.51
CA TRP CA 80 -19.96 60.22 40.24
C TRP CA 80 -19.91 60.68 38.79
N LEU CA 81 -20.15 59.75 37.85
CA LEU CA 81 -20.10 60.12 36.44
C LEU CA 81 -21.14 61.18 36.09
N LYS CA 82 -22.19 61.30 36.89
CA LYS CA 82 -23.12 62.41 36.76
C LYS CA 82 -22.64 63.66 37.47
N GLY CA 83 -21.49 63.61 38.13
CA GLY CA 83 -20.99 64.72 38.90
C GLY CA 83 -21.60 64.85 40.28
N GLU CA 84 -22.49 63.95 40.67
CA GLU CA 84 -23.12 64.05 41.98
C GLU CA 84 -22.16 63.73 43.12
N ARG CA 85 -21.12 62.95 42.86
CA ARG CA 85 -20.06 62.71 43.82
C ARG CA 85 -18.84 63.56 43.46
N LYS CA 86 -17.76 63.35 44.20
CA LYS CA 86 -16.49 64.02 43.95
C LYS CA 86 -15.38 62.98 44.01
N GLY CA 87 -14.23 63.34 43.44
CA GLY CA 87 -13.10 62.44 43.47
C GLY CA 87 -12.54 62.22 44.86
N GLN CA 88 -12.51 63.27 45.68
CA GLN CA 88 -11.88 63.17 46.98
C GLN CA 88 -12.64 62.25 47.91
N GLU CA 89 -13.97 62.23 47.81
CA GLU CA 89 -14.83 61.48 48.72
C GLU CA 89 -15.58 60.38 47.98
N PHE CA 90 -14.89 59.69 47.08
CA PHE CA 90 -15.56 58.71 46.23
C PHE CA 90 -16.01 57.51 47.04
N PHE CA 91 -15.12 56.95 47.86
CA PHE CA 91 -15.41 55.76 48.64
C PHE CA 91 -15.56 56.13 50.11
N ALA CA 92 -16.22 55.24 50.85
CA ALA CA 92 -16.30 55.39 52.29
C ALA CA 92 -15.02 54.84 52.93
N ASP CA 93 -14.92 55.03 54.24
CA ASP CA 93 -13.74 54.56 54.95
C ASP CA 93 -13.67 53.04 54.87
N PRO CA 94 -12.50 52.46 54.60
CA PRO CA 94 -12.44 51.02 54.43
C PRO CA 94 -12.62 50.32 55.75
N PRO CA 95 -13.03 49.06 55.75
CA PRO CA 95 -13.14 48.33 57.02
C PRO CA 95 -11.76 48.00 57.55
N ARG CA 96 -11.72 47.61 58.81
CA ARG CA 96 -10.47 47.15 59.40
C ARG CA 96 -10.12 45.79 58.85
N VAL CA 97 -8.83 45.55 58.62
CA VAL CA 97 -8.42 44.27 58.03
C VAL CA 97 -8.82 43.12 58.95
N ASP CA 98 -8.57 43.27 60.25
CA ASP CA 98 -8.90 42.22 61.21
C ASP CA 98 -10.38 42.31 61.52
N ALA CA 99 -11.19 41.82 60.60
CA ALA CA 99 -12.64 41.81 60.76
C ALA CA 99 -13.21 40.84 59.74
N TYR CA 100 -14.53 40.74 59.72
CA TYR CA 100 -15.22 39.77 58.89
C TYR CA 100 -14.85 38.33 59.25
N VAL DA 1 -73.23 -46.10 1.71
CA VAL DA 1 -73.71 -44.90 1.03
C VAL DA 1 -72.96 -43.68 1.53
N LEU DA 2 -72.60 -43.68 2.82
CA LEU DA 2 -71.78 -42.61 3.36
C LEU DA 2 -70.43 -42.55 2.68
N GLY DA 3 -69.83 -43.70 2.41
CA GLY DA 3 -68.49 -43.73 1.87
C GLY DA 3 -67.50 -43.13 2.86
N LEU DA 4 -67.61 -43.56 4.11
CA LEU DA 4 -66.66 -43.15 5.15
C LEU DA 4 -65.81 -44.35 5.55
N ASP DA 5 -64.58 -44.05 5.95
CA ASP DA 5 -63.57 -45.07 6.22
C ASP DA 5 -62.98 -44.88 7.61
N LYS DA 6 -61.89 -45.58 7.90
CA LYS DA 6 -61.26 -45.47 9.21
C LYS DA 6 -60.66 -44.09 9.44
N ARG DA 7 -60.35 -43.34 8.38
CA ARG DA 7 -59.80 -42.00 8.57
C ARG DA 7 -60.78 -41.10 9.32
N ALA DA 8 -62.08 -41.28 9.08
CA ALA DA 8 -63.07 -40.51 9.82
C ALA DA 8 -63.05 -40.81 11.30
N LEU DA 9 -62.41 -41.90 11.72
CA LEU DA 9 -62.24 -42.16 13.14
C LEU DA 9 -61.54 -41.00 13.83
N TRP DA 10 -60.66 -40.29 13.13
CA TRP DA 10 -60.08 -39.08 13.68
C TRP DA 10 -61.14 -38.02 13.96
N GLY DA 11 -62.31 -38.11 13.32
CA GLY DA 11 -63.35 -37.14 13.54
C GLY DA 11 -63.80 -37.04 14.98
N ALA DA 12 -63.61 -38.10 15.76
CA ALA DA 12 -63.98 -38.05 17.16
C ALA DA 12 -63.27 -36.93 17.90
N LEU DA 13 -62.04 -36.62 17.50
CA LEU DA 13 -61.33 -35.53 18.16
C LEU DA 13 -62.06 -34.20 18.01
N PRO DA 14 -62.42 -33.73 16.80
CA PRO DA 14 -63.29 -32.55 16.72
C PRO DA 14 -64.60 -32.70 17.48
N LEU DA 15 -65.23 -33.87 17.43
CA LEU DA 15 -66.41 -34.08 18.27
C LEU DA 15 -66.06 -33.98 19.74
N LEU DA 16 -64.84 -34.34 20.12
CA LEU DA 16 -64.42 -34.11 21.49
C LEU DA 16 -64.43 -32.62 21.81
N GLY DA 17 -63.94 -31.81 20.89
CA GLY DA 17 -63.97 -30.37 21.11
C GLY DA 17 -65.39 -29.84 21.23
N PHE DA 18 -66.34 -30.45 20.52
CA PHE DA 18 -67.73 -30.03 20.63
C PHE DA 18 -68.26 -30.22 22.04
N ALA DA 19 -68.09 -31.43 22.59
CA ALA DA 19 -68.60 -31.69 23.94
C ALA DA 19 -67.94 -30.80 24.96
N ILE DA 20 -66.61 -30.64 24.87
CA ILE DA 20 -65.91 -29.76 25.78
C ILE DA 20 -66.41 -28.33 25.63
N GLY DA 21 -66.59 -27.89 24.39
CA GLY DA 21 -67.17 -26.58 24.16
C GLY DA 21 -68.58 -26.48 24.71
N HIS DA 22 -69.39 -27.51 24.51
CA HIS DA 22 -70.73 -27.50 25.06
C HIS DA 22 -70.69 -27.47 26.57
N PHE DA 23 -69.79 -28.23 27.18
CA PHE DA 23 -69.77 -28.33 28.63
C PHE DA 23 -69.50 -26.99 29.28
N LEU DA 24 -68.52 -26.25 28.77
CA LEU DA 24 -68.13 -25.00 29.40
C LEU DA 24 -69.28 -24.00 29.42
N ASP DA 25 -69.87 -23.73 28.25
CA ASP DA 25 -70.95 -22.76 28.19
C ASP DA 25 -72.15 -23.21 29.02
N LYS DA 26 -72.43 -24.51 29.01
CA LYS DA 26 -73.45 -25.02 29.92
C LYS DA 26 -73.07 -24.73 31.37
N LYS DA 27 -71.79 -24.91 31.70
CA LYS DA 27 -71.31 -24.52 33.02
C LYS DA 27 -71.42 -23.02 33.23
N GLU DA 28 -71.34 -22.24 32.15
CA GLU DA 28 -71.45 -20.79 32.30
C GLU DA 28 -72.86 -20.39 32.66
N THR DA 29 -73.87 -21.06 32.08
CA THR DA 29 -75.25 -20.72 32.41
C THR DA 29 -75.54 -20.99 33.88
N GLU DA 30 -74.88 -21.98 34.47
CA GLU DA 30 -75.03 -22.20 35.90
C GLU DA 30 -74.36 -21.11 36.72
N ARG DA 31 -73.54 -20.28 36.10
CA ARG DA 31 -72.98 -19.10 36.74
C ARG DA 31 -73.88 -17.87 36.58
N MET DA 32 -74.97 -18.02 35.83
CA MET DA 32 -75.86 -16.91 35.50
C MET DA 32 -77.15 -17.18 36.27
N THR DA 33 -77.18 -16.78 37.54
CA THR DA 33 -78.29 -17.18 38.39
C THR DA 33 -78.58 -16.11 39.43
N MET DA 34 -78.57 -14.85 39.02
CA MET DA 34 -78.89 -13.75 39.91
C MET DA 34 -80.01 -12.87 39.41
N PHE DA 35 -80.36 -12.94 38.12
CA PHE DA 35 -81.68 -12.54 37.64
C PHE DA 35 -82.55 -13.73 37.30
N ARG DA 36 -82.08 -14.94 37.57
CA ARG DA 36 -82.84 -16.14 37.25
C ARG DA 36 -84.15 -16.14 38.04
N ASP DA 37 -85.27 -16.10 37.32
CA ASP DA 37 -86.59 -16.07 37.94
C ASP DA 37 -86.72 -14.88 38.90
N LYS DA 38 -86.19 -13.74 38.49
CA LYS DA 38 -86.30 -12.52 39.29
C LYS DA 38 -86.62 -11.28 38.48
N SER DA 39 -86.56 -11.32 37.15
CA SER DA 39 -86.79 -10.13 36.35
C SER DA 39 -88.27 -9.75 36.35
N ALA DA 40 -88.54 -8.48 36.08
CA ALA DA 40 -89.91 -8.00 36.10
C ALA DA 40 -90.76 -8.70 35.04
N LEU DA 41 -90.15 -9.15 33.95
CA LEU DA 41 -90.91 -9.73 32.85
C LEU DA 41 -91.12 -11.24 32.99
N TYR DA 42 -90.29 -11.91 33.77
CA TYR DA 42 -90.47 -13.33 34.01
C TYR DA 42 -90.41 -13.69 35.49
N GLY DA 43 -90.22 -12.70 36.37
CA GLY DA 43 -90.04 -13.00 37.77
C GLY DA 43 -91.23 -13.73 38.36
N ARG DA 44 -90.95 -14.71 39.20
CA ARG DA 44 -91.98 -15.52 39.79
C ARG DA 44 -92.84 -14.67 40.73
N PRO DA 45 -94.13 -15.00 40.89
CA PRO DA 45 -94.94 -14.27 41.85
C PRO DA 45 -94.37 -14.38 43.25
N ALA DA 46 -94.47 -13.29 44.01
CA ALA DA 46 -93.91 -13.25 45.35
C ALA DA 46 -94.73 -14.15 46.26
N GLY DA 47 -94.19 -15.32 46.56
CA GLY DA 47 -94.82 -16.27 47.46
C GLY DA 47 -95.27 -17.53 46.72
N SER DA 48 -95.12 -18.67 47.39
CA SER DA 48 -95.55 -19.97 46.86
C SER DA 48 -94.97 -20.21 45.46
N GLU DA 49 -93.64 -20.31 45.44
CA GLU DA 49 -92.88 -20.41 44.20
C GLU DA 49 -92.54 -21.85 43.87
N GLY DA 50 -92.32 -22.11 42.59
CA GLY DA 50 -91.93 -23.44 42.16
C GLY DA 50 -90.61 -23.84 42.78
N LYS DA 51 -90.50 -25.13 43.14
CA LYS DA 51 -89.30 -25.60 43.80
C LYS DA 51 -88.10 -25.53 42.85
N ALA DA 52 -88.22 -26.12 41.67
CA ALA DA 52 -87.14 -26.12 40.70
C ALA DA 52 -87.20 -24.85 39.85
N PRO DA 53 -86.11 -24.10 39.72
CA PRO DA 53 -86.18 -22.88 38.91
C PRO DA 53 -86.30 -23.22 37.44
N SER DA 54 -87.11 -22.44 36.73
CA SER DA 54 -87.18 -22.59 35.29
C SER DA 54 -85.81 -22.27 34.70
N TRP DA 55 -85.41 -23.06 33.71
CA TRP DA 55 -84.09 -22.95 33.09
C TRP DA 55 -82.99 -22.81 34.13
N THR EA 1 -52.84 -47.63 -28.39
CA THR EA 1 -52.47 -48.60 -29.40
C THR EA 1 -53.34 -48.47 -30.66
N SER EA 2 -53.71 -49.61 -31.23
CA SER EA 2 -54.60 -49.69 -32.39
C SER EA 2 -55.96 -50.27 -32.05
N LEU EA 3 -56.64 -49.73 -31.04
CA LEU EA 3 -57.82 -50.33 -30.44
C LEU EA 3 -58.78 -50.86 -31.49
N THR EA 4 -59.64 -51.80 -31.09
CA THR EA 4 -60.45 -52.55 -32.02
C THR EA 4 -61.90 -52.10 -31.88
N THR EA 5 -62.78 -52.72 -32.68
CA THR EA 5 -64.22 -52.44 -32.59
C THR EA 5 -64.84 -52.96 -31.30
N GLU EA 6 -64.14 -53.81 -30.55
CA GLU EA 6 -64.65 -54.34 -29.30
C GLU EA 6 -63.97 -53.75 -28.07
N ASP EA 7 -62.77 -53.20 -28.21
CA ASP EA 7 -62.21 -52.44 -27.10
C ASP EA 7 -62.98 -51.16 -26.83
N PHE EA 8 -63.75 -50.69 -27.82
CA PHE EA 8 -64.68 -49.60 -27.58
C PHE EA 8 -66.06 -50.10 -27.23
N ALA EA 9 -66.37 -51.36 -27.52
CA ALA EA 9 -67.67 -51.94 -27.22
C ALA EA 9 -67.66 -52.83 -25.99
N ASN EA 10 -66.49 -53.06 -25.39
CA ASN EA 10 -66.36 -53.90 -24.20
C ASN EA 10 -65.60 -53.13 -23.15
N PRO EA 11 -66.22 -52.09 -22.57
CA PRO EA 11 -65.48 -51.15 -21.70
C PRO EA 11 -64.59 -51.81 -20.67
N SER EA 12 -63.31 -51.48 -20.70
CA SER EA 12 -62.36 -52.12 -19.81
C SER EA 12 -62.54 -51.55 -18.40
N PRO EA 13 -62.85 -52.38 -17.39
CA PRO EA 13 -62.91 -51.90 -16.01
C PRO EA 13 -61.52 -51.76 -15.37
N LYS EA 14 -60.62 -51.09 -16.10
CA LYS EA 14 -59.23 -50.91 -15.68
C LYS EA 14 -58.88 -49.44 -15.51
N ASN EA 15 -59.12 -48.62 -16.51
CA ASN EA 15 -59.02 -47.18 -16.35
C ASN EA 15 -60.36 -46.63 -15.86
N TRP EA 16 -60.30 -45.44 -15.26
CA TRP EA 16 -61.46 -44.84 -14.64
C TRP EA 16 -61.40 -43.34 -14.86
N GLN EA 17 -62.59 -42.71 -14.82
CA GLN EA 17 -62.71 -41.27 -14.95
C GLN EA 17 -63.07 -40.70 -13.60
N SER EA 18 -62.41 -39.61 -13.22
CA SER EA 18 -62.53 -39.06 -11.89
C SER EA 18 -63.69 -38.08 -11.80
N TYR EA 19 -64.32 -38.05 -10.63
CA TYR EA 19 -65.41 -37.13 -10.37
C TYR EA 19 -64.93 -35.80 -9.81
N GLY EA 20 -63.66 -35.46 -10.02
CA GLY EA 20 -63.12 -34.18 -9.60
C GLY EA 20 -62.63 -34.14 -8.17
N PHE EA 21 -62.81 -35.20 -7.39
CA PHE EA 21 -62.38 -35.20 -6.00
C PHE EA 21 -61.01 -35.85 -5.80
N ASP EA 22 -60.59 -36.72 -6.72
CA ASP EA 22 -59.24 -37.27 -6.67
C ASP EA 22 -58.89 -37.80 -8.04
N TYR EA 23 -57.58 -37.88 -8.31
CA TYR EA 23 -57.09 -38.30 -9.61
C TYR EA 23 -56.12 -39.45 -9.54
N LYS EA 24 -55.88 -40.02 -8.36
CA LYS EA 24 -54.87 -41.05 -8.17
C LYS EA 24 -55.45 -42.37 -7.70
N ASP EA 25 -56.33 -42.35 -6.70
CA ASP EA 25 -56.86 -43.55 -6.08
C ASP EA 25 -58.36 -43.62 -6.38
N GLN EA 26 -58.75 -44.61 -7.16
CA GLN EA 26 -60.13 -44.65 -7.65
C GLN EA 26 -61.12 -44.77 -6.49
N VAL EA 27 -60.85 -45.67 -5.55
CA VAL EA 27 -61.80 -45.84 -4.45
C VAL EA 27 -61.85 -44.58 -3.60
N GLU EA 28 -60.72 -43.89 -3.46
CA GLU EA 28 -60.73 -42.61 -2.75
C GLU EA 28 -61.64 -41.61 -3.43
N ASP EA 29 -61.58 -41.53 -4.77
CA ASP EA 29 -62.37 -40.53 -5.47
C ASP EA 29 -63.86 -40.77 -5.27
N ARG EA 30 -64.30 -42.01 -5.38
CA ARG EA 30 -65.71 -42.31 -5.11
C ARG EA 30 -66.04 -42.09 -3.66
N LYS EA 31 -65.11 -42.42 -2.76
CA LYS EA 31 -65.36 -42.32 -1.33
C LYS EA 31 -65.61 -40.87 -0.93
N ALA EA 32 -64.81 -39.94 -1.45
CA ALA EA 32 -65.01 -38.53 -1.13
C ALA EA 32 -66.30 -38.00 -1.74
N THR EA 33 -66.62 -38.43 -2.95
CA THR EA 33 -67.84 -37.98 -3.60
C THR EA 33 -69.06 -38.36 -2.77
N LYS EA 34 -69.11 -39.60 -2.30
CA LYS EA 34 -70.28 -40.06 -1.57
C LYS EA 34 -70.46 -39.29 -0.27
N SER EA 35 -69.42 -39.20 0.54
CA SER EA 35 -69.54 -38.54 1.83
C SER EA 35 -69.85 -37.06 1.67
N THR EA 36 -69.21 -36.41 0.70
CA THR EA 36 -69.44 -34.98 0.50
C THR EA 36 -70.88 -34.70 0.13
N PHE EA 37 -71.46 -35.54 -0.73
CA PHE EA 37 -72.88 -35.35 -1.07
C PHE EA 37 -73.76 -35.49 0.16
N PHE EA 38 -73.48 -36.48 0.99
CA PHE EA 38 -74.37 -36.77 2.11
C PHE EA 38 -74.52 -35.57 3.02
N VAL EA 39 -73.40 -35.01 3.49
CA VAL EA 39 -73.48 -33.91 4.44
C VAL EA 39 -74.04 -32.67 3.78
N THR EA 40 -73.52 -32.32 2.60
CA THR EA 40 -73.93 -31.07 1.96
C THR EA 40 -75.40 -31.08 1.60
N VAL EA 41 -75.95 -32.23 1.21
CA VAL EA 41 -77.31 -32.32 0.71
C VAL EA 41 -78.22 -33.02 1.71
N THR EA 42 -77.92 -34.27 2.06
CA THR EA 42 -78.83 -35.05 2.88
C THR EA 42 -79.01 -34.46 4.26
N LEU EA 43 -78.07 -33.66 4.74
CA LEU EA 43 -78.15 -33.07 6.07
C LEU EA 43 -78.35 -31.56 6.02
N CYS EA 44 -77.46 -30.83 5.34
CA CYS EA 44 -77.54 -29.38 5.38
C CYS EA 44 -78.79 -28.87 4.69
N LEU EA 45 -79.15 -29.44 3.55
CA LEU EA 45 -80.26 -28.90 2.77
C LEU EA 45 -81.58 -29.59 3.08
N VAL EA 46 -81.60 -30.92 3.15
CA VAL EA 46 -82.85 -31.62 3.42
C VAL EA 46 -83.22 -31.50 4.89
N TRP EA 47 -82.38 -32.03 5.78
CA TRP EA 47 -82.69 -31.97 7.21
C TRP EA 47 -82.68 -30.53 7.71
N GLY EA 48 -81.75 -29.72 7.21
CA GLY EA 48 -81.72 -28.32 7.63
C GLY EA 48 -82.99 -27.59 7.29
N SER EA 49 -83.40 -27.66 6.02
CA SER EA 49 -84.59 -26.93 5.60
C SER EA 49 -85.83 -27.45 6.29
N PHE EA 50 -85.92 -28.76 6.49
CA PHE EA 50 -87.04 -29.31 7.24
C PHE EA 50 -87.07 -28.73 8.65
N TYR EA 51 -85.94 -28.81 9.35
CA TYR EA 51 -85.87 -28.32 10.72
C TYR EA 51 -86.17 -26.83 10.79
N TRP EA 52 -85.67 -26.06 9.81
CA TRP EA 52 -86.00 -24.64 9.74
C TRP EA 52 -87.50 -24.42 9.77
N ALA EA 53 -88.24 -25.18 8.96
CA ALA EA 53 -89.67 -24.93 8.80
C ALA EA 53 -90.41 -25.10 10.12
N TYR EA 54 -90.07 -26.13 10.88
CA TYR EA 54 -90.71 -26.38 12.16
C TYR EA 54 -90.00 -25.70 13.31
N LEU EA 55 -89.13 -24.76 13.02
CA LEU EA 55 -88.44 -24.04 14.08
C LEU EA 55 -89.47 -23.36 14.98
N PRO EA 56 -89.27 -23.34 16.29
CA PRO EA 56 -90.22 -22.66 17.16
C PRO EA 56 -90.27 -21.18 16.86
N ASP EA 57 -91.38 -20.55 17.25
CA ASP EA 57 -91.58 -19.13 17.01
C ASP EA 57 -90.64 -18.35 17.91
N THR EA 58 -89.47 -17.99 17.38
CA THR EA 58 -88.43 -17.37 18.19
C THR EA 58 -88.42 -15.86 18.11
N GLN EA 59 -88.95 -15.28 17.04
CA GLN EA 59 -89.00 -13.84 16.89
C GLN EA 59 -90.24 -13.22 17.52
N PHE EA 60 -91.16 -14.03 18.05
CA PHE EA 60 -92.45 -13.55 18.53
C PHE EA 60 -93.17 -12.75 17.45
N ARG EA 61 -93.24 -13.32 16.26
CA ARG EA 61 -94.05 -12.75 15.19
C ARG EA 61 -95.41 -13.42 15.07
N ASN EA 62 -95.46 -14.75 15.16
CA ASN EA 62 -96.75 -15.41 15.28
C ASN EA 62 -97.45 -14.96 16.55
N TRP EA 63 -96.71 -14.86 17.65
CA TRP EA 63 -97.31 -14.45 18.91
C TRP EA 63 -97.94 -13.07 18.78
N ALA EA 64 -97.24 -12.15 18.12
CA ALA EA 64 -97.79 -10.82 17.95
C ALA EA 64 -99.16 -10.88 17.29
N GLN EA 65 -99.26 -11.58 16.15
CA GLN EA 65 -100.51 -11.63 15.42
C GLN EA 65 -101.66 -12.06 16.32
N ARG EA 66 -101.39 -12.97 17.25
CA ARG EA 66 -102.40 -13.29 18.24
C ARG EA 66 -102.73 -12.08 19.10
N GLU EA 67 -101.71 -11.32 19.50
CA GLU EA 67 -101.97 -10.08 20.23
C GLU EA 67 -102.70 -9.07 19.36
N GLY EA 68 -102.28 -8.93 18.10
CA GLY EA 68 -102.90 -7.96 17.24
C GLY EA 68 -104.40 -8.15 17.11
N PHE EA 69 -104.89 -9.36 17.35
CA PHE EA 69 -106.31 -9.62 17.32
C PHE EA 69 -106.93 -9.44 18.70
N LEU EA 70 -106.38 -10.09 19.72
CA LEU EA 70 -106.91 -9.93 21.07
C LEU EA 70 -106.77 -8.49 21.53
N GLU EA 71 -105.60 -7.90 21.34
CA GLU EA 71 -105.39 -6.52 21.76
C GLU EA 71 -106.31 -5.57 21.00
N LEU EA 72 -106.65 -5.90 19.76
CA LEU EA 72 -107.54 -5.03 19.00
C LEU EA 72 -108.97 -5.17 19.48
N ARG EA 73 -109.42 -6.39 19.76
CA ARG EA 73 -110.78 -6.58 20.22
C ARG EA 73 -111.00 -5.87 21.56
N ARG EA 74 -110.05 -6.02 22.49
CA ARG EA 74 -110.24 -5.46 23.82
C ARG EA 74 -110.37 -3.95 23.76
N ARG EA 75 -109.57 -3.29 22.92
CA ARG EA 75 -109.56 -1.84 22.86
C ARG EA 75 -110.56 -1.28 21.86
N GLU EA 76 -110.94 -2.06 20.85
CA GLU EA 76 -112.07 -1.66 20.03
C GLU EA 76 -113.36 -1.67 20.82
N LEU EA 77 -113.44 -2.55 21.83
CA LEU EA 77 -114.57 -2.59 22.74
C LEU EA 77 -114.46 -1.55 23.85
N ALA EA 78 -113.25 -1.09 24.17
CA ALA EA 78 -113.01 -0.27 25.34
C ALA EA 78 -113.13 1.22 25.07
N GLY EA 79 -113.46 1.63 23.85
CA GLY EA 79 -113.54 3.05 23.55
C GLY EA 79 -112.22 3.77 23.68
N VAL EA 80 -111.14 3.15 23.20
CA VAL EA 80 -109.83 3.77 23.18
C VAL EA 80 -109.31 3.71 21.74
N ASP EA 81 -108.51 4.70 21.38
CA ASP EA 81 -107.95 4.72 20.04
C ASP EA 81 -107.17 3.43 19.79
N LEU EA 82 -107.32 2.89 18.57
CA LEU EA 82 -106.83 1.54 18.30
C LEU EA 82 -105.32 1.48 18.43
N VAL EA 83 -104.62 2.55 18.10
CA VAL EA 83 -103.18 2.67 18.35
C VAL EA 83 -102.97 3.91 19.19
N SER EA 84 -102.39 3.73 20.36
CA SER EA 84 -102.22 4.85 21.29
C SER EA 84 -101.15 5.78 20.77
N PRO EA 85 -101.41 7.08 20.60
CA PRO EA 85 -100.38 7.98 20.08
C PRO EA 85 -99.35 8.39 21.13
N ASN EA 86 -99.45 7.89 22.35
CA ASN EA 86 -98.57 8.28 23.45
C ASN EA 86 -97.84 7.06 23.98
N TYR EA 87 -96.51 7.13 24.03
CA TYR EA 87 -95.73 6.06 24.62
C TYR EA 87 -96.05 5.91 26.10
N VAL EA 88 -96.16 7.03 26.81
CA VAL EA 88 -96.74 7.07 28.15
C VAL EA 88 -97.76 8.19 28.14
N ASP EA 89 -98.74 8.10 29.02
CA ASP EA 89 -99.86 9.04 28.98
C ASP EA 89 -99.34 10.47 29.14
N PRO EA 90 -99.85 11.43 28.37
CA PRO EA 90 -99.32 12.80 28.50
C PRO EA 90 -99.47 13.38 29.89
N ALA EA 91 -100.59 13.11 30.58
CA ALA EA 91 -100.79 13.69 31.89
C ALA EA 91 -99.80 13.14 32.91
N SER EA 92 -99.37 11.89 32.74
CA SER EA 92 -98.35 11.34 33.61
C SER EA 92 -97.02 12.08 33.47
N ILE EA 93 -96.71 12.55 32.26
CA ILE EA 93 -95.46 13.25 32.02
C ILE EA 93 -95.47 14.58 32.79
N THR EA 94 -94.28 15.05 33.14
CA THR EA 94 -94.08 16.34 33.79
C THR EA 94 -93.22 17.20 32.88
N LEU EA 95 -93.86 18.07 32.11
CA LEU EA 95 -93.12 18.92 31.19
C LEU EA 95 -92.22 19.88 31.97
N PRO EA 96 -91.00 20.13 31.50
CA PRO EA 96 -90.24 21.26 32.06
C PRO EA 96 -90.84 22.57 31.58
N SER EA 97 -91.34 23.36 32.53
CA SER EA 97 -92.00 24.61 32.17
C SER EA 97 -91.04 25.51 31.38
N ASP EA 98 -91.60 26.53 30.74
CA ASP EA 98 -90.86 27.28 29.73
C ASP EA 98 -89.60 27.91 30.31
N GLU EA 99 -89.69 28.47 31.53
CA GLU EA 99 -88.52 29.16 32.08
C GLU EA 99 -87.37 28.19 32.28
N ASP EA 100 -87.66 26.92 32.54
CA ASP EA 100 -86.60 25.93 32.70
C ASP EA 100 -85.84 25.73 31.39
N LEU EA 101 -86.55 25.71 30.26
CA LEU EA 101 -85.91 25.41 28.99
C LEU EA 101 -84.79 26.40 28.68
N GLY EA 102 -85.08 27.69 28.76
CA GLY EA 102 -84.06 28.68 28.53
C GLY EA 102 -83.47 28.62 27.14
N ASP EA 103 -84.35 28.54 26.14
CA ASP EA 103 -83.98 28.60 24.72
C ASP EA 103 -83.39 27.29 24.21
N THR EA 104 -83.55 26.18 24.92
CA THR EA 104 -83.11 24.89 24.41
C THR EA 104 -83.82 24.59 23.10
N GLU EA 105 -83.08 24.05 22.14
CA GLU EA 105 -83.65 23.77 20.84
C GLU EA 105 -84.66 22.64 20.92
N ILE EA 106 -85.86 22.89 20.39
CA ILE EA 106 -86.96 21.94 20.40
C ILE EA 106 -87.21 21.50 18.96
N ILE EA 107 -87.31 20.20 18.75
CA ILE EA 107 -87.44 19.62 17.43
C ILE EA 107 -88.61 18.67 17.41
N ILE EA 108 -89.13 18.42 16.22
CA ILE EA 108 -90.32 17.60 16.05
C ILE EA 108 -89.99 16.37 15.22
N GLY FA 1 -80.76 -45.60 -38.34
CA GLY FA 1 -80.19 -45.90 -39.64
C GLY FA 1 -80.09 -44.65 -40.51
N HIS FA 2 -78.97 -44.53 -41.22
CA HIS FA 2 -78.66 -43.40 -42.09
C HIS FA 2 -78.37 -42.13 -41.30
N HIS FA 3 -78.20 -42.23 -39.98
CA HIS FA 3 -77.97 -41.06 -39.16
C HIS FA 3 -76.50 -40.66 -39.19
N GLN FA 4 -76.25 -39.38 -38.93
CA GLN FA 4 -74.93 -38.79 -39.02
C GLN FA 4 -74.43 -38.47 -37.62
N MET FA 5 -73.20 -38.88 -37.32
CA MET FA 5 -72.63 -38.58 -36.01
C MET FA 5 -72.51 -37.08 -35.85
N ILE FA 6 -73.33 -36.50 -34.98
CA ILE FA 6 -73.26 -35.08 -34.68
C ILE FA 6 -72.48 -34.93 -33.38
N ILE FA 7 -71.37 -34.23 -33.44
CA ILE FA 7 -70.44 -34.17 -32.32
C ILE FA 7 -70.94 -33.18 -31.29
N LYS FA 8 -71.01 -33.62 -30.05
CA LYS FA 8 -71.47 -32.80 -28.94
C LYS FA 8 -70.64 -33.14 -27.71
N PRO FA 9 -70.49 -32.23 -26.77
CA PRO FA 9 -69.72 -32.54 -25.56
C PRO FA 9 -70.40 -33.64 -24.77
N SER FA 10 -69.59 -34.37 -24.02
CA SER FA 10 -70.11 -35.46 -23.20
C SER FA 10 -71.09 -34.91 -22.16
N ARG FA 11 -72.13 -35.68 -21.89
CA ARG FA 11 -73.11 -35.34 -20.86
C ARG FA 11 -73.04 -36.25 -19.65
N PHE FA 12 -72.11 -37.21 -19.62
CA PHE FA 12 -72.14 -38.23 -18.58
C PHE FA 12 -72.01 -37.61 -17.20
N GLN FA 13 -71.03 -36.73 -17.02
CA GLN FA 13 -70.84 -36.11 -15.72
C GLN FA 13 -72.12 -35.43 -15.26
N TRP FA 14 -72.73 -34.65 -16.14
CA TRP FA 14 -73.99 -34.02 -15.80
C TRP FA 14 -75.07 -35.06 -15.56
N ASP FA 15 -75.12 -36.09 -16.38
CA ASP FA 15 -76.10 -37.15 -16.17
C ASP FA 15 -75.86 -37.85 -14.84
N LYS FA 16 -74.60 -38.10 -14.50
CA LYS FA 16 -74.29 -38.71 -13.22
C LYS FA 16 -74.67 -37.79 -12.07
N PHE FA 17 -74.37 -36.50 -12.21
CA PHE FA 17 -74.62 -35.57 -11.12
C PHE FA 17 -76.11 -35.49 -10.83
N LYS FA 18 -76.93 -35.37 -11.86
CA LYS FA 18 -78.37 -35.33 -11.63
C LYS FA 18 -78.85 -36.59 -10.93
N ASP FA 19 -78.23 -37.73 -11.22
CA ASP FA 19 -78.60 -38.95 -10.54
C ASP FA 19 -78.17 -38.91 -9.07
N LEU FA 20 -76.91 -38.56 -8.82
CA LEU FA 20 -76.41 -38.59 -7.45
C LEU FA 20 -77.19 -37.62 -6.57
N LEU FA 21 -77.45 -36.42 -7.07
CA LEU FA 21 -78.23 -35.46 -6.29
C LEU FA 21 -79.61 -36.02 -6.00
N HIS FA 22 -80.26 -36.61 -7.00
CA HIS FA 22 -81.60 -37.14 -6.79
C HIS FA 22 -81.59 -38.24 -5.76
N PHE FA 23 -80.55 -39.07 -5.75
CA PHE FA 23 -80.47 -40.14 -4.77
C PHE FA 23 -80.39 -39.58 -3.36
N TYR FA 24 -79.48 -38.64 -3.13
CA TYR FA 24 -79.20 -38.22 -1.78
C TYR FA 24 -80.28 -37.31 -1.23
N VAL FA 25 -80.96 -36.54 -2.07
CA VAL FA 25 -82.09 -35.78 -1.59
C VAL FA 25 -83.22 -36.70 -1.16
N MET FA 26 -83.49 -37.75 -1.95
CA MET FA 26 -84.43 -38.78 -1.51
C MET FA 26 -83.96 -39.41 -0.21
N LEU FA 27 -82.67 -39.72 -0.13
CA LEU FA 27 -82.12 -40.35 1.07
C LEU FA 27 -82.43 -39.56 2.33
N GLY FA 28 -82.78 -38.28 2.20
CA GLY FA 28 -83.24 -37.50 3.33
C GLY FA 28 -84.75 -37.32 3.35
N VAL FA 29 -85.40 -37.38 2.20
CA VAL FA 29 -86.83 -37.06 2.15
C VAL FA 29 -87.65 -38.16 2.83
N ILE FA 30 -87.32 -39.43 2.60
CA ILE FA 30 -88.09 -40.51 3.21
C ILE FA 30 -88.08 -40.42 4.73
N PRO FA 31 -86.95 -40.21 5.41
CA PRO FA 31 -87.00 -39.99 6.85
C PRO FA 31 -87.93 -38.86 7.26
N VAL FA 32 -87.70 -37.66 6.73
CA VAL FA 32 -88.46 -36.50 7.21
C VAL FA 32 -89.94 -36.68 6.91
N THR FA 33 -90.27 -37.28 5.78
CA THR FA 33 -91.67 -37.59 5.50
C THR FA 33 -92.23 -38.55 6.54
N ALA FA 34 -91.43 -39.55 6.93
CA ALA FA 34 -91.88 -40.45 7.99
C ALA FA 34 -92.12 -39.69 9.28
N LEU FA 35 -91.19 -38.81 9.64
CA LEU FA 35 -91.34 -38.07 10.90
C LEU FA 35 -92.55 -37.13 10.82
N VAL FA 36 -92.63 -36.32 9.78
CA VAL FA 36 -93.72 -35.36 9.69
C VAL FA 36 -95.05 -36.09 9.56
N LEU FA 37 -95.08 -37.21 8.85
CA LEU FA 37 -96.29 -38.02 8.81
C LEU FA 37 -96.59 -38.64 10.16
N TYR FA 38 -95.57 -39.15 10.83
CA TYR FA 38 -95.79 -39.70 12.16
C TYR FA 38 -96.26 -38.61 13.12
N ALA FA 39 -95.65 -37.43 13.05
CA ALA FA 39 -95.99 -36.37 13.98
C ALA FA 39 -97.43 -35.91 13.78
N ASN FA 40 -97.81 -35.65 12.53
CA ASN FA 40 -99.11 -35.04 12.28
C ASN FA 40 -100.25 -36.04 12.43
N ILE FA 41 -100.04 -37.29 12.06
CA ILE FA 41 -101.14 -38.25 12.05
C ILE FA 41 -101.35 -38.86 13.43
N PHE FA 42 -100.27 -39.16 14.14
CA PHE FA 42 -100.36 -39.84 15.43
C PHE FA 42 -100.33 -38.88 16.60
N VAL FA 43 -99.40 -37.92 16.62
CA VAL FA 43 -99.34 -36.98 17.73
C VAL FA 43 -100.35 -35.86 17.53
N GLY FA 44 -100.36 -35.24 16.36
CA GLY FA 44 -101.35 -34.24 16.03
C GLY FA 44 -101.06 -32.90 16.65
N PRO FA 45 -101.84 -31.89 16.28
CA PRO FA 45 -101.62 -30.56 16.81
C PRO FA 45 -102.24 -30.40 18.20
N ALA FA 46 -101.80 -29.36 18.89
CA ALA FA 46 -102.41 -29.00 20.15
C ALA FA 46 -103.71 -28.24 19.90
N GLN FA 47 -104.36 -27.81 20.97
CA GLN FA 47 -105.57 -27.00 20.89
C GLN FA 47 -105.38 -25.74 21.72
N LEU FA 48 -105.66 -24.59 21.14
CA LEU FA 48 -105.44 -23.32 21.83
C LEU FA 48 -106.41 -23.24 22.99
N ALA FA 49 -105.91 -23.44 24.20
CA ALA FA 49 -106.71 -23.45 25.42
C ALA FA 49 -106.37 -22.24 26.25
N GLU FA 50 -107.37 -21.69 26.92
CA GLU FA 50 -107.14 -20.55 27.79
C GLU FA 50 -106.32 -20.97 29.00
N ILE FA 51 -105.47 -20.07 29.47
CA ILE FA 51 -104.57 -20.39 30.58
C ILE FA 51 -105.41 -20.60 31.84
N PRO FA 52 -105.23 -21.69 32.59
CA PRO FA 52 -105.90 -21.81 33.88
C PRO FA 52 -105.58 -20.62 34.79
N GLU FA 53 -106.31 -20.57 35.91
CA GLU FA 53 -106.27 -19.39 36.76
C GLU FA 53 -104.86 -19.07 37.24
N GLY FA 54 -104.18 -20.07 37.81
CA GLY FA 54 -102.87 -19.86 38.42
C GLY FA 54 -101.81 -20.83 37.93
N TYR FA 55 -101.84 -21.16 36.64
CA TYR FA 55 -100.96 -22.18 36.07
C TYR FA 55 -99.79 -21.53 35.34
N GLU FA 56 -98.58 -22.04 35.61
CA GLU FA 56 -97.37 -21.57 34.96
C GLU FA 56 -96.97 -22.57 33.88
N PRO FA 57 -97.13 -22.26 32.59
CA PRO FA 57 -96.69 -23.22 31.56
C PRO FA 57 -95.19 -23.24 31.42
N LYS FA 58 -94.66 -24.43 31.14
CA LYS FA 58 -93.28 -24.50 30.67
C LYS FA 58 -93.18 -23.92 29.28
N HIS FA 59 -92.00 -23.39 28.95
CA HIS FA 59 -91.84 -22.63 27.71
C HIS FA 59 -92.30 -23.42 26.50
N TRP FA 60 -92.01 -24.72 26.46
CA TRP FA 60 -92.43 -25.53 25.32
C TRP FA 60 -93.94 -25.64 25.21
N GLU FA 61 -94.68 -25.40 26.30
CA GLU FA 61 -96.14 -25.46 26.22
C GLU FA 61 -96.71 -24.36 25.33
N TYR FA 62 -95.94 -23.32 25.03
CA TYR FA 62 -96.45 -22.15 24.33
C TYR FA 62 -96.48 -22.32 22.82
N GLU FA 63 -96.41 -23.55 22.30
CA GLU FA 63 -96.38 -23.74 20.85
C GLU FA 63 -97.18 -24.97 20.46
N LYS FA 64 -97.63 -24.97 19.21
CA LYS FA 64 -98.70 -25.84 18.75
C LYS FA 64 -98.18 -27.15 18.15
N HIS FA 65 -97.40 -27.07 17.09
CA HIS FA 65 -97.03 -28.26 16.36
C HIS FA 65 -96.15 -29.18 17.22
N PRO FA 66 -96.39 -30.49 17.21
CA PRO FA 66 -95.61 -31.35 18.11
C PRO FA 66 -94.12 -31.33 17.85
N ILE FA 67 -93.69 -31.24 16.59
CA ILE FA 67 -92.27 -31.16 16.30
C ILE FA 67 -91.69 -29.88 16.88
N SER FA 68 -92.38 -28.77 16.70
CA SER FA 68 -91.90 -27.51 17.27
C SER FA 68 -91.85 -27.58 18.78
N ARG FA 69 -92.77 -28.31 19.40
CA ARG FA 69 -92.67 -28.54 20.84
C ARG FA 69 -91.40 -29.30 21.18
N PHE FA 70 -91.06 -30.29 20.37
CA PHE FA 70 -89.88 -31.09 20.65
C PHE FA 70 -88.61 -30.28 20.53
N ILE FA 71 -88.49 -29.45 19.48
CA ILE FA 71 -87.27 -28.67 19.29
C ILE FA 71 -87.07 -27.72 20.47
N SER FA 72 -88.10 -26.96 20.80
CA SER FA 72 -87.95 -25.96 21.85
C SER FA 72 -87.70 -26.58 23.23
N ARG FA 73 -88.03 -27.85 23.41
CA ARG FA 73 -87.90 -28.47 24.72
C ARG FA 73 -86.53 -29.09 24.94
N TYR FA 74 -85.97 -29.75 23.93
CA TYR FA 74 -84.72 -30.48 24.09
C TYR FA 74 -83.59 -30.00 23.20
N ILE FA 75 -83.85 -29.10 22.26
CA ILE FA 75 -82.83 -28.66 21.31
C ILE FA 75 -82.43 -27.21 21.50
N LEU FA 76 -83.28 -26.37 22.11
CA LEU FA 76 -83.05 -24.94 22.17
C LEU FA 76 -83.22 -24.43 23.59
N ASN FA 77 -82.52 -23.34 23.89
CA ASN FA 77 -82.68 -22.68 25.18
C ASN FA 77 -84.00 -21.94 25.24
N SER FA 78 -84.64 -21.99 26.40
CA SER FA 78 -85.90 -21.28 26.58
C SER FA 78 -85.67 -19.78 26.44
N ASP FA 79 -86.69 -19.08 25.95
CA ASP FA 79 -86.56 -17.64 25.79
C ASP FA 79 -86.25 -16.95 27.10
N GLN FA 80 -86.83 -17.45 28.20
CA GLN FA 80 -86.54 -16.86 29.51
C GLN FA 80 -85.05 -16.91 29.80
N GLN FA 81 -84.39 -18.02 29.45
CA GLN FA 81 -82.98 -18.16 29.78
C GLN FA 81 -82.15 -17.08 29.12
N ASN FA 82 -82.29 -16.93 27.80
CA ASN FA 82 -81.53 -15.89 27.12
C ASN FA 82 -81.90 -14.51 27.59
N TYR FA 83 -83.18 -14.31 27.91
CA TYR FA 83 -83.60 -13.00 28.42
C TYR FA 83 -82.93 -12.70 29.74
N GLU FA 84 -82.85 -13.68 30.63
CA GLU FA 84 -82.37 -13.43 31.98
C GLU FA 84 -80.87 -13.60 32.13
N LYS FA 85 -80.21 -14.30 31.21
CA LYS FA 85 -78.76 -14.19 31.14
C LYS FA 85 -78.35 -12.81 30.67
N SER FA 86 -79.02 -12.31 29.63
CA SER FA 86 -78.69 -10.99 29.10
C SER FA 86 -78.84 -9.92 30.17
N LEU FA 87 -79.84 -10.06 31.04
CA LEU FA 87 -79.98 -9.10 32.12
C LEU FA 87 -78.77 -9.12 33.04
N HIS FA 88 -78.30 -10.32 33.37
CA HIS FA 88 -77.10 -10.41 34.21
C HIS FA 88 -75.92 -9.75 33.53
N TYR FA 89 -75.67 -10.11 32.27
CA TYR FA 89 -74.48 -9.63 31.59
C TYR FA 89 -74.51 -8.12 31.45
N LEU FA 90 -75.66 -7.56 31.09
CA LEU FA 90 -75.76 -6.10 31.03
C LEU FA 90 -75.54 -5.48 32.41
N TYR FA 91 -75.98 -6.18 33.46
CA TYR FA 91 -75.75 -5.66 34.81
C TYR FA 91 -74.26 -5.58 35.10
N GLU FA 92 -73.53 -6.66 34.85
CA GLU FA 92 -72.10 -6.65 35.14
C GLU FA 92 -71.36 -5.70 34.21
N GLU FA 93 -71.74 -5.68 32.94
CA GLU FA 93 -71.08 -4.77 32.01
C GLU FA 93 -71.30 -3.32 32.41
N ASN FA 94 -72.51 -2.99 32.84
CA ASN FA 94 -72.74 -1.62 33.28
C ASN FA 94 -71.90 -1.29 34.50
N GLU FA 95 -71.57 -2.27 35.32
CA GLU FA 95 -70.75 -2.01 36.50
C GLU FA 95 -69.31 -1.72 36.12
N LYS FA 96 -68.81 -2.33 35.04
CA LYS FA 96 -67.52 -1.92 34.50
C LYS FA 96 -67.46 -0.40 34.37
N ALA FA 97 -68.33 0.15 33.53
CA ALA FA 97 -68.22 1.55 33.15
C ALA FA 97 -68.32 2.45 34.37
N GLN FA 98 -69.26 2.18 35.25
CA GLN FA 98 -69.34 2.95 36.48
C GLN FA 98 -68.02 2.91 37.24
N ILE FA 99 -67.35 1.76 37.25
CA ILE FA 99 -66.09 1.62 37.96
C ILE FA 99 -64.91 2.11 37.13
N ARG FA 100 -64.98 2.01 35.81
CA ARG FA 100 -63.90 2.47 34.94
C ARG FA 100 -64.07 3.91 34.51
N LEU FA 101 -65.21 4.53 34.81
CA LEU FA 101 -65.36 5.97 34.69
C LEU FA 101 -65.08 6.68 35.99
N LEU FA 102 -65.11 5.97 37.11
CA LEU FA 102 -64.69 6.50 38.39
C LEU FA 102 -63.19 6.31 38.59
N GLU FA 103 -62.71 5.07 38.48
CA GLU FA 103 -61.30 4.79 38.60
C GLU FA 103 -60.48 5.69 37.70
N ASP FA 104 -60.96 5.92 36.47
CA ASP FA 104 -60.28 6.87 35.60
C ASP FA 104 -60.32 8.27 36.20
N GLU FA 105 -61.48 8.66 36.74
CA GLU FA 105 -61.58 9.99 37.33
C GLU FA 105 -60.66 10.12 38.54
N VAL FA 106 -60.58 9.09 39.36
CA VAL FA 106 -59.73 9.16 40.55
C VAL FA 106 -58.28 9.38 40.15
N ARG FA 107 -57.82 8.63 39.14
CA ARG FA 107 -56.42 8.76 38.73
C ARG FA 107 -56.10 10.19 38.32
N ARG FA 108 -57.06 10.90 37.72
CA ARG FA 108 -56.80 12.27 37.32
C ARG FA 108 -56.52 13.16 38.51
N LYS FA 109 -57.29 12.98 39.60
CA LYS FA 109 -57.05 13.80 40.78
C LYS FA 109 -55.69 13.51 41.38
N MET FA 110 -55.30 12.24 41.45
CA MET FA 110 -53.97 11.91 41.95
C MET FA 110 -52.90 12.61 41.11
N SER FA 111 -53.05 12.58 39.79
CA SER FA 111 -52.06 13.21 38.93
C SER FA 111 -52.11 14.74 39.03
N GLU FA 112 -53.28 15.30 39.34
CA GLU FA 112 -53.40 16.75 39.38
C GLU FA 112 -52.60 17.33 40.54
N ARG FA 113 -52.46 16.58 41.63
CA ARG FA 113 -51.81 17.10 42.82
C ARG FA 113 -50.79 16.14 43.43
N ASN FA 114 -50.63 14.94 42.89
CA ASN FA 114 -49.56 14.03 43.30
C ASN FA 114 -49.57 13.78 44.80
N ASP FA 115 -50.76 13.76 45.41
CA ASP FA 115 -50.88 13.70 46.86
C ASP FA 115 -51.18 12.30 47.36
N TYR FA 116 -50.63 11.27 46.71
CA TYR FA 116 -50.77 9.91 47.21
C TYR FA 116 -49.63 9.06 46.66
N GLN FA 117 -49.22 8.08 47.45
CA GLN FA 117 -48.05 7.27 47.11
C GLN FA 117 -48.44 6.04 46.29
N ALA FA 118 -49.24 6.21 45.24
CA ALA FA 118 -49.67 5.08 44.42
C ALA FA 118 -48.93 5.03 43.08
N TYR FA 119 -49.13 6.02 42.21
CA TYR FA 119 -48.51 6.00 40.88
C TYR FA 119 -47.88 7.33 40.53
N TYR FA 120 -48.48 8.40 41.01
CA TYR FA 120 -48.13 9.76 40.60
C TYR FA 120 -47.32 10.45 41.69
N TYR FA 121 -46.45 9.69 42.32
CA TYR FA 121 -45.64 10.17 43.43
C TYR FA 121 -44.21 9.67 43.23
N ARG FA 122 -43.26 10.59 43.27
CA ARG FA 122 -41.86 10.27 43.05
C ARG FA 122 -41.16 10.25 44.39
N PRO FA 123 -40.76 9.09 44.93
CA PRO FA 123 -40.13 9.09 46.25
C PRO FA 123 -38.84 9.90 46.22
N SER FA 124 -38.83 10.99 46.97
CA SER FA 124 -37.64 11.81 47.14
C SER FA 124 -37.00 11.43 48.47
N VAL FA 125 -35.90 10.72 48.41
CA VAL FA 125 -35.22 10.23 49.60
C VAL FA 125 -34.16 11.22 50.03
N ALA FA 126 -34.20 11.63 51.29
CA ALA FA 126 -33.16 12.42 51.90
C ALA FA 126 -32.23 11.59 52.77
N LYS FA 127 -32.34 10.26 52.67
CA LYS FA 127 -31.58 9.38 53.54
C LYS FA 127 -30.08 9.65 53.44
N TYR FA 128 -29.57 9.77 52.22
CA TYR FA 128 -28.12 9.80 52.04
C TYR FA 128 -27.52 11.03 52.67
N HIS FA 129 -28.18 12.17 52.56
CA HIS FA 129 -27.61 13.39 53.09
C HIS FA 129 -27.45 13.30 54.60
N ARG FA 130 -28.46 12.79 55.30
CA ARG FA 130 -28.29 12.64 56.74
C ARG FA 130 -27.40 11.46 57.10
N ILE FA 131 -27.08 10.59 56.14
CA ILE FA 131 -25.94 9.70 56.32
C ILE FA 131 -24.65 10.50 56.26
N SER FA 132 -24.54 11.43 55.30
CA SER FA 132 -23.36 12.26 55.21
C SER FA 132 -23.19 13.11 56.46
N LYS FA 133 -24.30 13.66 56.97
CA LYS FA 133 -24.23 14.43 58.20
C LYS FA 133 -23.74 13.57 59.36
N GLU FA 134 -24.19 12.32 59.43
CA GLU FA 134 -23.67 11.39 60.42
C GLU FA 134 -22.16 11.23 60.26
N ALA FA 135 -21.71 10.94 59.04
CA ALA FA 135 -20.29 10.73 58.80
C ALA FA 135 -19.48 11.96 59.15
N ALA FA 136 -20.00 13.16 58.84
CA ALA FA 136 -19.31 14.38 59.23
C ALA FA 136 -19.19 14.46 60.74
N ASP FA 137 -20.28 14.16 61.46
CA ASP FA 137 -20.22 14.19 62.92
C ASP FA 137 -19.22 13.18 63.45
N GLU FA 138 -19.19 11.98 62.87
CA GLU FA 138 -18.22 10.98 63.30
C GLU FA 138 -16.81 11.50 63.13
N LEU FA 139 -16.52 12.10 61.99
CA LEU FA 139 -15.19 12.61 61.73
C LEU FA 139 -14.86 13.84 62.55
N GLU FA 140 -15.88 14.58 63.02
CA GLU FA 140 -15.61 15.72 63.88
C GLU FA 140 -14.98 15.27 65.20
N ALA FA 141 -15.45 14.16 65.75
CA ALA FA 141 -14.89 13.67 67.00
C ALA FA 141 -13.44 13.25 66.83
N LEU FA 142 -13.12 12.58 65.72
CA LEU FA 142 -11.79 12.02 65.56
C LEU FA 142 -10.72 13.08 65.44
N ARG FA 143 -11.06 14.26 64.92
CA ARG FA 143 -10.07 15.29 64.67
C ARG FA 143 -9.29 15.60 65.94
N GLY FA 144 -7.97 15.69 65.79
CA GLY FA 144 -7.08 15.90 66.91
C GLY FA 144 -5.97 14.87 66.93
N ASP FA 145 -4.91 15.15 67.69
CA ASP FA 145 -3.81 14.22 67.81
C ASP FA 145 -3.06 14.41 69.12
N GLY GA 1 -53.93 -44.30 -11.58
CA GLY GA 1 -54.19 -43.09 -12.34
C GLY GA 1 -55.63 -43.01 -12.81
N ALA GA 2 -56.07 -41.80 -13.14
CA ALA GA 2 -57.43 -41.56 -13.62
C ALA GA 2 -57.32 -40.86 -14.98
N SER GA 3 -57.55 -41.61 -16.05
CA SER GA 3 -57.47 -41.06 -17.39
C SER GA 3 -58.85 -40.55 -17.78
N GLU GA 4 -58.97 -39.23 -17.95
CA GLU GA 4 -60.24 -38.64 -18.34
C GLU GA 4 -60.68 -39.14 -19.71
N THR GA 5 -59.74 -39.19 -20.66
CA THR GA 5 -60.07 -39.61 -22.02
C THR GA 5 -60.14 -41.12 -22.17
N GLY GA 6 -59.84 -41.88 -21.11
CA GLY GA 6 -59.97 -43.32 -21.19
C GLY GA 6 -58.93 -43.99 -22.04
N GLY GA 7 -57.73 -43.43 -22.13
CA GLY GA 7 -56.71 -43.96 -23.02
C GLY GA 7 -56.67 -43.29 -24.37
N VAL GA 8 -57.79 -43.32 -25.10
CA VAL GA 8 -57.86 -42.76 -26.46
C VAL GA 8 -57.25 -41.38 -26.47
N LYS GA 9 -56.25 -41.19 -27.30
CA LYS GA 9 -55.39 -40.04 -27.13
C LYS GA 9 -56.08 -38.87 -27.82
N PRO GA 10 -56.61 -37.85 -27.13
CA PRO GA 10 -57.36 -36.81 -27.84
C PRO GA 10 -56.53 -36.02 -28.85
N MET GA 11 -57.14 -35.74 -30.00
CA MET GA 11 -56.53 -34.98 -31.08
C MET GA 11 -57.60 -34.26 -31.88
N VAL GA 12 -57.17 -33.52 -32.90
CA VAL GA 12 -58.04 -32.90 -33.89
C VAL GA 12 -57.72 -33.53 -35.23
N ILE GA 13 -58.74 -34.08 -35.90
CA ILE GA 13 -58.52 -34.90 -37.09
C ILE GA 13 -58.97 -34.16 -38.34
N ALA GA 14 -60.02 -33.34 -38.23
CA ALA GA 14 -60.64 -32.78 -39.42
C ALA GA 14 -59.67 -31.85 -40.16
N GLY GA 15 -58.91 -31.04 -39.43
CA GLY GA 15 -57.95 -30.18 -40.08
C GLY GA 15 -58.56 -28.88 -40.58
N ARG GA 16 -57.94 -28.33 -41.63
CA ARG GA 16 -58.33 -27.02 -42.12
C ARG GA 16 -59.76 -27.01 -42.62
N MET GA 17 -60.17 -28.04 -43.36
CA MET GA 17 -61.34 -27.96 -44.22
C MET GA 17 -62.66 -27.82 -43.47
N VAL GA 18 -62.67 -27.81 -42.14
CA VAL GA 18 -63.92 -27.62 -41.42
C VAL GA 18 -64.52 -26.26 -41.76
N ARG GA 19 -63.70 -25.22 -41.74
CA ARG GA 19 -64.18 -23.88 -41.99
C ARG GA 19 -64.42 -23.69 -43.47
N GLU GA 20 -65.58 -23.11 -43.81
CA GLU GA 20 -65.99 -23.04 -45.20
C GLU GA 20 -64.98 -22.23 -46.03
N ARG GA 21 -64.59 -21.07 -45.54
CA ARG GA 21 -63.68 -20.23 -46.31
C ARG GA 21 -62.37 -20.94 -46.59
N GLU GA 22 -61.86 -21.66 -45.60
CA GLU GA 22 -60.60 -22.38 -45.78
C GLU GA 22 -60.72 -23.47 -46.85
N ARG GA 23 -61.93 -23.86 -47.23
CA ARG GA 23 -62.12 -24.82 -48.30
C ARG GA 23 -62.17 -24.14 -49.66
N LEU GA 24 -62.91 -23.05 -49.76
CA LEU GA 24 -63.10 -22.39 -51.05
C LEU GA 24 -61.78 -21.85 -51.60
N ILE GA 25 -60.95 -21.28 -50.74
CA ILE GA 25 -59.75 -20.61 -51.23
C ILE GA 25 -58.84 -21.60 -51.94
N GLY GA 26 -58.79 -22.83 -51.47
CA GLY GA 26 -57.99 -23.84 -52.13
C GLY GA 26 -57.76 -25.07 -51.28
N MET GA 27 -57.60 -26.23 -51.92
CA MET GA 27 -57.36 -27.47 -51.20
C MET GA 27 -56.47 -28.34 -52.07
N SER GA 28 -55.34 -28.77 -51.50
CA SER GA 28 -54.46 -29.64 -52.23
C SER GA 28 -55.14 -30.99 -52.45
N PRO GA 29 -54.67 -31.78 -53.41
CA PRO GA 29 -55.32 -33.08 -53.66
C PRO GA 29 -55.41 -33.97 -52.44
N GLU GA 30 -54.35 -34.01 -51.62
CA GLU GA 30 -54.41 -34.83 -50.42
C GLU GA 30 -55.48 -34.34 -49.47
N GLU GA 31 -55.58 -33.02 -49.30
CA GLU GA 31 -56.59 -32.48 -48.40
C GLU GA 31 -57.98 -32.84 -48.88
N ARG GA 32 -58.22 -32.73 -50.19
CA ARG GA 32 -59.53 -33.10 -50.72
C ARG GA 32 -59.83 -34.56 -50.42
N ALA GA 33 -58.86 -35.44 -50.63
CA ALA GA 33 -59.06 -36.85 -50.31
C ALA GA 33 -59.35 -37.01 -48.82
N TRP GA 34 -58.58 -36.34 -47.98
CA TRP GA 34 -58.81 -36.44 -46.54
C TRP GA 34 -60.19 -35.92 -46.17
N ARG GA 35 -60.57 -34.78 -46.73
CA ARG GA 35 -61.88 -34.22 -46.43
C ARG GA 35 -62.99 -35.18 -46.84
N LYS GA 36 -62.86 -35.77 -48.03
CA LYS GA 36 -63.87 -36.73 -48.48
C LYS GA 36 -63.95 -37.91 -47.53
N GLN GA 37 -62.80 -38.38 -47.04
CA GLN GA 37 -62.81 -39.50 -46.11
C GLN GA 37 -63.52 -39.14 -44.82
N TRP GA 38 -63.25 -37.93 -44.30
CA TRP GA 38 -63.84 -37.55 -43.02
C TRP GA 38 -65.36 -37.60 -43.07
N LEU GA 39 -65.95 -37.05 -44.13
CA LEU GA 39 -67.40 -37.06 -44.24
C LEU GA 39 -67.93 -38.49 -44.36
N LYS GA 40 -67.21 -39.34 -45.09
CA LYS GA 40 -67.67 -40.71 -45.25
C LYS GA 40 -67.70 -41.44 -43.92
N ASP GA 41 -66.86 -41.03 -42.96
CA ASP GA 41 -66.84 -41.67 -41.66
C ASP GA 41 -68.00 -41.23 -40.78
N GLN GA 42 -68.46 -39.98 -40.94
CA GLN GA 42 -69.53 -39.47 -40.10
C GLN GA 42 -70.84 -40.21 -40.31
N GLU GA 43 -71.02 -40.86 -41.46
CA GLU GA 43 -72.19 -41.69 -41.66
C GLU GA 43 -72.19 -42.85 -40.67
N LEU GA 44 -73.35 -43.11 -40.08
CA LEU GA 44 -73.55 -44.25 -39.22
C LEU GA 44 -74.64 -45.14 -39.83
N HIS GA 45 -74.34 -46.42 -39.99
CA HIS GA 45 -75.24 -47.36 -40.63
C HIS GA 45 -76.02 -48.18 -39.61
N HIS GA 46 -76.02 -47.78 -38.34
CA HIS GA 46 -76.83 -48.41 -37.31
C HIS GA 46 -77.17 -47.36 -36.27
N GLY GA 47 -78.23 -47.62 -35.52
CA GLY GA 47 -78.56 -46.79 -34.38
C GLY GA 47 -77.60 -47.08 -33.24
N PRO GA 48 -77.58 -46.22 -32.22
CA PRO GA 48 -76.70 -46.47 -31.08
C PRO GA 48 -77.00 -47.82 -30.44
N ARG GA 49 -75.94 -48.53 -30.08
CA ARG GA 49 -76.11 -49.78 -29.36
C ARG GA 49 -76.62 -49.49 -27.95
N LYS GA 50 -77.28 -50.47 -27.36
CA LYS GA 50 -77.80 -50.36 -26.01
C LYS GA 50 -76.78 -50.95 -25.06
N VAL GA 51 -76.19 -50.10 -24.22
CA VAL GA 51 -75.15 -50.50 -23.28
C VAL GA 51 -75.84 -50.78 -21.94
N PRO GA 52 -75.79 -52.00 -21.41
CA PRO GA 52 -76.41 -52.25 -20.10
C PRO GA 52 -75.81 -51.41 -18.99
N ALA GA 53 -74.53 -51.05 -19.11
CA ALA GA 53 -73.82 -50.42 -18.00
C ALA GA 53 -74.44 -49.07 -17.64
N LEU GA 54 -74.78 -48.25 -18.64
CA LEU GA 54 -75.33 -46.93 -18.36
C LEU GA 54 -76.61 -47.03 -17.54
N GLU GA 55 -77.49 -47.96 -17.91
CA GLU GA 55 -78.82 -47.98 -17.32
C GLU GA 55 -78.79 -48.22 -15.82
N LEU GA 56 -77.71 -48.80 -15.29
CA LEU GA 56 -77.52 -48.90 -13.84
C LEU GA 56 -76.64 -47.79 -13.30
N GLU GA 57 -75.70 -47.29 -14.10
CA GLU GA 57 -74.80 -46.23 -13.68
C GLU GA 57 -75.50 -44.87 -13.65
N LEU GA 58 -76.68 -44.75 -14.26
CA LEU GA 58 -77.44 -43.52 -14.27
C LEU GA 58 -78.85 -43.73 -13.71
N ASN GA 59 -79.01 -44.75 -12.88
CA ASN GA 59 -80.26 -44.99 -12.15
C ASN GA 59 -79.89 -45.34 -10.72
N ASN GA 60 -80.22 -44.46 -9.79
CA ASN GA 60 -79.92 -44.75 -8.40
C ASN GA 60 -80.81 -45.87 -7.89
N PRO GA 61 -80.40 -46.55 -6.81
CA PRO GA 61 -81.26 -47.61 -6.26
C PRO GA 61 -82.66 -47.15 -5.91
N ILE GA 62 -82.79 -45.98 -5.28
CA ILE GA 62 -84.12 -45.48 -4.92
C ILE GA 62 -84.99 -45.38 -6.16
N LYS GA 63 -84.45 -44.86 -7.25
CA LYS GA 63 -85.23 -44.71 -8.47
C LYS GA 63 -85.58 -46.07 -9.06
N ARG GA 64 -84.64 -47.01 -9.02
CA ARG GA 64 -84.90 -48.33 -9.59
C ARG GA 64 -86.02 -49.06 -8.89
N PHE GA 65 -86.30 -48.71 -7.64
CA PHE GA 65 -87.40 -49.30 -6.88
C PHE GA 65 -88.64 -48.41 -6.93
N TYR GA 66 -88.46 -47.12 -6.74
CA TYR GA 66 -89.55 -46.13 -6.78
C TYR GA 66 -90.37 -46.31 -8.06
N ARG GA 67 -89.73 -46.76 -9.14
CA ARG GA 67 -90.40 -47.03 -10.41
C ARG GA 67 -90.67 -48.51 -10.66
N ALA GA 68 -90.00 -49.40 -9.94
CA ALA GA 68 -90.14 -50.85 -10.10
C ALA GA 68 -91.57 -51.31 -10.33
N PRO GA 69 -92.54 -50.97 -9.47
CA PRO GA 69 -93.90 -51.49 -9.65
C PRO GA 69 -94.51 -51.20 -11.01
N LEU GA 70 -94.54 -49.94 -11.44
CA LEU GA 70 -95.17 -49.62 -12.71
C LEU GA 70 -94.37 -50.14 -13.90
N ASP GA 71 -93.13 -50.53 -13.70
CA ASP GA 71 -92.39 -51.18 -14.78
C ASP GA 71 -92.78 -52.65 -14.93
N LYS GA 72 -93.56 -53.18 -13.98
CA LYS GA 72 -94.10 -54.52 -14.13
C LYS GA 72 -95.28 -54.53 -15.09
N VAL GA 73 -96.09 -53.46 -15.09
CA VAL GA 73 -97.17 -53.37 -16.07
C VAL GA 73 -96.62 -53.05 -17.45
N CYS GA 74 -95.47 -52.37 -17.53
CA CYS GA 74 -94.81 -52.22 -18.82
C CYS GA 74 -94.31 -53.56 -19.32
N ASN GA 75 -93.80 -54.40 -18.43
CA ASN GA 75 -93.36 -55.73 -18.83
C ASN GA 75 -94.53 -56.63 -19.18
N VAL GA 76 -95.66 -56.46 -18.49
CA VAL GA 76 -96.83 -57.30 -18.76
C VAL GA 76 -97.45 -56.94 -20.10
N LEU GA 77 -97.55 -55.65 -20.41
CA LEU GA 77 -98.26 -55.20 -21.59
C LEU GA 77 -97.39 -55.07 -22.83
N GLU GA 78 -96.07 -55.01 -22.66
CA GLU GA 78 -95.20 -54.79 -23.81
C GLU GA 78 -95.30 -55.88 -24.89
N PRO GA 79 -95.69 -57.13 -24.60
CA PRO GA 79 -96.01 -58.05 -25.71
C PRO GA 79 -97.43 -57.93 -26.23
N VAL GA 80 -98.29 -57.14 -25.58
CA VAL GA 80 -99.67 -57.02 -26.02
C VAL GA 80 -99.85 -55.90 -27.05
N LEU GA 81 -99.03 -54.85 -26.98
CA LEU GA 81 -99.20 -53.67 -27.82
C LEU GA 81 -97.94 -53.21 -28.52
N GLY GA 82 -96.79 -53.82 -28.24
CA GLY GA 82 -95.53 -53.28 -28.72
C GLY GA 82 -94.89 -52.37 -27.69
N PHE GA 83 -93.56 -52.31 -27.72
CA PHE GA 83 -92.84 -51.65 -26.65
C PHE GA 83 -93.18 -50.15 -26.61
N GLN GA 84 -93.31 -49.53 -27.78
CA GLN GA 84 -93.64 -48.10 -27.80
C GLN GA 84 -95.03 -47.84 -27.22
N ARG GA 85 -96.03 -48.55 -27.73
CA ARG GA 85 -97.40 -48.31 -27.28
C ARG GA 85 -97.54 -48.59 -25.80
N ALA GA 86 -96.99 -49.72 -25.35
CA ALA GA 86 -97.11 -50.10 -23.94
C ALA GA 86 -96.39 -49.10 -23.04
N TYR GA 87 -95.19 -48.68 -23.43
CA TYR GA 87 -94.43 -47.79 -22.56
C TYR GA 87 -95.16 -46.46 -22.38
N THR GA 88 -95.82 -45.99 -23.44
CA THR GA 88 -96.62 -44.77 -23.32
C THR GA 88 -97.71 -44.96 -22.27
N VAL GA 89 -98.34 -46.14 -22.25
CA VAL GA 89 -99.31 -46.41 -21.20
C VAL GA 89 -98.64 -46.45 -19.84
N ARG GA 90 -97.38 -46.90 -19.78
CA ARG GA 90 -96.68 -46.89 -18.51
C ARG GA 90 -96.36 -45.47 -18.08
N PHE GA 91 -96.05 -44.59 -19.03
CA PHE GA 91 -95.70 -43.23 -18.66
C PHE GA 91 -96.92 -42.44 -18.23
N TRP GA 92 -98.04 -42.62 -18.90
CA TRP GA 92 -99.21 -41.80 -18.61
C TRP GA 92 -100.05 -42.37 -17.48
N THR GA 93 -100.02 -43.68 -17.28
CA THR GA 93 -100.64 -44.23 -16.09
C THR GA 93 -99.91 -43.76 -14.83
N GLY GA 94 -98.60 -43.53 -14.93
CA GLY GA 94 -97.82 -43.10 -13.78
C GLY GA 94 -97.83 -41.61 -13.58
N LYS GA 95 -97.40 -40.85 -14.59
CA LYS GA 95 -97.33 -39.39 -14.45
C LYS GA 95 -98.69 -38.79 -14.16
N ALA GA 96 -99.77 -39.39 -14.69
CA ALA GA 96 -101.10 -38.87 -14.41
C ALA GA 96 -101.53 -39.19 -12.99
N LEU GA 97 -101.13 -40.35 -12.48
CA LEU GA 97 -101.45 -40.69 -11.11
C LEU GA 97 -100.91 -39.67 -10.13
N LEU GA 98 -99.70 -39.16 -10.39
CA LEU GA 98 -99.14 -38.12 -9.53
C LEU GA 98 -100.01 -36.89 -9.52
N ALA GA 99 -100.56 -36.52 -10.69
CA ALA GA 99 -101.43 -35.36 -10.77
C ALA GA 99 -102.68 -35.56 -9.92
N LEU GA 100 -103.30 -36.74 -10.02
CA LEU GA 100 -104.51 -37.00 -9.26
C LEU GA 100 -104.26 -36.88 -7.77
N THR GA 101 -103.16 -37.47 -7.30
CA THR GA 101 -102.78 -37.29 -5.90
C THR GA 101 -102.29 -35.88 -5.62
N GLY GA 102 -101.82 -35.16 -6.64
CA GLY GA 102 -101.40 -33.78 -6.43
C GLY GA 102 -102.57 -32.88 -6.10
N ILE GA 103 -103.68 -33.03 -6.80
CA ILE GA 103 -104.85 -32.20 -6.53
C ILE GA 103 -105.41 -32.50 -5.15
N TYR GA 104 -105.50 -33.78 -4.79
CA TYR GA 104 -106.13 -34.15 -3.53
C TYR GA 104 -105.35 -33.59 -2.36
N ALA GA 105 -104.02 -33.67 -2.40
CA ALA GA 105 -103.22 -33.03 -1.36
C ALA GA 105 -103.45 -31.53 -1.35
N GLY GA 106 -103.48 -30.91 -2.54
CA GLY GA 106 -103.80 -29.50 -2.60
C GLY GA 106 -105.20 -29.20 -2.14
N ALA GA 107 -106.16 -30.02 -2.54
CA ALA GA 107 -107.53 -29.84 -2.08
C ALA GA 107 -107.62 -30.02 -0.57
N TYR GA 108 -106.92 -31.02 -0.04
CA TYR GA 108 -106.93 -31.21 1.40
C TYR GA 108 -106.36 -30.00 2.12
N TYR GA 109 -105.23 -29.49 1.64
CA TYR GA 109 -104.53 -28.43 2.37
C TYR GA 109 -105.40 -27.20 2.49
N PHE GA 110 -106.10 -26.84 1.42
CA PHE GA 110 -106.92 -25.63 1.42
C PHE GA 110 -108.23 -25.81 2.16
N LYS GA 111 -108.47 -26.98 2.76
CA LYS GA 111 -109.69 -27.23 3.49
C LYS GA 111 -109.50 -27.30 4.99
N TYR GA 112 -108.31 -27.62 5.47
CA TYR GA 112 -108.06 -27.71 6.90
C TYR GA 112 -106.88 -26.88 7.37
N ASN GA 113 -105.81 -26.81 6.60
CA ASN GA 113 -104.59 -26.13 7.02
C ASN GA 113 -104.46 -24.74 6.44
N GLN GA 114 -105.53 -24.20 5.90
CA GLN GA 114 -105.53 -22.83 5.43
C GLN GA 114 -105.07 -21.91 6.55
N ASN GA 115 -104.52 -20.76 6.17
CA ASN GA 115 -104.01 -19.83 7.17
C ASN GA 115 -105.11 -19.34 8.08
N ASP GA 116 -104.82 -19.28 9.37
CA ASP GA 116 -105.77 -18.82 10.38
C ASP GA 116 -105.13 -17.72 11.19
N TRP GA 117 -105.81 -17.28 12.25
CA TRP GA 117 -105.35 -16.15 13.03
C TRP GA 117 -104.18 -16.49 13.94
N THR GA 118 -103.93 -17.77 14.23
CA THR GA 118 -102.88 -18.17 15.14
C THR GA 118 -101.55 -18.40 14.45
N ARG GA 119 -101.44 -18.10 13.15
CA ARG GA 119 -100.20 -18.19 12.41
C ARG GA 119 -100.15 -17.01 11.45
N LYS GA 120 -98.94 -16.68 11.00
CA LYS GA 120 -98.78 -15.70 9.93
C LYS GA 120 -98.64 -16.35 8.56
N GLY GA 121 -97.81 -17.38 8.45
CA GLY GA 121 -97.62 -18.05 7.19
C GLY GA 121 -98.90 -18.74 6.73
N GLY GA 122 -98.73 -19.55 5.69
CA GLY GA 122 -99.84 -20.30 5.14
C GLY GA 122 -100.67 -19.48 4.19
N TRP GA 123 -101.37 -20.17 3.32
CA TRP GA 123 -102.19 -19.51 2.31
C TRP GA 123 -103.43 -18.92 2.97
N ARG GA 124 -103.74 -17.66 2.62
CA ARG GA 124 -104.88 -16.95 3.18
C ARG GA 124 -105.84 -16.61 2.07
N VAL GA 125 -107.10 -17.02 2.22
CA VAL GA 125 -108.11 -16.89 1.18
C VAL GA 125 -109.13 -15.84 1.61
N ILE GA 126 -109.41 -14.89 0.73
CA ILE GA 126 -110.50 -13.93 0.92
C ILE GA 126 -111.35 -13.95 -0.34
N HIS GA 127 -112.39 -14.78 -0.34
CA HIS GA 127 -113.27 -14.90 -1.48
C HIS GA 127 -114.31 -13.79 -1.46
N SER GA 128 -114.87 -13.51 -2.63
CA SER GA 128 -115.84 -12.44 -2.79
C SER GA 128 -117.26 -12.99 -2.62
N ARG GA 129 -118.24 -12.18 -2.97
CA ARG GA 129 -119.65 -12.51 -2.79
C ARG GA 129 -120.22 -13.02 -4.11
N LYS GA 130 -120.84 -14.19 -4.08
CA LYS GA 130 -121.37 -14.79 -5.29
C LYS GA 130 -122.52 -13.95 -5.83
N GLN GA 131 -122.63 -13.91 -7.16
CA GLN GA 131 -123.72 -13.19 -7.80
C GLN GA 131 -125.03 -13.89 -7.49
N CYS GA 132 -125.88 -13.26 -6.69
CA CYS GA 132 -127.21 -13.79 -6.40
C CYS GA 132 -128.19 -13.23 -7.43
N VAL GA 133 -128.84 -14.11 -8.17
CA VAL GA 133 -129.70 -13.73 -9.28
C VAL GA 133 -131.09 -14.30 -9.01
N PRO GA 134 -132.12 -13.79 -9.69
CA PRO GA 134 -133.47 -14.29 -9.44
C PRO GA 134 -133.56 -15.78 -9.68
N GLY GA 135 -134.39 -16.45 -8.87
CA GLY GA 135 -134.45 -17.88 -8.84
C GLY GA 135 -133.57 -18.50 -7.79
N ASP GA 136 -132.40 -17.91 -7.54
CA ASP GA 136 -131.56 -18.33 -6.43
C ASP GA 136 -132.33 -18.14 -5.13
N GLU GA 137 -131.79 -18.71 -4.06
CA GLU GA 137 -132.46 -18.64 -2.76
C GLU GA 137 -132.46 -17.21 -2.24
N GLY GA 138 -133.61 -16.80 -1.70
CA GLY GA 138 -133.76 -15.49 -1.08
C GLY GA 138 -133.17 -14.36 -1.91
N TYR GA 139 -133.76 -14.08 -3.06
CA TYR GA 139 -133.18 -13.13 -4.00
C TYR GA 139 -132.78 -11.79 -3.38
N PRO GA 140 -133.60 -11.12 -2.59
CA PRO GA 140 -133.13 -9.86 -2.00
C PRO GA 140 -132.05 -10.12 -0.95
N LYS GA 141 -130.92 -10.64 -1.40
CA LYS GA 141 -129.86 -11.10 -0.51
C LYS GA 141 -128.89 -9.97 -0.23
N VAL GA 142 -128.34 -9.97 0.98
CA VAL GA 142 -127.48 -8.90 1.45
C VAL GA 142 -126.25 -9.52 2.10
N SER GA 143 -125.13 -8.80 2.02
CA SER GA 143 -123.92 -9.24 2.67
C SER GA 143 -124.12 -9.26 4.19
N ASP GA 144 -123.97 -10.44 4.79
CA ASP GA 144 -124.17 -10.57 6.23
C ASP GA 144 -123.12 -9.82 7.02
N ARG GA 145 -121.98 -9.49 6.41
CA ARG GA 145 -120.91 -8.78 7.12
C ARG GA 145 -121.26 -7.30 7.15
N SER GA 146 -121.56 -6.80 8.35
CA SER GA 146 -121.83 -5.37 8.54
C SER GA 146 -120.80 -4.73 9.47
N ALA GA 147 -120.61 -5.27 10.67
CA ALA GA 147 -119.68 -4.68 11.61
C ALA GA 147 -118.24 -4.93 11.15
N PRO GA 148 -117.31 -4.04 11.51
CA PRO GA 148 -115.93 -4.23 11.04
C PRO GA 148 -115.31 -5.54 11.49
N SER GA 149 -115.68 -6.04 12.67
CA SER GA 149 -115.14 -7.31 13.13
C SER GA 149 -115.48 -8.46 12.17
N ASP GA 150 -116.51 -8.30 11.35
CA ASP GA 150 -116.87 -9.36 10.42
C ASP GA 150 -115.76 -9.61 9.41
N TYR GA 151 -115.10 -8.54 8.97
CA TYR GA 151 -114.15 -8.65 7.87
C TYR GA 151 -112.79 -9.13 8.35
N ALA GA 152 -112.15 -9.95 7.53
CA ALA GA 152 -110.81 -10.46 7.84
C ALA GA 152 -110.78 -11.14 9.20
N ALA GA 153 -111.85 -11.87 9.51
CA ALA GA 153 -111.91 -12.58 10.79
C ALA GA 153 -110.82 -13.62 10.89
N ARG GA 154 -110.57 -14.34 9.79
CA ARG GA 154 -109.55 -15.38 9.78
C ARG GA 154 -109.82 -16.42 10.86
N GLY GA 155 -111.10 -16.70 11.10
CA GLY GA 155 -111.48 -17.65 12.12
C GLY GA 155 -111.35 -17.13 13.53
N PHE GA 156 -111.15 -15.84 13.71
CA PHE GA 156 -110.93 -15.30 15.04
C PHE GA 156 -112.22 -15.19 15.84
N ASN GA 157 -113.36 -14.99 15.17
CA ASN GA 157 -114.62 -14.84 15.89
C ASN GA 157 -114.99 -16.10 16.65
N GLU GA 158 -114.52 -17.26 16.20
CA GLU GA 158 -114.87 -18.53 16.79
C GLU GA 158 -113.73 -19.15 17.58
N SER GA 159 -112.76 -18.34 17.99
CA SER GA 159 -111.71 -18.80 18.88
C SER GA 159 -112.24 -18.86 20.31
N PRO GA 160 -111.60 -19.65 21.18
CA PRO GA 160 -112.09 -19.76 22.55
C PRO GA 160 -111.68 -18.58 23.42
N LEU GA 161 -110.48 -18.06 23.21
CA LEU GA 161 -109.99 -16.94 24.01
C LEU GA 161 -110.86 -15.71 23.79
N LYS HA 1 -85.17 -28.80 -44.40
CA LYS HA 1 -84.63 -29.57 -45.51
C LYS HA 1 -85.63 -30.64 -45.93
N SER HA 2 -86.74 -30.19 -46.53
CA SER HA 2 -87.79 -31.11 -46.94
C SER HA 2 -87.25 -32.14 -47.90
N HIS HA 3 -87.66 -33.39 -47.71
CA HIS HA 3 -87.20 -34.48 -48.55
C HIS HA 3 -87.60 -34.29 -50.01
N VAL HA 4 -88.65 -33.51 -50.27
CA VAL HA 4 -89.07 -33.25 -51.64
C VAL HA 4 -88.21 -32.14 -52.22
N VAL HA 5 -87.80 -32.31 -53.48
CA VAL HA 5 -87.04 -31.29 -54.19
C VAL HA 5 -87.44 -31.33 -55.66
N SER HA 6 -87.55 -30.16 -56.27
CA SER HA 6 -87.94 -30.03 -57.66
C SER HA 6 -87.04 -29.01 -58.32
N TYR HA 7 -86.59 -29.30 -59.53
CA TYR HA 7 -85.70 -28.40 -60.27
C TYR HA 7 -86.43 -27.84 -61.48
N ARG HA 8 -86.51 -26.52 -61.56
CA ARG HA 8 -87.17 -25.80 -62.65
C ARG HA 8 -88.46 -26.48 -63.04
N ASN HA 9 -89.34 -26.62 -62.05
CA ASN HA 9 -90.54 -27.42 -62.20
C ASN HA 9 -91.44 -27.14 -61.00
N GLY HA 10 -92.73 -27.39 -61.19
CA GLY HA 10 -93.66 -27.34 -60.10
C GLY HA 10 -93.48 -28.54 -59.20
N PRO HA 11 -93.94 -28.44 -57.96
CA PRO HA 11 -93.76 -29.56 -57.03
C PRO HA 11 -94.54 -30.78 -57.50
N PRO HA 12 -94.32 -31.94 -56.90
CA PRO HA 12 -95.03 -33.15 -57.33
C PRO HA 12 -96.52 -33.02 -57.06
N PRO HA 13 -97.30 -34.04 -57.44
CA PRO HA 13 -98.73 -34.02 -57.10
C PRO HA 13 -98.94 -34.09 -55.60
N HIS HA 14 -100.20 -33.94 -55.20
CA HIS HA 14 -100.58 -33.85 -53.81
C HIS HA 14 -101.36 -35.08 -53.38
N SER HA 15 -101.11 -35.53 -52.15
CA SER HA 15 -101.84 -36.67 -51.63
C SER HA 15 -103.31 -36.32 -51.44
N LYS HA 16 -104.14 -37.36 -51.33
CA LYS HA 16 -105.57 -37.13 -51.21
C LYS HA 16 -105.89 -36.30 -49.98
N ALA HA 17 -105.22 -36.56 -48.86
CA ALA HA 17 -105.52 -35.84 -47.63
C ALA HA 17 -105.27 -34.35 -47.78
N THR HA 18 -104.15 -33.97 -48.39
CA THR HA 18 -103.87 -32.55 -48.56
C THR HA 18 -104.85 -31.91 -49.53
N LYS HA 19 -105.20 -32.59 -50.62
CA LYS HA 19 -106.15 -32.03 -51.56
C LYS HA 19 -107.48 -31.76 -50.89
N ILE HA 20 -107.99 -32.73 -50.13
CA ILE HA 20 -109.27 -32.55 -49.45
C ILE HA 20 -109.16 -31.45 -48.40
N GLY HA 21 -108.07 -31.46 -47.62
CA GLY HA 21 -107.95 -30.54 -46.52
C GLY HA 21 -108.07 -29.08 -46.94
N ALA HA 22 -107.48 -28.74 -48.08
CA ALA HA 22 -107.54 -27.35 -48.56
C ALA HA 22 -108.97 -26.90 -48.74
N LEU HA 23 -109.80 -27.74 -49.36
CA LEU HA 23 -111.21 -27.38 -49.54
C LEU HA 23 -111.93 -27.35 -48.19
N THR HA 24 -111.65 -28.31 -47.31
CA THR HA 24 -112.35 -28.37 -46.05
C THR HA 24 -112.08 -27.14 -45.20
N VAL HA 25 -110.82 -26.69 -45.14
CA VAL HA 25 -110.50 -25.47 -44.42
C VAL HA 25 -111.22 -24.28 -45.04
N GLY HA 26 -110.96 -24.04 -46.33
CA GLY HA 26 -111.60 -22.93 -47.01
C GLY HA 26 -113.11 -23.05 -47.02
N GLY HA 27 -113.62 -24.25 -47.29
CA GLY HA 27 -115.05 -24.43 -47.30
C GLY HA 27 -115.68 -24.20 -45.94
N ALA HA 28 -115.04 -24.71 -44.88
CA ALA HA 28 -115.58 -24.54 -43.54
C ALA HA 28 -115.69 -23.07 -43.17
N MET HA 29 -114.68 -22.28 -43.52
CA MET HA 29 -114.73 -20.85 -43.25
C MET HA 29 -115.96 -20.22 -43.90
N TRP HA 30 -116.16 -20.46 -45.20
CA TRP HA 30 -117.24 -19.81 -45.91
C TRP HA 30 -118.59 -20.24 -45.36
N TRP HA 31 -118.74 -21.52 -45.05
CA TRP HA 31 -119.99 -21.99 -44.47
C TRP HA 31 -120.35 -21.21 -43.23
N TRP HA 32 -119.36 -20.95 -42.37
CA TRP HA 32 -119.60 -20.14 -41.19
C TRP HA 32 -120.03 -18.74 -41.56
N VAL HA 33 -119.30 -18.11 -42.49
CA VAL HA 33 -119.56 -16.71 -42.82
C VAL HA 33 -120.95 -16.56 -43.45
N ILE HA 34 -121.31 -17.46 -44.36
CA ILE HA 34 -122.61 -17.36 -45.01
C ILE HA 34 -123.71 -17.49 -43.98
N TRP HA 35 -123.59 -18.47 -43.08
CA TRP HA 35 -124.67 -18.75 -42.14
C TRP HA 35 -124.95 -17.54 -41.25
N HIS HA 36 -123.90 -16.88 -40.78
CA HIS HA 36 -124.11 -15.70 -39.95
C HIS HA 36 -124.79 -14.59 -40.73
N LEU HA 37 -124.38 -14.38 -41.99
CA LEU HA 37 -125.06 -13.38 -42.80
C LEU HA 37 -126.53 -13.73 -42.98
N TRP HA 38 -126.81 -15.00 -43.22
CA TRP HA 38 -128.20 -15.44 -43.35
C TRP HA 38 -128.98 -15.14 -42.08
N HIS HA 39 -128.48 -15.58 -40.94
CA HIS HA 39 -129.24 -15.55 -39.71
C HIS HA 39 -129.10 -14.24 -38.96
N GLU HA 40 -128.00 -13.52 -39.15
CA GLU HA 40 -127.74 -12.26 -38.45
C GLU HA 40 -127.32 -11.18 -39.45
N PRO HA 41 -128.20 -10.82 -40.39
CA PRO HA 41 -127.86 -9.75 -41.34
C PRO HA 41 -127.94 -8.36 -40.74
N ASP HA 42 -128.42 -8.24 -39.50
CA ASP HA 42 -128.64 -6.96 -38.86
C ASP HA 42 -127.43 -6.49 -38.06
N HIS HA 43 -126.30 -7.18 -38.16
CA HIS HA 43 -125.10 -6.76 -37.46
C HIS HA 43 -124.19 -5.91 -38.34
N ILE HA 44 -124.12 -6.22 -39.63
CA ILE HA 44 -123.36 -5.36 -40.55
C ILE HA 44 -123.99 -3.99 -40.65
N THR HA 45 -125.29 -3.95 -40.92
CA THR HA 45 -126.04 -2.72 -40.75
C THR HA 45 -126.48 -2.58 -39.30
N GLY HA 46 -126.90 -1.39 -38.94
CA GLY HA 46 -127.33 -1.13 -37.58
C GLY HA 46 -128.48 -2.03 -37.17
N GLU HA 47 -128.36 -2.67 -36.02
CA GLU HA 47 -129.47 -3.40 -35.45
C GLU HA 47 -130.52 -2.48 -34.84
N PHE HA 48 -130.26 -1.17 -34.80
CA PHE HA 48 -131.21 -0.19 -34.32
C PHE HA 48 -131.13 1.05 -35.19
N ASP HA 49 -132.27 1.56 -35.63
CA ASP HA 49 -132.30 2.73 -36.50
C ASP HA 49 -131.70 3.93 -35.81
N TYR HA 50 -130.85 4.65 -36.53
CA TYR HA 50 -130.34 5.92 -36.03
C TYR HA 50 -131.38 6.99 -36.33
N PRO HA 51 -132.00 7.59 -35.31
CA PRO HA 51 -133.11 8.51 -35.59
C PRO HA 51 -132.63 9.84 -36.15
N ASN HA 52 -133.40 10.38 -37.09
CA ASN HA 52 -133.11 11.67 -37.72
C ASN HA 52 -133.62 12.77 -36.82
N SER HA 53 -132.73 13.29 -35.96
CA SER HA 53 -133.10 14.30 -34.98
C SER HA 53 -133.80 15.48 -35.63
N ARG HA 54 -133.41 15.80 -36.87
CA ARG HA 54 -134.00 16.93 -37.56
C ARG HA 54 -135.49 16.72 -37.78
N LYS HA 55 -135.88 15.48 -38.10
CA LYS HA 55 -137.28 15.20 -38.41
C LYS HA 55 -138.21 15.53 -37.26
N TRP HA 56 -137.70 15.55 -36.03
CA TRP HA 56 -138.56 15.77 -34.87
C TRP HA 56 -139.18 17.17 -34.93
N SER HA 57 -140.42 17.27 -34.45
CA SER HA 57 -141.16 18.51 -34.48
C SER HA 57 -140.90 19.34 -33.22
N ASN HA 58 -141.03 20.65 -33.36
CA ASN HA 58 -140.81 21.53 -32.22
C ASN HA 58 -141.77 21.24 -31.09
N THR HA 59 -142.98 20.75 -31.40
CA THR HA 59 -143.97 20.52 -30.36
C THR HA 59 -143.65 19.27 -29.54
N GLU HA 60 -143.26 18.18 -30.22
CA GLU HA 60 -143.06 16.93 -29.48
C GLU HA 60 -141.92 17.04 -28.48
N LEU HA 61 -140.93 17.89 -28.76
CA LEU HA 61 -139.89 18.21 -27.81
C LEU HA 61 -140.32 19.28 -26.80
N GLY HA 62 -141.53 19.82 -26.94
CA GLY HA 62 -141.97 20.90 -26.09
C GLY HA 62 -141.16 22.16 -26.25
N VAL HA 63 -140.91 22.55 -27.49
CA VAL HA 63 -140.23 23.82 -27.77
C VAL HA 63 -141.26 24.93 -27.67
N PRO HA 64 -141.08 25.93 -26.80
CA PRO HA 64 -142.09 26.98 -26.68
C PRO HA 64 -142.15 27.83 -27.94
N LYS HA 65 -143.34 28.35 -28.23
CA LYS HA 65 -143.54 29.16 -29.42
C LYS HA 65 -143.07 30.58 -29.17
N ASP HA 66 -142.22 31.08 -30.07
CA ASP HA 66 -141.66 32.42 -29.95
C ASP HA 66 -142.75 33.48 -29.86
N GLU IA 1 -82.90 -40.57 -58.03
CA GLU IA 1 -82.35 -39.23 -57.81
C GLU IA 1 -83.24 -38.03 -57.53
N PRO IA 2 -82.70 -37.05 -56.80
CA PRO IA 2 -83.54 -35.94 -56.35
C PRO IA 2 -84.25 -35.19 -57.46
N TYR IA 3 -83.64 -35.07 -58.63
CA TYR IA 3 -84.26 -34.36 -59.75
C TYR IA 3 -83.49 -34.68 -61.01
N THR IA 4 -84.02 -34.24 -62.14
CA THR IA 4 -83.34 -34.32 -63.43
C THR IA 4 -83.27 -32.94 -64.04
N VAL IA 5 -82.13 -32.62 -64.64
CA VAL IA 5 -81.88 -31.29 -65.20
C VAL IA 5 -82.39 -31.31 -66.64
N PRO IA 6 -83.45 -30.56 -66.97
CA PRO IA 6 -83.94 -30.55 -68.35
C PRO IA 6 -82.95 -29.88 -69.28
N HIS IA 7 -83.22 -30.00 -70.57
CA HIS IA 7 -82.31 -29.51 -71.60
C HIS IA 7 -82.64 -28.07 -71.96
N ALA IA 8 -81.59 -27.30 -72.26
CA ALA IA 8 -81.78 -25.91 -72.64
C ALA IA 8 -82.63 -25.79 -73.90
N SER IA 9 -82.58 -26.79 -74.77
CA SER IA 9 -83.36 -26.75 -76.00
C SER IA 9 -84.85 -26.67 -75.71
N THR IA 10 -85.29 -27.22 -74.59
CA THR IA 10 -86.72 -27.24 -74.27
C THR IA 10 -87.27 -25.83 -74.13
N TYR IA 11 -86.53 -24.96 -73.44
CA TYR IA 11 -87.02 -23.62 -73.13
C TYR IA 11 -86.96 -22.74 -74.38
N LYS IA 12 -88.12 -22.25 -74.81
CA LYS IA 12 -88.23 -21.36 -75.95
C LYS IA 12 -88.87 -20.06 -75.50
N VAL IA 13 -88.22 -18.94 -75.82
CA VAL IA 13 -88.62 -17.65 -75.26
C VAL IA 13 -90.03 -17.26 -75.71
N GLU IA 14 -90.48 -17.77 -76.87
CA GLU IA 14 -91.78 -17.36 -77.38
C GLU IA 14 -92.94 -17.92 -76.59
N SER IA 15 -92.69 -18.87 -75.70
CA SER IA 15 -93.80 -19.49 -74.95
C SER IA 15 -94.47 -18.49 -74.03
N VAL IA 16 -93.68 -17.70 -73.29
CA VAL IA 16 -94.20 -16.87 -72.21
C VAL IA 16 -94.61 -15.53 -72.82
N PRO IA 17 -95.90 -15.17 -72.84
CA PRO IA 17 -96.27 -13.86 -73.38
C PRO IA 17 -95.71 -12.70 -72.59
N GLN IA 18 -95.41 -12.89 -71.30
CA GLN IA 18 -94.90 -11.79 -70.50
C GLN IA 18 -93.47 -11.45 -70.88
N LEU IA 19 -92.62 -12.47 -71.04
CA LEU IA 19 -91.24 -12.23 -71.43
C LEU IA 19 -91.17 -11.63 -72.82
N VAL IA 20 -91.98 -12.13 -73.76
CA VAL IA 20 -91.97 -11.59 -75.12
C VAL IA 20 -92.30 -10.11 -75.10
N GLU IA 21 -93.12 -9.67 -74.15
CA GLU IA 21 -93.37 -8.23 -74.01
C GLU IA 21 -92.09 -7.47 -73.77
N VAL IA 22 -91.10 -8.11 -73.14
CA VAL IA 22 -89.83 -7.43 -72.88
C VAL IA 22 -89.05 -7.24 -74.17
N LYS IA 23 -89.03 -8.25 -75.04
CA LYS IA 23 -88.16 -8.20 -76.21
C LYS IA 23 -88.58 -7.07 -77.14
N GLU IA 24 -89.86 -7.00 -77.47
CA GLU IA 24 -90.33 -5.91 -78.32
C GLU IA 24 -89.96 -4.55 -77.74
N ALA IA 25 -89.92 -4.44 -76.41
CA ALA IA 25 -89.48 -3.20 -75.80
C ALA IA 25 -88.00 -2.96 -76.05
N LEU IA 26 -87.18 -4.00 -75.89
CA LEU IA 26 -85.75 -3.84 -76.07
C LEU IA 26 -85.41 -3.58 -77.53
N GLY IA 27 -86.12 -4.23 -78.46
CA GLY IA 27 -85.93 -3.95 -79.86
C GLY IA 27 -86.22 -2.49 -80.19
N ARG IA 28 -87.30 -1.95 -79.63
CA ARG IA 28 -87.60 -0.53 -79.78
C ARG IA 28 -86.49 0.32 -79.17
N GLN IA 29 -86.06 -0.02 -77.97
CA GLN IA 29 -84.92 0.65 -77.35
C GLN IA 29 -83.62 0.30 -78.06
N GLY IA 30 -83.56 -0.84 -78.74
CA GLY IA 30 -82.39 -1.23 -79.50
C GLY IA 30 -81.45 -2.21 -78.84
N LEU IA 31 -81.83 -2.79 -77.71
CA LEU IA 31 -81.00 -3.72 -76.96
C LEU IA 31 -81.53 -5.14 -77.11
N LYS IA 32 -80.82 -6.09 -76.52
CA LYS IA 32 -81.18 -7.50 -76.57
C LYS IA 32 -80.89 -8.14 -75.21
N ASP IA 33 -81.79 -9.03 -74.77
CA ASP IA 33 -81.65 -9.65 -73.46
C ASP IA 33 -81.07 -11.05 -73.61
N PRO IA 34 -79.85 -11.31 -73.15
CA PRO IA 34 -79.34 -12.69 -73.24
C PRO IA 34 -79.95 -13.61 -72.21
N TRP IA 35 -80.07 -13.15 -70.97
CA TRP IA 35 -80.58 -14.01 -69.89
C TRP IA 35 -82.10 -14.00 -69.87
N LEU IA 36 -82.73 -14.26 -71.01
CA LEU IA 36 -84.18 -14.29 -71.07
C LEU IA 36 -84.73 -15.70 -71.09
N ARG IA 37 -84.03 -16.62 -71.74
CA ARG IA 37 -84.49 -17.99 -71.81
C ARG IA 37 -84.52 -18.64 -70.43
N ASN IA 38 -83.72 -18.13 -69.48
CA ASN IA 38 -83.77 -18.66 -68.12
C ASN IA 38 -85.15 -18.46 -67.51
N GLU IA 39 -85.71 -17.25 -67.64
CA GLU IA 39 -86.91 -16.90 -66.90
C GLU IA 39 -88.12 -17.72 -67.33
N VAL IA 40 -88.04 -18.43 -68.45
CA VAL IA 40 -89.21 -19.08 -69.02
C VAL IA 40 -89.80 -20.08 -68.03
N TRP IA 41 -88.96 -20.81 -67.30
CA TRP IA 41 -89.46 -21.92 -66.50
C TRP IA 41 -90.42 -21.43 -65.43
N ARG IA 42 -90.26 -20.21 -64.95
CA ARG IA 42 -91.13 -19.72 -63.87
C ARG IA 42 -92.57 -19.56 -64.33
N TYR IA 43 -92.79 -19.32 -65.62
CA TYR IA 43 -94.11 -18.95 -66.12
C TYR IA 43 -94.77 -20.08 -66.91
N GLU IA 44 -94.45 -21.32 -66.61
CA GLU IA 44 -95.12 -22.44 -67.27
C GLU IA 44 -96.55 -22.51 -66.78
N PRO IA 45 -97.56 -22.33 -67.64
CA PRO IA 45 -98.93 -22.16 -67.11
C PRO IA 45 -99.51 -23.43 -66.52
N LYS IA 46 -99.30 -24.59 -67.16
CA LYS IA 46 -99.95 -25.80 -66.68
C LYS IA 46 -99.51 -26.16 -65.26
N ALA IA 47 -98.27 -25.85 -64.90
CA ALA IA 47 -97.74 -26.20 -63.59
C ALA IA 47 -97.71 -25.02 -62.62
N PHE IA 48 -97.81 -23.79 -63.11
CA PHE IA 48 -97.84 -22.61 -62.26
C PHE IA 48 -99.11 -21.77 -62.41
N GLY IA 49 -99.89 -21.96 -63.46
CA GLY IA 49 -101.08 -21.16 -63.63
C GLY IA 49 -100.70 -19.71 -63.90
N THR IA 50 -101.73 -18.88 -63.96
CA THR IA 50 -101.60 -17.46 -64.26
C THR IA 50 -101.94 -16.64 -63.02
N HIS IA 51 -101.91 -15.32 -63.19
CA HIS IA 51 -102.34 -14.45 -62.11
C HIS IA 51 -103.81 -14.64 -61.81
N ARG IA 52 -104.63 -14.83 -62.84
CA ARG IA 52 -106.07 -14.98 -62.64
C ARG IA 52 -106.39 -16.28 -61.92
N SER IA 53 -105.84 -17.40 -62.38
CA SER IA 53 -106.14 -18.68 -61.77
C SER IA 53 -105.71 -18.72 -60.31
N ARG IA 54 -104.51 -18.22 -60.02
CA ARG IA 54 -104.02 -18.25 -58.64
C ARG IA 54 -104.88 -17.38 -57.74
N LEU IA 55 -105.39 -16.26 -58.26
CA LEU IA 55 -106.21 -15.38 -57.44
C LEU IA 55 -107.59 -15.99 -57.18
N ASN IA 56 -108.22 -16.52 -58.22
CA ASN IA 56 -109.53 -17.13 -58.03
C ASN IA 56 -109.45 -18.27 -57.04
N THR IA 57 -108.48 -19.17 -57.23
CA THR IA 57 -108.38 -20.32 -56.35
C THR IA 57 -108.08 -19.90 -54.92
N PHE IA 58 -107.18 -18.95 -54.74
CA PHE IA 58 -106.73 -18.62 -53.38
C PHE IA 58 -107.89 -18.09 -52.53
N LEU IA 59 -108.68 -17.17 -53.09
CA LEU IA 59 -109.74 -16.55 -52.31
C LEU IA 59 -110.93 -17.47 -52.13
N PHE IA 60 -111.30 -18.23 -53.16
CA PHE IA 60 -112.58 -18.93 -53.20
C PHE IA 60 -112.40 -20.45 -53.17
N ARG IA 61 -111.32 -20.93 -52.57
CA ARG IA 61 -111.17 -22.37 -52.45
C ARG IA 61 -112.20 -22.90 -51.46
N GLY IA 62 -112.96 -23.90 -51.89
CA GLY IA 62 -113.98 -24.49 -51.05
C GLY IA 62 -115.26 -23.70 -50.94
N LEU IA 63 -115.36 -22.55 -51.61
CA LEU IA 63 -116.58 -21.76 -51.52
C LEU IA 63 -117.77 -22.53 -52.08
N GLY IA 64 -117.56 -23.22 -53.20
CA GLY IA 64 -118.65 -24.01 -53.77
C GLY IA 64 -119.17 -25.05 -52.79
N VAL IA 65 -118.26 -25.77 -52.16
CA VAL IA 65 -118.67 -26.75 -51.15
C VAL IA 65 -119.21 -26.03 -49.92
N GLY IA 66 -118.59 -24.92 -49.55
CA GLY IA 66 -119.05 -24.18 -48.38
C GLY IA 66 -120.49 -23.73 -48.52
N PHE IA 67 -120.87 -23.26 -49.70
CA PHE IA 67 -122.26 -22.90 -49.94
C PHE IA 67 -123.16 -24.13 -49.86
N CYS IA 68 -122.72 -25.24 -50.45
CA CYS IA 68 -123.56 -26.44 -50.49
C CYS IA 68 -123.86 -26.95 -49.08
N ALA IA 69 -122.86 -26.91 -48.20
CA ALA IA 69 -123.12 -27.29 -46.81
C ALA IA 69 -124.13 -26.35 -46.17
N PHE IA 70 -124.02 -25.05 -46.46
CA PHE IA 70 -124.94 -24.09 -45.88
C PHE IA 70 -126.38 -24.39 -46.27
N LEU IA 71 -126.59 -24.81 -47.52
CA LEU IA 71 -127.95 -25.17 -47.92
C LEU IA 71 -128.49 -26.31 -47.09
N ALA IA 72 -127.65 -27.29 -46.77
CA ALA IA 72 -128.06 -28.32 -45.83
C ALA IA 72 -128.34 -27.73 -44.46
N THR IA 73 -127.53 -26.75 -44.03
CA THR IA 73 -127.77 -26.11 -42.75
C THR IA 73 -129.11 -25.41 -42.72
N VAL IA 74 -129.44 -24.69 -43.79
CA VAL IA 74 -130.76 -24.06 -43.87
C VAL IA 74 -131.85 -25.12 -43.96
N ALA IA 75 -131.58 -26.24 -44.63
CA ALA IA 75 -132.56 -27.31 -44.70
C ALA IA 75 -132.92 -27.81 -43.31
N VAL IA 76 -131.91 -28.14 -42.51
CA VAL IA 76 -132.17 -28.63 -41.16
C VAL IA 76 -132.89 -27.55 -40.35
N GLU IA 77 -132.44 -26.30 -40.46
CA GLU IA 77 -133.06 -25.22 -39.69
C GLU IA 77 -134.53 -25.08 -40.06
N TYR IA 78 -134.85 -25.12 -41.36
CA TYR IA 78 -136.25 -25.09 -41.77
C TYR IA 78 -136.99 -26.32 -41.24
N ALA IA 79 -136.38 -27.50 -41.38
CA ALA IA 79 -136.99 -28.71 -40.86
C ALA IA 79 -137.12 -28.69 -39.34
N LEU IA 80 -136.38 -27.79 -38.68
CA LEU IA 80 -136.54 -27.54 -37.25
C LEU IA 80 -137.33 -26.27 -36.96
N GLY IA 81 -137.88 -25.62 -38.00
CA GLY IA 81 -138.69 -24.44 -37.81
C GLY IA 81 -137.96 -23.31 -37.12
N ILE IA 82 -136.75 -23.00 -37.58
CA ILE IA 82 -135.92 -21.97 -36.96
C ILE IA 82 -135.78 -20.75 -37.86
N GLY IA 83 -135.67 -20.93 -39.17
CA GLY IA 83 -135.39 -19.81 -40.05
C GLY IA 83 -136.47 -18.74 -40.01
N LYS IA 84 -137.73 -19.15 -39.98
CA LYS IA 84 -138.84 -18.20 -39.92
C LYS IA 84 -139.03 -17.69 -38.49
N ALA JA 1 -44.77 -18.41 -22.35
CA ALA JA 1 -45.96 -17.62 -22.62
C ALA JA 1 -45.76 -16.16 -22.22
N GLY JA 2 -44.93 -15.94 -21.21
CA GLY JA 2 -44.67 -14.59 -20.74
C GLY JA 2 -45.81 -14.06 -19.88
N TRP JA 3 -45.60 -12.85 -19.36
CA TRP JA 3 -46.52 -12.22 -18.44
C TRP JA 3 -46.76 -10.78 -18.88
N ASN JA 4 -47.69 -10.13 -18.19
CA ASN JA 4 -48.06 -8.76 -18.56
C ASN JA 4 -46.85 -7.83 -18.47
N LYS JA 5 -46.06 -7.97 -17.40
CA LYS JA 5 -44.89 -7.11 -17.26
C LYS JA 5 -43.95 -7.26 -18.44
N ASP JA 6 -43.96 -8.39 -19.10
CA ASP JA 6 -43.14 -8.63 -20.28
C ASP JA 6 -43.82 -8.20 -21.57
N TYR JA 7 -45.01 -7.60 -21.50
CA TYR JA 7 -45.73 -7.20 -22.70
C TYR JA 7 -46.34 -5.82 -22.62
N LYS JA 8 -46.24 -5.12 -21.50
CA LYS JA 8 -46.86 -3.81 -21.41
C LYS JA 8 -46.18 -2.85 -22.39
N PRO JA 9 -46.88 -1.81 -22.83
CA PRO JA 9 -46.31 -0.93 -23.84
C PRO JA 9 -45.09 -0.20 -23.30
N GLY JA 10 -44.15 0.08 -24.19
CA GLY JA 10 -43.04 0.92 -23.85
C GLY JA 10 -43.43 2.37 -23.90
N PRO JA 11 -42.58 3.23 -23.34
CA PRO JA 11 -42.88 4.66 -23.33
C PRO JA 11 -42.92 5.19 -24.75
N TYR JA 12 -43.73 6.23 -24.95
CA TYR JA 12 -44.01 6.81 -26.26
C TYR JA 12 -42.75 6.90 -27.11
N PRO JA 13 -42.80 6.50 -28.38
CA PRO JA 13 -41.58 6.49 -29.18
C PRO JA 13 -41.25 7.89 -29.69
N GLN JA 14 -39.97 8.25 -29.60
CA GLN JA 14 -39.51 9.60 -29.89
C GLN JA 14 -38.63 9.69 -31.13
N THR JA 15 -38.04 8.59 -31.57
CA THR JA 15 -37.04 8.61 -32.64
C THR JA 15 -37.41 7.59 -33.71
N GLU JA 16 -36.93 7.85 -34.92
CA GLU JA 16 -37.20 6.92 -36.02
C GLU JA 16 -36.60 5.56 -35.73
N LYS JA 17 -35.37 5.51 -35.22
CA LYS JA 17 -34.81 4.23 -34.81
C LYS JA 17 -35.68 3.56 -33.74
N GLU JA 18 -36.29 4.36 -32.88
CA GLU JA 18 -37.21 3.81 -31.88
C GLU JA 18 -38.53 3.42 -32.51
N ARG JA 19 -39.02 4.20 -33.49
CA ARG JA 19 -40.26 3.84 -34.15
C ARG JA 19 -40.15 2.49 -34.83
N LEU JA 20 -39.03 2.25 -35.51
CA LEU JA 20 -38.90 1.02 -36.29
C LEU JA 20 -38.91 -0.21 -35.38
N ALA JA 21 -38.22 -0.13 -34.23
CA ALA JA 21 -38.30 -1.23 -33.28
C ALA JA 21 -39.71 -1.37 -32.72
N ALA JA 22 -40.36 -0.25 -32.44
CA ALA JA 22 -41.73 -0.30 -31.94
C ALA JA 22 -42.66 -0.97 -32.96
N ALA JA 23 -42.53 -0.58 -34.23
CA ALA JA 23 -43.34 -1.21 -35.27
C ALA JA 23 -43.01 -2.69 -35.39
N LYS JA 24 -41.74 -3.04 -35.25
CA LYS JA 24 -41.36 -4.45 -35.22
C LYS JA 24 -42.02 -5.16 -34.06
N LYS JA 25 -42.03 -4.53 -32.89
CA LYS JA 25 -42.51 -5.18 -31.68
C LYS JA 25 -43.97 -5.59 -31.76
N TYR JA 26 -44.74 -4.95 -32.63
CA TYR JA 26 -46.16 -5.25 -32.79
C TYR JA 26 -46.47 -5.94 -34.12
N TYR JA 27 -45.45 -6.50 -34.78
CA TYR JA 27 -45.65 -7.21 -36.05
C TYR JA 27 -46.24 -6.32 -37.12
N LEU JA 28 -45.97 -5.03 -37.07
CA LEU JA 28 -46.47 -4.08 -38.06
C LEU JA 28 -45.32 -3.58 -38.92
N LEU JA 29 -45.58 -3.46 -40.22
CA LEU JA 29 -44.63 -2.80 -41.09
C LEU JA 29 -44.56 -1.34 -40.71
N PRO JA 30 -43.41 -0.70 -40.88
CA PRO JA 30 -43.18 0.60 -40.20
C PRO JA 30 -44.12 1.72 -40.62
N GLU JA 31 -44.97 1.49 -41.61
CA GLU JA 31 -45.88 2.52 -42.08
C GLU JA 31 -47.22 2.51 -41.35
N GLU JA 32 -47.74 1.34 -41.00
CA GLU JA 32 -48.98 1.32 -40.22
C GLU JA 32 -48.79 1.98 -38.87
N TYR JA 33 -47.65 1.73 -38.23
CA TYR JA 33 -47.50 2.07 -36.82
C TYR JA 33 -47.75 3.56 -36.60
N LYS JA 34 -48.58 3.86 -35.60
CA LYS JA 34 -48.96 5.23 -35.29
C LYS JA 34 -49.35 5.28 -33.82
N PRO JA 35 -48.48 5.75 -32.95
CA PRO JA 35 -48.82 5.80 -31.53
C PRO JA 35 -49.86 6.89 -31.28
N TYR JA 36 -50.49 6.81 -30.11
CA TYR JA 36 -51.46 7.81 -29.73
C TYR JA 36 -50.77 9.14 -29.44
N ALA JA 37 -51.57 10.20 -29.42
CA ALA JA 37 -51.02 11.56 -29.41
C ALA JA 37 -50.15 11.84 -28.20
N ASP JA 38 -50.29 11.07 -27.12
CA ASP JA 38 -49.53 11.31 -25.89
C ASP JA 38 -49.83 12.68 -25.31
N ASP JA 39 -51.11 13.07 -25.37
CA ASP JA 39 -51.55 14.26 -24.67
C ASP JA 39 -51.21 14.18 -23.20
N GLY JA 40 -51.23 12.98 -22.64
CA GLY JA 40 -51.08 12.76 -21.22
C GLY JA 40 -51.96 11.62 -20.78
N LEU JA 41 -53.00 11.33 -21.56
CA LEU JA 41 -53.82 10.14 -21.39
C LEU JA 41 -53.48 9.05 -22.39
N GLY JA 42 -52.36 9.18 -23.09
CA GLY JA 42 -52.02 8.22 -24.12
C GLY JA 42 -51.77 6.83 -23.57
N TYR JA 43 -51.84 5.86 -24.46
CA TYR JA 43 -51.58 4.45 -24.13
C TYR JA 43 -50.13 4.08 -24.31
N GLY JA 44 -49.22 5.03 -24.24
CA GLY JA 44 -47.83 4.75 -24.50
C GLY JA 44 -47.59 4.56 -25.98
N ASP JA 45 -46.68 3.64 -26.31
CA ASP JA 45 -46.32 3.39 -27.70
C ASP JA 45 -47.25 2.40 -28.39
N TYR JA 46 -48.40 2.10 -27.79
CA TYR JA 46 -49.31 1.14 -28.39
C TYR JA 46 -49.85 1.69 -29.71
N PRO JA 47 -50.02 0.87 -30.74
CA PRO JA 47 -50.50 1.40 -32.02
C PRO JA 47 -51.90 1.97 -31.92
N LYS JA 48 -52.35 2.57 -33.01
CA LYS JA 48 -53.71 3.05 -33.17
C LYS JA 48 -54.28 2.43 -34.43
N LEU JA 49 -55.25 1.53 -34.25
CA LEU JA 49 -55.80 0.75 -35.35
C LEU JA 49 -57.32 0.74 -35.25
N GLY JA 50 -57.96 0.54 -36.39
CA GLY JA 50 -59.41 0.47 -36.40
C GLY JA 50 -60.01 1.85 -36.33
N TYR JA 51 -60.90 2.06 -35.36
CA TYR JA 51 -61.58 3.33 -35.16
C TYR JA 51 -62.38 3.77 -36.37
N GLY JA 52 -62.65 2.85 -37.29
CA GLY JA 52 -63.38 3.19 -38.50
C GLY JA 52 -64.84 2.90 -38.37
N LEU JA 53 -65.42 2.28 -39.40
CA LEU JA 53 -66.81 1.86 -39.33
C LEU JA 53 -66.99 0.70 -38.36
N GLY JA 54 -65.93 0.02 -37.99
CA GLY JA 54 -65.97 -1.03 -36.99
C GLY JA 54 -65.59 -2.38 -37.57
N VAL JA 55 -65.52 -3.36 -36.67
CA VAL JA 55 -65.03 -4.69 -37.03
C VAL JA 55 -65.91 -5.30 -38.11
N GLU JA 56 -67.22 -5.16 -37.97
CA GLU JA 56 -68.14 -5.82 -38.88
C GLU JA 56 -67.99 -5.34 -40.32
N ALA JA 57 -67.33 -4.21 -40.53
CA ALA JA 57 -67.07 -3.72 -41.88
C ALA JA 57 -65.86 -4.38 -42.52
N LYS JA 58 -65.10 -5.18 -41.78
CA LYS JA 58 -63.99 -5.93 -42.36
C LYS JA 58 -64.52 -6.99 -43.32
N ASP JA 59 -63.70 -7.35 -44.28
CA ASP JA 59 -64.12 -8.33 -45.29
C ASP JA 59 -64.48 -9.64 -44.63
N SER JA 60 -65.71 -10.09 -44.85
CA SER JA 60 -66.17 -11.33 -44.22
C SER JA 60 -65.62 -12.56 -44.92
N TYR JA 61 -65.41 -12.50 -46.23
CA TYR JA 61 -65.03 -13.68 -46.99
C TYR JA 61 -63.53 -13.95 -46.95
N TYR JA 62 -62.74 -13.06 -46.39
CA TYR JA 62 -61.31 -13.30 -46.27
C TYR JA 62 -61.09 -14.49 -45.35
N PRO JA 63 -60.06 -15.32 -45.62
CA PRO JA 63 -59.82 -16.47 -44.72
C PRO JA 63 -59.04 -16.10 -43.47
N TRP JA 64 -59.76 -15.51 -42.51
CA TRP JA 64 -59.13 -15.05 -41.29
C TRP JA 64 -58.59 -16.22 -40.48
N ASP JA 65 -57.54 -15.96 -39.71
CA ASP JA 65 -57.08 -16.96 -38.76
C ASP JA 65 -58.12 -17.18 -37.67
N TYR JA 66 -58.67 -16.09 -37.15
CA TYR JA 66 -59.73 -16.11 -36.13
C TYR JA 66 -60.95 -15.48 -36.78
N PRO JA 67 -61.78 -16.27 -37.47
CA PRO JA 67 -62.98 -15.66 -38.08
C PRO JA 67 -63.87 -15.01 -37.05
N GLU JA 68 -63.91 -15.57 -35.85
CA GLU JA 68 -64.81 -15.09 -34.81
C GLU JA 68 -64.52 -13.65 -34.45
N HIS JA 69 -63.25 -13.28 -34.33
CA HIS JA 69 -62.86 -11.89 -34.12
C HIS JA 69 -62.62 -11.17 -35.43
N LYS JA 70 -62.54 -11.90 -36.53
CA LYS JA 70 -62.17 -11.32 -37.81
C LYS JA 70 -60.77 -10.71 -37.71
N ARG JA 71 -59.85 -11.50 -37.16
CA ARG JA 71 -58.49 -11.05 -36.89
C ARG JA 71 -57.53 -12.15 -37.30
N ASN JA 72 -56.28 -11.78 -37.55
CA ASN JA 72 -55.24 -12.70 -37.98
C ASN JA 72 -54.42 -13.18 -36.79
N GLN JA 73 -53.38 -13.96 -37.08
CA GLN JA 73 -52.68 -14.72 -36.05
C GLN JA 73 -52.03 -13.85 -34.99
N HIS JA 74 -51.00 -13.09 -35.34
CA HIS JA 74 -50.29 -12.26 -34.38
C HIS JA 74 -50.67 -10.79 -34.48
N GLU JA 75 -51.67 -10.47 -35.29
CA GLU JA 75 -52.04 -9.09 -35.51
C GLU JA 75 -52.40 -8.42 -34.19
N PRO JA 76 -51.98 -7.18 -33.96
CA PRO JA 76 -52.40 -6.50 -32.72
C PRO JA 76 -53.89 -6.26 -32.68
N ILE JA 77 -54.39 -5.74 -31.57
CA ILE JA 77 -55.80 -5.48 -31.37
C ILE JA 77 -55.96 -4.02 -30.98
N SER JA 78 -56.92 -3.35 -31.60
CA SER JA 78 -57.16 -1.94 -31.31
C SER JA 78 -57.49 -1.76 -29.84
N ALA JA 79 -57.01 -0.66 -29.26
CA ALA JA 79 -57.24 -0.41 -27.84
C ALA JA 79 -58.72 -0.28 -27.52
N ASP JA 80 -59.56 0.05 -28.49
CA ASP JA 80 -60.99 0.19 -28.29
C ASP JA 80 -61.76 -0.86 -29.07
N HIS JA 81 -61.16 -2.03 -29.27
CA HIS JA 81 -61.86 -3.10 -29.96
C HIS JA 81 -63.12 -3.50 -29.22
N ASP JA 82 -63.14 -3.35 -27.91
CA ASP JA 82 -64.33 -3.67 -27.14
C ASP JA 82 -65.51 -2.76 -27.47
N LEU JA 83 -65.25 -1.62 -28.12
CA LEU JA 83 -66.31 -0.69 -28.51
C LEU JA 83 -66.69 -0.82 -29.97
N TYR JA 84 -65.72 -1.10 -30.85
CA TYR JA 84 -65.97 -1.26 -32.27
C TYR JA 84 -66.15 -2.72 -32.65
N SER JA 85 -66.40 -3.59 -31.68
CA SER JA 85 -66.60 -5.00 -31.98
C SER JA 85 -67.87 -5.17 -32.82
N GLU JA 86 -68.07 -6.40 -33.29
CA GLU JA 86 -69.18 -6.69 -34.19
C GLU JA 86 -70.53 -6.44 -33.54
N ASP JA 87 -70.65 -6.69 -32.24
CA ASP JA 87 -71.91 -6.50 -31.54
C ASP JA 87 -72.03 -5.12 -30.91
N ARG JA 88 -70.94 -4.40 -30.77
CA ARG JA 88 -70.93 -3.06 -30.22
C ARG JA 88 -71.09 -2.05 -31.36
N TRP JA 89 -70.74 -0.80 -31.12
CA TRP JA 89 -71.08 0.31 -32.00
C TRP JA 89 -70.31 0.19 -33.32
N SER JA 90 -70.85 -0.60 -34.23
CA SER JA 90 -70.26 -0.77 -35.56
C SER JA 90 -71.37 -1.04 -36.58
N GLN JA 91 -71.05 -0.81 -37.86
CA GLN JA 91 -71.99 -1.02 -38.95
C GLN JA 91 -71.28 -1.63 -40.14
N ALA JA 92 -72.04 -2.34 -40.97
CA ALA JA 92 -71.47 -2.98 -42.13
C ALA JA 92 -71.16 -1.99 -43.25
N GLU JA 93 -71.99 -0.96 -43.40
CA GLU JA 93 -71.85 0.02 -44.46
C GLU JA 93 -72.02 1.41 -43.86
N PRO JA 94 -71.46 2.44 -44.50
CA PRO JA 94 -71.60 3.78 -43.95
C PRO JA 94 -73.07 4.15 -43.85
N PRO JA 95 -73.47 4.87 -42.80
CA PRO JA 95 -74.88 5.23 -42.67
C PRO JA 95 -75.31 6.11 -43.84
N ARG JA 96 -76.58 5.99 -44.21
CA ARG JA 96 -77.08 6.71 -45.38
C ARG JA 96 -76.95 8.21 -45.18
N TYR JA 97 -77.32 8.70 -44.01
CA TYR JA 97 -77.38 10.12 -43.73
C TYR JA 97 -76.48 10.45 -42.55
N SER JA 98 -76.28 11.74 -42.32
CA SER JA 98 -75.52 12.17 -41.17
C SER JA 98 -76.25 11.79 -39.89
N ASN JA 99 -75.48 11.52 -38.84
CA ASN JA 99 -76.07 11.11 -37.57
C ASN JA 99 -77.08 12.13 -37.07
N ALA JA 100 -76.83 13.41 -37.33
CA ALA JA 100 -77.78 14.44 -36.90
C ALA JA 100 -79.11 14.30 -37.63
N TYR JA 101 -79.09 13.85 -38.88
CA TYR JA 101 -80.30 13.81 -39.68
C TYR JA 101 -81.34 12.89 -39.06
N TYR JA 102 -80.92 11.72 -38.59
CA TYR JA 102 -81.87 10.74 -38.06
C TYR JA 102 -82.61 11.32 -36.87
N PHE JA 103 -81.89 11.93 -35.93
CA PHE JA 103 -82.53 12.42 -34.72
C PHE JA 103 -83.54 13.51 -35.04
N ALA JA 104 -83.22 14.38 -36.00
CA ALA JA 104 -84.14 15.47 -36.33
C ALA JA 104 -85.45 14.92 -36.85
N CYS JA 105 -85.40 13.94 -37.75
CA CYS JA 105 -86.62 13.45 -38.38
C CYS JA 105 -87.55 12.82 -37.35
N PHE JA 106 -87.02 11.88 -36.54
CA PHE JA 106 -87.86 11.19 -35.58
C PHE JA 106 -88.42 12.15 -34.55
N LEU JA 107 -87.55 12.93 -33.90
CA LEU JA 107 -88.00 13.91 -32.93
C LEU JA 107 -88.82 15.00 -33.61
N GLY JA 108 -88.38 15.45 -34.79
CA GLY JA 108 -89.13 16.46 -35.50
C GLY JA 108 -90.55 16.02 -35.80
N VAL JA 109 -90.72 14.77 -36.23
CA VAL JA 109 -92.06 14.23 -36.43
C VAL JA 109 -92.80 14.16 -35.10
N MET JA 110 -92.12 13.66 -34.07
CA MET JA 110 -92.77 13.45 -32.78
C MET JA 110 -93.30 14.76 -32.21
N SER JA 111 -92.46 15.79 -32.18
CA SER JA 111 -92.91 17.08 -31.68
C SER JA 111 -94.00 17.65 -32.58
N GLY JA 112 -93.84 17.52 -33.89
CA GLY JA 112 -94.82 18.07 -34.80
C GLY JA 112 -96.21 17.50 -34.61
N CYS JA 113 -96.29 16.29 -34.07
CA CYS JA 113 -97.58 15.63 -33.83
C CYS JA 113 -98.00 15.69 -32.37
N LEU JA 114 -97.08 15.94 -31.44
CA LEU JA 114 -97.49 16.19 -30.06
C LEU JA 114 -98.36 17.44 -29.99
N ALA JA 115 -97.89 18.53 -30.61
CA ALA JA 115 -98.63 19.78 -30.55
C ALA JA 115 -100.00 19.64 -31.21
N LEU JA 116 -100.06 18.97 -32.36
CA LEU JA 116 -101.32 18.83 -33.07
C LEU JA 116 -102.34 18.08 -32.22
N TYR JA 117 -101.93 16.97 -31.61
CA TYR JA 117 -102.85 16.18 -30.81
C TYR JA 117 -103.37 17.00 -29.63
N TYR JA 118 -102.47 17.71 -28.95
CA TYR JA 118 -102.88 18.45 -27.77
C TYR JA 118 -103.69 19.69 -28.12
N TRP JA 119 -103.46 20.26 -29.30
CA TRP JA 119 -104.28 21.39 -29.71
C TRP JA 119 -105.72 20.97 -29.94
N LEU JA 120 -105.95 19.72 -30.34
CA LEU JA 120 -107.28 19.21 -30.60
C LEU JA 120 -107.92 18.56 -29.38
N ASP JA 121 -107.24 18.58 -28.23
CA ASP JA 121 -107.78 17.91 -27.05
C ASP JA 121 -109.10 18.51 -26.61
N ASP JA 122 -109.31 19.80 -26.86
CA ASP JA 122 -110.59 20.42 -26.57
C ASP JA 122 -111.65 20.02 -27.59
N LYS JA 123 -111.28 19.96 -28.85
CA LYS JA 123 -112.27 19.81 -29.93
C LYS JA 123 -112.61 18.33 -30.14
N LYS JA 124 -113.01 17.69 -29.06
CA LYS JA 124 -113.35 16.27 -29.11
C LYS JA 124 -114.65 16.08 -29.87
N MET JA 125 -114.67 15.19 -30.86
CA MET JA 125 -115.93 14.89 -31.51
C MET JA 125 -116.83 14.15 -30.55
N TYR JA 126 -118.02 14.68 -30.32
CA TYR JA 126 -118.97 14.11 -29.38
C TYR JA 126 -120.27 13.83 -30.12
N ARG JA 127 -120.89 12.71 -29.80
CA ARG JA 127 -122.19 12.44 -30.37
C ARG JA 127 -123.21 13.40 -29.78
N PRO JA 128 -124.27 13.72 -30.51
CA PRO JA 128 -125.29 14.65 -30.00
C PRO JA 128 -126.24 14.01 -29.00
N VAL JA 129 -125.81 13.93 -27.75
CA VAL JA 129 -126.59 13.30 -26.69
C VAL JA 129 -126.30 13.99 -25.37
N ALA JA 130 -127.26 13.91 -24.46
CA ALA JA 130 -127.08 14.37 -23.09
C ALA JA 130 -126.50 13.24 -22.23
N ALA JA 131 -126.19 13.58 -20.99
CA ALA JA 131 -125.50 12.65 -20.11
C ALA JA 131 -126.43 11.53 -19.67
N LYS JA 132 -125.84 10.38 -19.34
CA LYS JA 132 -126.53 9.33 -18.62
C LYS JA 132 -127.37 9.94 -17.49
N GLN JA 133 -128.64 9.54 -17.45
CA GLN JA 133 -129.53 9.98 -16.39
C GLN JA 133 -129.60 8.93 -15.29
N TYR JA 134 -128.46 8.71 -14.65
CA TYR JA 134 -128.40 7.71 -13.60
C TYR JA 134 -129.38 8.08 -12.50
N PRO JA 135 -130.23 7.17 -12.05
CA PRO JA 135 -131.25 7.55 -11.07
C PRO JA 135 -130.62 7.95 -9.75
N SER JA 136 -130.70 9.22 -9.42
CA SER JA 136 -130.24 9.74 -8.15
C SER JA 136 -131.43 10.09 -7.27
N PRO JA 137 -131.34 9.90 -5.96
CA PRO JA 137 -132.50 10.20 -5.10
C PRO JA 137 -132.80 11.70 -5.11
N GLY JA 138 -134.08 12.01 -4.94
CA GLY JA 138 -134.49 13.40 -4.84
C GLY JA 138 -134.22 14.23 -6.07
N VAL JA 139 -133.96 13.59 -7.22
CA VAL JA 139 -133.74 14.28 -8.48
C VAL JA 139 -134.84 13.86 -9.43
N LYS JA 140 -135.14 14.72 -10.39
CA LYS JA 140 -136.33 14.60 -11.22
C LYS JA 140 -135.90 14.35 -12.67
N HIS JA 141 -136.02 13.10 -13.10
CA HIS JA 141 -135.80 12.71 -14.49
C HIS JA 141 -137.14 12.41 -15.14
N TYR JA 142 -137.38 12.98 -16.31
CA TYR JA 142 -138.62 12.81 -17.03
C TYR JA 142 -138.40 11.95 -18.27
N THR JA 143 -139.51 11.65 -18.94
CA THR JA 143 -139.50 11.15 -20.31
C THR JA 143 -140.29 12.13 -21.16
N PHE JA 144 -139.81 12.34 -22.38
CA PHE JA 144 -140.31 13.45 -23.19
C PHE JA 144 -141.81 13.36 -23.42
N GLU JA 145 -142.29 12.23 -23.91
CA GLU JA 145 -143.69 12.15 -24.32
C GLU JA 145 -144.61 12.37 -23.13
N LYS JA 146 -145.55 13.30 -23.28
CA LYS JA 146 -146.54 13.71 -22.27
C LYS JA 146 -146.61 12.89 -20.99
N GLU KA 1 -45.49 1.18 -56.48
CA GLU KA 1 -45.22 2.22 -55.49
C GLU KA 1 -45.75 1.77 -54.12
N GLU KA 2 -46.90 2.32 -53.71
CA GLU KA 2 -47.59 1.77 -52.54
C GLU KA 2 -48.09 0.35 -52.82
N GLN KA 3 -48.18 -0.04 -54.08
CA GLN KA 3 -48.65 -1.37 -54.42
C GLN KA 3 -47.73 -2.43 -53.82
N GLU KA 4 -46.42 -2.21 -53.88
CA GLU KA 4 -45.48 -3.14 -53.27
C GLU KA 4 -45.74 -3.26 -51.77
N PHE KA 5 -46.01 -2.13 -51.11
CA PHE KA 5 -46.28 -2.17 -49.68
C PHE KA 5 -47.42 -3.11 -49.36
N ILE KA 6 -48.49 -3.06 -50.15
CA ILE KA 6 -49.58 -4.01 -49.96
C ILE KA 6 -49.08 -5.44 -50.15
N LYS KA 7 -48.15 -5.64 -51.09
CA LYS KA 7 -47.59 -6.96 -51.28
C LYS KA 7 -46.61 -7.32 -50.17
N ARG KA 8 -45.93 -6.33 -49.59
CA ARG KA 8 -45.05 -6.63 -48.47
C ARG KA 8 -45.83 -7.19 -47.30
N LYS KA 9 -46.95 -6.55 -46.96
CA LYS KA 9 -47.77 -7.03 -45.87
C LYS KA 9 -48.35 -8.40 -46.19
N HIS KA 10 -48.79 -8.61 -47.43
CA HIS KA 10 -49.44 -9.87 -47.78
C HIS KA 10 -48.53 -11.06 -47.47
N GLU KA 11 -47.36 -11.11 -48.10
CA GLU KA 11 -46.44 -12.20 -47.82
C GLU KA 11 -45.99 -12.20 -46.37
N ALA KA 12 -45.99 -11.03 -45.73
CA ALA KA 12 -45.65 -10.98 -44.31
C ALA KA 12 -46.69 -11.70 -43.48
N THR KA 13 -47.97 -11.38 -43.69
CA THR KA 13 -49.03 -12.08 -42.98
C THR KA 13 -49.07 -13.54 -43.39
N LEU KA 14 -48.61 -13.86 -44.61
CA LEU KA 14 -48.72 -15.21 -45.12
C LEU KA 14 -47.88 -16.17 -44.29
N LYS KA 15 -46.67 -15.76 -43.90
CA LYS KA 15 -45.87 -16.60 -43.03
C LYS KA 15 -46.57 -16.85 -41.71
N LEU KA 16 -47.20 -15.81 -41.15
CA LEU KA 16 -47.93 -15.98 -39.90
C LEU KA 16 -49.03 -17.02 -40.05
N ARG KA 17 -49.75 -16.99 -41.17
CA ARG KA 17 -50.82 -17.96 -41.38
C ARG KA 17 -50.27 -19.38 -41.35
N GLN KA 18 -49.15 -19.62 -42.04
CA GLN KA 18 -48.60 -20.96 -42.07
C GLN KA 18 -48.16 -21.40 -40.68
N GLU KA 19 -47.56 -20.49 -39.91
CA GLU KA 19 -47.15 -20.84 -38.56
C GLU KA 19 -48.35 -21.14 -37.67
N PHE KA 20 -49.45 -20.42 -37.86
CA PHE KA 20 -50.63 -20.64 -37.03
C PHE KA 20 -51.17 -22.04 -37.22
N LEU KA 21 -51.23 -22.51 -38.46
CA LEU KA 21 -51.78 -23.83 -38.72
C LEU KA 21 -50.93 -24.90 -38.06
N LYS KA 22 -49.60 -24.74 -38.07
CA LYS KA 22 -48.74 -25.70 -37.42
C LYS KA 22 -49.08 -25.81 -35.93
N GLN KA 23 -49.19 -24.67 -35.25
CA GLN KA 23 -49.52 -24.71 -33.83
C GLN KA 23 -50.99 -25.06 -33.62
N SER KA 24 -51.87 -24.58 -34.52
CA SER KA 24 -53.30 -24.78 -34.31
C SER KA 24 -53.64 -26.26 -34.25
N SER KA 25 -53.20 -27.02 -35.25
CA SER KA 25 -53.51 -28.44 -35.34
C SER KA 25 -52.39 -29.31 -34.81
N ASN KA 26 -51.49 -28.73 -34.02
CA ASN KA 26 -50.37 -29.50 -33.48
C ASN KA 26 -50.90 -30.68 -32.69
N PRO KA 27 -50.80 -31.91 -33.19
CA PRO KA 27 -51.27 -33.05 -32.39
C PRO KA 27 -50.54 -33.18 -31.09
N TYR KA 28 -49.24 -32.87 -31.08
CA TYR KA 28 -48.45 -33.05 -29.86
C TYR KA 28 -48.84 -32.05 -28.78
N ARG KA 29 -49.22 -30.83 -29.16
CA ARG KA 29 -49.66 -29.89 -28.12
C ARG KA 29 -51.09 -30.16 -27.70
N HIS KA 30 -51.98 -30.44 -28.65
CA HIS KA 30 -53.27 -31.01 -28.28
C HIS KA 30 -53.07 -32.26 -27.44
N ALA KA 31 -51.99 -32.98 -27.70
CA ALA KA 31 -51.76 -34.22 -27.00
C ALA KA 31 -51.50 -34.03 -25.50
N THR KA 32 -51.16 -32.83 -25.07
CA THR KA 32 -50.84 -32.64 -23.66
C THR KA 32 -52.05 -32.95 -22.78
N GLY KA 33 -53.23 -32.54 -23.21
CA GLY KA 33 -54.37 -32.46 -22.33
C GLY KA 33 -54.33 -31.26 -21.41
N GLU KA 34 -53.25 -30.48 -21.46
CA GLU KA 34 -53.06 -29.36 -20.55
C GLU KA 34 -54.10 -28.28 -20.77
N GLY KA 35 -54.68 -28.22 -21.96
CA GLY KA 35 -55.62 -27.16 -22.28
C GLY KA 35 -54.91 -25.82 -22.35
N GLY KA 36 -55.57 -24.83 -22.92
CA GLY KA 36 -54.96 -23.55 -23.15
C GLY KA 36 -55.17 -23.13 -24.58
N THR KA 37 -54.36 -22.18 -25.04
CA THR KA 37 -54.55 -21.59 -26.36
C THR KA 37 -53.21 -21.50 -27.07
N VAL KA 38 -53.29 -21.39 -28.40
CA VAL KA 38 -52.13 -21.03 -29.18
C VAL KA 38 -51.61 -19.70 -28.67
N PHE KA 39 -50.30 -19.60 -28.45
CA PHE KA 39 -49.73 -18.37 -27.93
C PHE KA 39 -49.88 -17.27 -28.97
N ASP KA 40 -50.51 -16.18 -28.57
CA ASP KA 40 -50.81 -15.06 -29.45
C ASP KA 40 -50.29 -13.79 -28.81
N ALA KA 41 -49.31 -13.16 -29.45
CA ALA KA 41 -48.76 -11.91 -28.92
C ALA KA 41 -49.79 -10.80 -28.99
N GLY KA 42 -50.64 -10.80 -30.02
CA GLY KA 42 -51.60 -9.72 -30.16
C GLY KA 42 -52.55 -9.62 -28.99
N LEU KA 43 -53.10 -10.77 -28.57
CA LEU KA 43 -53.93 -10.77 -27.37
C LEU KA 43 -53.10 -10.42 -26.14
N ALA KA 44 -51.88 -10.95 -26.05
CA ALA KA 44 -51.04 -10.70 -24.89
C ALA KA 44 -50.75 -9.22 -24.74
N ARG KA 45 -50.36 -8.56 -25.84
CA ARG KA 45 -50.09 -7.14 -25.78
C ARG KA 45 -51.34 -6.37 -25.38
N PHE KA 46 -52.48 -6.74 -25.96
CA PHE KA 46 -53.72 -6.04 -25.65
C PHE KA 46 -54.10 -6.21 -24.19
N GLN KA 47 -54.04 -7.45 -23.69
CA GLN KA 47 -54.39 -7.69 -22.30
C GLN KA 47 -53.49 -6.89 -21.37
N ALA KA 48 -52.20 -6.89 -21.64
CA ALA KA 48 -51.26 -6.17 -20.78
C ALA KA 48 -51.51 -4.66 -20.84
N MET KA 49 -51.77 -4.13 -22.03
CA MET KA 49 -52.01 -2.70 -22.14
C MET KA 49 -53.25 -2.28 -21.37
N ARG KA 50 -54.28 -3.12 -21.39
CA ARG KA 50 -55.52 -2.80 -20.71
C ARG KA 50 -55.32 -2.58 -19.22
N VAL KA 51 -54.28 -3.15 -18.63
CA VAL KA 51 -54.08 -3.12 -17.19
C VAL KA 51 -53.26 -1.91 -16.76
N SER KA 52 -52.18 -1.64 -17.46
CA SER KA 52 -51.24 -0.59 -17.10
C SER KA 52 -51.52 0.65 -17.93
N ASN KA 53 -51.92 1.73 -17.26
CA ASN KA 53 -52.06 3.03 -17.89
C ASN KA 53 -51.45 4.16 -17.09
N TYR KA 54 -51.25 3.99 -15.77
CA TYR KA 54 -50.62 5.04 -14.99
C TYR KA 54 -49.23 5.34 -15.51
N GLU KA 55 -48.53 4.33 -16.03
CA GLU KA 55 -47.18 4.54 -16.55
C GLU KA 55 -47.16 5.67 -17.56
N HIS KA 56 -48.22 5.78 -18.36
CA HIS KA 56 -48.31 6.78 -19.41
C HIS KA 56 -49.30 7.88 -19.07
N PHE KA 57 -49.69 8.00 -17.81
CA PHE KA 57 -50.57 9.06 -17.37
C PHE KA 57 -49.76 10.28 -16.99
N LYS KA 58 -50.33 11.47 -17.25
CA LYS KA 58 -49.68 12.71 -16.89
C LYS KA 58 -50.76 13.75 -16.65
N PRO KA 59 -50.68 14.54 -15.59
CA PRO KA 59 -51.70 15.57 -15.36
C PRO KA 59 -51.57 16.70 -16.38
N THR KA 60 -52.01 16.43 -17.61
CA THR KA 60 -51.71 17.28 -18.75
C THR KA 60 -52.75 18.36 -19.00
N GLY KA 61 -53.75 18.49 -18.14
CA GLY KA 61 -54.82 19.44 -18.40
C GLY KA 61 -55.94 18.86 -19.20
N LYS KA 62 -55.63 18.23 -20.33
CA LYS KA 62 -56.64 17.45 -21.03
C LYS KA 62 -57.15 16.32 -20.16
N SER KA 63 -56.23 15.61 -19.51
CA SER KA 63 -56.64 14.57 -18.57
C SER KA 63 -57.40 15.17 -17.41
N PHE KA 64 -56.91 16.28 -16.86
CA PHE KA 64 -57.63 16.96 -15.79
C PHE KA 64 -59.00 17.41 -16.28
N ARG KA 65 -59.05 18.03 -17.45
CA ARG KA 65 -60.33 18.46 -17.99
C ARG KA 65 -61.23 17.26 -18.25
N THR KA 66 -60.66 16.16 -18.74
CA THR KA 66 -61.43 14.94 -18.89
C THR KA 66 -61.95 14.45 -17.54
N GLY KA 67 -61.04 14.28 -16.58
CA GLY KA 67 -61.44 13.76 -15.29
C GLY KA 67 -62.35 14.69 -14.52
N LEU KA 68 -62.16 16.00 -14.68
CA LEU KA 68 -62.98 16.97 -13.96
C LEU KA 68 -64.46 16.76 -14.28
N PHE KA 69 -64.83 16.93 -15.55
CA PHE KA 69 -66.23 16.77 -15.93
C PHE KA 69 -66.69 15.34 -15.85
N ALA KA 70 -65.77 14.37 -15.79
CA ALA KA 70 -66.17 12.97 -15.87
C ALA KA 70 -66.95 12.56 -14.62
N VAL KA 71 -66.38 12.77 -13.44
CA VAL KA 71 -67.00 12.29 -12.22
C VAL KA 71 -67.19 13.42 -11.22
N VAL KA 72 -66.18 14.28 -11.08
CA VAL KA 72 -66.14 15.21 -9.95
C VAL KA 72 -67.34 16.14 -9.98
N LEU KA 73 -67.70 16.67 -11.14
CA LEU KA 73 -68.81 17.59 -11.19
C LEU KA 73 -70.15 16.87 -11.12
N PRO KA 74 -70.34 15.76 -11.82
CA PRO KA 74 -71.55 14.97 -11.58
C PRO KA 74 -71.76 14.64 -10.12
N ILE KA 75 -70.70 14.28 -9.41
CA ILE KA 75 -70.80 14.07 -7.97
C ILE KA 75 -71.13 15.37 -7.27
N ALA KA 76 -70.39 16.43 -7.58
CA ALA KA 76 -70.56 17.69 -6.86
C ALA KA 76 -71.93 18.29 -7.14
N LEU KA 77 -72.32 18.38 -8.41
CA LEU KA 77 -73.61 18.95 -8.73
C LEU KA 77 -74.74 18.14 -8.13
N TYR KA 78 -74.66 16.82 -8.21
CA TYR KA 78 -75.74 15.99 -7.70
C TYR KA 78 -75.71 15.91 -6.18
N ALA KA 79 -74.53 15.86 -5.57
CA ALA KA 79 -74.47 15.96 -4.12
C ALA KA 79 -75.05 17.27 -3.64
N TRP KA 80 -74.86 18.34 -4.42
CA TRP KA 80 -75.47 19.62 -4.10
C TRP KA 80 -76.99 19.55 -4.19
N ALA KA 81 -77.51 18.87 -5.21
CA ALA KA 81 -78.95 18.76 -5.37
C ALA KA 81 -79.58 18.01 -4.21
N LEU KA 82 -78.96 16.92 -3.77
CA LEU KA 82 -79.49 16.18 -2.63
C LEU KA 82 -79.51 17.04 -1.38
N LYS KA 83 -78.42 17.76 -1.11
CA LYS KA 83 -78.39 18.63 0.06
C LYS KA 83 -79.46 19.71 -0.06
N ALA KA 84 -79.61 20.30 -1.24
CA ALA KA 84 -80.60 21.36 -1.41
C ALA KA 84 -82.00 20.85 -1.16
N GLU KA 85 -82.39 19.77 -1.84
CA GLU KA 85 -83.77 19.30 -1.75
C GLU KA 85 -84.12 18.88 -0.34
N ARG KA 86 -83.23 18.15 0.33
CA ARG KA 86 -83.52 17.70 1.68
C ARG KA 86 -83.59 18.88 2.65
N ASP KA 87 -82.73 19.87 2.48
CA ASP KA 87 -82.77 21.01 3.38
C ASP KA 87 -84.10 21.75 3.28
N GLY KA 88 -84.59 21.95 2.06
CA GLY KA 88 -85.90 22.56 1.91
C GLY KA 88 -86.99 21.71 2.55
N ARG KA 89 -86.97 20.41 2.26
CA ARG KA 89 -87.97 19.52 2.85
C ARG KA 89 -87.81 19.46 4.36
N GLU KA 90 -86.57 19.41 4.84
CA GLU KA 90 -86.32 19.35 6.28
C GLU KA 90 -86.84 20.60 6.97
N GLU KA 91 -86.69 21.76 6.34
CA GLU KA 91 -87.07 23.01 6.99
C GLU KA 91 -88.56 23.01 7.34
N LYS KA 92 -89.39 22.50 6.44
CA LYS KA 92 -90.82 22.43 6.73
C LYS KA 92 -91.08 21.61 7.98
N TYR KA 93 -90.46 20.43 8.06
CA TYR KA 93 -90.69 19.53 9.18
C TYR KA 93 -90.29 20.17 10.50
N ARG KA 94 -89.11 20.80 10.52
CA ARG KA 94 -88.66 21.43 11.76
C ARG KA 94 -89.58 22.58 12.15
N THR KA 95 -90.00 23.37 11.17
CA THR KA 95 -90.91 24.47 11.44
C THR KA 95 -92.27 23.98 11.90
N GLY KA 96 -92.62 22.74 11.65
CA GLY KA 96 -93.94 22.24 11.98
C GLY KA 96 -94.99 22.50 10.91
N GLN KA 97 -94.57 22.59 9.65
CA GLN KA 97 -95.52 22.96 8.59
C GLN KA 97 -96.45 21.80 8.25
N VAL KA 98 -95.93 20.58 8.20
CA VAL KA 98 -96.69 19.46 7.68
C VAL KA 98 -97.37 18.74 8.83
N ALA KA 99 -98.69 18.72 8.82
CA ALA KA 99 -99.42 17.94 9.80
C ALA KA 99 -99.12 16.47 9.59
N TYR KA 100 -99.18 15.70 10.68
CA TYR KA 100 -98.87 14.29 10.58
C TYR KA 100 -99.81 13.56 9.64
N LYS KA 101 -100.98 14.13 9.36
CA LYS KA 101 -101.83 13.58 8.31
C LYS KA 101 -101.09 13.53 6.98
N ASP KA 102 -100.36 14.58 6.65
CA ASP KA 102 -99.84 14.77 5.31
C ASP KA 102 -98.39 14.32 5.14
N ARG KA 103 -97.78 13.75 6.16
CA ARG KA 103 -96.38 13.33 6.04
C ARG KA 103 -96.28 12.15 5.08
N GLN KA 104 -95.44 12.29 4.07
CA GLN KA 104 -95.25 11.24 3.09
C GLN KA 104 -94.35 10.15 3.66
N PHE KA 105 -94.48 8.95 3.08
CA PHE KA 105 -93.70 7.78 3.47
C PHE KA 105 -93.72 7.60 4.99
N LYS KA 106 -94.92 7.38 5.50
CA LYS KA 106 -95.06 7.19 6.94
C LYS KA 106 -94.29 5.95 7.39
N PHE KA 107 -94.38 4.87 6.62
CA PHE KA 107 -93.68 3.64 6.95
C PHE KA 107 -92.30 3.56 6.32
N ILE KA 108 -91.97 4.48 5.42
CA ILE KA 108 -90.76 4.46 4.60
C ILE KA 108 -90.45 3.04 4.14
N ALA LA 1 -53.43 -23.52 -50.79
CA ALA LA 1 -54.51 -22.69 -51.29
C ALA LA 1 -53.97 -21.33 -51.73
N GLN LA 2 -54.87 -20.39 -51.98
CA GLN LA 2 -54.51 -19.04 -52.40
C GLN LA 2 -55.25 -18.03 -51.54
N VAL LA 3 -54.50 -17.11 -50.96
CA VAL LA 3 -55.06 -16.02 -50.16
C VAL LA 3 -55.15 -14.79 -51.06
N PRO LA 4 -56.33 -14.17 -51.21
CA PRO LA 4 -56.43 -13.04 -52.15
C PRO LA 4 -55.52 -11.90 -51.77
N LEU LA 5 -54.95 -11.26 -52.78
CA LEU LA 5 -54.11 -10.08 -52.58
C LEU LA 5 -54.99 -8.83 -52.56
N ALA LA 6 -54.73 -7.95 -51.60
CA ALA LA 6 -55.63 -6.82 -51.37
C ALA LA 6 -55.68 -5.88 -52.57
N ILE LA 7 -54.58 -5.73 -53.30
CA ILE LA 7 -54.55 -4.78 -54.40
C ILE LA 7 -55.59 -5.18 -55.44
N VAL LA 8 -56.41 -4.21 -55.84
CA VAL LA 8 -57.51 -4.43 -56.77
C VAL LA 8 -57.32 -3.51 -57.96
N SER LA 9 -57.33 -4.09 -59.16
CA SER LA 9 -57.17 -3.32 -60.37
C SER LA 9 -58.36 -2.42 -60.60
N HIS LA 10 -58.15 -1.32 -61.33
CA HIS LA 10 -59.25 -0.45 -61.69
C HIS LA 10 -60.32 -1.23 -62.46
N LYS LA 11 -59.89 -2.14 -63.32
CA LYS LA 11 -60.84 -2.98 -64.03
C LYS LA 11 -61.73 -3.74 -63.06
N ARG LA 12 -61.18 -4.14 -61.91
CA ARG LA 12 -61.97 -4.87 -60.93
C ARG LA 12 -62.91 -3.95 -60.17
N GLN LA 13 -62.53 -2.70 -59.94
CA GLN LA 13 -63.42 -1.78 -59.26
C GLN LA 13 -64.67 -1.54 -60.09
N VAL LA 14 -64.51 -1.44 -61.40
CA VAL LA 14 -65.68 -1.31 -62.27
C VAL LA 14 -66.51 -2.59 -62.20
N CYS LA 15 -65.86 -3.75 -62.25
CA CYS LA 15 -66.58 -5.01 -62.13
C CYS LA 15 -67.42 -5.06 -60.88
N SER LA 16 -66.82 -4.78 -59.71
CA SER LA 16 -67.57 -4.86 -58.47
C SER LA 16 -68.73 -3.87 -58.47
N LEU LA 17 -68.47 -2.63 -58.89
CA LEU LA 17 -69.54 -1.64 -58.94
C LEU LA 17 -70.67 -2.12 -59.83
N TYR LA 18 -70.35 -2.80 -60.92
CA TYR LA 18 -71.40 -3.35 -61.77
C TYR LA 18 -72.21 -4.41 -61.03
N LYS LA 19 -71.54 -5.28 -60.28
CA LYS LA 19 -72.27 -6.31 -59.54
C LYS LA 19 -73.16 -5.70 -58.48
N ARG LA 20 -72.63 -4.73 -57.72
CA ARG LA 20 -73.44 -4.07 -56.72
C ARG LA 20 -74.60 -3.32 -57.35
N ALA LA 21 -74.35 -2.66 -58.48
CA ALA LA 21 -75.41 -1.90 -59.13
C ALA LA 21 -76.57 -2.79 -59.51
N LEU LA 22 -76.28 -3.95 -60.09
CA LEU LA 22 -77.35 -4.86 -60.51
C LEU LA 22 -78.10 -5.41 -59.31
N ARG LA 23 -77.37 -5.84 -58.28
CA ARG LA 23 -78.04 -6.41 -57.11
C ARG LA 23 -78.94 -5.39 -56.45
N ASN LA 24 -78.47 -4.14 -56.34
CA ASN LA 24 -79.33 -3.07 -55.87
C ASN LA 24 -80.54 -2.91 -56.76
N LEU LA 25 -80.37 -3.13 -58.07
CA LEU LA 25 -81.51 -2.97 -58.98
C LEU LA 25 -82.59 -4.00 -58.68
N GLU LA 26 -82.20 -5.22 -58.35
CA GLU LA 26 -83.19 -6.25 -58.03
C GLU LA 26 -84.07 -5.84 -56.86
N SER LA 27 -83.46 -5.27 -55.82
CA SER LA 27 -84.22 -4.92 -54.63
C SER LA 27 -85.33 -3.94 -54.96
N TRP LA 28 -85.03 -2.94 -55.79
CA TRP LA 28 -86.03 -1.95 -56.15
C TRP LA 28 -87.12 -2.57 -57.02
N TYR LA 29 -86.73 -3.27 -58.07
CA TYR LA 29 -87.66 -3.93 -58.99
C TYR LA 29 -87.50 -5.43 -58.79
N ASP LA 30 -88.32 -5.98 -57.89
CA ASP LA 30 -88.18 -7.39 -57.56
C ASP LA 30 -88.48 -8.27 -58.76
N ARG LA 31 -89.49 -7.90 -59.55
CA ARG LA 31 -90.05 -8.83 -60.51
C ARG LA 31 -89.07 -9.07 -61.67
N ARG LA 32 -88.96 -10.34 -62.06
CA ARG LA 32 -87.93 -10.74 -63.02
C ARG LA 32 -88.13 -10.06 -64.36
N ASN LA 33 -89.37 -10.05 -64.86
CA ASN LA 33 -89.62 -9.43 -66.15
C ASN LA 33 -89.23 -7.96 -66.13
N VAL LA 34 -89.59 -7.25 -65.07
CA VAL LA 34 -89.16 -5.87 -64.92
C VAL LA 34 -87.66 -5.81 -64.68
N TYR LA 35 -87.15 -6.67 -63.80
CA TYR LA 35 -85.74 -6.65 -63.48
C TYR LA 35 -84.88 -6.85 -64.72
N ARG LA 36 -85.20 -7.87 -65.52
CA ARG LA 36 -84.42 -8.11 -66.72
C ARG LA 36 -84.49 -6.92 -67.66
N TYR LA 37 -85.65 -6.26 -67.74
CA TYR LA 37 -85.76 -5.06 -68.55
C TYR LA 37 -84.80 -3.98 -68.07
N ARG LA 38 -84.87 -3.65 -66.78
CA ARG LA 38 -84.03 -2.57 -66.27
C ARG LA 38 -82.57 -2.97 -66.20
N ALA LA 39 -82.28 -4.24 -65.91
CA ALA LA 39 -80.89 -4.67 -65.85
C ALA LA 39 -80.22 -4.51 -67.21
N VAL LA 40 -80.96 -4.78 -68.28
CA VAL LA 40 -80.41 -4.61 -69.62
C VAL LA 40 -80.03 -3.16 -69.84
N GLN LA 41 -80.91 -2.23 -69.49
CA GLN LA 41 -80.59 -0.82 -69.62
C GLN LA 41 -79.37 -0.45 -68.80
N LEU LA 42 -79.26 -1.02 -67.60
CA LEU LA 42 -78.10 -0.72 -66.77
C LEU LA 42 -76.82 -1.14 -67.47
N ARG LA 43 -76.82 -2.32 -68.09
CA ARG LA 43 -75.64 -2.74 -68.84
C ARG LA 43 -75.35 -1.79 -69.99
N ALA LA 44 -76.39 -1.19 -70.56
CA ALA LA 44 -76.16 -0.24 -71.65
C ALA LA 44 -75.36 0.95 -71.18
N ARG LA 45 -75.67 1.47 -69.99
CA ARG LA 45 -74.96 2.64 -69.49
C ARG LA 45 -73.47 2.37 -69.34
N PHE LA 46 -73.10 1.12 -69.08
CA PHE LA 46 -71.67 0.81 -68.97
C PHE LA 46 -71.00 0.73 -70.34
N ASP LA 47 -71.71 0.23 -71.35
CA ASP LA 47 -71.12 0.14 -72.68
C ASP LA 47 -70.95 1.51 -73.32
N GLU LA 48 -71.77 2.48 -72.94
CA GLU LA 48 -71.60 3.85 -73.42
C GLU LA 48 -70.46 4.56 -72.73
N ASN LA 49 -69.77 3.91 -71.79
CA ASN LA 49 -68.56 4.42 -71.18
C ASN LA 49 -67.37 3.50 -71.37
N ARG LA 50 -67.58 2.32 -71.97
CA ARG LA 50 -66.48 1.37 -72.13
C ARG LA 50 -65.34 1.94 -72.96
N SER LA 51 -65.65 2.86 -73.87
CA SER LA 51 -64.65 3.51 -74.71
C SER LA 51 -64.34 4.88 -74.13
N LYS LA 52 -63.57 4.90 -73.05
CA LYS LA 52 -63.14 6.13 -72.42
C LYS LA 52 -61.78 5.92 -71.78
N ASP LA 53 -61.07 7.02 -71.56
CA ASP LA 53 -59.77 6.95 -70.90
C ASP LA 53 -59.94 6.63 -69.43
N LEU LA 54 -58.94 5.98 -68.84
CA LEU LA 54 -59.00 5.61 -67.44
C LEU LA 54 -59.18 6.84 -66.56
N GLY LA 55 -58.38 7.87 -66.78
CA GLY LA 55 -58.50 9.08 -65.97
C GLY LA 55 -59.89 9.66 -66.03
N GLU LA 56 -60.50 9.64 -67.21
CA GLU LA 56 -61.92 9.95 -67.32
C GLU LA 56 -62.75 8.92 -66.55
N GLY LA 57 -62.37 7.64 -66.64
CA GLY LA 57 -63.06 6.61 -65.90
C GLY LA 57 -62.99 6.82 -64.40
N ILE LA 58 -61.87 7.35 -63.91
CA ILE LA 58 -61.76 7.66 -62.49
C ILE LA 58 -62.89 8.60 -62.07
N ARG LA 59 -63.19 9.58 -62.91
CA ARG LA 59 -64.33 10.46 -62.64
C ARG LA 59 -65.64 9.69 -62.71
N LEU LA 60 -65.73 8.67 -63.57
CA LEU LA 60 -66.99 7.94 -63.71
C LEU LA 60 -67.31 7.13 -62.47
N LEU LA 61 -66.34 6.37 -61.96
CA LEU LA 61 -66.58 5.56 -60.78
C LEU LA 61 -67.00 6.43 -59.60
N ALA LA 62 -66.34 7.56 -59.42
CA ALA LA 62 -66.63 8.41 -58.26
C ALA LA 62 -68.11 8.78 -58.21
N CYS LA 63 -68.63 9.32 -59.31
CA CYS LA 63 -70.06 9.62 -59.36
C CYS LA 63 -70.87 8.34 -59.50
N GLY LA 64 -70.31 7.32 -60.14
CA GLY LA 64 -71.01 6.05 -60.23
C GLY LA 64 -71.19 5.39 -58.88
N GLN LA 65 -70.17 5.47 -58.02
CA GLN LA 65 -70.30 4.89 -56.70
C GLN LA 65 -71.19 5.73 -55.80
N ARG LA 66 -71.02 7.05 -55.84
CA ARG LA 66 -71.78 7.91 -54.95
C ARG LA 66 -73.27 7.80 -55.22
N GLU LA 67 -73.67 7.80 -56.49
CA GLU LA 67 -75.09 7.70 -56.79
C GLU LA 67 -75.64 6.37 -56.32
N LEU LA 68 -74.86 5.30 -56.44
CA LEU LA 68 -75.29 4.01 -55.90
C LEU LA 68 -75.54 4.11 -54.41
N PHE LA 69 -74.54 4.60 -53.67
CA PHE LA 69 -74.72 4.77 -52.23
C PHE LA 69 -75.84 5.74 -51.94
N GLU LA 70 -75.96 6.79 -52.74
CA GLU LA 70 -77.07 7.72 -52.57
C GLU LA 70 -78.41 7.08 -52.89
N THR LA 71 -78.42 5.94 -53.58
CA THR LA 71 -79.64 5.24 -53.94
C THR LA 71 -79.68 3.84 -53.34
N ARG LA 72 -78.96 3.62 -52.25
CA ARG LA 72 -78.99 2.32 -51.61
C ARG LA 72 -80.39 2.01 -51.11
N HIS LA 73 -80.79 0.75 -51.21
CA HIS LA 73 -82.09 0.34 -50.72
C HIS LA 73 -82.11 0.35 -49.20
N PHE LA 74 -83.30 0.56 -48.65
CA PHE LA 74 -83.45 0.56 -47.19
C PHE LA 74 -83.61 -0.84 -46.63
N GLN LA 75 -83.60 -1.87 -47.47
CA GLN LA 75 -83.71 -3.24 -47.02
C GLN LA 75 -83.12 -4.14 -48.11
N PRO LA 76 -81.82 -4.04 -48.36
CA PRO LA 76 -81.23 -4.75 -49.50
C PRO LA 76 -81.38 -6.26 -49.33
N ARG LA 77 -81.55 -6.93 -50.47
CA ARG LA 77 -81.64 -8.37 -50.46
C ARG LA 77 -80.29 -9.00 -50.15
N ASN LA 78 -80.34 -10.13 -49.47
CA ASN LA 78 -79.20 -11.01 -49.28
C ASN LA 78 -79.67 -12.44 -49.53
N PHE LA 79 -78.74 -13.37 -49.43
CA PHE LA 79 -79.07 -14.79 -49.48
C PHE LA 79 -79.02 -15.31 -48.05
N ALA LA 80 -80.14 -15.86 -47.58
CA ALA LA 80 -80.27 -16.20 -46.18
C ALA LA 80 -79.20 -17.18 -45.71
N ASN LA 81 -78.61 -17.94 -46.62
CA ASN LA 81 -77.68 -19.01 -46.26
C ASN LA 81 -76.22 -18.61 -46.44
N SER LA 82 -75.92 -17.32 -46.43
CA SER LA 82 -74.57 -16.86 -46.70
C SER LA 82 -74.29 -15.59 -45.93
N ALA LA 83 -73.01 -15.21 -45.90
CA ALA LA 83 -72.50 -14.11 -45.09
C ALA LA 83 -73.38 -12.88 -45.18
N GLY LA 84 -73.87 -12.43 -44.03
CA GLY LA 84 -74.81 -11.33 -43.96
C GLY LA 84 -76.27 -11.75 -44.03
N GLY LA 85 -76.54 -12.96 -44.51
CA GLY LA 85 -77.91 -13.42 -44.58
C GLY LA 85 -78.50 -13.63 -43.20
N CYS LA 86 -79.83 -13.55 -43.15
CA CYS LA 86 -80.52 -13.68 -41.88
C CYS LA 86 -80.32 -15.05 -41.25
N ALA LA 87 -80.07 -16.08 -42.07
CA ALA LA 87 -79.94 -17.45 -41.59
C ALA LA 87 -78.54 -18.00 -41.76
N PHE LA 88 -77.53 -17.14 -41.62
CA PHE LA 88 -76.15 -17.53 -41.90
C PHE LA 88 -75.51 -18.14 -40.66
N GLU LA 89 -74.92 -19.32 -40.84
CA GLU LA 89 -74.18 -20.03 -39.79
C GLU LA 89 -74.93 -20.02 -38.47
N ARG LA 90 -76.19 -20.41 -38.52
CA ARG LA 90 -76.97 -20.52 -37.30
C ARG LA 90 -76.35 -21.52 -36.34
N GLU LA 91 -75.92 -22.67 -36.86
CA GLU LA 91 -75.38 -23.74 -36.04
C GLU LA 91 -73.86 -23.61 -35.93
N VAL LA 92 -73.33 -24.02 -34.80
CA VAL LA 92 -71.91 -24.03 -34.54
C VAL LA 92 -71.51 -25.45 -34.13
N ILE LA 93 -70.48 -25.98 -34.78
CA ILE LA 93 -70.04 -27.36 -34.60
C ILE LA 93 -68.73 -27.33 -33.80
N PRO LA 94 -68.65 -27.95 -32.63
CA PRO LA 94 -67.41 -27.88 -31.85
C PRO LA 94 -66.25 -28.49 -32.62
N PRO LA 95 -65.03 -28.33 -32.13
CA PRO LA 95 -63.90 -29.01 -32.76
C PRO LA 95 -63.96 -30.51 -32.51
N ASP LA 96 -63.27 -31.25 -33.38
CA ASP LA 96 -63.33 -32.71 -33.34
C ASP LA 96 -62.96 -33.24 -31.97
N TRP LA 97 -61.97 -32.63 -31.31
CA TRP LA 97 -61.38 -33.25 -30.13
C TRP LA 97 -62.38 -33.44 -29.01
N VAL LA 98 -63.58 -32.88 -29.11
CA VAL LA 98 -64.62 -33.11 -28.11
C VAL LA 98 -64.88 -34.60 -27.94
N LEU LA 99 -65.02 -35.31 -29.06
CA LEU LA 99 -65.49 -36.69 -28.99
C LEU LA 99 -64.61 -37.55 -28.10
N ASP LA 100 -63.31 -37.26 -28.05
CA ASP LA 100 -62.38 -38.13 -27.36
C ASP LA 100 -62.56 -38.13 -25.85
N TYR LA 101 -63.35 -37.20 -25.29
CA TYR LA 101 -63.55 -37.12 -23.85
C TYR LA 101 -64.84 -37.78 -23.39
N TRP LA 102 -65.53 -38.50 -24.28
CA TRP LA 102 -66.71 -39.21 -23.86
C TRP LA 102 -66.35 -40.28 -22.83
N HIS LA 103 -67.30 -40.57 -21.95
CA HIS LA 103 -67.09 -41.66 -21.00
C HIS LA 103 -66.95 -42.96 -21.77
N PRO LA 104 -66.07 -43.88 -21.33
CA PRO LA 104 -65.86 -45.09 -22.14
C PRO LA 104 -67.15 -45.86 -22.40
N LEU LA 105 -68.10 -45.83 -21.47
CA LEU LA 105 -69.37 -46.48 -21.74
C LEU LA 105 -70.13 -45.74 -22.84
N GLU LA 106 -70.05 -44.41 -22.85
CA GLU LA 106 -70.69 -43.65 -23.93
C GLU LA 106 -70.14 -44.07 -25.28
N LYS LA 107 -68.82 -44.23 -25.38
CA LYS LA 107 -68.23 -44.65 -26.64
C LYS LA 107 -68.77 -46.01 -27.08
N ALA LA 108 -69.21 -46.83 -26.14
CA ALA LA 108 -69.70 -48.16 -26.48
C ALA LA 108 -71.00 -48.12 -27.29
N GLN LA 109 -71.65 -46.97 -27.39
CA GLN LA 109 -72.83 -46.86 -28.22
C GLN LA 109 -72.52 -46.72 -29.70
N TYR LA 110 -71.26 -46.46 -30.06
CA TYR LA 110 -70.85 -46.31 -31.46
C TYR LA 110 -69.48 -46.92 -31.63
N PRO LA 111 -69.32 -48.19 -31.27
CA PRO LA 111 -67.97 -48.78 -31.26
C PRO LA 111 -67.29 -48.74 -32.60
N GLU LA 112 -68.04 -48.90 -33.68
CA GLU LA 112 -67.44 -48.81 -35.01
C GLU LA 112 -66.87 -47.42 -35.24
N TYR LA 113 -67.63 -46.39 -34.90
CA TYR LA 113 -67.21 -45.03 -35.19
C TYR LA 113 -65.92 -44.68 -34.47
N PHE LA 114 -65.84 -45.01 -33.18
CA PHE LA 114 -64.61 -44.72 -32.45
C PHE LA 114 -63.48 -45.65 -32.84
N ALA LA 115 -63.81 -46.85 -33.32
CA ALA LA 115 -62.76 -47.71 -33.87
C ALA LA 115 -62.09 -47.04 -35.05
N LYS LA 116 -62.87 -46.42 -35.93
CA LYS LA 116 -62.31 -45.81 -37.12
C LYS LA 116 -61.50 -44.56 -36.77
N ARG LA 117 -62.07 -43.69 -35.92
CA ARG LA 117 -61.37 -42.46 -35.58
C ARG LA 117 -59.96 -42.74 -35.09
N GLU LA 118 -59.76 -43.83 -34.37
CA GLU LA 118 -58.43 -44.09 -33.87
C GLU LA 118 -57.52 -44.65 -34.96
N GLN LA 119 -58.08 -45.22 -36.04
CA GLN LA 119 -57.23 -45.52 -37.18
C GLN LA 119 -56.84 -44.24 -37.90
N ARG LA 120 -57.76 -43.27 -37.94
CA ARG LA 120 -57.46 -42.00 -38.60
C ARG LA 120 -56.41 -41.24 -37.81
N LYS LA 121 -56.46 -41.32 -36.48
CA LYS LA 121 -55.47 -40.62 -35.67
C LYS LA 121 -54.07 -41.07 -36.01
N LYS LA 122 -53.89 -42.37 -36.24
CA LYS LA 122 -52.57 -42.87 -36.66
C LYS LA 122 -52.15 -42.24 -37.98
N GLU LA 123 -53.08 -42.13 -38.92
CA GLU LA 123 -52.74 -41.53 -40.21
C GLU LA 123 -52.51 -40.03 -40.08
N PHE LA 124 -53.25 -39.38 -39.19
CA PHE LA 124 -53.19 -37.93 -39.12
C PHE LA 124 -51.79 -37.45 -38.70
N VAL LA 125 -51.18 -38.14 -37.75
CA VAL LA 125 -49.87 -37.69 -37.26
C VAL LA 125 -48.85 -37.73 -38.39
N THR LA 126 -48.79 -38.84 -39.12
CA THR LA 126 -47.85 -38.93 -40.23
C THR LA 126 -48.15 -37.86 -41.27
N TRP LA 127 -49.43 -37.60 -41.52
CA TRP LA 127 -49.81 -36.51 -42.40
C TRP LA 127 -49.33 -35.17 -41.86
N TRP LA 128 -49.51 -34.95 -40.56
CA TRP LA 128 -49.15 -33.65 -39.98
C TRP LA 128 -47.63 -33.47 -39.97
N GLU LA 129 -46.89 -34.53 -39.66
CA GLU LA 129 -45.44 -34.40 -39.60
C GLU LA 129 -44.88 -33.97 -40.95
N LYS LA 130 -45.33 -34.60 -42.02
CA LYS LA 130 -44.83 -34.28 -43.35
C LYS LA 130 -45.17 -32.84 -43.72
N GLN LA 131 -46.40 -32.41 -43.44
CA GLN LA 131 -46.85 -31.09 -43.89
C GLN LA 131 -46.03 -29.98 -43.24
N TYR LA 132 -45.78 -30.08 -41.94
CA TYR LA 132 -45.15 -29.01 -41.18
C TYR LA 132 -43.74 -29.35 -40.72
N GLY LA 133 -43.17 -30.45 -41.21
CA GLY LA 133 -41.81 -30.79 -40.86
C GLY LA 133 -41.64 -31.35 -39.47
N LYS LA 134 -42.73 -31.73 -38.79
CA LYS LA 134 -42.65 -32.31 -37.47
C LYS LA 134 -41.94 -31.37 -36.50
N GLY MA 1 -123.28 13.76 -37.92
CA GLY MA 1 -123.02 15.12 -37.49
C GLY MA 1 -121.55 15.38 -37.27
N ASN MA 2 -121.22 16.44 -36.54
CA ASN MA 2 -119.84 16.80 -36.27
C ASN MA 2 -119.79 17.63 -34.99
N ALA MA 3 -118.61 18.16 -34.69
CA ALA MA 3 -118.43 19.05 -33.55
C ALA MA 3 -117.52 20.23 -33.90
N LEU MA 4 -117.33 20.51 -35.20
CA LEU MA 4 -116.71 21.77 -35.59
C LEU MA 4 -117.66 22.93 -35.38
N THR MA 5 -118.95 22.71 -35.63
CA THR MA 5 -119.95 23.74 -35.38
C THR MA 5 -119.85 24.25 -33.96
N HIS MA 6 -119.64 23.36 -33.00
CA HIS MA 6 -119.43 23.80 -31.62
C HIS MA 6 -118.18 24.65 -31.51
N TYR MA 7 -117.15 24.37 -32.31
CA TYR MA 7 -115.95 25.18 -32.28
C TYR MA 7 -116.18 26.54 -32.92
N MET MA 8 -116.88 26.56 -34.06
CA MET MA 8 -116.97 27.79 -34.84
C MET MA 8 -118.12 28.68 -34.35
N LYS MA 9 -119.22 28.10 -33.90
CA LYS MA 9 -120.36 28.86 -33.37
C LYS MA 9 -120.80 28.23 -32.05
N PRO MA 10 -119.99 28.32 -31.01
CA PRO MA 10 -120.32 27.63 -29.74
C PRO MA 10 -121.61 28.11 -29.11
N ASP MA 11 -122.16 29.24 -29.54
CA ASP MA 11 -123.41 29.74 -28.97
C ASP MA 11 -124.59 28.82 -29.21
N VAL MA 12 -124.52 27.93 -30.21
CA VAL MA 12 -125.65 27.12 -30.62
C VAL MA 12 -125.49 25.67 -30.19
N MET MA 13 -124.27 25.13 -30.27
CA MET MA 13 -124.05 23.74 -29.92
C MET MA 13 -123.90 23.60 -28.41
N PRO MA 14 -124.75 22.80 -27.74
CA PRO MA 14 -124.59 22.67 -26.28
C PRO MA 14 -123.24 22.12 -25.85
N GLY MA 15 -122.63 21.24 -26.64
CA GLY MA 15 -121.32 20.74 -26.35
C GLY MA 15 -121.31 19.27 -25.95
N PRO MA 16 -120.13 18.72 -25.71
CA PRO MA 16 -120.04 17.31 -25.34
C PRO MA 16 -120.77 17.02 -24.04
N ASP MA 17 -121.37 15.81 -23.99
CA ASP MA 17 -122.09 15.26 -22.83
C ASP MA 17 -122.80 16.36 -22.05
N VAL MA 18 -123.53 17.21 -22.77
CA VAL MA 18 -124.09 18.40 -22.17
C VAL MA 18 -125.14 18.01 -21.15
N VAL MA 19 -125.06 18.59 -19.96
CA VAL MA 19 -126.10 18.47 -18.95
C VAL MA 19 -127.16 19.52 -19.29
N PRO MA 20 -128.45 19.22 -19.18
CA PRO MA 20 -129.45 20.24 -19.55
C PRO MA 20 -129.27 21.52 -18.77
N THR MA 21 -129.47 22.65 -19.47
CA THR MA 21 -129.29 23.97 -18.89
C THR MA 21 -130.58 24.77 -18.78
N PHE MA 22 -131.69 24.26 -19.33
CA PHE MA 22 -132.98 24.91 -19.24
C PHE MA 22 -133.86 24.19 -18.24
N ASP MA 23 -134.92 24.86 -17.82
CA ASP MA 23 -135.85 24.26 -16.87
C ASP MA 23 -136.50 23.03 -17.51
N PRO MA 24 -136.51 21.87 -16.86
CA PRO MA 24 -137.09 20.69 -17.52
C PRO MA 24 -138.54 20.86 -17.91
N LEU MA 25 -139.33 21.56 -17.11
CA LEU MA 25 -140.75 21.76 -17.41
C LEU MA 25 -141.01 22.98 -18.27
N LEU MA 26 -139.96 23.71 -18.67
CA LEU MA 26 -140.16 24.83 -19.58
C LEU MA 26 -140.69 24.33 -20.92
N GLY MA 27 -141.55 25.13 -21.52
CA GLY MA 27 -142.08 24.80 -22.84
C GLY MA 27 -142.95 23.57 -22.89
N PHE MA 28 -143.28 23.00 -21.73
CA PHE MA 28 -144.16 21.85 -21.64
C PHE MA 28 -145.36 22.21 -20.78
N LYS MA 29 -146.56 21.99 -21.30
CA LYS MA 29 -147.74 22.00 -20.46
C LYS MA 29 -147.57 21.03 -19.30
N SER MA 30 -147.03 19.84 -19.57
CA SER MA 30 -146.45 18.98 -18.55
C SER MA 30 -145.63 17.92 -19.25
N ARG MA 31 -144.80 17.24 -18.46
CA ARG MA 31 -143.96 16.16 -18.97
C ARG MA 31 -143.89 15.10 -17.89
N LYS MA 32 -144.33 13.88 -18.20
CA LYS MA 32 -144.51 12.88 -17.17
C LYS MA 32 -143.15 12.46 -16.60
N GLU MA 33 -143.21 11.72 -15.50
CA GLU MA 33 -142.04 11.38 -14.71
C GLU MA 33 -141.51 10.01 -15.13
N ARG MA 34 -140.39 9.63 -14.52
CA ARG MA 34 -139.69 8.39 -14.83
C ARG MA 34 -139.67 7.53 -13.57
N VAL MA 35 -139.82 6.22 -13.75
CA VAL MA 35 -140.03 5.29 -12.64
C VAL MA 35 -138.97 4.21 -12.68
N MET MA 36 -138.33 3.97 -11.53
CA MET MA 36 -137.43 2.84 -11.38
C MET MA 36 -138.22 1.55 -11.31
N ILE MA 37 -137.55 0.44 -11.64
CA ILE MA 37 -138.16 -0.88 -11.56
C ILE MA 37 -137.41 -1.75 -10.57
N ALA MA 38 -136.11 -1.53 -10.43
CA ALA MA 38 -135.25 -2.37 -9.63
C ALA MA 38 -134.78 -1.63 -8.39
N THR MA 39 -135.00 -2.23 -7.23
CA THR MA 39 -134.63 -1.61 -5.98
C THR MA 39 -133.12 -1.70 -5.77
N GLN MA 40 -132.64 -1.01 -4.75
CA GLN MA 40 -131.21 -1.08 -4.43
C GLN MA 40 -130.83 -2.51 -4.08
N GLU MA 41 -131.65 -3.20 -3.29
CA GLU MA 41 -131.33 -4.56 -2.91
C GLU MA 41 -131.19 -5.45 -4.14
N GLU MA 42 -132.11 -5.32 -5.10
CA GLU MA 42 -132.04 -6.14 -6.29
C GLU MA 42 -130.77 -5.86 -7.08
N MET MA 43 -130.41 -4.59 -7.22
CA MET MA 43 -129.18 -4.27 -7.94
C MET MA 43 -127.97 -4.87 -7.25
N GLU MA 44 -127.89 -4.72 -5.93
CA GLU MA 44 -126.72 -5.21 -5.21
C GLU MA 44 -126.67 -6.73 -5.20
N SER MA 45 -127.82 -7.39 -5.05
CA SER MA 45 -127.82 -8.84 -4.93
C SER MA 45 -127.24 -9.51 -6.16
N ALA MA 46 -127.40 -8.89 -7.33
CA ALA MA 46 -126.89 -9.43 -8.58
C ALA MA 46 -125.57 -8.79 -8.99
N LYS MA 47 -124.97 -7.97 -8.13
CA LYS MA 47 -123.70 -7.32 -8.42
C LYS MA 47 -123.75 -6.62 -9.76
N LEU MA 48 -124.73 -5.75 -9.90
CA LEU MA 48 -124.86 -4.97 -11.11
C LEU MA 48 -123.85 -3.84 -11.09
N PRO MA 49 -122.93 -3.75 -12.06
CA PRO MA 49 -121.92 -2.69 -12.01
C PRO MA 49 -122.55 -1.30 -12.04
N LEU MA 50 -121.89 -0.36 -11.39
CA LEU MA 50 -122.49 0.95 -11.13
C LEU MA 50 -122.84 1.68 -12.41
N GLU MA 51 -122.04 1.53 -13.46
CA GLU MA 51 -122.38 2.22 -14.71
C GLU MA 51 -123.60 1.62 -15.39
N PHE MA 52 -124.02 0.42 -15.01
CA PHE MA 52 -125.21 -0.22 -15.55
C PHE MA 52 -126.40 -0.11 -14.62
N ARG MA 53 -126.31 0.68 -13.57
CA ARG MA 53 -127.40 0.83 -12.60
C ARG MA 53 -128.40 1.91 -13.02
N ASP MA 54 -128.47 2.22 -14.32
CA ASP MA 54 -129.42 3.19 -14.82
C ASP MA 54 -130.80 2.55 -14.90
N TYR MA 55 -131.75 3.21 -15.56
CA TYR MA 55 -133.15 2.80 -15.48
C TYR MA 55 -133.40 1.42 -16.04
N CYS MA 56 -132.47 0.85 -16.80
CA CYS MA 56 -132.67 -0.44 -17.45
C CYS MA 56 -132.35 -1.62 -16.55
N ALA MA 57 -132.18 -1.40 -15.25
CA ALA MA 57 -131.62 -2.43 -14.39
C ALA MA 57 -132.47 -3.69 -14.39
N HIS MA 58 -133.79 -3.54 -14.29
CA HIS MA 58 -134.65 -4.71 -14.15
C HIS MA 58 -134.50 -5.64 -15.33
N LEU MA 59 -134.41 -5.10 -16.54
CA LEU MA 59 -134.16 -5.94 -17.71
C LEU MA 59 -132.79 -6.59 -17.62
N ALA MA 60 -131.79 -5.84 -17.17
CA ALA MA 60 -130.46 -6.42 -17.01
C ALA MA 60 -130.47 -7.54 -15.98
N ILE MA 61 -131.23 -7.37 -14.90
CA ILE MA 61 -131.37 -8.44 -13.92
C ILE MA 61 -132.04 -9.65 -14.56
N ALA MA 62 -133.08 -9.42 -15.35
CA ALA MA 62 -133.73 -10.52 -16.05
C ALA MA 62 -132.74 -11.23 -16.96
N TYR MA 63 -131.82 -10.49 -17.55
CA TYR MA 63 -130.82 -11.10 -18.42
C TYR MA 63 -129.93 -12.06 -17.65
N GLN MA 64 -129.51 -11.67 -16.44
CA GLN MA 64 -128.67 -12.55 -15.64
C GLN MA 64 -129.46 -13.76 -15.16
N ALA MA 65 -130.74 -13.57 -14.81
CA ALA MA 65 -131.56 -14.69 -14.39
C ALA MA 65 -131.57 -15.78 -15.45
N CYS MA 66 -131.88 -15.40 -16.69
CA CYS MA 66 -131.91 -16.38 -17.77
C CYS MA 66 -130.50 -16.86 -18.10
N ARG MA 67 -129.55 -15.94 -18.25
CA ARG MA 67 -128.19 -16.31 -18.64
C ARG MA 67 -127.62 -17.33 -17.67
N SER MA 68 -127.77 -17.09 -16.37
CA SER MA 68 -127.34 -18.09 -15.39
C SER MA 68 -128.15 -19.38 -15.49
N ASP MA 69 -129.33 -19.32 -16.11
CA ASP MA 69 -130.20 -20.49 -16.18
C ASP MA 69 -129.75 -21.50 -17.22
N THR MA 70 -128.90 -21.10 -18.17
CA THR MA 70 -128.47 -21.97 -19.26
C THR MA 70 -126.97 -21.92 -19.50
N PHE MA 71 -126.20 -21.34 -18.59
CA PHE MA 71 -124.77 -21.19 -18.81
C PHE MA 71 -124.15 -22.58 -19.02
N PRO MA 72 -123.22 -22.73 -19.97
CA PRO MA 72 -122.58 -21.78 -20.87
C PRO MA 72 -123.34 -21.49 -22.17
N PHE MA 73 -124.35 -22.29 -22.48
CA PHE MA 73 -125.08 -22.16 -23.74
C PHE MA 73 -126.01 -20.94 -23.70
N VAL MA 74 -125.39 -19.77 -23.56
CA VAL MA 74 -126.15 -18.54 -23.42
C VAL MA 74 -126.89 -18.18 -24.69
N TYR MA 75 -126.52 -18.78 -25.83
CA TYR MA 75 -127.27 -18.52 -27.05
C TYR MA 75 -128.72 -18.94 -26.92
N LYS MA 76 -129.02 -19.85 -25.99
CA LYS MA 76 -130.41 -20.19 -25.69
C LYS MA 76 -131.15 -19.07 -24.96
N CYS MA 77 -130.49 -17.94 -24.71
CA CYS MA 77 -131.12 -16.75 -24.14
C CYS MA 77 -130.97 -15.54 -25.05
N ALA MA 78 -130.67 -15.76 -26.34
CA ALA MA 78 -130.51 -14.65 -27.26
C ALA MA 78 -131.77 -13.80 -27.33
N HIS MA 79 -132.93 -14.41 -27.10
CA HIS MA 79 -134.17 -13.66 -27.13
C HIS MA 79 -134.20 -12.58 -26.05
N GLN MA 80 -133.80 -12.94 -24.83
CA GLN MA 80 -133.84 -11.98 -23.72
C GLN MA 80 -132.91 -10.81 -23.98
N LYS MA 81 -131.74 -11.08 -24.53
CA LYS MA 81 -130.79 -10.01 -24.83
C LYS MA 81 -131.42 -8.95 -25.72
N HIS MA 82 -132.36 -9.34 -26.56
CA HIS MA 82 -132.98 -8.40 -27.47
C HIS MA 82 -133.75 -7.32 -26.71
N GLU MA 83 -134.50 -7.70 -25.67
CA GLU MA 83 -135.27 -6.72 -24.93
C GLU MA 83 -134.37 -5.73 -24.21
N TYR MA 84 -133.36 -6.22 -23.50
CA TYR MA 84 -132.49 -5.32 -22.77
C TYR MA 84 -131.87 -4.31 -23.72
N LEU MA 85 -131.35 -4.77 -24.85
CA LEU MA 85 -130.87 -3.86 -25.87
C LEU MA 85 -132.02 -3.06 -26.45
N THR MA 86 -133.18 -3.67 -26.60
CA THR MA 86 -134.34 -2.92 -27.11
C THR MA 86 -134.65 -1.75 -26.20
N CYS MA 87 -134.45 -1.92 -24.89
CA CYS MA 87 -134.78 -0.85 -23.96
C CYS MA 87 -133.68 0.20 -23.92
N GLU MA 88 -132.44 -0.22 -23.72
CA GLU MA 88 -131.34 0.74 -23.64
C GLU MA 88 -131.23 1.56 -24.91
N TYR MA 89 -131.76 1.07 -26.02
CA TYR MA 89 -131.86 1.90 -27.21
C TYR MA 89 -132.76 3.09 -26.95
N GLU MA 90 -133.86 2.89 -26.22
CA GLU MA 90 -134.77 3.99 -25.93
C GLU MA 90 -134.07 5.09 -25.16
N ASP MA 91 -133.30 4.72 -24.14
CA ASP MA 91 -132.59 5.72 -23.35
C ASP MA 91 -131.68 6.55 -24.22
N TYR MA 92 -131.01 5.92 -25.19
CA TYR MA 92 -130.17 6.69 -26.09
C TYR MA 92 -130.99 7.68 -26.88
N VAL MA 93 -132.21 7.29 -27.29
CA VAL MA 93 -133.09 8.23 -27.97
C VAL MA 93 -133.47 9.37 -27.04
N LEU MA 94 -133.83 9.03 -25.80
CA LEU MA 94 -134.18 10.07 -24.83
C LEU MA 94 -133.04 11.04 -24.64
N ARG MA 95 -131.81 10.52 -24.54
CA ARG MA 95 -130.65 11.41 -24.45
C ARG MA 95 -130.52 12.24 -25.72
N MET MA 96 -130.85 11.65 -26.87
CA MET MA 96 -130.79 12.41 -28.11
C MET MA 96 -131.83 13.52 -28.12
N LYS MA 97 -133.08 13.20 -27.79
CA LYS MA 97 -134.11 14.24 -27.73
C LYS MA 97 -133.74 15.29 -26.71
N GLU MA 98 -133.29 14.86 -25.53
CA GLU MA 98 -132.82 15.80 -24.52
C GLU MA 98 -131.77 16.74 -25.09
N PHE MA 99 -130.91 16.24 -25.96
CA PHE MA 99 -129.89 17.08 -26.56
C PHE MA 99 -130.51 18.05 -27.55
N GLU MA 100 -131.34 17.55 -28.47
CA GLU MA 100 -131.93 18.42 -29.48
C GLU MA 100 -132.77 19.50 -28.84
N ARG MA 101 -133.60 19.12 -27.87
CA ARG MA 101 -134.37 20.08 -27.10
C ARG MA 101 -133.53 21.27 -26.69
N GLU MA 102 -132.41 21.01 -26.00
CA GLU MA 102 -131.54 22.09 -25.58
C GLU MA 102 -130.97 22.84 -26.77
N ARG MA 103 -130.59 22.12 -27.82
CA ARG MA 103 -130.05 22.81 -29.00
C ARG MA 103 -131.10 23.71 -29.61
N ARG MA 104 -132.34 23.22 -29.72
CA ARG MA 104 -133.41 24.03 -30.28
C ARG MA 104 -133.72 25.22 -29.36
N LEU MA 105 -133.76 24.97 -28.05
CA LEU MA 105 -134.02 26.05 -27.11
C LEU MA 105 -132.87 27.06 -27.11
N LEU MA 106 -131.63 26.57 -27.04
CA LEU MA 106 -130.49 27.46 -27.03
C LEU MA 106 -130.49 28.36 -28.26
N GLU MA 107 -131.01 27.87 -29.38
CA GLU MA 107 -131.17 28.72 -30.55
C GLU MA 107 -132.21 29.80 -30.32
N ARG MA 108 -133.30 29.45 -29.64
CA ARG MA 108 -134.38 30.42 -29.45
C ARG MA 108 -133.90 31.63 -28.67
N GLN MA 109 -133.16 31.40 -27.59
CA GLN MA 109 -132.72 32.52 -26.75
C GLN MA 109 -131.79 33.44 -27.52
N LYS MA 110 -130.96 32.89 -28.41
CA LYS MA 110 -130.11 33.75 -29.23
C LYS MA 110 -130.95 34.68 -30.09
N ARG MA 111 -132.03 34.16 -30.69
CA ARG MA 111 -132.86 34.97 -31.57
C ARG MA 111 -133.48 36.13 -30.82
N LEU MA 112 -134.01 35.88 -29.63
CA LEU MA 112 -134.70 36.90 -28.87
C LEU MA 112 -133.72 37.78 -28.12
N PRO NA 1 -129.21 -26.39 -8.89
CA PRO NA 1 -128.24 -26.41 -9.99
C PRO NA 1 -128.87 -26.04 -11.33
N ARG NA 2 -129.46 -24.84 -11.39
CA ARG NA 2 -130.25 -24.46 -12.56
C ARG NA 2 -129.45 -24.46 -13.85
N SER NA 3 -128.14 -24.31 -13.76
CA SER NA 3 -127.33 -24.29 -14.97
C SER NA 3 -126.85 -25.69 -15.31
N PRO NA 4 -126.65 -26.01 -16.59
CA PRO NA 4 -126.08 -27.33 -16.91
C PRO NA 4 -124.68 -27.52 -16.34
N MET NA 5 -123.77 -26.57 -16.58
CA MET NA 5 -122.41 -26.74 -16.10
C MET NA 5 -122.37 -26.77 -14.58
N ALA NA 6 -123.10 -25.85 -13.93
CA ALA NA 6 -123.14 -25.84 -12.47
C ALA NA 6 -123.58 -27.19 -11.92
N SER NA 7 -124.47 -27.88 -12.64
CA SER NA 7 -124.80 -29.25 -12.27
C SER NA 7 -123.59 -30.14 -12.41
N PHE NA 8 -122.80 -29.94 -13.47
CA PHE NA 8 -121.56 -30.69 -13.61
C PHE NA 8 -120.49 -30.19 -12.64
N ALA NA 9 -120.51 -28.89 -12.33
CA ALA NA 9 -119.53 -28.35 -11.39
C ALA NA 9 -119.65 -29.04 -10.04
N GLU NA 10 -120.86 -29.12 -9.50
CA GLU NA 10 -121.04 -29.73 -8.19
C GLU NA 10 -120.61 -31.18 -8.19
N SER NA 11 -120.73 -31.85 -9.34
CA SER NA 11 -120.32 -33.25 -9.40
C SER NA 11 -118.85 -33.40 -9.07
N VAL NA 12 -118.01 -32.52 -9.60
CA VAL NA 12 -116.58 -32.60 -9.32
C VAL NA 12 -116.32 -32.26 -7.85
N LEU NA 13 -116.97 -31.21 -7.34
CA LEU NA 13 -116.76 -30.82 -5.95
C LEU NA 13 -117.12 -31.93 -4.99
N ASN NA 14 -118.05 -32.80 -5.37
CA ASN NA 14 -118.30 -33.99 -4.57
C ASN NA 14 -117.12 -34.95 -4.66
N VAL NA 15 -116.50 -35.04 -5.84
CA VAL NA 15 -115.42 -36.01 -6.04
C VAL NA 15 -114.17 -35.60 -5.28
N ILE NA 16 -113.85 -34.31 -5.26
CA ILE NA 16 -112.63 -33.88 -4.58
C ILE NA 16 -112.86 -33.76 -3.08
N ASP NA 17 -114.08 -33.44 -2.66
CA ASP NA 17 -114.36 -33.28 -1.24
C ASP NA 17 -114.59 -34.62 -0.55
N GLY NA 18 -115.22 -35.55 -1.24
CA GLY NA 18 -115.65 -36.79 -0.62
C GLY NA 18 -114.51 -37.55 0.03
N PRO NA 19 -113.46 -37.83 -0.72
CA PRO NA 19 -112.33 -38.57 -0.14
C PRO NA 19 -111.65 -37.83 0.99
N ILE NA 20 -111.32 -36.55 0.80
CA ILE NA 20 -110.53 -35.85 1.81
C ILE NA 20 -111.27 -35.79 3.14
N THR NA 21 -112.57 -35.55 3.11
CA THR NA 21 -113.34 -35.58 4.35
C THR NA 21 -113.28 -36.97 4.97
N TRP NA 22 -113.44 -38.01 4.15
CA TRP NA 22 -113.31 -39.36 4.66
C TRP NA 22 -111.91 -39.60 5.21
N PHE NA 23 -110.89 -39.20 4.45
CA PHE NA 23 -109.52 -39.39 4.91
C PHE NA 23 -109.27 -38.64 6.20
N ARG NA 24 -109.75 -37.40 6.28
CA ARG NA 24 -109.62 -36.64 7.51
C ARG NA 24 -110.34 -37.34 8.66
N GLU NA 25 -111.55 -37.82 8.40
CA GLU NA 25 -112.35 -38.47 9.43
C GLU NA 25 -111.90 -39.89 9.70
N SER NA 26 -111.31 -40.57 8.71
CA SER NA 26 -111.00 -41.97 8.87
C SER NA 26 -109.64 -42.22 9.52
N ILE NA 27 -108.64 -41.41 9.19
CA ILE NA 27 -107.27 -41.69 9.61
C ILE NA 27 -106.75 -40.58 10.51
N VAL NA 28 -106.70 -39.36 9.98
CA VAL NA 28 -105.98 -38.29 10.67
C VAL NA 28 -106.64 -37.98 12.00
N GLU NA 29 -107.88 -37.50 11.97
CA GLU NA 29 -108.53 -37.08 13.22
C GLU NA 29 -108.65 -38.20 14.24
N PRO NA 30 -109.19 -39.39 13.92
CA PRO NA 30 -109.40 -40.38 14.98
C PRO NA 30 -108.15 -40.81 15.70
N ASN NA 31 -107.00 -40.84 15.02
CA ASN NA 31 -105.79 -41.39 15.59
C ASN NA 31 -104.99 -40.37 16.40
N GLN NA 32 -105.33 -39.09 16.35
CA GLN NA 32 -104.54 -38.07 17.01
C GLN NA 32 -104.82 -38.06 18.51
N GLN NA 33 -103.99 -37.31 19.24
CA GLN NA 33 -104.05 -37.21 20.69
C GLN NA 33 -104.52 -35.82 21.11
N LYS NA 34 -105.05 -35.76 22.32
CA LYS NA 34 -105.52 -34.50 22.91
C LYS NA 34 -104.36 -33.81 23.61
N GLN NA 35 -104.17 -32.53 23.30
CA GLN NA 35 -103.10 -31.75 23.89
C GLN NA 35 -103.45 -30.28 23.70
N ASN NA 36 -103.11 -29.46 24.69
CA ASN NA 36 -103.43 -28.05 24.68
C ASN NA 36 -102.18 -27.21 24.69
N TRP NA 37 -102.22 -26.09 23.97
CA TRP NA 37 -101.14 -25.12 23.96
C TRP NA 37 -101.70 -23.75 24.29
N TYR NA 38 -100.89 -22.93 24.94
CA TYR NA 38 -101.33 -21.72 25.59
C TYR NA 38 -100.80 -20.48 24.86
N HIS NA 39 -101.03 -19.32 25.45
CA HIS NA 39 -100.67 -18.04 24.86
C HIS NA 39 -99.82 -17.25 25.85
N GLN NA 40 -98.64 -16.83 25.40
CA GLN NA 40 -97.74 -16.04 26.23
C GLN NA 40 -98.44 -14.80 26.77
N ARG NA 41 -98.24 -14.53 28.06
CA ARG NA 41 -98.67 -13.28 28.69
C ARG NA 41 -97.47 -12.62 29.32
N PHE NA 42 -97.33 -11.31 29.08
CA PHE NA 42 -96.19 -10.56 29.58
C PHE NA 42 -96.67 -9.53 30.59
N ARG NA 43 -96.15 -9.63 31.81
CA ARG NA 43 -96.47 -8.64 32.84
C ARG NA 43 -95.88 -7.29 32.44
N ARG NA 44 -96.70 -6.25 32.51
CA ARG NA 44 -96.22 -4.92 32.17
C ARG NA 44 -95.07 -4.54 33.09
N VAL NA 45 -94.06 -3.89 32.53
CA VAL NA 45 -92.85 -3.56 33.27
C VAL NA 45 -92.70 -2.04 33.27
N PRO NA 46 -91.89 -1.49 34.17
CA PRO NA 46 -91.80 -0.03 34.27
C PRO NA 46 -91.33 0.60 32.98
N THR NA 47 -91.89 1.77 32.68
CA THR NA 47 -91.53 2.48 31.47
C THR NA 47 -90.15 3.10 31.62
N ILE NA 48 -89.61 3.60 30.50
CA ILE NA 48 -88.26 4.13 30.51
C ILE NA 48 -88.15 5.35 31.40
N ASP NA 49 -89.26 6.06 31.61
CA ASP NA 49 -89.20 7.28 32.42
C ASP NA 49 -88.76 6.98 33.84
N GLN NA 50 -89.23 5.87 34.42
CA GLN NA 50 -88.81 5.51 35.77
C GLN NA 50 -87.36 5.10 35.83
N CYS NA 51 -86.77 4.68 34.72
CA CYS NA 51 -85.40 4.17 34.74
C CYS NA 51 -84.42 5.30 35.04
N TYR NA 52 -83.38 4.96 35.81
CA TYR NA 52 -82.30 5.89 36.07
C TYR NA 52 -81.40 5.99 34.85
N THR NA 53 -80.57 7.03 34.84
CA THR NA 53 -79.68 7.25 33.70
C THR NA 53 -78.43 6.40 33.75
N ASP NA 54 -78.21 5.64 34.83
CA ASP NA 54 -76.99 4.86 34.98
C ASP NA 54 -77.20 3.36 34.96
N ASP NA 55 -78.41 2.88 35.22
CA ASP NA 55 -78.68 1.45 35.23
C ASP NA 55 -79.08 0.99 33.84
N ALA NA 56 -78.55 -0.15 33.42
CA ALA NA 56 -78.80 -0.69 32.10
C ALA NA 56 -79.84 -1.78 32.09
N VAL NA 57 -79.99 -2.53 33.17
CA VAL NA 57 -80.99 -3.61 33.18
C VAL NA 57 -82.39 -3.03 33.07
N CYS NA 58 -82.66 -1.93 33.78
CA CYS NA 58 -83.98 -1.32 33.70
C CYS NA 58 -84.22 -0.73 32.32
N ARG NA 59 -83.21 -0.13 31.72
CA ARG NA 59 -83.35 0.30 30.34
C ARG NA 59 -83.57 -0.89 29.43
N PHE NA 60 -82.82 -1.97 29.64
CA PHE NA 60 -82.99 -3.15 28.80
C PHE NA 60 -84.39 -3.73 28.96
N GLU NA 61 -84.93 -3.68 30.19
CA GLU NA 61 -86.29 -4.16 30.39
C GLU NA 61 -87.28 -3.40 29.54
N ALA NA 62 -87.17 -2.07 29.52
CA ALA NA 62 -88.14 -1.25 28.81
C ALA NA 62 -87.94 -1.32 27.30
N ASP NA 63 -86.68 -1.39 26.86
CA ASP NA 63 -86.43 -1.44 25.43
C ASP NA 63 -87.08 -2.66 24.80
N GLN NA 64 -86.98 -3.82 25.45
CA GLN NA 64 -87.65 -4.99 24.94
C GLN NA 64 -89.17 -4.84 25.00
N GLN NA 65 -89.68 -4.28 26.10
CA GLN NA 65 -91.12 -4.05 26.18
C GLN NA 65 -91.58 -3.11 25.09
N PHE NA 66 -90.83 -2.04 24.85
CA PHE NA 66 -91.18 -1.13 23.77
C PHE NA 66 -91.22 -1.87 22.44
N ARG NA 67 -90.26 -2.75 22.21
CA ARG NA 67 -90.21 -3.46 20.94
C ARG NA 67 -91.38 -4.40 20.77
N ARG NA 68 -91.74 -5.15 21.82
CA ARG NA 68 -92.89 -6.02 21.74
C ARG NA 68 -94.15 -5.23 21.45
N ASP NA 69 -94.34 -4.11 22.16
CA ASP NA 69 -95.50 -3.28 21.90
C ASP NA 69 -95.46 -2.72 20.49
N ARG NA 70 -94.27 -2.48 19.96
CA ARG NA 70 -94.18 -2.01 18.58
C ARG NA 70 -94.77 -3.04 17.63
N MET NA 71 -94.40 -4.31 17.79
CA MET NA 71 -94.95 -5.34 16.92
C MET NA 71 -96.46 -5.39 17.02
N VAL NA 72 -96.98 -5.42 18.24
CA VAL NA 72 -98.44 -5.44 18.41
C VAL NA 72 -99.04 -4.23 17.71
N ASP NA 73 -98.42 -3.07 17.87
CA ASP NA 73 -98.92 -1.88 17.23
C ASP NA 73 -98.61 -1.83 15.73
N ASN NA 74 -97.51 -2.45 15.28
CA ASN NA 74 -97.28 -2.50 13.84
C ASN NA 74 -98.42 -3.21 13.13
N GLU NA 75 -98.86 -4.32 13.69
CA GLU NA 75 -99.79 -5.17 12.99
C GLU NA 75 -101.25 -4.97 13.39
N ILE NA 76 -101.52 -4.28 14.50
CA ILE NA 76 -102.89 -3.82 14.67
C ILE NA 76 -103.26 -2.91 13.52
N VAL NA 77 -102.28 -2.20 12.98
CA VAL NA 77 -102.50 -1.50 11.73
C VAL NA 77 -102.71 -2.49 10.60
N ASN NA 78 -101.92 -3.57 10.58
CA ASN NA 78 -102.04 -4.55 9.52
C ASN NA 78 -103.41 -5.19 9.50
N ILE NA 79 -103.95 -5.51 10.67
CA ILE NA 79 -105.30 -6.08 10.72
C ILE NA 79 -106.31 -5.10 10.16
N LEU NA 80 -106.19 -3.83 10.56
CA LEU NA 80 -107.14 -2.84 10.07
C LEU NA 80 -107.02 -2.64 8.57
N ARG NA 81 -105.81 -2.79 8.03
CA ARG NA 81 -105.66 -2.75 6.58
C ARG NA 81 -106.38 -3.92 5.93
N GLN NA 82 -106.26 -5.11 6.52
CA GLN NA 82 -106.91 -6.29 5.94
C GLN NA 82 -108.42 -6.18 5.98
N ARG NA 83 -108.97 -5.46 6.95
CA ARG NA 83 -110.42 -5.26 6.97
C ARG NA 83 -110.86 -4.45 5.77
N PHE NA 84 -110.24 -3.29 5.56
CA PHE NA 84 -110.53 -2.52 4.37
C PHE NA 84 -110.14 -3.28 3.11
N GLU NA 85 -109.15 -4.16 3.24
CA GLU NA 85 -108.78 -5.05 2.15
C GLU NA 85 -109.94 -5.96 1.80
N ASP NA 86 -110.55 -6.57 2.82
CA ASP NA 86 -111.56 -7.59 2.60
C ASP NA 86 -112.91 -6.97 2.23
N CYS NA 87 -113.22 -5.81 2.79
CA CYS NA 87 -114.49 -5.17 2.46
C CYS NA 87 -114.53 -4.78 1.00
N THR NA 88 -113.42 -4.29 0.47
CA THR NA 88 -113.37 -3.90 -0.94
C THR NA 88 -113.62 -5.09 -1.85
N LEU NA 89 -113.27 -6.30 -1.41
CA LEU NA 89 -113.48 -7.49 -2.22
C LEU NA 89 -114.83 -8.13 -1.97
N TYR NA 90 -115.39 -7.95 -0.79
CA TYR NA 90 -116.67 -8.55 -0.44
C TYR NA 90 -117.86 -7.64 -0.70
N GLU NA 91 -117.62 -6.39 -1.12
CA GLU NA 91 -118.70 -5.44 -1.31
C GLU NA 91 -118.72 -4.81 -2.69
N ALA NA 92 -117.74 -5.10 -3.55
CA ALA NA 92 -117.76 -4.53 -4.87
C ALA NA 92 -118.98 -5.05 -5.63
N PRO NA 93 -119.48 -4.32 -6.62
CA PRO NA 93 -119.01 -3.04 -7.17
C PRO NA 93 -119.34 -1.85 -6.29
N ASP NA 94 -120.36 -1.97 -5.44
CA ASP NA 94 -120.71 -0.92 -4.50
C ASP NA 94 -119.90 -1.13 -3.22
N HIS NA 95 -118.63 -0.75 -3.28
CA HIS NA 95 -117.73 -0.87 -2.14
C HIS NA 95 -117.27 0.47 -1.60
N MET NA 96 -117.42 1.55 -2.35
CA MET NA 96 -116.99 2.84 -1.83
C MET NA 96 -117.77 3.24 -0.59
N VAL NA 97 -119.08 3.02 -0.60
CA VAL NA 97 -119.91 3.44 0.53
C VAL NA 97 -119.54 2.64 1.78
N LYS NA 98 -119.19 1.37 1.63
CA LYS NA 98 -118.96 0.51 2.78
C LYS NA 98 -117.52 0.50 3.27
N CYS NA 99 -116.54 0.61 2.38
CA CYS NA 99 -115.16 0.64 2.83
C CYS NA 99 -114.79 2.00 3.41
N ARG NA 100 -115.52 3.05 3.04
CA ARG NA 100 -115.19 4.39 3.51
C ARG NA 100 -115.06 4.49 5.03
N PRO NA 101 -115.99 3.96 5.83
CA PRO NA 101 -115.74 3.96 7.28
C PRO NA 101 -114.53 3.14 7.69
N LEU NA 102 -114.32 1.98 7.08
CA LEU NA 102 -113.17 1.16 7.44
C LEU NA 102 -111.87 1.88 7.15
N MET NA 103 -111.77 2.53 5.99
CA MET NA 103 -110.57 3.29 5.69
C MET NA 103 -110.38 4.44 6.68
N ASP NA 104 -111.47 5.03 7.16
CA ASP NA 104 -111.34 6.08 8.16
C ASP NA 104 -110.71 5.53 9.44
N GLN NA 105 -111.11 4.33 9.85
CA GLN NA 105 -110.44 3.69 10.98
C GLN NA 105 -108.97 3.45 10.67
N TYR NA 106 -108.67 3.02 9.44
CA TYR NA 106 -107.29 2.71 9.09
C TYR NA 106 -106.42 3.95 9.12
N GLU NA 107 -106.87 5.03 8.48
CA GLU NA 107 -106.02 6.21 8.37
C GLU NA 107 -105.74 6.82 9.73
N LYS NA 108 -106.73 6.82 10.63
CA LYS NA 108 -106.48 7.32 11.98
C LYS NA 108 -105.41 6.50 12.68
N ALA NA 109 -105.50 5.17 12.55
CA ALA NA 109 -104.52 4.32 13.22
C ALA NA 109 -103.13 4.59 12.71
N THR NA 110 -102.98 4.79 11.39
CA THR NA 110 -101.65 5.06 10.85
C THR NA 110 -101.05 6.31 11.46
N GLU NA 111 -101.85 7.37 11.58
CA GLU NA 111 -101.31 8.61 12.13
C GLU NA 111 -100.89 8.42 13.58
N ASN NA 112 -101.74 7.79 14.38
CA ASN NA 112 -101.34 7.49 15.75
C ASN NA 112 -100.11 6.61 15.77
N TRP NA 113 -100.05 5.63 14.87
CA TRP NA 113 -98.85 4.83 14.74
C TRP NA 113 -97.66 5.69 14.36
N PHE NA 114 -97.85 6.60 13.42
CA PHE NA 114 -96.75 7.45 12.98
C PHE NA 114 -96.40 8.53 13.98
N ILE NA 115 -97.34 8.94 14.82
CA ILE NA 115 -97.00 9.90 15.86
C ILE NA 115 -96.13 9.24 16.92
N LYS NA 116 -96.28 7.93 17.11
CA LYS NA 116 -95.59 7.24 18.20
C LYS NA 116 -94.26 6.66 17.75
N TYR NA 117 -94.28 5.76 16.78
CA TYR NA 117 -93.05 5.14 16.29
C TYR NA 117 -92.47 5.83 15.08
N GLY NA 118 -93.14 6.84 14.54
CA GLY NA 118 -92.72 7.40 13.28
C GLY NA 118 -91.42 8.17 13.41
N ASP NA 119 -90.70 8.24 12.30
CA ASP NA 119 -89.55 9.12 12.14
C ASP NA 119 -88.40 8.78 13.08
N LEU NA 120 -88.42 7.59 13.67
CA LEU NA 120 -87.30 7.15 14.49
C LEU NA 120 -86.31 6.31 13.71
N GLY NA 121 -86.74 5.67 12.62
CA GLY NA 121 -85.86 4.82 11.87
C GLY NA 121 -85.53 3.57 12.67
N GLY NA 122 -84.59 2.81 12.13
CA GLY NA 122 -84.01 1.73 12.91
C GLY NA 122 -83.20 2.29 14.06
N TYR NA 123 -82.95 1.44 15.04
CA TYR NA 123 -82.36 1.80 16.33
C TYR NA 123 -83.33 2.55 17.21
N ALA NA 124 -84.57 2.73 16.78
CA ALA NA 124 -85.58 3.31 17.65
C ALA NA 124 -85.69 2.47 18.91
N ASN NA 125 -85.69 3.13 20.06
CA ASN NA 125 -85.70 2.45 21.35
C ASN NA 125 -86.61 3.22 22.30
N ALA NA 126 -86.81 2.64 23.47
CA ALA NA 126 -87.70 3.26 24.45
C ALA NA 126 -87.27 4.70 24.75
N LYS NA 127 -85.97 4.92 24.88
CA LYS NA 127 -85.49 6.26 25.21
C LYS NA 127 -85.83 7.23 24.10
N THR NA 128 -85.57 6.86 22.85
CA THR NA 128 -85.81 7.79 21.75
C THR NA 128 -87.29 8.07 21.59
N ALA NA 129 -88.13 7.03 21.64
CA ALA NA 129 -89.55 7.25 21.46
C ALA NA 129 -90.11 8.14 22.55
N TYR NA 130 -89.71 7.91 23.79
CA TYR NA 130 -90.19 8.74 24.89
C TYR NA 130 -89.72 10.18 24.73
N MET NA 131 -88.51 10.38 24.23
CA MET NA 131 -87.97 11.72 24.12
C MET NA 131 -88.61 12.49 22.97
N LYS NA 132 -89.01 11.80 21.91
CA LYS NA 132 -89.82 12.43 20.88
C LYS NA 132 -91.11 12.95 21.49
N GLN NA 133 -91.74 12.16 22.37
CA GLN NA 133 -92.98 12.59 22.98
C GLN NA 133 -92.79 13.85 23.82
N LYS NA 134 -91.71 13.89 24.60
CA LYS NA 134 -91.46 15.08 25.43
C LYS NA 134 -91.28 16.31 24.57
N HIS NA 135 -90.52 16.21 23.49
CA HIS NA 135 -90.36 17.35 22.60
C HIS NA 135 -91.67 17.69 21.90
N ARG NA 136 -92.44 16.67 21.51
CA ARG NA 136 -93.69 16.95 20.83
C ARG NA 136 -94.65 17.71 21.73
N LEU NA 137 -94.76 17.29 22.98
CA LEU NA 137 -95.70 17.93 23.89
C LEU NA 137 -95.31 19.38 24.14
N ILE NA 138 -94.01 19.64 24.31
CA ILE NA 138 -93.55 21.01 24.55
C ILE NA 138 -93.94 21.89 23.37
N TRP NA 139 -93.72 21.41 22.15
CA TRP NA 139 -94.09 22.19 20.99
C TRP NA 139 -95.60 22.40 20.92
N GLU NA 140 -96.37 21.42 21.38
CA GLU NA 140 -97.81 21.53 21.30
C GLU NA 140 -98.32 22.69 22.15
N ARG NA 141 -97.85 22.79 23.40
CA ARG NA 141 -98.33 23.87 24.26
C ARG NA 141 -97.84 25.22 23.79
N ARG NA 142 -96.71 25.27 23.11
CA ARG NA 142 -96.13 26.53 22.69
C ARG NA 142 -96.66 26.99 21.34
N HIS NA 143 -96.67 26.09 20.35
CA HIS NA 143 -97.06 26.44 18.99
C HIS NA 143 -98.39 25.82 18.58
N GLY NA 144 -99.09 25.16 19.50
CA GLY NA 144 -100.31 24.49 19.15
C GLY NA 144 -100.04 23.20 18.41
N PRO NA 145 -101.08 22.57 17.87
CA PRO NA 145 -100.87 21.30 17.16
C PRO NA 145 -99.98 21.49 15.94
N VAL NA 146 -99.22 20.43 15.64
CA VAL NA 146 -98.37 20.47 14.46
C VAL NA 146 -99.22 20.71 13.21
N GLY NA 147 -98.55 21.19 12.16
CA GLY NA 147 -99.23 21.53 10.94
C GLY NA 147 -99.73 22.95 10.88
N SER NA 148 -99.84 23.62 12.02
CA SER NA 148 -100.19 25.03 12.07
C SER NA 148 -98.97 25.94 12.02
N GLY NA 149 -97.77 25.38 12.08
CA GLY NA 149 -96.57 26.18 12.09
C GLY NA 149 -96.29 26.76 13.46
N MET NA 150 -95.21 27.53 13.52
CA MET NA 150 -94.82 28.20 14.76
C MET NA 150 -95.41 29.60 14.79
N LYS NA 151 -95.22 30.30 15.90
CA LYS NA 151 -95.72 31.64 16.08
C LYS NA 151 -94.62 32.66 15.89
N ILE OA 1 50.17 15.29 55.54
CA ILE OA 1 50.38 15.26 56.97
C ILE OA 1 51.61 16.10 57.32
N ASN OA 2 52.63 16.06 56.46
CA ASN OA 2 53.83 16.88 56.66
C ASN OA 2 54.33 17.49 55.35
N ARG OA 3 53.47 17.62 54.34
CA ARG OA 3 53.89 18.26 53.10
C ARG OA 3 54.08 19.77 53.27
N LEU OA 4 53.50 20.36 54.32
CA LEU OA 4 53.66 21.79 54.53
C LEU OA 4 55.13 22.14 54.75
N THR OA 5 55.86 21.31 55.49
CA THR OA 5 57.27 21.56 55.70
C THR OA 5 58.02 21.60 54.37
N LYS OA 6 57.68 20.70 53.44
CA LYS OA 6 58.20 20.84 52.09
C LYS OA 6 57.70 22.13 51.46
N LEU OA 7 56.41 22.45 51.66
CA LEU OA 7 55.82 23.60 51.00
C LEU OA 7 56.51 24.89 51.42
N PHE OA 8 56.75 25.04 52.73
CA PHE OA 8 57.48 26.22 53.19
C PHE OA 8 58.85 26.30 52.56
N GLN OA 9 59.53 25.15 52.45
CA GLN OA 9 60.86 25.15 51.86
C GLN OA 9 60.84 25.67 50.44
N MET OA 10 59.88 25.18 49.62
CA MET OA 10 59.79 25.63 48.24
C MET OA 10 59.72 27.15 48.17
N VAL OA 11 59.05 27.77 49.14
CA VAL OA 11 58.97 29.23 49.17
C VAL OA 11 60.35 29.84 49.38
N ARG OA 12 61.14 29.25 50.28
CA ARG OA 12 62.39 29.89 50.67
C ARG OA 12 63.34 30.04 49.48
N GLU OA 13 63.61 28.94 48.76
CA GLU OA 13 64.39 29.07 47.54
C GLU OA 13 63.64 29.90 46.50
N ALA OA 14 62.30 29.88 46.53
CA ALA OA 14 61.55 30.71 45.59
C ALA OA 14 61.78 32.19 45.85
N GLY OA 15 61.89 32.58 47.12
CA GLY OA 15 62.10 33.97 47.47
C GLY OA 15 60.87 34.64 48.05
N GLY OA 16 60.15 33.92 48.91
CA GLY OA 16 58.95 34.45 49.53
C GLY OA 16 57.72 34.20 48.69
N LEU OA 17 56.56 34.42 49.32
CA LEU OA 17 55.29 34.16 48.65
C LEU OA 17 55.19 34.92 47.33
N LYS OA 18 55.77 36.11 47.26
CA LYS OA 18 55.69 36.90 46.04
C LYS OA 18 56.37 36.20 44.88
N GLN OA 19 57.60 35.72 45.10
CA GLN OA 19 58.30 34.99 44.05
C GLN OA 19 57.77 33.57 43.90
N ALA OA 20 57.24 32.98 44.97
CA ALA OA 20 56.62 31.67 44.87
C ALA OA 20 55.40 31.73 43.95
N TYR OA 21 54.56 32.74 44.12
CA TYR OA 21 53.37 32.85 43.30
C TYR OA 21 53.72 33.00 41.83
N LEU OA 22 54.70 33.85 41.52
CA LEU OA 22 55.10 34.03 40.12
C LEU OA 22 55.66 32.73 39.55
N LYS OA 23 56.35 31.95 40.39
CA LYS OA 23 56.81 30.65 39.93
C LYS OA 23 55.64 29.73 39.63
N LEU OA 24 54.68 29.66 40.54
CA LEU OA 24 53.50 28.83 40.31
C LEU OA 24 52.74 29.33 39.10
N TYR OA 25 52.62 30.64 38.96
CA TYR OA 25 51.92 31.21 37.82
C TYR OA 25 52.62 30.91 36.50
N ARG OA 26 53.92 30.66 36.53
CA ARG OA 26 54.70 30.47 35.31
C ARG OA 26 54.88 28.99 34.97
N ASN OA 27 55.40 28.22 35.91
CA ASN OA 27 55.69 26.82 35.66
C ASN OA 27 54.52 25.90 35.96
N ASP OA 28 53.44 26.41 36.56
CA ASP OA 28 52.26 25.64 36.93
C ASP OA 28 52.56 24.55 37.96
N ASP OA 29 53.71 24.60 38.60
CA ASP OA 29 54.06 23.59 39.59
C ASP OA 29 55.23 24.10 40.42
N LEU OA 30 55.31 23.63 41.66
CA LEU OA 30 56.41 23.93 42.57
C LEU OA 30 57.11 22.63 42.90
N LYS OA 31 58.40 22.55 42.58
CA LYS OA 31 59.16 21.32 42.71
C LYS OA 31 60.52 21.63 43.31
N ILE OA 32 61.04 20.68 44.09
CA ILE OA 32 62.36 20.78 44.69
C ILE OA 32 63.35 20.04 43.81
N GLY OA 33 64.44 20.70 43.47
CA GLY OA 33 65.47 20.05 42.67
C GLY OA 33 66.80 20.73 42.82
N THR OA 34 67.84 20.02 42.43
CA THR OA 34 69.20 20.54 42.46
C THR OA 34 69.57 21.06 41.08
N LEU OA 35 70.13 22.27 41.04
CA LEU OA 35 70.54 22.88 39.80
C LEU OA 35 71.66 22.07 39.16
N VAL OA 36 71.36 21.34 38.09
CA VAL OA 36 72.39 20.56 37.42
C VAL OA 36 73.36 21.47 36.67
N GLY OA 37 72.84 22.46 35.96
CA GLY OA 37 73.70 23.35 35.20
C GLY OA 37 72.90 24.47 34.57
N ILE OA 38 73.63 25.33 33.87
CA ILE OA 38 73.06 26.50 33.22
C ILE OA 38 73.61 26.56 31.80
N ASP OA 39 72.72 26.69 30.82
CA ASP OA 39 73.14 26.73 29.43
C ASP OA 39 73.61 28.15 29.08
N LYS OA 40 74.02 28.32 27.83
CA LYS OA 40 74.51 29.63 27.40
C LYS OA 40 73.42 30.69 27.48
N TYR OA 41 72.16 30.31 27.32
CA TYR OA 41 71.07 31.26 27.18
C TYR OA 41 70.31 31.50 28.48
N GLY OA 42 70.75 30.92 29.60
CA GLY OA 42 70.20 31.21 30.90
C GLY OA 42 69.26 30.15 31.45
N ASN OA 43 68.78 29.24 30.61
CA ASN OA 43 67.90 28.18 31.10
C ASN OA 43 68.62 27.36 32.16
N LYS OA 44 67.93 27.10 33.27
CA LYS OA 44 68.50 26.37 34.38
C LYS OA 44 67.87 24.99 34.43
N TYR OA 45 68.72 23.96 34.51
CA TYR OA 45 68.28 22.57 34.45
C TYR OA 45 68.38 21.93 35.82
N PHE OA 46 67.28 21.31 36.25
CA PHE OA 46 67.16 20.74 37.58
C PHE OA 46 66.98 19.24 37.49
N GLU OA 47 67.24 18.57 38.59
CA GLU OA 47 67.04 17.13 38.68
C GLU OA 47 66.73 16.74 40.11
N ASN OA 48 65.82 15.79 40.26
CA ASN OA 48 65.49 15.23 41.56
C ASN OA 48 64.95 13.82 41.38
N PRO OA 49 65.69 12.77 41.76
CA PRO OA 49 65.16 11.41 41.58
C PRO OA 49 63.92 11.12 42.40
N TYR OA 50 63.60 11.97 43.38
CA TYR OA 50 62.41 11.77 44.20
C TYR OA 50 61.17 11.58 43.35
N TYR OA 51 61.01 12.43 42.34
CA TYR OA 51 59.87 12.31 41.44
C TYR OA 51 60.04 11.11 40.52
N PHE OA 52 58.95 10.71 39.88
CA PHE OA 52 59.01 9.55 39.01
C PHE OA 52 59.61 9.94 37.67
N TYR OA 53 59.82 8.92 36.83
CA TYR OA 53 60.81 9.00 35.77
C TYR OA 53 60.57 10.17 34.83
N GLY OA 54 59.34 10.32 34.34
CA GLY OA 54 59.08 11.36 33.34
C GLY OA 54 59.34 12.76 33.87
N ARG OA 55 58.94 13.02 35.11
CA ARG OA 55 59.08 14.33 35.73
C ARG OA 55 60.39 14.49 36.47
N ASN OA 56 61.35 13.61 36.22
CA ASN OA 56 62.57 13.58 37.01
C ASN OA 56 63.47 14.78 36.71
N ARG OA 57 63.56 15.17 35.45
CA ARG OA 57 64.43 16.28 35.04
C ARG OA 57 63.58 17.35 34.38
N TRP OA 58 63.75 18.59 34.80
CA TRP OA 58 62.96 19.69 34.28
C TRP OA 58 63.85 20.90 34.05
N ILE OA 59 63.29 21.88 33.35
CA ILE OA 59 64.02 23.05 32.90
C ILE OA 59 63.26 24.30 33.30
N GLU OA 60 63.98 25.33 33.70
CA GLU OA 60 63.43 26.66 33.92
C GLU OA 60 63.84 27.55 32.76
N PHE OA 61 62.87 28.10 32.05
CA PHE OA 61 63.20 28.95 30.93
C PHE OA 61 63.73 30.30 31.42
N ALA OA 62 64.39 31.00 30.52
CA ALA OA 62 65.04 32.24 30.91
C ALA OA 62 63.98 33.25 31.35
N PRO OA 63 64.27 34.09 32.35
CA PRO OA 63 63.22 35.00 32.85
C PRO OA 63 62.65 35.93 31.79
N HIS OA 64 63.47 36.42 30.87
CA HIS OA 64 63.01 37.44 29.95
C HIS OA 64 61.92 36.95 29.01
N VAL OA 65 61.80 35.63 28.82
CA VAL OA 65 60.77 35.10 27.95
C VAL OA 65 59.40 35.35 28.54
N ASN OA 66 59.15 34.80 29.72
CA ASN OA 66 58.04 35.13 30.61
C ASN OA 66 56.68 34.63 30.16
N MET OA 67 56.47 34.36 28.88
CA MET OA 67 55.40 33.43 28.53
C MET OA 67 55.57 32.78 27.17
N ASP OA 68 56.62 33.13 26.43
CA ASP OA 68 56.81 32.60 25.09
C ASP OA 68 57.68 31.36 25.09
N TYR OA 69 57.87 30.74 26.24
CA TYR OA 69 58.65 29.52 26.31
C TYR OA 69 58.13 28.50 25.31
N ASP OA 70 59.07 27.87 24.60
CA ASP OA 70 58.76 26.85 23.62
C ASP OA 70 59.56 25.60 23.95
N GLY OA 71 59.05 24.46 23.50
CA GLY OA 71 59.83 23.25 23.58
C GLY OA 71 61.10 23.31 22.77
N SER OA 72 61.18 24.24 21.81
CA SER OA 72 62.29 24.30 20.88
C SER OA 72 63.41 25.24 21.34
N MET OA 73 63.32 25.82 22.53
CA MET OA 73 64.38 26.69 23.01
C MET OA 73 65.53 25.92 23.66
N ILE OA 74 65.42 24.61 23.79
CA ILE OA 74 66.46 23.83 24.46
C ILE OA 74 67.64 23.65 23.51
N PRO OA 75 68.84 24.13 23.84
CA PRO OA 75 69.98 23.93 22.93
C PRO OA 75 70.41 22.48 22.88
N ALA OA 76 71.00 22.12 21.74
CA ALA OA 76 71.35 20.72 21.50
C ALA OA 76 72.32 20.16 22.54
N GLU OA 77 73.04 21.02 23.24
CA GLU OA 77 73.96 20.54 24.27
C GLU OA 77 73.20 19.77 25.35
N TRP OA 78 72.14 20.36 25.85
CA TRP OA 78 71.33 19.77 26.92
C TRP OA 78 70.18 18.93 26.38
N TYR OA 79 69.97 18.90 25.07
CA TYR OA 79 68.78 18.28 24.54
C TYR OA 79 68.74 16.80 24.89
N GLY OA 80 69.86 16.10 24.73
CA GLY OA 80 69.88 14.68 25.06
C GLY OA 80 69.59 14.43 26.52
N TRP OA 81 70.23 15.22 27.39
CA TRP OA 81 70.02 15.04 28.82
C TRP OA 81 68.58 15.27 29.20
N MET OA 82 67.89 16.18 28.51
CA MET OA 82 66.53 16.51 28.88
C MET OA 82 65.54 15.45 28.46
N HIS OA 83 65.81 14.71 27.40
CA HIS OA 83 64.92 13.64 26.94
C HIS OA 83 65.41 12.27 27.38
N TYR OA 84 66.26 12.22 28.41
CA TYR OA 84 66.71 10.97 29.00
C TYR OA 84 67.50 10.11 28.03
N LYS OA 85 67.93 10.67 26.90
CA LYS OA 85 68.78 9.89 26.00
C LYS OA 85 70.08 9.52 26.68
N THR OA 86 70.55 10.38 27.57
CA THR OA 86 71.76 10.12 28.35
C THR OA 86 71.48 10.50 29.79
N ASP OA 87 72.27 9.94 30.69
CA ASP OA 87 72.24 10.31 32.10
C ASP OA 87 73.33 11.32 32.44
N LEU OA 88 74.10 11.77 31.46
CA LEU OA 88 75.28 12.60 31.70
C LEU OA 88 75.04 14.01 31.20
N PRO OA 89 75.00 15.03 32.05
CA PRO OA 89 74.80 16.39 31.56
C PRO OA 89 76.00 16.84 30.75
N PRO OA 90 75.85 17.91 29.97
CA PRO OA 90 76.97 18.32 29.09
C PRO OA 90 78.23 18.67 29.85
N ILE OA 91 78.10 19.19 31.07
CA ILE OA 91 79.28 19.52 31.84
C ILE OA 91 80.07 18.27 32.20
N ARG OA 92 79.38 17.17 32.49
CA ARG OA 92 80.00 15.97 33.01
C ARG OA 92 80.48 15.02 31.92
N ASP OA 93 80.42 15.42 30.65
CA ASP OA 93 80.92 14.61 29.55
C ASP OA 93 81.86 15.44 28.69
N GLY OA 94 82.99 14.84 28.33
CA GLY OA 94 83.97 15.46 27.45
C GLY OA 94 83.89 15.00 26.00
N CYS OA 95 82.90 14.19 25.65
CA CYS OA 95 82.75 13.70 24.30
C CYS OA 95 82.02 14.69 23.40
N ARG OA 96 81.64 15.85 23.92
CA ARG OA 96 80.98 16.86 23.11
C ARG OA 96 82.01 17.55 22.20
N PRO OA 97 81.72 17.77 20.92
CA PRO OA 97 82.66 18.49 20.06
C PRO OA 97 82.45 20.00 20.13
N LYS OA 98 83.47 20.72 19.67
CA LYS OA 98 83.49 22.19 19.70
C LYS OA 98 83.96 22.74 18.37
N TYR OA 99 83.38 22.26 17.28
CA TYR OA 99 83.81 22.68 15.96
C TYR OA 99 83.48 24.14 15.73
N LYS OA 100 84.23 24.75 14.82
CA LYS OA 100 84.10 26.19 14.57
C LYS OA 100 82.89 26.54 13.72
N TRP OA 101 82.27 25.57 13.07
CA TRP OA 101 81.12 25.84 12.21
C TRP OA 101 79.79 25.55 12.90
N ILE OA 102 79.82 25.13 14.16
CA ILE OA 102 78.57 24.90 14.88
C ILE OA 102 77.86 26.24 15.01
N ALA OA 103 76.53 26.18 15.09
CA ALA OA 103 75.71 27.38 15.15
C ALA OA 103 74.95 27.43 16.47
N ASP OA 104 74.69 28.64 16.94
CA ASP OA 104 73.88 28.81 18.14
C ASP OA 104 72.45 28.37 17.88
N HIS OA 105 71.76 27.99 18.94
CA HIS OA 105 70.41 27.49 18.81
C HIS OA 105 69.49 28.58 18.26
N SER OA 106 68.31 28.15 17.83
CA SER OA 106 67.28 29.06 17.35
C SER OA 106 65.92 28.42 17.60
N GLU OA 107 64.91 29.26 17.73
CA GLU OA 107 63.55 28.76 17.91
C GLU OA 107 63.08 28.09 16.63
N ASN OA 108 61.85 27.60 16.63
CA ASN OA 108 61.12 27.33 15.40
C ASN OA 108 60.37 28.60 15.03
N LEU OA 109 60.75 29.22 13.91
CA LEU OA 109 60.24 30.53 13.53
C LEU OA 109 59.23 30.31 12.42
N SER OA 110 57.95 30.35 12.78
CA SER OA 110 56.86 30.20 11.82
C SER OA 110 55.84 31.30 12.07
N GLY OA 111 55.20 31.73 10.99
CA GLY OA 111 54.36 32.91 11.10
C GLY OA 111 55.16 34.13 11.52
N THR OA 112 56.37 34.28 10.98
CA THR OA 112 57.27 35.34 11.37
C THR OA 112 57.98 35.85 10.14
N LYS OA 113 58.50 37.07 10.24
CA LYS OA 113 59.30 37.63 9.16
C LYS OA 113 60.66 36.95 9.03
N GLU OA 114 61.03 36.10 9.98
CA GLU OA 114 62.30 35.40 9.98
C GLU OA 114 62.17 33.95 9.52
N ALA OA 115 61.00 33.55 9.01
CA ALA OA 115 60.76 32.16 8.72
C ALA OA 115 61.57 31.70 7.52
N TYR OA 116 61.46 30.42 7.21
CA TYR OA 116 62.09 29.79 6.08
C TYR OA 116 61.21 29.95 4.84
N TYR OA 117 61.82 29.83 3.67
CA TYR OA 117 61.03 29.65 2.48
C TYR OA 117 61.84 28.97 1.39
N PRO OA 118 61.39 27.82 0.87
CA PRO OA 118 62.25 27.03 -0.01
C PRO OA 118 62.50 27.72 -1.33
N TYR OA 119 63.60 27.35 -1.97
CA TYR OA 119 63.93 27.83 -3.29
C TYR OA 119 64.88 26.85 -3.93
N SER OA 120 64.77 26.71 -5.26
CA SER OA 120 65.65 25.82 -5.98
C SER OA 120 67.08 26.30 -5.84
N THR OA 121 67.99 25.37 -5.57
CA THR OA 121 69.38 25.69 -5.30
C THR OA 121 70.28 25.52 -6.51
N THR OA 122 69.72 25.36 -7.70
CA THR OA 122 70.50 25.14 -8.90
C THR OA 122 70.34 26.31 -9.85
N PRO OA 123 71.42 26.89 -10.39
CA PRO OA 123 71.25 27.88 -11.45
C PRO OA 123 70.73 27.23 -12.71
N ASN OA 124 69.99 28.01 -13.50
CA ASN OA 124 69.33 27.46 -14.68
C ASN OA 124 70.36 26.91 -15.66
N LYS OA 125 69.98 25.85 -16.35
CA LYS OA 125 70.92 25.08 -17.15
C LYS OA 125 71.05 25.59 -18.58
N VAL OA 126 69.95 25.96 -19.21
CA VAL OA 126 69.95 26.34 -20.61
C VAL OA 126 70.22 27.83 -20.73
N GLU OA 127 71.22 28.18 -21.53
CA GLU OA 127 71.58 29.56 -21.78
C GLU OA 127 70.96 30.01 -23.10
N ALA OA 128 70.29 31.15 -23.09
CA ALA OA 128 69.64 31.68 -24.28
C ALA OA 128 70.61 32.54 -25.07
N TRP OA 129 70.60 32.38 -26.38
CA TRP OA 129 71.49 33.15 -27.24
C TRP OA 129 71.19 34.64 -27.11
N GLU OA 130 72.26 35.42 -26.94
CA GLU OA 130 72.11 36.86 -26.79
C GLU OA 130 72.25 37.53 -28.15
N PRO OA 131 71.22 38.19 -28.69
CA PRO OA 131 71.40 38.83 -30.00
C PRO OA 131 72.26 40.08 -29.93
N LYS OA 132 72.18 40.82 -28.82
CA LYS OA 132 72.93 42.06 -28.71
C LYS OA 132 74.43 41.82 -28.83
N ALA OA 133 74.88 40.61 -28.49
CA ALA OA 133 76.29 40.25 -28.60
C ALA OA 133 76.47 38.78 -28.20
N ALA PA 3 60.92 9.10 51.19
CA ALA PA 3 62.34 8.85 51.19
C ALA PA 3 62.89 8.84 49.76
N LEU PA 4 62.60 7.75 49.03
CA LEU PA 4 63.02 7.60 47.65
C LEU PA 4 61.88 7.72 46.66
N ARG PA 5 60.63 7.52 47.10
CA ARG PA 5 59.47 7.54 46.24
C ARG PA 5 58.55 8.67 46.70
N ARG PA 6 58.07 9.47 45.75
CA ARG PA 6 57.07 10.48 46.06
C ARG PA 6 55.71 9.81 46.05
N ASP PA 7 55.30 9.33 47.22
CA ASP PA 7 54.00 8.69 47.39
C ASP PA 7 53.24 9.40 48.50
N VAL PA 8 51.92 9.19 48.51
CA VAL PA 8 51.08 9.80 49.52
C VAL PA 8 51.42 9.25 50.90
N SER PA 9 50.98 9.97 51.93
CA SER PA 9 51.28 9.69 53.33
C SER PA 9 50.91 8.26 53.72
N PRO PA 10 51.42 7.76 54.85
CA PRO PA 10 51.09 6.38 55.24
C PRO PA 10 49.60 6.13 55.40
N LEU PA 11 48.86 7.09 55.97
CA LEU PA 11 47.45 6.84 56.25
C LEU PA 11 46.68 6.58 54.96
N ILE PA 12 46.87 7.44 53.95
CA ILE PA 12 46.14 7.27 52.70
C ILE PA 12 46.54 5.98 52.02
N GLN PA 13 47.81 5.57 52.13
CA GLN PA 13 48.23 4.33 51.52
C GLN PA 13 47.43 3.16 52.07
N ARG PA 14 47.21 3.13 53.39
CA ARG PA 14 46.32 2.11 53.95
C ARG PA 14 44.92 2.25 53.38
N ILE PA 15 44.41 3.48 53.31
CA ILE PA 15 43.07 3.70 52.79
C ILE PA 15 42.97 3.25 51.35
N ARG PA 16 43.95 3.64 50.53
CA ARG PA 16 43.95 3.20 49.14
C ARG PA 16 44.08 1.68 49.05
N ALA PA 17 44.93 1.10 49.88
CA ALA PA 17 45.09 -0.35 49.88
C ALA PA 17 43.78 -1.05 50.21
N PHE PA 18 43.04 -0.50 51.17
CA PHE PA 18 41.74 -1.09 51.52
C PHE PA 18 40.78 -1.05 50.34
N LEU PA 19 40.74 0.06 49.61
CA LEU PA 19 39.78 0.18 48.53
C LEU PA 19 40.07 -0.80 47.40
N LEU PA 20 41.33 -0.87 46.96
CA LEU PA 20 41.65 -1.76 45.86
C LEU PA 20 41.45 -3.22 46.24
N GLY PA 21 41.42 -3.54 47.53
CA GLY PA 21 41.31 -4.92 47.93
C GLY PA 21 42.56 -5.73 47.70
N ARG PA 22 43.71 -5.07 47.60
CA ARG PA 22 44.96 -5.76 47.33
C ARG PA 22 46.10 -4.77 47.49
N GLU PA 23 47.25 -5.28 47.93
CA GLU PA 23 48.44 -4.45 48.00
C GLU PA 23 48.77 -3.92 46.61
N HIS PA 24 49.19 -2.66 46.56
CA HIS PA 24 49.34 -1.94 45.29
C HIS PA 24 50.81 -1.73 44.97
N ASN PA 25 51.18 -2.02 43.73
CA ASN PA 25 52.50 -1.71 43.19
C ASN PA 25 52.36 -0.51 42.27
N LEU PA 26 53.14 0.52 42.54
CA LEU PA 26 52.99 1.79 41.85
C LEU PA 26 53.30 1.63 40.36
N ALA PA 27 52.37 2.06 39.51
CA ALA PA 27 52.57 1.95 38.08
C ALA PA 27 53.74 2.82 37.62
N LEU PA 28 53.87 4.02 38.17
CA LEU PA 28 54.85 4.98 37.69
C LEU PA 28 56.26 4.43 37.83
N ARG PA 29 57.06 4.58 36.79
CA ARG PA 29 58.42 4.10 36.81
C ARG PA 29 59.32 5.14 37.45
N PHE PA 30 60.27 4.67 38.27
CA PHE PA 30 61.23 5.52 38.94
C PHE PA 30 62.64 5.17 38.48
N GLU PA 31 63.54 6.15 38.54
CA GLU PA 31 64.87 5.96 38.00
C GLU PA 31 65.57 4.75 38.60
N ASP PA 32 65.25 4.41 39.85
CA ASP PA 32 65.95 3.33 40.51
C ASP PA 32 65.55 1.98 39.93
N GLY PA 33 64.27 1.80 39.62
CA GLY PA 33 63.81 0.52 39.09
C GLY PA 33 64.37 0.22 37.71
N LEU PA 34 64.41 1.22 36.84
CA LEU PA 34 64.80 1.01 35.46
C LEU PA 34 66.30 0.76 35.36
N ALA PA 35 66.77 0.59 34.13
CA ALA PA 35 68.18 0.44 33.82
C ALA PA 35 68.72 1.74 33.24
N ASP PA 36 69.99 2.02 33.55
CA ASP PA 36 70.56 3.32 33.24
C ASP PA 36 70.54 3.59 31.74
N ARG PA 37 70.32 4.86 31.39
CA ARG PA 37 70.11 5.24 30.00
C ARG PA 37 71.41 5.27 29.20
N THR PA 38 72.56 5.40 29.85
CA THR PA 38 73.85 5.34 29.19
C THR PA 38 74.52 4.03 29.59
N GLN PA 39 74.56 3.09 28.66
CA GLN PA 39 75.01 1.74 28.92
C GLN PA 39 76.34 1.48 28.23
N PRO PA 40 77.09 0.47 28.65
CA PRO PA 40 78.30 0.11 27.92
C PRO PA 40 77.98 -0.28 26.49
N GLN PA 41 78.97 -0.27 25.68
CA GLN PA 41 78.73 -0.52 24.27
C GLN PA 41 78.75 -2.03 23.99
N PRO PA 42 78.03 -2.49 22.98
CA PRO PA 42 77.89 -3.93 22.76
C PRO PA 42 79.02 -4.49 21.90
N GLU PA 43 79.08 -5.83 21.88
CA GLU PA 43 80.08 -6.56 21.12
C GLU PA 43 79.40 -7.72 20.39
N ILE PA 44 78.34 -7.39 19.66
CA ILE PA 44 77.44 -8.34 19.00
C ILE PA 44 78.22 -9.49 18.37
N PRO PA 45 77.82 -10.75 18.57
CA PRO PA 45 78.58 -11.86 17.99
C PRO PA 45 78.47 -11.91 16.48
N ASP PA 46 79.36 -12.68 15.89
CA ASP PA 46 79.38 -12.90 14.45
C ASP PA 46 78.28 -13.89 14.08
N GLY PA 47 78.26 -14.32 12.83
CA GLY PA 47 77.30 -15.28 12.36
C GLY PA 47 77.92 -16.66 12.19
N PRO PA 48 77.08 -17.67 11.94
CA PRO PA 48 77.64 -19.01 11.73
C PRO PA 48 78.52 -19.11 10.50
N SER PA 49 78.35 -18.22 9.52
CA SER PA 49 79.09 -18.29 8.27
C SER PA 49 80.11 -17.17 8.13
N HIS PA 50 80.63 -16.67 9.25
CA HIS PA 50 81.81 -15.82 9.23
C HIS PA 50 83.09 -16.64 9.28
N LEU PA 51 83.00 -17.95 9.11
CA LEU PA 51 84.19 -18.78 9.08
C LEU PA 51 85.06 -18.41 7.90
N LEU PA 52 86.35 -18.66 8.04
CA LEU PA 52 87.33 -18.25 7.04
C LEU PA 52 87.57 -19.31 5.98
N SER PA 53 86.96 -20.49 6.09
CA SER PA 53 87.22 -21.55 5.14
C SER PA 53 86.00 -22.46 5.04
N ALA PA 54 85.92 -23.19 3.93
CA ALA PA 54 84.83 -24.13 3.70
C ALA PA 54 83.48 -23.45 3.83
N ASN PA 55 83.39 -22.22 3.32
CA ASN PA 55 82.20 -21.40 3.43
C ASN PA 55 81.69 -20.96 2.07
N TYR PA 56 81.86 -21.82 1.06
CA TYR PA 56 81.48 -21.45 -0.29
C TYR PA 56 79.99 -21.15 -0.35
N TYR PA 57 79.66 -20.01 -0.97
CA TYR PA 57 78.26 -19.62 -1.07
C TYR PA 57 77.44 -20.63 -1.85
N CYS PA 58 78.07 -21.45 -2.70
CA CYS PA 58 77.31 -22.35 -3.52
C CYS PA 58 76.59 -23.41 -2.70
N GLN PA 59 77.01 -23.67 -1.47
CA GLN PA 59 76.27 -24.57 -0.59
C GLN PA 59 75.29 -23.82 0.30
N ARG PA 60 75.75 -22.74 0.93
CA ARG PA 60 74.91 -22.04 1.89
C ARG PA 60 73.68 -21.42 1.24
N ASP PA 61 73.77 -21.05 -0.03
CA ASP PA 61 72.73 -20.23 -0.63
C ASP PA 61 71.44 -21.01 -0.81
N GLY PA 62 70.32 -20.33 -0.60
CA GLY PA 62 69.02 -20.97 -0.69
C GLY PA 62 68.26 -20.54 -1.92
N ARG PA 63 68.55 -19.33 -2.42
CA ARG PA 63 67.79 -18.81 -3.55
C ARG PA 63 67.95 -19.69 -4.77
N ARG PA 64 69.16 -20.15 -5.04
CA ARG PA 64 69.44 -20.92 -6.24
C ARG PA 64 69.06 -22.38 -6.10
N GLU PA 65 68.46 -22.78 -4.98
CA GLU PA 65 68.00 -24.16 -4.80
C GLU PA 65 66.53 -24.35 -5.07
N VAL PA 66 65.74 -23.29 -5.12
CA VAL PA 66 64.32 -23.43 -5.40
C VAL PA 66 64.12 -23.83 -6.85
N LEU PA 67 63.29 -24.82 -7.09
CA LEU PA 67 62.99 -25.33 -8.40
C LEU PA 67 61.56 -24.99 -8.78
N PRO PA 68 61.20 -25.08 -10.06
CA PRO PA 68 59.85 -24.69 -10.48
C PRO PA 68 58.80 -25.55 -9.79
N PRO PA 69 57.52 -25.19 -9.92
CA PRO PA 69 56.48 -26.07 -9.39
C PRO PA 69 56.54 -27.44 -10.04
N ILE PA 70 56.22 -28.46 -9.25
CA ILE PA 70 56.21 -29.85 -9.70
C ILE PA 70 54.80 -30.20 -10.09
N ASP PA 71 54.64 -30.84 -11.25
CA ASP PA 71 53.35 -31.30 -11.72
C ASP PA 71 53.08 -32.69 -11.16
N LEU PA 72 52.06 -32.79 -10.31
CA LEU PA 72 51.85 -34.04 -9.58
C LEU PA 72 51.40 -35.17 -10.49
N VAL PA 73 50.52 -34.88 -11.44
CA VAL PA 73 49.97 -35.95 -12.26
C VAL PA 73 51.05 -36.57 -13.12
N GLU PA 74 51.88 -35.73 -13.74
CA GLU PA 74 52.86 -36.23 -14.70
C GLU PA 74 54.02 -36.92 -14.00
N GLN PA 75 54.46 -36.38 -12.86
CA GLN PA 75 55.65 -36.91 -12.23
C GLN PA 75 55.46 -38.33 -11.70
N GLN PA 76 54.23 -38.83 -11.63
CA GLN PA 76 54.04 -40.27 -11.50
C GLN PA 76 54.27 -40.99 -12.83
N LYS PA 77 53.64 -40.49 -13.89
CA LYS PA 77 53.74 -41.17 -15.19
C LYS PA 77 55.20 -41.33 -15.59
N GLN PA 78 55.99 -40.25 -15.47
CA GLN PA 78 57.41 -40.35 -15.71
C GLN PA 78 58.08 -41.29 -14.72
N LEU PA 79 57.51 -41.43 -13.52
CA LEU PA 79 58.06 -42.30 -12.50
C LEU PA 79 57.63 -43.74 -12.71
N LYS PA 92 43.88 -46.72 3.11
CA LYS PA 92 43.27 -45.48 3.56
C LYS PA 92 43.29 -44.45 2.46
N LEU PA 93 42.17 -43.76 2.27
CA LEU PA 93 42.08 -42.76 1.22
C LEU PA 93 42.99 -41.58 1.55
N PRO PA 94 43.50 -40.89 0.54
CA PRO PA 94 44.38 -39.74 0.80
C PRO PA 94 43.61 -38.57 1.39
N THR PA 95 44.34 -37.73 2.12
CA THR PA 95 43.77 -36.57 2.78
C THR PA 95 44.72 -35.39 2.63
N PRO PA 96 44.23 -34.16 2.79
CA PRO PA 96 45.13 -33.01 2.69
C PRO PA 96 46.23 -33.02 3.74
N GLY PA 97 45.96 -33.59 4.91
CA GLY PA 97 46.92 -33.53 6.00
C GLY PA 97 46.57 -34.50 7.09
N LYS PA 98 46.68 -34.05 8.34
CA LYS PA 98 46.40 -34.87 9.50
C LYS PA 98 45.15 -34.32 10.20
N VAL PA 99 44.25 -35.24 10.59
CA VAL PA 99 42.97 -34.82 11.14
C VAL PA 99 43.17 -34.02 12.41
N TYR PA 100 42.32 -33.03 12.62
CA TYR PA 100 42.36 -32.19 13.81
C TYR PA 100 40.96 -32.07 14.39
N ALA PA 101 40.89 -31.95 15.71
CA ALA PA 101 39.62 -31.96 16.43
C ALA PA 101 39.18 -30.53 16.73
N TRP PA 102 38.88 -29.79 15.67
CA TRP PA 102 38.25 -28.49 15.85
C TRP PA 102 36.84 -28.61 16.40
N ASP PA 103 36.22 -29.77 16.26
CA ASP PA 103 34.86 -30.01 16.73
C ASP PA 103 33.89 -28.96 16.21
N SER QA 1 143.16 -23.18 -41.92
CA SER QA 1 142.12 -23.96 -41.26
C SER QA 1 140.74 -23.44 -41.62
N SER QA 2 139.80 -24.35 -41.85
CA SER QA 2 138.42 -23.95 -42.12
C SER QA 2 137.73 -23.54 -40.83
N PRO QA 3 137.68 -24.40 -39.80
CA PRO QA 3 137.00 -24.00 -38.56
C PRO QA 3 137.79 -22.98 -37.76
N SER QA 4 137.71 -21.71 -38.18
CA SER QA 4 138.29 -20.62 -37.43
C SER QA 4 137.28 -20.10 -36.40
N VAL QA 5 137.81 -19.67 -35.26
CA VAL QA 5 136.98 -19.17 -34.17
C VAL QA 5 136.35 -17.85 -34.59
N VAL QA 6 135.39 -17.37 -33.79
CA VAL QA 6 134.90 -16.01 -33.98
C VAL QA 6 136.09 -15.06 -33.93
N GLY QA 7 136.03 -14.02 -34.77
CA GLY QA 7 137.12 -13.08 -34.88
C GLY QA 7 137.65 -12.63 -33.54
N LEU QA 8 138.97 -12.47 -33.44
CA LEU QA 8 139.57 -12.21 -32.13
C LEU QA 8 139.07 -10.92 -31.50
N THR QA 9 138.45 -10.03 -32.28
CA THR QA 9 137.78 -8.89 -31.70
C THR QA 9 136.73 -9.32 -30.68
N SER QA 10 136.12 -10.48 -30.89
CA SER QA 10 135.12 -11.01 -29.98
C SER QA 10 135.72 -11.91 -28.89
N ASN QA 11 137.03 -12.09 -28.88
CA ASN QA 11 137.73 -12.83 -27.82
C ASN QA 11 138.64 -11.88 -27.06
N CYS QA 12 138.47 -11.83 -25.74
CA CYS QA 12 139.14 -10.82 -24.94
C CYS QA 12 140.65 -11.04 -24.90
N VAL QA 13 141.08 -12.28 -24.62
CA VAL QA 13 142.50 -12.51 -24.37
C VAL QA 13 143.31 -12.18 -25.62
N LYS QA 14 142.86 -12.66 -26.77
CA LYS QA 14 143.58 -12.45 -28.01
C LYS QA 14 145.00 -13.00 -27.93
N PRO QA 15 145.19 -14.32 -27.80
CA PRO QA 15 144.27 -15.39 -27.39
C PRO QA 15 144.66 -16.03 -26.05
N SER QA 16 145.85 -15.73 -25.56
CA SER QA 16 146.37 -16.35 -24.34
C SER QA 16 147.06 -15.30 -23.48
N SER QA 17 146.75 -15.31 -22.18
CA SER QA 17 147.36 -14.40 -21.23
C SER QA 17 147.68 -15.11 -19.91
N GLY QA 18 148.01 -16.40 -19.98
CA GLY QA 18 148.18 -17.19 -18.79
C GLY QA 18 146.84 -17.64 -18.26
N PRO QA 19 146.82 -18.20 -17.05
CA PRO QA 19 145.55 -18.62 -16.47
C PRO QA 19 144.64 -17.42 -16.23
N VAL QA 20 143.34 -17.65 -16.37
CA VAL QA 20 142.33 -16.61 -16.20
C VAL QA 20 141.16 -17.17 -15.42
N GLY QA 21 140.37 -16.27 -14.86
CA GLY QA 21 139.21 -16.65 -14.09
C GLY QA 21 139.59 -17.49 -12.88
N PRO QA 22 138.87 -18.58 -12.62
CA PRO QA 22 139.13 -19.38 -11.41
C PRO QA 22 140.20 -20.44 -11.58
N GLY QA 23 140.99 -20.37 -12.64
CA GLY QA 23 141.96 -21.41 -12.98
C GLY QA 23 141.78 -21.97 -14.36
N ALA QA 24 140.79 -21.51 -15.13
CA ALA QA 24 140.63 -21.98 -16.49
C ALA QA 24 141.84 -21.61 -17.31
N SER QA 25 142.32 -22.56 -18.11
CA SER QA 25 143.52 -22.37 -18.90
C SER QA 25 143.45 -23.26 -20.13
N ALA QA 26 144.32 -22.98 -21.10
CA ALA QA 26 144.32 -23.75 -22.33
C ALA QA 26 144.60 -25.23 -22.07
N THR QA 27 145.59 -25.53 -21.23
CA THR QA 27 145.97 -26.89 -20.89
C THR QA 27 145.74 -27.22 -19.42
N GLY QA 28 145.03 -26.37 -18.69
CA GLY QA 28 144.78 -26.62 -17.28
C GLY QA 28 143.69 -27.65 -17.08
N GLY QA 29 143.35 -27.85 -15.80
CA GLY QA 29 142.29 -28.79 -15.48
C GLY QA 29 140.95 -28.42 -16.07
N TYR QA 30 140.72 -27.13 -16.28
CA TYR QA 30 139.46 -26.60 -16.80
C TYR QA 30 139.78 -25.92 -18.13
N LYS QA 31 139.54 -26.63 -19.23
CA LYS QA 31 139.99 -26.19 -20.55
C LYS QA 31 138.86 -25.47 -21.28
N VAL QA 32 138.64 -24.22 -20.89
CA VAL QA 32 137.63 -23.39 -21.53
C VAL QA 32 137.92 -21.92 -21.23
N PRO QA 33 139.04 -21.39 -21.70
CA PRO QA 33 139.32 -19.96 -21.48
C PRO QA 33 138.32 -19.04 -22.14
N GLU QA 34 137.58 -19.54 -23.13
CA GLU QA 34 136.69 -18.66 -23.89
C GLU QA 34 135.57 -18.12 -23.00
N TYR QA 35 135.08 -18.95 -22.08
CA TYR QA 35 133.94 -18.53 -21.27
C TYR QA 35 134.25 -17.31 -20.43
N TYR QA 36 135.49 -17.17 -19.97
CA TYR QA 36 135.89 -16.08 -19.10
C TYR QA 36 136.56 -14.94 -19.85
N SER QA 37 136.58 -14.98 -21.17
CA SER QA 37 137.40 -14.09 -21.98
C SER QA 37 136.62 -13.52 -23.13
N PHE QA 38 135.44 -12.98 -22.84
CA PHE QA 38 134.60 -12.34 -23.86
C PHE QA 38 134.52 -10.84 -23.62
N ASN QA 39 134.48 -10.10 -24.72
CA ASN QA 39 134.26 -8.67 -24.69
C ASN QA 39 132.84 -8.38 -24.20
N ARG QA 40 132.61 -7.12 -23.84
CA ARG QA 40 131.28 -6.70 -23.45
C ARG QA 40 130.36 -6.56 -24.66
N PHE QA 41 130.90 -6.55 -25.87
CA PHE QA 41 130.12 -6.58 -27.10
C PHE QA 41 130.41 -7.84 -27.91
N SER QA 42 130.83 -8.91 -27.23
CA SER QA 42 131.23 -10.12 -27.94
C SER QA 42 130.07 -10.73 -28.70
N TYR QA 43 128.94 -10.93 -28.03
CA TYR QA 43 127.81 -11.60 -28.68
C TYR QA 43 127.37 -10.84 -29.92
N ALA QA 44 127.25 -9.53 -29.80
CA ALA QA 44 126.80 -8.73 -30.95
C ALA QA 44 127.83 -8.74 -32.07
N GLU QA 45 129.12 -8.66 -31.72
CA GLU QA 45 130.15 -8.68 -32.75
C GLU QA 45 130.14 -9.99 -33.52
N ALA QA 46 129.90 -11.10 -32.82
CA ALA QA 46 129.85 -12.39 -33.50
C ALA QA 46 128.77 -12.42 -34.56
N GLU QA 47 127.64 -11.75 -34.32
CA GLU QA 47 126.53 -11.80 -35.26
C GLU QA 47 126.94 -11.30 -36.64
N VAL QA 48 127.80 -10.28 -36.68
CA VAL QA 48 128.23 -9.74 -37.96
C VAL QA 48 129.01 -10.77 -38.75
N GLU QA 49 129.67 -11.71 -38.06
CA GLU QA 49 130.49 -12.69 -38.76
C GLU QA 49 129.65 -13.71 -39.48
N MET QA 50 128.57 -14.17 -38.84
CA MET QA 50 127.81 -15.31 -39.35
C MET QA 50 126.91 -14.96 -40.53
N ALA QA 51 126.78 -13.67 -40.88
CA ALA QA 51 125.91 -13.30 -41.99
C ALA QA 51 126.32 -14.00 -43.28
N LYS QA 52 127.61 -14.29 -43.45
CA LYS QA 52 128.08 -14.92 -44.67
C LYS QA 52 127.51 -16.33 -44.83
N TYR QA 53 127.48 -17.09 -43.74
CA TYR QA 53 127.12 -18.51 -43.80
C TYR QA 53 125.63 -18.76 -43.66
N ARG QA 54 124.84 -17.76 -43.31
CA ARG QA 54 123.40 -17.95 -43.11
C ARG QA 54 122.68 -17.72 -44.43
N CYS QA 55 121.93 -18.72 -44.87
CA CYS QA 55 121.29 -18.73 -46.17
C CYS QA 55 120.07 -17.82 -46.17
N PRO QA 56 119.53 -17.50 -47.36
CA PRO QA 56 118.28 -16.74 -47.43
C PRO QA 56 117.17 -17.37 -46.61
N GLN QA 57 116.09 -16.61 -46.40
CA GLN QA 57 115.18 -16.89 -45.30
C GLN QA 57 113.80 -16.35 -45.66
N PRO QA 58 112.74 -16.87 -45.01
CA PRO QA 58 111.39 -16.72 -45.57
C PRO QA 58 110.89 -15.29 -45.64
N SER QA 59 109.67 -15.12 -46.14
CA SER QA 59 109.04 -13.81 -46.18
C SER QA 59 107.55 -13.99 -46.06
N ALA QA 60 106.94 -13.25 -45.14
CA ALA QA 60 105.49 -13.21 -45.02
C ALA QA 60 104.86 -12.20 -45.98
N LEU QA 61 105.66 -11.49 -46.76
CA LEU QA 61 105.16 -10.38 -47.54
C LEU QA 61 104.22 -10.88 -48.64
N LYS QA 62 103.52 -9.93 -49.25
CA LYS QA 62 102.50 -10.22 -50.24
C LYS QA 62 103.09 -10.23 -51.65
#